data_5U8S
#
_entry.id   5U8S
#
_cell.length_a   1
_cell.length_b   1
_cell.length_c   1
_cell.angle_alpha   90.00
_cell.angle_beta   90.00
_cell.angle_gamma   90.00
#
_symmetry.space_group_name_H-M   'P 1'
#
loop_
_entity.id
_entity.type
_entity.pdbx_description
1 polymer 'DNA replication complex GINS protein PSF1'
2 polymer 'DNA replication complex GINS protein PSF2'
3 polymer 'DNA replication complex GINS protein PSF3'
4 polymer 'DNA replication complex GINS protein SLD5'
5 polymer 'Cell division control protein 45'
6 polymer 'DNA (26-MER)'
7 polymer "DNA (5'-D(P*AP*TP*CP*GP*AP*TP*CP*GP*AP*TP*CP*GP*AP*T)-3')"
8 polymer 'DNA replication licensing factor MCM2'
9 polymer 'DNA replication licensing factor MCM3'
10 polymer 'DNA replication licensing factor MCM4'
11 polymer 'Minichromosome maintenance protein 5'
12 polymer 'DNA replication licensing factor MCM6'
13 polymer 'DNA replication licensing factor MCM7'
14 non-polymer "ADENOSINE-5'-TRIPHOSPHATE"
#
loop_
_entity_poly.entity_id
_entity_poly.type
_entity_poly.pdbx_seq_one_letter_code
_entity_poly.pdbx_strand_id
1 'polypeptide(L)'
;MYGDLGNKLVLEAKRTKQLYARSNQDVNLPMYHEDIIRNILKEVSNLRKNTEYLKEQQQLGMLDDKVAKCQYFVTLLCME
RNKRCLLAYQRLRTDILDSMAWNNNGLDLMSSITFSQQDTNNLSHQEQEYLKEYCDLITDLKSGDLVDIDLSGSLVPPSD
VFIDVRVLKDAGEIQTEYGVFNLIKDSQFFVRQSDVERLIQQGYLQKI
;
A
2 'polypeptide(L)'
;MSLPAHLQQTFSPEEIQFIVENEPIKIFPRITTRQKIRGDDRGTGNHTRWQLITTDDKALNNMVAMRSTEVVLWIALLLK
QQSKCSIVAPQWLTTKELDRKIQYEKTHPDRFSELPWNWLVLARILFNKAKDDFHDPIHELRGKIQDLREIRQIKVLKGL
KYLNESHLQLDNLSLLEINELRPFITEIMDKLREIHTASLTAGTENDEEEFNI
;
B
3 'polypeptide(L)'
;MGYYDIDDVLADGTEFPCKFQYDIPGLGYLENNPGRPITKNTKLSLPLWLARILAIVGGDEALVDEEPVPFVELLPPDMF
STKVMNAIKTDPVALDLHSINSHFFSLAIKWIMLFSEKELANVVSELLLQRAQELNHHASSLSIDLNADSTGKNSANTNI
ATSTFLLKLEEMEKEIYKKSHESYKDTKRWMFKK
;
C
4 'polypeptide(L)'
;MDINIDDILAELDKETTAVDSTKITQGSSSTTHRDANTIVGSSLDLNDKTQIYVSPQQDFSDLMKSWKNERCSPELLPYP
HQLMKRLLNRISMQSQLIENISMGFLDMQNASNANPPMPNESKLPLLCMETELERLKFVIRSYIRCRLSKIDKFSLYLRQ
LNEDENSLISLTDLLSKDEIKYHDTHSLIWLKLVNDSILKYMPEELQAINDTEGSVNMIDEPDWNKFVFIHVNGPPDGKW
NEDPLLQENEFGKPCYTVTIPDLKEEVELTIGSIYVMRYEVIRDLLRDDKVALI
;
D
5 'polypeptide(L)'
;MYYGISQFSEAYNKILRNSSSHSSCQLVIFVSCLNIDALCATKMLSLLFKKQLVQSQIVPIFGYSELRRHYSQLDDNINS
LLLVGFGGVIDLEAFLEIDPQEYVIDTDEKSGEQSFRRDIYVLDAHRPWNLDNIFGSQIIQCFDDGTVDDTLGEQKEAYY
KLLELDEESGDDELSGDENDNNGGDDEATDADEVTDEDEEDEDETISNKRGNSSIGPNDLSKRKQRKKQIHEYEGVLEEY
YSQGTTVVNSISAQIYSLLSAIGETNLSNLWLNILGTTSLDIAYAQVYNRLYPLLQDEVKRLTPSSRNSVKTPDTLTLNI
QPDYYLFLLRHSSLYDSFYYSNYVNAKLSLWNENGKKRLHKMFARMGIPLSTAQETWLYMDHSIKRELGIIFDKNLDRYG
LQDIIRDGFVRTLGYRGSISASEFVEALTALLEVGNSTDKDSVKINNDNNDDTDGEEEEDNSAQKLTNLRKRWVSNFWLS
WDALDDRKVELLNRGIQLAQDLQRAIFNTGVAILEKKLIKHLRIYRLCVLQDGPDLDLYRNPLTLLRLGNWLIECCAESE
DKQLLPMVLASIDENTDTYLVAGLTPRYPRGLDTIHTKKPILNNFSMAFQQITAETDAKVRIDNFESSIIEIRREDLSPF
LEKLTLSGLL
;
E
6 'polydeoxyribonucleotide'
;(DA)(DT)(DC)(DG)(DA)(DT)(DC)(DG)(DA)(DT)(DC)(DG)(DA)(DT)(DT)(DT)(DT)(DT)(DT)(DT)
(DT)(DT)(DT)(DT)(DT)(DT)
;
F
7 'polydeoxyribonucleotide' (DA)(DT)(DC)(DG)(DA)(DT)(DC)(DG)(DA)(DT)(DC)(DG)(DA)(DT) G
8 'polypeptide(L)'
;MSDNRRRRREEDDSDSENELPPSSPQQHFRGGMNPVSSPIGSPDMINPEGDDNEVDDVPDIDEVEEQMNEVDLMDDNMYE
DYAADHNRDRYDPDQVDDREQQELSLSERRRIDAQLNERDRLLRNVAYIDDEDEEQEGAAQLDEMGLPVQRRRRRRQYED
LENSDDDLLSDMDIDPLREELTLESLSNVKANSYSEWITQPNVSRTIARELKSFLLEYTDETGRSVYGARIRTLGEMNSE
SLEVNYRHLAESKAILALFLAKCPEEMLKIFDLVAMEATELHYPDYARIHSEIHVRISDFPTIYSLRELRESNLSSLVRV
TGVVTRRTGVFPQLKYVKFNCLKCGSILGPFFQDSNEEIRISFCTNCKSKGPFRVNGEKTVYRNYQRVTLQEAPGTVPPG
RLPRHREVILLADLVDVSKPGEEVEVTGIYKNNYDGNLNAKNGFPVFATIIEANSIKRREGNTANEGEEGLDVFSWTEEE
EREFRKISRDRGIIDKIISSMAPSIYGHRDIKTAVACSLFGGVPKNVNGKHSIRGDINVLLLGDPGTAKSQILKYVEKTA
HRAVFATGQGASAVGLTASVRKDPITKEWTLEGGALVLADKGVCLIDEFDKMNDQDRTSIHEAMEQQSISISKAGIVTTL
QARCSIIAAANPNGGRYNSTLPLAQNVSLTEPILSRFDILCVVRDLVDEEADERLATFVVDSHVRSHPENDEDREGEELK
NNGESAIEQGEDEINEQLNARQRRLQRQRKKEEEISPIPQELLMKYIHYARTKIYPKLHQMDMDKVSRVYADLRRESIST
GSFPITVRHLESILRIAESFAKMRLSEFVSSYDLDRAIKVVVDSFVDAQKVSVRRQLRRSFAIYTLGH
;
2
9 'polypeptide(L)'
;MEGSTGFDGDATTFFAPDAVFGDRVRRFQEFLDTFTSYRDSVRSIQVYNSNNAANYNDDQDDADERDLLGDDDGDDLEKE
KKAASSTSLNILPHRIIISLDDLREFDRSFWSGILVEPAYFIPPAEKALTDLADSMDDVPHPNASAVSSRHPWKLSFKGS
FGAHALSPRTLTAQHLNKLVSVEGIVTKTSLVRPKLIRSVHYAAKTGRFHYRDYTDATTTLTTRIPTPAIYPTEDTEGNK
LTTEYGYSTFIDHQRITVQEMPEMAPAGQLPRSIDVILDDDLVDKTKPGDRVNVVGVFKSLGAGGMNQSNSNTLIGFKTL
ILGNTVYPLHARSTGVAARQMLTDFDIRNINKLSKKKDIFDILSQSLAPSIYGHDHIKKAILLMLMGGVEKNLENGSHLR
GDINILMVGDPSTAKSQLLRFVLNTASLAIATTGRGSSGVGLTAAVTTDRETGERRLEAGAMVLADRGVVCIDEFDKMTD
VDRVAIHEVMEQQTVTIAKAGIHTTLNARCSVIAAANPVFGQYDVNRDPHQNIALPDSLLSRFDLLFVVTDDINEIRDRS
ISEHVLRTHRYLPPGYLEGEPVRERLNLSLAVGEDADINPEEHSNSGAGVENEGEDDEDHVFEKFNPLLQAGAKLAKNKG
NYNGTEIPKLVTIPFLRKYVQYAKERVIPQLTQEAINVIVKNYTDLRNDDNTKKSPITARTLETLIRLATAHAKVRLSKT
VNKVDAKVAANLLRFALLGEDIGNDIDEEESEYEEALSKRSPQKSPKKRQRVRQPASNSGSPIKSTPRRSTASSVNATPS
SARRILRFQDDEQNAGEDDNDIMSPLPADEEAELQRRLQLGLRVSPRRREHLHAPEEGSSGPLTEVGTPRLPNVSSAGQD
DEQQQSVISFDNVEPGTISTGRLSLISGIIARLMQTEIFEEESYPVASLFERINEELPEEEKFSAQEYLAGLKIMSDRNN
LMVADDKVWRV
;
3
10 'polypeptide(L)'
;MSQQSSSPTKEDNNSSSPVVPNPDSVPPQLSSPALFYSSSSSQGDIYGRNNSQNLSQGEGNIRAAIGSSPLNFPSSSQRQ
NSDVFQSQGRQGRIRSSASASGRSRYHSDLRSDRALPTSSSSLGRNGQNRVHMRRNDIHTSDLSSPRRIVDFDTRSGVNT
LDTSSSSAPPSEASEPLRIIWGTNVSIQECTTNFRNFLMSFKYKFRKILDEREEFINNTTDEELYYIKQLNEMRELGTSN
LNLDARNLLAYKQTEDLYHQLLNYPQEVISIMDQTIKDCMVSLIVDNNLDYDLDEIETKFYKVRPYNVGSCKGMRELNPN
DIDKLINLKGLVLRSTPVIPDMKVAFFKCNVCDHTMAVEIDRGVIQEPARCERIDCNEPNSMSLIHNRCSFADKQVIKLQ
ETPDFVPDGQTPHSISLCVYDELVDSCRAGDRIEVTGTFRSIPIRANSRQRVLKSLYKTYVDVVHVKVSSDKRLDVDTST
IEQELMQNKVDHNEVEEVRQITDQDLAKIREVAAREDLYSLLARSIAPSIYELEDVKKGILLQLFGGTNKTFTKGGRYRG
DINILLCGDPSTSKSQILQYVHKITPRGVYTSGKGSSAVGLTAYITRDVDTKQLVLESGALVLSDGGVCCIDEFDKMSDS
TRSVLHEVMEQQTISIAKAGIITTLNARSSILASANPIGSRYNPNLPVTENIDLPPPLLSRFDLVYLVLDKVDEKNDREL
AKHLTNLYLEDKPEHISQDDVLPVEFLTMYISYAKEHIHPIITEAAKTELVRAYVGMRKMGDDSRSDEKRITATTRQLES
MIRLAEAHAKMKLKNVVELEDVQEAVRLIRSAIKDYATDPKTGKIDMNLVQTGKSVIQRKLQEDLSREIMNVLKDQASDS
MSFNELIKQINEHSQDRVESSDIQEALSRLQQEDKVIVLGEGVRRSVRLNNRV
;
4
11 'polypeptide(L)'
;MSFDRPEIYSAPVLQGESPNDDDNTEIIKSFKNFILEFRLDSQFIYRDQLRNNILVKNYSLTVNMEHLIGYNEDIYKKLS
DEPSDIIPLFETAITQVAKRISILSRAQSANNNDKDPENTSMDTDSLLLNSLPTFQLILNSNANQIPLRDLDSEHVSKIV
RLSGIIISTSVLSSRATYLSIMCRNCRHTTSITINNFNSITGNTVSLPRSCLSTIESESSMANESNIGDESTKKNCGPDP
YIIIHESSKFIDQQFLKLQEIPELVPVGEMPRNLTMTCDRYLTNKVIPGTRVTIVGIYSIYNSKNGAGSGRSGGGNGGSG
VAIRTPYIKILGIQSDVETSSIWNSVTMFTEEEEEEFLQLSRNPKLYEILTNSIAPSIFGNEDIKKAIVCLLMGGSKKIL
PDGMRLRGDINVLLLGDPGTAKSQLLKFVEKVSPIAVYTSGKGSSAAGLTASVQRDPMTREFYLEGGAMVLADGGVVCID
EFDKMRDEDRVAIHEAMEQQTISIAKAGITTVLNSRTSVLAAANPIYGRYDDLKSPGDNIDFQTTILSRFDMIFIVKDDH
NEERDISIANHVINIHTGNANAMQNQQEENGSEISIEKMKRYITYCRLKCAPRLSPQAAEKLSSNFVTIRKQLLINELES
TERSSIPITIRQLEAIIRITESLAKLELSPIAQERHVDEAIRLFQASTMDAASQDPIGGLNQASGTSLSEIRRFEQELKR
RLPIGWSTSYQTLRREFVDTHRFSQLALDKALYALEKHETIQLRHQGQNIYRSGV
;
5
12 'polypeptide(L)'
;MSSPFPADTPSSNRPSNSSPPPSSIGAGFGSSSGLDSQIGSRLHFPSSSQPHVSNSQTGPFVNDSTQFSSQRLQTDGSAT
NDMEGNEPARSFKSRALNHVKKVDDVTGEKVREAFEQFLEDFSVQSTDTGEVEKVYRAQIEFMKIYDLNTIYIDYQHLSM
RENGALAMAISEQYYRFLPFLQKGLRRVVRKYAPELLNTSDSLKRSEGDEGQADEDEQQDDDMNGSSLPRDSGSSAAPGN
GTSAMATRSITTSTSPEQTERVFQISFFNLPTVHRIRDIRSEKIGSLLSISGTVTRTSEVRPELYKASFTCDMCRAIVDN
VEQSFKYTEPTFCPNPSCENRAFWTLNVTRSRFLDWQKVRIQENANEIPTGSMPRTLDVILRGDSVERAKPGDRCKFTGV
EIVVPDVTQLGLPGVKPSSTLDTRGISKTTEGLNSGVTGLRSLGVRDLTYKISFLACHVISIGSNIGASSPDANSNNRET
ELQMAANLQANNVYQDNERDQEVFLNSLSSDEINELKEMVKDEHIYDKLVRSIAPAVFGHEAVKKGILLQMLGGVHKSTV
EGIKLRGDINICVVGDPSTSKSQFLKYVVGFAPRSVYTSGKASSAAGLTAAVVRDEEGGDYTIEAGALMLADNGICCIDE
FDKMDISDQVAIHEAMEQQTISIAKAGIHATLNARTSILAAANPVGGRYNRKLSLRGNLNMTAPIMSRFDLFFVILDDCN
EKIDTELASHIVDLHMKRDEAIEPPFSAEQLRRYIKYARTFKPILTKEARSYLVEKYKELRKDDAQGFSRSSYRITVRQL
ESMIRLSEAIARANCVDEITPSFIAEAYDLLRQSIIRVDVDDVEMDEEFDNIESQSHAASGNNDDNDDGTGSGVITSEPP
ADIEEGQSEATARPGTSEKKKTTVTYDKYVSMMNMIVRKIAEVDREGAEELTAVDIVDWYLLQKENDLGSLAEYWEERRL
AFKVIKRLVKDRILMEIHGTRHNLRDLENEENENNKTVYVIHPNCEVLDQLEPQDSS
;
6
13 'polypeptide(L)'
;MSAALPSIQLPVDYNNLFNEITDFLVTFKQDTLSSDATRNENEDENLDAENIEQHLLEKGPKYMAMLQKVANRELNSVII
DLDDILQYQNEKFLQGTQADDLVSAIQQNANHFTELFCRAIDNNMPLPTKEIDYKDDVLDVILNQRRLRNERMLSDRTNE
IRSENLMDTTMDPPSSMNDALREVVEDETELFPPNLTRRYFLYFKPLSQNCARRYRKKAISSKPLSVRQIKGDFLGQLIT
VRGIITRVSDVKPAVEVIAYTCDQCGYEVFQEVNSRTFTPLSECTSEECSQNQTKGQLFMSTRASKFSAFQECKIQELSQ
QVPVGHIPRSLNIHVNGTLVRSLSPGDIVDVTGIFLPAPYTGFKALKAGLLTETYLEAQFVRQHKKKFASFSLTSDVEER
VMELITSGDVYNRLAKSIAPEIYGNLDVKKALLLLLVGGVDKRVGDGMKIRGDINVCLMGDPGVAKSQLLKAICKISPRG
VYTTGKGSSGVGLTAAVMKDPVTDEMILEGGALVLADNGICCIDEFDKMDESDRTAIHEVMEQQTISISKAGINTTLNAR
TSILAAANPLYGRYNPRLSPLDNINLPAALLSRFDILFLMLDIPSRDDDEKLAEHVTYVHMHNKQPDLDFTPVEPSKMRE
YIAYAKTKRPVMSEAVNDYVVQAYIRLRQDSKREMDSKFSFGQATPRTLLGIIRLSQALAKLRLADMVDIDDVEEALRLV
RVSKESLYQETNKSKEDESPTTKIFTIIKKMLQETGKNTLSYENIVKTVRLRGFTMLQLSNCIQEYSYLNVWHLINEGNT
LKFVDDGTMDTDQEDSLVSTPKLAPQTTASANVSAQDSDIDLQDA
;
7
#
loop_
_chem_comp.id
_chem_comp.type
_chem_comp.name
_chem_comp.formula
ATP non-polymer ADENOSINE-5'-TRIPHOSPHATE 'C10 H16 N5 O13 P3'
DA DNA linking 2'-DEOXYADENOSINE-5'-MONOPHOSPHATE 'C10 H14 N5 O6 P'
DC DNA linking 2'-DEOXYCYTIDINE-5'-MONOPHOSPHATE 'C9 H14 N3 O7 P'
DG DNA linking 2'-DEOXYGUANOSINE-5'-MONOPHOSPHATE 'C10 H14 N5 O7 P'
DT DNA linking THYMIDINE-5'-MONOPHOSPHATE 'C10 H15 N2 O8 P'
#
# COMPACT_ATOMS: atom_id res chain seq x y z
N MET A 1 -46.53 -25.85 -8.99
CA MET A 1 -47.50 -25.45 -10.00
C MET A 1 -48.90 -25.95 -9.65
N TYR A 2 -48.97 -26.94 -8.77
CA TYR A 2 -50.20 -27.70 -8.53
C TYR A 2 -50.70 -27.58 -7.09
N GLY A 3 -50.02 -28.25 -6.16
CA GLY A 3 -50.34 -28.14 -4.75
C GLY A 3 -49.33 -27.24 -4.08
N ASP A 4 -48.52 -26.60 -4.92
CA ASP A 4 -47.44 -25.74 -4.48
C ASP A 4 -47.91 -24.52 -3.69
N LEU A 5 -49.02 -23.93 -4.13
CA LEU A 5 -49.48 -22.66 -3.58
C LEU A 5 -49.78 -22.76 -2.08
N GLY A 6 -50.21 -23.94 -1.64
CA GLY A 6 -50.37 -24.21 -0.23
C GLY A 6 -49.02 -24.14 0.46
N ASN A 7 -48.00 -24.71 -0.19
CA ASN A 7 -46.63 -24.64 0.29
C ASN A 7 -46.18 -23.19 0.39
N LYS A 8 -46.69 -22.35 -0.50
CA LYS A 8 -46.47 -20.93 -0.43
C LYS A 8 -47.02 -20.39 0.88
N LEU A 9 -48.20 -20.90 1.26
CA LEU A 9 -48.83 -20.51 2.52
C LEU A 9 -48.26 -21.24 3.74
N VAL A 10 -48.04 -22.55 3.63
CA VAL A 10 -47.54 -23.34 4.76
C VAL A 10 -46.20 -22.79 5.21
N LEU A 11 -45.38 -22.39 4.23
CA LEU A 11 -44.13 -21.70 4.51
C LEU A 11 -44.42 -20.32 5.08
N GLU A 12 -45.26 -19.56 4.39
CA GLU A 12 -45.68 -18.24 4.84
C GLU A 12 -46.35 -18.30 6.20
N ALA A 13 -47.10 -19.38 6.43
CA ALA A 13 -47.78 -19.56 7.70
C ALA A 13 -46.80 -19.82 8.83
N LYS A 14 -45.82 -20.68 8.57
CA LYS A 14 -44.85 -21.10 9.58
C LYS A 14 -44.13 -19.94 10.25
N ARG A 15 -43.94 -18.83 9.52
CA ARG A 15 -43.22 -17.69 10.06
C ARG A 15 -43.90 -17.13 11.31
N THR A 16 -45.23 -17.10 11.31
CA THR A 16 -45.99 -16.56 12.43
C THR A 16 -45.81 -17.43 13.68
N LYS A 17 -45.47 -18.69 13.47
CA LYS A 17 -45.11 -19.58 14.57
C LYS A 17 -43.92 -18.97 15.31
N GLN A 18 -42.84 -18.73 14.58
CA GLN A 18 -41.66 -18.06 15.12
C GLN A 18 -42.00 -16.61 15.44
N LEU A 19 -42.98 -16.07 14.71
CA LEU A 19 -43.49 -14.74 15.02
C LEU A 19 -44.13 -14.76 16.40
N TYR A 20 -44.70 -15.90 16.78
CA TYR A 20 -45.13 -16.12 18.17
C TYR A 20 -44.15 -16.95 19.02
N ALA A 21 -43.12 -17.49 18.38
CA ALA A 21 -42.28 -18.51 19.02
C ALA A 21 -41.62 -18.03 20.31
N ARG A 22 -40.64 -17.13 20.18
CA ARG A 22 -39.98 -16.53 21.32
C ARG A 22 -40.99 -15.69 22.10
N SER A 23 -41.70 -14.82 21.40
CA SER A 23 -41.26 -14.35 20.10
C SER A 23 -40.59 -12.96 20.06
N ASN A 24 -40.62 -12.16 21.14
CA ASN A 24 -41.42 -12.36 22.34
C ASN A 24 -42.90 -12.22 22.00
N GLN A 25 -43.80 -12.68 22.87
CA GLN A 25 -45.19 -12.85 22.45
C GLN A 25 -46.04 -11.59 22.64
N ASP A 26 -46.26 -10.89 21.53
CA ASP A 26 -47.20 -9.77 21.50
C ASP A 26 -48.53 -10.13 20.85
N VAL A 27 -48.66 -11.37 20.36
CA VAL A 27 -49.68 -11.75 19.38
C VAL A 27 -49.61 -10.79 18.17
N ASN A 28 -50.70 -10.06 17.91
CA ASN A 28 -50.73 -9.14 16.77
C ASN A 28 -50.51 -9.80 15.41
N LEU A 29 -51.29 -10.84 15.12
CA LEU A 29 -51.18 -11.52 13.83
C LEU A 29 -51.44 -10.56 12.67
N PRO A 30 -50.53 -10.57 11.68
CA PRO A 30 -50.50 -9.64 10.53
C PRO A 30 -51.83 -9.57 9.78
N MET A 31 -52.46 -10.73 9.59
CA MET A 31 -53.77 -10.82 8.99
C MET A 31 -54.16 -12.28 8.82
N TYR A 32 -55.45 -12.52 8.58
CA TYR A 32 -55.90 -13.78 8.02
C TYR A 32 -55.95 -13.56 6.51
N HIS A 33 -55.13 -14.27 5.76
CA HIS A 33 -55.09 -13.97 4.33
C HIS A 33 -56.16 -14.81 3.65
N GLU A 34 -57.23 -14.12 3.22
CA GLU A 34 -58.32 -14.76 2.49
C GLU A 34 -58.07 -14.62 0.99
N ASP A 35 -57.09 -13.79 0.66
CA ASP A 35 -56.69 -13.55 -0.72
C ASP A 35 -56.17 -14.84 -1.35
N ILE A 36 -55.29 -15.51 -0.62
CA ILE A 36 -54.59 -16.68 -1.13
C ILE A 36 -55.47 -17.93 -1.19
N ILE A 37 -56.31 -18.12 -0.19
CA ILE A 37 -57.15 -19.32 -0.13
C ILE A 37 -58.10 -19.40 -1.32
N ARG A 38 -58.64 -18.25 -1.72
CA ARG A 38 -59.51 -18.20 -2.90
C ARG A 38 -58.75 -18.66 -4.13
N ASN A 39 -57.48 -18.27 -4.24
CA ASN A 39 -56.60 -18.76 -5.28
C ASN A 39 -56.54 -20.29 -5.22
N ILE A 40 -56.46 -20.81 -4.00
CA ILE A 40 -56.62 -22.24 -3.75
C ILE A 40 -58.04 -22.65 -4.15
N LEU A 41 -59.01 -21.93 -3.60
CA LEU A 41 -60.43 -22.22 -3.84
C LEU A 41 -60.78 -22.17 -5.33
N LYS A 42 -60.16 -21.25 -6.06
CA LYS A 42 -60.38 -21.15 -7.50
C LYS A 42 -59.88 -22.41 -8.20
N GLU A 43 -58.76 -22.95 -7.72
CA GLU A 43 -58.21 -24.17 -8.30
C GLU A 43 -58.96 -25.42 -7.84
N VAL A 44 -59.27 -25.50 -6.54
CA VAL A 44 -59.94 -26.67 -5.98
C VAL A 44 -61.32 -26.88 -6.59
N SER A 45 -62.17 -25.86 -6.52
CA SER A 45 -63.48 -25.91 -7.15
C SER A 45 -63.33 -26.22 -8.63
N ASN A 46 -62.33 -25.60 -9.25
CA ASN A 46 -61.95 -25.88 -10.63
C ASN A 46 -61.56 -27.35 -10.77
N LEU A 47 -60.71 -27.83 -9.87
CA LEU A 47 -60.23 -29.21 -9.92
C LEU A 47 -61.37 -30.20 -9.89
N ARG A 48 -62.23 -30.10 -8.87
CA ARG A 48 -63.41 -30.97 -8.80
C ARG A 48 -64.41 -30.60 -9.89
N LYS A 49 -64.21 -29.45 -10.52
CA LYS A 49 -65.04 -29.02 -11.66
C LYS A 49 -64.60 -29.73 -12.93
N ASN A 50 -63.31 -30.02 -13.04
CA ASN A 50 -62.79 -30.76 -14.18
C ASN A 50 -62.99 -32.26 -14.05
N THR A 51 -62.74 -32.80 -12.85
CA THR A 51 -62.86 -34.24 -12.61
C THR A 51 -64.31 -34.68 -12.76
N GLU A 52 -65.23 -33.89 -12.21
CA GLU A 52 -66.66 -34.16 -12.34
C GLU A 52 -67.05 -34.32 -13.80
N TYR A 53 -66.44 -33.53 -14.67
CA TYR A 53 -66.64 -33.68 -16.11
C TYR A 53 -66.18 -35.07 -16.54
N LEU A 54 -64.94 -35.40 -16.18
CA LEU A 54 -64.39 -36.74 -16.41
C LEU A 54 -65.20 -37.75 -15.59
N LYS A 55 -65.67 -37.29 -14.44
CA LYS A 55 -66.57 -38.08 -13.60
C LYS A 55 -67.87 -38.29 -14.36
N GLU A 56 -68.25 -37.32 -15.18
CA GLU A 56 -69.33 -37.49 -16.13
C GLU A 56 -68.83 -38.20 -17.39
N GLN A 57 -67.66 -37.78 -17.88
CA GLN A 57 -67.11 -38.27 -19.14
C GLN A 57 -66.73 -39.75 -19.04
N GLN A 58 -66.47 -40.21 -17.83
CA GLN A 58 -66.19 -41.62 -17.59
C GLN A 58 -67.36 -42.48 -18.06
N GLN A 59 -68.55 -41.87 -18.09
CA GLN A 59 -69.75 -42.55 -18.52
C GLN A 59 -69.92 -42.55 -20.04
N LEU A 60 -69.17 -41.70 -20.74
CA LEU A 60 -69.36 -41.54 -22.18
C LEU A 60 -68.19 -42.03 -23.03
N GLY A 61 -67.12 -41.24 -23.07
CA GLY A 61 -65.99 -41.56 -23.91
C GLY A 61 -64.80 -42.15 -23.18
N MET A 62 -64.82 -42.04 -21.86
CA MET A 62 -63.77 -42.59 -21.02
C MET A 62 -63.98 -44.09 -20.83
N LEU A 63 -65.23 -44.48 -20.63
CA LEU A 63 -65.62 -45.88 -20.59
C LEU A 63 -64.89 -46.65 -19.49
N ASP A 64 -64.65 -45.99 -18.36
CA ASP A 64 -63.99 -46.61 -17.22
C ASP A 64 -62.64 -47.22 -17.62
N ASP A 65 -61.82 -46.43 -18.28
CA ASP A 65 -60.48 -46.87 -18.64
C ASP A 65 -59.61 -46.99 -17.40
N LYS A 66 -58.63 -47.88 -17.44
CA LYS A 66 -57.74 -48.10 -16.30
C LYS A 66 -57.01 -46.82 -15.92
N VAL A 67 -56.69 -46.01 -16.92
CA VAL A 67 -56.02 -44.74 -16.71
C VAL A 67 -56.97 -43.71 -16.12
N ALA A 68 -58.24 -43.78 -16.53
CA ALA A 68 -59.25 -42.83 -16.08
C ALA A 68 -59.44 -42.86 -14.57
N LYS A 69 -59.23 -44.02 -13.96
CA LYS A 69 -59.35 -44.16 -12.51
C LYS A 69 -58.24 -43.39 -11.79
N CYS A 70 -57.14 -43.14 -12.51
CA CYS A 70 -55.97 -42.48 -11.94
C CYS A 70 -56.26 -41.06 -11.47
N GLN A 71 -56.87 -40.24 -12.33
CA GLN A 71 -57.06 -38.82 -12.03
C GLN A 71 -57.90 -38.59 -10.78
N TYR A 72 -58.88 -39.46 -10.53
CA TYR A 72 -59.60 -39.43 -9.26
C TYR A 72 -58.60 -39.73 -8.15
N PHE A 73 -57.88 -40.82 -8.33
CA PHE A 73 -56.74 -41.15 -7.47
C PHE A 73 -55.71 -40.01 -7.50
N VAL A 74 -55.66 -39.31 -8.64
CA VAL A 74 -54.74 -38.19 -8.83
C VAL A 74 -55.24 -36.89 -8.21
N THR A 75 -56.31 -36.33 -8.78
CA THR A 75 -56.79 -35.00 -8.39
C THR A 75 -57.27 -34.95 -6.94
N LEU A 76 -57.84 -36.05 -6.45
CA LEU A 76 -58.30 -36.13 -5.07
C LEU A 76 -57.17 -35.84 -4.08
N LEU A 77 -55.93 -36.16 -4.48
CA LEU A 77 -54.76 -35.93 -3.64
C LEU A 77 -54.60 -34.45 -3.29
N CYS A 78 -54.57 -33.59 -4.31
CA CYS A 78 -54.50 -32.15 -4.10
C CYS A 78 -55.61 -31.68 -3.18
N MET A 79 -56.81 -32.23 -3.37
CA MET A 79 -57.95 -31.90 -2.53
C MET A 79 -57.59 -32.06 -1.06
N GLU A 80 -57.10 -33.24 -0.70
CA GLU A 80 -56.59 -33.48 0.63
C GLU A 80 -55.36 -32.61 0.86
N ARG A 81 -54.54 -32.49 -0.18
CA ARG A 81 -53.38 -31.61 -0.16
C ARG A 81 -53.79 -30.18 0.19
N ASN A 82 -54.77 -29.64 -0.52
CA ASN A 82 -55.26 -28.29 -0.25
C ASN A 82 -55.84 -28.16 1.16
N LYS A 83 -56.82 -28.99 1.48
CA LYS A 83 -57.48 -28.94 2.77
C LYS A 83 -56.45 -29.04 3.90
N ARG A 84 -55.59 -30.05 3.82
CA ARG A 84 -54.51 -30.24 4.79
C ARG A 84 -53.70 -28.95 4.96
N CYS A 85 -53.45 -28.25 3.86
CA CYS A 85 -52.80 -26.95 3.91
C CYS A 85 -53.69 -25.95 4.65
N LEU A 86 -54.99 -26.00 4.36
CA LEU A 86 -55.98 -25.14 4.99
C LEU A 86 -56.18 -25.48 6.46
N LEU A 87 -56.29 -26.78 6.76
CA LEU A 87 -56.55 -27.26 8.11
C LEU A 87 -55.60 -26.65 9.14
N ALA A 88 -54.32 -27.01 9.03
CA ALA A 88 -53.30 -26.56 9.97
C ALA A 88 -53.18 -25.04 9.98
N TYR A 89 -53.26 -24.43 8.81
CA TYR A 89 -53.15 -22.97 8.71
C TYR A 89 -54.12 -22.30 9.68
N GLN A 90 -55.40 -22.68 9.61
CA GLN A 90 -56.39 -22.13 10.53
C GLN A 90 -56.28 -22.73 11.93
N ARG A 91 -56.18 -24.05 12.00
CA ARG A 91 -56.10 -24.75 13.30
C ARG A 91 -54.96 -24.20 14.14
N LEU A 92 -53.84 -23.87 13.49
CA LEU A 92 -52.75 -23.19 14.16
C LEU A 92 -53.07 -21.70 14.29
N ARG A 93 -53.63 -21.13 13.23
CA ARG A 93 -54.09 -19.74 13.26
C ARG A 93 -55.05 -19.53 14.41
N THR A 94 -55.86 -20.54 14.69
CA THR A 94 -56.76 -20.53 15.84
C THR A 94 -55.95 -20.58 17.14
N ASP A 95 -54.91 -21.41 17.16
CA ASP A 95 -54.12 -21.69 18.36
C ASP A 95 -53.62 -20.42 19.04
N ILE A 96 -53.04 -19.49 18.27
CA ILE A 96 -52.59 -18.21 18.82
C ILE A 96 -53.76 -17.43 19.38
N LEU A 97 -54.88 -17.45 18.67
CA LEU A 97 -56.08 -16.75 19.08
C LEU A 97 -56.67 -17.36 20.36
N ASP A 98 -56.82 -18.67 20.36
CA ASP A 98 -57.26 -19.38 21.54
C ASP A 98 -56.30 -19.11 22.70
N SER A 99 -55.00 -19.12 22.40
CA SER A 99 -53.98 -18.79 23.40
C SER A 99 -54.25 -17.43 24.01
N MET A 100 -54.65 -16.48 23.16
CA MET A 100 -55.02 -15.15 23.61
C MET A 100 -56.37 -15.17 24.31
N ALA A 101 -57.12 -16.26 24.15
CA ALA A 101 -58.41 -16.39 24.83
C ALA A 101 -58.21 -16.70 26.31
N TRP A 102 -57.12 -17.40 26.61
CA TRP A 102 -56.79 -17.79 27.98
C TRP A 102 -56.16 -16.65 28.78
N ASN A 103 -54.98 -16.24 28.34
CA ASN A 103 -54.15 -15.30 29.08
C ASN A 103 -54.85 -13.99 29.47
N ASN A 104 -55.37 -13.26 28.49
CA ASN A 104 -55.77 -11.89 28.75
C ASN A 104 -57.22 -11.60 29.10
N ASN A 105 -58.07 -12.59 29.32
CA ASN A 105 -59.25 -12.20 30.05
C ASN A 105 -59.02 -12.68 31.48
N GLY A 106 -58.34 -11.84 32.27
CA GLY A 106 -57.89 -10.55 31.78
C GLY A 106 -58.05 -9.15 32.34
N LEU A 107 -58.12 -9.03 33.67
CA LEU A 107 -58.61 -10.06 34.55
C LEU A 107 -59.13 -9.34 35.78
N ASP A 108 -60.43 -9.18 35.90
CA ASP A 108 -61.03 -8.90 37.21
C ASP A 108 -62.43 -9.51 37.27
N LEU A 109 -63.42 -9.04 36.51
CA LEU A 109 -63.45 -7.81 35.66
C LEU A 109 -62.32 -7.64 34.64
N MET A 110 -62.38 -8.42 33.56
CA MET A 110 -61.47 -8.22 32.44
C MET A 110 -61.40 -6.76 31.96
N SER A 111 -62.54 -6.08 31.83
CA SER A 111 -63.85 -6.65 32.07
C SER A 111 -64.49 -7.15 30.79
N SER A 112 -63.78 -6.95 29.68
CA SER A 112 -64.27 -7.38 28.38
C SER A 112 -63.11 -7.57 27.40
N ILE A 113 -63.38 -8.32 26.35
CA ILE A 113 -62.39 -8.54 25.30
C ILE A 113 -62.19 -7.24 24.52
N THR A 114 -63.03 -6.25 24.81
CA THR A 114 -62.93 -4.94 24.16
C THR A 114 -61.57 -4.31 24.44
N PHE A 115 -60.97 -3.72 23.40
CA PHE A 115 -59.63 -3.15 23.46
C PHE A 115 -58.57 -4.25 23.47
N SER A 116 -58.99 -5.47 23.74
CA SER A 116 -58.08 -6.61 23.78
C SER A 116 -58.15 -7.32 22.45
N GLN A 117 -57.02 -7.89 22.03
CA GLN A 117 -56.90 -8.47 20.70
C GLN A 117 -57.12 -7.36 19.69
N GLN A 118 -56.18 -6.42 19.67
CA GLN A 118 -56.28 -5.22 18.84
C GLN A 118 -56.42 -5.55 17.36
N ASP A 119 -55.96 -6.73 16.98
CA ASP A 119 -56.04 -7.16 15.59
C ASP A 119 -57.46 -6.99 15.08
N THR A 120 -58.42 -7.57 15.80
CA THR A 120 -59.84 -7.31 15.53
C THR A 120 -60.14 -7.52 14.06
N ASN A 121 -60.53 -6.43 13.40
CA ASN A 121 -60.75 -6.42 11.95
C ASN A 121 -59.60 -7.03 11.17
N ASN A 122 -58.37 -6.85 11.66
CA ASN A 122 -57.18 -7.37 11.00
C ASN A 122 -57.23 -8.90 10.93
N LEU A 123 -57.78 -9.52 11.95
CA LEU A 123 -58.07 -10.96 11.93
C LEU A 123 -59.41 -11.20 11.23
N SER A 124 -59.53 -12.33 10.53
CA SER A 124 -60.73 -12.61 9.76
C SER A 124 -61.98 -12.69 10.65
N HIS A 125 -63.04 -12.02 10.21
CA HIS A 125 -64.27 -11.88 10.98
C HIS A 125 -64.83 -13.22 11.46
N GLN A 126 -64.72 -14.25 10.62
CA GLN A 126 -65.19 -15.59 10.97
C GLN A 126 -64.53 -16.07 12.26
N GLU A 127 -63.25 -15.77 12.40
CA GLU A 127 -62.47 -16.19 13.57
C GLU A 127 -62.78 -15.34 14.79
N GLN A 128 -62.77 -14.02 14.62
CA GLN A 128 -63.09 -13.10 15.70
C GLN A 128 -64.48 -13.44 16.22
N GLU A 129 -65.37 -13.83 15.31
CA GLU A 129 -66.67 -14.38 15.66
C GLU A 129 -66.50 -15.65 16.49
N TYR A 130 -65.70 -16.58 15.98
CA TYR A 130 -65.43 -17.82 16.68
C TYR A 130 -64.81 -17.59 18.05
N LEU A 131 -63.72 -16.82 18.10
CA LEU A 131 -63.00 -16.56 19.33
C LEU A 131 -63.87 -15.84 20.36
N LYS A 132 -64.50 -14.74 19.93
CA LYS A 132 -65.42 -14.00 20.80
C LYS A 132 -66.52 -14.94 21.30
N GLU A 133 -66.89 -15.91 20.47
CA GLU A 133 -67.84 -16.93 20.87
C GLU A 133 -67.12 -17.98 21.71
N TYR A 134 -65.84 -18.20 21.41
CA TYR A 134 -65.03 -19.17 22.13
C TYR A 134 -64.75 -18.74 23.56
N CYS A 135 -64.36 -17.47 23.74
CA CYS A 135 -64.08 -16.95 25.08
C CYS A 135 -65.34 -17.01 25.93
N ASP A 136 -66.50 -16.84 25.31
CA ASP A 136 -67.78 -17.00 26.01
C ASP A 136 -67.98 -18.46 26.38
N LEU A 137 -67.41 -19.36 25.59
CA LEU A 137 -67.50 -20.79 25.85
C LEU A 137 -66.73 -21.15 27.12
N ILE A 138 -65.55 -20.59 27.29
CA ILE A 138 -64.75 -20.86 28.48
C ILE A 138 -65.39 -20.22 29.71
N THR A 139 -66.13 -19.13 29.48
CA THR A 139 -66.86 -18.49 30.57
C THR A 139 -67.93 -19.43 31.11
N ASP A 140 -68.39 -20.35 30.26
CA ASP A 140 -69.31 -21.39 30.69
C ASP A 140 -68.62 -22.29 31.71
N LEU A 141 -67.33 -22.56 31.49
CA LEU A 141 -66.54 -23.32 32.43
C LEU A 141 -66.36 -22.53 33.73
N LYS A 142 -66.36 -21.21 33.62
CA LYS A 142 -66.30 -20.34 34.79
C LYS A 142 -67.49 -20.61 35.70
N SER A 143 -68.61 -21.03 35.11
CA SER A 143 -69.78 -21.41 35.90
C SER A 143 -69.47 -22.69 36.67
N GLY A 144 -68.67 -23.55 36.04
CA GLY A 144 -68.24 -24.78 36.68
C GLY A 144 -67.37 -24.54 37.90
N ASP A 145 -66.65 -23.42 37.90
CA ASP A 145 -65.76 -23.09 39.02
C ASP A 145 -66.00 -21.66 39.50
N LEU A 146 -66.53 -21.47 40.71
CA LEU A 146 -66.85 -22.56 41.65
C LEU A 146 -65.58 -23.29 42.09
N VAL A 147 -64.51 -22.52 42.22
CA VAL A 147 -63.24 -23.04 42.71
C VAL A 147 -62.66 -22.18 43.85
N ASP A 148 -62.36 -20.90 43.58
CA ASP A 148 -62.77 -20.20 42.37
C ASP A 148 -61.66 -20.08 41.32
N ILE A 149 -62.06 -20.17 40.05
CA ILE A 149 -61.14 -20.16 38.92
C ILE A 149 -61.71 -19.25 37.83
N ASP A 150 -61.03 -18.18 37.43
CA ASP A 150 -59.68 -17.76 37.86
C ASP A 150 -58.56 -18.67 37.35
N LEU A 151 -58.80 -19.37 36.24
CA LEU A 151 -57.74 -20.07 35.52
C LEU A 151 -57.12 -19.17 34.46
N SER A 152 -57.82 -18.08 34.16
CA SER A 152 -57.36 -17.18 33.12
C SER A 152 -56.16 -16.40 33.64
N GLY A 153 -56.15 -16.22 34.95
CA GLY A 153 -54.97 -15.74 35.65
C GLY A 153 -54.38 -16.88 36.45
N SER A 154 -53.67 -16.54 37.52
CA SER A 154 -53.08 -17.54 38.41
C SER A 154 -52.19 -18.51 37.64
N LEU A 155 -51.47 -18.00 36.65
CA LEU A 155 -50.54 -18.81 35.88
C LEU A 155 -49.32 -19.18 36.71
N VAL A 156 -48.83 -18.23 37.49
CA VAL A 156 -47.66 -18.44 38.34
C VAL A 156 -48.04 -18.93 39.74
N PRO A 157 -47.32 -19.92 40.25
CA PRO A 157 -47.49 -20.37 41.63
C PRO A 157 -47.18 -19.24 42.61
N PRO A 158 -47.88 -19.22 43.75
CA PRO A 158 -47.96 -18.13 44.73
C PRO A 158 -46.66 -17.81 45.47
N SER A 159 -46.37 -16.52 45.66
CA SER A 159 -45.31 -16.11 46.58
C SER A 159 -45.09 -14.58 46.65
N ASP A 160 -44.49 -14.17 47.76
CA ASP A 160 -44.65 -14.94 48.97
C ASP A 160 -44.86 -14.08 50.20
N VAL A 161 -46.09 -14.01 50.70
CA VAL A 161 -47.25 -13.96 49.81
C VAL A 161 -47.27 -12.54 49.26
N PHE A 162 -46.67 -11.62 50.03
CA PHE A 162 -46.65 -10.20 49.71
C PHE A 162 -45.50 -9.79 48.77
N ILE A 163 -45.77 -8.76 47.95
CA ILE A 163 -44.78 -8.22 46.99
C ILE A 163 -44.97 -6.70 46.83
N ASP A 164 -43.95 -6.02 46.31
CA ASP A 164 -44.04 -4.59 46.07
C ASP A 164 -44.16 -4.26 44.59
N VAL A 165 -45.32 -3.73 44.21
CA VAL A 165 -45.59 -3.27 42.86
C VAL A 165 -45.72 -1.75 42.82
N ARG A 166 -45.25 -1.13 41.74
CA ARG A 166 -45.45 0.30 41.54
C ARG A 166 -46.41 0.51 40.37
N VAL A 167 -47.23 1.55 40.47
CA VAL A 167 -48.19 1.90 39.43
C VAL A 167 -47.44 2.30 38.16
N LEU A 168 -47.98 1.99 36.99
CA LEU A 168 -47.40 2.58 35.80
C LEU A 168 -48.41 3.54 35.20
N LYS A 169 -48.25 4.83 35.50
CA LYS A 169 -49.10 5.90 34.98
C LYS A 169 -50.57 5.46 34.95
N ASP A 170 -50.98 4.70 35.95
CA ASP A 170 -52.29 4.03 35.93
C ASP A 170 -53.15 4.48 37.10
N ALA A 171 -54.21 5.22 36.77
CA ALA A 171 -55.18 5.62 37.78
C ALA A 171 -56.57 5.75 37.15
N GLY A 172 -57.58 5.33 37.90
CA GLY A 172 -57.37 4.76 39.21
C GLY A 172 -57.63 5.76 40.32
N GLU A 173 -58.01 5.25 41.49
CA GLU A 173 -58.07 3.81 41.71
C GLU A 173 -59.39 3.19 41.25
N ILE A 174 -59.28 2.11 40.49
CA ILE A 174 -60.40 1.26 40.06
C ILE A 174 -60.62 0.17 41.09
N GLN A 175 -60.00 0.33 42.26
CA GLN A 175 -59.69 -0.74 43.19
C GLN A 175 -60.88 -1.23 44.02
N THR A 176 -62.08 -0.86 43.58
CA THR A 176 -63.34 -1.15 44.26
C THR A 176 -63.44 -2.54 44.88
N GLU A 177 -62.93 -3.54 44.17
CA GLU A 177 -62.90 -4.90 44.70
C GLU A 177 -62.06 -4.94 45.97
N TYR A 178 -62.49 -5.69 46.97
CA TYR A 178 -61.74 -5.70 48.22
C TYR A 178 -61.68 -4.26 48.71
N GLY A 179 -60.52 -3.62 48.63
CA GLY A 179 -60.49 -2.21 48.98
C GLY A 179 -59.63 -1.43 48.02
N VAL A 180 -59.83 -0.12 48.00
CA VAL A 180 -59.22 0.73 47.00
C VAL A 180 -57.78 1.03 47.36
N PHE A 181 -56.87 0.69 46.46
CA PHE A 181 -55.45 0.86 46.71
C PHE A 181 -55.00 2.25 46.26
N ASN A 182 -55.95 3.05 45.79
CA ASN A 182 -55.69 4.45 45.46
C ASN A 182 -54.58 4.63 44.44
N LEU A 183 -54.87 4.25 43.19
CA LEU A 183 -53.87 4.28 42.13
C LEU A 183 -53.23 5.65 41.96
N ILE A 184 -51.91 5.69 42.07
CA ILE A 184 -51.14 6.91 41.89
C ILE A 184 -49.87 6.60 41.12
N LYS A 185 -49.59 7.39 40.10
CA LYS A 185 -48.39 7.19 39.29
C LYS A 185 -47.14 7.31 40.15
N ASP A 186 -46.16 6.46 39.87
CA ASP A 186 -44.90 6.45 40.63
C ASP A 186 -45.14 6.09 42.08
N SER A 187 -46.00 5.11 42.32
CA SER A 187 -46.24 4.66 43.68
C SER A 187 -46.11 3.15 43.79
N GLN A 188 -45.11 2.70 44.55
CA GLN A 188 -44.92 1.29 44.82
C GLN A 188 -45.67 0.91 46.09
N PHE A 189 -46.24 -0.29 46.10
CA PHE A 189 -47.03 -0.75 47.23
C PHE A 189 -46.37 -1.95 47.92
N PHE A 190 -47.04 -2.46 48.95
CA PHE A 190 -46.69 -3.76 49.53
C PHE A 190 -48.00 -4.53 49.68
N VAL A 191 -48.14 -5.62 48.92
CA VAL A 191 -49.41 -6.35 48.83
C VAL A 191 -49.20 -7.83 48.51
N ARG A 192 -50.18 -8.67 48.86
CA ARG A 192 -50.11 -10.11 48.64
C ARG A 192 -50.28 -10.48 47.18
N GLN A 193 -49.78 -11.66 46.83
CA GLN A 193 -49.86 -12.18 45.47
C GLN A 193 -51.27 -12.21 44.90
N SER A 194 -52.26 -12.47 45.77
CA SER A 194 -53.64 -12.71 45.34
C SER A 194 -54.20 -11.61 44.43
N ASP A 195 -54.41 -10.43 45.00
CA ASP A 195 -55.01 -9.32 44.25
C ASP A 195 -54.08 -8.81 43.16
N VAL A 196 -52.78 -8.92 43.39
CA VAL A 196 -51.79 -8.49 42.41
C VAL A 196 -51.97 -9.22 41.07
N GLU A 197 -52.33 -10.50 41.14
CA GLU A 197 -52.50 -11.34 39.96
C GLU A 197 -53.46 -10.73 38.93
N ARG A 198 -54.48 -10.02 39.39
CA ARG A 198 -55.44 -9.40 38.49
C ARG A 198 -54.91 -8.11 37.88
N LEU A 199 -54.34 -7.24 38.72
CA LEU A 199 -53.85 -5.95 38.26
C LEU A 199 -52.60 -6.10 37.40
N ILE A 200 -51.78 -7.10 37.70
CA ILE A 200 -50.59 -7.39 36.89
C ILE A 200 -51.02 -7.78 35.47
N GLN A 201 -52.16 -8.48 35.38
CA GLN A 201 -52.72 -8.84 34.08
C GLN A 201 -53.31 -7.62 33.40
N GLN A 202 -53.72 -6.63 34.19
CA GLN A 202 -54.32 -5.42 33.65
C GLN A 202 -53.27 -4.34 33.42
N GLY A 203 -52.01 -4.69 33.66
CA GLY A 203 -50.90 -3.80 33.40
C GLY A 203 -50.74 -2.65 34.38
N TYR A 204 -51.63 -2.57 35.36
CA TYR A 204 -51.56 -1.50 36.36
C TYR A 204 -50.37 -1.71 37.30
N LEU A 205 -49.82 -2.92 37.30
CA LEU A 205 -48.73 -3.29 38.19
C LEU A 205 -47.42 -3.46 37.45
N GLN A 206 -46.30 -3.06 38.06
CA GLN A 206 -45.00 -3.22 37.42
C GLN A 206 -44.02 -4.10 38.18
N LYS A 207 -43.47 -3.54 39.27
CA LYS A 207 -42.35 -4.16 39.97
C LYS A 207 -42.80 -5.29 40.90
N ILE A 208 -41.90 -6.25 41.13
CA ILE A 208 -42.19 -7.35 42.03
C ILE A 208 -41.31 -7.27 43.28
N LEU B 3 -54.93 -23.51 28.35
CA LEU B 3 -53.84 -23.87 27.45
C LEU B 3 -52.53 -23.25 27.90
N PRO B 4 -51.70 -24.06 28.59
CA PRO B 4 -50.44 -23.63 29.19
C PRO B 4 -49.45 -23.00 28.21
N ALA B 5 -49.49 -23.36 26.93
CA ALA B 5 -48.41 -22.98 26.02
C ALA B 5 -47.11 -23.54 26.61
N HIS B 6 -46.22 -22.64 27.04
CA HIS B 6 -45.05 -23.06 27.79
C HIS B 6 -45.45 -23.51 29.18
N LEU B 7 -44.70 -24.43 29.78
CA LEU B 7 -43.49 -25.00 29.18
C LEU B 7 -43.75 -25.82 27.91
N GLN B 8 -44.91 -26.46 27.78
CA GLN B 8 -45.79 -26.83 28.89
C GLN B 8 -45.60 -28.28 29.30
N GLN B 9 -44.88 -29.05 28.49
CA GLN B 9 -44.85 -30.49 28.68
C GLN B 9 -43.96 -30.83 29.87
N THR B 10 -42.80 -30.20 29.93
CA THR B 10 -41.90 -30.33 31.05
C THR B 10 -42.39 -29.50 32.23
N PHE B 11 -41.95 -29.87 33.43
CA PHE B 11 -42.28 -29.11 34.64
C PHE B 11 -41.40 -27.86 34.73
N SER B 12 -41.96 -26.76 35.21
CA SER B 12 -41.17 -25.56 35.48
C SER B 12 -40.30 -25.79 36.71
N PRO B 13 -39.07 -25.26 36.69
CA PRO B 13 -38.21 -25.32 37.88
C PRO B 13 -38.90 -24.64 39.04
N GLU B 14 -39.60 -23.55 38.73
CA GLU B 14 -40.43 -22.85 39.68
C GLU B 14 -41.56 -23.78 40.17
N GLU B 15 -41.99 -24.70 39.32
CA GLU B 15 -43.01 -25.68 39.68
C GLU B 15 -42.48 -26.76 40.62
N ILE B 16 -41.33 -27.35 40.27
CA ILE B 16 -40.75 -28.43 41.04
C ILE B 16 -40.32 -27.95 42.43
N GLN B 17 -39.81 -26.73 42.51
CA GLN B 17 -39.51 -26.11 43.80
C GLN B 17 -40.82 -25.88 44.53
N PHE B 18 -41.85 -25.51 43.77
CA PHE B 18 -43.21 -25.37 44.28
C PHE B 18 -43.69 -26.72 44.80
N ILE B 19 -43.19 -27.79 44.18
CA ILE B 19 -43.46 -29.15 44.63
C ILE B 19 -42.68 -29.50 45.90
N VAL B 20 -41.37 -29.25 45.87
CA VAL B 20 -40.50 -29.61 46.98
C VAL B 20 -40.85 -28.86 48.26
N GLU B 21 -41.53 -27.72 48.10
CA GLU B 21 -42.03 -26.97 49.25
C GLU B 21 -42.88 -27.86 50.15
N ASN B 22 -43.55 -28.84 49.55
CA ASN B 22 -44.47 -29.71 50.28
C ASN B 22 -43.78 -30.69 51.23
N GLU B 23 -42.45 -30.81 51.12
CA GLU B 23 -41.70 -31.74 51.95
C GLU B 23 -41.50 -31.23 53.37
N PRO B 24 -41.77 -32.08 54.37
CA PRO B 24 -41.64 -31.77 55.79
C PRO B 24 -40.19 -31.74 56.29
N ILE B 25 -39.91 -30.87 57.25
CA ILE B 25 -38.57 -30.73 57.83
C ILE B 25 -38.65 -30.21 59.27
N LYS B 26 -37.64 -30.53 60.08
CA LYS B 26 -37.61 -30.09 61.47
C LYS B 26 -37.07 -28.67 61.64
N ILE B 27 -37.58 -27.96 62.65
CA ILE B 27 -37.14 -26.59 62.91
C ILE B 27 -37.08 -26.27 64.40
N PHE B 28 -36.64 -25.05 64.73
CA PHE B 28 -36.54 -24.58 66.11
C PHE B 28 -37.30 -23.26 66.30
N PRO B 29 -38.62 -23.34 66.47
CA PRO B 29 -39.49 -22.15 66.60
C PRO B 29 -39.15 -21.24 67.78
N ARG B 30 -39.35 -19.95 67.60
CA ARG B 30 -39.26 -18.98 68.71
C ARG B 30 -40.55 -18.99 69.50
N ILE B 31 -41.60 -19.49 68.86
CA ILE B 31 -42.96 -19.47 69.40
C ILE B 31 -43.13 -20.42 70.58
N THR B 32 -44.16 -20.18 71.37
CA THR B 32 -44.52 -21.10 72.46
C THR B 32 -45.84 -21.79 72.16
N TRP B 50 -56.66 -22.02 67.73
CA TRP B 50 -56.51 -20.91 66.79
C TRP B 50 -56.71 -21.32 65.33
N GLN B 51 -55.95 -22.31 64.84
CA GLN B 51 -55.01 -23.10 65.63
C GLN B 51 -53.54 -22.83 65.27
N LEU B 52 -53.16 -23.08 64.02
CA LEU B 52 -54.10 -23.24 62.91
C LEU B 52 -54.43 -24.68 62.55
N ILE B 53 -55.70 -24.90 62.18
CA ILE B 53 -56.17 -26.20 61.73
C ILE B 53 -55.65 -26.51 60.34
N THR B 54 -55.70 -25.50 59.46
CA THR B 54 -55.31 -25.65 58.07
C THR B 54 -56.07 -26.83 57.44
N THR B 55 -55.37 -27.65 56.65
CA THR B 55 -56.00 -28.78 56.00
C THR B 55 -55.32 -30.13 56.31
N ASP B 56 -54.19 -30.36 55.66
CA ASP B 56 -53.47 -31.63 55.75
C ASP B 56 -52.29 -31.64 56.72
N ASP B 57 -52.02 -30.51 57.36
CA ASP B 57 -50.88 -30.37 58.27
C ASP B 57 -50.94 -31.35 59.44
N LYS B 58 -52.09 -31.39 60.12
CA LYS B 58 -52.29 -32.22 61.31
C LYS B 58 -51.54 -31.64 62.51
N ALA B 59 -50.76 -30.61 62.22
CA ALA B 59 -49.87 -29.98 63.20
C ALA B 59 -50.13 -28.47 63.24
N LEU B 60 -50.08 -27.91 64.44
CA LEU B 60 -49.75 -28.66 65.64
C LEU B 60 -50.19 -27.90 66.88
N ASN B 61 -49.97 -28.49 68.05
CA ASN B 61 -50.08 -27.78 69.31
C ASN B 61 -49.09 -26.63 69.26
N ASN B 62 -49.38 -25.53 69.94
CA ASN B 62 -48.50 -24.36 69.83
C ASN B 62 -47.09 -24.80 70.20
N MET B 63 -46.17 -24.60 69.26
CA MET B 63 -44.88 -25.27 69.31
C MET B 63 -43.94 -24.65 70.34
N VAL B 64 -43.14 -25.49 70.99
CA VAL B 64 -42.22 -25.03 72.01
C VAL B 64 -41.08 -24.21 71.41
N ALA B 65 -40.80 -23.07 72.03
CA ALA B 65 -39.69 -22.22 71.60
C ALA B 65 -38.37 -22.97 71.73
N MET B 66 -37.51 -22.81 70.73
CA MET B 66 -36.20 -23.44 70.72
C MET B 66 -36.29 -24.96 70.79
N ARG B 67 -37.25 -25.54 70.09
CA ARG B 67 -37.42 -26.99 70.08
C ARG B 67 -37.57 -27.55 68.68
N SER B 68 -36.89 -28.66 68.41
CA SER B 68 -36.94 -29.33 67.11
C SER B 68 -38.31 -29.95 66.83
N THR B 69 -38.93 -29.58 65.71
CA THR B 69 -40.17 -30.22 65.26
C THR B 69 -40.23 -30.35 63.74
N GLU B 70 -40.64 -31.52 63.26
CA GLU B 70 -40.75 -31.77 61.82
C GLU B 70 -41.99 -31.10 61.22
N VAL B 71 -41.76 -30.25 60.21
CA VAL B 71 -42.84 -29.52 59.56
C VAL B 71 -42.57 -29.34 58.07
N VAL B 72 -43.62 -29.08 57.29
CA VAL B 72 -43.49 -28.88 55.85
C VAL B 72 -42.56 -27.69 55.56
N LEU B 73 -41.90 -27.71 54.41
CA LEU B 73 -40.85 -26.74 54.09
C LEU B 73 -41.31 -25.28 54.02
N TRP B 74 -42.27 -25.01 53.14
CA TRP B 74 -42.69 -23.63 52.85
C TRP B 74 -43.24 -22.89 54.06
N ILE B 75 -43.89 -23.61 54.97
CA ILE B 75 -44.38 -22.99 56.21
C ILE B 75 -43.20 -22.55 57.06
N ALA B 76 -42.14 -23.36 57.05
CA ALA B 76 -40.90 -23.02 57.75
C ALA B 76 -40.34 -21.73 57.18
N LEU B 77 -40.53 -21.53 55.87
CA LEU B 77 -40.14 -20.29 55.22
C LEU B 77 -40.94 -19.12 55.80
N LEU B 78 -42.20 -19.38 56.13
CA LEU B 78 -43.09 -18.34 56.67
C LEU B 78 -42.54 -17.73 57.96
N LEU B 79 -42.49 -18.52 59.03
CA LEU B 79 -42.02 -18.01 60.31
C LEU B 79 -40.56 -17.58 60.24
N LYS B 80 -39.79 -18.27 59.40
CA LYS B 80 -38.41 -17.86 59.12
C LYS B 80 -38.41 -16.52 58.39
N GLN B 81 -39.45 -16.31 57.58
CA GLN B 81 -39.65 -15.04 56.90
C GLN B 81 -39.92 -13.95 57.93
N GLN B 82 -40.54 -14.34 59.05
CA GLN B 82 -40.68 -13.45 60.21
C GLN B 82 -39.55 -13.74 61.19
N SER B 83 -38.74 -14.74 60.86
CA SER B 83 -37.62 -15.16 61.71
C SER B 83 -38.08 -15.64 63.07
N LYS B 84 -39.29 -16.18 63.13
CA LYS B 84 -39.84 -16.73 64.36
C LYS B 84 -39.45 -18.20 64.56
N CYS B 85 -38.76 -18.76 63.58
CA CYS B 85 -38.40 -20.17 63.61
C CYS B 85 -36.96 -20.40 63.13
N SER B 86 -36.36 -21.49 63.61
CA SER B 86 -35.02 -21.86 63.20
C SER B 86 -35.02 -23.23 62.53
N ILE B 87 -34.74 -23.27 61.24
CA ILE B 87 -34.75 -24.52 60.48
C ILE B 87 -33.55 -25.40 60.79
N VAL B 88 -33.77 -26.70 60.84
CA VAL B 88 -32.68 -27.64 61.02
C VAL B 88 -31.87 -27.72 59.74
N ALA B 89 -30.55 -27.79 59.88
CA ALA B 89 -29.70 -28.07 58.74
C ALA B 89 -29.84 -29.54 58.39
N PRO B 90 -29.86 -29.87 57.09
CA PRO B 90 -29.93 -31.28 56.70
C PRO B 90 -28.73 -32.06 57.22
N GLN B 91 -28.97 -33.21 57.84
CA GLN B 91 -27.87 -34.07 58.29
C GLN B 91 -27.05 -34.48 57.08
N TRP B 92 -27.74 -34.77 55.98
CA TRP B 92 -27.08 -35.04 54.72
C TRP B 92 -26.33 -33.82 54.24
N LEU B 93 -26.73 -32.64 54.72
CA LEU B 93 -25.99 -31.45 54.34
C LEU B 93 -24.94 -31.24 55.41
N THR B 94 -23.75 -31.76 55.10
CA THR B 94 -22.52 -31.50 55.83
C THR B 94 -21.42 -31.54 54.77
N THR B 95 -20.71 -30.44 54.55
CA THR B 95 -19.77 -30.39 53.42
C THR B 95 -18.65 -31.42 53.57
N LYS B 96 -18.08 -31.47 54.78
CA LYS B 96 -17.11 -32.49 55.16
C LYS B 96 -17.68 -33.89 54.93
N GLU B 97 -18.94 -34.09 55.28
CA GLU B 97 -19.64 -35.35 55.05
C GLU B 97 -19.92 -35.55 53.56
N LEU B 98 -20.16 -34.43 52.86
CA LEU B 98 -20.52 -34.47 51.46
C LEU B 98 -19.35 -34.89 50.57
N ASP B 99 -18.13 -34.74 51.07
CA ASP B 99 -16.94 -35.10 50.30
C ASP B 99 -16.86 -36.59 50.06
N ARG B 100 -17.32 -37.38 51.03
CA ARG B 100 -17.31 -38.84 50.87
C ARG B 100 -18.22 -39.22 49.72
N LYS B 101 -19.26 -38.42 49.50
CA LYS B 101 -20.12 -38.58 48.33
C LYS B 101 -19.32 -38.32 47.06
N ILE B 102 -18.70 -37.15 46.97
CA ILE B 102 -17.84 -36.83 45.83
C ILE B 102 -16.66 -37.80 45.84
N GLN B 103 -16.23 -38.21 47.04
CA GLN B 103 -15.28 -39.30 47.18
C GLN B 103 -15.85 -40.55 46.53
N TYR B 104 -17.02 -40.95 47.01
CA TYR B 104 -17.74 -42.09 46.46
C TYR B 104 -18.07 -41.85 44.99
N GLU B 105 -18.29 -40.59 44.64
CA GLU B 105 -18.63 -40.21 43.27
C GLU B 105 -17.40 -40.27 42.36
N LYS B 106 -16.28 -39.74 42.84
CA LYS B 106 -15.05 -39.70 42.07
C LYS B 106 -14.52 -41.10 41.74
N THR B 107 -14.85 -42.08 42.59
CA THR B 107 -14.38 -43.44 42.40
C THR B 107 -15.41 -44.30 41.68
N HIS B 108 -16.58 -43.74 41.39
CA HIS B 108 -17.63 -44.49 40.70
C HIS B 108 -18.07 -43.76 39.43
N PRO B 109 -17.35 -43.98 38.33
CA PRO B 109 -17.62 -43.37 37.02
C PRO B 109 -19.04 -43.65 36.53
N ASP B 110 -19.65 -44.72 37.03
CA ASP B 110 -20.98 -45.11 36.61
C ASP B 110 -22.06 -44.56 37.56
N ARG B 111 -22.07 -45.04 38.79
CA ARG B 111 -23.09 -44.66 39.76
C ARG B 111 -23.00 -43.20 40.22
N PHE B 112 -24.16 -42.58 40.42
CA PHE B 112 -24.27 -41.17 40.80
C PHE B 112 -24.36 -41.01 42.32
N SER B 113 -24.18 -42.12 43.02
CA SER B 113 -24.31 -42.21 44.48
C SER B 113 -25.71 -41.84 44.96
N GLU B 114 -25.75 -41.07 46.05
CA GLU B 114 -26.99 -40.79 46.76
C GLU B 114 -27.38 -39.31 46.72
N LEU B 115 -28.68 -39.04 46.70
CA LEU B 115 -29.18 -37.66 46.61
C LEU B 115 -30.38 -37.41 47.52
N PRO B 116 -30.44 -36.21 48.10
CA PRO B 116 -31.63 -35.67 48.78
C PRO B 116 -32.81 -35.61 47.82
N TRP B 117 -32.48 -35.58 46.53
CA TRP B 117 -33.41 -35.69 45.41
C TRP B 117 -34.17 -34.40 45.15
N ASN B 118 -34.31 -33.56 46.17
CA ASN B 118 -34.72 -32.17 45.97
C ASN B 118 -33.60 -31.15 46.10
N TRP B 119 -32.42 -31.62 46.52
CA TRP B 119 -31.43 -30.78 47.18
C TRP B 119 -30.96 -29.52 46.44
N LEU B 120 -30.96 -29.55 45.10
CA LEU B 120 -30.55 -28.38 44.31
C LEU B 120 -31.32 -27.12 44.71
N VAL B 121 -32.65 -27.21 44.66
CA VAL B 121 -33.51 -26.09 45.00
C VAL B 121 -33.35 -25.73 46.47
N LEU B 122 -33.17 -26.75 47.31
CA LEU B 122 -32.96 -26.54 48.74
C LEU B 122 -31.83 -25.54 48.96
N ALA B 123 -30.61 -25.92 48.59
CA ALA B 123 -29.43 -25.07 48.76
C ALA B 123 -29.67 -23.65 48.23
N ARG B 124 -30.28 -23.55 47.07
CA ARG B 124 -30.66 -22.25 46.53
C ARG B 124 -31.64 -21.54 47.47
N ILE B 125 -32.61 -22.31 47.98
CA ILE B 125 -33.60 -21.78 48.91
C ILE B 125 -33.06 -21.66 50.33
N LEU B 126 -32.29 -22.67 50.75
CA LEU B 126 -31.72 -22.69 52.10
C LEU B 126 -30.85 -21.46 52.36
N PHE B 127 -30.15 -20.98 51.32
CA PHE B 127 -29.21 -19.87 51.46
C PHE B 127 -29.87 -18.51 51.27
N ASN B 128 -31.15 -18.51 50.85
CA ASN B 128 -31.91 -17.27 50.76
C ASN B 128 -32.02 -16.58 52.12
N LYS B 129 -32.54 -17.33 53.09
CA LYS B 129 -32.78 -16.82 54.43
C LYS B 129 -32.10 -17.74 55.46
N ALA B 130 -32.51 -19.01 55.47
CA ALA B 130 -32.04 -19.97 56.47
C ALA B 130 -30.52 -20.11 56.50
N LYS B 131 -29.85 -19.46 55.54
CA LYS B 131 -28.39 -19.41 55.47
C LYS B 131 -27.74 -19.12 56.82
N ASP B 132 -28.37 -18.25 57.60
CA ASP B 132 -27.83 -17.78 58.87
C ASP B 132 -27.68 -18.88 59.94
N ASP B 133 -28.48 -19.93 59.84
CA ASP B 133 -28.49 -20.98 60.86
C ASP B 133 -27.24 -21.86 60.83
N PHE B 134 -26.75 -22.16 59.62
CA PHE B 134 -25.63 -23.08 59.43
C PHE B 134 -24.31 -22.49 59.88
N HIS B 135 -23.32 -23.36 60.09
CA HIS B 135 -21.96 -22.92 60.37
C HIS B 135 -21.16 -22.82 59.07
N ASP B 136 -20.84 -21.58 58.69
CA ASP B 136 -20.09 -21.29 57.47
C ASP B 136 -20.62 -22.05 56.25
N PRO B 137 -21.91 -21.87 55.93
CA PRO B 137 -22.41 -22.31 54.63
C PRO B 137 -21.89 -21.38 53.54
N ILE B 138 -21.63 -20.14 53.95
CA ILE B 138 -21.08 -19.11 53.09
C ILE B 138 -19.79 -19.59 52.44
N HIS B 139 -19.64 -19.29 51.14
CA HIS B 139 -18.45 -19.63 50.36
C HIS B 139 -18.02 -21.06 50.59
N GLU B 140 -18.97 -21.94 50.92
CA GLU B 140 -18.59 -23.25 51.44
C GLU B 140 -19.11 -24.43 50.63
N LEU B 141 -20.39 -24.77 50.84
CA LEU B 141 -20.97 -25.93 50.16
C LEU B 141 -21.35 -25.54 48.75
N ARG B 142 -21.66 -24.27 48.58
CA ARG B 142 -22.02 -23.69 47.29
C ARG B 142 -21.01 -24.08 46.22
N GLY B 143 -19.73 -23.98 46.57
CA GLY B 143 -18.67 -24.50 45.74
C GLY B 143 -18.65 -26.03 45.80
N LYS B 144 -18.70 -26.58 47.01
CA LYS B 144 -18.73 -28.02 47.21
C LYS B 144 -19.88 -28.67 46.44
N ILE B 145 -21.09 -28.14 46.64
CA ILE B 145 -22.28 -28.63 45.94
C ILE B 145 -22.12 -28.43 44.45
N GLN B 146 -21.48 -27.33 44.05
CA GLN B 146 -21.30 -27.00 42.65
C GLN B 146 -20.42 -28.02 41.94
N ASP B 147 -19.33 -28.43 42.60
CA ASP B 147 -18.45 -29.45 42.04
C ASP B 147 -19.24 -30.73 41.80
N LEU B 148 -19.93 -31.22 42.83
CA LEU B 148 -20.75 -32.42 42.70
C LEU B 148 -21.87 -32.21 41.68
N ARG B 149 -22.33 -30.97 41.54
CA ARG B 149 -23.39 -30.65 40.59
C ARG B 149 -23.02 -31.03 39.15
N GLU B 150 -21.88 -30.52 38.68
CA GLU B 150 -21.43 -30.79 37.32
C GLU B 150 -20.83 -32.19 37.18
N ILE B 151 -20.03 -32.62 38.16
CA ILE B 151 -19.44 -33.96 38.12
C ILE B 151 -20.54 -35.00 38.02
N ARG B 152 -21.68 -34.69 38.63
CA ARG B 152 -22.89 -35.46 38.43
C ARG B 152 -23.41 -35.17 37.02
N GLN B 153 -23.46 -33.89 36.68
CA GLN B 153 -23.93 -33.43 35.38
C GLN B 153 -23.06 -33.94 34.23
N ILE B 154 -21.75 -33.90 34.39
CA ILE B 154 -20.83 -34.40 33.36
C ILE B 154 -21.00 -35.89 33.16
N LYS B 155 -21.21 -36.62 34.25
CA LYS B 155 -21.43 -38.06 34.19
C LYS B 155 -22.75 -38.37 33.48
N VAL B 156 -23.64 -37.38 33.44
CA VAL B 156 -24.88 -37.52 32.68
C VAL B 156 -24.58 -37.66 31.19
N LEU B 157 -23.85 -36.69 30.65
CA LEU B 157 -23.53 -36.65 29.22
C LEU B 157 -22.58 -37.79 28.82
N LYS B 158 -21.64 -38.12 29.71
CA LYS B 158 -20.70 -39.21 29.45
C LYS B 158 -21.46 -40.51 29.27
N GLY B 159 -22.46 -40.73 30.11
CA GLY B 159 -23.35 -41.86 29.97
C GLY B 159 -24.41 -41.59 28.92
N LEU B 160 -24.59 -40.31 28.60
CA LEU B 160 -25.59 -39.86 27.64
C LEU B 160 -25.26 -40.30 26.22
N LYS B 161 -24.00 -40.65 25.97
CA LYS B 161 -23.60 -41.11 24.64
C LYS B 161 -24.12 -42.52 24.40
N TYR B 162 -24.39 -43.23 25.49
CA TYR B 162 -24.91 -44.59 25.43
C TYR B 162 -26.39 -44.62 25.07
N LEU B 163 -27.01 -43.45 25.03
CA LEU B 163 -28.47 -43.37 24.96
C LEU B 163 -29.05 -44.11 23.76
N ASN B 164 -29.95 -45.04 24.06
CA ASN B 164 -30.63 -45.83 23.06
C ASN B 164 -31.96 -46.34 23.61
N GLU B 165 -32.86 -46.70 22.69
CA GLU B 165 -34.12 -47.33 23.07
C GLU B 165 -33.90 -48.80 23.43
N SER B 166 -34.84 -49.39 24.14
CA SER B 166 -35.96 -48.63 24.71
C SER B 166 -35.73 -48.32 26.19
N HIS B 167 -34.62 -48.79 26.74
CA HIS B 167 -34.38 -48.66 28.16
C HIS B 167 -33.34 -47.59 28.51
N LEU B 168 -33.58 -46.92 29.63
CA LEU B 168 -32.65 -45.98 30.19
C LEU B 168 -32.45 -46.30 31.67
N GLN B 169 -31.23 -46.63 32.08
CA GLN B 169 -30.99 -46.68 33.51
C GLN B 169 -30.50 -45.31 33.88
N LEU B 170 -31.42 -44.55 34.47
CA LEU B 170 -31.19 -43.17 34.87
C LEU B 170 -30.57 -43.13 36.26
N ASP B 171 -30.99 -44.10 37.07
CA ASP B 171 -30.51 -44.26 38.44
C ASP B 171 -30.68 -42.98 39.25
N ASN B 172 -29.64 -42.59 39.99
CA ASN B 172 -29.75 -41.42 40.85
C ASN B 172 -29.43 -40.11 40.13
N LEU B 173 -30.40 -39.20 40.13
CA LEU B 173 -30.21 -37.86 39.61
C LEU B 173 -31.15 -36.89 40.30
N SER B 174 -30.75 -35.63 40.35
CA SER B 174 -31.61 -34.58 40.89
C SER B 174 -32.64 -34.18 39.85
N LEU B 175 -33.90 -34.12 40.26
CA LEU B 175 -35.02 -33.91 39.34
C LEU B 175 -34.92 -32.57 38.61
N LEU B 176 -34.28 -31.59 39.23
CA LEU B 176 -34.08 -30.28 38.60
C LEU B 176 -33.38 -30.43 37.26
N GLU B 177 -32.20 -31.05 37.29
CA GLU B 177 -31.46 -31.36 36.07
C GLU B 177 -32.24 -32.36 35.24
N ILE B 178 -32.94 -33.27 35.92
CA ILE B 178 -33.81 -34.23 35.26
C ILE B 178 -34.91 -33.51 34.47
N ASN B 179 -35.34 -32.37 35.01
CA ASN B 179 -36.35 -31.56 34.36
C ASN B 179 -35.79 -30.85 33.13
N GLU B 180 -34.64 -30.20 33.29
CA GLU B 180 -34.00 -29.47 32.20
C GLU B 180 -33.52 -30.41 31.11
N LEU B 181 -33.20 -31.65 31.49
CA LEU B 181 -32.75 -32.66 30.53
C LEU B 181 -33.94 -33.27 29.79
N ARG B 182 -35.13 -33.11 30.36
CA ARG B 182 -36.36 -33.69 29.82
C ARG B 182 -36.55 -33.42 28.33
N PRO B 183 -36.49 -32.14 27.92
CA PRO B 183 -36.68 -31.80 26.50
C PRO B 183 -35.66 -32.53 25.63
N PHE B 184 -34.45 -32.66 26.14
CA PHE B 184 -33.35 -33.30 25.42
C PHE B 184 -33.66 -34.74 24.99
N ILE B 185 -33.68 -35.66 25.95
CA ILE B 185 -33.76 -37.10 25.64
C ILE B 185 -35.17 -37.54 25.23
N THR B 186 -36.19 -36.97 25.86
CA THR B 186 -37.57 -37.29 25.53
C THR B 186 -37.82 -37.07 24.05
N GLU B 187 -37.31 -35.96 23.53
CA GLU B 187 -37.38 -35.69 22.10
C GLU B 187 -36.49 -36.65 21.30
N ILE B 188 -35.50 -37.25 21.97
CA ILE B 188 -34.52 -38.08 21.29
C ILE B 188 -35.04 -39.49 21.00
N MET B 189 -35.13 -40.30 22.04
CA MET B 189 -35.47 -41.73 21.90
C MET B 189 -36.73 -41.95 21.08
N ASP B 190 -37.70 -41.05 21.22
CA ASP B 190 -38.92 -41.10 20.44
C ASP B 190 -38.59 -41.11 18.95
N LYS B 191 -37.59 -40.33 18.56
CA LYS B 191 -37.03 -40.42 17.22
C LYS B 191 -36.46 -41.82 17.02
N LEU B 192 -35.57 -42.21 17.94
CA LEU B 192 -34.90 -43.51 17.90
C LEU B 192 -35.90 -44.67 17.91
N ARG B 193 -36.79 -44.69 18.89
CA ARG B 193 -37.81 -45.74 18.96
C ARG B 193 -38.66 -45.77 17.70
N GLU B 194 -39.11 -44.60 17.27
CA GLU B 194 -39.88 -44.49 16.05
C GLU B 194 -39.12 -45.06 14.86
N ILE B 195 -37.93 -44.51 14.59
CA ILE B 195 -37.17 -44.86 13.40
C ILE B 195 -36.86 -46.36 13.31
N HIS B 196 -36.44 -46.97 14.41
CA HIS B 196 -36.16 -48.41 14.38
C HIS B 196 -37.43 -49.22 14.24
N THR B 197 -38.40 -48.99 15.13
CA THR B 197 -39.66 -49.72 15.10
C THR B 197 -40.37 -49.49 13.78
N ALA B 198 -40.30 -48.26 13.28
CA ALA B 198 -40.83 -47.93 11.95
C ALA B 198 -40.07 -48.72 10.88
N SER B 199 -38.78 -48.89 11.08
CA SER B 199 -37.94 -49.67 10.18
C SER B 199 -38.38 -51.13 10.12
N LEU B 200 -38.94 -51.62 11.22
CA LEU B 200 -39.40 -53.01 11.31
C LEU B 200 -40.48 -53.29 10.26
N TYR C 3 -50.45 -34.19 7.37
CA TYR C 3 -51.13 -33.93 8.63
C TYR C 3 -50.91 -32.48 9.08
N TYR C 4 -51.41 -32.15 10.27
CA TYR C 4 -51.54 -30.76 10.73
C TYR C 4 -50.22 -30.05 11.06
N ASP C 5 -49.12 -30.78 11.18
CA ASP C 5 -47.83 -30.12 11.37
C ASP C 5 -47.34 -29.59 10.03
N ILE C 6 -46.95 -28.31 10.02
CA ILE C 6 -46.48 -27.66 8.81
C ILE C 6 -45.37 -28.46 8.12
N ASP C 7 -44.54 -29.10 8.94
CA ASP C 7 -43.44 -29.92 8.43
C ASP C 7 -43.94 -31.20 7.76
N ASP C 8 -45.06 -31.72 8.27
CA ASP C 8 -45.68 -32.91 7.70
C ASP C 8 -46.03 -32.67 6.22
N VAL C 9 -46.80 -31.62 5.96
CA VAL C 9 -47.12 -31.23 4.60
C VAL C 9 -45.87 -30.71 3.90
N LEU C 10 -44.99 -30.09 4.67
CA LEU C 10 -43.71 -29.61 4.15
C LEU C 10 -42.84 -30.77 3.70
N ALA C 11 -43.03 -31.93 4.33
CA ALA C 11 -42.25 -33.12 4.01
C ALA C 11 -42.60 -33.67 2.63
N ASP C 12 -43.86 -33.52 2.23
CA ASP C 12 -44.33 -34.07 0.97
C ASP C 12 -44.09 -33.11 -0.21
N GLY C 13 -43.78 -31.85 0.10
CA GLY C 13 -43.67 -30.82 -0.91
C GLY C 13 -42.48 -30.95 -1.84
N THR C 14 -41.37 -31.49 -1.35
CA THR C 14 -40.15 -31.61 -2.15
C THR C 14 -40.34 -32.58 -3.32
N GLU C 15 -39.75 -32.24 -4.46
CA GLU C 15 -39.89 -33.05 -5.68
C GLU C 15 -39.01 -34.28 -5.67
N PHE C 16 -39.62 -35.44 -5.97
CA PHE C 16 -38.90 -36.71 -5.97
C PHE C 16 -38.86 -37.33 -7.36
N PRO C 17 -37.63 -37.51 -7.91
CA PRO C 17 -37.33 -37.94 -9.28
C PRO C 17 -37.73 -39.39 -9.58
N CYS C 18 -39.03 -39.62 -9.78
CA CYS C 18 -39.56 -40.96 -9.99
C CYS C 18 -40.28 -41.11 -11.33
N LYS C 19 -39.77 -41.99 -12.18
CA LYS C 19 -40.36 -42.27 -13.49
C LYS C 19 -41.56 -43.22 -13.36
N PHE C 20 -42.62 -42.93 -14.09
CA PHE C 20 -43.88 -43.67 -13.97
C PHE C 20 -43.84 -45.02 -14.68
N GLN C 21 -44.64 -45.96 -14.19
CA GLN C 21 -44.70 -47.30 -14.77
C GLN C 21 -45.63 -47.39 -15.97
N TYR C 22 -46.55 -46.44 -16.10
CA TYR C 22 -47.58 -46.52 -17.12
C TYR C 22 -47.72 -45.23 -17.92
N ASP C 23 -48.43 -45.30 -19.04
CA ASP C 23 -48.82 -44.12 -19.78
C ASP C 23 -49.96 -43.43 -19.04
N ILE C 24 -49.89 -42.11 -18.93
CA ILE C 24 -50.85 -41.35 -18.13
C ILE C 24 -51.49 -40.19 -18.89
N PRO C 25 -52.53 -40.48 -19.67
CA PRO C 25 -53.35 -39.42 -20.29
C PRO C 25 -53.83 -38.44 -19.23
N GLY C 26 -54.01 -37.17 -19.61
CA GLY C 26 -54.35 -36.15 -18.65
C GLY C 26 -53.18 -35.77 -17.75
N LEU C 27 -52.06 -35.41 -18.38
CA LEU C 27 -50.87 -34.98 -17.65
C LEU C 27 -51.22 -33.86 -16.68
N GLY C 28 -50.84 -34.02 -15.41
CA GLY C 28 -51.21 -33.08 -14.38
C GLY C 28 -50.33 -31.84 -14.33
N TYR C 29 -49.38 -31.77 -15.25
CA TYR C 29 -48.39 -30.70 -15.23
C TYR C 29 -48.27 -30.02 -16.59
N ASN C 33 -46.87 -29.84 -20.51
CA ASN C 33 -48.16 -30.29 -20.00
C ASN C 33 -48.96 -31.08 -21.02
N PRO C 34 -49.21 -30.48 -22.20
CA PRO C 34 -50.08 -31.12 -23.20
C PRO C 34 -49.45 -32.38 -23.80
N GLY C 35 -49.40 -33.44 -23.01
CA GLY C 35 -48.90 -34.72 -23.50
C GLY C 35 -49.74 -35.26 -24.64
N ARG C 36 -51.05 -35.42 -24.40
CA ARG C 36 -51.63 -35.23 -23.08
C ARG C 36 -51.14 -36.31 -22.10
N PRO C 37 -51.17 -37.57 -22.54
CA PRO C 37 -50.61 -38.64 -21.72
C PRO C 37 -49.08 -38.61 -21.65
N ILE C 38 -48.52 -38.93 -20.50
CA ILE C 38 -47.08 -39.06 -20.35
C ILE C 38 -46.67 -40.51 -20.60
N THR C 39 -45.74 -40.71 -21.52
CA THR C 39 -45.32 -42.06 -21.90
C THR C 39 -44.76 -42.82 -20.70
N LYS C 40 -44.93 -44.13 -20.72
CA LYS C 40 -44.46 -45.00 -19.64
C LYS C 40 -42.97 -44.82 -19.39
N ASN C 41 -42.58 -44.84 -18.12
CA ASN C 41 -41.19 -44.66 -17.72
C ASN C 41 -40.65 -43.28 -18.07
N THR C 42 -41.52 -42.27 -18.01
CA THR C 42 -41.08 -40.89 -18.10
C THR C 42 -40.57 -40.47 -16.74
N LYS C 43 -39.29 -40.09 -16.67
CA LYS C 43 -38.67 -39.75 -15.40
C LYS C 43 -39.01 -38.33 -14.98
N LEU C 44 -39.65 -38.18 -13.83
CA LEU C 44 -40.03 -36.87 -13.33
C LEU C 44 -39.99 -36.82 -11.81
N SER C 45 -39.58 -35.68 -11.27
CA SER C 45 -39.60 -35.45 -9.83
C SER C 45 -41.04 -35.26 -9.37
N LEU C 46 -41.36 -35.80 -8.20
CA LEU C 46 -42.72 -35.75 -7.70
C LEU C 46 -42.79 -35.38 -6.22
N PRO C 47 -43.80 -34.59 -5.85
CA PRO C 47 -44.10 -34.32 -4.45
C PRO C 47 -44.33 -35.62 -3.67
N LEU C 48 -43.79 -35.71 -2.46
CA LEU C 48 -43.88 -36.94 -1.67
C LEU C 48 -45.32 -37.41 -1.45
N TRP C 49 -46.22 -36.46 -1.15
CA TRP C 49 -47.61 -36.80 -0.82
C TRP C 49 -48.29 -37.60 -1.93
N LEU C 50 -48.27 -37.06 -3.15
CA LEU C 50 -48.75 -37.80 -4.30
C LEU C 50 -47.91 -39.06 -4.48
N ALA C 51 -46.59 -38.87 -4.59
CA ALA C 51 -45.65 -39.96 -4.80
C ALA C 51 -45.71 -41.00 -3.68
N ARG C 52 -46.20 -40.58 -2.52
CA ARG C 52 -46.35 -41.48 -1.39
C ARG C 52 -47.11 -42.73 -1.80
N ILE C 53 -48.32 -42.52 -2.32
CA ILE C 53 -49.17 -43.61 -2.78
C ILE C 53 -49.13 -43.86 -4.30
N LEU C 54 -48.35 -43.07 -5.04
CA LEU C 54 -48.38 -43.11 -6.51
C LEU C 54 -48.23 -44.52 -7.09
N ALA C 55 -47.18 -45.21 -6.68
CA ALA C 55 -46.96 -46.60 -7.12
C ALA C 55 -47.64 -47.57 -6.18
N ILE C 56 -48.14 -47.06 -5.05
CA ILE C 56 -48.81 -47.87 -4.06
C ILE C 56 -50.02 -48.58 -4.66
N VAL C 57 -50.61 -47.99 -5.69
CA VAL C 57 -51.68 -48.64 -6.44
C VAL C 57 -51.14 -49.20 -7.75
N GLY C 58 -51.67 -50.35 -8.16
CA GLY C 58 -51.22 -51.01 -9.37
C GLY C 58 -52.33 -51.41 -10.31
N PRO C 68 -51.11 -55.61 -10.78
CA PRO C 68 -50.83 -55.05 -9.45
C PRO C 68 -49.52 -54.26 -9.42
N VAL C 69 -48.90 -54.07 -10.57
CA VAL C 69 -47.62 -53.37 -10.68
C VAL C 69 -47.76 -51.88 -10.34
N PRO C 70 -46.82 -51.36 -9.53
CA PRO C 70 -46.82 -49.96 -9.09
C PRO C 70 -46.89 -48.99 -10.26
N PHE C 71 -47.50 -47.83 -10.06
CA PHE C 71 -47.72 -46.87 -11.15
C PHE C 71 -46.45 -46.10 -11.51
N VAL C 72 -45.49 -46.08 -10.60
CA VAL C 72 -44.25 -45.32 -10.80
C VAL C 72 -43.03 -46.14 -10.40
N GLU C 73 -41.97 -46.06 -11.20
CA GLU C 73 -40.73 -46.77 -10.90
C GLU C 73 -40.09 -46.19 -9.64
N LEU C 74 -40.30 -44.90 -9.42
CA LEU C 74 -39.89 -44.23 -8.19
C LEU C 74 -38.39 -44.35 -7.91
N LEU C 75 -37.58 -43.66 -8.71
CA LEU C 75 -36.13 -43.67 -8.55
C LEU C 75 -35.70 -43.05 -7.23
N PRO C 76 -34.64 -43.62 -6.62
CA PRO C 76 -34.13 -43.23 -5.30
C PRO C 76 -33.54 -41.82 -5.26
N PRO C 77 -33.77 -41.09 -4.15
CA PRO C 77 -33.36 -39.71 -3.96
C PRO C 77 -31.84 -39.50 -4.00
N ASP C 78 -31.41 -38.37 -4.57
CA ASP C 78 -30.00 -37.99 -4.57
C ASP C 78 -29.53 -37.67 -3.16
N MET C 79 -30.45 -37.17 -2.34
CA MET C 79 -30.19 -36.93 -0.93
C MET C 79 -29.78 -38.22 -0.25
N PHE C 80 -30.25 -39.33 -0.82
CA PHE C 80 -29.95 -40.66 -0.31
C PHE C 80 -28.78 -41.32 -1.05
N SER C 81 -28.12 -40.55 -1.91
CA SER C 81 -27.02 -41.07 -2.72
C SER C 81 -26.00 -41.79 -1.86
N THR C 82 -25.41 -42.86 -2.41
CA THR C 82 -24.38 -43.59 -1.69
C THR C 82 -23.26 -42.63 -1.29
N LYS C 83 -23.00 -41.64 -2.14
CA LYS C 83 -22.05 -40.60 -1.83
C LYS C 83 -22.52 -39.79 -0.62
N VAL C 84 -23.83 -39.69 -0.46
CA VAL C 84 -24.40 -39.08 0.74
C VAL C 84 -24.27 -40.01 1.94
N MET C 85 -24.74 -41.25 1.77
CA MET C 85 -24.78 -42.21 2.86
C MET C 85 -23.40 -42.50 3.43
N ASN C 86 -22.38 -42.51 2.55
CA ASN C 86 -21.01 -42.69 3.00
C ASN C 86 -20.44 -41.38 3.59
N ALA C 87 -20.70 -40.27 2.92
CA ALA C 87 -20.23 -38.96 3.39
C ALA C 87 -20.61 -38.72 4.84
N ILE C 88 -21.84 -39.10 5.22
CA ILE C 88 -22.31 -38.98 6.59
C ILE C 88 -21.50 -39.87 7.53
N LYS C 89 -21.00 -40.98 7.00
CA LYS C 89 -20.20 -41.92 7.77
C LYS C 89 -18.91 -41.28 8.25
N THR C 90 -18.49 -40.20 7.58
CA THR C 90 -17.22 -39.53 7.91
C THR C 90 -17.34 -38.56 9.07
N ASP C 91 -17.98 -37.42 8.82
CA ASP C 91 -18.09 -36.36 9.82
C ASP C 91 -19.49 -35.76 9.81
N PRO C 92 -20.47 -36.52 10.34
CA PRO C 92 -21.85 -36.03 10.44
C PRO C 92 -21.91 -34.73 11.24
N VAL C 93 -21.11 -34.66 12.31
CA VAL C 93 -20.95 -33.43 13.08
C VAL C 93 -20.58 -32.26 12.15
N ALA C 94 -19.71 -32.54 11.18
CA ALA C 94 -19.29 -31.53 10.21
C ALA C 94 -20.31 -31.35 9.09
N LEU C 95 -21.08 -32.41 8.81
CA LEU C 95 -22.05 -32.37 7.74
C LEU C 95 -23.12 -31.31 8.00
N ASP C 96 -23.55 -30.66 6.93
CA ASP C 96 -24.62 -29.67 7.00
C ASP C 96 -25.91 -30.32 6.51
N LEU C 97 -26.82 -30.59 7.44
CA LEU C 97 -28.12 -31.17 7.10
C LEU C 97 -29.04 -30.07 6.59
N HIS C 98 -28.79 -28.85 7.05
CA HIS C 98 -29.48 -27.68 6.53
C HIS C 98 -29.20 -27.53 5.04
N SER C 99 -28.04 -28.02 4.61
CA SER C 99 -27.67 -27.98 3.21
C SER C 99 -28.30 -29.13 2.41
N ILE C 100 -28.31 -30.33 3.01
CA ILE C 100 -28.71 -31.53 2.29
C ILE C 100 -30.14 -31.49 1.74
N ASN C 101 -31.09 -31.01 2.55
CA ASN C 101 -32.50 -31.03 2.13
C ASN C 101 -33.24 -29.69 2.26
N SER C 102 -33.36 -29.13 3.46
CA SER C 102 -32.73 -29.63 4.68
C SER C 102 -33.60 -30.58 5.48
N HIS C 103 -34.86 -30.71 5.09
CA HIS C 103 -35.76 -31.54 5.86
C HIS C 103 -35.45 -33.00 5.55
N PHE C 104 -35.01 -33.72 6.58
CA PHE C 104 -34.33 -34.99 6.38
C PHE C 104 -34.86 -36.15 7.22
N PHE C 105 -34.62 -36.08 8.53
CA PHE C 105 -35.00 -37.17 9.43
C PHE C 105 -36.50 -37.39 9.44
N SER C 106 -37.26 -36.30 9.52
CA SER C 106 -38.71 -36.35 9.40
C SER C 106 -39.07 -36.79 7.98
N LEU C 107 -38.16 -36.56 7.05
CA LEU C 107 -38.38 -36.86 5.63
C LEU C 107 -37.91 -38.27 5.26
N ALA C 108 -36.60 -38.51 5.38
CA ALA C 108 -36.01 -39.79 5.01
C ALA C 108 -36.74 -40.96 5.66
N ILE C 109 -37.19 -40.74 6.89
CA ILE C 109 -37.98 -41.75 7.61
C ILE C 109 -39.20 -42.15 6.78
N LYS C 110 -39.77 -41.19 6.05
CA LYS C 110 -40.89 -41.47 5.17
C LYS C 110 -40.48 -42.40 4.03
N TRP C 111 -39.42 -42.02 3.31
CA TRP C 111 -38.86 -42.88 2.28
C TRP C 111 -38.45 -44.23 2.87
N ILE C 112 -37.73 -44.20 3.99
CA ILE C 112 -37.31 -45.43 4.65
C ILE C 112 -38.54 -46.18 5.12
N MET C 113 -39.60 -45.45 5.44
CA MET C 113 -40.91 -46.05 5.65
C MET C 113 -41.45 -46.52 4.31
N LEU C 114 -41.26 -45.67 3.29
CA LEU C 114 -41.74 -45.95 1.94
C LEU C 114 -41.11 -47.20 1.35
N PHE C 115 -39.78 -47.20 1.25
CA PHE C 115 -39.06 -48.35 0.69
C PHE C 115 -38.88 -49.47 1.71
N SER C 116 -38.92 -49.12 3.00
CA SER C 116 -38.81 -50.10 4.08
C SER C 116 -37.43 -50.78 4.15
N GLU C 117 -36.37 -50.00 3.95
CA GLU C 117 -35.00 -50.50 4.11
C GLU C 117 -34.45 -50.33 5.52
N LYS C 118 -33.80 -51.37 6.03
CA LYS C 118 -33.16 -51.32 7.35
C LYS C 118 -31.71 -50.80 7.31
N GLU C 119 -31.08 -50.84 6.14
CA GLU C 119 -29.63 -50.59 6.05
C GLU C 119 -29.21 -49.18 6.48
N LEU C 120 -29.76 -48.16 5.82
CA LEU C 120 -29.46 -46.77 6.14
C LEU C 120 -30.02 -46.40 7.52
N ALA C 121 -31.11 -47.06 7.88
CA ALA C 121 -31.73 -46.86 9.19
C ALA C 121 -30.74 -47.14 10.31
N ASN C 122 -30.13 -48.32 10.26
CA ASN C 122 -29.07 -48.69 11.20
C ASN C 122 -27.93 -47.67 11.15
N VAL C 123 -27.83 -46.97 10.03
CA VAL C 123 -26.80 -45.96 9.83
C VAL C 123 -27.21 -44.58 10.33
N VAL C 124 -28.16 -43.96 9.61
CA VAL C 124 -28.56 -42.57 9.86
C VAL C 124 -28.99 -42.28 11.31
N SER C 125 -29.70 -43.23 11.92
CA SER C 125 -30.17 -43.05 13.30
C SER C 125 -29.02 -42.72 14.25
N GLU C 126 -27.88 -43.35 14.03
CA GLU C 126 -26.69 -43.06 14.82
C GLU C 126 -26.21 -41.63 14.59
N LEU C 127 -26.24 -41.19 13.34
CA LEU C 127 -25.93 -39.81 12.99
C LEU C 127 -26.80 -38.85 13.81
N LEU C 128 -28.08 -39.20 13.91
CA LEU C 128 -29.03 -38.45 14.73
C LEU C 128 -28.50 -38.29 16.16
N LEU C 129 -27.97 -39.38 16.70
CA LEU C 129 -27.35 -39.36 18.03
C LEU C 129 -26.09 -38.51 18.02
N GLN C 130 -25.22 -38.74 17.04
CA GLN C 130 -23.95 -38.03 16.92
C GLN C 130 -24.15 -36.52 16.99
N ARG C 131 -25.14 -36.03 16.25
CA ARG C 131 -25.55 -34.64 16.34
C ARG C 131 -26.04 -34.31 17.74
N ALA C 132 -26.85 -35.20 18.31
CA ALA C 132 -27.45 -35.01 19.62
C ALA C 132 -26.42 -34.75 20.73
N GLN C 133 -25.39 -35.59 20.81
CA GLN C 133 -24.35 -35.47 21.84
C GLN C 133 -23.75 -34.06 21.90
N GLU C 134 -23.27 -33.58 20.75
CA GLU C 134 -22.70 -32.24 20.65
C GLU C 134 -23.77 -31.19 20.88
N LEU C 135 -24.95 -31.38 20.29
CA LEU C 135 -26.05 -30.44 20.46
C LEU C 135 -26.38 -30.31 21.95
N ASN C 136 -26.13 -31.38 22.70
CA ASN C 136 -26.22 -31.34 24.15
C ASN C 136 -25.16 -30.39 24.73
N HIS C 137 -24.06 -30.23 24.02
CA HIS C 137 -23.02 -29.29 24.45
C HIS C 137 -23.52 -27.87 24.28
N HIS C 138 -24.37 -27.65 23.28
CA HIS C 138 -25.00 -26.35 23.05
C HIS C 138 -25.90 -25.94 24.21
N ALA C 139 -26.25 -26.93 25.05
CA ALA C 139 -27.11 -26.70 26.21
C ALA C 139 -26.54 -25.61 27.13
N SER C 140 -25.22 -25.49 27.15
CA SER C 140 -24.55 -24.45 27.94
C SER C 140 -24.65 -23.10 27.25
N SER C 141 -24.62 -22.03 28.05
CA SER C 141 -24.69 -20.67 27.51
C SER C 141 -23.48 -19.84 27.94
N THR C 162 -20.21 -19.17 18.99
CA THR C 162 -21.27 -20.11 19.37
C THR C 162 -21.12 -21.50 18.72
N SER C 163 -20.65 -21.59 17.48
CA SER C 163 -20.49 -20.42 16.61
C SER C 163 -21.17 -20.56 15.24
N THR C 164 -20.53 -21.30 14.33
CA THR C 164 -21.09 -21.48 13.00
C THR C 164 -21.85 -22.79 12.82
N PHE C 165 -21.70 -23.69 13.78
CA PHE C 165 -22.26 -25.02 13.66
C PHE C 165 -23.77 -24.95 13.64
N LEU C 166 -24.31 -24.05 14.44
CA LEU C 166 -25.76 -23.92 14.64
C LEU C 166 -26.51 -23.73 13.32
N LEU C 167 -25.82 -23.26 12.29
CA LEU C 167 -26.45 -22.97 11.01
C LEU C 167 -26.72 -24.24 10.20
N LYS C 168 -25.85 -25.23 10.32
CA LYS C 168 -25.94 -26.44 9.51
C LYS C 168 -27.06 -27.39 9.96
N LEU C 169 -27.71 -27.07 11.08
CA LEU C 169 -28.74 -27.94 11.63
C LEU C 169 -30.01 -27.95 10.78
N GLU C 170 -30.63 -29.12 10.67
CA GLU C 170 -31.95 -29.25 10.03
C GLU C 170 -33.00 -28.54 10.87
N GLU C 171 -34.15 -28.23 10.28
CA GLU C 171 -35.21 -27.53 10.99
C GLU C 171 -35.70 -28.32 12.20
N MET C 172 -36.12 -29.57 11.96
CA MET C 172 -36.48 -30.46 13.05
C MET C 172 -35.27 -30.61 13.96
N GLU C 173 -34.10 -30.71 13.35
CA GLU C 173 -32.83 -30.74 14.07
C GLU C 173 -32.56 -29.41 14.78
N LYS C 174 -33.08 -28.33 14.20
CA LYS C 174 -32.93 -27.01 14.79
C LYS C 174 -33.85 -26.81 15.99
N GLU C 175 -35.13 -27.16 15.84
CA GLU C 175 -36.13 -26.97 16.88
C GLU C 175 -35.72 -27.64 18.19
N ILE C 176 -35.14 -28.83 18.09
CA ILE C 176 -34.76 -29.63 19.26
C ILE C 176 -33.97 -28.79 20.25
N TYR C 177 -33.13 -27.90 19.73
CA TYR C 177 -32.32 -27.03 20.56
C TYR C 177 -33.16 -26.00 21.31
N LYS C 178 -34.17 -25.46 20.63
CA LYS C 178 -35.10 -24.49 21.24
C LYS C 178 -35.65 -25.02 22.56
N LYS C 179 -36.03 -26.29 22.55
CA LYS C 179 -36.49 -26.98 23.74
C LYS C 179 -35.40 -26.98 24.81
N SER C 180 -34.19 -27.35 24.41
CA SER C 180 -33.05 -27.46 25.32
C SER C 180 -32.50 -26.10 25.75
N HIS C 181 -32.34 -25.18 24.79
CA HIS C 181 -31.82 -23.85 25.09
C HIS C 181 -32.63 -23.19 26.19
N GLU C 182 -33.94 -23.11 25.99
CA GLU C 182 -34.83 -22.52 26.98
C GLU C 182 -34.91 -23.37 28.25
N SER C 183 -34.69 -24.67 28.11
CA SER C 183 -34.73 -25.58 29.25
C SER C 183 -33.75 -25.16 30.34
N TYR C 184 -32.49 -24.96 29.96
CA TYR C 184 -31.47 -24.49 30.89
C TYR C 184 -31.55 -22.98 31.10
N LYS C 185 -31.99 -22.25 30.08
CA LYS C 185 -32.12 -20.80 30.15
C LYS C 185 -33.00 -20.37 31.32
N ASP C 186 -34.20 -20.93 31.40
CA ASP C 186 -35.06 -20.69 32.56
C ASP C 186 -34.43 -21.32 33.79
N THR C 187 -33.75 -22.45 33.59
CA THR C 187 -33.06 -23.14 34.68
C THR C 187 -32.02 -22.24 35.35
N LYS C 188 -31.10 -21.70 34.55
CA LYS C 188 -30.05 -20.83 35.07
C LYS C 188 -30.63 -19.50 35.52
N ARG C 189 -31.61 -18.98 34.78
CA ARG C 189 -32.33 -17.79 35.20
C ARG C 189 -33.09 -18.09 36.48
N TRP C 190 -33.52 -19.34 36.64
CA TRP C 190 -34.13 -19.78 37.89
C TRP C 190 -33.07 -19.89 38.96
N MET C 191 -31.85 -20.26 38.57
CA MET C 191 -30.77 -20.52 39.50
C MET C 191 -30.59 -19.43 40.55
N PHE C 192 -30.78 -18.17 40.16
CA PHE C 192 -30.54 -17.06 41.08
C PHE C 192 -31.64 -16.00 41.05
N LYS C 193 -32.31 -15.84 42.19
CA LYS C 193 -33.32 -14.81 42.40
C LYS C 193 -34.42 -14.84 41.34
N VAL D 54 -58.91 -41.85 53.06
CA VAL D 54 -59.79 -40.78 53.48
C VAL D 54 -58.99 -39.66 54.15
N SER D 55 -57.71 -39.91 54.39
CA SER D 55 -56.83 -38.93 55.03
C SER D 55 -56.46 -37.80 54.07
N PRO D 56 -56.76 -36.56 54.47
CA PRO D 56 -56.57 -35.33 53.68
C PRO D 56 -55.19 -35.21 53.03
N GLN D 57 -54.15 -35.66 53.73
CA GLN D 57 -52.80 -35.64 53.18
C GLN D 57 -52.73 -36.53 51.95
N GLN D 58 -53.11 -37.79 52.12
CA GLN D 58 -53.19 -38.72 51.00
C GLN D 58 -54.24 -38.23 50.01
N ASP D 59 -55.28 -37.58 50.53
CA ASP D 59 -56.26 -36.91 49.69
C ASP D 59 -55.53 -35.92 48.78
N PHE D 60 -54.61 -35.17 49.37
CA PHE D 60 -53.77 -34.24 48.62
C PHE D 60 -52.61 -34.96 47.94
N SER D 61 -52.07 -35.98 48.61
CA SER D 61 -50.93 -36.72 48.09
C SER D 61 -51.21 -37.27 46.69
N ASP D 62 -52.32 -37.98 46.54
CA ASP D 62 -52.71 -38.54 45.25
C ASP D 62 -53.09 -37.44 44.27
N LEU D 63 -53.55 -36.30 44.79
CA LEU D 63 -53.87 -35.14 43.97
C LEU D 63 -52.66 -34.71 43.16
N MET D 64 -51.57 -34.39 43.85
CA MET D 64 -50.31 -34.05 43.21
C MET D 64 -49.76 -35.26 42.47
N LYS D 65 -50.06 -36.44 42.99
CA LYS D 65 -49.62 -37.71 42.40
C LYS D 65 -49.96 -37.78 40.91
N SER D 66 -51.26 -37.81 40.60
CA SER D 66 -51.69 -37.84 39.21
C SER D 66 -51.41 -36.49 38.54
N TRP D 67 -51.42 -35.41 39.31
CA TRP D 67 -51.15 -34.08 38.77
C TRP D 67 -49.71 -33.99 38.28
N LYS D 68 -48.77 -34.49 39.08
CA LYS D 68 -47.38 -34.56 38.64
C LYS D 68 -47.32 -35.48 37.44
N ASN D 69 -48.00 -36.62 37.56
CA ASN D 69 -48.20 -37.50 36.42
C ASN D 69 -48.90 -36.78 35.27
N GLU D 70 -49.76 -35.82 35.61
CA GLU D 70 -50.56 -35.09 34.63
C GLU D 70 -49.72 -34.38 33.57
N ARG D 71 -48.99 -33.34 33.99
CA ARG D 71 -48.13 -32.60 33.07
C ARG D 71 -47.05 -33.52 32.51
N CYS D 72 -46.65 -34.50 33.31
CA CYS D 72 -45.74 -35.55 32.84
C CYS D 72 -46.43 -36.39 31.76
N SER D 73 -47.70 -36.71 31.98
CA SER D 73 -48.46 -37.58 31.08
C SER D 73 -48.54 -37.03 29.66
N PRO D 74 -48.26 -37.90 28.67
CA PRO D 74 -48.41 -37.59 27.24
C PRO D 74 -49.87 -37.45 26.83
N GLU D 75 -50.74 -38.25 27.45
CA GLU D 75 -52.16 -38.25 27.12
C GLU D 75 -53.04 -38.40 28.36
N LEU D 76 -54.33 -38.13 28.19
CA LEU D 76 -55.27 -38.00 29.31
C LEU D 76 -55.55 -39.28 30.08
N LEU D 77 -55.95 -39.12 31.34
CA LEU D 77 -56.40 -40.22 32.19
C LEU D 77 -57.69 -39.84 32.89
N PRO D 78 -58.40 -40.83 33.46
CA PRO D 78 -59.75 -40.64 34.02
C PRO D 78 -59.86 -39.51 35.05
N TYR D 79 -60.99 -38.81 35.04
CA TYR D 79 -61.24 -37.71 35.96
C TYR D 79 -61.53 -38.20 37.38
N PRO D 80 -60.83 -37.63 38.37
CA PRO D 80 -60.87 -38.04 39.77
C PRO D 80 -61.94 -37.33 40.59
N HIS D 81 -63.20 -37.43 40.17
CA HIS D 81 -64.31 -36.80 40.89
C HIS D 81 -64.46 -37.36 42.30
N GLN D 82 -64.15 -38.66 42.44
CA GLN D 82 -64.35 -39.39 43.69
C GLN D 82 -63.68 -38.73 44.89
N LEU D 83 -62.61 -38.00 44.62
CA LEU D 83 -61.83 -37.32 45.65
C LEU D 83 -61.89 -35.82 45.42
N MET D 84 -61.42 -35.40 44.25
CA MET D 84 -61.36 -33.99 43.86
C MET D 84 -62.66 -33.23 44.19
N LYS D 85 -63.81 -33.89 44.04
CA LYS D 85 -65.08 -33.26 44.40
C LYS D 85 -65.14 -32.87 45.88
N ARG D 86 -64.93 -33.84 46.76
CA ARG D 86 -64.99 -33.60 48.20
C ARG D 86 -64.00 -32.50 48.60
N LEU D 87 -62.86 -32.46 47.90
CA LEU D 87 -61.90 -31.39 48.09
C LEU D 87 -62.46 -30.10 47.49
N LEU D 88 -62.99 -30.21 46.28
CA LEU D 88 -63.71 -29.10 45.65
C LEU D 88 -64.82 -28.63 46.58
N ASN D 89 -65.34 -29.55 47.39
CA ASN D 89 -66.22 -29.19 48.49
C ASN D 89 -65.44 -28.78 49.74
N ARG D 90 -64.37 -29.52 50.04
CA ARG D 90 -63.54 -29.23 51.21
C ARG D 90 -62.93 -27.84 51.13
N ILE D 91 -62.57 -27.43 49.92
CA ILE D 91 -62.08 -26.09 49.69
C ILE D 91 -63.20 -25.09 50.01
N SER D 92 -64.43 -25.47 49.71
CA SER D 92 -65.59 -24.63 49.95
C SER D 92 -65.91 -24.49 51.45
N MET D 93 -65.49 -25.48 52.24
CA MET D 93 -65.82 -25.50 53.66
C MET D 93 -65.00 -24.51 54.48
N GLN D 94 -63.70 -24.79 54.59
CA GLN D 94 -62.80 -23.98 55.41
C GLN D 94 -62.66 -22.56 54.88
N SER D 95 -62.57 -22.42 53.56
CA SER D 95 -62.45 -21.11 52.92
C SER D 95 -63.56 -20.16 53.37
N GLN D 96 -64.79 -20.67 53.38
CA GLN D 96 -65.91 -19.91 53.92
C GLN D 96 -65.74 -19.77 55.43
N LEU D 97 -65.37 -20.87 56.08
CA LEU D 97 -65.12 -20.89 57.51
C LEU D 97 -64.05 -19.88 57.92
N ILE D 98 -62.87 -20.01 57.32
CA ILE D 98 -61.75 -19.12 57.63
C ILE D 98 -62.11 -17.68 57.35
N GLU D 99 -62.92 -17.46 56.32
CA GLU D 99 -63.37 -16.14 55.93
C GLU D 99 -64.15 -15.46 57.06
N ASN D 100 -65.01 -16.23 57.72
CA ASN D 100 -65.85 -15.71 58.80
C ASN D 100 -65.11 -15.56 60.13
N ILE D 101 -64.30 -16.55 60.47
CA ILE D 101 -63.55 -16.52 61.73
C ILE D 101 -62.60 -15.33 61.75
N SER D 102 -62.09 -14.96 60.57
CA SER D 102 -61.31 -13.76 60.42
C SER D 102 -62.17 -12.53 60.68
N MET D 103 -63.45 -12.62 60.29
CA MET D 103 -64.39 -11.54 60.54
C MET D 103 -64.69 -11.43 62.03
N GLY D 104 -64.69 -12.57 62.72
CA GLY D 104 -64.87 -12.61 64.15
C GLY D 104 -63.65 -12.04 64.86
N PHE D 105 -62.58 -11.82 64.11
CA PHE D 105 -61.35 -11.28 64.65
C PHE D 105 -61.45 -9.76 64.86
N LEU D 106 -62.27 -9.11 64.06
CA LEU D 106 -62.46 -7.66 64.18
C LEU D 106 -63.19 -7.31 65.48
N ASP D 107 -63.90 -8.29 66.04
CA ASP D 107 -64.64 -8.09 67.28
C ASP D 107 -63.70 -7.84 68.45
N MET D 108 -62.53 -8.47 68.42
CA MET D 108 -61.55 -8.27 69.48
C MET D 108 -60.94 -6.87 69.43
N GLN D 109 -61.26 -6.12 68.38
CA GLN D 109 -60.76 -4.76 68.27
C GLN D 109 -61.76 -3.79 68.89
N ASN D 110 -61.36 -3.26 70.04
CA ASN D 110 -62.19 -2.41 70.91
C ASN D 110 -63.70 -2.51 70.68
N GLU D 121 -53.54 -10.10 67.00
CA GLU D 121 -52.32 -10.59 67.62
C GLU D 121 -51.63 -11.64 66.77
N SER D 122 -52.22 -12.82 66.64
CA SER D 122 -51.63 -13.83 65.78
C SER D 122 -52.36 -13.85 64.46
N LYS D 123 -51.71 -13.28 63.46
CA LYS D 123 -52.12 -13.36 62.06
C LYS D 123 -51.25 -14.39 61.36
N LEU D 124 -50.31 -14.94 62.11
CA LEU D 124 -49.38 -15.93 61.59
C LEU D 124 -50.14 -17.13 61.02
N PRO D 125 -51.00 -17.76 61.83
CA PRO D 125 -51.84 -18.82 61.27
C PRO D 125 -52.92 -18.27 60.33
N LEU D 126 -53.24 -16.99 60.47
CA LEU D 126 -54.30 -16.34 59.68
C LEU D 126 -54.09 -16.47 58.17
N LEU D 127 -53.09 -15.79 57.65
CA LEU D 127 -52.80 -15.83 56.22
C LEU D 127 -52.16 -17.17 55.89
N CYS D 128 -51.63 -17.82 56.92
CA CYS D 128 -51.13 -19.20 56.81
C CYS D 128 -52.22 -20.10 56.26
N MET D 129 -53.42 -19.95 56.78
CA MET D 129 -54.59 -20.65 56.25
C MET D 129 -54.85 -20.20 54.82
N GLU D 130 -54.89 -18.89 54.61
CA GLU D 130 -54.98 -18.31 53.29
C GLU D 130 -53.84 -18.82 52.40
N THR D 131 -52.68 -19.02 53.00
CA THR D 131 -51.49 -19.49 52.29
C THR D 131 -51.71 -20.87 51.68
N GLU D 132 -52.07 -21.83 52.52
CA GLU D 132 -52.32 -23.20 52.06
C GLU D 132 -53.50 -23.23 51.09
N LEU D 133 -54.41 -22.28 51.25
CA LEU D 133 -55.59 -22.17 50.38
C LEU D 133 -55.23 -21.97 48.91
N GLU D 134 -54.68 -20.81 48.58
CA GLU D 134 -54.45 -20.41 47.19
C GLU D 134 -53.36 -21.24 46.52
N ARG D 135 -52.36 -21.63 47.31
CA ARG D 135 -51.27 -22.47 46.81
C ARG D 135 -51.82 -23.79 46.29
N LEU D 136 -52.57 -24.49 47.13
CA LEU D 136 -53.24 -25.72 46.71
C LEU D 136 -54.28 -25.41 45.65
N LYS D 137 -54.86 -24.21 45.75
CA LYS D 137 -55.83 -23.73 44.77
C LYS D 137 -55.17 -23.53 43.41
N PHE D 138 -53.88 -23.23 43.41
CA PHE D 138 -53.14 -23.02 42.17
C PHE D 138 -53.02 -24.29 41.35
N VAL D 139 -52.48 -25.34 41.99
CA VAL D 139 -52.17 -26.60 41.33
C VAL D 139 -53.32 -27.18 40.50
N ILE D 140 -54.53 -27.10 41.04
CA ILE D 140 -55.71 -27.72 40.41
C ILE D 140 -56.03 -27.07 39.06
N ARG D 141 -55.70 -25.80 38.92
CA ARG D 141 -55.89 -25.10 37.66
C ARG D 141 -54.95 -25.64 36.60
N SER D 142 -53.70 -25.91 36.99
CA SER D 142 -52.75 -26.54 36.09
C SER D 142 -53.29 -27.90 35.68
N TYR D 143 -53.87 -28.61 36.63
CA TYR D 143 -54.50 -29.89 36.36
C TYR D 143 -55.64 -29.76 35.35
N ILE D 144 -56.59 -28.87 35.67
CA ILE D 144 -57.75 -28.66 34.81
C ILE D 144 -57.35 -28.09 33.45
N ARG D 145 -56.62 -26.98 33.48
CA ARG D 145 -56.20 -26.27 32.27
C ARG D 145 -55.37 -27.14 31.33
N CYS D 146 -54.62 -28.07 31.89
CA CYS D 146 -53.81 -28.98 31.09
C CYS D 146 -54.70 -30.00 30.37
N ARG D 147 -55.61 -30.61 31.13
CA ARG D 147 -56.59 -31.53 30.55
C ARG D 147 -57.36 -30.85 29.43
N LEU D 148 -57.65 -29.56 29.64
CA LEU D 148 -58.30 -28.75 28.63
C LEU D 148 -57.54 -28.82 27.30
N SER D 149 -56.21 -28.75 27.38
CA SER D 149 -55.34 -28.78 26.20
C SER D 149 -55.33 -30.14 25.49
N LYS D 150 -55.01 -31.20 26.25
CA LYS D 150 -54.94 -32.55 25.70
C LYS D 150 -56.20 -32.94 24.93
N ILE D 151 -57.37 -32.62 25.51
CA ILE D 151 -58.65 -32.92 24.88
C ILE D 151 -58.79 -32.22 23.53
N ASP D 152 -58.36 -30.97 23.46
CA ASP D 152 -58.37 -30.21 22.21
C ASP D 152 -57.61 -30.96 21.12
N LYS D 153 -56.54 -31.63 21.54
CA LYS D 153 -55.69 -32.38 20.61
C LYS D 153 -56.28 -33.74 20.24
N PHE D 154 -57.01 -34.35 21.18
CA PHE D 154 -57.62 -35.66 20.91
C PHE D 154 -59.07 -35.60 20.47
N SER D 155 -59.66 -34.40 20.44
CA SER D 155 -61.11 -34.24 20.32
C SER D 155 -61.74 -35.10 19.22
N LEU D 156 -61.09 -35.18 18.07
CA LEU D 156 -61.52 -36.09 17.02
C LEU D 156 -61.49 -37.53 17.53
N TYR D 157 -60.34 -37.96 18.02
CA TYR D 157 -60.19 -39.30 18.57
C TYR D 157 -61.07 -39.50 19.80
N LEU D 158 -61.23 -38.42 20.58
CA LEU D 158 -62.06 -38.48 21.78
C LEU D 158 -63.52 -38.73 21.40
N ARG D 159 -63.94 -38.20 20.26
CA ARG D 159 -65.24 -38.55 19.69
C ARG D 159 -65.17 -39.92 19.07
N GLN D 160 -64.11 -40.15 18.30
CA GLN D 160 -63.87 -41.44 17.68
C GLN D 160 -63.77 -42.53 18.74
N LEU D 161 -63.24 -42.18 19.91
CA LEU D 161 -63.24 -43.10 21.03
C LEU D 161 -64.63 -43.13 21.66
N ASN D 162 -65.34 -42.01 21.54
CA ASN D 162 -66.71 -41.90 22.02
C ASN D 162 -67.67 -42.62 21.05
N GLU D 163 -67.45 -42.42 19.76
CA GLU D 163 -68.28 -43.04 18.73
C GLU D 163 -68.16 -44.56 18.77
N ASP D 164 -66.96 -45.06 19.02
CA ASP D 164 -66.73 -46.49 19.13
C ASP D 164 -67.45 -47.10 20.34
N GLU D 165 -68.05 -48.27 20.14
CA GLU D 165 -68.64 -49.02 21.24
C GLU D 165 -67.58 -49.29 22.31
N ASN D 166 -66.59 -50.10 21.94
CA ASN D 166 -65.44 -50.33 22.80
C ASN D 166 -64.40 -49.23 22.68
N SER D 167 -63.69 -48.98 23.78
CA SER D 167 -63.91 -49.75 25.01
C SER D 167 -64.64 -48.93 26.07
N LEU D 168 -63.95 -47.97 26.67
CA LEU D 168 -64.57 -47.10 27.67
C LEU D 168 -64.70 -45.68 27.15
N ILE D 169 -65.93 -45.18 27.17
CA ILE D 169 -66.19 -43.81 26.76
C ILE D 169 -65.71 -42.86 27.84
N SER D 170 -65.44 -41.62 27.45
CA SER D 170 -65.05 -40.57 28.37
C SER D 170 -66.01 -40.50 29.56
N LEU D 171 -67.30 -40.52 29.24
CA LEU D 171 -68.39 -40.44 30.22
C LEU D 171 -68.25 -39.25 31.17
N THR D 172 -68.63 -39.43 32.43
CA THR D 172 -68.28 -38.48 33.47
C THR D 172 -67.12 -39.02 34.31
N ASP D 173 -66.71 -40.25 33.97
CA ASP D 173 -65.64 -40.92 34.69
C ASP D 173 -64.28 -40.44 34.22
N LEU D 174 -63.97 -40.72 32.95
CA LEU D 174 -62.72 -40.27 32.35
C LEU D 174 -62.72 -38.75 32.19
N LEU D 175 -63.89 -38.17 32.01
CA LEU D 175 -64.02 -36.73 31.81
C LEU D 175 -65.04 -36.12 32.77
N SER D 176 -64.62 -35.06 33.47
CA SER D 176 -65.53 -34.30 34.30
C SER D 176 -66.67 -33.75 33.45
N LYS D 177 -67.84 -33.61 34.04
CA LYS D 177 -69.01 -33.08 33.33
C LYS D 177 -68.70 -31.75 32.65
N ASP D 178 -67.96 -30.90 33.35
CA ASP D 178 -67.50 -29.65 32.77
C ASP D 178 -66.57 -29.94 31.58
N GLU D 179 -65.72 -30.95 31.74
CA GLU D 179 -64.80 -31.36 30.69
C GLU D 179 -65.55 -31.88 29.47
N ILE D 180 -66.43 -32.86 29.66
CA ILE D 180 -67.20 -33.43 28.56
C ILE D 180 -68.03 -32.38 27.86
N LYS D 181 -68.59 -31.47 28.64
CA LYS D 181 -69.30 -30.32 28.08
C LYS D 181 -68.34 -29.50 27.23
N TYR D 182 -67.21 -29.13 27.82
CA TYR D 182 -66.17 -28.40 27.08
C TYR D 182 -65.70 -29.18 25.87
N HIS D 183 -65.72 -30.50 25.96
CA HIS D 183 -65.37 -31.36 24.83
C HIS D 183 -66.26 -31.05 23.63
N ASP D 184 -67.55 -31.38 23.75
CA ASP D 184 -68.49 -31.20 22.66
C ASP D 184 -68.64 -29.73 22.27
N THR D 185 -68.73 -28.85 23.26
CA THR D 185 -68.88 -27.42 23.01
C THR D 185 -67.74 -26.88 22.16
N HIS D 186 -66.51 -27.09 22.60
CA HIS D 186 -65.34 -26.65 21.85
C HIS D 186 -65.30 -27.34 20.49
N SER D 187 -65.47 -28.66 20.49
CA SER D 187 -65.49 -29.43 19.25
C SER D 187 -66.63 -29.00 18.34
N LEU D 188 -67.76 -28.63 18.95
CA LEU D 188 -68.91 -28.13 18.20
C LEU D 188 -68.54 -26.90 17.37
N ILE D 189 -68.25 -25.80 18.07
CA ILE D 189 -67.99 -24.53 17.40
C ILE D 189 -66.73 -24.60 16.55
N TRP D 190 -65.82 -25.51 16.90
CA TRP D 190 -64.61 -25.71 16.11
C TRP D 190 -64.96 -26.10 14.68
N LEU D 191 -65.85 -27.08 14.53
CA LEU D 191 -66.32 -27.48 13.21
C LEU D 191 -67.19 -26.37 12.66
N LYS D 192 -67.90 -25.67 13.55
CA LYS D 192 -68.59 -24.44 13.17
C LYS D 192 -67.56 -23.44 12.65
N LEU D 193 -66.34 -23.54 13.15
CA LEU D 193 -65.25 -22.66 12.77
C LEU D 193 -64.60 -23.06 11.44
N VAL D 194 -64.50 -24.36 11.20
CA VAL D 194 -63.91 -24.86 9.96
C VAL D 194 -64.92 -24.75 8.82
N ASN D 195 -66.15 -25.16 9.08
CA ASN D 195 -67.19 -25.21 8.06
C ASN D 195 -67.41 -23.86 7.39
N ASP D 196 -67.72 -22.84 8.17
CA ASP D 196 -67.94 -21.51 7.61
C ASP D 196 -66.69 -20.94 6.93
N SER D 197 -65.51 -21.41 7.33
CA SER D 197 -64.26 -20.86 6.79
C SER D 197 -63.79 -21.55 5.52
N ILE D 198 -63.23 -22.75 5.68
CA ILE D 198 -62.70 -23.50 4.54
C ILE D 198 -63.73 -24.33 3.78
N LEU D 199 -64.71 -24.89 4.49
CA LEU D 199 -65.60 -25.84 3.82
C LEU D 199 -66.78 -25.07 3.23
N LYS D 200 -66.69 -24.86 1.92
CA LYS D 200 -67.69 -24.12 1.18
C LYS D 200 -68.06 -24.79 -0.15
N TYR D 201 -67.11 -24.98 -1.08
CA TYR D 201 -65.66 -25.14 -0.89
C TYR D 201 -65.37 -26.35 -0.02
N MET D 202 -66.32 -27.29 0.01
CA MET D 202 -66.15 -28.54 0.72
C MET D 202 -66.35 -29.70 -0.24
N PRO D 203 -65.28 -30.10 -0.94
CA PRO D 203 -65.33 -31.24 -1.87
C PRO D 203 -65.98 -32.45 -1.22
N GLU D 204 -66.78 -33.20 -1.97
CA GLU D 204 -67.63 -34.25 -1.42
C GLU D 204 -66.89 -35.21 -0.48
N GLU D 205 -65.74 -35.72 -0.93
CA GLU D 205 -64.95 -36.64 -0.12
C GLU D 205 -64.23 -35.86 0.98
N LEU D 206 -63.92 -34.61 0.70
CA LEU D 206 -63.27 -33.73 1.66
C LEU D 206 -64.25 -33.20 2.70
N GLN D 207 -65.54 -33.40 2.45
CA GLN D 207 -66.59 -32.97 3.37
C GLN D 207 -66.43 -33.60 4.75
N ALA D 208 -65.79 -34.76 4.78
CA ALA D 208 -65.56 -35.47 6.04
C ALA D 208 -64.33 -34.91 6.77
N ILE D 209 -64.46 -34.71 8.07
CA ILE D 209 -63.28 -34.46 8.88
C ILE D 209 -63.04 -35.70 9.73
N ASN D 210 -62.08 -36.51 9.30
CA ASN D 210 -61.81 -37.82 9.91
C ASN D 210 -60.84 -38.63 9.06
N ASP D 211 -60.54 -39.83 9.53
CA ASP D 211 -59.64 -40.77 8.87
C ASP D 211 -59.95 -40.97 7.37
N THR D 212 -58.91 -40.87 6.54
CA THR D 212 -59.05 -40.95 5.08
C THR D 212 -59.21 -42.35 4.48
N GLU D 213 -58.34 -43.29 4.83
CA GLU D 213 -57.30 -43.09 5.84
C GLU D 213 -56.00 -42.53 5.29
N GLY D 214 -55.53 -41.48 5.95
CA GLY D 214 -54.22 -40.91 5.72
C GLY D 214 -54.18 -39.70 4.81
N SER D 215 -53.28 -38.80 5.18
CA SER D 215 -52.68 -38.92 6.50
C SER D 215 -53.16 -37.80 7.40
N VAL D 216 -54.03 -38.12 8.35
CA VAL D 216 -54.71 -39.42 8.36
C VAL D 216 -56.24 -39.23 8.40
N ASN D 217 -56.81 -38.55 9.40
CA ASN D 217 -56.12 -37.85 10.47
C ASN D 217 -56.86 -37.90 11.81
N MET D 218 -56.15 -38.20 12.90
CA MET D 218 -56.68 -38.09 14.26
C MET D 218 -57.97 -38.88 14.50
N ILE D 219 -57.90 -40.21 14.63
CA ILE D 219 -56.65 -40.92 14.86
C ILE D 219 -55.97 -40.37 16.11
N ASP D 220 -54.83 -39.72 15.91
CA ASP D 220 -53.92 -39.30 16.99
C ASP D 220 -54.62 -38.49 18.07
N GLU D 221 -54.06 -38.52 19.27
CA GLU D 221 -52.72 -39.09 19.46
C GLU D 221 -52.67 -40.17 20.54
N PRO D 222 -53.26 -41.34 20.26
CA PRO D 222 -53.09 -42.46 21.19
C PRO D 222 -51.71 -43.09 21.03
N ASP D 223 -50.66 -42.30 21.18
CA ASP D 223 -49.33 -42.86 21.14
C ASP D 223 -48.96 -43.20 22.58
N TRP D 224 -48.98 -44.49 22.88
CA TRP D 224 -48.61 -45.00 24.19
C TRP D 224 -47.14 -45.40 24.15
N ASN D 225 -46.61 -45.40 22.93
CA ASN D 225 -45.24 -45.88 22.68
C ASN D 225 -44.18 -44.94 23.27
N LYS D 226 -44.52 -43.66 23.42
CA LYS D 226 -43.57 -42.65 23.85
C LYS D 226 -42.93 -42.97 25.20
N PHE D 227 -41.64 -42.64 25.33
CA PHE D 227 -40.92 -42.81 26.58
C PHE D 227 -41.23 -41.67 27.55
N VAL D 228 -41.14 -41.95 28.84
CA VAL D 228 -41.44 -40.95 29.86
C VAL D 228 -40.58 -41.14 31.12
N PHE D 229 -40.36 -40.05 31.84
CA PHE D 229 -39.63 -40.10 33.10
C PHE D 229 -40.48 -40.81 34.15
N ILE D 230 -39.87 -41.74 34.88
CA ILE D 230 -40.54 -42.42 35.98
C ILE D 230 -39.54 -42.87 37.05
N HIS D 231 -40.05 -43.13 38.25
CA HIS D 231 -39.27 -43.73 39.33
C HIS D 231 -40.10 -44.83 39.96
N VAL D 232 -39.63 -46.07 39.89
CA VAL D 232 -40.44 -47.18 40.37
C VAL D 232 -40.69 -47.05 41.87
N ASN D 233 -41.95 -46.94 42.29
CA ASN D 233 -42.28 -47.07 43.70
C ASN D 233 -43.66 -47.66 43.92
N GLY D 234 -43.74 -48.65 44.81
CA GLY D 234 -45.02 -49.24 45.14
C GLY D 234 -45.01 -49.93 46.49
N PRO D 235 -46.20 -50.02 47.12
CA PRO D 235 -46.17 -50.59 48.47
C PRO D 235 -45.72 -52.03 48.44
N PRO D 236 -44.69 -52.37 49.25
CA PRO D 236 -44.19 -53.73 49.34
C PRO D 236 -45.06 -54.61 50.24
N ASP D 237 -45.15 -55.90 49.90
CA ASP D 237 -45.76 -56.86 50.80
C ASP D 237 -44.92 -56.91 52.06
N GLY D 238 -43.62 -56.65 51.89
CA GLY D 238 -42.69 -56.58 53.00
C GLY D 238 -41.50 -55.69 52.69
N GLU D 248 -45.23 -60.09 44.99
CA GLU D 248 -46.14 -59.74 43.91
C GLU D 248 -45.44 -59.77 42.56
N ASN D 249 -45.01 -58.61 42.10
CA ASN D 249 -44.29 -58.49 40.84
C ASN D 249 -42.78 -58.64 41.00
N GLU D 250 -42.32 -58.94 42.22
CA GLU D 250 -40.89 -58.96 42.48
C GLU D 250 -40.28 -60.35 42.29
N PHE D 251 -39.55 -60.53 41.20
CA PHE D 251 -38.88 -61.79 40.92
C PHE D 251 -37.38 -61.79 41.19
N GLY D 252 -36.85 -60.65 41.62
CA GLY D 252 -35.43 -60.52 41.88
C GLY D 252 -34.64 -60.16 40.63
N LYS D 253 -33.32 -60.03 40.73
CA LYS D 253 -32.60 -60.18 42.00
C LYS D 253 -33.03 -59.16 43.05
N PRO D 254 -32.78 -57.87 42.80
CA PRO D 254 -33.21 -56.88 43.79
C PRO D 254 -34.72 -56.66 43.90
N CYS D 255 -35.42 -56.50 42.76
CA CYS D 255 -36.79 -55.99 42.78
C CYS D 255 -37.57 -56.09 41.45
N TYR D 256 -38.85 -55.69 41.52
CA TYR D 256 -39.79 -55.67 40.38
C TYR D 256 -39.61 -54.44 39.47
N THR D 257 -40.06 -54.47 38.21
CA THR D 257 -40.72 -55.61 37.54
C THR D 257 -40.23 -55.78 36.11
N VAL D 258 -40.85 -56.72 35.40
CA VAL D 258 -40.95 -56.74 33.94
C VAL D 258 -41.89 -55.59 33.55
N THR D 259 -41.56 -54.70 32.60
CA THR D 259 -40.78 -54.82 31.36
C THR D 259 -41.45 -55.72 30.31
N ILE D 260 -40.65 -56.58 29.68
CA ILE D 260 -41.03 -57.30 28.47
C ILE D 260 -41.62 -56.33 27.43
N PRO D 261 -40.74 -55.52 26.79
CA PRO D 261 -41.15 -54.62 25.72
C PRO D 261 -41.63 -55.38 24.48
N ASP D 262 -42.32 -54.68 23.57
CA ASP D 262 -42.75 -55.30 22.33
C ASP D 262 -41.54 -55.65 21.46
N LEU D 263 -40.60 -54.71 21.37
CA LEU D 263 -39.41 -54.89 20.54
C LEU D 263 -38.18 -55.36 21.33
N LYS D 264 -38.32 -55.46 22.65
CA LYS D 264 -37.19 -55.83 23.51
C LYS D 264 -37.58 -56.83 24.60
N GLU D 265 -36.59 -57.40 25.28
CA GLU D 265 -36.84 -58.33 26.38
C GLU D 265 -36.81 -57.61 27.73
N GLU D 266 -37.00 -58.39 28.80
CA GLU D 266 -37.03 -57.85 30.17
C GLU D 266 -35.73 -57.11 30.49
N VAL D 267 -35.83 -56.06 31.31
CA VAL D 267 -34.68 -55.20 31.58
C VAL D 267 -33.94 -55.53 32.89
N GLU D 268 -34.61 -55.38 34.03
CA GLU D 268 -36.02 -55.04 34.02
C GLU D 268 -36.33 -53.71 34.70
N LEU D 269 -36.41 -53.72 36.02
CA LEU D 269 -36.85 -52.55 36.77
C LEU D 269 -36.44 -52.64 38.25
N THR D 270 -36.36 -51.48 38.91
CA THR D 270 -36.14 -51.43 40.35
C THR D 270 -36.81 -50.20 40.94
N ILE D 271 -37.37 -50.33 42.13
CA ILE D 271 -37.98 -49.18 42.79
C ILE D 271 -36.89 -48.16 43.15
N GLY D 272 -35.66 -48.65 43.27
CA GLY D 272 -34.54 -47.81 43.63
C GLY D 272 -33.96 -47.03 42.47
N SER D 273 -34.45 -47.29 41.27
CA SER D 273 -33.89 -46.64 40.08
C SER D 273 -34.96 -46.15 39.10
N ILE D 274 -34.73 -44.98 38.53
CA ILE D 274 -35.62 -44.41 37.51
C ILE D 274 -35.29 -44.98 36.13
N TYR D 275 -36.28 -45.60 35.49
CA TYR D 275 -36.09 -46.14 34.14
C TYR D 275 -37.13 -45.58 33.19
N VAL D 276 -36.70 -44.80 32.20
CA VAL D 276 -37.61 -44.25 31.20
C VAL D 276 -37.84 -45.24 30.07
N MET D 277 -39.11 -45.44 29.72
CA MET D 277 -39.46 -46.40 28.69
C MET D 277 -40.85 -46.12 28.10
N ARG D 278 -41.30 -47.03 27.25
CA ARG D 278 -42.58 -46.87 26.55
C ARG D 278 -43.74 -46.61 27.51
N TYR D 279 -44.49 -45.55 27.23
CA TYR D 279 -45.62 -45.16 28.07
C TYR D 279 -46.72 -46.22 28.06
N GLU D 280 -46.77 -47.02 27.00
CA GLU D 280 -47.76 -48.09 26.88
C GLU D 280 -47.47 -49.27 27.80
N VAL D 281 -46.27 -49.82 27.69
CA VAL D 281 -45.87 -50.98 28.48
C VAL D 281 -45.93 -50.66 29.97
N ILE D 282 -45.74 -49.39 30.31
CA ILE D 282 -45.72 -48.95 31.69
C ILE D 282 -47.11 -48.58 32.22
N ARG D 283 -48.09 -48.46 31.32
CA ARG D 283 -49.43 -48.04 31.71
C ARG D 283 -50.01 -48.88 32.83
N ASP D 284 -49.76 -50.19 32.77
CA ASP D 284 -50.22 -51.13 33.79
C ASP D 284 -49.74 -50.73 35.18
N LEU D 285 -48.49 -50.33 35.28
CA LEU D 285 -47.85 -50.05 36.56
C LEU D 285 -48.22 -48.67 37.12
N LEU D 286 -48.30 -47.66 36.25
CA LEU D 286 -48.81 -46.36 36.66
C LEU D 286 -50.26 -46.54 37.09
N ARG D 287 -50.91 -47.53 36.48
CA ARG D 287 -52.24 -47.96 36.91
C ARG D 287 -52.14 -48.63 38.27
N ASP D 288 -51.03 -49.32 38.50
CA ASP D 288 -50.75 -49.95 39.79
C ASP D 288 -50.21 -48.94 40.80
N ASP D 289 -49.75 -47.79 40.29
CA ASP D 289 -49.09 -46.80 41.13
C ASP D 289 -47.83 -47.39 41.74
N LYS D 290 -47.24 -48.35 41.04
CA LYS D 290 -46.01 -49.00 41.49
C LYS D 290 -44.77 -48.32 40.91
N VAL D 291 -44.98 -47.21 40.20
CA VAL D 291 -43.87 -46.40 39.75
C VAL D 291 -44.19 -44.90 39.80
N ALA D 292 -43.30 -44.13 40.42
CA ALA D 292 -43.34 -42.68 40.36
C ALA D 292 -42.87 -42.24 38.98
N LEU D 293 -43.16 -41.00 38.59
CA LEU D 293 -42.74 -40.50 37.29
C LEU D 293 -41.81 -39.30 37.42
N ILE E 5 -44.66 14.87 70.90
CA ILE E 5 -43.94 14.81 72.17
C ILE E 5 -44.24 13.49 72.89
N SER E 6 -43.77 12.40 72.30
CA SER E 6 -43.95 11.09 72.90
C SER E 6 -42.81 10.17 72.47
N GLN E 7 -42.56 9.14 73.28
CA GLN E 7 -41.54 8.14 72.95
C GLN E 7 -41.90 7.44 71.65
N PHE E 8 -40.91 7.26 70.79
CA PHE E 8 -41.11 6.69 69.47
C PHE E 8 -41.72 5.28 69.51
N SER E 9 -41.20 4.46 70.42
CA SER E 9 -41.60 3.06 70.50
C SER E 9 -43.11 2.89 70.66
N GLU E 10 -43.66 3.48 71.71
CA GLU E 10 -45.10 3.38 71.98
C GLU E 10 -45.92 3.98 70.83
N ALA E 11 -45.41 5.06 70.26
CA ALA E 11 -46.00 5.63 69.05
C ALA E 11 -45.97 4.57 67.95
N TYR E 12 -44.82 3.93 67.79
CA TYR E 12 -44.69 2.79 66.90
C TYR E 12 -45.56 1.65 67.40
N ASN E 13 -45.59 1.45 68.71
CA ASN E 13 -46.46 0.44 69.31
C ASN E 13 -47.92 0.81 69.08
N LYS E 14 -48.21 2.11 69.06
CA LYS E 14 -49.56 2.61 68.83
C LYS E 14 -50.06 2.24 67.44
N ILE E 15 -49.15 2.25 66.46
CA ILE E 15 -49.51 1.86 65.10
C ILE E 15 -49.76 0.36 65.02
N LEU E 16 -49.12 -0.38 65.92
CA LEU E 16 -49.21 -1.84 65.93
C LEU E 16 -50.66 -2.32 66.08
N ARG E 17 -51.39 -1.72 67.01
CA ARG E 17 -52.81 -2.02 67.16
C ARG E 17 -53.58 -1.52 65.95
N ASN E 18 -53.09 -0.44 65.35
CA ASN E 18 -53.69 0.12 64.16
C ASN E 18 -53.18 -0.54 62.87
N SER E 19 -52.28 -1.51 63.00
CA SER E 19 -51.57 -2.01 61.81
C SER E 19 -52.26 -3.10 61.02
N SER E 20 -52.22 -4.34 61.53
CA SER E 20 -52.58 -5.49 60.70
C SER E 20 -54.06 -5.54 60.34
N SER E 21 -54.35 -5.61 59.04
CA SER E 21 -55.72 -5.62 58.53
C SER E 21 -55.85 -6.34 57.20
N HIS E 22 -57.03 -6.90 56.94
CA HIS E 22 -57.33 -7.44 55.62
C HIS E 22 -58.74 -7.05 55.17
N SER E 23 -58.82 -6.27 54.10
CA SER E 23 -57.62 -5.72 53.47
C SER E 23 -56.93 -4.74 54.40
N SER E 24 -55.60 -4.75 54.37
CA SER E 24 -54.80 -3.83 55.18
C SER E 24 -55.02 -2.41 54.69
N CYS E 25 -54.66 -1.42 55.50
CA CYS E 25 -53.93 -1.62 56.74
C CYS E 25 -54.66 -0.89 57.88
N GLN E 26 -54.79 0.42 57.78
CA GLN E 26 -54.26 1.15 56.63
C GLN E 26 -53.55 2.44 57.03
N LEU E 27 -52.28 2.53 56.66
CA LEU E 27 -51.51 3.75 56.82
C LEU E 27 -50.71 3.98 55.54
N VAL E 28 -50.28 5.22 55.34
CA VAL E 28 -49.44 5.54 54.19
C VAL E 28 -48.26 6.41 54.60
N ILE E 29 -47.05 5.89 54.42
CA ILE E 29 -45.86 6.71 54.59
C ILE E 29 -45.89 7.78 53.50
N PHE E 30 -45.48 8.99 53.85
CA PHE E 30 -45.35 10.03 52.84
C PHE E 30 -43.87 10.16 52.50
N VAL E 31 -43.51 10.05 51.23
CA VAL E 31 -42.13 10.32 50.88
C VAL E 31 -42.11 11.79 50.50
N SER E 32 -41.54 12.59 51.39
CA SER E 32 -41.46 14.02 51.15
C SER E 32 -40.18 14.67 51.67
N CYS E 33 -39.47 15.27 50.73
CA CYS E 33 -39.77 14.99 49.33
C CYS E 33 -38.52 14.66 48.52
N LEU E 34 -37.73 15.70 48.28
CA LEU E 34 -36.50 15.59 47.49
C LEU E 34 -35.31 15.12 48.33
N ASN E 35 -35.21 15.66 49.54
CA ASN E 35 -34.09 15.36 50.43
C ASN E 35 -34.00 13.88 50.78
N ILE E 36 -32.80 13.33 50.67
CA ILE E 36 -32.56 11.90 50.82
C ILE E 36 -32.66 11.42 52.27
N ASP E 37 -32.49 12.35 53.21
CA ASP E 37 -32.53 12.02 54.63
C ASP E 37 -33.79 11.25 54.99
N ALA E 38 -34.87 11.55 54.28
CA ALA E 38 -36.12 10.80 54.45
C ALA E 38 -35.98 9.40 53.86
N LEU E 39 -35.30 9.30 52.72
CA LEU E 39 -35.19 8.06 51.95
C LEU E 39 -34.65 6.86 52.74
N CYS E 40 -33.55 7.06 53.47
CA CYS E 40 -33.00 5.99 54.31
C CYS E 40 -34.01 5.56 55.36
N ALA E 41 -34.53 6.55 56.10
CA ALA E 41 -35.52 6.33 57.14
C ALA E 41 -36.76 5.60 56.64
N THR E 42 -37.10 5.81 55.37
CA THR E 42 -38.22 5.11 54.76
C THR E 42 -37.91 3.62 54.63
N LYS E 43 -36.78 3.30 54.00
CA LYS E 43 -36.40 1.90 53.76
C LYS E 43 -36.18 1.13 55.06
N MET E 44 -35.46 1.72 56.01
CA MET E 44 -35.29 1.12 57.33
C MET E 44 -36.67 0.81 57.90
N LEU E 45 -37.56 1.80 57.83
CA LEU E 45 -38.96 1.61 58.19
C LEU E 45 -39.65 0.67 57.21
N SER E 46 -39.36 0.87 55.92
CA SER E 46 -39.83 -0.03 54.86
C SER E 46 -39.46 -1.45 55.20
N LEU E 47 -38.21 -1.66 55.63
CA LEU E 47 -37.75 -2.98 56.04
C LEU E 47 -38.40 -3.37 57.37
N LEU E 48 -38.63 -2.40 58.23
CA LEU E 48 -39.25 -2.63 59.54
C LEU E 48 -40.57 -3.38 59.39
N PHE E 49 -41.44 -2.88 58.51
CA PHE E 49 -42.73 -3.52 58.28
C PHE E 49 -42.57 -4.83 57.51
N LYS E 50 -41.52 -4.91 56.70
CA LYS E 50 -41.18 -6.16 56.01
C LYS E 50 -40.97 -7.26 57.03
N LYS E 51 -40.35 -6.90 58.16
CA LYS E 51 -40.16 -7.81 59.27
C LYS E 51 -41.51 -8.26 59.81
N GLN E 52 -42.46 -7.34 59.85
CA GLN E 52 -43.81 -7.62 60.32
C GLN E 52 -44.75 -7.99 59.16
N LEU E 53 -44.25 -7.85 57.94
CA LEU E 53 -45.08 -8.04 56.74
C LEU E 53 -46.31 -7.12 56.79
N VAL E 54 -46.06 -5.83 57.03
CA VAL E 54 -47.13 -4.85 57.15
C VAL E 54 -47.35 -4.10 55.84
N GLN E 55 -48.51 -4.33 55.23
CA GLN E 55 -48.86 -3.68 53.97
C GLN E 55 -49.20 -2.22 54.17
N SER E 56 -48.88 -1.40 53.17
CA SER E 56 -49.15 0.03 53.22
C SER E 56 -48.71 0.71 51.93
N GLN E 57 -49.19 1.94 51.73
CA GLN E 57 -48.85 2.71 50.55
C GLN E 57 -47.47 3.36 50.69
N ILE E 58 -46.79 3.57 49.57
CA ILE E 58 -45.55 4.34 49.56
C ILE E 58 -45.69 5.46 48.53
N VAL E 59 -45.74 6.69 49.02
CA VAL E 59 -45.95 7.85 48.17
C VAL E 59 -44.78 8.83 48.19
N PRO E 60 -44.12 9.01 47.04
CA PRO E 60 -43.01 9.96 46.89
C PRO E 60 -43.53 11.37 46.59
N ILE E 61 -44.15 12.02 47.59
CA ILE E 61 -44.68 13.37 47.40
C ILE E 61 -43.59 14.34 46.98
N PHE E 62 -43.93 15.25 46.07
CA PHE E 62 -42.98 16.25 45.63
C PHE E 62 -43.50 17.66 45.92
N GLY E 63 -44.58 18.03 45.24
CA GLY E 63 -45.21 19.32 45.46
C GLY E 63 -45.58 19.53 46.91
N TYR E 64 -45.25 20.70 47.45
CA TYR E 64 -45.58 21.03 48.83
C TYR E 64 -47.09 20.99 49.04
N SER E 65 -47.81 21.49 48.04
CA SER E 65 -49.27 21.47 48.07
C SER E 65 -49.80 20.19 47.43
N GLU E 66 -48.89 19.39 46.88
CA GLU E 66 -49.26 18.14 46.22
C GLU E 66 -49.95 17.18 47.17
N LEU E 67 -49.51 17.19 48.43
CA LEU E 67 -50.14 16.35 49.45
C LEU E 67 -51.59 16.76 49.63
N ARG E 68 -51.86 18.06 49.53
CA ARG E 68 -53.24 18.55 49.54
C ARG E 68 -53.98 18.00 48.31
N ARG E 69 -53.25 17.83 47.22
CA ARG E 69 -53.80 17.25 46.00
C ARG E 69 -53.99 15.75 46.20
N HIS E 70 -53.42 15.24 47.28
CA HIS E 70 -53.43 13.82 47.57
C HIS E 70 -54.26 13.54 48.84
N TYR E 71 -53.84 14.11 49.96
CA TYR E 71 -54.60 13.96 51.21
C TYR E 71 -56.07 14.30 51.00
N SER E 72 -56.33 15.35 50.23
CA SER E 72 -57.70 15.68 49.85
C SER E 72 -58.17 14.74 48.75
N GLN E 73 -57.26 13.91 48.23
CA GLN E 73 -57.59 12.99 47.15
C GLN E 73 -57.86 11.58 47.66
N LEU E 74 -56.82 10.85 48.06
CA LEU E 74 -57.08 9.51 48.56
C LEU E 74 -56.85 9.38 50.05
N ASP E 75 -57.94 9.41 50.79
CA ASP E 75 -58.03 8.95 52.18
C ASP E 75 -59.37 8.28 52.37
N ASP E 76 -59.41 6.98 52.67
CA ASP E 76 -60.71 6.33 52.85
C ASP E 76 -60.80 5.53 54.13
N ASN E 77 -60.10 4.40 54.14
CA ASN E 77 -60.15 3.48 55.27
C ASN E 77 -58.98 3.69 56.21
N ILE E 78 -58.10 4.63 55.86
CA ILE E 78 -56.88 4.81 56.61
C ILE E 78 -57.21 5.07 58.08
N ASN E 79 -56.75 4.16 58.93
CA ASN E 79 -57.00 4.25 60.36
C ASN E 79 -55.84 4.90 61.08
N SER E 80 -54.73 5.04 60.37
CA SER E 80 -53.49 5.54 60.93
C SER E 80 -52.62 6.07 59.79
N LEU E 81 -51.70 6.98 60.10
CA LEU E 81 -50.96 7.64 59.04
C LEU E 81 -49.59 8.10 59.51
N LEU E 82 -48.61 8.07 58.61
CA LEU E 82 -47.28 8.61 58.90
C LEU E 82 -46.77 9.47 57.74
N LEU E 83 -46.28 10.66 58.07
CA LEU E 83 -45.73 11.57 57.07
C LEU E 83 -44.26 11.87 57.36
N VAL E 84 -43.53 12.33 56.35
CA VAL E 84 -42.10 12.61 56.50
C VAL E 84 -41.71 14.02 56.03
N GLY E 85 -40.75 14.63 56.72
CA GLY E 85 -40.13 15.86 56.26
C GLY E 85 -40.95 17.13 56.32
N PHE E 86 -42.25 17.02 56.60
CA PHE E 86 -43.16 18.17 56.48
C PHE E 86 -43.98 18.44 57.73
N GLY E 87 -44.60 19.61 57.78
CA GLY E 87 -45.50 19.97 58.87
C GLY E 87 -44.77 20.65 60.02
N GLY E 88 -43.46 20.65 59.97
CA GLY E 88 -42.65 21.28 61.00
C GLY E 88 -42.76 22.79 60.98
N VAL E 89 -43.42 23.32 59.96
CA VAL E 89 -43.57 24.77 59.81
C VAL E 89 -45.04 25.16 59.65
N ILE E 90 -45.67 24.71 58.57
CA ILE E 90 -47.07 25.03 58.30
C ILE E 90 -47.99 23.89 58.76
N ASP E 91 -49.14 24.28 59.31
CA ASP E 91 -50.08 23.32 59.89
C ASP E 91 -51.00 22.69 58.84
N LEU E 92 -51.18 21.38 58.93
CA LEU E 92 -52.08 20.68 58.03
C LEU E 92 -53.52 20.74 58.55
N GLU E 93 -53.69 21.13 59.81
CA GLU E 93 -55.04 21.41 60.30
C GLU E 93 -55.59 22.59 59.51
N ALA E 94 -54.69 23.51 59.15
CA ALA E 94 -55.00 24.56 58.20
C ALA E 94 -54.87 24.04 56.77
N PHE E 95 -53.87 23.19 56.56
CA PHE E 95 -53.55 22.65 55.24
C PHE E 95 -54.55 21.57 54.81
N LEU E 96 -55.21 20.96 55.78
CA LEU E 96 -56.10 19.81 55.53
C LEU E 96 -57.49 20.05 56.13
N GLU E 97 -57.57 20.28 57.44
CA GLU E 97 -58.81 20.76 58.10
C GLU E 97 -60.01 19.81 57.95
N ILE E 98 -60.08 18.74 58.76
CA ILE E 98 -59.47 18.67 60.09
C ILE E 98 -59.78 19.93 60.92
N ASP E 99 -61.03 20.11 61.38
CA ASP E 99 -62.10 19.10 61.47
C ASP E 99 -61.80 17.89 62.36
N PRO E 100 -61.90 18.07 63.70
CA PRO E 100 -61.88 16.91 64.59
C PRO E 100 -62.91 15.88 64.14
N GLN E 101 -62.51 14.62 64.01
CA GLN E 101 -63.41 13.59 63.52
C GLN E 101 -63.63 12.51 64.58
N GLU E 102 -64.86 12.45 65.08
CA GLU E 102 -65.27 11.56 66.17
C GLU E 102 -64.31 11.62 67.36
N GLN E 114 -63.91 11.99 70.83
CA GLN E 114 -62.56 11.54 71.15
C GLN E 114 -62.32 10.13 70.61
N SER E 115 -61.12 9.61 70.83
CA SER E 115 -60.73 8.32 70.26
C SER E 115 -60.83 8.37 68.75
N PHE E 116 -60.15 9.36 68.16
CA PHE E 116 -60.30 9.70 66.75
C PHE E 116 -60.01 8.55 65.79
N ARG E 117 -60.72 8.57 64.67
CA ARG E 117 -60.67 7.49 63.67
C ARG E 117 -59.29 7.32 63.03
N ARG E 118 -58.57 8.43 62.87
CA ARG E 118 -57.26 8.38 62.21
C ARG E 118 -56.22 9.25 62.90
N ASP E 119 -54.98 8.78 62.89
CA ASP E 119 -53.86 9.51 63.48
C ASP E 119 -52.71 9.63 62.49
N ILE E 120 -51.94 10.72 62.60
CA ILE E 120 -50.88 10.99 61.64
C ILE E 120 -49.52 11.22 62.30
N TYR E 121 -48.56 10.35 62.01
CA TYR E 121 -47.18 10.57 62.40
C TYR E 121 -46.58 11.61 61.46
N VAL E 122 -45.96 12.63 62.02
CA VAL E 122 -45.45 13.72 61.20
C VAL E 122 -43.94 13.82 61.33
N LEU E 123 -43.22 13.51 60.26
CA LEU E 123 -41.75 13.54 60.32
C LEU E 123 -41.21 14.88 59.80
N ASP E 124 -40.58 15.67 60.66
CA ASP E 124 -39.80 16.81 60.20
C ASP E 124 -38.59 16.98 61.11
N ALA E 125 -37.43 17.21 60.50
CA ALA E 125 -36.20 17.45 61.24
C ALA E 125 -35.93 18.95 61.33
N HIS E 126 -36.77 19.74 60.67
CA HIS E 126 -36.57 21.18 60.59
C HIS E 126 -37.16 21.92 61.79
N ARG E 127 -36.48 22.97 62.23
CA ARG E 127 -36.97 23.85 63.27
C ARG E 127 -36.94 25.29 62.77
N PRO E 128 -37.75 26.17 63.38
CA PRO E 128 -38.60 25.85 64.53
C PRO E 128 -39.80 24.98 64.14
N TRP E 129 -40.30 24.18 65.07
CA TRP E 129 -41.56 23.49 64.85
C TRP E 129 -42.68 24.52 64.73
N ASN E 130 -43.75 24.15 64.05
CA ASN E 130 -44.94 24.98 64.04
C ASN E 130 -45.52 25.08 65.45
N LEU E 131 -46.08 26.23 65.76
CA LEU E 131 -46.73 26.44 67.05
C LEU E 131 -47.85 25.43 67.29
N ASP E 132 -48.57 25.09 66.22
CA ASP E 132 -49.71 24.19 66.34
C ASP E 132 -49.29 22.72 66.46
N ASN E 133 -48.01 22.44 66.25
CA ASN E 133 -47.51 21.06 66.26
C ASN E 133 -47.72 20.30 67.57
N ILE E 134 -46.98 20.66 68.60
CA ILE E 134 -46.96 19.88 69.84
C ILE E 134 -48.30 19.89 70.55
N PHE E 135 -48.79 21.09 70.84
CA PHE E 135 -50.08 21.27 71.50
C PHE E 135 -51.21 21.10 70.50
N GLY E 136 -52.39 20.75 71.00
CA GLY E 136 -53.47 20.37 70.13
C GLY E 136 -53.21 19.02 69.50
N SER E 137 -52.97 18.02 70.36
CA SER E 137 -52.64 16.71 69.86
C SER E 137 -53.87 16.12 69.18
N GLN E 138 -53.77 15.87 67.87
CA GLN E 138 -54.92 15.31 67.14
C GLN E 138 -54.59 14.10 66.28
N ILE E 139 -53.92 14.38 65.16
CA ILE E 139 -53.28 13.36 64.35
C ILE E 139 -51.91 13.13 64.96
N ILE E 140 -51.40 14.21 65.54
CA ILE E 140 -50.14 14.24 66.24
C ILE E 140 -50.38 13.99 67.72
N GLN E 141 -49.49 13.27 68.39
CA GLN E 141 -48.31 12.67 67.77
C GLN E 141 -47.37 13.70 67.17
N CYS E 142 -47.15 14.80 67.90
CA CYS E 142 -46.18 15.79 67.46
C CYS E 142 -44.80 15.14 67.51
N PHE E 143 -43.97 15.42 66.51
CA PHE E 143 -42.73 14.69 66.28
C PHE E 143 -41.54 15.28 67.02
N ASP E 144 -41.83 16.29 67.83
CA ASP E 144 -40.77 17.03 68.51
C ASP E 144 -39.78 16.13 69.23
N ASP E 145 -40.27 15.02 69.78
CA ASP E 145 -39.42 14.05 70.44
C ASP E 145 -38.44 13.47 69.43
N GLY E 146 -37.21 13.20 69.87
CA GLY E 146 -36.75 13.59 71.19
C GLY E 146 -35.75 14.73 71.12
N THR E 147 -35.76 15.49 70.03
CA THR E 147 -34.64 16.40 69.75
C THR E 147 -34.68 17.72 70.53
N VAL E 148 -35.60 18.60 70.18
CA VAL E 148 -35.71 19.84 70.91
C VAL E 148 -37.04 19.90 71.63
N ASP E 149 -37.01 19.66 72.93
CA ASP E 149 -38.24 19.54 73.69
C ASP E 149 -38.95 20.88 73.92
N ASP E 150 -38.21 21.94 74.25
CA ASP E 150 -36.75 21.88 74.40
C ASP E 150 -36.34 21.79 75.87
N THR E 151 -36.66 22.80 76.66
CA THR E 151 -37.56 23.90 76.26
C THR E 151 -36.79 25.21 76.10
N LEU E 152 -37.23 26.12 75.24
CA LEU E 152 -38.48 26.05 74.46
C LEU E 152 -39.72 26.02 75.34
N GLY E 153 -39.62 26.68 76.49
CA GLY E 153 -40.77 26.85 77.36
C GLY E 153 -41.61 28.01 76.88
N GLU E 154 -41.23 28.54 75.73
CA GLU E 154 -41.91 29.69 75.13
C GLU E 154 -43.28 29.33 74.57
N GLN E 155 -43.42 28.12 74.05
CA GLN E 155 -44.70 27.71 73.49
C GLN E 155 -45.73 27.51 74.59
N LYS E 156 -45.26 27.32 75.82
CA LYS E 156 -46.16 27.16 76.96
C LYS E 156 -46.97 28.43 77.21
N GLU E 157 -46.36 29.58 76.91
CA GLU E 157 -47.04 30.86 77.08
C GLU E 157 -47.78 31.27 75.81
N ALA E 158 -47.53 30.53 74.73
CA ALA E 158 -48.19 30.82 73.45
C ALA E 158 -49.60 30.23 73.42
N TYR E 159 -49.90 29.39 74.41
CA TYR E 159 -51.23 28.78 74.52
C TYR E 159 -51.82 28.97 75.91
N TYR E 160 -51.22 28.32 76.90
CA TYR E 160 -51.70 28.39 78.27
C TYR E 160 -51.86 29.83 78.76
N LYS E 161 -50.97 30.70 78.31
CA LYS E 161 -51.13 32.14 78.54
C LYS E 161 -52.14 32.73 77.56
N LEU E 162 -51.98 32.37 76.30
CA LEU E 162 -52.86 32.84 75.23
C LEU E 162 -54.29 32.35 75.46
N LEU E 163 -54.42 31.16 76.02
CA LEU E 163 -55.73 30.57 76.26
C LEU E 163 -56.14 30.64 77.72
N GLU E 164 -57.42 31.00 77.94
CA GLU E 164 -58.31 31.30 76.83
C GLU E 164 -58.35 32.80 76.57
N LEU E 165 -57.58 33.56 77.35
CA LEU E 165 -57.54 35.01 77.28
C LEU E 165 -58.95 35.61 77.28
N ASN E 218 -62.75 49.65 86.90
CA ASN E 218 -61.71 48.78 87.44
C ASN E 218 -61.44 47.57 86.55
N ASP E 219 -62.49 47.04 85.93
CA ASP E 219 -62.35 45.89 85.04
C ASP E 219 -61.57 46.25 83.78
N LEU E 220 -61.58 47.53 83.43
CA LEU E 220 -60.85 48.01 82.26
C LEU E 220 -59.35 47.91 82.49
N SER E 221 -58.93 48.03 83.74
CA SER E 221 -57.52 47.92 84.11
C SER E 221 -57.07 46.47 84.00
N LYS E 222 -57.87 45.56 84.54
CA LYS E 222 -57.56 44.14 84.48
C LYS E 222 -57.71 43.63 83.05
N ARG E 223 -58.55 44.31 82.28
CA ARG E 223 -58.75 43.98 80.88
C ARG E 223 -57.59 44.49 80.03
N LYS E 224 -57.13 45.70 80.37
CA LYS E 224 -55.99 46.29 79.67
C LYS E 224 -54.69 45.65 80.13
N GLN E 225 -54.69 45.16 81.36
CA GLN E 225 -53.52 44.48 81.92
C GLN E 225 -53.30 43.14 81.25
N ARG E 226 -54.40 42.49 80.85
CA ARG E 226 -54.33 41.19 80.20
C ARG E 226 -53.80 41.31 78.79
N LYS E 227 -54.33 42.28 78.04
CA LYS E 227 -53.96 42.48 76.64
C LYS E 227 -52.47 42.79 76.49
N LYS E 228 -51.94 43.64 77.37
CA LYS E 228 -50.51 43.91 77.37
C LYS E 228 -49.75 42.63 77.62
N GLN E 229 -50.22 41.84 78.58
CA GLN E 229 -49.69 40.51 78.84
C GLN E 229 -49.91 39.64 77.61
N ILE E 230 -51.05 39.83 76.95
CA ILE E 230 -51.34 39.13 75.71
C ILE E 230 -50.33 39.55 74.64
N HIS E 231 -50.19 40.85 74.44
CA HIS E 231 -49.20 41.38 73.52
C HIS E 231 -47.79 41.05 74.02
N GLU E 232 -47.65 40.90 75.34
CA GLU E 232 -46.38 40.50 75.93
C GLU E 232 -46.02 39.10 75.47
N TYR E 233 -47.00 38.20 75.54
CA TYR E 233 -46.82 36.83 75.08
C TYR E 233 -46.87 36.77 73.56
N GLU E 234 -47.77 37.56 72.97
CA GLU E 234 -47.85 37.68 71.52
C GLU E 234 -46.56 38.26 70.98
N GLY E 235 -46.03 39.26 71.67
CA GLY E 235 -44.75 39.85 71.31
C GLY E 235 -43.64 38.82 71.44
N VAL E 236 -43.72 38.00 72.48
CA VAL E 236 -42.78 36.90 72.66
C VAL E 236 -43.03 35.84 71.60
N LEU E 237 -44.28 35.41 71.48
CA LEU E 237 -44.67 34.40 70.49
C LEU E 237 -44.44 34.89 69.07
N GLU E 238 -44.41 36.21 68.89
CA GLU E 238 -44.17 36.77 67.56
C GLU E 238 -42.78 36.43 67.06
N GLU E 239 -41.80 36.44 67.96
CA GLU E 239 -40.44 36.07 67.60
C GLU E 239 -40.40 34.59 67.21
N TYR E 240 -40.85 33.71 68.09
CA TYR E 240 -40.81 32.30 67.74
C TYR E 240 -41.70 32.04 66.54
N TYR E 241 -41.36 31.00 65.78
CA TYR E 241 -42.07 30.65 64.54
C TYR E 241 -41.78 31.68 63.45
N SER E 242 -41.22 32.82 63.83
CA SER E 242 -40.58 33.70 62.87
C SER E 242 -39.08 33.62 63.12
N GLN E 243 -38.39 32.90 62.26
CA GLN E 243 -37.04 32.46 62.59
C GLN E 243 -36.53 31.57 61.48
N GLY E 244 -35.21 31.37 61.44
CA GLY E 244 -34.63 30.53 60.40
C GLY E 244 -35.05 29.09 60.56
N THR E 245 -35.64 28.54 59.49
CA THR E 245 -35.98 27.13 59.48
C THR E 245 -34.71 26.31 59.23
N THR E 246 -34.42 25.39 60.14
CA THR E 246 -33.21 24.58 60.05
C THR E 246 -33.45 23.15 60.54
N VAL E 247 -32.76 22.19 59.93
CA VAL E 247 -32.83 20.80 60.36
C VAL E 247 -32.08 20.64 61.68
N VAL E 248 -32.60 19.77 62.56
CA VAL E 248 -31.89 19.46 63.79
C VAL E 248 -30.86 18.38 63.53
N ASN E 249 -31.34 17.16 63.33
CA ASN E 249 -30.49 16.01 63.06
C ASN E 249 -31.16 15.07 62.06
N SER E 250 -30.38 14.18 61.46
CA SER E 250 -30.92 13.22 60.51
C SER E 250 -31.98 12.36 61.19
N ILE E 251 -33.19 12.36 60.61
CA ILE E 251 -34.34 11.71 61.23
C ILE E 251 -34.15 10.21 61.42
N SER E 252 -33.45 9.58 60.48
CA SER E 252 -33.19 8.14 60.55
C SER E 252 -32.51 7.74 61.85
N ALA E 253 -31.65 8.61 62.36
CA ALA E 253 -30.94 8.36 63.61
C ALA E 253 -31.90 8.10 64.77
N GLN E 254 -32.83 9.03 64.98
CA GLN E 254 -33.86 8.85 66.00
C GLN E 254 -34.74 7.65 65.65
N ILE E 255 -35.00 7.47 64.36
CA ILE E 255 -35.73 6.30 63.89
C ILE E 255 -34.91 5.05 64.15
N TYR E 256 -33.60 5.15 63.96
CA TYR E 256 -32.71 4.04 64.30
C TYR E 256 -32.66 3.85 65.80
N SER E 257 -32.72 4.94 66.55
CA SER E 257 -32.80 4.85 68.01
C SER E 257 -34.03 4.01 68.37
N LEU E 258 -35.14 4.30 67.70
CA LEU E 258 -36.33 3.46 67.80
C LEU E 258 -36.02 2.06 67.25
N LEU E 259 -35.28 2.03 66.14
CA LEU E 259 -34.83 0.77 65.57
C LEU E 259 -33.93 0.04 66.57
N SER E 260 -33.04 0.79 67.21
CA SER E 260 -32.21 0.26 68.28
C SER E 260 -33.06 0.02 69.53
N ALA E 261 -34.13 0.81 69.66
CA ALA E 261 -35.06 0.68 70.77
C ALA E 261 -35.72 -0.70 70.80
N ILE E 262 -36.19 -1.15 69.64
CA ILE E 262 -36.75 -2.48 69.51
C ILE E 262 -35.63 -3.51 69.55
N GLY E 263 -34.39 -3.03 69.50
CA GLY E 263 -33.24 -3.89 69.61
C GLY E 263 -32.57 -4.24 68.31
N GLU E 264 -33.27 -4.05 67.19
CA GLU E 264 -32.72 -4.37 65.87
C GLU E 264 -31.50 -3.51 65.56
N THR E 265 -30.41 -4.15 65.20
CA THR E 265 -29.31 -3.43 64.58
C THR E 265 -28.87 -4.24 63.38
N ASN E 266 -29.05 -3.66 62.19
CA ASN E 266 -28.58 -4.27 60.96
C ASN E 266 -27.46 -3.44 60.36
N LEU E 267 -26.36 -4.12 60.03
CA LEU E 267 -25.19 -3.50 59.42
C LEU E 267 -25.63 -2.64 58.24
N SER E 268 -26.60 -3.15 57.48
CA SER E 268 -27.30 -2.34 56.49
C SER E 268 -27.90 -1.12 57.17
N ASN E 269 -28.84 -1.36 58.10
CA ASN E 269 -29.56 -0.31 58.81
C ASN E 269 -28.65 0.78 59.40
N LEU E 270 -27.58 0.37 60.06
CA LEU E 270 -26.59 1.32 60.57
C LEU E 270 -25.94 2.05 59.40
N TRP E 271 -25.54 1.29 58.39
CA TRP E 271 -25.03 1.86 57.15
C TRP E 271 -26.01 2.89 56.61
N LEU E 272 -27.30 2.59 56.71
CA LEU E 272 -28.36 3.51 56.30
C LEU E 272 -28.31 4.80 57.12
N ASN E 273 -28.16 4.67 58.43
CA ASN E 273 -27.91 5.82 59.29
C ASN E 273 -26.64 6.51 58.83
N ILE E 274 -25.58 5.72 58.65
CA ILE E 274 -24.35 6.21 58.05
C ILE E 274 -24.68 6.86 56.72
N LEU E 275 -25.54 6.21 55.93
CA LEU E 275 -26.04 6.77 54.69
C LEU E 275 -26.88 8.01 54.93
N GLY E 276 -27.92 7.86 55.74
CA GLY E 276 -28.83 8.94 56.06
C GLY E 276 -28.14 10.12 56.71
N THR E 277 -27.24 9.84 57.66
CA THR E 277 -26.44 10.89 58.27
C THR E 277 -25.67 11.67 57.21
N THR E 278 -25.16 10.95 56.21
CA THR E 278 -24.37 11.56 55.14
C THR E 278 -25.16 12.57 54.31
N SER E 279 -26.49 12.41 54.29
CA SER E 279 -27.37 13.22 53.41
C SER E 279 -27.11 14.71 53.51
N LEU E 280 -27.07 15.24 54.73
CA LEU E 280 -26.87 16.67 54.93
C LEU E 280 -25.40 17.01 55.18
N ASP E 281 -24.55 15.99 55.23
CA ASP E 281 -23.13 16.17 55.56
C ASP E 281 -22.44 17.22 54.69
N ILE E 282 -22.95 17.39 53.46
CA ILE E 282 -22.46 18.45 52.59
C ILE E 282 -22.69 19.81 53.23
N ALA E 283 -23.77 19.92 54.01
CA ALA E 283 -23.97 21.13 54.81
C ALA E 283 -23.62 20.87 56.26
N TYR E 284 -22.47 21.39 56.67
CA TYR E 284 -21.94 21.27 58.03
C TYR E 284 -22.11 19.86 58.62
N ALA E 285 -22.59 19.81 59.86
CA ALA E 285 -22.92 18.56 60.53
C ALA E 285 -24.37 18.66 61.05
N GLN E 286 -24.65 19.61 61.93
CA GLN E 286 -23.64 20.30 62.73
C GLN E 286 -23.39 19.45 63.97
N VAL E 287 -24.48 18.92 64.52
CA VAL E 287 -24.43 17.94 65.58
C VAL E 287 -23.70 16.70 65.08
N TYR E 288 -23.77 16.48 63.77
CA TYR E 288 -23.20 15.29 63.15
C TYR E 288 -21.75 15.05 63.55
N ASN E 289 -21.01 16.14 63.77
CA ASN E 289 -19.62 16.05 64.22
C ASN E 289 -19.49 15.20 65.49
N ARG E 290 -20.50 15.26 66.35
CA ARG E 290 -20.57 14.38 67.51
C ARG E 290 -21.35 13.12 67.18
N LEU E 291 -21.97 13.11 65.99
CA LEU E 291 -22.79 12.00 65.56
C LEU E 291 -21.98 10.94 64.82
N TYR E 292 -20.73 11.27 64.48
CA TYR E 292 -19.80 10.27 63.99
C TYR E 292 -19.68 9.16 65.03
N PRO E 293 -19.25 9.53 66.25
CA PRO E 293 -19.04 8.57 67.34
C PRO E 293 -20.30 7.76 67.65
N LEU E 294 -21.45 8.42 67.65
CA LEU E 294 -22.73 7.72 67.82
C LEU E 294 -22.82 6.59 66.82
N LEU E 295 -22.33 6.85 65.60
CA LEU E 295 -22.17 5.81 64.59
C LEU E 295 -20.88 5.05 64.84
N GLN E 296 -19.83 5.77 65.24
CA GLN E 296 -18.54 5.17 65.56
C GLN E 296 -18.67 4.16 66.69
N ASP E 297 -19.53 4.46 67.66
CA ASP E 297 -19.84 3.52 68.72
C ASP E 297 -20.45 2.26 68.12
N GLU E 298 -21.31 2.45 67.13
CA GLU E 298 -21.99 1.35 66.46
C GLU E 298 -21.02 0.43 65.73
N VAL E 299 -20.05 1.02 65.03
CA VAL E 299 -19.00 0.25 64.38
C VAL E 299 -18.19 -0.50 65.43
N LYS E 300 -18.19 0.04 66.64
CA LYS E 300 -17.61 -0.66 67.79
C LYS E 300 -18.60 -1.66 68.35
N ARG E 301 -19.88 -1.32 68.30
CA ARG E 301 -20.95 -2.21 68.77
C ARG E 301 -21.05 -3.46 67.89
N LEU E 302 -20.49 -3.40 66.68
CA LEU E 302 -20.56 -4.52 65.75
C LEU E 302 -19.19 -4.89 65.18
N THR E 303 -18.75 -6.11 65.43
CA THR E 303 -17.52 -6.63 64.84
C THR E 303 -17.73 -8.04 64.30
N PRO E 304 -18.10 -8.14 63.00
CA PRO E 304 -18.46 -9.42 62.36
C PRO E 304 -17.46 -10.52 62.67
N SER E 305 -16.18 -10.16 62.70
CA SER E 305 -15.14 -11.07 63.21
C SER E 305 -13.91 -10.28 63.66
N SER E 306 -13.09 -10.89 64.49
CA SER E 306 -11.87 -10.25 64.97
C SER E 306 -10.87 -10.07 63.83
N ARG E 307 -10.84 -11.03 62.92
CA ARG E 307 -9.91 -10.98 61.79
C ARG E 307 -10.42 -11.82 60.62
N ASN E 308 -9.89 -11.53 59.43
CA ASN E 308 -10.18 -12.32 58.24
C ASN E 308 -9.64 -13.73 58.36
N SER E 309 -10.40 -14.73 57.94
CA SER E 309 -11.76 -14.59 57.41
C SER E 309 -11.81 -13.76 56.12
N VAL E 310 -10.82 -13.94 55.25
CA VAL E 310 -10.86 -13.35 53.92
C VAL E 310 -11.70 -14.25 53.01
N LYS E 311 -12.49 -13.63 52.13
CA LYS E 311 -12.54 -12.18 51.99
C LYS E 311 -13.28 -11.47 53.12
N THR E 312 -14.47 -11.92 53.50
CA THR E 312 -15.14 -13.07 52.88
C THR E 312 -15.88 -12.67 51.61
N PRO E 313 -16.12 -13.64 50.72
CA PRO E 313 -16.86 -13.42 49.47
C PRO E 313 -18.23 -12.77 49.74
N ASP E 314 -18.81 -13.09 50.89
CA ASP E 314 -20.07 -12.49 51.30
C ASP E 314 -19.91 -11.88 52.71
N THR E 315 -20.18 -10.59 52.82
CA THR E 315 -19.97 -9.85 54.07
C THR E 315 -18.59 -10.12 54.69
N LEU E 316 -17.52 -9.62 54.10
CA LEU E 316 -17.53 -8.61 53.04
C LEU E 316 -18.35 -7.41 53.49
N THR E 317 -17.86 -6.73 54.53
CA THR E 317 -18.62 -5.69 55.20
C THR E 317 -17.82 -4.40 55.41
N LEU E 318 -18.50 -3.34 55.81
CA LEU E 318 -17.92 -2.00 55.91
C LEU E 318 -16.82 -1.89 56.96
N ASN E 319 -15.98 -0.86 56.82
CA ASN E 319 -15.02 -0.49 57.85
C ASN E 319 -14.71 1.00 57.79
N ILE E 320 -14.17 1.54 58.88
CA ILE E 320 -13.80 2.94 58.94
C ILE E 320 -12.55 3.19 58.09
N GLN E 321 -12.50 4.35 57.43
CA GLN E 321 -11.36 4.71 56.59
C GLN E 321 -11.04 6.19 56.67
N PRO E 322 -9.83 6.56 56.26
CA PRO E 322 -9.41 7.97 56.14
C PRO E 322 -10.09 8.64 54.94
N ASP E 323 -11.36 8.97 55.09
CA ASP E 323 -12.13 9.60 54.01
C ASP E 323 -11.66 11.02 53.74
N TYR E 324 -11.97 11.50 52.54
CA TYR E 324 -11.55 12.82 52.11
C TYR E 324 -12.70 13.61 51.50
N TYR E 325 -12.65 14.93 51.61
CA TYR E 325 -13.58 15.79 50.90
C TYR E 325 -13.27 15.68 49.40
N LEU E 326 -12.15 15.04 49.09
CA LEU E 326 -11.79 14.68 47.72
C LEU E 326 -12.93 13.88 47.10
N PHE E 327 -13.23 14.18 45.84
CA PHE E 327 -14.43 13.66 45.20
C PHE E 327 -14.15 12.54 44.21
N LEU E 328 -15.03 11.54 44.20
CA LEU E 328 -14.89 10.38 43.33
C LEU E 328 -13.54 9.71 43.51
N LEU E 329 -13.14 9.56 44.78
CA LEU E 329 -11.83 9.03 45.15
C LEU E 329 -11.49 7.72 44.42
N ARG E 330 -12.23 6.66 44.73
CA ARG E 330 -12.02 5.35 44.09
C ARG E 330 -12.49 5.35 42.64
N HIS E 331 -13.48 6.20 42.36
CA HIS E 331 -14.24 6.10 41.10
C HIS E 331 -13.72 7.02 39.99
N SER E 332 -12.62 7.74 40.25
CA SER E 332 -12.08 8.66 39.26
C SER E 332 -10.56 8.80 39.35
N SER E 333 -9.95 9.33 38.29
CA SER E 333 -8.54 9.67 38.31
C SER E 333 -8.30 10.74 39.38
N LEU E 334 -7.29 10.52 40.21
CA LEU E 334 -7.02 11.42 41.33
C LEU E 334 -6.84 12.87 40.86
N TYR E 335 -6.33 13.04 39.65
CA TYR E 335 -6.13 14.37 39.06
C TYR E 335 -7.43 15.18 39.04
N ASP E 336 -8.40 14.71 38.26
CA ASP E 336 -9.70 15.37 38.20
C ASP E 336 -10.40 15.30 39.56
N SER E 337 -10.05 14.30 40.35
CA SER E 337 -10.61 14.12 41.69
C SER E 337 -10.44 15.40 42.51
N PHE E 338 -9.26 16.01 42.42
CA PHE E 338 -9.05 17.35 42.97
C PHE E 338 -9.83 18.35 42.14
N TYR E 339 -9.70 18.22 40.82
CA TYR E 339 -10.24 19.16 39.86
C TYR E 339 -11.75 19.44 40.04
N TYR E 340 -12.53 18.39 40.23
CA TYR E 340 -13.97 18.55 40.40
C TYR E 340 -14.40 18.60 41.86
N SER E 341 -13.45 18.46 42.77
CA SER E 341 -13.74 18.58 44.20
C SER E 341 -14.06 20.03 44.55
N ASN E 342 -15.21 20.25 45.19
CA ASN E 342 -15.64 21.61 45.50
C ASN E 342 -14.82 22.25 46.63
N TYR E 343 -14.59 21.48 47.69
CA TYR E 343 -13.75 21.94 48.78
C TYR E 343 -12.37 22.34 48.25
N VAL E 344 -11.89 21.57 47.28
CA VAL E 344 -10.63 21.87 46.61
C VAL E 344 -10.73 23.17 45.81
N ASN E 345 -11.93 23.48 45.33
CA ASN E 345 -12.14 24.55 44.37
C ASN E 345 -11.65 25.94 44.79
N ALA E 346 -12.34 26.56 45.74
CA ALA E 346 -12.05 27.95 46.10
C ALA E 346 -10.77 28.07 46.90
N LYS E 347 -10.55 27.10 47.79
CA LYS E 347 -9.31 27.04 48.55
C LYS E 347 -8.12 27.06 47.60
N LEU E 348 -8.21 26.30 46.53
CA LEU E 348 -7.16 26.29 45.50
C LEU E 348 -7.50 27.18 44.30
N SER E 349 -8.69 27.75 44.30
CA SER E 349 -9.16 28.58 43.18
C SER E 349 -9.03 27.83 41.85
N LEU E 350 -9.61 26.63 41.79
CA LEU E 350 -9.39 25.68 40.70
C LEU E 350 -9.71 26.19 39.30
N TRP E 351 -10.67 27.09 39.18
CA TRP E 351 -11.10 27.58 37.87
C TRP E 351 -9.98 28.29 37.12
N ASN E 352 -9.17 29.06 37.85
CA ASN E 352 -8.07 29.82 37.26
C ASN E 352 -6.88 28.93 36.91
N GLU E 353 -6.06 29.37 35.96
CA GLU E 353 -4.89 28.62 35.53
C GLU E 353 -3.75 28.76 36.55
N ASN E 354 -3.75 29.85 37.30
CA ASN E 354 -2.68 30.17 38.24
C ASN E 354 -2.51 29.10 39.32
N GLY E 355 -3.58 28.83 40.07
CA GLY E 355 -3.56 27.84 41.12
C GLY E 355 -3.62 26.42 40.60
N LYS E 356 -4.03 26.29 39.34
CA LYS E 356 -4.10 24.99 38.67
C LYS E 356 -2.77 24.25 38.81
N LYS E 357 -1.72 24.81 38.22
CA LYS E 357 -0.39 24.22 38.30
C LYS E 357 0.07 24.00 39.74
N ARG E 358 -0.41 24.84 40.65
CA ARG E 358 -0.04 24.74 42.06
C ARG E 358 -0.44 23.38 42.63
N LEU E 359 -1.57 22.85 42.17
CA LEU E 359 -1.95 21.49 42.53
C LEU E 359 -0.96 20.52 41.90
N HIS E 360 -0.65 20.75 40.63
CA HIS E 360 0.39 19.99 39.94
C HIS E 360 1.71 20.13 40.71
N LYS E 361 1.94 21.31 41.26
CA LYS E 361 3.09 21.56 42.12
C LYS E 361 3.04 20.63 43.33
N MET E 362 1.82 20.36 43.81
CA MET E 362 1.63 19.45 44.93
C MET E 362 2.02 18.04 44.52
N PHE E 363 1.71 17.67 43.28
CA PHE E 363 2.17 16.40 42.73
C PHE E 363 3.69 16.44 42.57
N ALA E 364 4.21 17.63 42.29
CA ALA E 364 5.64 17.86 42.32
C ALA E 364 6.13 17.76 43.76
N ARG E 365 5.24 18.07 44.69
CA ARG E 365 5.48 17.84 46.11
C ARG E 365 5.19 16.38 46.45
N MET E 366 4.11 15.86 45.88
CA MET E 366 3.67 14.49 46.11
C MET E 366 4.55 13.49 45.37
N GLY E 367 5.37 14.00 44.45
CA GLY E 367 6.20 13.15 43.62
C GLY E 367 5.34 12.31 42.70
N ILE E 368 4.18 12.86 42.33
CA ILE E 368 3.21 12.16 41.52
C ILE E 368 3.36 12.46 40.04
N PRO E 369 3.47 11.40 39.21
CA PRO E 369 3.45 11.57 37.76
C PRO E 369 2.12 12.17 37.32
N LEU E 370 2.16 13.17 36.46
CA LEU E 370 0.92 13.82 35.98
C LEU E 370 -0.02 12.79 35.35
N SER E 371 0.56 11.88 34.56
CA SER E 371 -0.21 10.80 33.96
C SER E 371 -0.76 9.86 35.03
N THR E 372 -0.02 9.71 36.12
CA THR E 372 -0.46 8.89 37.26
C THR E 372 -1.70 9.49 37.90
N ALA E 373 -1.77 10.81 37.92
CA ALA E 373 -2.98 11.50 38.36
C ALA E 373 -4.10 11.25 37.37
N GLN E 374 -3.73 11.13 36.10
CA GLN E 374 -4.68 10.77 35.05
C GLN E 374 -5.13 9.33 35.19
N GLU E 375 -4.32 8.54 35.89
CA GLU E 375 -4.57 7.11 36.05
C GLU E 375 -5.78 6.83 36.92
N THR E 376 -6.35 5.65 36.76
CA THR E 376 -7.48 5.20 37.58
C THR E 376 -7.06 4.93 39.01
N TRP E 377 -7.91 5.28 39.96
CA TRP E 377 -7.64 5.03 41.37
C TRP E 377 -7.47 3.54 41.64
N LEU E 378 -8.11 2.72 40.81
CA LEU E 378 -8.02 1.27 40.93
C LEU E 378 -6.57 0.81 40.87
N TYR E 379 -5.82 1.36 39.91
CA TYR E 379 -4.50 0.83 39.57
C TYR E 379 -3.32 1.58 40.18
N MET E 380 -3.60 2.55 41.03
CA MET E 380 -2.54 3.27 41.75
C MET E 380 -1.62 2.26 42.43
N ASP E 381 -0.31 2.50 42.35
CA ASP E 381 0.66 1.61 42.97
C ASP E 381 0.38 1.47 44.47
N HIS E 382 0.61 0.28 45.01
CA HIS E 382 0.41 0.03 46.44
C HIS E 382 1.27 1.00 47.24
N SER E 383 2.43 1.33 46.66
CA SER E 383 3.25 2.41 47.18
C SER E 383 2.49 3.72 47.11
N ILE E 384 1.95 4.03 45.93
CA ILE E 384 1.10 5.19 45.74
C ILE E 384 -0.10 5.15 46.68
N LYS E 385 -0.51 3.94 47.05
CA LYS E 385 -1.63 3.74 47.95
C LYS E 385 -1.27 4.03 49.41
N ARG E 386 -0.40 3.18 49.96
CA ARG E 386 0.01 3.28 51.36
C ARG E 386 0.63 4.64 51.69
N GLU E 387 1.36 5.20 50.74
CA GLU E 387 2.04 6.47 50.95
C GLU E 387 1.16 7.66 50.62
N LEU E 388 -0.01 7.38 50.07
CA LEU E 388 -0.92 8.43 49.58
C LEU E 388 -1.25 9.45 50.66
N GLY E 389 -1.82 8.97 51.76
CA GLY E 389 -2.19 9.82 52.87
C GLY E 389 -0.97 10.40 53.57
N ILE E 390 0.11 9.63 53.60
CA ILE E 390 1.38 10.11 54.14
C ILE E 390 1.89 11.24 53.26
N ILE E 391 1.78 11.05 51.95
CA ILE E 391 2.03 12.11 51.00
C ILE E 391 1.11 13.29 51.33
N PHE E 392 -0.14 12.99 51.66
CA PHE E 392 -1.08 13.99 52.13
C PHE E 392 -0.58 14.58 53.45
N ASP E 393 -0.07 13.71 54.31
CA ASP E 393 0.49 14.11 55.60
C ASP E 393 1.68 15.06 55.43
N LYS E 394 2.43 14.87 54.35
CA LYS E 394 3.62 15.68 54.10
C LYS E 394 3.36 16.87 53.17
N ASN E 395 2.15 16.97 52.63
CA ASN E 395 1.86 17.98 51.62
C ASN E 395 0.63 18.85 51.90
N LEU E 396 -0.54 18.22 51.89
CA LEU E 396 -1.82 18.92 51.86
C LEU E 396 -1.99 20.02 52.91
N ASP E 397 -1.36 19.84 54.07
CA ASP E 397 -1.49 20.81 55.16
C ASP E 397 -0.93 22.19 54.77
N ARG E 398 0.10 22.20 53.95
CA ARG E 398 0.71 23.44 53.48
C ARG E 398 -0.31 24.37 52.81
N TYR E 399 -1.28 23.76 52.15
CA TYR E 399 -2.27 24.51 51.38
C TYR E 399 -3.58 24.72 52.14
N GLY E 400 -3.61 24.28 53.39
CA GLY E 400 -4.81 24.39 54.20
C GLY E 400 -5.77 23.27 53.82
N LEU E 401 -5.25 22.31 53.06
CA LEU E 401 -6.01 21.16 52.63
C LEU E 401 -6.01 20.13 53.75
N GLN E 402 -5.41 20.48 54.88
CA GLN E 402 -5.31 19.56 55.99
C GLN E 402 -6.67 19.11 56.51
N ASP E 403 -7.70 19.94 56.39
CA ASP E 403 -9.00 19.38 56.71
C ASP E 403 -9.58 18.88 55.41
N ILE E 404 -9.36 17.58 55.21
CA ILE E 404 -9.90 16.80 54.13
C ILE E 404 -10.25 15.47 54.75
N ILE E 405 -9.19 14.84 55.26
CA ILE E 405 -9.26 13.51 55.83
C ILE E 405 -10.33 13.43 56.91
N ARG E 406 -11.23 12.48 56.70
CA ARG E 406 -12.34 12.23 57.59
C ARG E 406 -12.38 10.74 57.88
N ASP E 407 -12.81 10.39 59.09
CA ASP E 407 -12.79 9.00 59.52
C ASP E 407 -14.12 8.33 59.24
N GLY E 408 -14.99 9.04 58.52
CA GLY E 408 -16.30 8.55 58.14
C GLY E 408 -16.20 7.17 57.52
N PHE E 409 -17.23 6.37 57.76
CA PHE E 409 -17.21 4.94 57.49
C PHE E 409 -17.36 4.60 56.01
N VAL E 410 -16.85 3.43 55.62
CA VAL E 410 -16.86 3.00 54.23
C VAL E 410 -17.30 1.55 54.09
N ARG E 411 -18.33 1.31 53.28
CA ARG E 411 -18.78 -0.04 52.98
C ARG E 411 -17.75 -0.76 52.13
N THR E 412 -17.54 -2.05 52.42
CA THR E 412 -16.63 -2.85 51.62
C THR E 412 -17.38 -4.00 50.97
N LEU E 413 -17.51 -3.96 49.65
CA LEU E 413 -18.15 -5.06 48.93
C LEU E 413 -17.11 -6.01 48.34
N GLY E 414 -15.83 -5.77 48.63
CA GLY E 414 -14.82 -6.71 48.18
C GLY E 414 -14.84 -6.80 46.67
N TYR E 415 -15.19 -7.98 46.19
CA TYR E 415 -15.24 -8.28 44.77
C TYR E 415 -15.93 -7.18 43.97
N ARG E 416 -16.92 -6.53 44.58
CA ARG E 416 -17.57 -5.39 43.94
C ARG E 416 -17.01 -4.06 44.43
N GLY E 417 -16.07 -4.13 45.39
CA GLY E 417 -15.33 -2.95 45.82
C GLY E 417 -15.89 -2.18 47.01
N SER E 418 -15.00 -1.51 47.74
CA SER E 418 -15.39 -0.62 48.83
C SER E 418 -15.84 0.72 48.29
N ILE E 419 -16.71 1.40 49.03
CA ILE E 419 -17.17 2.73 48.63
C ILE E 419 -17.39 3.66 49.81
N SER E 420 -17.00 4.93 49.66
CA SER E 420 -17.32 5.95 50.64
C SER E 420 -18.79 6.31 50.56
N ALA E 421 -19.46 6.32 51.71
CA ALA E 421 -20.88 6.69 51.76
C ALA E 421 -21.07 8.08 51.18
N SER E 422 -20.12 8.96 51.48
CA SER E 422 -20.07 10.29 50.86
C SER E 422 -20.08 10.14 49.35
N GLU E 423 -19.22 9.28 48.84
CA GLU E 423 -19.20 8.94 47.42
C GLU E 423 -20.45 8.15 47.04
N PHE E 424 -20.87 7.26 47.94
CA PHE E 424 -22.10 6.51 47.76
C PHE E 424 -23.30 7.45 47.63
N VAL E 425 -23.26 8.54 48.38
CA VAL E 425 -24.33 9.54 48.36
C VAL E 425 -24.42 10.26 47.01
N GLU E 426 -23.30 10.82 46.57
CA GLU E 426 -23.26 11.65 45.36
C GLU E 426 -23.81 10.95 44.13
N ALA E 427 -23.57 9.64 44.01
CA ALA E 427 -24.15 8.84 42.94
C ALA E 427 -25.67 8.87 43.05
N LEU E 428 -26.17 8.69 44.28
CA LEU E 428 -27.59 8.80 44.56
C LEU E 428 -28.11 10.20 44.26
N THR E 429 -27.25 11.20 44.44
CA THR E 429 -27.61 12.59 44.17
C THR E 429 -27.78 12.81 42.68
N ALA E 430 -27.02 12.07 41.88
CA ALA E 430 -27.10 12.17 40.42
C ALA E 430 -28.43 11.62 39.92
N LEU E 431 -28.97 10.65 40.63
CA LEU E 431 -30.27 10.06 40.31
C LEU E 431 -31.38 11.10 40.37
N LEU E 432 -31.20 12.12 41.20
CA LEU E 432 -32.24 13.10 41.48
C LEU E 432 -32.60 13.96 40.27
N GLU E 433 -31.60 14.45 39.55
CA GLU E 433 -31.83 15.32 38.38
C GLU E 433 -31.83 14.60 37.04
N VAL E 434 -31.50 13.31 37.03
CA VAL E 434 -31.34 12.61 35.75
C VAL E 434 -31.41 11.08 35.90
N GLY E 435 -31.28 10.37 34.77
CA GLY E 435 -31.47 8.93 34.74
C GLY E 435 -32.91 8.61 34.42
N ASN E 436 -33.68 9.65 34.14
CA ASN E 436 -35.10 9.54 33.83
C ASN E 436 -35.36 8.57 32.67
N SER E 462 -49.42 23.73 29.15
CA SER E 462 -48.98 24.95 29.81
C SER E 462 -48.42 24.66 31.20
N ALA E 463 -49.20 24.95 32.23
CA ALA E 463 -48.80 24.72 33.61
C ALA E 463 -48.63 23.23 33.89
N GLN E 464 -49.22 22.40 33.03
CA GLN E 464 -49.16 20.96 33.19
C GLN E 464 -47.73 20.43 33.01
N LYS E 465 -46.91 21.20 32.31
CA LYS E 465 -45.55 20.78 32.00
C LYS E 465 -44.68 20.63 33.25
N LEU E 466 -44.81 21.56 34.19
CA LEU E 466 -44.04 21.52 35.42
C LEU E 466 -44.46 20.31 36.26
N THR E 467 -45.77 20.11 36.38
CA THR E 467 -46.28 18.93 37.07
C THR E 467 -45.83 17.68 36.34
N ASN E 468 -45.74 17.78 35.02
CA ASN E 468 -45.25 16.69 34.18
C ASN E 468 -43.75 16.46 34.42
N LEU E 469 -43.00 17.55 34.56
CA LEU E 469 -41.56 17.47 34.79
C LEU E 469 -41.26 17.13 36.24
N ARG E 470 -41.97 17.75 37.18
CA ARG E 470 -41.85 17.42 38.59
C ARG E 470 -42.17 15.94 38.79
N LYS E 471 -43.17 15.47 38.04
CA LYS E 471 -43.53 14.06 38.04
C LYS E 471 -42.38 13.22 37.53
N ARG E 472 -41.65 13.74 36.53
CA ARG E 472 -40.48 13.06 36.01
C ARG E 472 -39.42 12.93 37.09
N TRP E 473 -39.26 13.97 37.89
CA TRP E 473 -38.39 13.92 39.06
C TRP E 473 -38.87 12.83 40.00
N VAL E 474 -40.20 12.69 40.09
CA VAL E 474 -40.80 11.59 40.84
C VAL E 474 -40.71 10.30 40.03
N SER E 475 -40.86 10.43 38.71
CA SER E 475 -40.65 9.32 37.79
C SER E 475 -39.20 8.85 37.92
N ASN E 476 -38.29 9.82 37.98
CA ASN E 476 -36.88 9.54 38.17
C ASN E 476 -36.57 9.18 39.62
N PHE E 477 -37.51 9.48 40.51
CA PHE E 477 -37.32 9.26 41.95
C PHE E 477 -37.08 7.80 42.32
N TRP E 478 -38.02 6.94 41.92
CA TRP E 478 -37.98 5.54 42.32
C TRP E 478 -36.75 4.81 41.77
N LEU E 479 -36.35 5.20 40.57
CA LEU E 479 -35.10 4.70 39.98
C LEU E 479 -33.95 5.00 40.94
N SER E 480 -34.06 6.14 41.63
CA SER E 480 -33.11 6.49 42.69
C SER E 480 -33.39 5.63 43.92
N TRP E 481 -34.66 5.40 44.21
CA TRP E 481 -35.04 4.50 45.28
C TRP E 481 -34.56 3.08 44.94
N ASP E 482 -34.57 2.77 43.66
CA ASP E 482 -34.04 1.50 43.18
C ASP E 482 -32.55 1.42 43.47
N ALA E 483 -31.88 2.57 43.38
CA ALA E 483 -30.46 2.66 43.69
C ALA E 483 -30.20 2.38 45.17
N LEU E 484 -31.26 2.44 45.98
CA LEU E 484 -31.16 2.09 47.40
C LEU E 484 -30.94 0.59 47.58
N ASP E 485 -31.37 -0.19 46.60
CA ASP E 485 -31.27 -1.64 46.67
C ASP E 485 -29.81 -2.10 46.59
N ASP E 486 -29.48 -3.13 47.37
CA ASP E 486 -28.11 -3.59 47.53
C ASP E 486 -27.58 -4.47 46.39
N ARG E 487 -28.41 -5.41 45.92
CA ARG E 487 -28.00 -6.36 44.90
C ARG E 487 -27.86 -5.72 43.53
N LYS E 488 -28.41 -4.51 43.40
CA LYS E 488 -28.63 -3.90 42.11
C LYS E 488 -27.50 -2.97 41.66
N VAL E 489 -26.38 -3.01 42.38
CA VAL E 489 -25.30 -2.03 42.32
C VAL E 489 -24.95 -1.56 40.91
N GLU E 490 -24.99 -2.48 39.95
CA GLU E 490 -24.66 -2.18 38.56
C GLU E 490 -25.35 -0.92 38.04
N LEU E 491 -26.64 -0.78 38.33
CA LEU E 491 -27.40 0.40 37.92
C LEU E 491 -26.84 1.68 38.52
N LEU E 492 -26.33 1.57 39.74
CA LEU E 492 -25.75 2.69 40.46
C LEU E 492 -24.63 3.34 39.65
N ASN E 493 -23.89 2.52 38.91
CA ASN E 493 -22.74 2.98 38.13
C ASN E 493 -23.10 4.05 37.11
N ARG E 494 -24.35 4.04 36.64
CA ARG E 494 -24.82 5.09 35.75
C ARG E 494 -24.72 6.43 36.47
N GLY E 495 -25.39 6.52 37.62
CA GLY E 495 -25.26 7.69 38.48
C GLY E 495 -23.82 7.87 38.92
N ILE E 496 -23.12 6.75 39.13
CA ILE E 496 -21.70 6.79 39.44
C ILE E 496 -20.93 7.53 38.34
N GLN E 497 -21.28 7.22 37.10
CA GLN E 497 -20.71 7.91 35.93
C GLN E 497 -21.37 9.26 35.69
N LEU E 498 -22.70 9.30 35.77
CA LEU E 498 -23.46 10.51 35.48
C LEU E 498 -23.11 11.65 36.42
N ALA E 499 -22.83 11.30 37.68
CA ALA E 499 -22.35 12.28 38.66
C ALA E 499 -21.11 12.98 38.13
N GLN E 500 -20.22 12.20 37.53
CA GLN E 500 -19.02 12.74 36.89
C GLN E 500 -19.40 13.67 35.74
N ASP E 501 -20.51 13.34 35.07
CA ASP E 501 -21.02 14.19 33.99
C ASP E 501 -21.57 15.50 34.53
N LEU E 502 -22.18 15.44 35.72
CA LEU E 502 -22.76 16.62 36.35
C LEU E 502 -21.74 17.73 36.55
N GLN E 503 -20.80 17.51 37.47
CA GLN E 503 -19.80 18.51 37.83
C GLN E 503 -19.02 19.02 36.62
N ARG E 504 -18.88 18.18 35.61
CA ARG E 504 -18.17 18.55 34.39
C ARG E 504 -18.81 19.78 33.76
N ALA E 505 -20.14 19.78 33.72
CA ALA E 505 -20.89 20.97 33.36
C ALA E 505 -21.02 21.92 34.55
N ILE E 506 -21.17 21.35 35.74
CA ILE E 506 -21.24 22.12 36.98
C ILE E 506 -20.01 22.99 37.15
N PHE E 507 -18.86 22.34 37.28
CA PHE E 507 -17.57 23.03 37.31
C PHE E 507 -17.39 23.89 36.07
N ASN E 508 -18.10 23.53 34.99
CA ASN E 508 -18.02 24.24 33.73
C ASN E 508 -18.77 25.57 33.74
N THR E 509 -20.09 25.48 33.86
CA THR E 509 -20.97 26.65 33.80
C THR E 509 -20.63 27.72 34.82
N GLY E 510 -20.43 27.29 36.08
CA GLY E 510 -20.13 28.21 37.16
C GLY E 510 -18.91 29.07 36.90
N VAL E 511 -17.81 28.46 36.48
CA VAL E 511 -16.57 29.17 36.19
C VAL E 511 -16.76 30.15 35.02
N ALA E 512 -17.57 29.73 34.05
CA ALA E 512 -17.95 30.62 32.96
C ALA E 512 -18.58 31.88 33.52
N ILE E 513 -19.44 31.70 34.52
CA ILE E 513 -20.07 32.81 35.22
C ILE E 513 -19.02 33.68 35.92
N LEU E 514 -17.95 33.03 36.39
CA LEU E 514 -16.89 33.72 37.12
C LEU E 514 -16.19 34.77 36.29
N GLU E 515 -16.04 34.51 34.99
CA GLU E 515 -15.39 35.44 34.08
C GLU E 515 -16.17 36.75 33.97
N LYS E 516 -17.49 36.64 33.93
CA LYS E 516 -18.35 37.80 33.76
C LYS E 516 -18.49 38.62 35.04
N LYS E 517 -18.13 38.03 36.17
CA LYS E 517 -18.25 38.68 37.47
C LYS E 517 -19.69 39.11 37.72
N LEU E 518 -20.60 38.15 37.62
CA LEU E 518 -22.04 38.42 37.65
C LEU E 518 -22.59 38.61 39.06
N ILE E 519 -21.77 38.37 40.07
CA ILE E 519 -22.20 38.57 41.45
C ILE E 519 -22.58 40.02 41.70
N LYS E 520 -23.71 40.22 42.37
CA LYS E 520 -24.06 41.56 42.83
C LYS E 520 -23.68 41.67 44.30
N HIS E 521 -22.64 42.44 44.57
CA HIS E 521 -22.14 42.58 45.94
C HIS E 521 -23.18 43.27 46.80
N LEU E 522 -23.90 44.22 46.21
CA LEU E 522 -24.90 45.00 46.93
C LEU E 522 -24.25 45.61 48.17
N ARG E 523 -24.97 45.57 49.28
CA ARG E 523 -24.41 45.96 50.56
C ARG E 523 -24.73 44.89 51.61
N ILE E 524 -26.01 44.75 51.92
CA ILE E 524 -26.49 43.80 52.92
C ILE E 524 -26.01 42.36 52.71
N TYR E 525 -25.94 41.94 51.46
CA TYR E 525 -25.63 40.54 51.15
C TYR E 525 -25.04 40.37 49.76
N ARG E 526 -24.33 39.28 49.53
CA ARG E 526 -23.88 38.91 48.19
C ARG E 526 -25.07 38.42 47.39
N LEU E 527 -25.14 38.81 46.13
CA LEU E 527 -26.30 38.49 45.29
C LEU E 527 -25.89 38.07 43.88
N CYS E 528 -26.60 37.10 43.32
CA CYS E 528 -26.33 36.61 41.97
C CYS E 528 -27.60 36.18 41.26
N VAL E 529 -27.53 36.08 39.94
CA VAL E 529 -28.62 35.53 39.14
C VAL E 529 -28.07 34.92 37.86
N LEU E 530 -28.70 33.84 37.39
CA LEU E 530 -28.37 33.29 36.09
C LEU E 530 -29.50 33.60 35.12
N GLN E 531 -29.24 34.53 34.21
CA GLN E 531 -30.21 34.90 33.19
C GLN E 531 -30.15 33.96 31.99
N ASP E 532 -29.02 33.28 31.83
CA ASP E 532 -28.77 32.48 30.64
C ASP E 532 -27.77 31.36 30.88
N GLY E 533 -27.88 30.31 30.08
CA GLY E 533 -26.92 29.23 30.06
C GLY E 533 -27.43 28.06 29.24
N PRO E 534 -26.52 27.16 28.84
CA PRO E 534 -26.97 25.92 28.21
C PRO E 534 -27.47 24.92 29.25
N ASP E 535 -28.50 24.16 28.88
CA ASP E 535 -29.03 23.10 29.74
C ASP E 535 -29.47 23.59 31.11
N LEU E 536 -30.29 24.64 31.14
CA LEU E 536 -30.88 25.11 32.38
C LEU E 536 -31.95 24.12 32.85
N ASP E 537 -32.38 23.26 31.94
CA ASP E 537 -33.29 22.17 32.29
C ASP E 537 -32.65 21.27 33.33
N LEU E 538 -31.37 20.98 33.13
CA LEU E 538 -30.57 20.26 34.11
C LEU E 538 -30.44 21.12 35.37
N TYR E 539 -30.48 22.44 35.16
CA TYR E 539 -30.40 23.39 36.27
C TYR E 539 -31.76 23.58 36.94
N ARG E 540 -32.80 23.02 36.33
CA ARG E 540 -34.15 23.12 36.88
C ARG E 540 -34.24 22.43 38.23
N ASN E 541 -33.52 21.33 38.38
CA ASN E 541 -33.41 20.66 39.67
C ASN E 541 -32.78 21.60 40.68
N PRO E 542 -33.44 21.81 41.83
CA PRO E 542 -32.95 22.69 42.88
C PRO E 542 -31.52 22.32 43.30
N LEU E 543 -31.28 21.03 43.44
CA LEU E 543 -29.97 20.51 43.81
C LEU E 543 -28.90 20.85 42.79
N THR E 544 -29.29 21.05 41.53
CA THR E 544 -28.35 21.37 40.47
C THR E 544 -27.60 22.65 40.79
N LEU E 545 -28.35 23.73 41.01
CA LEU E 545 -27.75 25.00 41.43
C LEU E 545 -27.43 24.95 42.91
N LEU E 546 -28.10 24.07 43.65
CA LEU E 546 -27.84 23.90 45.07
C LEU E 546 -26.41 23.43 45.30
N ARG E 547 -26.06 22.29 44.70
CA ARG E 547 -24.68 21.83 44.67
C ARG E 547 -23.82 22.88 44.00
N LEU E 548 -24.41 23.56 43.02
CA LEU E 548 -23.74 24.64 42.29
C LEU E 548 -23.47 25.83 43.20
N GLY E 549 -24.53 26.35 43.81
CA GLY E 549 -24.43 27.50 44.71
C GLY E 549 -23.45 27.25 45.84
N ASN E 550 -23.59 26.10 46.49
CA ASN E 550 -22.64 25.67 47.50
C ASN E 550 -21.23 25.60 46.90
N TRP E 551 -21.16 25.17 45.65
CA TRP E 551 -19.91 25.17 44.90
C TRP E 551 -19.51 26.60 44.57
N LEU E 552 -20.50 27.48 44.52
CA LEU E 552 -20.27 28.90 44.23
C LEU E 552 -19.95 29.68 45.51
N ILE E 553 -20.91 29.70 46.43
CA ILE E 553 -20.80 30.48 47.67
C ILE E 553 -19.47 30.27 48.40
N GLU E 554 -19.01 29.02 48.46
CA GLU E 554 -17.70 28.73 49.04
C GLU E 554 -16.60 29.14 48.07
N CYS E 555 -16.92 29.11 46.77
CA CYS E 555 -15.98 29.55 45.74
C CYS E 555 -15.82 31.07 45.74
N CYS E 556 -16.94 31.77 45.70
CA CYS E 556 -16.91 33.23 45.70
C CYS E 556 -16.31 33.77 47.00
N ALA E 557 -16.57 33.06 48.09
CA ALA E 557 -16.01 33.43 49.39
C ALA E 557 -15.45 32.21 50.11
N GLU E 558 -14.14 32.23 50.36
CA GLU E 558 -13.47 31.16 51.10
C GLU E 558 -13.87 31.10 52.58
N SER E 559 -13.92 32.25 53.27
CA SER E 559 -13.61 33.58 52.75
C SER E 559 -12.11 33.80 52.67
N GLU E 560 -11.62 34.68 51.78
CA GLU E 560 -12.37 35.68 51.01
C GLU E 560 -13.05 36.73 51.87
N ASP E 561 -12.24 37.53 52.56
CA ASP E 561 -12.76 38.58 53.42
C ASP E 561 -13.58 39.62 52.64
N LYS E 562 -14.60 40.14 53.30
CA LYS E 562 -14.89 39.79 54.68
C LYS E 562 -16.31 39.27 54.83
N GLN E 563 -16.60 38.62 55.96
CA GLN E 563 -17.97 38.32 56.35
C GLN E 563 -18.77 37.41 55.41
N LEU E 564 -18.56 36.10 55.53
CA LEU E 564 -19.31 35.12 54.74
C LEU E 564 -20.78 35.49 54.75
N LEU E 565 -21.38 35.47 53.57
CA LEU E 565 -22.74 35.96 53.40
C LEU E 565 -23.60 34.98 52.62
N PRO E 566 -24.92 35.08 52.80
CA PRO E 566 -25.91 34.31 52.03
C PRO E 566 -25.89 34.73 50.57
N MET E 567 -26.11 33.79 49.66
CA MET E 567 -26.03 34.06 48.23
C MET E 567 -27.39 34.13 47.56
N VAL E 568 -27.49 34.98 46.54
CA VAL E 568 -28.70 35.08 45.74
C VAL E 568 -28.49 34.33 44.42
N LEU E 569 -29.50 33.60 43.98
CA LEU E 569 -29.41 32.86 42.72
C LEU E 569 -30.76 32.68 42.05
N ALA E 570 -30.74 32.69 40.72
CA ALA E 570 -31.91 32.40 39.92
C ALA E 570 -31.49 31.89 38.54
N SER E 571 -32.39 31.18 37.87
CA SER E 571 -32.11 30.68 36.53
C SER E 571 -33.40 30.44 35.75
N ILE E 572 -33.31 30.45 34.42
CA ILE E 572 -34.46 30.24 33.57
C ILE E 572 -34.12 29.61 32.22
N ASP E 573 -35.01 28.76 31.72
CA ASP E 573 -34.87 28.20 30.38
C ASP E 573 -36.17 28.40 29.59
N GLU E 574 -37.23 27.75 30.08
CA GLU E 574 -38.52 27.68 29.41
C GLU E 574 -39.65 27.84 30.42
N ASN E 575 -40.88 27.60 29.95
CA ASN E 575 -42.06 27.68 30.81
C ASN E 575 -42.34 29.09 31.31
N THR E 576 -42.01 30.07 30.46
CA THR E 576 -42.36 31.48 30.69
C THR E 576 -41.83 32.04 31.99
N ASP E 577 -40.50 32.19 32.08
CA ASP E 577 -39.86 32.86 33.20
C ASP E 577 -40.20 32.23 34.56
N THR E 578 -40.00 30.92 34.68
CA THR E 578 -40.25 30.24 35.94
C THR E 578 -39.26 30.71 37.01
N TYR E 579 -38.01 30.87 36.60
CA TYR E 579 -36.92 31.39 37.44
C TYR E 579 -36.93 30.83 38.87
N LEU E 580 -36.61 29.54 38.97
CA LEU E 580 -36.47 28.88 40.26
C LEU E 580 -35.43 29.63 41.12
N VAL E 581 -35.82 30.01 42.33
CA VAL E 581 -34.91 30.73 43.20
C VAL E 581 -34.72 29.96 44.51
N ALA E 582 -33.50 29.48 44.72
CA ALA E 582 -33.16 28.70 45.90
C ALA E 582 -32.31 29.50 46.88
N GLY E 583 -32.64 29.39 48.16
CA GLY E 583 -31.92 30.10 49.20
C GLY E 583 -30.49 29.64 49.33
N LEU E 584 -29.62 30.51 49.85
CA LEU E 584 -28.21 30.18 50.02
C LEU E 584 -27.66 30.80 51.31
N THR E 585 -26.82 30.06 52.01
CA THR E 585 -26.24 30.55 53.27
C THR E 585 -24.73 30.36 53.29
N PRO E 586 -24.02 31.32 53.92
CA PRO E 586 -22.55 31.34 53.98
C PRO E 586 -21.97 30.12 54.69
N ARG E 587 -20.82 29.66 54.22
CA ARG E 587 -20.15 28.50 54.80
C ARG E 587 -18.87 28.91 55.52
N TYR E 588 -18.75 28.51 56.78
CA TYR E 588 -17.54 28.76 57.54
C TYR E 588 -16.44 27.78 57.12
N PRO E 589 -15.19 28.25 57.11
CA PRO E 589 -14.04 27.40 56.77
C PRO E 589 -13.60 26.52 57.93
N ARG E 590 -14.51 25.69 58.42
CA ARG E 590 -14.22 24.77 59.53
C ARG E 590 -13.89 25.53 60.81
N GLY E 591 -14.61 26.63 61.04
CA GLY E 591 -14.38 27.44 62.23
C GLY E 591 -15.59 28.27 62.61
N THR E 597 -18.40 26.56 62.23
CA THR E 597 -19.76 26.98 62.54
C THR E 597 -19.91 27.29 64.02
N LYS E 598 -19.47 28.48 64.42
CA LYS E 598 -19.58 28.92 65.80
C LYS E 598 -21.03 29.13 66.18
N LYS E 599 -21.83 29.55 65.21
CA LYS E 599 -23.24 29.85 65.45
C LYS E 599 -24.13 29.16 64.42
N PRO E 600 -25.37 28.85 64.81
CA PRO E 600 -26.35 28.30 63.87
C PRO E 600 -26.69 29.30 62.75
N ILE E 601 -26.97 30.55 63.12
CA ILE E 601 -27.19 31.67 62.19
C ILE E 601 -28.42 31.47 61.28
N LEU E 602 -28.93 30.25 61.25
CA LEU E 602 -30.19 29.85 60.60
C LEU E 602 -30.41 30.42 59.20
N ASN E 603 -31.63 30.93 58.99
CA ASN E 603 -32.05 31.47 57.71
C ASN E 603 -32.89 32.73 57.91
N ASN E 604 -32.87 33.60 56.92
CA ASN E 604 -33.54 34.88 57.02
C ASN E 604 -34.47 35.09 55.82
N PHE E 605 -33.87 35.14 54.64
CA PHE E 605 -34.58 35.39 53.39
C PHE E 605 -35.81 34.49 53.21
N SER E 606 -35.72 33.26 53.69
CA SER E 606 -36.87 32.35 53.62
C SER E 606 -38.08 33.00 54.28
N MET E 607 -37.83 33.67 55.41
CA MET E 607 -38.83 34.52 56.04
C MET E 607 -39.09 35.73 55.16
N ALA E 608 -38.02 36.27 54.59
CA ALA E 608 -38.10 37.43 53.70
C ALA E 608 -38.82 37.08 52.40
N PHE E 609 -38.57 35.88 51.88
CA PHE E 609 -39.32 35.37 50.74
C PHE E 609 -40.80 35.30 51.11
N GLN E 610 -41.07 35.00 52.38
CA GLN E 610 -42.43 35.02 52.90
C GLN E 610 -42.93 36.46 53.03
N GLN E 611 -41.99 37.37 53.24
CA GLN E 611 -42.32 38.79 53.36
C GLN E 611 -42.90 39.31 52.06
N ILE E 612 -42.31 38.90 50.94
CA ILE E 612 -42.80 39.29 49.62
C ILE E 612 -44.00 38.45 49.19
N THR E 613 -44.05 37.18 49.62
CA THR E 613 -45.20 36.35 49.32
C THR E 613 -46.41 36.82 50.12
N ALA E 614 -46.14 37.45 51.27
CA ALA E 614 -47.18 38.13 52.03
C ALA E 614 -47.36 39.53 51.46
N GLU E 615 -46.39 39.93 50.65
CA GLU E 615 -46.43 41.18 49.89
C GLU E 615 -47.27 40.94 48.63
N THR E 616 -47.15 41.86 47.68
CA THR E 616 -47.90 41.81 46.43
C THR E 616 -47.83 40.45 45.76
N ASP E 617 -46.77 39.71 46.09
CA ASP E 617 -46.56 38.29 45.75
C ASP E 617 -46.95 37.93 44.31
N ALA E 618 -46.63 38.82 43.37
CA ALA E 618 -46.95 38.57 41.98
C ALA E 618 -45.94 37.62 41.33
N LYS E 619 -46.45 36.51 40.82
CA LYS E 619 -45.65 35.54 40.08
C LYS E 619 -44.67 34.76 40.97
N VAL E 620 -44.50 35.21 42.22
CA VAL E 620 -43.70 34.45 43.17
C VAL E 620 -44.46 33.21 43.59
N ARG E 621 -43.75 32.09 43.74
CA ARG E 621 -44.43 30.84 44.07
C ARG E 621 -43.75 30.10 45.22
N ILE E 622 -44.53 29.81 46.24
CA ILE E 622 -44.10 29.04 47.40
C ILE E 622 -44.35 27.57 47.09
N ASP E 623 -44.73 27.31 45.83
CA ASP E 623 -45.05 25.97 45.37
C ASP E 623 -43.95 24.97 45.74
N ASN E 624 -42.73 25.47 45.91
CA ASN E 624 -41.64 24.65 46.41
C ASN E 624 -41.90 24.19 47.85
N PHE E 625 -41.78 22.88 48.07
CA PHE E 625 -41.85 22.31 49.41
C PHE E 625 -40.78 22.95 50.29
N GLU E 626 -39.62 23.19 49.69
CA GLU E 626 -38.48 23.77 50.37
C GLU E 626 -38.63 25.28 50.49
N SER E 627 -38.53 25.78 51.72
CA SER E 627 -38.69 27.21 51.98
C SER E 627 -37.60 28.03 51.29
N SER E 628 -36.40 27.45 51.19
CA SER E 628 -35.26 28.16 50.61
C SER E 628 -35.45 28.39 49.12
N ILE E 629 -36.27 27.57 48.48
CA ILE E 629 -36.46 27.64 47.03
C ILE E 629 -37.82 28.23 46.64
N ILE E 630 -37.82 29.08 45.62
CA ILE E 630 -39.04 29.75 45.17
C ILE E 630 -39.06 29.97 43.66
N GLU E 631 -40.25 29.89 43.08
CA GLU E 631 -40.44 30.19 41.65
C GLU E 631 -40.83 31.65 41.48
N ILE E 632 -40.28 32.30 40.45
CA ILE E 632 -40.58 33.71 40.21
C ILE E 632 -40.48 34.07 38.73
N ARG E 633 -41.33 34.98 38.27
CA ARG E 633 -41.19 35.50 36.92
C ARG E 633 -40.08 36.53 36.91
N ARG E 634 -39.30 36.56 35.82
CA ARG E 634 -38.30 37.60 35.64
C ARG E 634 -39.00 38.95 35.63
N GLU E 635 -40.23 38.96 35.14
CA GLU E 635 -41.02 40.17 35.03
C GLU E 635 -41.26 40.80 36.39
N ASP E 636 -41.69 40.01 37.36
CA ASP E 636 -41.95 40.53 38.71
C ASP E 636 -40.82 40.31 39.70
N LEU E 637 -39.75 39.64 39.29
CA LEU E 637 -38.66 39.37 40.24
C LEU E 637 -37.77 40.59 40.45
N SER E 638 -37.60 41.38 39.40
CA SER E 638 -36.81 42.63 39.47
C SER E 638 -37.27 43.50 40.63
N PRO E 639 -38.57 43.82 40.67
CA PRO E 639 -39.11 44.51 41.85
C PRO E 639 -39.02 43.62 43.09
N PHE E 640 -39.28 42.32 42.89
CA PHE E 640 -39.09 41.32 43.93
C PHE E 640 -37.67 41.40 44.48
N LEU E 641 -36.72 41.70 43.59
CA LEU E 641 -35.33 41.91 44.01
C LEU E 641 -35.22 43.17 44.87
N GLU E 642 -35.76 44.27 44.36
CA GLU E 642 -35.83 45.52 45.12
C GLU E 642 -36.59 45.30 46.43
N LYS E 643 -37.66 44.52 46.36
CA LYS E 643 -38.38 44.10 47.55
C LYS E 643 -37.52 43.15 48.37
N LEU E 644 -36.64 42.42 47.69
CA LEU E 644 -35.70 41.52 48.35
C LEU E 644 -34.54 42.31 48.95
N THR E 645 -34.02 43.27 48.19
CA THR E 645 -32.93 44.13 48.67
C THR E 645 -33.39 44.87 49.92
N LEU E 646 -34.58 45.43 49.87
CA LEU E 646 -35.21 46.01 51.06
C LEU E 646 -36.71 45.72 51.03
N SER E 647 -37.26 45.36 52.20
CA SER E 647 -36.51 45.31 53.45
C SER E 647 -35.74 44.01 53.66
N GLY E 648 -34.44 44.13 53.92
CA GLY E 648 -33.64 43.00 54.36
C GLY E 648 -34.04 42.65 55.79
N LEU E 649 -34.35 41.38 56.02
CA LEU E 649 -34.72 40.91 57.37
C LEU E 649 -33.49 40.72 58.26
N LEU E 650 -32.36 40.46 57.62
CA LEU E 650 -31.10 40.28 58.34
C LEU E 650 -30.19 41.49 58.20
N PRO H 201 38.26 15.22 35.66
CA PRO H 201 39.09 15.38 36.86
C PRO H 201 38.25 15.56 38.12
N ASN H 202 38.82 15.17 39.27
CA ASN H 202 38.09 15.16 40.53
C ASN H 202 37.84 16.56 41.08
N VAL H 203 38.77 17.47 40.84
CA VAL H 203 38.61 18.86 41.28
C VAL H 203 37.38 19.48 40.63
N SER H 204 37.02 18.97 39.45
CA SER H 204 35.84 19.45 38.74
C SER H 204 34.57 19.25 39.56
N ARG H 205 34.61 18.29 40.47
CA ARG H 205 33.52 18.09 41.43
C ARG H 205 33.33 19.36 42.25
N THR H 206 34.44 20.03 42.55
CA THR H 206 34.40 21.31 43.24
C THR H 206 33.75 22.37 42.37
N ILE H 207 34.00 22.27 41.05
CA ILE H 207 33.38 23.17 40.08
C ILE H 207 31.85 23.13 40.22
N ALA H 208 31.31 21.94 40.48
CA ALA H 208 29.88 21.73 40.59
C ALA H 208 29.23 22.71 41.58
N ARG H 209 29.84 22.86 42.75
CA ARG H 209 29.36 23.81 43.75
C ARG H 209 29.23 25.21 43.16
N GLU H 210 30.32 25.67 42.52
CA GLU H 210 30.35 26.99 41.91
C GLU H 210 29.43 27.10 40.70
N LEU H 211 29.46 26.07 39.84
CA LEU H 211 28.62 26.07 38.64
C LEU H 211 27.15 25.95 38.99
N LYS H 212 26.87 25.35 40.15
CA LYS H 212 25.50 25.24 40.63
C LYS H 212 25.05 26.54 41.28
N SER H 213 26.01 27.39 41.64
CA SER H 213 25.71 28.71 42.18
C SER H 213 24.98 29.56 41.16
N PHE H 214 25.61 29.74 40.00
CA PHE H 214 24.99 30.46 38.89
C PHE H 214 23.68 29.79 38.49
N LEU H 215 23.60 28.48 38.73
CA LEU H 215 22.40 27.71 38.42
C LEU H 215 21.18 28.23 39.18
N LEU H 216 21.38 28.71 40.40
CA LEU H 216 20.26 29.08 41.25
C LEU H 216 20.11 30.58 41.50
N GLU H 217 21.02 31.16 42.27
CA GLU H 217 20.80 32.51 42.79
C GLU H 217 20.97 33.62 41.77
N TYR H 218 21.54 33.31 40.60
CA TYR H 218 21.75 34.34 39.59
C TYR H 218 20.43 34.94 39.10
N THR H 219 20.43 36.26 38.92
CA THR H 219 19.25 36.98 38.44
C THR H 219 19.63 38.12 37.51
N ASP H 220 18.69 38.54 36.67
CA ASP H 220 18.87 39.70 35.81
C ASP H 220 17.53 40.32 35.46
N GLU H 221 17.53 41.62 35.18
CA GLU H 221 16.29 42.36 34.93
C GLU H 221 15.35 42.31 36.13
N THR H 222 15.73 43.00 37.20
CA THR H 222 14.97 43.01 38.45
C THR H 222 14.94 41.61 39.07
N GLY H 223 16.11 41.01 39.19
CA GLY H 223 16.25 39.69 39.79
C GLY H 223 15.51 38.63 39.01
N ARG H 224 14.72 37.82 39.70
CA ARG H 224 13.89 36.80 39.07
C ARG H 224 14.70 35.78 38.28
N SER H 225 15.42 34.92 39.00
CA SER H 225 16.14 33.81 38.38
C SER H 225 15.18 33.01 37.52
N VAL H 226 15.53 32.83 36.25
CA VAL H 226 14.70 32.04 35.34
C VAL H 226 14.83 30.56 35.69
N TYR H 227 15.98 30.19 36.22
CA TYR H 227 16.26 28.80 36.56
C TYR H 227 15.53 28.40 37.83
N GLY H 228 15.38 29.34 38.75
CA GLY H 228 14.54 29.12 39.91
C GLY H 228 13.13 28.89 39.43
N ALA H 229 12.70 29.71 38.47
CA ALA H 229 11.43 29.50 37.79
C ALA H 229 11.53 28.29 36.88
N ARG H 230 12.71 28.08 36.30
CA ARG H 230 12.96 26.92 35.46
C ARG H 230 12.68 25.64 36.22
N ILE H 231 13.10 25.61 37.49
CA ILE H 231 12.81 24.50 38.37
C ILE H 231 11.31 24.36 38.61
N ARG H 232 10.68 25.45 39.03
CA ARG H 232 9.25 25.42 39.33
C ARG H 232 8.42 25.26 38.06
N THR H 233 8.89 25.83 36.95
CA THR H 233 8.18 25.65 35.69
C THR H 233 8.16 24.16 35.33
N LEU H 234 9.32 23.54 35.17
CA LEU H 234 9.36 22.09 35.05
C LEU H 234 10.09 21.48 36.23
N GLY H 235 9.33 20.99 37.19
CA GLY H 235 8.00 21.50 37.42
C GLY H 235 6.79 20.72 36.95
N GLU H 236 5.62 21.31 37.17
CA GLU H 236 4.35 20.72 36.77
C GLU H 236 4.38 20.37 35.28
N MET H 237 5.15 21.13 34.51
CA MET H 237 5.41 20.73 33.13
C MET H 237 6.09 19.37 33.11
N ASN H 238 7.04 19.18 34.04
CA ASN H 238 7.81 17.95 34.12
C ASN H 238 8.50 17.68 32.79
N SER H 239 9.01 18.75 32.17
CA SER H 239 9.72 18.64 30.92
C SER H 239 10.92 17.71 31.08
N GLU H 240 11.47 17.72 32.30
CA GLU H 240 12.60 16.90 32.72
C GLU H 240 13.80 17.13 31.81
N SER H 241 13.78 18.27 31.11
CA SER H 241 14.95 18.78 30.42
C SER H 241 15.02 20.28 30.67
N LEU H 242 16.05 20.71 31.38
CA LEU H 242 16.29 22.12 31.64
C LEU H 242 17.01 22.79 30.48
N GLU H 243 16.86 24.10 30.36
CA GLU H 243 17.62 24.88 29.40
C GLU H 243 18.32 26.03 30.13
N VAL H 244 19.54 26.35 29.71
CA VAL H 244 20.32 27.40 30.37
C VAL H 244 20.82 28.42 29.35
N ASN H 245 20.76 29.70 29.69
CA ASN H 245 21.33 30.70 28.79
C ASN H 245 22.85 30.58 28.78
N TYR H 246 23.42 30.37 27.61
CA TYR H 246 24.86 30.29 27.45
C TYR H 246 25.44 31.69 27.63
N ARG H 247 24.75 32.67 27.06
CA ARG H 247 25.15 34.06 27.16
C ARG H 247 25.28 34.54 28.60
N HIS H 248 24.38 34.06 29.46
CA HIS H 248 24.39 34.45 30.86
C HIS H 248 25.48 33.73 31.63
N LEU H 249 25.61 32.42 31.42
CA LEU H 249 26.67 31.65 32.05
C LEU H 249 28.03 32.09 31.52
N ALA H 250 28.11 32.33 30.21
CA ALA H 250 29.32 32.87 29.61
C ALA H 250 29.60 34.24 30.21
N GLU H 251 28.54 34.96 30.55
CA GLU H 251 28.66 36.24 31.22
C GLU H 251 29.27 36.05 32.61
N SER H 252 28.96 34.92 33.24
CA SER H 252 29.53 34.62 34.53
C SER H 252 30.90 33.96 34.36
N LYS H 253 30.93 32.71 33.93
CA LYS H 253 32.20 32.07 33.59
C LYS H 253 32.06 31.36 32.26
N ALA H 254 32.81 31.84 31.27
CA ALA H 254 32.91 31.18 29.97
C ALA H 254 33.93 30.07 30.07
N ILE H 255 34.78 30.16 31.10
CA ILE H 255 35.75 29.11 31.41
C ILE H 255 35.05 27.77 31.58
N LEU H 256 33.88 27.80 32.22
CA LEU H 256 33.03 26.62 32.34
C LEU H 256 32.49 26.27 30.97
N ALA H 257 31.95 27.27 30.28
CA ALA H 257 31.51 27.11 28.91
C ALA H 257 32.66 26.66 28.01
N LEU H 258 33.87 27.09 28.37
CA LEU H 258 35.08 26.70 27.65
C LEU H 258 35.30 25.19 27.76
N PHE H 259 34.92 24.63 28.90
CA PHE H 259 34.89 23.18 29.08
C PHE H 259 33.81 22.59 28.17
N LEU H 260 32.65 23.25 28.15
CA LEU H 260 31.60 22.92 27.22
C LEU H 260 32.11 23.12 25.80
N ALA H 261 33.05 24.06 25.66
CA ALA H 261 33.77 24.25 24.42
C ALA H 261 34.88 23.20 24.31
N LYS H 262 35.36 22.73 25.46
CA LYS H 262 36.41 21.72 25.49
C LYS H 262 35.85 20.31 25.39
N CYS H 263 35.20 19.86 26.46
CA CYS H 263 34.55 18.55 26.49
C CYS H 263 33.24 18.63 27.27
N PRO H 264 32.20 19.19 26.62
CA PRO H 264 30.86 19.40 27.19
C PRO H 264 30.18 18.10 27.60
N GLU H 265 30.66 16.99 27.05
CA GLU H 265 30.06 15.67 27.26
C GLU H 265 29.84 15.34 28.73
N GLU H 266 30.93 15.10 29.45
CA GLU H 266 30.85 14.82 30.88
C GLU H 266 30.71 16.11 31.67
N MET H 267 31.12 17.21 31.06
CA MET H 267 30.99 18.53 31.66
C MET H 267 29.55 18.77 32.12
N LEU H 268 28.60 18.52 31.23
CA LEU H 268 27.19 18.56 31.58
C LEU H 268 26.81 17.26 32.29
N LYS H 269 27.44 16.17 31.91
CA LYS H 269 27.24 14.88 32.55
C LYS H 269 27.60 14.98 34.03
N ILE H 270 28.49 15.92 34.36
CA ILE H 270 28.69 16.37 35.72
C ILE H 270 27.66 17.44 36.07
N PHE H 271 27.45 18.35 35.12
CA PHE H 271 26.60 19.53 35.32
C PHE H 271 25.14 19.19 35.57
N ASP H 272 24.68 18.12 34.93
CA ASP H 272 23.28 17.68 35.03
C ASP H 272 22.95 17.11 36.41
N LEU H 273 23.95 16.50 37.03
CA LEU H 273 23.76 15.72 38.26
C LEU H 273 23.08 16.49 39.39
N VAL H 274 23.66 17.64 39.76
CA VAL H 274 23.07 18.45 40.81
C VAL H 274 21.80 19.14 40.31
N ALA H 275 21.74 19.38 39.01
CA ALA H 275 20.56 19.98 38.39
C ALA H 275 19.30 19.21 38.75
N MET H 276 19.46 17.89 38.87
CA MET H 276 18.40 17.03 39.34
C MET H 276 18.01 17.39 40.77
N GLU H 277 19.00 17.36 41.66
CA GLU H 277 18.78 17.66 43.08
C GLU H 277 18.57 19.16 43.30
N ALA H 278 19.21 19.99 42.47
CA ALA H 278 19.01 21.43 42.54
C ALA H 278 17.53 21.76 42.31
N THR H 279 16.86 20.91 41.53
CA THR H 279 15.42 20.95 41.42
C THR H 279 14.76 20.19 42.57
N GLU H 280 15.36 19.05 42.94
CA GLU H 280 14.79 18.17 43.96
C GLU H 280 14.67 18.86 45.32
N LEU H 281 15.50 19.86 45.56
CA LEU H 281 15.35 20.69 46.74
C LEU H 281 14.05 21.47 46.64
N HIS H 282 13.72 21.85 45.40
CA HIS H 282 12.46 22.53 45.10
C HIS H 282 11.32 21.52 45.01
N TYR H 283 11.66 20.28 44.69
CA TYR H 283 10.68 19.20 44.53
C TYR H 283 11.11 17.98 45.34
N PRO H 284 10.93 18.04 46.67
CA PRO H 284 11.47 17.08 47.63
C PRO H 284 11.22 15.60 47.26
N ASP H 285 10.02 15.29 46.79
CA ASP H 285 9.70 13.91 46.42
C ASP H 285 9.82 13.61 44.92
N TYR H 286 10.15 14.61 44.11
CA TYR H 286 10.14 14.43 42.65
C TYR H 286 11.09 13.33 42.18
N ALA H 287 12.14 13.06 42.96
CA ALA H 287 13.16 12.08 42.57
C ALA H 287 12.54 10.77 42.15
N ARG H 288 11.41 10.43 42.76
CA ARG H 288 10.61 9.29 42.32
C ARG H 288 10.17 9.45 40.86
N ILE H 289 10.19 10.68 40.35
CA ILE H 289 9.79 10.95 38.98
C ILE H 289 10.98 11.20 38.05
N HIS H 290 11.24 10.21 37.19
CA HIS H 290 12.22 10.28 36.09
C HIS H 290 13.68 10.22 36.51
N SER H 291 13.95 10.64 37.75
CA SER H 291 15.28 10.63 38.36
C SER H 291 16.40 11.09 37.42
N GLU H 292 16.07 11.82 36.36
CA GLU H 292 17.09 12.32 35.44
C GLU H 292 16.64 13.53 34.63
N ILE H 293 17.59 14.41 34.33
CA ILE H 293 17.38 15.57 33.45
C ILE H 293 18.72 16.02 32.84
N HIS H 294 18.67 16.69 31.70
CA HIS H 294 19.87 17.33 31.15
C HIS H 294 19.55 18.65 30.46
N VAL H 295 20.43 19.63 30.65
CA VAL H 295 20.21 20.96 30.10
C VAL H 295 20.50 21.03 28.60
N ARG H 296 19.58 21.65 27.86
CA ARG H 296 19.76 21.93 26.44
C ARG H 296 20.67 23.13 26.27
N ILE H 297 20.66 23.98 27.30
CA ILE H 297 21.35 25.27 27.32
C ILE H 297 20.90 26.21 26.19
N SER H 298 21.84 26.91 25.57
CA SER H 298 21.51 28.08 24.75
C SER H 298 22.46 28.36 23.59
N ASP H 299 22.30 29.53 22.98
CA ASP H 299 23.07 29.89 21.79
C ASP H 299 24.54 29.69 22.04
N PHE H 300 25.19 28.93 21.14
CA PHE H 300 26.58 28.56 21.27
C PHE H 300 27.26 28.60 19.92
N PRO H 301 27.54 29.80 19.40
CA PRO H 301 28.28 29.93 18.14
C PRO H 301 29.69 29.40 18.27
N THR H 302 30.18 28.55 17.37
CA THR H 302 29.48 27.98 16.22
C THR H 302 28.68 28.95 15.34
N ILE H 303 27.40 28.64 15.15
CA ILE H 303 26.62 29.18 14.04
C ILE H 303 27.24 28.64 12.75
N TYR H 304 27.92 27.50 12.86
CA TYR H 304 28.55 26.82 11.73
C TYR H 304 27.50 26.10 10.90
N SER H 305 27.74 25.91 9.61
CA SER H 305 26.65 25.43 8.78
C SER H 305 26.52 23.92 8.68
N LEU H 306 27.22 23.30 7.73
CA LEU H 306 27.34 21.85 7.69
C LEU H 306 28.72 21.43 7.24
N ARG H 307 28.96 21.69 5.96
CA ARG H 307 30.19 21.32 5.27
C ARG H 307 31.39 21.99 5.91
N GLU H 308 31.15 23.07 6.64
CA GLU H 308 32.23 23.67 7.39
C GLU H 308 32.19 23.11 8.81
N LEU H 309 33.10 22.16 9.04
CA LEU H 309 33.37 21.57 10.34
C LEU H 309 34.73 20.89 10.19
N ARG H 310 35.43 20.66 11.30
CA ARG H 310 36.76 20.06 11.20
C ARG H 310 37.03 19.19 12.42
N GLU H 311 38.05 18.33 12.32
CA GLU H 311 38.44 17.51 13.45
C GLU H 311 38.81 18.39 14.64
N SER H 312 39.13 19.65 14.36
CA SER H 312 39.29 20.64 15.41
C SER H 312 37.98 20.77 16.17
N ASN H 313 36.87 20.66 15.44
CA ASN H 313 35.54 20.77 16.03
C ASN H 313 35.08 19.47 16.66
N LEU H 314 35.84 18.39 16.46
CA LEU H 314 35.42 17.07 16.91
C LEU H 314 35.48 16.94 18.43
N SER H 315 34.51 16.20 18.98
CA SER H 315 34.45 15.84 20.40
C SER H 315 34.12 17.02 21.30
N SER H 316 34.17 18.21 20.73
CA SER H 316 33.75 19.41 21.44
C SER H 316 32.37 19.80 20.91
N LEU H 317 31.49 20.23 21.82
CA LEU H 317 30.13 20.53 21.44
C LEU H 317 30.11 21.59 20.35
N VAL H 318 29.34 21.34 19.31
CA VAL H 318 29.19 22.30 18.24
C VAL H 318 27.72 22.47 17.87
N ARG H 319 27.21 23.68 18.09
CA ARG H 319 25.88 24.03 17.60
C ARG H 319 25.95 24.08 16.08
N VAL H 320 24.91 23.57 15.42
CA VAL H 320 24.94 23.46 13.97
C VAL H 320 23.56 23.70 13.36
N THR H 321 23.57 24.22 12.13
CA THR H 321 22.34 24.45 11.37
C THR H 321 22.21 23.44 10.23
N GLY H 322 20.98 23.08 9.90
CA GLY H 322 20.74 22.20 8.77
C GLY H 322 19.25 22.01 8.54
N VAL H 323 18.89 21.58 7.34
CA VAL H 323 17.50 21.27 7.02
C VAL H 323 17.13 19.86 7.45
N VAL H 324 16.06 19.74 8.22
CA VAL H 324 15.55 18.43 8.63
C VAL H 324 15.27 17.58 7.40
N THR H 325 15.56 16.30 7.50
CA THR H 325 15.36 15.36 6.40
C THR H 325 14.78 14.07 6.95
N ARG H 326 14.71 13.04 6.11
CA ARG H 326 14.12 11.76 6.49
C ARG H 326 14.78 11.15 7.72
N ARG H 327 14.01 10.40 8.51
CA ARG H 327 14.51 9.82 9.75
C ARG H 327 13.86 8.48 10.05
N THR H 328 14.54 7.69 10.88
CA THR H 328 13.99 6.43 11.36
C THR H 328 12.88 6.69 12.38
N GLY H 329 12.03 5.70 12.63
CA GLY H 329 11.06 5.79 13.69
C GLY H 329 11.76 5.70 15.04
N VAL H 330 11.13 6.23 16.08
CA VAL H 330 11.72 6.20 17.42
C VAL H 330 11.87 4.77 17.92
N PHE H 331 13.07 4.42 18.38
CA PHE H 331 13.34 3.08 18.89
C PHE H 331 13.77 3.10 20.34
N PRO H 332 13.63 1.96 21.02
CA PRO H 332 14.12 1.82 22.40
C PRO H 332 15.64 1.80 22.42
N GLN H 333 16.22 2.42 23.44
CA GLN H 333 17.66 2.43 23.61
C GLN H 333 18.08 1.57 24.78
N LEU H 334 19.27 0.99 24.70
CA LEU H 334 19.74 0.09 25.74
C LEU H 334 19.86 0.79 27.08
N LYS H 335 20.06 2.11 27.06
CA LYS H 335 20.10 2.87 28.31
C LYS H 335 21.16 2.26 29.22
N TYR H 336 20.72 1.67 30.33
CA TYR H 336 21.60 0.97 31.26
C TYR H 336 21.65 -0.53 31.02
N VAL H 337 22.83 -1.02 30.66
CA VAL H 337 23.09 -2.45 30.49
C VAL H 337 22.94 -3.23 31.80
N LYS H 338 22.49 -4.46 31.70
CA LYS H 338 22.51 -5.36 32.86
C LYS H 338 22.60 -6.80 32.37
N PHE H 339 23.05 -7.71 33.23
CA PHE H 339 23.33 -9.07 32.78
C PHE H 339 22.75 -10.16 33.69
N ASN H 340 21.87 -10.99 33.14
CA ASN H 340 21.44 -12.20 33.82
C ASN H 340 22.53 -13.25 33.65
N CYS H 341 23.47 -12.91 32.78
CA CYS H 341 24.69 -13.68 32.46
C CYS H 341 24.43 -15.13 32.04
N LEU H 342 25.33 -16.03 32.45
CA LEU H 342 25.17 -17.46 32.15
C LEU H 342 25.27 -18.40 33.36
N LYS H 343 26.51 -18.65 33.79
CA LYS H 343 26.76 -19.46 34.98
C LYS H 343 26.71 -18.61 36.25
N CYS H 344 27.31 -17.42 36.19
CA CYS H 344 27.23 -16.49 37.31
C CYS H 344 25.80 -15.97 37.44
N GLY H 345 25.40 -15.67 38.67
CA GLY H 345 24.00 -15.44 38.98
C GLY H 345 23.45 -14.06 38.71
N SER H 346 22.11 -14.00 38.65
CA SER H 346 21.37 -12.76 38.51
C SER H 346 21.29 -12.05 39.86
N ILE H 347 21.10 -10.73 39.87
CA ILE H 347 20.99 -9.94 38.65
C ILE H 347 22.34 -9.42 38.18
N LEU H 348 23.34 -9.57 39.03
CA LEU H 348 24.70 -9.09 38.76
C LEU H 348 24.79 -7.56 38.81
N GLY H 349 23.64 -6.89 38.79
CA GLY H 349 23.60 -5.45 38.83
C GLY H 349 23.77 -4.90 37.43
N PRO H 350 23.17 -3.74 37.16
CA PRO H 350 23.25 -3.08 35.85
C PRO H 350 24.60 -2.43 35.58
N PHE H 351 25.06 -2.51 34.33
CA PHE H 351 26.26 -1.82 33.89
C PHE H 351 25.84 -0.61 33.07
N PHE H 352 26.64 0.46 33.08
CA PHE H 352 26.19 1.63 32.34
C PHE H 352 26.73 1.56 30.91
N GLN H 353 25.83 1.19 30.01
CA GLN H 353 26.08 1.28 28.58
C GLN H 353 24.77 1.18 27.83
N ASP H 354 24.73 1.76 26.63
CA ASP H 354 25.80 2.60 26.13
C ASP H 354 25.24 3.53 25.05
N SER H 355 25.85 4.69 24.88
CA SER H 355 25.64 5.36 23.60
C SER H 355 26.98 5.63 22.94
N ASN H 356 27.30 4.79 21.95
CA ASN H 356 26.82 3.42 21.98
C ASN H 356 27.98 2.45 21.79
N GLU H 357 28.36 1.77 22.87
CA GLU H 357 29.45 0.78 22.83
C GLU H 357 29.09 -0.53 23.54
N GLU H 358 28.99 -0.49 24.87
CA GLU H 358 28.63 -1.68 25.67
C GLU H 358 29.59 -2.90 25.67
N ILE H 359 30.75 -2.79 26.32
CA ILE H 359 31.67 -3.94 26.44
C ILE H 359 32.40 -3.98 27.79
N ARG H 360 33.30 -4.95 27.97
CA ARG H 360 33.31 -6.20 27.21
C ARG H 360 32.84 -7.45 27.95
N ILE H 361 32.60 -7.34 29.26
CA ILE H 361 32.16 -8.48 30.07
C ILE H 361 33.05 -9.74 29.95
N SER H 362 34.35 -9.61 30.22
CA SER H 362 35.25 -10.73 30.02
C SER H 362 35.13 -11.84 31.08
N PHE H 363 35.59 -11.57 32.30
CA PHE H 363 35.48 -12.53 33.39
C PHE H 363 34.85 -11.90 34.61
N CYS H 364 33.63 -12.30 34.98
CA CYS H 364 32.98 -11.69 36.14
C CYS H 364 31.67 -12.29 36.69
N THR H 365 31.22 -11.68 37.77
CA THR H 365 29.94 -11.93 38.46
C THR H 365 29.89 -13.21 39.28
N ASN H 366 30.78 -14.17 39.03
CA ASN H 366 30.85 -15.31 39.95
C ASN H 366 32.23 -15.56 40.56
N CYS H 367 33.25 -16.18 39.97
CA CYS H 367 33.62 -16.61 38.59
C CYS H 367 33.74 -15.61 37.43
N LYS H 368 33.69 -16.14 36.21
CA LYS H 368 34.06 -15.38 35.00
C LYS H 368 33.32 -15.69 33.70
N SER H 369 33.74 -16.82 33.14
CA SER H 369 33.28 -17.41 31.89
C SER H 369 33.62 -18.90 32.01
N LYS H 370 32.90 -19.80 31.34
CA LYS H 370 31.99 -19.52 30.25
C LYS H 370 30.67 -18.96 30.78
N GLY H 371 30.65 -18.64 32.06
CA GLY H 371 29.44 -18.20 32.76
C GLY H 371 29.10 -16.76 32.49
N PRO H 372 29.62 -16.22 31.38
CA PRO H 372 29.80 -14.89 30.80
C PRO H 372 28.52 -14.05 30.79
N PHE H 373 28.72 -12.73 30.73
CA PHE H 373 27.65 -11.75 30.84
C PHE H 373 26.73 -11.66 29.62
N ARG H 374 25.42 -11.64 29.88
CA ARG H 374 24.41 -11.43 28.86
C ARG H 374 23.21 -10.67 29.44
N VAL H 375 22.62 -9.78 28.65
CA VAL H 375 21.57 -8.89 29.15
C VAL H 375 20.24 -9.60 29.35
N ASN H 376 19.48 -9.13 30.35
CA ASN H 376 18.16 -9.66 30.62
C ASN H 376 17.11 -8.55 30.65
N GLY H 377 15.88 -8.87 30.27
CA GLY H 377 14.82 -7.89 30.16
C GLY H 377 14.43 -7.22 31.47
N GLU H 378 14.64 -7.93 32.58
CA GLU H 378 14.26 -7.40 33.88
C GLU H 378 15.25 -6.36 34.39
N LYS H 379 14.74 -5.39 35.14
CA LYS H 379 15.58 -4.45 35.88
C LYS H 379 16.55 -3.66 34.98
N THR H 380 16.22 -3.57 33.70
CA THR H 380 17.07 -2.88 32.76
C THR H 380 16.37 -1.66 32.19
N VAL H 381 16.88 -0.48 32.53
CA VAL H 381 16.29 0.76 32.05
C VAL H 381 16.59 0.95 30.58
N TYR H 382 15.63 1.54 29.86
CA TYR H 382 15.82 1.84 28.45
C TYR H 382 15.35 3.28 28.18
N ARG H 383 15.49 3.72 26.93
CA ARG H 383 15.04 5.05 26.54
C ARG H 383 14.78 5.13 25.05
N ASN H 384 14.05 6.15 24.62
CA ASN H 384 13.76 6.36 23.21
C ASN H 384 15.01 6.73 22.42
N TYR H 385 15.09 6.25 21.18
CA TYR H 385 16.22 6.54 20.30
C TYR H 385 15.77 6.73 18.85
N GLN H 386 16.27 7.80 18.21
CA GLN H 386 15.99 8.02 16.80
C GLN H 386 17.20 8.53 16.04
N ARG H 387 17.59 7.81 15.00
CA ARG H 387 18.54 8.36 14.04
C ARG H 387 17.79 9.26 13.08
N VAL H 388 18.47 10.28 12.56
CA VAL H 388 17.83 11.23 11.65
C VAL H 388 18.81 11.73 10.58
N THR H 389 18.27 12.11 9.43
CA THR H 389 19.05 12.74 8.37
C THR H 389 18.71 14.22 8.31
N LEU H 390 19.73 15.08 8.36
CA LEU H 390 19.51 16.51 8.16
C LEU H 390 20.56 17.07 7.21
N GLN H 391 20.10 17.48 6.03
CA GLN H 391 20.95 18.16 5.06
C GLN H 391 21.03 19.65 5.35
N GLU H 392 22.10 20.29 4.90
CA GLU H 392 22.26 21.73 5.10
C GLU H 392 21.19 22.50 4.33
N ALA H 393 20.89 23.71 4.81
CA ALA H 393 19.79 24.48 4.25
C ALA H 393 20.09 24.99 2.84
N PRO H 394 19.18 24.71 1.89
CA PRO H 394 19.35 25.10 0.49
C PRO H 394 19.44 26.62 0.33
N GLY H 395 18.68 27.36 1.13
CA GLY H 395 18.75 28.81 1.12
C GLY H 395 20.14 29.26 1.53
N THR H 396 20.78 28.47 2.38
CA THR H 396 22.15 28.73 2.79
C THR H 396 23.14 27.92 1.93
N VAL H 397 22.63 27.16 0.99
CA VAL H 397 23.47 26.35 0.11
C VAL H 397 24.30 27.20 -0.85
N PRO H 398 25.63 26.99 -0.86
CA PRO H 398 26.48 27.63 -1.86
C PRO H 398 26.10 27.15 -3.27
N PRO H 399 26.16 28.03 -4.26
CA PRO H 399 25.58 27.78 -5.59
C PRO H 399 26.21 26.61 -6.35
N GLY H 400 25.37 25.71 -6.87
CA GLY H 400 25.82 24.67 -7.78
C GLY H 400 26.48 23.52 -7.06
N ARG H 401 26.85 23.75 -5.80
CA ARG H 401 27.38 22.68 -4.96
C ARG H 401 26.23 21.93 -4.33
N LEU H 402 26.32 20.62 -4.30
CA LEU H 402 25.26 19.81 -3.71
C LEU H 402 25.35 19.86 -2.20
N PRO H 403 24.20 20.05 -1.53
CA PRO H 403 24.15 20.06 -0.06
C PRO H 403 24.66 18.75 0.50
N ARG H 404 25.27 18.81 1.67
CA ARG H 404 25.84 17.62 2.28
C ARG H 404 24.85 16.93 3.20
N HIS H 405 24.87 15.60 3.19
CA HIS H 405 24.02 14.84 4.10
C HIS H 405 24.68 14.76 5.49
N ARG H 406 23.87 14.83 6.53
CA ARG H 406 24.38 14.67 7.89
C ARG H 406 23.46 13.80 8.73
N GLU H 407 24.05 12.88 9.47
CA GLU H 407 23.31 12.04 10.40
C GLU H 407 22.83 12.86 11.58
N VAL H 408 21.63 12.56 12.07
CA VAL H 408 21.05 13.29 13.19
C VAL H 408 20.65 12.33 14.31
N ILE H 409 21.33 12.44 15.45
CA ILE H 409 21.08 11.55 16.59
C ILE H 409 20.00 12.12 17.50
N LEU H 410 19.18 11.23 18.06
CA LEU H 410 18.10 11.65 18.94
C LEU H 410 18.02 10.75 20.18
N LEU H 411 18.03 11.38 21.35
CA LEU H 411 17.89 10.66 22.61
C LEU H 411 17.03 11.43 23.61
N ALA H 412 16.36 10.69 24.50
CA ALA H 412 15.52 11.28 25.52
C ALA H 412 14.38 12.12 24.93
N ASP H 413 14.23 13.34 25.45
CA ASP H 413 13.16 14.22 25.00
C ASP H 413 13.36 14.69 23.57
N LEU H 414 14.62 14.82 23.16
CA LEU H 414 14.97 15.32 21.83
C LEU H 414 14.39 14.47 20.70
N VAL H 415 14.14 13.20 20.98
CA VAL H 415 13.68 12.25 19.97
C VAL H 415 12.27 12.55 19.46
N ASP H 416 12.09 12.42 18.15
CA ASP H 416 10.77 12.48 17.52
C ASP H 416 10.13 13.86 17.61
N VAL H 417 10.75 14.76 18.37
CA VAL H 417 10.26 16.13 18.50
C VAL H 417 10.42 16.87 17.17
N SER H 418 11.44 16.49 16.41
CA SER H 418 11.66 17.06 15.08
C SER H 418 10.74 16.43 14.05
N LYS H 419 10.47 17.18 12.98
CA LYS H 419 9.63 16.70 11.89
C LYS H 419 10.34 16.94 10.56
N PRO H 420 10.18 16.01 9.60
CA PRO H 420 10.99 16.06 8.38
C PRO H 420 10.70 17.27 7.49
N GLY H 421 11.72 17.80 6.85
CA GLY H 421 11.56 18.94 5.96
C GLY H 421 11.57 20.26 6.69
N GLU H 422 11.77 20.23 8.01
CA GLU H 422 11.80 21.45 8.80
C GLU H 422 13.15 22.16 8.72
N GLU H 423 13.11 23.48 8.63
CA GLU H 423 14.32 24.27 8.82
C GLU H 423 14.62 24.27 10.33
N VAL H 424 15.87 24.00 10.70
CA VAL H 424 16.15 23.77 12.11
C VAL H 424 17.60 24.09 12.52
N GLU H 425 17.79 24.32 13.82
CA GLU H 425 19.11 24.49 14.42
C GLU H 425 19.36 23.35 15.40
N VAL H 426 20.62 22.93 15.54
CA VAL H 426 20.95 21.86 16.46
C VAL H 426 22.29 22.12 17.14
N THR H 427 22.34 21.89 18.45
CA THR H 427 23.61 22.00 19.13
C THR H 427 24.11 20.61 19.51
N GLY H 428 25.07 20.12 18.74
CA GLY H 428 25.59 18.77 18.91
C GLY H 428 27.03 18.69 19.38
N ILE H 429 27.58 17.48 19.29
CA ILE H 429 29.00 17.28 19.46
C ILE H 429 29.54 16.43 18.30
N TYR H 430 30.39 17.05 17.49
CA TYR H 430 30.98 16.40 16.33
C TYR H 430 32.07 15.45 16.79
N LYS H 431 32.08 14.23 16.26
CA LYS H 431 33.11 13.26 16.62
C LYS H 431 33.40 12.35 15.44
N ASN H 432 34.51 11.64 15.49
CA ASN H 432 34.77 10.63 14.48
C ASN H 432 33.81 9.46 14.68
N ASN H 433 33.10 9.48 15.81
CA ASN H 433 32.14 8.42 16.13
C ASN H 433 31.19 8.16 14.98
N TYR H 434 30.97 6.88 14.69
CA TYR H 434 31.54 5.78 15.45
C TYR H 434 31.77 4.62 14.48
N ASP H 435 32.91 3.93 14.54
CA ASP H 435 33.04 2.66 13.83
C ASP H 435 32.81 2.75 12.31
N GLY H 436 33.85 3.08 11.54
CA GLY H 436 35.21 2.76 11.89
C GLY H 436 35.41 1.35 11.36
N ASN H 437 34.33 0.57 11.41
CA ASN H 437 34.07 -0.51 10.48
C ASN H 437 32.57 -0.57 10.14
N LEU H 438 32.20 -0.29 8.89
CA LEU H 438 33.04 0.43 7.94
C LEU H 438 34.35 -0.28 7.60
N ASN H 439 34.31 -1.60 7.53
CA ASN H 439 35.44 -2.35 7.00
C ASN H 439 35.67 -2.02 5.52
N ALA H 440 34.69 -1.32 4.93
CA ALA H 440 34.79 -0.88 3.55
C ALA H 440 35.90 0.16 3.37
N LYS H 441 35.89 1.17 4.24
CA LYS H 441 37.02 2.10 4.37
C LYS H 441 37.62 1.88 5.76
N ASN H 442 38.82 1.32 5.87
CA ASN H 442 39.89 1.22 4.86
C ASN H 442 40.36 2.56 4.32
N GLY H 443 40.80 2.59 3.07
CA GLY H 443 41.55 3.74 2.57
C GLY H 443 40.82 5.02 2.20
N PHE H 444 41.17 6.14 2.85
CA PHE H 444 42.06 6.16 4.02
C PHE H 444 41.28 5.96 5.31
N PRO H 445 41.84 5.16 6.25
CA PRO H 445 41.11 4.66 7.43
C PRO H 445 40.46 5.76 8.24
N VAL H 446 39.17 5.61 8.52
CA VAL H 446 38.40 6.67 9.16
C VAL H 446 37.21 6.11 9.93
N PHE H 447 36.78 6.84 10.96
CA PHE H 447 35.51 6.59 11.60
C PHE H 447 34.51 7.60 11.04
N ALA H 448 33.45 7.13 10.38
CA ALA H 448 32.47 8.02 9.75
C ALA H 448 31.78 8.91 10.78
N THR H 449 31.79 10.21 10.53
CA THR H 449 31.33 11.22 11.49
C THR H 449 29.83 11.17 11.77
N ILE H 450 29.48 11.39 13.04
CA ILE H 450 28.08 11.44 13.48
C ILE H 450 27.95 12.44 14.64
N ILE H 451 26.78 13.03 14.80
CA ILE H 451 26.58 14.02 15.88
C ILE H 451 25.18 13.96 16.47
N GLU H 452 25.10 14.13 17.78
CA GLU H 452 23.81 14.29 18.46
C GLU H 452 23.73 15.67 19.06
N ALA H 453 22.79 16.48 18.58
CA ALA H 453 22.59 17.79 19.16
C ALA H 453 21.93 17.67 20.53
N ASN H 454 22.47 18.38 21.51
CA ASN H 454 21.82 18.50 22.81
C ASN H 454 20.46 19.15 22.61
N SER H 455 20.38 20.03 21.60
CA SER H 455 19.17 20.81 21.38
C SER H 455 18.78 20.94 19.90
N ILE H 456 17.52 21.31 19.67
CA ILE H 456 16.98 21.50 18.32
C ILE H 456 15.95 22.64 18.30
N LYS H 457 15.94 23.42 17.23
CA LYS H 457 15.01 24.56 17.12
C LYS H 457 14.43 24.75 15.72
N ARG H 458 13.11 24.85 15.65
CA ARG H 458 12.40 25.02 14.38
C ARG H 458 12.64 26.41 13.77
N ARG H 459 12.47 26.50 12.44
CA ARG H 459 12.67 27.73 11.68
C ARG H 459 11.83 28.88 12.20
N GLU H 460 12.38 30.10 12.37
CA GLU H 460 13.77 30.49 12.05
C GLU H 460 13.99 30.78 10.58
N PHE H 474 10.81 30.12 21.35
CA PHE H 474 9.91 31.06 22.00
C PHE H 474 8.70 30.37 22.61
N SER H 475 8.37 30.72 23.84
CA SER H 475 7.12 30.30 24.46
C SER H 475 6.77 31.25 25.60
N TRP H 476 5.49 31.27 25.98
CA TRP H 476 5.04 32.12 27.07
C TRP H 476 5.44 31.54 28.42
N THR H 477 5.60 32.42 29.41
CA THR H 477 5.85 32.00 30.78
C THR H 477 4.90 32.77 31.70
N GLU H 478 4.78 32.33 32.95
CA GLU H 478 3.83 32.91 33.90
C GLU H 478 3.96 34.43 33.99
N GLU H 479 5.11 34.90 34.48
CA GLU H 479 5.38 36.32 34.63
C GLU H 479 5.20 37.06 33.30
N GLU H 480 5.39 36.34 32.20
CA GLU H 480 5.18 36.90 30.87
C GLU H 480 3.68 37.04 30.61
N GLU H 481 3.00 35.90 30.56
CA GLU H 481 1.57 35.85 30.31
C GLU H 481 0.74 36.67 31.30
N ARG H 482 1.17 36.70 32.56
CA ARG H 482 0.40 37.36 33.61
C ARG H 482 0.20 38.85 33.33
N GLU H 483 1.30 39.57 33.10
CA GLU H 483 1.21 40.94 32.65
C GLU H 483 0.63 40.94 31.23
N PHE H 484 0.99 39.91 30.49
CA PHE H 484 0.48 39.69 29.14
C PHE H 484 -1.05 39.60 29.14
N ARG H 485 -1.60 39.04 30.22
CA ARG H 485 -3.04 39.03 30.42
C ARG H 485 -3.54 40.45 30.64
N LYS H 486 -2.76 41.25 31.36
CA LYS H 486 -3.11 42.63 31.65
C LYS H 486 -3.20 43.47 30.38
N ILE H 487 -2.44 43.08 29.36
CA ILE H 487 -2.54 43.74 28.05
C ILE H 487 -3.90 43.44 27.42
N SER H 488 -4.36 42.21 27.62
CA SER H 488 -5.58 41.71 26.99
C SER H 488 -6.85 42.41 27.46
N ARG H 489 -6.83 42.90 28.69
CA ARG H 489 -8.02 43.48 29.30
C ARG H 489 -8.55 44.70 28.55
N ASP H 490 -7.63 45.51 28.01
CA ASP H 490 -8.03 46.67 27.22
C ASP H 490 -8.79 46.23 25.98
N ARG H 491 -9.85 46.96 25.65
CA ARG H 491 -10.63 46.68 24.45
C ARG H 491 -9.97 47.26 23.21
N GLY H 492 -9.40 48.45 23.36
CA GLY H 492 -8.74 49.14 22.27
C GLY H 492 -7.50 48.40 21.77
N ILE H 493 -7.14 47.33 22.48
CA ILE H 493 -6.04 46.46 22.06
C ILE H 493 -6.23 46.00 20.61
N ILE H 494 -7.49 45.81 20.22
CA ILE H 494 -7.84 45.39 18.87
C ILE H 494 -7.19 46.29 17.84
N ASP H 495 -7.13 47.59 18.13
CA ASP H 495 -6.58 48.57 17.21
C ASP H 495 -5.07 48.40 17.07
N LYS H 496 -4.36 48.38 18.20
CA LYS H 496 -2.91 48.21 18.17
C LYS H 496 -2.54 46.88 17.52
N ILE H 497 -3.52 45.97 17.45
CA ILE H 497 -3.36 44.73 16.69
C ILE H 497 -3.27 45.08 15.21
N ILE H 498 -4.03 46.08 14.77
CA ILE H 498 -3.85 46.65 13.45
C ILE H 498 -2.58 47.51 13.45
N SER H 499 -2.33 48.18 14.57
CA SER H 499 -1.14 49.01 14.72
C SER H 499 0.12 48.16 14.68
N SER H 500 0.03 46.95 15.26
CA SER H 500 1.15 46.02 15.25
C SER H 500 1.04 45.05 14.09
N MET H 501 0.00 45.22 13.27
CA MET H 501 -0.26 44.35 12.14
C MET H 501 0.93 44.29 11.17
N ALA H 502 1.16 45.40 10.47
CA ALA H 502 2.33 45.55 9.62
C ALA H 502 2.83 46.99 9.63
N PRO H 503 3.32 47.45 10.80
CA PRO H 503 3.68 48.84 11.08
C PRO H 503 4.58 49.48 10.02
N SER H 504 5.49 48.68 9.45
CA SER H 504 6.37 49.18 8.40
C SER H 504 5.64 49.25 7.06
N ILE H 505 4.56 48.49 6.95
CA ILE H 505 3.81 48.43 5.70
C ILE H 505 2.83 49.59 5.51
N TYR H 506 2.30 50.14 6.60
CA TYR H 506 1.14 51.01 6.48
C TYR H 506 0.06 50.22 5.77
N GLY H 507 -0.31 50.66 4.56
CA GLY H 507 -1.25 49.91 3.74
C GLY H 507 -2.68 50.08 4.21
N HIS H 508 -3.54 49.16 3.78
CA HIS H 508 -4.92 49.21 4.19
C HIS H 508 -5.08 48.73 5.62
N ARG H 509 -5.71 49.53 6.46
CA ARG H 509 -6.12 49.08 7.78
C ARG H 509 -7.20 48.01 7.60
N ASP H 510 -7.94 48.12 6.50
CA ASP H 510 -8.98 47.17 6.14
C ASP H 510 -8.40 45.84 5.69
N ILE H 511 -7.43 45.90 4.77
CA ILE H 511 -6.80 44.67 4.25
C ILE H 511 -6.13 43.90 5.37
N LYS H 512 -5.47 44.64 6.27
CA LYS H 512 -4.83 44.04 7.44
C LYS H 512 -5.86 43.45 8.40
N THR H 513 -7.06 44.02 8.40
CA THR H 513 -8.15 43.52 9.23
C THR H 513 -8.43 42.06 8.93
N ALA H 514 -8.61 41.76 7.64
CA ALA H 514 -8.76 40.39 7.20
C ALA H 514 -7.50 39.59 7.54
N VAL H 515 -6.34 40.22 7.43
CA VAL H 515 -5.09 39.62 7.86
C VAL H 515 -5.19 39.26 9.34
N ALA H 516 -5.60 40.22 10.15
CA ALA H 516 -5.79 40.00 11.58
C ALA H 516 -6.73 38.83 11.88
N CYS H 517 -7.64 38.55 10.95
CA CYS H 517 -8.69 37.57 11.19
C CYS H 517 -8.18 36.14 11.13
N SER H 518 -7.80 35.69 9.94
CA SER H 518 -7.30 34.33 9.77
C SER H 518 -5.99 34.13 10.51
N LEU H 519 -5.19 35.20 10.59
CA LEU H 519 -3.93 35.17 11.33
C LEU H 519 -4.17 34.78 12.78
N PHE H 520 -5.28 35.25 13.35
CA PHE H 520 -5.57 34.97 14.75
C PHE H 520 -6.12 33.56 14.97
N GLY H 521 -6.69 32.96 13.93
CA GLY H 521 -7.19 31.59 14.02
C GLY H 521 -8.52 31.47 14.75
N GLY H 522 -8.93 30.23 15.03
CA GLY H 522 -10.17 30.01 15.73
C GLY H 522 -10.58 28.56 15.98
N VAL H 523 -11.57 28.38 16.85
CA VAL H 523 -12.09 27.07 17.24
C VAL H 523 -12.68 26.33 16.03
N PRO H 524 -12.61 24.97 16.02
CA PRO H 524 -12.98 24.27 14.79
C PRO H 524 -14.43 24.46 14.30
N LYS H 525 -15.47 24.26 15.10
CA LYS H 525 -15.44 23.50 16.35
C LYS H 525 -16.21 22.18 16.13
N ASN H 526 -15.78 21.13 16.82
CA ASN H 526 -16.35 19.79 16.60
C ASN H 526 -17.83 19.65 16.92
N VAL H 527 -18.52 18.83 16.13
CA VAL H 527 -19.93 18.53 16.35
C VAL H 527 -20.13 17.03 16.59
N ASN H 528 -20.54 16.68 17.81
CA ASN H 528 -20.72 15.28 18.19
C ASN H 528 -21.69 14.51 17.31
N GLY H 529 -21.27 13.36 16.79
CA GLY H 529 -19.88 12.92 16.88
C GLY H 529 -19.26 13.15 15.52
N LYS H 530 -19.91 14.04 14.77
CA LYS H 530 -19.65 14.35 13.38
C LYS H 530 -18.66 15.50 13.17
N HIS H 531 -18.72 16.07 11.97
CA HIS H 531 -17.83 17.12 11.50
C HIS H 531 -17.61 18.26 12.49
N SER H 532 -16.37 18.73 12.53
CA SER H 532 -16.00 19.90 13.32
C SER H 532 -16.16 21.18 12.50
N ILE H 533 -16.73 21.05 11.31
CA ILE H 533 -16.84 22.17 10.37
C ILE H 533 -15.44 22.69 10.02
N ARG H 534 -15.28 24.01 10.01
CA ARG H 534 -14.01 24.62 9.65
C ARG H 534 -13.68 25.76 10.61
N GLY H 535 -12.56 25.61 11.31
CA GLY H 535 -12.14 26.60 12.30
C GLY H 535 -11.06 27.50 11.72
N ASP H 536 -10.55 27.12 10.55
CA ASP H 536 -9.53 27.89 9.87
C ASP H 536 -10.15 28.76 8.78
N ILE H 537 -9.60 29.94 8.60
CA ILE H 537 -10.06 30.87 7.59
C ILE H 537 -9.35 30.60 6.26
N ASN H 538 -10.12 30.55 5.18
CA ASN H 538 -9.50 30.54 3.86
C ASN H 538 -9.45 31.96 3.36
N VAL H 539 -8.24 32.51 3.32
CA VAL H 539 -8.03 33.91 3.00
C VAL H 539 -7.77 34.09 1.51
N LEU H 540 -8.41 35.08 0.93
CA LEU H 540 -8.21 35.39 -0.48
C LEU H 540 -7.95 36.87 -0.68
N LEU H 541 -7.02 37.18 -1.56
CA LEU H 541 -6.69 38.55 -1.91
C LEU H 541 -6.72 38.75 -3.41
N LEU H 542 -7.61 39.65 -3.85
CA LEU H 542 -7.56 40.18 -5.19
C LEU H 542 -6.44 41.20 -5.23
N GLY H 543 -5.46 40.98 -6.11
CA GLY H 543 -4.25 41.77 -6.08
C GLY H 543 -4.36 43.11 -6.79
N ASP H 544 -3.30 43.89 -6.69
CA ASP H 544 -3.12 45.06 -7.53
C ASP H 544 -1.64 45.12 -7.90
N PRO H 545 -1.34 45.47 -9.16
CA PRO H 545 0.06 45.65 -9.54
C PRO H 545 0.70 46.82 -8.82
N GLY H 546 1.90 46.62 -8.28
CA GLY H 546 2.62 47.65 -7.58
C GLY H 546 2.27 47.76 -6.11
N THR H 547 1.24 47.03 -5.70
CA THR H 547 0.77 47.03 -4.30
C THR H 547 1.59 46.11 -3.39
N ALA H 548 1.56 46.41 -2.09
CA ALA H 548 2.37 45.69 -1.11
C ALA H 548 1.88 44.28 -0.84
N LYS H 549 0.78 43.89 -1.47
CA LYS H 549 0.07 42.64 -1.16
C LYS H 549 0.94 41.40 -1.00
N SER H 550 1.84 41.15 -1.96
CA SER H 550 2.74 40.00 -1.89
C SER H 550 3.64 40.07 -0.66
N GLN H 551 3.93 41.30 -0.22
CA GLN H 551 4.82 41.53 0.91
C GLN H 551 4.20 41.14 2.26
N ILE H 552 2.91 41.40 2.44
CA ILE H 552 2.24 41.21 3.72
C ILE H 552 2.30 39.78 4.26
N LEU H 553 1.87 38.81 3.45
CA LEU H 553 1.88 37.41 3.86
C LEU H 553 3.27 37.02 4.34
N LYS H 554 4.28 37.64 3.75
CA LYS H 554 5.67 37.45 4.17
C LYS H 554 5.86 37.98 5.59
N TYR H 555 5.18 39.07 5.93
CA TYR H 555 5.17 39.55 7.32
C TYR H 555 4.63 38.44 8.22
N VAL H 556 3.53 37.84 7.79
CA VAL H 556 2.89 36.75 8.54
C VAL H 556 3.84 35.55 8.64
N GLU H 557 4.75 35.44 7.67
CA GLU H 557 5.65 34.28 7.59
C GLU H 557 6.53 34.13 8.83
N LYS H 558 7.29 35.17 9.16
CA LYS H 558 8.06 35.15 10.39
C LYS H 558 7.15 35.42 11.58
N THR H 559 5.97 35.97 11.28
CA THR H 559 4.95 36.20 12.29
C THR H 559 4.40 34.88 12.84
N ALA H 560 3.93 34.04 11.93
CA ALA H 560 3.32 32.78 12.30
C ALA H 560 4.31 31.87 13.03
N HIS H 561 3.85 31.29 14.14
CA HIS H 561 4.59 30.23 14.80
C HIS H 561 4.83 29.13 13.78
N ARG H 562 3.74 28.55 13.30
CA ARG H 562 3.77 27.61 12.20
C ARG H 562 3.30 28.27 10.91
N ALA H 563 4.16 28.28 9.89
CA ALA H 563 3.80 28.88 8.61
C ALA H 563 4.50 28.17 7.44
N VAL H 564 3.82 28.12 6.30
CA VAL H 564 4.40 27.59 5.06
C VAL H 564 3.93 28.38 3.84
N PHE H 565 4.88 28.84 3.03
CA PHE H 565 4.55 29.59 1.81
C PHE H 565 5.11 28.91 0.56
N ALA H 566 4.21 28.35 -0.25
CA ALA H 566 4.57 27.69 -1.50
C ALA H 566 4.37 28.59 -2.72
N THR H 567 3.95 29.82 -2.47
CA THR H 567 3.55 30.80 -3.48
C THR H 567 2.57 30.15 -4.47
N GLY H 568 2.59 30.56 -5.74
CA GLY H 568 1.69 29.95 -6.71
C GLY H 568 2.00 28.57 -7.26
N GLN H 569 3.09 28.49 -8.01
CA GLN H 569 3.49 27.26 -8.70
C GLN H 569 4.64 27.53 -9.69
N GLY H 570 5.03 26.47 -10.41
CA GLY H 570 6.16 26.49 -11.31
C GLY H 570 7.40 25.66 -11.01
N ALA H 571 7.56 25.13 -9.79
CA ALA H 571 6.67 25.37 -8.67
C ALA H 571 7.44 25.46 -7.36
N SER H 572 7.07 26.44 -6.54
CA SER H 572 7.64 26.57 -5.22
C SER H 572 7.26 25.37 -4.37
N ALA H 573 8.06 25.11 -3.34
CA ALA H 573 7.95 23.87 -2.57
C ALA H 573 6.55 23.60 -2.02
N VAL H 574 6.04 22.41 -2.32
CA VAL H 574 6.81 21.51 -3.17
C VAL H 574 6.10 21.07 -4.44
N GLY H 575 5.25 20.05 -4.32
CA GLY H 575 4.50 19.54 -5.45
C GLY H 575 3.10 20.06 -5.27
N LEU H 576 2.89 20.68 -4.12
CA LEU H 576 1.60 21.24 -3.74
C LEU H 576 0.63 20.13 -3.35
N THR H 577 1.05 18.88 -3.54
CA THR H 577 0.21 17.71 -3.25
C THR H 577 1.05 16.48 -2.91
N ALA H 578 0.43 15.44 -2.38
CA ALA H 578 1.18 14.23 -2.07
C ALA H 578 1.31 13.33 -3.30
N SER H 579 2.54 13.21 -3.79
CA SER H 579 2.85 12.35 -4.93
C SER H 579 3.46 11.01 -4.53
N VAL H 580 3.63 10.75 -3.23
CA VAL H 580 4.53 9.67 -2.80
C VAL H 580 3.98 8.24 -2.97
N ARG H 581 4.75 7.42 -3.70
CA ARG H 581 4.49 5.99 -3.87
C ARG H 581 5.72 5.17 -3.42
N LYS H 582 5.51 4.10 -2.63
CA LYS H 582 6.59 3.19 -2.24
C LYS H 582 6.32 1.76 -2.72
N ASP H 583 7.28 1.14 -3.41
CA ASP H 583 8.72 1.44 -3.32
C ASP H 583 9.31 1.10 -1.94
N PRO H 584 9.51 -0.20 -1.69
CA PRO H 584 9.99 -0.83 -0.45
C PRO H 584 11.38 -0.46 0.11
N ILE H 585 12.52 -0.44 -0.58
CA ILE H 585 12.81 -0.55 -2.03
C ILE H 585 12.30 0.61 -2.88
N THR H 586 12.99 1.75 -2.82
CA THR H 586 14.33 1.83 -2.21
C THR H 586 14.69 3.20 -1.61
N LYS H 587 15.42 3.17 -0.51
CA LYS H 587 15.63 1.90 0.16
C LYS H 587 14.33 1.54 0.83
N GLU H 588 13.78 2.46 1.62
CA GLU H 588 12.36 2.45 1.99
C GLU H 588 11.53 3.46 1.19
N TRP H 589 12.19 4.22 0.33
CA TRP H 589 11.65 5.44 -0.28
C TRP H 589 11.29 6.48 0.84
N THR H 590 10.28 7.31 0.60
CA THR H 590 9.76 8.28 1.59
C THR H 590 8.32 8.73 1.26
N LEU H 591 7.49 8.96 2.29
CA LEU H 591 6.10 9.37 2.04
C LEU H 591 5.82 10.79 2.53
N GLU H 592 5.11 11.56 1.70
CA GLU H 592 4.76 12.94 2.03
C GLU H 592 3.38 13.29 1.48
N GLY H 593 2.81 14.38 1.99
CA GLY H 593 1.52 14.86 1.54
C GLY H 593 1.65 16.12 0.69
N GLY H 594 0.60 16.94 0.69
CA GLY H 594 0.64 18.22 0.03
C GLY H 594 1.45 19.23 0.82
N ALA H 595 1.60 20.43 0.27
CA ALA H 595 2.37 21.49 0.90
C ALA H 595 1.91 21.77 2.33
N LEU H 596 0.60 21.66 2.55
CA LEU H 596 -0.01 21.95 3.83
C LEU H 596 0.34 20.89 4.88
N VAL H 597 0.72 19.70 4.40
CA VAL H 597 1.15 18.63 5.29
C VAL H 597 2.31 19.11 6.16
N LEU H 598 3.17 19.95 5.58
CA LEU H 598 4.31 20.46 6.31
C LEU H 598 3.89 21.23 7.58
N ALA H 599 2.86 22.07 7.46
CA ALA H 599 2.34 22.75 8.64
C ALA H 599 0.84 22.50 8.82
N ASP H 600 0.49 21.78 9.88
CA ASP H 600 -0.91 21.54 10.23
C ASP H 600 -1.35 22.43 11.39
N LYS H 601 -2.54 23.00 11.29
CA LYS H 601 -3.02 24.04 12.21
C LYS H 601 -2.31 25.34 11.86
N GLY H 602 -1.25 25.25 11.07
CA GLY H 602 -0.54 26.41 10.59
C GLY H 602 -1.20 26.90 9.33
N VAL H 603 -1.18 28.21 9.12
CA VAL H 603 -1.94 28.79 8.02
C VAL H 603 -1.24 28.60 6.67
N CYS H 604 -2.06 28.45 5.63
CA CYS H 604 -1.57 28.29 4.27
C CYS H 604 -1.11 29.63 3.70
N LEU H 605 -0.04 29.58 2.90
CA LEU H 605 0.45 30.79 2.24
C LEU H 605 0.66 30.53 0.74
N ILE H 606 -0.12 31.22 -0.08
CA ILE H 606 -0.08 31.05 -1.53
C ILE H 606 -0.47 32.37 -2.22
N ASP H 607 -0.01 32.55 -3.46
CA ASP H 607 -0.35 33.76 -4.20
C ASP H 607 -0.42 33.53 -5.71
N GLU H 608 -1.30 34.28 -6.38
CA GLU H 608 -1.50 34.18 -7.83
C GLU H 608 -1.75 32.75 -8.30
N PHE H 609 -2.93 32.22 -7.98
CA PHE H 609 -3.31 30.88 -8.39
C PHE H 609 -3.38 30.80 -9.92
N ASP H 610 -3.50 31.96 -10.56
CA ASP H 610 -3.57 32.04 -12.02
C ASP H 610 -2.38 31.36 -12.68
N LYS H 611 -1.22 31.40 -12.02
CA LYS H 611 -0.01 30.78 -12.54
C LYS H 611 0.08 29.32 -12.13
N MET H 612 -0.91 28.85 -11.38
CA MET H 612 -0.94 27.46 -10.93
C MET H 612 -1.51 26.53 -12.00
N ASN H 613 -1.03 25.29 -12.02
CA ASN H 613 -1.62 24.26 -12.87
C ASN H 613 -2.96 23.80 -12.30
N ASP H 614 -3.88 23.42 -13.19
CA ASP H 614 -5.22 23.02 -12.78
C ASP H 614 -5.21 21.73 -11.94
N GLN H 615 -4.21 20.88 -12.17
CA GLN H 615 -4.11 19.63 -11.42
C GLN H 615 -3.85 19.91 -9.94
N ASP H 616 -2.83 20.72 -9.67
CA ASP H 616 -2.53 21.17 -8.31
C ASP H 616 -3.64 22.06 -7.77
N ARG H 617 -4.32 22.76 -8.66
CA ARG H 617 -5.39 23.68 -8.27
C ARG H 617 -6.61 22.92 -7.77
N THR H 618 -6.70 21.64 -8.10
CA THR H 618 -7.77 20.79 -7.58
C THR H 618 -7.60 20.60 -6.08
N SER H 619 -6.36 20.39 -5.66
CA SER H 619 -6.04 20.25 -4.25
C SER H 619 -6.34 21.55 -3.50
N ILE H 620 -6.32 22.66 -4.23
CA ILE H 620 -6.67 23.96 -3.66
C ILE H 620 -8.05 23.92 -3.01
N HIS H 621 -9.08 23.77 -3.85
CA HIS H 621 -10.45 23.60 -3.37
C HIS H 621 -10.55 22.36 -2.50
N GLU H 622 -9.65 21.41 -2.74
CA GLU H 622 -9.62 20.16 -2.02
C GLU H 622 -9.26 20.34 -0.54
N ALA H 623 -8.16 21.03 -0.29
CA ALA H 623 -7.65 21.23 1.07
C ALA H 623 -8.66 21.93 1.96
N MET H 624 -9.27 22.99 1.44
CA MET H 624 -10.21 23.83 2.20
C MET H 624 -11.51 23.09 2.53
N GLU H 625 -11.78 22.01 1.79
CA GLU H 625 -13.07 21.32 1.87
C GLU H 625 -13.18 20.33 3.00
N GLN H 626 -12.51 19.18 2.85
CA GLN H 626 -12.58 18.10 3.81
C GLN H 626 -11.64 18.36 4.98
N GLN H 627 -10.66 19.22 4.74
CA GLN H 627 -9.61 19.49 5.73
C GLN H 627 -8.82 18.23 6.05
N SER H 628 -8.77 17.32 5.08
CA SER H 628 -7.90 16.14 5.13
C SER H 628 -7.39 15.85 3.72
N ILE H 629 -6.13 15.48 3.59
CA ILE H 629 -5.52 15.28 2.27
C ILE H 629 -5.65 13.83 1.79
N SER H 630 -5.91 13.67 0.49
CA SER H 630 -6.01 12.34 -0.12
C SER H 630 -5.63 12.33 -1.61
N ILE H 631 -5.03 11.23 -2.05
CA ILE H 631 -4.61 11.03 -3.44
C ILE H 631 -4.49 9.54 -3.81
N SER H 632 -4.40 9.27 -5.12
CA SER H 632 -4.52 7.92 -5.65
C SER H 632 -3.20 7.15 -5.86
N LYS H 633 -2.08 7.69 -5.43
CA LYS H 633 -0.80 7.06 -5.75
C LYS H 633 -0.01 6.57 -4.54
N ALA H 634 0.24 5.26 -4.48
CA ALA H 634 -0.49 4.31 -5.33
C ALA H 634 -1.09 3.16 -4.52
N GLY H 635 -0.25 2.22 -4.07
CA GLY H 635 -0.75 1.03 -3.39
C GLY H 635 -1.11 1.25 -1.94
N ILE H 636 -0.28 2.03 -1.25
CA ILE H 636 -0.50 2.40 0.13
C ILE H 636 -1.84 3.10 0.27
N VAL H 637 -2.60 2.78 1.32
CA VAL H 637 -3.92 3.36 1.50
C VAL H 637 -4.08 3.94 2.91
N THR H 638 -4.56 5.17 3.01
CA THR H 638 -4.70 5.85 4.29
C THR H 638 -5.78 6.93 4.21
N THR H 639 -5.88 7.69 5.30
CA THR H 639 -6.60 8.96 5.30
C THR H 639 -5.73 9.99 6.00
N LEU H 640 -5.27 10.99 5.24
CA LEU H 640 -4.44 12.05 5.79
C LEU H 640 -5.29 13.24 6.20
N GLN H 641 -5.17 13.67 7.44
CA GLN H 641 -5.92 14.82 7.92
C GLN H 641 -5.00 16.00 8.21
N ALA H 642 -5.18 17.06 7.41
CA ALA H 642 -4.43 18.32 7.54
C ALA H 642 -5.37 19.52 7.69
N ARG H 643 -5.28 20.21 8.81
CA ARG H 643 -6.08 21.40 9.01
C ARG H 643 -5.20 22.63 9.03
N CYS H 644 -5.42 23.50 8.04
CA CYS H 644 -4.63 24.71 7.86
C CYS H 644 -5.53 25.88 7.49
N SER H 645 -5.34 27.01 8.17
CA SER H 645 -5.91 28.26 7.69
C SER H 645 -5.27 28.49 6.32
N ILE H 646 -6.03 29.07 5.40
CA ILE H 646 -5.54 29.15 4.03
C ILE H 646 -5.57 30.58 3.48
N ILE H 647 -4.39 31.13 3.22
CA ILE H 647 -4.27 32.47 2.66
C ILE H 647 -4.13 32.42 1.14
N ALA H 648 -4.75 33.39 0.46
CA ALA H 648 -4.65 33.51 -0.99
C ALA H 648 -4.54 34.97 -1.42
N ALA H 649 -3.53 35.28 -2.23
CA ALA H 649 -3.50 36.56 -2.92
C ALA H 649 -3.09 36.35 -4.36
N ALA H 650 -4.00 36.66 -5.28
CA ALA H 650 -3.73 36.53 -6.71
C ALA H 650 -3.98 37.84 -7.43
N ASN H 651 -3.12 38.17 -8.38
CA ASN H 651 -3.29 39.39 -9.16
C ASN H 651 -4.39 39.24 -10.19
N PRO H 652 -5.31 40.22 -10.22
CA PRO H 652 -6.40 40.28 -11.20
C PRO H 652 -5.87 40.17 -12.61
N ASN H 653 -6.62 39.52 -13.50
CA ASN H 653 -6.23 39.41 -14.89
C ASN H 653 -6.05 40.78 -15.51
N GLY H 654 -5.05 40.93 -16.37
CA GLY H 654 -4.82 42.18 -17.07
C GLY H 654 -4.41 43.33 -16.15
N GLY H 655 -5.14 44.44 -16.27
CA GLY H 655 -4.74 45.68 -15.63
C GLY H 655 -4.99 45.80 -14.13
N ARG H 656 -4.89 47.04 -13.65
CA ARG H 656 -5.06 47.37 -12.24
C ARG H 656 -6.37 46.85 -11.67
N TYR H 657 -7.45 47.05 -12.42
CA TYR H 657 -8.78 46.58 -12.02
C TYR H 657 -9.41 45.91 -13.23
N ASN H 658 -9.77 44.62 -13.09
CA ASN H 658 -10.18 43.83 -14.26
C ASN H 658 -11.45 44.37 -14.93
N SER H 659 -12.55 44.44 -14.18
CA SER H 659 -13.77 45.07 -14.67
C SER H 659 -14.59 45.58 -13.51
N THR H 660 -15.34 46.66 -13.74
CA THR H 660 -16.35 47.10 -12.79
C THR H 660 -17.31 45.93 -12.60
N LEU H 661 -17.52 45.19 -13.68
CA LEU H 661 -18.32 43.98 -13.67
C LEU H 661 -17.83 43.02 -12.59
N PRO H 662 -18.73 42.18 -12.07
CA PRO H 662 -18.50 41.29 -10.91
C PRO H 662 -17.20 40.48 -11.04
N LEU H 663 -16.53 40.24 -9.92
CA LEU H 663 -15.20 39.63 -9.93
C LEU H 663 -15.19 38.27 -10.63
N ALA H 664 -16.36 37.65 -10.76
CA ALA H 664 -16.48 36.46 -11.59
C ALA H 664 -16.03 36.81 -13.00
N GLN H 665 -16.29 38.06 -13.39
CA GLN H 665 -15.75 38.61 -14.62
C GLN H 665 -14.29 38.99 -14.43
N ASN H 666 -13.97 39.46 -13.22
CA ASN H 666 -12.61 39.81 -12.84
C ASN H 666 -11.68 38.60 -12.93
N VAL H 667 -12.12 37.47 -12.37
CA VAL H 667 -11.24 36.31 -12.26
C VAL H 667 -11.67 35.15 -13.16
N SER H 668 -10.69 34.52 -13.80
CA SER H 668 -10.92 33.29 -14.54
C SER H 668 -11.29 32.19 -13.56
N LEU H 669 -10.73 32.30 -12.36
CA LEU H 669 -10.99 31.33 -11.30
C LEU H 669 -12.47 31.22 -10.98
N THR H 670 -12.94 29.98 -10.81
CA THR H 670 -14.34 29.72 -10.58
C THR H 670 -14.77 30.20 -9.19
N GLU H 671 -16.01 30.65 -9.09
CA GLU H 671 -16.54 31.09 -7.80
C GLU H 671 -16.61 29.93 -6.81
N PRO H 672 -17.08 28.76 -7.25
CA PRO H 672 -17.11 27.54 -6.43
C PRO H 672 -15.78 27.20 -5.76
N ILE H 673 -14.68 27.33 -6.50
CA ILE H 673 -13.35 27.12 -5.90
C ILE H 673 -13.03 28.34 -5.04
N LEU H 674 -13.42 29.52 -5.51
CA LEU H 674 -13.33 30.75 -4.75
C LEU H 674 -14.28 30.71 -3.55
N SER H 675 -15.35 29.94 -3.71
CA SER H 675 -16.40 29.82 -2.68
C SER H 675 -15.82 29.38 -1.34
N ARG H 676 -14.81 28.50 -1.40
CA ARG H 676 -14.12 28.05 -0.20
C ARG H 676 -13.41 29.21 0.49
N PHE H 677 -13.28 30.32 -0.22
CA PHE H 677 -12.66 31.51 0.34
C PHE H 677 -13.71 32.35 1.05
N ASP H 678 -13.57 32.49 2.37
CA ASP H 678 -14.52 33.25 3.18
C ASP H 678 -14.24 34.74 3.05
N ILE H 679 -12.95 35.06 2.96
CA ILE H 679 -12.50 36.45 2.83
C ILE H 679 -11.89 36.68 1.46
N LEU H 680 -12.33 37.74 0.80
CA LEU H 680 -11.76 38.17 -0.46
C LEU H 680 -11.11 39.52 -0.25
N CYS H 681 -9.80 39.59 -0.48
CA CYS H 681 -9.13 40.87 -0.29
C CYS H 681 -8.98 41.55 -1.64
N VAL H 682 -9.77 42.60 -1.83
CA VAL H 682 -9.74 43.37 -3.06
C VAL H 682 -9.01 44.68 -2.82
N VAL H 683 -8.23 45.10 -3.79
CA VAL H 683 -7.48 46.34 -3.63
C VAL H 683 -7.60 47.26 -4.83
N ARG H 684 -7.00 48.42 -4.69
CA ARG H 684 -7.16 49.54 -5.61
C ARG H 684 -5.92 50.41 -5.35
N ASP H 685 -5.83 51.62 -5.89
CA ASP H 685 -6.91 52.29 -6.60
C ASP H 685 -6.36 53.06 -7.78
N LEU H 686 -7.24 53.76 -8.48
CA LEU H 686 -6.79 54.72 -9.48
C LEU H 686 -6.10 55.85 -8.71
N VAL H 687 -5.11 56.47 -9.36
CA VAL H 687 -4.25 57.45 -8.69
C VAL H 687 -5.03 58.57 -8.00
N ASP H 688 -4.64 58.87 -6.77
CA ASP H 688 -5.22 59.99 -6.03
C ASP H 688 -4.11 60.89 -5.50
N GLU H 689 -4.42 62.18 -5.40
CA GLU H 689 -3.45 63.18 -4.99
C GLU H 689 -2.81 62.90 -3.63
N GLU H 690 -3.62 62.97 -2.58
CA GLU H 690 -3.11 62.89 -1.21
C GLU H 690 -2.74 61.45 -0.82
N ALA H 691 -3.25 60.48 -1.57
CA ALA H 691 -3.08 59.06 -1.27
C ALA H 691 -1.63 58.68 -0.98
N ASP H 692 -0.73 59.08 -1.85
CA ASP H 692 0.68 58.74 -1.69
C ASP H 692 1.35 59.63 -0.64
N GLU H 693 0.86 60.85 -0.48
CA GLU H 693 1.31 61.73 0.60
C GLU H 693 1.11 61.01 1.92
N ARG H 694 0.03 60.23 1.98
CA ARG H 694 -0.34 59.45 3.15
C ARG H 694 0.54 58.21 3.26
N LEU H 695 1.25 57.89 2.19
CA LEU H 695 2.06 56.68 2.13
C LEU H 695 3.51 56.97 1.75
N ALA H 696 3.70 57.53 0.56
CA ALA H 696 5.04 57.86 0.08
C ALA H 696 5.82 58.63 1.15
N THR H 697 5.17 59.58 1.80
CA THR H 697 5.78 60.29 2.93
C THR H 697 6.03 59.30 4.07
N PHE H 698 5.05 58.44 4.32
CA PHE H 698 5.21 57.33 5.26
C PHE H 698 6.37 56.44 4.82
N VAL H 699 6.39 56.08 3.55
CA VAL H 699 7.40 55.18 3.00
C VAL H 699 8.81 55.75 3.10
N VAL H 700 8.99 56.99 2.63
CA VAL H 700 10.29 57.66 2.69
C VAL H 700 10.84 57.66 4.11
N ASP H 701 9.96 57.94 5.07
CA ASP H 701 10.33 57.95 6.48
C ASP H 701 10.64 56.53 6.96
N SER H 702 10.00 55.54 6.35
CA SER H 702 10.30 54.16 6.65
C SER H 702 11.75 53.83 6.30
N HIS H 703 12.17 54.25 5.10
CA HIS H 703 13.53 54.04 4.65
C HIS H 703 14.54 54.92 5.39
N VAL H 704 14.03 55.88 6.17
CA VAL H 704 14.89 56.71 7.01
C VAL H 704 15.68 55.82 7.98
N ARG H 705 15.10 54.67 8.30
CA ARG H 705 15.77 53.67 9.12
C ARG H 705 16.92 53.03 8.35
N SER H 706 18.01 52.72 9.05
CA SER H 706 19.16 52.08 8.42
C SER H 706 20.24 51.74 9.45
N SER H 756 4.52 52.45 18.64
CA SER H 756 3.08 52.26 18.75
C SER H 756 2.70 50.78 18.82
N PRO H 757 3.10 50.00 17.81
CA PRO H 757 2.76 48.57 17.78
C PRO H 757 3.37 47.79 18.95
N ILE H 758 2.73 46.67 19.30
CA ILE H 758 3.29 45.77 20.31
C ILE H 758 4.59 45.18 19.79
N PRO H 759 5.54 44.88 20.70
CA PRO H 759 6.70 44.13 20.24
C PRO H 759 6.25 42.78 19.68
N GLN H 760 6.75 42.42 18.50
CA GLN H 760 6.27 41.24 17.78
C GLN H 760 6.31 39.97 18.61
N GLU H 761 7.31 39.86 19.49
CA GLU H 761 7.41 38.72 20.40
C GLU H 761 6.14 38.58 21.23
N LEU H 762 5.65 39.68 21.77
CA LEU H 762 4.42 39.68 22.54
C LEU H 762 3.22 39.31 21.66
N LEU H 763 3.06 40.05 20.56
CA LEU H 763 1.92 39.85 19.66
C LEU H 763 1.93 38.48 19.00
N MET H 764 3.11 37.99 18.64
CA MET H 764 3.24 36.65 18.06
C MET H 764 2.97 35.60 19.12
N LYS H 765 3.42 35.87 20.35
CA LYS H 765 3.13 35.01 21.49
C LYS H 765 1.64 35.09 21.80
N TYR H 766 1.08 36.28 21.64
CA TYR H 766 -0.32 36.56 21.91
C TYR H 766 -1.26 35.59 21.19
N ILE H 767 -1.09 35.45 19.89
CA ILE H 767 -1.90 34.54 19.08
C ILE H 767 -1.62 33.07 19.42
N HIS H 768 -0.35 32.70 19.46
CA HIS H 768 0.03 31.33 19.78
C HIS H 768 -0.48 30.98 21.18
N TYR H 769 -0.31 31.89 22.11
CA TYR H 769 -0.89 31.77 23.43
C TYR H 769 -2.40 31.59 23.33
N ALA H 770 -3.01 32.32 22.40
CA ALA H 770 -4.45 32.24 22.19
C ALA H 770 -4.86 30.92 21.53
N ARG H 771 -4.20 30.60 20.42
CA ARG H 771 -4.50 29.37 19.69
C ARG H 771 -4.28 28.16 20.58
N THR H 772 -3.42 28.30 21.58
CA THR H 772 -3.16 27.22 22.52
C THR H 772 -4.16 27.17 23.67
N LYS H 773 -4.89 28.26 23.91
CA LYS H 773 -5.70 28.33 25.12
C LYS H 773 -7.18 28.75 24.95
N ILE H 774 -7.42 30.01 24.62
CA ILE H 774 -8.74 30.60 24.78
C ILE H 774 -9.78 30.07 23.77
N TYR H 775 -10.95 29.68 24.30
CA TYR H 775 -12.01 29.07 23.49
C TYR H 775 -13.35 29.78 23.68
N PRO H 776 -13.61 30.80 22.85
CA PRO H 776 -14.83 31.61 22.88
C PRO H 776 -16.08 30.83 22.50
N LYS H 777 -17.21 31.20 23.10
CA LYS H 777 -18.49 30.59 22.77
C LYS H 777 -19.61 31.61 22.81
N LEU H 778 -20.47 31.58 21.79
CA LEU H 778 -21.57 32.52 21.71
C LEU H 778 -22.73 32.09 22.60
N HIS H 779 -23.52 33.07 23.03
CA HIS H 779 -24.78 32.79 23.71
C HIS H 779 -25.90 32.94 22.69
N GLN H 780 -26.63 31.86 22.45
CA GLN H 780 -27.60 31.79 21.35
C GLN H 780 -28.60 32.96 21.31
N MET H 781 -28.86 33.56 22.48
CA MET H 781 -29.85 34.62 22.60
C MET H 781 -29.61 35.80 21.66
N ASP H 782 -28.57 36.58 21.94
CA ASP H 782 -28.30 37.80 21.17
C ASP H 782 -27.83 37.49 19.75
N MET H 783 -27.47 36.22 19.51
CA MET H 783 -27.00 35.79 18.19
C MET H 783 -28.17 35.58 17.23
N ASP H 784 -29.39 35.55 17.76
CA ASP H 784 -30.58 35.39 16.93
C ASP H 784 -30.69 36.54 15.94
N LYS H 785 -30.23 37.71 16.37
CA LYS H 785 -30.27 38.92 15.55
C LYS H 785 -29.53 38.73 14.23
N VAL H 786 -28.40 38.03 14.27
CA VAL H 786 -27.60 37.80 13.06
C VAL H 786 -28.37 36.97 12.05
N SER H 787 -29.06 35.94 12.51
CA SER H 787 -29.95 35.17 11.65
C SER H 787 -30.99 36.10 11.06
N ARG H 788 -31.39 37.10 11.84
CA ARG H 788 -32.26 38.16 11.38
C ARG H 788 -31.50 39.18 10.54
N VAL H 789 -30.33 39.58 11.05
CA VAL H 789 -29.48 40.55 10.36
C VAL H 789 -28.93 39.98 9.06
N TYR H 790 -28.77 38.66 9.02
CA TYR H 790 -28.29 38.03 7.80
C TYR H 790 -29.35 38.04 6.71
N ALA H 791 -30.60 37.86 7.10
CA ALA H 791 -31.72 37.88 6.15
C ALA H 791 -31.64 39.15 5.30
N ASP H 792 -31.17 40.23 5.91
CA ASP H 792 -30.87 41.45 5.18
C ASP H 792 -29.64 41.25 4.31
N LEU H 793 -28.76 40.35 4.72
CA LEU H 793 -27.46 40.17 4.07
C LEU H 793 -27.48 39.14 2.95
N ARG H 794 -28.62 38.50 2.70
CA ARG H 794 -28.68 37.56 1.59
C ARG H 794 -29.55 38.09 0.44
N ARG H 795 -30.87 38.07 0.63
CA ARG H 795 -31.81 38.44 -0.43
C ARG H 795 -31.51 39.80 -1.05
N GLU H 796 -31.34 40.82 -0.21
CA GLU H 796 -31.00 42.15 -0.68
C GLU H 796 -29.62 42.14 -1.34
N SER H 797 -28.72 41.35 -0.79
CA SER H 797 -27.40 41.16 -1.38
C SER H 797 -27.52 40.25 -2.60
N ILE H 798 -28.52 39.37 -2.58
CA ILE H 798 -28.85 38.55 -3.73
C ILE H 798 -29.35 39.40 -4.89
N SER H 799 -30.07 40.47 -4.54
CA SER H 799 -30.74 41.33 -5.52
C SER H 799 -29.78 41.74 -6.64
N THR H 800 -28.50 41.87 -6.31
CA THR H 800 -27.46 42.15 -7.29
C THR H 800 -26.45 40.99 -7.33
N GLY H 801 -25.83 40.79 -8.49
CA GLY H 801 -24.86 39.73 -8.69
C GLY H 801 -25.49 38.34 -8.70
N SER H 802 -24.70 37.31 -9.00
CA SER H 802 -25.23 35.95 -8.93
C SER H 802 -24.29 34.98 -8.20
N PHE H 803 -24.71 34.50 -7.03
CA PHE H 803 -25.75 35.19 -6.25
C PHE H 803 -25.20 36.55 -5.83
N PRO H 804 -23.95 36.59 -5.38
CA PRO H 804 -23.14 35.43 -4.98
C PRO H 804 -23.19 35.18 -3.47
N ILE H 805 -24.38 34.96 -2.92
CA ILE H 805 -24.51 34.64 -1.52
C ILE H 805 -24.37 33.13 -1.31
N THR H 806 -23.63 32.74 -0.29
CA THR H 806 -23.43 31.32 -0.03
C THR H 806 -23.80 30.93 1.41
N VAL H 807 -24.32 29.71 1.54
CA VAL H 807 -24.65 29.13 2.85
C VAL H 807 -23.40 29.07 3.73
N ARG H 808 -22.29 28.65 3.12
CA ARG H 808 -20.99 28.60 3.79
C ARG H 808 -20.59 29.98 4.30
N HIS H 809 -20.91 31.00 3.52
CA HIS H 809 -20.53 32.38 3.83
C HIS H 809 -21.00 32.79 5.22
N LEU H 810 -22.20 32.35 5.59
CA LEU H 810 -22.74 32.65 6.92
C LEU H 810 -21.91 31.95 7.99
N GLU H 811 -21.51 30.71 7.71
CA GLU H 811 -20.68 29.93 8.63
C GLU H 811 -19.42 30.71 9.00
N SER H 812 -18.93 31.51 8.06
CA SER H 812 -17.72 32.29 8.27
C SER H 812 -17.85 33.27 9.44
N ILE H 813 -18.98 33.98 9.50
CA ILE H 813 -19.20 35.04 10.49
C ILE H 813 -18.92 34.58 11.93
N LEU H 814 -19.14 33.29 12.17
CA LEU H 814 -18.88 32.70 13.49
C LEU H 814 -17.39 32.48 13.67
N ARG H 815 -16.74 31.90 12.67
CA ARG H 815 -15.30 31.75 12.66
C ARG H 815 -14.65 33.13 12.70
N ILE H 816 -15.36 34.12 12.17
CA ILE H 816 -14.97 35.51 12.31
C ILE H 816 -15.07 35.94 13.77
N ALA H 817 -16.24 35.72 14.35
CA ALA H 817 -16.54 36.13 15.72
C ALA H 817 -15.60 35.51 16.74
N GLU H 818 -15.31 34.22 16.57
CA GLU H 818 -14.45 33.48 17.49
C GLU H 818 -13.08 34.15 17.63
N SER H 819 -12.62 34.77 16.55
CA SER H 819 -11.30 35.37 16.53
C SER H 819 -11.17 36.55 17.49
N PHE H 820 -12.03 37.55 17.32
CA PHE H 820 -11.95 38.78 18.11
C PHE H 820 -12.15 38.51 19.60
N ALA H 821 -12.99 37.53 19.91
CA ALA H 821 -13.27 37.18 21.30
C ALA H 821 -12.02 36.68 22.01
N LYS H 822 -11.30 35.75 21.37
CA LYS H 822 -10.01 35.30 21.88
C LYS H 822 -9.06 36.48 21.95
N MET H 823 -9.16 37.38 20.98
CA MET H 823 -8.42 38.63 21.00
C MET H 823 -8.87 39.47 22.19
N ARG H 824 -10.13 39.31 22.55
CA ARG H 824 -10.68 39.93 23.75
C ARG H 824 -10.38 39.05 24.96
N LEU H 825 -10.01 37.80 24.67
CA LEU H 825 -9.75 36.79 25.70
C LEU H 825 -10.99 36.59 26.57
N SER H 826 -12.15 36.73 25.96
CA SER H 826 -13.42 36.68 26.68
C SER H 826 -13.85 35.26 27.02
N GLU H 827 -13.31 34.29 26.29
CA GLU H 827 -13.67 32.88 26.46
C GLU H 827 -15.07 32.61 25.89
N PHE H 828 -15.80 33.67 25.57
CA PHE H 828 -17.12 33.52 24.97
C PHE H 828 -17.41 34.66 24.03
N VAL H 829 -18.33 34.44 23.09
CA VAL H 829 -18.68 35.45 22.10
C VAL H 829 -19.38 36.64 22.74
N SER H 830 -18.99 37.85 22.32
CA SER H 830 -19.61 39.07 22.79
C SER H 830 -20.16 39.84 21.59
N SER H 831 -21.08 40.77 21.85
CA SER H 831 -21.70 41.55 20.78
C SER H 831 -20.66 42.35 20.00
N TYR H 832 -19.76 43.02 20.73
CA TYR H 832 -18.69 43.78 20.11
C TYR H 832 -17.84 42.90 19.20
N ASP H 833 -17.75 41.61 19.54
CA ASP H 833 -17.04 40.65 18.71
C ASP H 833 -17.76 40.48 17.38
N LEU H 834 -19.10 40.51 17.44
CA LEU H 834 -19.92 40.41 16.24
C LEU H 834 -19.86 41.71 15.45
N ASP H 835 -19.85 42.83 16.16
CA ASP H 835 -19.87 44.17 15.54
C ASP H 835 -18.85 44.28 14.43
N ARG H 836 -17.64 43.79 14.68
CA ARG H 836 -16.61 43.73 13.65
C ARG H 836 -16.94 42.60 12.68
N ALA H 837 -17.34 41.45 13.24
CA ALA H 837 -17.64 40.26 12.46
C ALA H 837 -18.59 40.56 11.30
N ILE H 838 -19.68 41.26 11.57
CA ILE H 838 -20.60 41.68 10.51
C ILE H 838 -19.93 42.67 9.55
N LYS H 839 -19.44 43.77 10.10
CA LYS H 839 -18.82 44.83 9.32
C LYS H 839 -17.69 44.32 8.44
N VAL H 840 -16.93 43.36 8.96
CA VAL H 840 -15.87 42.71 8.18
C VAL H 840 -16.46 42.07 6.92
N VAL H 841 -17.60 41.40 7.09
CA VAL H 841 -18.27 40.70 5.99
C VAL H 841 -19.05 41.63 5.06
N VAL H 842 -19.70 42.64 5.63
CA VAL H 842 -20.60 43.52 4.89
C VAL H 842 -19.98 44.11 3.62
N ASP H 843 -19.04 45.03 3.80
CA ASP H 843 -18.41 45.71 2.68
C ASP H 843 -17.52 44.74 1.88
N SER H 844 -17.00 43.73 2.58
CA SER H 844 -16.24 42.67 1.92
C SER H 844 -17.07 42.05 0.82
N PHE H 845 -18.32 41.72 1.14
CA PHE H 845 -19.26 41.25 0.14
C PHE H 845 -19.64 42.38 -0.80
N VAL H 846 -19.66 43.60 -0.27
CA VAL H 846 -20.04 44.78 -1.03
C VAL H 846 -19.08 45.09 -2.17
N ASP H 847 -17.78 45.08 -1.87
CA ASP H 847 -16.77 45.45 -2.86
C ASP H 847 -16.78 44.52 -4.08
N ALA H 848 -17.26 43.29 -3.88
CA ALA H 848 -17.37 42.34 -4.99
C ALA H 848 -18.34 42.85 -6.05
N GLN H 849 -19.25 43.73 -5.64
CA GLN H 849 -20.26 44.28 -6.55
C GLN H 849 -19.64 45.26 -7.56
N LYS H 850 -20.35 45.51 -8.64
CA LYS H 850 -19.92 46.46 -9.67
C LYS H 850 -20.05 47.89 -9.13
N VAL H 851 -19.69 48.88 -9.94
CA VAL H 851 -19.78 50.28 -9.53
C VAL H 851 -21.21 50.63 -9.13
N SER H 852 -22.15 49.81 -9.58
CA SER H 852 -23.53 49.89 -9.14
C SER H 852 -23.63 49.64 -7.63
N VAL H 853 -22.54 49.17 -7.04
CA VAL H 853 -22.49 48.88 -5.61
C VAL H 853 -22.66 50.14 -4.76
N ARG H 854 -22.31 51.30 -5.33
CA ARG H 854 -22.50 52.57 -4.64
C ARG H 854 -23.96 52.71 -4.20
N ARG H 855 -24.86 52.14 -5.01
CA ARG H 855 -26.26 52.02 -4.66
C ARG H 855 -26.46 50.92 -3.63
N GLN H 856 -25.66 49.87 -3.75
CA GLN H 856 -25.69 48.74 -2.82
C GLN H 856 -25.13 49.14 -1.46
N LEU H 857 -24.28 50.16 -1.44
CA LEU H 857 -23.71 50.68 -0.20
C LEU H 857 -24.79 51.20 0.73
N ARG H 858 -25.75 51.92 0.16
CA ARG H 858 -26.74 52.65 0.95
C ARG H 858 -27.69 51.74 1.73
N ARG H 859 -27.93 50.54 1.21
CA ARG H 859 -28.80 49.59 1.90
C ARG H 859 -28.07 48.90 3.05
N SER H 860 -26.78 48.64 2.86
CA SER H 860 -25.98 47.97 3.87
C SER H 860 -25.83 48.82 5.14
N PHE H 861 -26.16 50.10 5.02
CA PHE H 861 -26.06 51.03 6.14
C PHE H 861 -26.84 50.55 7.35
N ALA H 862 -27.94 49.83 7.10
CA ALA H 862 -28.77 49.31 8.17
C ALA H 862 -28.02 48.23 8.97
N ILE H 863 -27.04 47.60 8.34
CA ILE H 863 -26.30 46.52 8.96
C ILE H 863 -25.09 47.03 9.74
N TYR H 864 -24.81 48.32 9.61
CA TYR H 864 -23.71 48.95 10.33
C TYR H 864 -24.04 49.09 11.81
N PRO I 17 11.63 -53.26 13.83
CA PRO I 17 10.36 -52.53 13.70
C PRO I 17 9.28 -53.08 14.64
N ASP I 18 8.51 -52.17 15.22
CA ASP I 18 7.40 -52.56 16.08
C ASP I 18 6.37 -53.36 15.28
N ALA I 19 5.76 -54.35 15.93
CA ALA I 19 4.69 -55.11 15.29
C ALA I 19 3.56 -54.16 14.94
N VAL I 20 3.48 -53.06 15.69
CA VAL I 20 2.52 -52.00 15.38
C VAL I 20 2.64 -51.61 13.91
N PHE I 21 3.86 -51.64 13.39
CA PHE I 21 4.09 -51.45 11.96
C PHE I 21 3.82 -52.74 11.20
N GLY I 22 4.26 -53.87 11.77
CA GLY I 22 4.09 -55.16 11.14
C GLY I 22 2.66 -55.66 11.20
N ASP I 23 1.94 -55.25 12.24
CA ASP I 23 0.55 -55.62 12.41
C ASP I 23 -0.34 -54.81 11.49
N ARG I 24 -0.06 -53.51 11.37
CA ARG I 24 -0.82 -52.65 10.46
C ARG I 24 -0.68 -53.15 9.03
N VAL I 25 0.54 -53.53 8.65
CA VAL I 25 0.74 -54.25 7.40
C VAL I 25 -0.08 -55.53 7.45
N ARG I 26 0.07 -56.27 8.54
CA ARG I 26 -0.71 -57.49 8.74
C ARG I 26 -2.20 -57.15 8.86
N ARG I 27 -2.47 -55.94 9.32
CA ARG I 27 -3.83 -55.43 9.39
C ARG I 27 -4.32 -55.12 7.99
N PHE I 28 -3.38 -54.89 7.08
CA PHE I 28 -3.76 -54.77 5.68
C PHE I 28 -3.37 -56.09 5.01
N GLN I 29 -4.32 -57.01 4.99
CA GLN I 29 -4.21 -58.27 4.27
C GLN I 29 -5.57 -58.53 3.64
N GLU I 30 -6.54 -58.76 4.53
CA GLU I 30 -7.96 -58.89 4.16
C GLU I 30 -8.41 -57.68 3.37
N PHE I 31 -7.78 -56.54 3.64
CA PHE I 31 -7.82 -55.40 2.73
C PHE I 31 -6.40 -55.21 2.21
N LEU I 32 -6.27 -54.97 0.92
CA LEU I 32 -7.42 -54.76 0.04
C LEU I 32 -7.93 -56.07 -0.52
N ASP I 33 -7.51 -57.19 0.05
CA ASP I 33 -8.12 -58.48 -0.31
C ASP I 33 -9.64 -58.33 -0.36
N THR I 34 -10.22 -57.58 0.57
CA THR I 34 -11.60 -57.08 0.44
C THR I 34 -11.71 -55.63 0.89
N PHE I 35 -12.12 -54.71 0.02
CA PHE I 35 -12.51 -54.98 -1.37
C PHE I 35 -11.29 -55.29 -2.24
N THR I 36 -11.33 -56.42 -2.94
CA THR I 36 -10.19 -56.90 -3.72
C THR I 36 -10.05 -56.22 -5.08
N SER I 37 -10.95 -55.29 -5.38
CA SER I 37 -11.00 -54.64 -6.68
C SER I 37 -9.69 -53.96 -7.09
N TYR I 38 -8.89 -53.55 -6.11
CA TYR I 38 -7.58 -52.94 -6.39
C TYR I 38 -6.52 -53.99 -6.69
N ARG I 39 -6.74 -55.20 -6.19
CA ARG I 39 -5.75 -56.28 -6.27
C ARG I 39 -5.32 -56.55 -7.70
N ASP I 40 -6.29 -56.74 -8.58
CA ASP I 40 -6.02 -56.98 -9.99
C ASP I 40 -5.78 -55.67 -10.76
N SER I 41 -6.22 -54.56 -10.19
CA SER I 41 -5.99 -53.25 -10.81
C SER I 41 -4.49 -52.98 -10.85
N VAL I 42 -3.82 -53.30 -9.75
CA VAL I 42 -2.37 -53.27 -9.69
C VAL I 42 -1.82 -54.33 -10.66
N ARG I 43 -2.52 -55.45 -10.74
CA ARG I 43 -2.21 -56.50 -11.71
C ARG I 43 -2.51 -55.99 -13.11
N SER I 44 -3.53 -55.15 -13.23
CA SER I 44 -3.81 -54.46 -14.48
C SER I 44 -2.63 -53.55 -14.81
N ILE I 45 -2.00 -53.02 -13.77
CA ILE I 45 -0.76 -52.27 -13.92
C ILE I 45 0.36 -53.23 -14.29
N GLN I 46 0.45 -54.35 -13.56
CA GLN I 46 1.45 -55.38 -13.82
C GLN I 46 1.46 -55.81 -15.28
N VAL I 47 0.27 -56.10 -15.82
CA VAL I 47 0.15 -56.54 -17.20
C VAL I 47 0.60 -55.47 -18.19
N TYR I 48 0.03 -54.27 -18.07
CA TYR I 48 0.40 -53.17 -18.96
C TYR I 48 1.89 -52.87 -18.86
N ASN I 49 2.43 -52.93 -17.65
CA ASN I 49 3.87 -52.82 -17.46
C ASN I 49 4.57 -53.93 -18.24
N SER I 50 4.00 -55.13 -18.20
CA SER I 50 4.50 -56.25 -18.96
C SER I 50 4.18 -56.06 -20.45
N ASN I 51 3.03 -55.46 -20.73
CA ASN I 51 2.62 -55.16 -22.10
C ASN I 51 3.70 -54.36 -22.85
N ASN I 52 4.10 -53.24 -22.26
CA ASN I 52 5.15 -52.40 -22.84
C ASN I 52 6.46 -53.17 -23.00
N ALA I 53 6.70 -54.11 -22.09
CA ALA I 53 7.89 -54.95 -22.16
C ALA I 53 7.86 -55.85 -23.40
N ALA I 54 6.65 -56.11 -23.91
CA ALA I 54 6.47 -56.99 -25.05
C ALA I 54 6.80 -56.29 -26.37
N ASN I 55 6.37 -55.05 -26.50
CA ASN I 55 6.54 -54.31 -27.75
C ASN I 55 7.94 -53.72 -27.95
N TYR I 56 8.56 -53.26 -26.86
CA TYR I 56 9.78 -52.47 -26.96
C TYR I 56 11.05 -53.30 -27.17
N ASN I 57 10.97 -54.61 -26.95
CA ASN I 57 12.11 -55.49 -27.15
C ASN I 57 11.80 -56.63 -28.11
N ILE I 91 4.65 -47.97 -18.77
CA ILE I 91 4.63 -46.51 -18.75
C ILE I 91 3.84 -45.99 -17.56
N LEU I 92 2.99 -46.85 -17.00
CA LEU I 92 2.13 -46.45 -15.89
C LEU I 92 2.90 -46.26 -14.59
N PRO I 93 2.48 -45.28 -13.79
CA PRO I 93 3.09 -45.02 -12.48
C PRO I 93 2.76 -46.14 -11.50
N HIS I 94 3.69 -46.45 -10.61
CA HIS I 94 3.48 -47.51 -9.62
C HIS I 94 2.28 -47.22 -8.75
N ARG I 95 2.09 -45.94 -8.41
CA ARG I 95 1.09 -45.55 -7.43
C ARG I 95 -0.34 -45.82 -7.90
N ILE I 96 -1.20 -46.20 -6.95
CA ILE I 96 -2.55 -46.66 -7.24
C ILE I 96 -3.60 -45.84 -6.49
N ILE I 97 -4.80 -45.79 -7.04
CA ILE I 97 -5.92 -45.11 -6.39
C ILE I 97 -6.65 -46.05 -5.44
N ILE I 98 -7.02 -45.54 -4.27
CA ILE I 98 -7.84 -46.30 -3.34
C ILE I 98 -8.92 -45.44 -2.71
N SER I 99 -10.17 -45.84 -2.85
CA SER I 99 -11.23 -45.16 -2.14
C SER I 99 -11.05 -45.45 -0.66
N LEU I 100 -10.91 -44.39 0.14
CA LEU I 100 -10.67 -44.53 1.57
C LEU I 100 -11.81 -45.28 2.26
N ASP I 101 -12.98 -45.23 1.65
CA ASP I 101 -14.24 -45.66 2.24
C ASP I 101 -14.18 -47.03 2.91
N ASP I 102 -13.48 -47.97 2.26
CA ASP I 102 -13.41 -49.34 2.73
C ASP I 102 -12.99 -49.45 4.19
N LEU I 103 -12.22 -48.47 4.66
CA LEU I 103 -11.80 -48.47 6.06
C LEU I 103 -12.99 -48.32 7.01
N ARG I 104 -14.05 -47.69 6.52
CA ARG I 104 -15.26 -47.53 7.32
C ARG I 104 -16.01 -48.84 7.47
N GLU I 105 -15.83 -49.71 6.48
CA GLU I 105 -16.35 -51.07 6.54
C GLU I 105 -15.26 -52.01 7.05
N PHE I 106 -14.09 -51.47 7.34
CA PHE I 106 -12.94 -52.27 7.72
C PHE I 106 -12.45 -51.95 9.14
N ASP I 107 -11.75 -50.83 9.28
CA ASP I 107 -11.33 -50.34 10.59
C ASP I 107 -11.65 -48.86 10.68
N ARG I 108 -12.53 -48.48 11.60
CA ARG I 108 -12.87 -47.08 11.78
C ARG I 108 -11.75 -46.37 12.55
N SER I 109 -11.08 -47.13 13.41
CA SER I 109 -9.91 -46.63 14.13
C SER I 109 -8.73 -46.45 13.17
N PHE I 110 -8.50 -47.44 12.31
CA PHE I 110 -7.48 -47.34 11.27
C PHE I 110 -7.92 -46.30 10.24
N TRP I 111 -9.24 -46.16 10.09
CA TRP I 111 -9.83 -45.16 9.20
C TRP I 111 -9.42 -43.74 9.59
N SER I 112 -9.91 -43.27 10.73
CA SER I 112 -9.69 -41.89 11.16
C SER I 112 -8.23 -41.67 11.52
N GLY I 113 -7.55 -42.76 11.88
CA GLY I 113 -6.13 -42.70 12.21
C GLY I 113 -5.29 -42.22 11.04
N ILE I 114 -5.57 -42.77 9.86
CA ILE I 114 -4.96 -42.29 8.62
C ILE I 114 -5.29 -40.81 8.42
N LEU I 115 -6.48 -40.43 8.89
CA LEU I 115 -6.87 -39.03 8.90
C LEU I 115 -6.18 -38.32 10.07
N VAL I 116 -5.89 -39.10 11.11
CA VAL I 116 -5.21 -38.61 12.30
C VAL I 116 -3.69 -38.64 12.12
N GLU I 117 -3.13 -39.85 12.14
CA GLU I 117 -1.69 -40.04 12.03
C GLU I 117 -1.36 -40.91 10.83
N PRO I 118 -1.61 -40.40 9.61
CA PRO I 118 -1.30 -41.15 8.39
C PRO I 118 0.17 -41.48 8.33
N ALA I 119 0.99 -40.62 8.92
CA ALA I 119 2.43 -40.80 8.99
C ALA I 119 2.78 -42.20 9.51
N TYR I 120 1.91 -42.74 10.36
CA TYR I 120 2.12 -44.05 10.95
C TYR I 120 1.43 -45.16 10.15
N PHE I 121 0.10 -45.11 10.07
CA PHE I 121 -0.68 -46.10 9.33
C PHE I 121 -0.25 -46.28 7.87
N ILE I 122 0.20 -45.21 7.23
CA ILE I 122 0.53 -45.24 5.80
C ILE I 122 1.70 -46.14 5.43
N PRO I 123 2.89 -45.91 6.03
CA PRO I 123 4.10 -46.65 5.65
C PRO I 123 3.95 -48.18 5.62
N PRO I 124 3.23 -48.76 6.59
CA PRO I 124 2.92 -50.19 6.53
C PRO I 124 1.98 -50.53 5.36
N ALA I 125 1.00 -49.67 5.12
CA ALA I 125 0.11 -49.83 3.96
C ALA I 125 0.92 -49.73 2.67
N GLU I 126 1.99 -48.94 2.70
CA GLU I 126 2.90 -48.80 1.58
C GLU I 126 3.56 -50.14 1.24
N LYS I 127 4.05 -50.81 2.27
CA LYS I 127 4.76 -52.08 2.12
C LYS I 127 3.88 -53.18 1.51
N ALA I 128 2.75 -53.47 2.16
CA ALA I 128 1.85 -54.54 1.74
C ALA I 128 1.45 -54.43 0.28
N LEU I 129 1.22 -53.20 -0.18
CA LEU I 129 0.92 -52.95 -1.58
C LEU I 129 2.09 -53.42 -2.44
N THR I 130 3.28 -52.87 -2.16
CA THR I 130 4.49 -53.27 -2.85
C THR I 130 4.81 -54.74 -2.55
N ASP I 131 4.55 -55.15 -1.32
CA ASP I 131 4.76 -56.54 -0.91
C ASP I 131 3.87 -57.48 -1.72
N LEU I 132 2.56 -57.21 -1.71
CA LEU I 132 1.63 -57.99 -2.51
C LEU I 132 1.95 -57.83 -3.99
N ALA I 133 2.41 -56.63 -4.36
CA ALA I 133 2.87 -56.36 -5.72
C ALA I 133 3.94 -57.35 -6.13
N ASP I 134 4.79 -57.74 -5.17
CA ASP I 134 5.76 -58.80 -5.39
C ASP I 134 5.03 -60.11 -5.66
N SER I 135 4.12 -60.46 -4.75
CA SER I 135 3.34 -61.69 -4.86
C SER I 135 2.42 -61.68 -6.08
N MET I 136 1.92 -60.50 -6.44
CA MET I 136 1.04 -60.41 -7.59
C MET I 136 1.77 -60.88 -8.85
N ASP I 137 2.88 -60.24 -9.19
CA ASP I 137 3.79 -60.83 -10.16
C ASP I 137 5.20 -60.83 -9.58
N ASP I 138 5.67 -62.01 -9.17
CA ASP I 138 7.06 -62.19 -8.74
C ASP I 138 7.91 -62.90 -9.78
N VAL I 139 7.26 -63.33 -10.87
CA VAL I 139 7.90 -64.19 -11.87
C VAL I 139 9.00 -63.48 -12.66
N PRO I 140 8.66 -62.34 -13.29
CA PRO I 140 9.64 -61.70 -14.17
C PRO I 140 10.80 -61.05 -13.43
N HIS I 141 11.95 -61.04 -14.07
CA HIS I 141 13.16 -60.43 -13.52
C HIS I 141 13.98 -59.75 -14.61
N HIS I 151 10.64 -47.43 -6.15
CA HIS I 151 9.42 -48.23 -6.27
C HIS I 151 8.43 -47.88 -5.16
N PRO I 152 7.92 -46.63 -5.18
CA PRO I 152 7.00 -46.12 -4.16
C PRO I 152 5.66 -46.86 -4.09
N TRP I 153 5.02 -47.12 -5.23
CA TRP I 153 3.70 -47.75 -5.25
C TRP I 153 2.70 -47.01 -4.37
N LYS I 154 2.53 -45.71 -4.62
CA LYS I 154 1.72 -44.86 -3.74
C LYS I 154 0.20 -45.05 -3.89
N LEU I 155 -0.54 -44.62 -2.88
CA LEU I 155 -2.00 -44.68 -2.90
C LEU I 155 -2.64 -43.30 -2.74
N SER I 156 -3.62 -43.00 -3.59
CA SER I 156 -4.19 -41.65 -3.72
C SER I 156 -5.31 -41.35 -2.72
N PHE I 157 -6.38 -42.14 -2.75
CA PHE I 157 -7.58 -41.90 -1.92
C PHE I 157 -8.45 -40.68 -2.28
N LYS I 158 -9.22 -40.81 -3.35
CA LYS I 158 -10.22 -39.82 -3.77
C LYS I 158 -11.11 -39.33 -2.63
N GLY I 159 -11.51 -40.25 -1.75
CA GLY I 159 -12.36 -39.93 -0.61
C GLY I 159 -13.84 -40.00 -0.95
N SER I 160 -14.68 -40.40 0.01
CA SER I 160 -14.31 -40.81 1.37
C SER I 160 -13.72 -39.69 2.22
N PHE I 161 -14.39 -38.55 2.20
CA PHE I 161 -14.04 -37.40 3.01
C PHE I 161 -15.26 -36.95 3.80
N GLY I 162 -15.08 -36.08 4.80
CA GLY I 162 -13.79 -35.52 5.14
C GLY I 162 -13.84 -34.57 6.34
N ALA I 163 -12.67 -34.14 6.81
CA ALA I 163 -12.58 -33.40 8.06
C ALA I 163 -11.95 -31.99 7.96
N HIS I 164 -10.71 -31.82 7.49
CA HIS I 164 -9.96 -32.64 6.54
C HIS I 164 -10.56 -32.46 5.12
N ALA I 165 -11.65 -31.71 5.03
CA ALA I 165 -12.23 -31.31 3.75
C ALA I 165 -11.85 -29.87 3.35
N LEU I 166 -11.08 -29.20 4.20
CA LEU I 166 -10.91 -27.75 4.13
C LEU I 166 -10.23 -27.17 2.88
N SER I 167 -10.52 -25.89 2.62
CA SER I 167 -9.82 -25.10 1.61
C SER I 167 -8.58 -24.47 2.23
N PRO I 168 -7.61 -24.05 1.40
CA PRO I 168 -6.32 -23.57 1.91
C PRO I 168 -6.42 -22.32 2.77
N ARG I 169 -7.39 -21.47 2.48
CA ARG I 169 -7.58 -20.24 3.23
C ARG I 169 -7.77 -20.49 4.71
N THR I 170 -8.47 -21.57 5.04
CA THR I 170 -8.67 -21.95 6.43
C THR I 170 -7.91 -23.25 6.70
N LEU I 171 -6.84 -23.16 7.48
CA LEU I 171 -5.99 -24.34 7.68
C LEU I 171 -5.28 -24.39 9.04
N THR I 172 -5.11 -25.62 9.52
CA THR I 172 -4.45 -25.97 10.78
C THR I 172 -5.02 -25.17 11.96
N ALA I 173 -4.23 -24.84 12.99
CA ALA I 173 -3.02 -25.56 13.36
C ALA I 173 -3.30 -27.05 13.58
N GLN I 174 -4.55 -27.37 13.91
CA GLN I 174 -4.94 -28.75 14.17
C GLN I 174 -4.88 -29.60 12.90
N HIS I 175 -5.22 -29.00 11.76
CA HIS I 175 -5.28 -29.73 10.49
C HIS I 175 -3.88 -30.10 10.00
N LEU I 176 -2.87 -29.59 10.68
CA LEU I 176 -1.48 -29.89 10.37
C LEU I 176 -1.18 -31.35 10.69
N ASN I 177 -0.19 -31.91 9.99
CA ASN I 177 0.26 -33.28 10.23
C ASN I 177 -0.85 -34.29 9.97
N LYS I 178 -1.75 -33.94 9.04
CA LYS I 178 -2.87 -34.81 8.70
C LYS I 178 -3.17 -34.77 7.21
N LEU I 179 -3.42 -35.94 6.62
CA LEU I 179 -3.73 -36.00 5.20
C LEU I 179 -5.11 -35.38 4.96
N VAL I 180 -5.15 -34.37 4.11
CA VAL I 180 -6.38 -33.60 3.92
C VAL I 180 -6.55 -33.12 2.49
N SER I 181 -7.80 -33.12 2.02
CA SER I 181 -8.13 -32.53 0.73
C SER I 181 -8.11 -31.01 0.81
N VAL I 182 -7.36 -30.38 -0.07
CA VAL I 182 -7.37 -28.92 -0.22
C VAL I 182 -7.32 -28.56 -1.70
N GLU I 183 -8.11 -27.57 -2.10
CA GLU I 183 -8.32 -27.30 -3.51
C GLU I 183 -8.16 -25.83 -3.87
N GLY I 184 -8.01 -25.55 -5.17
CA GLY I 184 -7.95 -24.18 -5.65
C GLY I 184 -7.12 -23.99 -6.91
N ILE I 185 -6.72 -22.73 -7.13
CA ILE I 185 -5.89 -22.36 -8.27
C ILE I 185 -4.51 -22.98 -8.14
N VAL I 186 -3.90 -23.38 -9.24
CA VAL I 186 -2.53 -23.81 -9.15
C VAL I 186 -1.66 -22.61 -9.47
N THR I 187 -1.06 -22.04 -8.42
CA THR I 187 -0.19 -20.88 -8.60
C THR I 187 0.79 -20.75 -7.44
N LYS I 188 2.00 -20.30 -7.72
CA LYS I 188 2.43 -20.06 -9.10
C LYS I 188 3.16 -21.27 -9.68
N THR I 189 3.17 -22.37 -8.95
CA THR I 189 3.69 -23.65 -9.47
C THR I 189 5.17 -23.63 -9.87
N SER I 190 6.05 -23.65 -8.89
CA SER I 190 7.50 -23.70 -9.14
C SER I 190 7.83 -24.82 -10.13
N LEU I 191 8.73 -24.53 -11.07
CA LEU I 191 9.09 -25.48 -12.13
C LEU I 191 9.96 -26.63 -11.61
N VAL I 192 9.98 -27.72 -12.35
CA VAL I 192 10.57 -28.98 -11.87
C VAL I 192 12.09 -29.09 -11.99
N ARG I 193 12.69 -29.75 -11.01
CA ARG I 193 14.11 -30.10 -11.03
C ARG I 193 14.32 -31.54 -10.58
N PRO I 194 15.35 -32.21 -11.12
CA PRO I 194 15.69 -33.62 -10.82
C PRO I 194 16.32 -33.83 -9.44
N LYS I 195 15.98 -34.93 -8.78
CA LYS I 195 16.52 -35.22 -7.46
C LYS I 195 16.89 -36.70 -7.28
N LEU I 196 18.15 -36.94 -6.92
CA LEU I 196 18.66 -38.28 -6.64
C LEU I 196 18.35 -38.78 -5.22
N ILE I 197 18.33 -40.10 -5.06
CA ILE I 197 18.21 -40.76 -3.77
C ILE I 197 19.35 -41.77 -3.57
N ARG I 198 19.42 -42.76 -4.46
CA ARG I 198 20.44 -43.81 -4.38
C ARG I 198 21.69 -43.48 -5.20
N SER I 199 22.85 -43.91 -4.72
CA SER I 199 24.11 -43.75 -5.46
C SER I 199 24.90 -45.06 -5.53
N VAL I 200 25.76 -45.18 -6.54
CA VAL I 200 26.52 -46.41 -6.79
C VAL I 200 27.89 -46.09 -7.38
N HIS I 201 28.89 -46.94 -7.11
CA HIS I 201 30.26 -46.68 -7.55
C HIS I 201 31.06 -47.95 -7.84
N TYR I 202 32.19 -47.76 -8.51
CA TYR I 202 33.12 -48.84 -8.85
C TYR I 202 34.50 -48.57 -8.26
N ALA I 203 35.06 -49.53 -7.53
CA ALA I 203 36.39 -49.35 -6.95
C ALA I 203 37.44 -50.06 -7.78
N ALA I 204 38.27 -49.27 -8.46
CA ALA I 204 39.36 -49.81 -9.26
C ALA I 204 40.68 -49.72 -8.50
N LYS I 205 41.53 -50.72 -8.69
CA LYS I 205 41.27 -51.79 -9.65
C LYS I 205 40.64 -53.04 -9.03
N THR I 206 40.35 -52.98 -7.73
CA THR I 206 39.77 -54.12 -7.03
C THR I 206 38.35 -54.45 -7.47
N GLY I 207 37.72 -53.52 -8.17
CA GLY I 207 36.38 -53.71 -8.68
C GLY I 207 35.22 -53.64 -7.72
N ARG I 208 34.40 -54.68 -7.80
CA ARG I 208 33.08 -54.75 -7.18
C ARG I 208 32.20 -53.61 -7.65
N PHE I 209 31.30 -53.15 -6.77
CA PHE I 209 30.47 -51.96 -7.01
C PHE I 209 30.06 -51.26 -5.70
N HIS I 210 30.22 -49.94 -5.61
CA HIS I 210 29.76 -49.19 -4.44
C HIS I 210 28.27 -48.90 -4.45
N TYR I 211 27.73 -48.56 -3.28
CA TYR I 211 26.30 -48.27 -3.15
C TYR I 211 26.04 -47.22 -2.07
N ARG I 212 25.07 -46.35 -2.32
CA ARG I 212 24.76 -45.26 -1.40
C ARG I 212 23.29 -44.85 -1.44
N ASP I 213 22.76 -44.45 -0.29
CA ASP I 213 21.36 -44.04 -0.17
C ASP I 213 21.22 -42.62 0.38
N TYR I 214 20.10 -41.98 0.09
CA TYR I 214 19.87 -40.59 0.51
C TYR I 214 18.45 -40.35 1.04
N THR I 215 18.35 -39.47 2.03
CA THR I 215 17.07 -39.06 2.59
C THR I 215 17.07 -37.54 2.86
N ASP I 216 16.11 -36.84 2.26
CA ASP I 216 15.99 -35.39 2.43
C ASP I 216 15.03 -35.02 3.56
N ALA I 217 14.69 -33.74 3.66
CA ALA I 217 13.73 -33.27 4.64
C ALA I 217 12.30 -33.69 4.28
N THR I 218 12.00 -33.69 2.98
CA THR I 218 10.66 -33.99 2.49
C THR I 218 10.50 -35.49 2.27
N THR I 219 11.51 -36.25 2.66
CA THR I 219 11.56 -37.70 2.49
C THR I 219 10.32 -38.41 3.01
N THR I 220 9.83 -39.39 2.25
CA THR I 220 8.74 -40.25 2.68
C THR I 220 7.55 -39.45 3.17
N LEU I 221 7.20 -39.65 4.43
CA LEU I 221 6.17 -38.86 5.09
C LEU I 221 6.69 -38.35 6.43
N THR I 222 6.93 -39.27 7.35
CA THR I 222 7.37 -38.94 8.71
C THR I 222 8.79 -38.38 8.79
N THR I 223 9.07 -37.72 9.91
CA THR I 223 10.42 -37.23 10.22
C THR I 223 11.40 -38.39 10.32
N ARG I 224 12.60 -38.19 9.78
CA ARG I 224 13.69 -39.13 9.99
C ARG I 224 14.99 -38.36 10.09
N ILE I 225 15.99 -38.96 10.72
CA ILE I 225 17.30 -38.32 10.91
C ILE I 225 17.85 -37.82 9.58
N PRO I 226 18.17 -36.53 9.52
CA PRO I 226 18.74 -35.93 8.31
C PRO I 226 20.13 -36.49 8.03
N THR I 227 20.39 -36.89 6.80
CA THR I 227 21.68 -37.47 6.47
C THR I 227 22.23 -36.98 5.14
N PRO I 228 22.56 -35.69 5.06
CA PRO I 228 23.25 -35.28 3.83
C PRO I 228 24.63 -35.91 3.78
N ALA I 229 24.94 -36.61 2.70
CA ALA I 229 26.17 -37.38 2.63
C ALA I 229 27.30 -36.71 1.88
N ILE I 230 27.11 -35.47 1.42
CA ILE I 230 27.96 -34.99 0.35
C ILE I 230 27.67 -35.95 -0.80
N TYR I 231 28.61 -36.84 -1.07
CA TYR I 231 28.41 -37.84 -2.12
C TYR I 231 29.51 -38.88 -2.05
N PRO I 232 29.13 -40.16 -2.18
CA PRO I 232 30.01 -41.29 -1.85
C PRO I 232 31.26 -41.31 -2.73
N THR I 233 32.42 -41.37 -2.09
CA THR I 233 33.68 -41.42 -2.80
C THR I 233 34.77 -42.09 -1.97
N GLU I 234 35.75 -42.65 -2.65
CA GLU I 234 36.92 -43.27 -2.03
C GLU I 234 36.56 -44.21 -0.88
N ASP I 235 35.53 -45.02 -1.06
CA ASP I 235 35.06 -45.95 -0.01
C ASP I 235 36.03 -47.10 0.25
N THR I 236 36.38 -47.30 1.51
CA THR I 236 37.43 -48.24 1.93
C THR I 236 37.27 -49.63 1.31
N GLU I 237 38.35 -50.18 0.75
CA GLU I 237 39.66 -49.52 0.72
C GLU I 237 39.67 -48.30 -0.19
N GLY I 238 40.68 -47.46 -0.03
CA GLY I 238 40.60 -46.05 -0.40
C GLY I 238 40.46 -45.73 -1.88
N ASN I 239 40.14 -46.73 -2.69
CA ASN I 239 40.05 -46.60 -4.13
C ASN I 239 39.21 -45.44 -4.61
N LYS I 240 39.64 -44.84 -5.73
CA LYS I 240 38.87 -43.83 -6.44
C LYS I 240 37.47 -44.33 -6.78
N LEU I 241 36.46 -43.53 -6.46
CA LEU I 241 35.07 -43.88 -6.76
C LEU I 241 34.50 -42.97 -7.84
N THR I 242 34.28 -43.54 -9.02
CA THR I 242 33.69 -42.81 -10.12
C THR I 242 32.16 -42.83 -10.00
N THR I 243 31.55 -41.68 -10.16
CA THR I 243 30.10 -41.56 -10.06
C THR I 243 29.40 -42.47 -11.06
N GLU I 244 28.44 -43.24 -10.57
CA GLU I 244 27.69 -44.13 -11.46
C GLU I 244 26.20 -43.80 -11.45
N TYR I 245 25.59 -43.82 -12.63
CA TYR I 245 24.22 -43.35 -12.77
C TYR I 245 23.28 -44.31 -13.50
N GLY I 246 22.00 -44.20 -13.19
CA GLY I 246 20.95 -44.96 -13.86
C GLY I 246 20.77 -46.30 -13.17
N TYR I 247 21.83 -46.73 -12.51
CA TYR I 247 21.78 -47.79 -11.52
C TYR I 247 21.36 -47.18 -10.19
N SER I 248 21.81 -45.95 -9.98
CA SER I 248 21.38 -45.12 -8.86
C SER I 248 19.99 -44.55 -9.11
N THR I 249 19.31 -44.15 -8.04
CA THR I 249 17.90 -43.73 -8.12
C THR I 249 17.72 -42.22 -8.28
N PHE I 250 16.69 -41.84 -9.03
CA PHE I 250 16.38 -40.43 -9.25
C PHE I 250 14.88 -40.12 -9.14
N ILE I 251 14.56 -38.91 -8.67
CA ILE I 251 13.22 -38.38 -8.78
C ILE I 251 13.27 -36.91 -9.15
N ASP I 252 12.65 -36.54 -10.27
CA ASP I 252 12.45 -35.14 -10.58
C ASP I 252 11.57 -34.54 -9.50
N HIS I 253 11.96 -33.39 -8.96
CA HIS I 253 11.21 -32.76 -7.88
C HIS I 253 10.39 -31.58 -8.38
N GLN I 254 9.23 -31.38 -7.76
CA GLN I 254 8.40 -30.22 -8.08
C GLN I 254 7.71 -29.69 -6.84
N ARG I 255 7.50 -28.38 -6.83
CA ARG I 255 6.82 -27.70 -5.73
C ARG I 255 5.89 -26.64 -6.30
N ILE I 256 4.71 -26.50 -5.72
CA ILE I 256 3.73 -25.52 -6.18
C ILE I 256 2.90 -25.03 -5.00
N THR I 257 2.47 -23.78 -5.04
CA THR I 257 1.50 -23.32 -4.05
C THR I 257 0.12 -23.41 -4.70
N VAL I 258 -0.93 -23.16 -3.91
CA VAL I 258 -2.28 -23.09 -4.46
C VAL I 258 -3.08 -22.03 -3.73
N GLN I 259 -3.66 -21.09 -4.47
CA GLN I 259 -4.51 -20.07 -3.86
C GLN I 259 -5.93 -20.57 -3.71
N GLU I 260 -6.60 -20.16 -2.65
CA GLU I 260 -8.01 -20.49 -2.47
C GLU I 260 -8.85 -19.69 -3.45
N MET I 261 -10.00 -20.23 -3.82
CA MET I 261 -10.82 -19.65 -4.88
C MET I 261 -11.40 -18.28 -4.48
N PRO I 262 -11.33 -17.31 -5.40
CA PRO I 262 -11.95 -16.00 -5.20
C PRO I 262 -13.47 -16.12 -5.18
N GLU I 263 -13.98 -17.13 -5.89
CA GLU I 263 -15.40 -17.46 -5.85
C GLU I 263 -15.81 -17.74 -4.41
N MET I 264 -15.03 -18.57 -3.74
CA MET I 264 -15.29 -18.94 -2.35
C MET I 264 -14.57 -18.00 -1.39
N ALA I 265 -13.81 -17.06 -1.95
CA ALA I 265 -13.10 -16.08 -1.14
C ALA I 265 -14.07 -15.24 -0.32
N PRO I 266 -13.62 -14.78 0.87
CA PRO I 266 -14.48 -13.96 1.74
C PRO I 266 -14.68 -12.54 1.19
N ALA I 267 -15.39 -11.70 1.93
CA ALA I 267 -15.78 -10.38 1.44
C ALA I 267 -14.60 -9.46 1.08
N GLY I 268 -13.87 -8.98 2.07
CA GLY I 268 -12.92 -7.90 1.86
C GLY I 268 -11.43 -8.22 1.89
N GLN I 269 -11.06 -9.49 1.74
CA GLN I 269 -9.66 -9.90 1.98
C GLN I 269 -9.04 -10.61 0.78
N LEU I 270 -7.72 -10.64 0.75
CA LEU I 270 -6.95 -11.27 -0.31
C LEU I 270 -6.77 -12.76 -0.08
N PRO I 271 -6.64 -13.52 -1.17
CA PRO I 271 -6.42 -14.98 -1.14
C PRO I 271 -4.98 -15.31 -0.76
N ARG I 272 -4.79 -16.42 -0.04
CA ARG I 272 -3.45 -16.86 0.32
C ARG I 272 -3.18 -18.24 -0.27
N SER I 273 -2.27 -18.30 -1.24
CA SER I 273 -1.90 -19.56 -1.87
C SER I 273 -0.90 -20.32 -1.00
N ILE I 274 -1.08 -21.62 -0.89
CA ILE I 274 -0.21 -22.44 -0.05
C ILE I 274 0.44 -23.56 -0.85
N ASP I 275 1.67 -23.88 -0.47
CA ASP I 275 2.53 -24.79 -1.23
C ASP I 275 2.22 -26.27 -1.06
N VAL I 276 2.61 -27.06 -2.06
CA VAL I 276 2.60 -28.52 -1.99
C VAL I 276 3.71 -29.07 -2.88
N ILE I 277 4.37 -30.14 -2.44
CA ILE I 277 5.44 -30.77 -3.22
C ILE I 277 4.87 -31.67 -4.30
N LEU I 278 5.56 -31.73 -5.43
CA LEU I 278 5.19 -32.61 -6.53
C LEU I 278 6.38 -33.49 -6.91
N ASP I 279 6.23 -34.80 -6.78
CA ASP I 279 7.32 -35.73 -7.03
C ASP I 279 6.89 -36.93 -7.89
N ASP I 280 7.82 -37.43 -8.70
CA ASP I 280 7.55 -38.57 -9.57
C ASP I 280 6.42 -38.22 -10.53
N ASP I 281 5.37 -39.03 -10.52
CA ASP I 281 4.22 -38.80 -11.39
C ASP I 281 3.45 -37.58 -10.93
N LEU I 282 3.45 -37.32 -9.63
CA LEU I 282 2.79 -36.16 -9.05
C LEU I 282 3.25 -34.88 -9.74
N VAL I 283 4.48 -34.91 -10.24
CA VAL I 283 5.04 -33.81 -11.00
C VAL I 283 4.35 -33.57 -12.33
N ASP I 284 4.11 -32.30 -12.66
CA ASP I 284 3.71 -31.93 -14.01
C ASP I 284 2.39 -32.58 -14.42
N LYS I 285 1.58 -32.97 -13.45
CA LYS I 285 0.26 -33.52 -13.74
C LYS I 285 -0.68 -32.41 -14.20
N THR I 286 -0.32 -31.18 -13.86
CA THR I 286 -1.17 -30.03 -14.12
C THR I 286 -0.37 -28.78 -14.40
N LYS I 287 -0.90 -27.91 -15.26
CA LYS I 287 -0.32 -26.60 -15.50
C LYS I 287 -0.69 -25.66 -14.37
N PRO I 288 0.00 -24.51 -14.29
CA PRO I 288 -0.35 -23.49 -13.28
C PRO I 288 -1.67 -22.79 -13.61
N GLY I 289 -2.38 -22.34 -12.57
CA GLY I 289 -3.61 -21.61 -12.75
C GLY I 289 -4.84 -22.51 -12.77
N ASP I 290 -4.61 -23.81 -12.70
CA ASP I 290 -5.70 -24.77 -12.78
C ASP I 290 -6.52 -24.85 -11.49
N ARG I 291 -7.78 -25.26 -11.63
CA ARG I 291 -8.62 -25.55 -10.48
C ARG I 291 -8.51 -27.03 -10.15
N VAL I 292 -7.96 -27.34 -8.98
CA VAL I 292 -7.74 -28.74 -8.59
C VAL I 292 -7.79 -28.90 -7.07
N ASN I 293 -8.26 -30.07 -6.62
CA ASN I 293 -8.32 -30.37 -5.19
C ASN I 293 -7.18 -31.29 -4.77
N VAL I 294 -6.21 -30.75 -4.03
CA VAL I 294 -5.08 -31.53 -3.53
C VAL I 294 -5.45 -32.25 -2.24
N VAL I 295 -4.96 -33.47 -2.07
CA VAL I 295 -5.19 -34.21 -0.82
C VAL I 295 -3.92 -34.89 -0.36
N GLY I 296 -3.54 -34.67 0.90
CA GLY I 296 -2.32 -35.23 1.46
C GLY I 296 -2.07 -34.70 2.85
N VAL I 297 -1.07 -35.26 3.52
CA VAL I 297 -0.73 -34.82 4.88
C VAL I 297 -0.05 -33.45 4.84
N PHE I 298 -0.27 -32.65 5.88
CA PHE I 298 0.32 -31.31 5.95
C PHE I 298 1.67 -31.35 6.67
N LYS I 299 2.73 -31.01 5.96
CA LYS I 299 4.09 -31.17 6.49
C LYS I 299 4.66 -29.91 7.15
N SER I 300 5.00 -30.03 8.43
CA SER I 300 5.50 -28.90 9.20
C SER I 300 7.03 -28.79 9.28
N LEU I 301 7.75 -29.63 8.55
CA LEU I 301 9.20 -29.79 8.70
C LEU I 301 9.97 -28.46 8.62
N GLY I 302 11.07 -28.38 9.35
CA GLY I 302 11.95 -27.21 9.40
C GLY I 302 11.93 -26.46 10.72
N ALA I 303 13.03 -25.80 11.04
CA ALA I 303 13.26 -25.22 12.37
C ALA I 303 12.46 -23.94 12.65
N GLY I 304 12.34 -23.61 13.93
CA GLY I 304 11.65 -22.38 14.34
C GLY I 304 12.62 -21.28 14.71
N GLY I 305 13.84 -21.37 14.17
CA GLY I 305 14.89 -20.44 14.50
C GLY I 305 15.71 -20.98 15.66
N MET I 306 15.24 -22.09 16.23
CA MET I 306 15.95 -22.76 17.32
C MET I 306 17.13 -23.55 16.77
N ASN I 307 17.04 -23.91 15.48
CA ASN I 307 18.10 -24.66 14.81
C ASN I 307 19.45 -23.97 14.95
N GLN I 308 19.42 -22.64 14.97
CA GLN I 308 20.61 -21.85 15.24
C GLN I 308 20.32 -20.86 16.37
N SER I 309 21.03 -21.04 17.49
CA SER I 309 20.83 -20.17 18.64
C SER I 309 21.12 -18.71 18.30
N ASN I 310 20.15 -17.84 18.56
CA ASN I 310 20.28 -16.43 18.22
C ASN I 310 19.18 -15.59 18.85
N LEU I 314 11.98 -15.47 15.56
CA LEU I 314 10.73 -14.76 15.32
C LEU I 314 9.74 -15.66 14.59
N ILE I 315 9.43 -15.32 13.34
CA ILE I 315 8.54 -16.15 12.53
C ILE I 315 9.21 -17.50 12.29
N GLY I 316 8.41 -18.51 11.99
CA GLY I 316 8.97 -19.83 11.78
C GLY I 316 8.09 -20.89 11.14
N PHE I 317 8.74 -22.02 10.84
CA PHE I 317 8.08 -23.24 10.35
C PHE I 317 7.35 -23.09 9.01
N LYS I 318 8.13 -22.96 7.93
CA LYS I 318 7.60 -23.14 6.58
C LYS I 318 6.91 -24.50 6.50
N THR I 319 5.73 -24.56 5.89
CA THR I 319 4.91 -25.76 5.91
C THR I 319 4.08 -25.97 4.64
N LEU I 320 3.91 -27.22 4.23
CA LEU I 320 3.04 -27.56 3.09
C LEU I 320 2.53 -29.00 3.12
N ILE I 321 1.51 -29.28 2.31
CA ILE I 321 0.93 -30.61 2.21
C ILE I 321 1.63 -31.47 1.17
N LEU I 322 1.87 -32.73 1.51
CA LEU I 322 2.54 -33.66 0.59
C LEU I 322 1.58 -34.71 0.05
N GLY I 323 1.76 -35.11 -1.20
CA GLY I 323 0.82 -35.99 -1.87
C GLY I 323 -0.49 -35.23 -2.10
N ASN I 324 -1.54 -35.94 -2.46
CA ASN I 324 -1.49 -37.36 -2.81
C ASN I 324 -2.20 -37.55 -4.15
N THR I 325 -3.50 -37.29 -4.16
CA THR I 325 -4.30 -37.37 -5.38
C THR I 325 -4.24 -36.08 -6.20
N VAL I 326 -4.78 -35.01 -5.63
CA VAL I 326 -4.89 -33.73 -6.31
C VAL I 326 -5.72 -33.87 -7.60
N TYR I 327 -6.93 -34.39 -7.46
CA TYR I 327 -7.84 -34.54 -8.61
C TYR I 327 -8.13 -33.23 -9.31
N PRO I 328 -7.81 -33.16 -10.61
CA PRO I 328 -8.16 -32.00 -11.43
C PRO I 328 -9.66 -31.73 -11.36
N LEU I 329 -10.07 -30.48 -11.30
CA LEU I 329 -11.49 -30.19 -11.13
C LEU I 329 -12.00 -29.11 -12.09
N HIS I 330 -13.11 -29.42 -12.74
CA HIS I 330 -13.78 -28.49 -13.64
C HIS I 330 -14.95 -27.86 -12.91
N ALA I 331 -14.98 -26.53 -12.86
CA ALA I 331 -16.02 -25.83 -12.12
C ALA I 331 -16.49 -24.58 -12.86
N ALA I 338 -12.17 -30.80 -17.20
CA ALA I 338 -13.05 -30.34 -18.27
C ALA I 338 -14.39 -31.07 -18.27
N ARG I 339 -14.37 -32.40 -18.38
CA ARG I 339 -13.14 -33.18 -18.47
C ARG I 339 -12.99 -33.87 -19.84
N GLN I 340 -13.88 -34.80 -20.19
CA GLN I 340 -14.99 -35.23 -19.35
C GLN I 340 -15.44 -36.62 -19.76
N MET I 341 -16.20 -37.27 -18.88
CA MET I 341 -16.89 -38.49 -19.25
C MET I 341 -18.03 -38.14 -20.21
N LEU I 342 -18.35 -39.11 -21.07
CA LEU I 342 -19.30 -38.93 -22.17
C LEU I 342 -20.36 -40.03 -22.06
N THR I 343 -19.85 -41.26 -22.08
CA THR I 343 -20.59 -42.51 -22.16
C THR I 343 -21.29 -42.75 -23.48
N ASP I 344 -22.54 -43.20 -23.41
CA ASP I 344 -23.30 -43.60 -24.60
C ASP I 344 -24.61 -42.86 -24.68
N PHE I 345 -25.42 -43.01 -23.65
CA PHE I 345 -26.70 -42.32 -23.53
C PHE I 345 -26.58 -40.83 -23.82
N ASP I 346 -25.56 -40.20 -23.24
CA ASP I 346 -25.32 -38.77 -23.43
C ASP I 346 -24.95 -38.41 -24.87
N ILE I 347 -23.90 -39.04 -25.38
CA ILE I 347 -23.41 -38.72 -26.73
C ILE I 347 -24.45 -39.06 -27.79
N ARG I 348 -25.34 -40.00 -27.47
CA ARG I 348 -26.42 -40.36 -28.39
C ARG I 348 -27.39 -39.20 -28.55
N ASN I 349 -27.60 -38.45 -27.46
CA ASN I 349 -28.35 -37.20 -27.54
C ASN I 349 -27.67 -36.27 -28.54
N ILE I 350 -26.35 -36.18 -28.45
CA ILE I 350 -25.55 -35.49 -29.46
C ILE I 350 -25.81 -36.11 -30.82
N ASN I 351 -25.74 -37.44 -30.87
CA ASN I 351 -26.00 -38.17 -32.11
C ASN I 351 -27.44 -37.99 -32.57
N LYS I 352 -28.36 -37.85 -31.62
CA LYS I 352 -29.76 -37.62 -31.93
C LYS I 352 -30.00 -36.17 -32.34
N LEU I 353 -29.42 -35.25 -31.59
CA LEU I 353 -29.60 -33.82 -31.84
C LEU I 353 -28.87 -33.40 -33.12
N SER I 354 -27.80 -34.10 -33.47
CA SER I 354 -27.01 -33.78 -34.64
C SER I 354 -27.81 -33.88 -35.95
N LYS I 355 -28.76 -34.79 -35.99
CA LYS I 355 -29.57 -34.99 -37.18
C LYS I 355 -30.37 -33.75 -37.56
N LYS I 356 -30.90 -33.07 -36.54
CA LYS I 356 -31.72 -31.89 -36.75
C LYS I 356 -30.90 -30.71 -37.26
N LYS I 357 -31.42 -30.05 -38.30
CA LYS I 357 -30.86 -28.77 -38.74
C LYS I 357 -31.54 -27.63 -37.97
N ASP I 358 -32.54 -28.00 -37.17
CA ASP I 358 -33.32 -27.04 -36.40
C ASP I 358 -32.67 -26.78 -35.04
N ILE I 359 -31.67 -27.59 -34.72
CA ILE I 359 -31.01 -27.54 -33.42
C ILE I 359 -30.24 -26.25 -33.16
N PHE I 360 -29.59 -25.73 -34.20
CA PHE I 360 -28.65 -24.63 -34.04
C PHE I 360 -29.28 -23.38 -33.43
N ASP I 361 -30.49 -23.03 -33.84
CA ASP I 361 -31.17 -21.88 -33.26
C ASP I 361 -31.50 -22.16 -31.80
N ILE I 362 -31.80 -23.42 -31.50
CA ILE I 362 -31.93 -23.86 -30.12
C ILE I 362 -30.61 -23.67 -29.41
N LEU I 363 -29.53 -24.02 -30.09
CA LEU I 363 -28.19 -23.77 -29.60
C LEU I 363 -27.99 -22.28 -29.39
N SER I 364 -28.67 -21.47 -30.21
CA SER I 364 -28.58 -20.02 -30.13
C SER I 364 -29.42 -19.47 -28.98
N GLN I 365 -30.64 -20.00 -28.83
CA GLN I 365 -31.59 -19.51 -27.84
C GLN I 365 -31.18 -19.87 -26.42
N SER I 366 -30.49 -21.00 -26.26
CA SER I 366 -30.03 -21.44 -24.96
C SER I 366 -28.94 -20.51 -24.43
N LEU I 367 -28.32 -19.75 -25.34
CA LEU I 367 -27.20 -18.88 -25.00
C LEU I 367 -27.59 -17.68 -24.17
N ALA I 368 -28.83 -17.23 -24.32
CA ALA I 368 -29.29 -16.01 -23.68
C ALA I 368 -30.46 -16.27 -22.75
N PRO I 369 -30.22 -16.99 -21.65
CA PRO I 369 -31.27 -17.26 -20.65
C PRO I 369 -31.85 -15.97 -20.12
N SER I 370 -31.00 -15.01 -19.79
CA SER I 370 -31.45 -13.70 -19.34
C SER I 370 -31.47 -12.65 -20.45
N ILE I 371 -31.04 -13.04 -21.66
CA ILE I 371 -30.77 -12.06 -22.71
C ILE I 371 -31.74 -12.06 -23.91
N TYR I 372 -32.22 -10.87 -24.25
CA TYR I 372 -33.05 -10.69 -25.44
C TYR I 372 -32.25 -10.74 -26.73
N GLY I 373 -32.70 -11.57 -27.67
CA GLY I 373 -32.20 -11.51 -29.03
C GLY I 373 -30.70 -11.49 -29.19
N HIS I 374 -30.24 -10.68 -30.13
CA HIS I 374 -28.84 -10.64 -30.52
C HIS I 374 -28.38 -12.07 -30.85
N ASP I 375 -29.32 -12.89 -31.32
CA ASP I 375 -29.05 -14.30 -31.57
C ASP I 375 -28.02 -14.45 -32.67
N HIS I 376 -28.01 -13.50 -33.59
CA HIS I 376 -26.99 -13.45 -34.63
C HIS I 376 -25.63 -13.22 -33.98
N ILE I 377 -25.61 -12.39 -32.94
CA ILE I 377 -24.41 -12.19 -32.14
C ILE I 377 -24.08 -13.48 -31.38
N LYS I 378 -25.13 -14.19 -30.97
CA LYS I 378 -25.00 -15.46 -30.26
C LYS I 378 -24.42 -16.54 -31.17
N LYS I 379 -25.02 -16.69 -32.35
CA LYS I 379 -24.61 -17.71 -33.31
C LYS I 379 -23.11 -17.66 -33.59
N ALA I 380 -22.56 -16.45 -33.65
CA ALA I 380 -21.13 -16.27 -33.88
C ALA I 380 -20.29 -16.85 -32.73
N ILE I 381 -20.87 -16.84 -31.53
CA ILE I 381 -20.19 -17.32 -30.33
C ILE I 381 -19.89 -18.82 -30.37
N LEU I 382 -20.92 -19.64 -30.62
CA LEU I 382 -20.74 -21.09 -30.71
C LEU I 382 -19.82 -21.46 -31.87
N LEU I 383 -20.01 -20.79 -33.00
CA LEU I 383 -19.15 -21.00 -34.16
C LEU I 383 -17.68 -20.75 -33.81
N MET I 384 -17.48 -19.91 -32.79
CA MET I 384 -16.15 -19.64 -32.28
C MET I 384 -15.69 -20.76 -31.36
N LEU I 385 -16.66 -21.39 -30.71
CA LEU I 385 -16.38 -22.53 -29.82
C LEU I 385 -15.82 -23.71 -30.62
N MET I 386 -16.23 -23.80 -31.88
CA MET I 386 -15.81 -24.89 -32.76
C MET I 386 -14.30 -24.89 -32.97
N GLY I 387 -13.71 -23.71 -33.10
CA GLY I 387 -12.29 -23.58 -33.31
C GLY I 387 -11.92 -23.22 -34.73
N GLY I 388 -12.83 -23.46 -35.66
CA GLY I 388 -12.64 -23.06 -37.05
C GLY I 388 -11.72 -23.93 -37.89
N VAL I 389 -11.35 -25.11 -37.39
CA VAL I 389 -10.55 -26.06 -38.16
C VAL I 389 -9.21 -25.52 -38.64
N GLU I 390 -8.27 -25.40 -37.71
CA GLU I 390 -6.91 -25.04 -38.07
C GLU I 390 -6.36 -25.98 -39.15
N LYS I 391 -5.86 -25.40 -40.23
CA LYS I 391 -5.13 -26.14 -41.24
C LYS I 391 -3.80 -25.45 -41.47
N ASN I 392 -2.71 -26.14 -41.13
CA ASN I 392 -1.37 -25.59 -41.26
C ASN I 392 -0.70 -26.00 -42.57
N LEU I 393 -0.11 -25.02 -43.25
CA LEU I 393 0.62 -25.28 -44.48
C LEU I 393 1.72 -26.30 -44.24
N GLU I 394 1.95 -27.16 -45.21
CA GLU I 394 3.08 -28.07 -45.16
C GLU I 394 4.32 -27.26 -45.48
N ASN I 395 5.28 -27.26 -44.56
CA ASN I 395 6.51 -26.48 -44.68
C ASN I 395 6.25 -25.03 -45.11
N GLY I 396 5.14 -24.49 -44.60
CA GLY I 396 4.74 -23.11 -44.82
C GLY I 396 3.90 -22.64 -43.64
N SER I 397 3.71 -21.32 -43.54
CA SER I 397 2.98 -20.75 -42.40
C SER I 397 1.48 -21.07 -42.41
N HIS I 398 0.94 -21.36 -41.24
CA HIS I 398 -0.49 -21.60 -41.09
C HIS I 398 -1.28 -20.29 -41.23
N LEU I 399 -2.46 -20.36 -41.82
CA LEU I 399 -3.41 -19.27 -41.73
C LEU I 399 -4.15 -19.41 -40.40
N ARG I 400 -4.57 -18.29 -39.82
CA ARG I 400 -5.22 -18.30 -38.51
C ARG I 400 -6.53 -19.08 -38.53
N GLY I 401 -6.62 -20.09 -37.67
CA GLY I 401 -7.81 -20.92 -37.59
C GLY I 401 -9.00 -20.34 -36.84
N ASP I 402 -8.77 -19.85 -35.63
CA ASP I 402 -9.84 -19.41 -34.76
C ASP I 402 -10.35 -18.00 -35.04
N ILE I 403 -11.60 -17.73 -34.65
CA ILE I 403 -12.21 -16.42 -34.88
C ILE I 403 -12.20 -15.53 -33.64
N ASN I 404 -11.92 -14.25 -33.86
CA ASN I 404 -11.99 -13.25 -32.79
C ASN I 404 -12.94 -12.12 -33.14
N ILE I 405 -13.68 -11.64 -32.13
CA ILE I 405 -14.72 -10.63 -32.33
C ILE I 405 -14.65 -9.58 -31.23
N LEU I 406 -15.31 -8.43 -31.45
CA LEU I 406 -15.44 -7.42 -30.40
C LEU I 406 -16.84 -6.82 -30.39
N MET I 407 -17.47 -6.83 -29.22
CA MET I 407 -18.75 -6.15 -29.04
C MET I 407 -18.50 -4.65 -28.85
N VAL I 408 -19.32 -3.84 -29.52
CA VAL I 408 -19.22 -2.39 -29.40
C VAL I 408 -20.61 -1.78 -29.45
N GLY I 409 -20.79 -0.64 -28.81
CA GLY I 409 -22.08 0.03 -28.80
C GLY I 409 -22.26 0.92 -27.59
N ASP I 410 -23.38 1.64 -27.54
CA ASP I 410 -23.68 2.55 -26.44
C ASP I 410 -23.75 1.82 -25.11
N PRO I 411 -23.44 2.54 -24.02
CA PRO I 411 -23.36 2.01 -22.66
C PRO I 411 -24.61 1.25 -22.24
N SER I 412 -24.45 0.32 -21.30
CA SER I 412 -25.53 -0.56 -20.87
C SER I 412 -26.00 -1.46 -22.01
N THR I 413 -25.04 -2.01 -22.75
CA THR I 413 -25.30 -2.96 -23.83
C THR I 413 -25.51 -4.38 -23.31
N ALA I 414 -24.95 -4.67 -22.14
CA ALA I 414 -24.86 -6.02 -21.59
C ALA I 414 -23.92 -6.88 -22.45
N LYS I 415 -22.95 -6.22 -23.08
CA LYS I 415 -21.91 -6.90 -23.84
C LYS I 415 -20.95 -7.61 -22.89
N SER I 416 -20.51 -6.88 -21.85
CA SER I 416 -19.67 -7.45 -20.81
C SER I 416 -20.45 -8.53 -20.07
N GLN I 417 -21.75 -8.29 -19.90
CA GLN I 417 -22.65 -9.29 -19.34
C GLN I 417 -22.56 -10.58 -20.15
N LEU I 418 -22.56 -10.44 -21.47
CA LEU I 418 -22.47 -11.58 -22.38
C LEU I 418 -21.16 -12.35 -22.18
N LEU I 419 -20.09 -11.63 -21.91
CA LEU I 419 -18.78 -12.25 -21.71
C LEU I 419 -18.79 -13.19 -20.52
N ARG I 420 -19.60 -12.88 -19.51
CA ARG I 420 -19.78 -13.76 -18.36
C ARG I 420 -20.37 -15.09 -18.82
N PHE I 421 -21.27 -15.04 -19.78
CA PHE I 421 -21.78 -16.25 -20.41
C PHE I 421 -20.65 -16.91 -21.20
N VAL I 422 -19.88 -16.10 -21.90
CA VAL I 422 -18.66 -16.57 -22.57
C VAL I 422 -17.68 -17.05 -21.52
N LEU I 423 -17.85 -16.56 -20.29
CA LEU I 423 -16.91 -16.79 -19.21
C LEU I 423 -17.10 -18.14 -18.51
N ASN I 424 -18.26 -18.76 -18.71
CA ASN I 424 -18.61 -19.94 -17.92
C ASN I 424 -18.44 -21.28 -18.63
N THR I 425 -19.35 -21.59 -19.55
CA THR I 425 -19.33 -22.89 -20.21
C THR I 425 -18.09 -23.05 -21.08
N ALA I 426 -17.41 -21.93 -21.34
CA ALA I 426 -16.26 -21.90 -22.22
C ALA I 426 -15.11 -22.80 -21.77
N SER I 427 -14.79 -22.81 -20.47
CA SER I 427 -13.75 -23.71 -19.99
C SER I 427 -12.40 -23.42 -20.66
N LEU I 428 -11.63 -22.45 -20.14
CA LEU I 428 -10.56 -21.81 -20.92
C LEU I 428 -11.13 -20.87 -21.97
N ALA I 429 -11.30 -19.61 -21.55
CA ALA I 429 -10.28 -19.05 -20.65
C ALA I 429 -10.48 -17.66 -20.03
N ILE I 430 -9.40 -17.19 -19.39
CA ILE I 430 -9.33 -15.89 -18.70
C ILE I 430 -9.84 -14.72 -19.54
N ALA I 431 -10.57 -13.81 -18.90
CA ALA I 431 -11.00 -12.57 -19.56
C ALA I 431 -10.09 -11.40 -19.15
N THR I 432 -10.35 -10.21 -19.71
CA THR I 432 -9.58 -9.02 -19.41
C THR I 432 -10.44 -7.76 -19.43
N THR I 433 -10.26 -6.90 -18.43
CA THR I 433 -10.97 -5.64 -18.39
C THR I 433 -9.99 -4.48 -18.53
N GLY I 434 -10.02 -3.82 -19.69
CA GLY I 434 -9.14 -2.70 -19.96
C GLY I 434 -7.70 -3.08 -19.67
N ARG I 435 -7.06 -2.27 -18.83
CA ARG I 435 -5.73 -2.59 -18.31
C ARG I 435 -5.84 -3.36 -16.99
N GLY I 436 -5.12 -4.46 -16.90
CA GLY I 436 -4.30 -4.92 -18.02
C GLY I 436 -2.81 -4.71 -17.88
N SER I 437 -2.09 -5.65 -18.50
CA SER I 437 -0.64 -5.75 -18.52
C SER I 437 -0.04 -5.68 -17.10
N SER I 438 1.24 -5.30 -16.95
CA SER I 438 2.23 -5.30 -18.01
C SER I 438 2.30 -6.65 -18.71
N GLY I 439 2.09 -6.63 -20.02
CA GLY I 439 2.30 -7.79 -20.87
C GLY I 439 1.13 -8.73 -21.08
N VAL I 440 0.15 -8.70 -20.17
CA VAL I 440 -0.95 -9.66 -20.24
C VAL I 440 -0.30 -11.05 -20.29
N GLY I 441 -0.51 -11.77 -21.39
CA GLY I 441 0.06 -13.10 -21.55
C GLY I 441 1.57 -13.13 -21.60
N LEU I 442 2.18 -11.94 -21.57
CA LEU I 442 3.62 -11.86 -21.42
C LEU I 442 4.05 -12.50 -20.11
N THR I 443 5.18 -13.20 -20.13
CA THR I 443 5.75 -13.71 -18.90
C THR I 443 6.24 -12.53 -18.07
N ALA I 444 6.57 -11.45 -18.77
CA ALA I 444 7.12 -10.26 -18.16
C ALA I 444 8.43 -10.61 -17.46
N ALA I 445 9.05 -11.69 -17.91
CA ALA I 445 10.36 -12.10 -17.41
C ALA I 445 10.39 -12.30 -15.91
N VAL I 446 9.73 -13.34 -15.41
CA VAL I 446 9.77 -13.61 -13.98
C VAL I 446 11.24 -13.73 -13.59
N THR I 447 11.65 -12.88 -12.64
CA THR I 447 13.06 -12.61 -12.37
C THR I 447 13.17 -11.67 -11.18
N THR I 448 14.38 -11.49 -10.65
CA THR I 448 15.55 -12.23 -11.11
C THR I 448 15.59 -13.61 -10.48
N ASP I 449 16.19 -14.56 -11.21
CA ASP I 449 16.42 -15.91 -10.70
C ASP I 449 15.12 -16.60 -10.28
N ARG I 450 15.04 -17.04 -9.03
CA ARG I 450 13.87 -17.79 -8.55
C ARG I 450 13.69 -19.06 -9.38
N GLU I 451 14.54 -20.06 -9.13
CA GLU I 451 15.37 -20.06 -7.93
C GLU I 451 16.64 -20.89 -8.12
N THR I 452 17.57 -20.76 -7.18
CA THR I 452 18.92 -21.31 -7.32
C THR I 452 19.65 -20.57 -8.43
N GLY I 453 19.33 -19.29 -8.56
CA GLY I 453 19.95 -18.42 -9.55
C GLY I 453 19.40 -18.63 -10.94
N GLU I 454 18.36 -19.46 -11.04
CA GLU I 454 17.81 -19.84 -12.34
C GLU I 454 16.72 -18.89 -12.82
N ARG I 455 16.98 -18.22 -13.93
CA ARG I 455 15.97 -17.39 -14.59
C ARG I 455 14.80 -18.25 -15.05
N ARG I 456 13.58 -17.88 -14.64
CA ARG I 456 12.39 -18.61 -15.06
C ARG I 456 11.28 -17.68 -15.50
N LEU I 457 10.90 -17.76 -16.77
CA LEU I 457 9.75 -17.02 -17.26
C LEU I 457 8.47 -17.73 -16.82
N GLU I 458 7.45 -16.94 -16.50
CA GLU I 458 6.14 -17.50 -16.18
C GLU I 458 5.08 -16.87 -17.08
N ALA I 459 4.50 -17.70 -17.95
CA ALA I 459 3.60 -17.21 -19.00
C ALA I 459 2.43 -16.42 -18.45
N GLY I 460 2.13 -15.31 -19.11
CA GLY I 460 0.97 -14.50 -18.77
C GLY I 460 -0.31 -15.18 -19.19
N ALA I 461 -1.44 -14.52 -18.93
CA ALA I 461 -2.75 -15.06 -19.28
C ALA I 461 -2.88 -15.38 -20.76
N MET I 462 -2.48 -14.43 -21.62
CA MET I 462 -2.56 -14.61 -23.07
C MET I 462 -1.86 -15.89 -23.52
N VAL I 463 -0.75 -16.24 -22.87
CA VAL I 463 -0.12 -17.53 -23.11
C VAL I 463 -0.83 -18.62 -22.30
N LEU I 464 -1.15 -18.30 -21.05
CA LEU I 464 -1.82 -19.23 -20.15
C LEU I 464 -3.19 -19.63 -20.67
N ALA I 465 -3.70 -18.86 -21.62
CA ALA I 465 -5.03 -19.08 -22.19
C ALA I 465 -5.02 -19.88 -23.48
N ASP I 466 -3.84 -20.37 -23.88
CA ASP I 466 -3.69 -21.07 -25.15
C ASP I 466 -4.71 -22.20 -25.29
N ARG I 467 -5.29 -22.32 -26.48
CA ARG I 467 -6.35 -23.29 -26.75
C ARG I 467 -7.57 -23.01 -25.90
N GLY I 468 -7.91 -21.73 -25.75
CA GLY I 468 -9.04 -21.32 -24.94
C GLY I 468 -9.61 -19.97 -25.34
N VAL I 469 -10.60 -19.50 -24.58
CA VAL I 469 -11.28 -18.25 -24.87
C VAL I 469 -10.59 -17.03 -24.27
N VAL I 470 -10.59 -15.92 -25.00
CA VAL I 470 -10.12 -14.65 -24.45
C VAL I 470 -11.24 -13.62 -24.55
N CYS I 471 -11.74 -13.18 -23.41
CA CYS I 471 -12.74 -12.12 -23.36
C CYS I 471 -12.07 -10.81 -22.95
N ILE I 472 -12.46 -9.73 -23.58
CA ILE I 472 -11.87 -8.44 -23.26
C ILE I 472 -12.93 -7.38 -22.98
N ASP I 473 -12.95 -6.91 -21.73
CA ASP I 473 -13.76 -5.76 -21.34
C ASP I 473 -12.91 -4.49 -21.43
N GLU I 474 -13.54 -3.40 -21.87
CA GLU I 474 -12.86 -2.12 -21.95
C GLU I 474 -11.64 -2.19 -22.86
N PHE I 475 -11.74 -3.01 -23.90
CA PHE I 475 -10.65 -3.20 -24.85
C PHE I 475 -10.20 -1.87 -25.45
N ASP I 476 -11.14 -0.93 -25.54
CA ASP I 476 -10.86 0.39 -26.09
C ASP I 476 -10.01 1.23 -25.14
N LYS I 477 -10.14 0.95 -23.85
CA LYS I 477 -9.41 1.70 -22.84
C LYS I 477 -7.98 1.18 -22.67
N MET I 478 -7.74 -0.04 -23.14
CA MET I 478 -6.45 -0.70 -22.98
C MET I 478 -5.34 0.05 -23.69
N THR I 479 -4.15 0.04 -23.10
CA THR I 479 -2.99 0.70 -23.68
C THR I 479 -2.58 0.03 -24.98
N ASP I 480 -2.24 0.84 -25.98
CA ASP I 480 -1.86 0.33 -27.30
C ASP I 480 -0.51 -0.36 -27.28
N VAL I 481 0.23 -0.14 -26.19
CA VAL I 481 1.56 -0.72 -26.03
C VAL I 481 1.53 -2.24 -26.21
N ASP I 482 0.57 -2.89 -25.55
CA ASP I 482 0.42 -4.33 -25.67
C ASP I 482 -0.50 -4.67 -26.84
N ARG I 483 -1.17 -3.66 -27.37
CA ARG I 483 -2.00 -3.85 -28.56
C ARG I 483 -1.17 -4.30 -29.74
N VAL I 484 -0.01 -3.67 -29.92
CA VAL I 484 0.94 -4.05 -30.95
C VAL I 484 1.32 -5.51 -30.79
N ALA I 485 1.38 -5.97 -29.55
CA ALA I 485 1.64 -7.36 -29.25
C ALA I 485 0.43 -8.22 -29.63
N ILE I 486 -0.76 -7.65 -29.55
CA ILE I 486 -1.99 -8.36 -29.88
C ILE I 486 -2.09 -8.61 -31.38
N HIS I 487 -1.43 -7.76 -32.16
CA HIS I 487 -1.23 -8.06 -33.58
C HIS I 487 -0.41 -9.35 -33.65
N GLU I 488 0.65 -9.39 -32.88
CA GLU I 488 1.45 -10.59 -32.71
C GLU I 488 0.59 -11.66 -32.04
N VAL I 489 -0.34 -11.20 -31.21
CA VAL I 489 -1.25 -12.08 -30.49
C VAL I 489 -2.31 -12.69 -31.40
N MET I 490 -2.73 -11.93 -32.42
CA MET I 490 -3.87 -12.34 -33.24
C MET I 490 -3.48 -12.80 -34.66
N GLU I 491 -2.98 -11.90 -35.49
CA GLU I 491 -2.61 -12.25 -36.86
C GLU I 491 -1.54 -13.33 -36.88
N GLN I 492 -0.44 -13.08 -36.16
CA GLN I 492 0.63 -14.05 -36.05
C GLN I 492 0.19 -15.23 -35.21
N GLN I 493 -0.65 -14.95 -34.22
CA GLN I 493 -1.21 -15.99 -33.36
C GLN I 493 -0.12 -16.77 -32.63
N THR I 494 0.95 -16.07 -32.23
CA THR I 494 2.01 -16.68 -31.44
C THR I 494 2.72 -15.65 -30.57
N VAL I 495 3.36 -16.13 -29.51
CA VAL I 495 4.08 -15.26 -28.58
C VAL I 495 5.55 -15.16 -28.95
N THR I 496 6.12 -13.95 -28.86
CA THR I 496 7.54 -13.75 -29.07
C THR I 496 8.14 -13.08 -27.86
N ILE I 497 9.27 -13.59 -27.38
CA ILE I 497 9.89 -13.06 -26.17
C ILE I 497 11.40 -12.90 -26.21
N ALA I 498 11.85 -11.66 -26.12
CA ALA I 498 13.22 -11.36 -25.70
C ALA I 498 13.18 -10.17 -24.77
N LYS I 499 13.61 -10.39 -23.52
CA LYS I 499 13.76 -9.32 -22.55
C LYS I 499 15.18 -9.21 -21.99
N ALA I 500 15.62 -10.21 -21.22
CA ALA I 500 16.92 -10.11 -20.56
C ALA I 500 18.01 -10.82 -21.35
N GLY I 501 17.92 -12.14 -21.49
CA GLY I 501 16.78 -12.92 -21.00
C GLY I 501 16.68 -14.23 -21.77
N ILE I 502 15.55 -14.91 -21.65
CA ILE I 502 15.31 -16.08 -22.49
C ILE I 502 14.81 -15.60 -23.86
N HIS I 503 15.23 -16.28 -24.92
CA HIS I 503 14.82 -15.88 -26.27
C HIS I 503 14.00 -16.96 -26.94
N THR I 504 12.71 -16.71 -27.12
CA THR I 504 11.80 -17.72 -27.64
C THR I 504 10.60 -17.13 -28.38
N THR I 505 9.96 -17.95 -29.21
CA THR I 505 8.66 -17.62 -29.75
C THR I 505 7.74 -18.81 -29.48
N LEU I 506 6.75 -18.60 -28.62
CA LEU I 506 5.86 -19.68 -28.18
C LEU I 506 4.45 -19.47 -28.70
N ASN I 507 3.76 -20.56 -29.01
CA ASN I 507 2.44 -20.48 -29.58
C ASN I 507 1.40 -19.92 -28.62
N ALA I 508 0.76 -18.82 -29.00
CA ALA I 508 -0.54 -18.53 -28.44
C ALA I 508 -1.59 -18.52 -29.55
N ARG I 509 -2.37 -19.59 -29.64
CA ARG I 509 -3.42 -19.70 -30.64
C ARG I 509 -4.79 -19.36 -30.06
N CYS I 510 -4.79 -18.89 -28.81
CA CYS I 510 -6.02 -18.70 -28.04
C CYS I 510 -7.11 -17.92 -28.76
N SER I 511 -8.33 -18.45 -28.70
CA SER I 511 -9.51 -17.75 -29.21
C SER I 511 -9.77 -16.52 -28.35
N VAL I 512 -10.22 -15.44 -28.98
CA VAL I 512 -10.32 -14.16 -28.27
C VAL I 512 -11.54 -13.33 -28.68
N ILE I 513 -12.02 -12.53 -27.73
CA ILE I 513 -13.09 -11.55 -27.99
C ILE I 513 -12.89 -10.33 -27.08
N ALA I 514 -13.38 -9.17 -27.52
CA ALA I 514 -13.25 -7.95 -26.73
C ALA I 514 -14.52 -7.12 -26.78
N ALA I 515 -14.51 -5.99 -26.08
CA ALA I 515 -15.65 -5.09 -26.05
C ALA I 515 -15.19 -3.65 -25.88
N ALA I 516 -15.86 -2.71 -26.54
CA ALA I 516 -15.49 -1.31 -26.47
C ALA I 516 -16.69 -0.38 -26.59
N ASN I 517 -16.66 0.74 -25.88
CA ASN I 517 -17.70 1.75 -25.96
C ASN I 517 -17.60 2.58 -27.23
N PRO I 518 -18.64 3.37 -27.52
CA PRO I 518 -18.53 4.34 -28.62
C PRO I 518 -17.45 5.35 -28.28
N VAL I 519 -16.73 5.84 -29.28
CA VAL I 519 -15.65 6.80 -29.03
C VAL I 519 -16.16 7.98 -28.19
N PHE I 520 -17.26 8.59 -28.63
CA PHE I 520 -17.83 9.73 -27.91
C PHE I 520 -19.34 9.62 -27.76
N GLY I 521 -19.82 9.51 -26.52
CA GLY I 521 -21.23 9.58 -26.20
C GLY I 521 -22.20 8.61 -26.85
N GLN I 522 -23.43 9.07 -27.02
CA GLN I 522 -24.54 8.27 -27.54
C GLN I 522 -24.62 8.37 -29.06
N TYR I 523 -23.64 9.04 -29.65
CA TYR I 523 -23.64 9.32 -31.08
C TYR I 523 -23.10 8.16 -31.90
N ASP I 524 -22.85 7.04 -31.23
CA ASP I 524 -22.39 5.82 -31.87
C ASP I 524 -23.32 5.42 -33.01
N VAL I 525 -24.54 5.98 -32.98
CA VAL I 525 -25.48 5.84 -34.08
C VAL I 525 -25.19 6.86 -35.19
N ASN I 526 -25.33 8.14 -34.88
CA ASN I 526 -25.23 9.22 -35.86
C ASN I 526 -23.83 9.36 -36.49
N ARG I 527 -22.82 9.51 -35.65
CA ARG I 527 -21.45 9.68 -36.14
C ARG I 527 -21.01 8.43 -36.92
N ASP I 528 -20.12 8.62 -37.89
CA ASP I 528 -19.65 7.52 -38.72
C ASP I 528 -18.92 6.48 -37.89
N PRO I 529 -19.07 5.20 -38.26
CA PRO I 529 -18.43 4.08 -37.57
C PRO I 529 -16.91 4.19 -37.58
N HIS I 530 -16.38 4.89 -38.58
CA HIS I 530 -14.98 5.23 -38.60
C HIS I 530 -14.78 6.51 -37.80
N GLN I 531 -13.70 6.57 -37.03
CA GLN I 531 -13.52 7.54 -35.94
C GLN I 531 -14.33 7.07 -34.73
N ASN I 532 -15.23 6.12 -34.98
CA ASN I 532 -16.03 5.50 -33.94
C ASN I 532 -15.39 4.20 -33.46
N ILE I 533 -14.37 3.77 -34.19
CA ILE I 533 -13.65 2.54 -33.86
C ILE I 533 -12.87 2.72 -32.57
N ALA I 534 -12.29 3.90 -32.40
CA ALA I 534 -11.59 4.29 -31.18
C ALA I 534 -10.21 3.64 -31.06
N LEU I 535 -9.96 2.65 -31.90
CA LEU I 535 -8.66 1.97 -31.90
C LEU I 535 -8.19 1.61 -33.30
N PRO I 536 -7.73 2.61 -34.07
CA PRO I 536 -7.16 2.36 -35.39
C PRO I 536 -5.80 1.67 -35.26
N ASP I 537 -5.39 0.96 -36.31
CA ASP I 537 -6.18 0.79 -37.50
C ASP I 537 -6.33 -0.70 -37.80
N SER I 538 -5.20 -1.35 -38.02
CA SER I 538 -5.14 -2.77 -38.33
C SER I 538 -5.88 -3.60 -37.29
N LEU I 539 -6.11 -3.02 -36.12
CA LEU I 539 -6.95 -3.62 -35.10
C LEU I 539 -8.32 -4.00 -35.68
N LEU I 540 -8.80 -3.19 -36.62
CA LEU I 540 -10.06 -3.44 -37.29
C LEU I 540 -9.98 -4.68 -38.18
N SER I 541 -8.88 -4.79 -38.92
CA SER I 541 -8.65 -5.93 -39.81
C SER I 541 -8.56 -7.23 -39.02
N ARG I 542 -8.03 -7.16 -37.80
CA ARG I 542 -7.82 -8.34 -36.98
C ARG I 542 -9.10 -9.08 -36.66
N PHE I 543 -10.05 -8.40 -36.03
CA PHE I 543 -11.31 -9.02 -35.62
C PHE I 543 -12.13 -9.46 -36.82
N ASP I 544 -12.62 -10.69 -36.78
CA ASP I 544 -13.38 -11.25 -37.88
C ASP I 544 -14.80 -10.69 -37.93
N LEU I 545 -15.30 -10.25 -36.78
CA LEU I 545 -16.61 -9.63 -36.66
C LEU I 545 -16.59 -8.49 -35.66
N LEU I 546 -17.21 -7.38 -36.02
CA LEU I 546 -17.46 -6.33 -35.05
C LEU I 546 -18.93 -5.95 -35.12
N PHE I 547 -19.61 -6.19 -34.00
CA PHE I 547 -21.03 -5.87 -33.86
C PHE I 547 -21.23 -4.60 -33.03
N VAL I 548 -21.86 -3.60 -33.64
CA VAL I 548 -22.19 -2.37 -32.93
C VAL I 548 -23.56 -2.53 -32.27
N VAL I 549 -23.64 -2.20 -30.99
CA VAL I 549 -24.90 -2.33 -30.27
C VAL I 549 -25.56 -0.96 -30.13
N THR I 550 -26.66 -0.78 -30.84
CA THR I 550 -27.40 0.46 -30.74
C THR I 550 -28.21 0.47 -29.46
N ASP I 551 -28.19 1.60 -28.76
CA ASP I 551 -28.92 1.73 -27.52
C ASP I 551 -30.33 2.20 -27.82
N ASP I 552 -30.64 2.27 -29.12
CA ASP I 552 -31.94 2.71 -29.59
C ASP I 552 -33.07 1.98 -28.88
N ILE I 553 -34.09 2.73 -28.49
CA ILE I 553 -35.18 2.20 -27.69
C ILE I 553 -36.52 2.24 -28.42
N ASN I 554 -37.37 1.26 -28.13
CA ASN I 554 -38.71 1.23 -28.66
C ASN I 554 -39.70 0.77 -27.60
N GLU I 555 -40.82 1.47 -27.48
CA GLU I 555 -41.88 1.08 -26.56
C GLU I 555 -42.35 -0.33 -26.88
N ILE I 556 -42.36 -0.65 -28.17
CA ILE I 556 -42.64 -2.01 -28.62
C ILE I 556 -41.53 -2.93 -28.12
N ARG I 557 -40.30 -2.41 -28.11
CA ARG I 557 -39.16 -3.16 -27.61
C ARG I 557 -39.20 -3.26 -26.09
N ASP I 558 -39.34 -2.12 -25.42
CA ASP I 558 -39.35 -2.05 -23.97
C ASP I 558 -40.45 -2.92 -23.38
N ARG I 559 -41.55 -3.05 -24.10
CA ARG I 559 -42.63 -3.91 -23.66
C ARG I 559 -42.15 -5.35 -23.60
N SER I 560 -41.36 -5.76 -24.59
CA SER I 560 -40.73 -7.07 -24.55
C SER I 560 -39.65 -7.08 -23.47
N ILE I 561 -39.01 -5.93 -23.31
CA ILE I 561 -37.90 -5.77 -22.36
C ILE I 561 -38.30 -5.97 -20.90
N SER I 562 -39.56 -5.68 -20.58
CA SER I 562 -39.99 -5.65 -19.18
C SER I 562 -40.12 -7.04 -18.56
N GLU I 563 -41.11 -7.80 -19.00
CA GLU I 563 -41.49 -9.07 -18.35
C GLU I 563 -40.32 -10.05 -18.18
N HIS I 564 -39.48 -10.19 -19.19
CA HIS I 564 -38.32 -11.09 -19.06
C HIS I 564 -37.35 -10.49 -18.05
N VAL I 565 -37.21 -9.17 -18.07
CA VAL I 565 -36.50 -8.48 -16.99
C VAL I 565 -37.28 -8.67 -15.70
N LEU I 566 -38.61 -8.76 -15.83
CA LEU I 566 -39.48 -9.02 -14.69
C LEU I 566 -39.34 -10.47 -14.23
N ARG I 567 -39.42 -11.41 -15.17
CA ARG I 567 -39.24 -12.82 -14.86
C ARG I 567 -37.81 -13.10 -14.42
N THR I 568 -36.92 -12.14 -14.72
CA THR I 568 -35.52 -12.24 -14.33
C THR I 568 -35.35 -12.36 -12.82
N HIS I 569 -36.08 -11.52 -12.08
CA HIS I 569 -35.93 -11.43 -10.63
C HIS I 569 -36.64 -12.56 -9.89
N ARG I 570 -37.50 -13.29 -10.59
CA ARG I 570 -38.23 -14.41 -9.99
C ARG I 570 -38.35 -15.58 -10.97
N VAL I 651 -31.44 -28.78 -25.12
CA VAL I 651 -31.60 -27.36 -24.82
C VAL I 651 -30.84 -26.98 -23.56
N THR I 652 -30.55 -27.97 -22.73
CA THR I 652 -29.92 -27.73 -21.44
C THR I 652 -28.48 -27.23 -21.56
N ILE I 653 -28.15 -26.22 -20.77
CA ILE I 653 -26.87 -25.53 -20.84
C ILE I 653 -25.65 -26.46 -20.69
N PRO I 654 -25.56 -27.20 -19.58
CA PRO I 654 -24.39 -28.07 -19.38
C PRO I 654 -24.26 -29.12 -20.49
N PHE I 655 -25.38 -29.58 -20.99
CA PHE I 655 -25.40 -30.51 -22.12
C PHE I 655 -24.77 -29.89 -23.35
N LEU I 656 -24.80 -28.56 -23.42
CA LEU I 656 -24.26 -27.83 -24.56
C LEU I 656 -22.75 -27.96 -24.67
N ARG I 657 -22.04 -27.67 -23.58
CA ARG I 657 -20.58 -27.70 -23.60
C ARG I 657 -20.05 -29.12 -23.83
N LYS I 658 -20.81 -30.12 -23.39
CA LYS I 658 -20.46 -31.50 -23.68
C LYS I 658 -20.70 -31.81 -25.15
N TYR I 659 -21.78 -31.24 -25.69
CA TYR I 659 -22.11 -31.40 -27.09
C TYR I 659 -21.05 -30.73 -27.97
N VAL I 660 -20.57 -29.58 -27.52
CA VAL I 660 -19.57 -28.83 -28.27
C VAL I 660 -18.16 -29.40 -28.11
N GLN I 661 -17.80 -29.75 -26.87
CA GLN I 661 -16.45 -30.25 -26.58
C GLN I 661 -16.12 -31.47 -27.41
N TYR I 662 -17.04 -32.43 -27.49
CA TYR I 662 -16.86 -33.60 -28.32
C TYR I 662 -16.95 -33.19 -29.79
N ALA I 663 -17.73 -32.15 -30.07
CA ALA I 663 -17.86 -31.63 -31.43
C ALA I 663 -16.55 -31.02 -31.91
N LYS I 664 -15.66 -30.74 -30.96
CA LYS I 664 -14.38 -30.10 -31.27
C LYS I 664 -13.37 -31.04 -31.91
N GLU I 665 -13.14 -32.20 -31.31
CA GLU I 665 -12.19 -33.13 -31.88
C GLU I 665 -12.83 -34.00 -32.96
N ARG I 666 -14.16 -34.07 -32.95
CA ARG I 666 -14.87 -34.82 -33.98
C ARG I 666 -16.12 -34.06 -34.42
N VAL I 667 -16.21 -33.78 -35.71
CA VAL I 667 -15.12 -34.05 -36.65
C VAL I 667 -14.95 -32.86 -37.59
N ILE I 668 -13.71 -32.57 -37.97
CA ILE I 668 -13.44 -31.41 -38.82
C ILE I 668 -13.99 -31.63 -40.23
N PRO I 669 -14.81 -30.68 -40.71
CA PRO I 669 -15.53 -30.75 -41.99
C PRO I 669 -14.63 -30.64 -43.22
N GLN I 670 -13.39 -30.20 -43.04
CA GLN I 670 -12.49 -29.94 -44.15
C GLN I 670 -13.05 -28.85 -45.05
N LEU I 671 -13.17 -29.14 -46.35
CA LEU I 671 -13.63 -28.15 -47.31
C LEU I 671 -14.36 -28.79 -48.48
N THR I 672 -15.35 -28.06 -49.02
CA THR I 672 -16.08 -28.51 -50.20
C THR I 672 -16.31 -27.33 -51.15
N GLN I 673 -15.96 -27.51 -52.43
CA GLN I 673 -16.04 -26.46 -53.43
C GLN I 673 -17.46 -25.90 -53.57
N GLU I 674 -18.46 -26.71 -53.23
CA GLU I 674 -19.85 -26.30 -53.37
C GLU I 674 -20.16 -25.07 -52.51
N ALA I 675 -19.60 -25.03 -51.31
CA ALA I 675 -19.71 -23.85 -50.46
C ALA I 675 -19.03 -22.67 -51.13
N ILE I 676 -17.94 -22.94 -51.84
CA ILE I 676 -17.19 -21.93 -52.56
C ILE I 676 -18.02 -21.27 -53.66
N ASN I 677 -18.75 -22.08 -54.42
CA ASN I 677 -19.45 -21.64 -55.62
C ASN I 677 -20.35 -20.42 -55.41
N VAL I 678 -21.11 -20.41 -54.31
CA VAL I 678 -21.96 -19.26 -54.00
C VAL I 678 -21.18 -18.12 -53.35
N ILE I 679 -20.27 -18.47 -52.43
CA ILE I 679 -19.54 -17.47 -51.66
C ILE I 679 -18.57 -16.65 -52.50
N VAL I 680 -18.02 -17.26 -53.55
CA VAL I 680 -17.12 -16.55 -54.44
C VAL I 680 -17.85 -15.39 -55.10
N LYS I 681 -19.04 -15.66 -55.60
CA LYS I 681 -19.90 -14.59 -56.10
C LYS I 681 -20.35 -13.72 -54.93
N ASN I 682 -20.31 -14.28 -53.72
CA ASN I 682 -20.76 -13.54 -52.54
C ASN I 682 -19.75 -12.48 -52.12
N TYR I 683 -18.60 -12.91 -51.62
CA TYR I 683 -17.60 -11.97 -51.11
C TYR I 683 -17.15 -10.96 -52.16
N THR I 684 -16.89 -11.43 -53.38
CA THR I 684 -16.56 -10.51 -54.47
C THR I 684 -17.63 -9.44 -54.58
N ASP I 685 -18.89 -9.88 -54.68
CA ASP I 685 -20.03 -8.98 -54.69
C ASP I 685 -20.07 -8.12 -53.44
N LEU I 686 -19.52 -8.65 -52.34
CA LEU I 686 -19.45 -7.90 -51.10
C LEU I 686 -18.48 -6.73 -51.23
N ARG I 687 -17.34 -6.97 -51.88
CA ARG I 687 -16.41 -5.89 -52.21
C ARG I 687 -17.00 -5.01 -53.30
N ASN I 688 -17.91 -5.59 -54.10
CA ASN I 688 -18.52 -4.88 -55.21
C ASN I 688 -19.66 -3.95 -54.79
N ASP I 689 -20.17 -4.17 -53.58
CA ASP I 689 -21.26 -3.35 -53.07
C ASP I 689 -20.84 -2.61 -51.81
N ASP I 690 -20.49 -3.37 -50.77
CA ASP I 690 -20.20 -2.84 -49.44
C ASP I 690 -19.22 -1.67 -49.45
N ASN I 691 -18.27 -1.69 -50.37
CA ASN I 691 -17.31 -0.59 -50.50
C ASN I 691 -17.99 0.72 -50.84
N THR I 692 -19.22 0.63 -51.35
CA THR I 692 -20.03 1.80 -51.59
C THR I 692 -20.95 2.05 -50.40
N LYS I 693 -20.81 1.19 -49.40
CA LYS I 693 -21.62 1.27 -48.19
C LYS I 693 -20.73 1.48 -46.97
N LYS I 694 -19.87 0.50 -46.70
CA LYS I 694 -19.03 0.52 -45.51
C LYS I 694 -17.64 -0.10 -45.75
N SER I 695 -16.93 -0.34 -44.67
CA SER I 695 -15.59 -0.91 -44.69
C SER I 695 -15.11 -1.11 -43.25
N PRO I 696 -13.95 -1.76 -43.06
CA PRO I 696 -13.04 -2.28 -44.09
C PRO I 696 -13.53 -3.57 -44.76
N ILE I 697 -13.03 -3.81 -45.96
CA ILE I 697 -13.30 -5.06 -46.68
C ILE I 697 -12.01 -5.68 -47.17
N THR I 698 -11.68 -6.86 -46.65
CA THR I 698 -10.43 -7.52 -47.00
C THR I 698 -10.63 -9.02 -47.21
N ALA I 699 -9.68 -9.65 -47.89
CA ALA I 699 -9.73 -11.08 -48.11
C ALA I 699 -9.74 -11.83 -46.79
N ARG I 700 -9.20 -11.20 -45.76
CA ARG I 700 -9.22 -11.74 -44.41
C ARG I 700 -10.66 -11.96 -43.96
N THR I 701 -11.52 -11.01 -44.31
CA THR I 701 -12.95 -11.16 -44.06
C THR I 701 -13.48 -12.35 -44.85
N LEU I 702 -12.93 -12.56 -46.04
CA LEU I 702 -13.26 -13.72 -46.86
C LEU I 702 -12.71 -14.98 -46.20
N GLU I 703 -11.50 -14.87 -45.65
CA GLU I 703 -10.87 -15.98 -44.95
C GLU I 703 -11.75 -16.46 -43.80
N THR I 704 -12.47 -15.52 -43.18
CA THR I 704 -13.38 -15.84 -42.09
C THR I 704 -14.52 -16.73 -42.61
N LEU I 705 -14.99 -16.43 -43.80
CA LEU I 705 -16.06 -17.20 -44.45
C LEU I 705 -15.78 -18.69 -44.39
N ILE I 706 -14.51 -19.03 -44.59
CA ILE I 706 -14.08 -20.40 -44.46
C ILE I 706 -14.14 -20.83 -43.01
N ARG I 707 -13.79 -19.91 -42.10
CA ARG I 707 -13.91 -20.16 -40.68
C ARG I 707 -15.36 -20.34 -40.27
N LEU I 708 -16.20 -19.39 -40.66
CA LEU I 708 -17.62 -19.41 -40.32
C LEU I 708 -18.31 -20.68 -40.80
N ALA I 709 -18.19 -20.97 -42.09
CA ALA I 709 -18.75 -22.19 -42.66
C ALA I 709 -18.12 -23.42 -42.03
N THR I 710 -16.84 -23.33 -41.72
CA THR I 710 -16.12 -24.39 -41.04
C THR I 710 -16.77 -24.74 -39.70
N ALA I 711 -17.23 -23.70 -39.00
CA ALA I 711 -17.84 -23.87 -37.70
C ALA I 711 -19.23 -24.50 -37.79
N HIS I 712 -20.05 -23.99 -38.70
CA HIS I 712 -21.41 -24.51 -38.85
C HIS I 712 -21.38 -25.95 -39.33
N ALA I 713 -20.37 -26.29 -40.12
CA ALA I 713 -20.17 -27.67 -40.56
C ALA I 713 -19.91 -28.55 -39.33
N LYS I 714 -19.32 -27.93 -38.30
CA LYS I 714 -19.16 -28.59 -37.01
C LYS I 714 -20.49 -28.56 -36.26
N VAL I 715 -21.18 -27.44 -36.34
CA VAL I 715 -22.49 -27.29 -35.72
C VAL I 715 -23.47 -28.34 -36.25
N ARG I 716 -23.29 -28.69 -37.52
CA ARG I 716 -24.08 -29.73 -38.15
C ARG I 716 -23.46 -31.10 -37.85
N LEU I 717 -22.26 -31.07 -37.29
CA LEU I 717 -21.48 -32.29 -37.07
C LEU I 717 -21.20 -32.99 -38.40
N SER I 718 -21.23 -32.20 -39.47
CA SER I 718 -21.03 -32.73 -40.81
C SER I 718 -19.58 -33.17 -41.00
N LYS I 719 -19.41 -34.37 -41.56
CA LYS I 719 -18.09 -34.87 -41.88
C LYS I 719 -17.50 -34.05 -43.03
N THR I 720 -18.37 -33.33 -43.73
CA THR I 720 -17.94 -32.52 -44.86
C THR I 720 -18.64 -31.16 -44.86
N VAL I 721 -17.97 -30.16 -45.42
CA VAL I 721 -18.55 -28.83 -45.56
C VAL I 721 -19.72 -28.85 -46.55
N ASN I 722 -20.66 -27.93 -46.37
CA ASN I 722 -21.75 -27.79 -47.31
C ASN I 722 -21.98 -26.32 -47.64
N LYS I 723 -22.42 -26.06 -48.87
CA LYS I 723 -22.74 -24.69 -49.29
C LYS I 723 -23.91 -24.15 -48.47
N VAL I 724 -24.68 -25.06 -47.89
CA VAL I 724 -25.83 -24.69 -47.07
C VAL I 724 -25.40 -23.90 -45.84
N ASP I 725 -24.20 -24.19 -45.34
CA ASP I 725 -23.68 -23.49 -44.17
C ASP I 725 -23.31 -22.05 -44.50
N ALA I 726 -22.87 -21.82 -45.72
CA ALA I 726 -22.43 -20.50 -46.16
C ALA I 726 -23.54 -19.46 -46.04
N LYS I 727 -24.74 -19.85 -46.45
CA LYS I 727 -25.92 -18.98 -46.34
C LYS I 727 -26.10 -18.52 -44.90
N VAL I 728 -25.78 -19.39 -43.95
CA VAL I 728 -25.79 -19.05 -42.54
C VAL I 728 -24.71 -18.02 -42.23
N ALA I 729 -23.48 -18.35 -42.61
CA ALA I 729 -22.34 -17.47 -42.38
C ALA I 729 -22.51 -16.14 -43.10
N ALA I 730 -22.88 -16.20 -44.38
CA ALA I 730 -23.10 -15.00 -45.17
C ALA I 730 -24.19 -14.12 -44.56
N ASN I 731 -25.24 -14.75 -44.04
CA ASN I 731 -26.36 -14.03 -43.45
C ASN I 731 -25.94 -13.29 -42.18
N LEU I 732 -25.29 -14.00 -41.26
CA LEU I 732 -24.71 -13.35 -40.08
C LEU I 732 -23.68 -12.33 -40.56
N LEU I 733 -23.09 -12.60 -41.71
CA LEU I 733 -22.18 -11.65 -42.36
C LEU I 733 -23.01 -10.55 -43.03
N ARG I 734 -24.20 -10.91 -43.50
CA ARG I 734 -25.17 -9.92 -43.94
C ARG I 734 -25.52 -9.06 -42.74
N PHE I 735 -25.81 -9.72 -41.62
CA PHE I 735 -26.07 -9.05 -40.36
C PHE I 735 -24.80 -8.38 -39.86
N ALA I 736 -23.64 -8.90 -40.29
CA ALA I 736 -22.36 -8.29 -39.96
C ALA I 736 -22.32 -6.88 -40.53
N LEU I 737 -22.78 -6.74 -41.76
CA LEU I 737 -22.96 -5.43 -42.37
C LEU I 737 -24.25 -4.78 -41.88
N LEU I 738 -25.30 -5.59 -41.76
CA LEU I 738 -26.60 -5.11 -41.33
C LEU I 738 -27.18 -5.97 -40.21
N LEU J 177 75.32 -29.57 -27.34
CA LEU J 177 74.75 -28.40 -28.01
C LEU J 177 73.61 -27.84 -27.15
N ARG J 178 73.66 -28.22 -25.88
CA ARG J 178 72.68 -27.91 -24.86
C ARG J 178 71.27 -28.29 -25.25
N ILE J 179 70.33 -27.49 -24.78
CA ILE J 179 68.94 -27.49 -25.25
C ILE J 179 68.11 -26.65 -24.26
N ILE J 180 66.90 -26.29 -24.66
CA ILE J 180 65.91 -25.81 -23.69
C ILE J 180 64.93 -26.95 -23.43
N TRP J 181 64.50 -27.10 -22.19
CA TRP J 181 63.79 -28.30 -21.77
C TRP J 181 62.58 -28.66 -22.63
N GLY J 182 61.51 -27.88 -22.52
CA GLY J 182 60.29 -28.16 -23.26
C GLY J 182 60.37 -27.61 -24.67
N THR J 183 61.13 -26.54 -24.81
CA THR J 183 61.27 -25.84 -26.09
C THR J 183 62.04 -26.69 -27.10
N ASN J 184 62.92 -27.55 -26.59
CA ASN J 184 63.85 -28.35 -27.39
C ASN J 184 64.55 -27.51 -28.44
N VAL J 185 64.77 -26.24 -28.11
CA VAL J 185 65.49 -25.31 -28.97
C VAL J 185 66.71 -24.82 -28.23
N SER J 186 67.88 -25.24 -28.69
CA SER J 186 69.12 -25.08 -27.92
C SER J 186 69.50 -23.62 -27.67
N ILE J 187 70.07 -23.37 -26.49
CA ILE J 187 70.48 -22.02 -26.11
C ILE J 187 71.75 -21.57 -26.85
N GLN J 188 71.79 -20.27 -27.11
CA GLN J 188 72.64 -19.61 -28.10
C GLN J 188 72.46 -20.19 -29.51
N GLU J 189 73.48 -20.00 -30.34
CA GLU J 189 73.60 -20.50 -31.74
C GLU J 189 72.36 -20.17 -32.60
N CYS J 190 71.25 -19.89 -31.92
CA CYS J 190 70.06 -19.32 -32.53
C CYS J 190 70.25 -17.81 -32.53
N THR J 191 70.97 -17.35 -31.51
CA THR J 191 71.44 -15.99 -31.42
C THR J 191 72.43 -15.75 -32.55
N THR J 192 73.20 -16.78 -32.88
CA THR J 192 74.15 -16.71 -33.98
C THR J 192 73.41 -16.77 -35.30
N ASN J 193 72.50 -17.74 -35.42
CA ASN J 193 71.62 -17.83 -36.58
C ASN J 193 70.75 -16.58 -36.67
N PHE J 194 70.49 -15.96 -35.52
CA PHE J 194 69.76 -14.70 -35.49
C PHE J 194 70.62 -13.57 -36.04
N ARG J 195 71.90 -13.59 -35.67
CA ARG J 195 72.82 -12.52 -36.06
C ARG J 195 73.15 -12.55 -37.55
N ASN J 196 73.63 -13.68 -38.05
CA ASN J 196 73.96 -13.78 -39.47
C ASN J 196 72.71 -13.58 -40.30
N PHE J 197 71.56 -13.83 -39.68
CA PHE J 197 70.28 -13.47 -40.25
C PHE J 197 70.07 -11.96 -40.12
N LEU J 198 70.39 -11.43 -38.95
CA LEU J 198 70.31 -9.99 -38.71
C LEU J 198 71.40 -9.25 -39.47
N MET J 199 72.56 -9.89 -39.60
CA MET J 199 73.71 -9.27 -40.26
C MET J 199 73.54 -9.23 -41.78
N SER J 200 72.94 -10.26 -42.37
CA SER J 200 72.68 -10.24 -43.81
C SER J 200 71.30 -10.78 -44.18
N PHE J 201 70.53 -9.94 -44.88
CA PHE J 201 69.30 -10.36 -45.53
C PHE J 201 69.31 -9.95 -47.00
N LYS J 202 69.41 -8.64 -47.25
CA LYS J 202 69.07 -8.07 -48.55
C LYS J 202 67.58 -8.33 -48.75
N TYR J 203 67.22 -8.94 -49.88
CA TYR J 203 65.86 -9.45 -50.05
C TYR J 203 65.96 -10.89 -50.53
N LYS J 204 65.67 -11.84 -49.65
CA LYS J 204 65.31 -13.18 -50.06
C LYS J 204 63.81 -13.37 -49.91
N PHE J 205 63.18 -12.37 -49.33
CA PHE J 205 61.74 -12.37 -49.12
C PHE J 205 61.06 -11.93 -50.39
N ARG J 206 61.80 -11.17 -51.18
CA ARG J 206 61.32 -10.72 -52.48
C ARG J 206 61.31 -11.89 -53.45
N LYS J 207 62.01 -12.96 -53.09
CA LYS J 207 62.01 -14.18 -53.89
C LYS J 207 60.63 -14.81 -53.86
N ILE J 208 59.90 -14.60 -52.78
CA ILE J 208 58.51 -15.03 -52.68
C ILE J 208 57.59 -14.07 -53.40
N LEU J 209 57.96 -12.80 -53.41
CA LEU J 209 57.20 -11.79 -54.15
C LEU J 209 57.59 -11.85 -55.63
N ASP J 210 58.62 -12.64 -55.91
CA ASP J 210 59.14 -12.79 -57.27
C ASP J 210 59.71 -11.50 -57.83
N GLU J 211 60.42 -10.75 -56.99
CA GLU J 211 61.08 -9.52 -57.44
C GLU J 211 60.09 -8.58 -58.14
N ARG J 212 60.34 -8.32 -59.41
CA ARG J 212 59.48 -7.44 -60.19
C ARG J 212 59.53 -7.80 -61.68
N ASP J 221 67.70 -0.26 -52.30
CA ASP J 221 66.83 -1.28 -51.75
C ASP J 221 67.49 -2.66 -51.79
N GLU J 222 68.59 -2.76 -52.52
CA GLU J 222 69.30 -4.03 -52.67
C GLU J 222 69.91 -4.51 -51.35
N GLU J 223 70.25 -3.58 -50.48
CA GLU J 223 70.87 -3.93 -49.20
C GLU J 223 69.86 -4.50 -48.22
N LEU J 224 70.36 -5.23 -47.23
CA LEU J 224 69.52 -5.88 -46.22
C LEU J 224 68.72 -4.89 -45.39
N TYR J 225 67.55 -5.32 -44.94
CA TYR J 225 66.61 -4.45 -44.25
C TYR J 225 67.11 -4.00 -42.87
N TYR J 226 67.77 -4.91 -42.16
CA TYR J 226 68.06 -4.71 -40.74
C TYR J 226 69.21 -3.75 -40.40
N ILE J 227 70.39 -3.97 -41.00
CA ILE J 227 71.58 -3.22 -40.62
C ILE J 227 71.39 -1.73 -40.89
N LYS J 228 70.59 -1.40 -41.90
CA LYS J 228 70.17 -0.03 -42.10
C LYS J 228 69.26 0.41 -40.96
N GLN J 229 68.19 -0.36 -40.75
CA GLN J 229 67.21 -0.05 -39.71
C GLN J 229 67.79 -0.23 -38.31
N LEU J 230 68.73 -1.16 -38.18
CA LEU J 230 69.41 -1.37 -36.92
C LEU J 230 70.21 -0.12 -36.58
N ASN J 231 70.81 0.48 -37.60
CA ASN J 231 71.48 1.78 -37.44
C ASN J 231 70.47 2.87 -37.12
N GLU J 232 69.33 2.85 -37.81
CA GLU J 232 68.27 3.83 -37.57
C GLU J 232 67.84 3.86 -36.10
N MET J 233 67.99 2.72 -35.43
CA MET J 233 67.55 2.55 -34.06
C MET J 233 68.52 3.12 -33.03
N ARG J 234 69.82 2.98 -33.29
CA ARG J 234 70.85 3.29 -32.30
C ARG J 234 70.89 4.76 -31.86
N GLU J 235 70.76 5.70 -32.79
CA GLU J 235 70.79 7.12 -32.44
C GLU J 235 69.68 7.46 -31.45
N LEU J 236 68.44 7.14 -31.85
CA LEU J 236 67.26 7.50 -31.10
C LEU J 236 67.24 6.90 -29.70
N GLY J 237 67.84 5.72 -29.55
CA GLY J 237 67.85 5.02 -28.27
C GLY J 237 66.43 4.66 -27.87
N THR J 238 65.60 4.41 -28.87
CA THR J 238 64.20 4.07 -28.66
C THR J 238 64.02 2.62 -28.23
N SER J 239 64.97 1.78 -28.61
CA SER J 239 64.85 0.34 -28.44
C SER J 239 63.56 -0.17 -29.07
N ASN J 240 62.92 -1.12 -28.40
CA ASN J 240 61.60 -1.62 -28.77
C ASN J 240 61.40 -1.86 -30.27
N LEU J 241 62.33 -2.58 -30.88
CA LEU J 241 62.27 -2.88 -32.31
C LEU J 241 61.03 -3.70 -32.66
N ASN J 242 60.41 -3.36 -33.80
CA ASN J 242 59.12 -3.94 -34.20
C ASN J 242 59.25 -5.22 -35.05
N LEU J 243 60.48 -5.67 -35.22
CA LEU J 243 60.86 -6.82 -36.06
C LEU J 243 60.31 -6.74 -37.49
N ASP J 244 60.07 -7.88 -38.14
CA ASP J 244 59.35 -7.94 -39.40
C ASP J 244 58.36 -9.12 -39.51
N ALA J 245 58.87 -10.35 -39.57
CA ALA J 245 58.01 -11.54 -39.56
C ALA J 245 56.93 -11.51 -40.67
N ARG J 246 57.26 -11.98 -41.87
CA ARG J 246 58.28 -13.01 -42.03
C ARG J 246 59.46 -12.67 -42.93
N ASN J 247 60.61 -12.41 -42.32
CA ASN J 247 61.85 -12.46 -43.06
C ASN J 247 62.66 -13.72 -42.76
N LEU J 248 62.19 -14.56 -41.85
CA LEU J 248 62.86 -15.82 -41.58
C LEU J 248 62.53 -16.75 -42.73
N LEU J 249 61.50 -16.38 -43.47
CA LEU J 249 61.12 -17.03 -44.71
C LEU J 249 60.69 -15.97 -45.72
N ALA J 250 61.19 -16.09 -46.95
CA ALA J 250 62.07 -17.20 -47.30
C ALA J 250 63.52 -16.74 -47.30
N TYR J 251 64.26 -17.20 -46.31
CA TYR J 251 65.69 -16.92 -46.20
C TYR J 251 66.32 -18.00 -45.32
N LYS J 252 67.63 -18.17 -45.43
CA LYS J 252 68.34 -19.21 -44.68
C LYS J 252 69.64 -18.62 -44.15
N GLN J 253 70.00 -18.89 -42.90
CA GLN J 253 69.29 -19.77 -41.96
C GLN J 253 68.15 -19.07 -41.22
N THR J 254 67.71 -19.70 -40.12
CA THR J 254 66.58 -19.27 -39.26
C THR J 254 65.24 -19.88 -39.68
N GLU J 255 65.24 -20.61 -40.80
CA GLU J 255 64.07 -21.33 -41.28
C GLU J 255 63.40 -22.17 -40.19
N ASP J 256 64.20 -22.81 -39.34
CA ASP J 256 63.67 -23.52 -38.20
C ASP J 256 63.36 -22.57 -37.05
N LEU J 257 64.21 -21.55 -36.88
CA LEU J 257 63.96 -20.51 -35.89
C LEU J 257 62.63 -19.84 -36.19
N TYR J 258 62.33 -19.68 -37.48
CA TYR J 258 61.03 -19.20 -37.90
C TYR J 258 59.96 -20.12 -37.32
N HIS J 259 60.22 -21.42 -37.33
CA HIS J 259 59.34 -22.38 -36.67
C HIS J 259 59.48 -22.27 -35.16
N GLN J 260 60.71 -22.36 -34.67
CA GLN J 260 61.00 -22.40 -33.25
C GLN J 260 60.51 -21.14 -32.52
N LEU J 261 60.43 -20.03 -33.25
CA LEU J 261 59.87 -18.80 -32.69
C LEU J 261 58.35 -18.96 -32.55
N LEU J 262 57.75 -19.61 -33.53
CA LEU J 262 56.30 -19.81 -33.54
C LEU J 262 55.89 -20.92 -32.58
N ASN J 263 56.83 -21.80 -32.24
CA ASN J 263 56.57 -22.84 -31.25
C ASN J 263 56.58 -22.28 -29.85
N TYR J 264 57.60 -21.47 -29.56
CA TYR J 264 57.77 -20.92 -28.22
C TYR J 264 58.23 -19.47 -28.29
N PRO J 265 57.30 -18.57 -28.62
CA PRO J 265 57.53 -17.15 -28.87
C PRO J 265 58.06 -16.40 -27.66
N GLN J 266 57.57 -16.76 -26.48
CA GLN J 266 57.98 -16.12 -25.23
C GLN J 266 59.49 -16.22 -25.02
N GLU J 267 60.01 -17.44 -25.03
CA GLU J 267 61.43 -17.66 -24.83
C GLU J 267 62.26 -17.12 -25.99
N VAL J 268 61.71 -17.16 -27.20
CA VAL J 268 62.41 -16.67 -28.38
C VAL J 268 62.69 -15.17 -28.27
N ILE J 269 61.70 -14.40 -27.85
CA ILE J 269 61.85 -12.98 -27.64
C ILE J 269 62.89 -12.70 -26.55
N SER J 270 62.99 -13.62 -25.59
CA SER J 270 63.90 -13.46 -24.46
C SER J 270 65.36 -13.42 -24.90
N ILE J 271 65.74 -14.36 -25.76
CA ILE J 271 67.09 -14.35 -26.31
C ILE J 271 67.28 -13.20 -27.28
N MET J 272 66.25 -12.92 -28.07
CA MET J 272 66.35 -11.94 -29.15
C MET J 272 66.43 -10.50 -28.66
N ASP J 273 65.67 -10.16 -27.63
CA ASP J 273 65.75 -8.83 -27.05
C ASP J 273 67.14 -8.59 -26.46
N GLN J 274 67.73 -9.66 -25.94
CA GLN J 274 69.07 -9.58 -25.36
C GLN J 274 70.13 -9.51 -26.46
N THR J 275 69.96 -10.34 -27.48
CA THR J 275 70.91 -10.39 -28.60
C THR J 275 70.97 -9.05 -29.33
N ILE J 276 69.82 -8.39 -29.47
CA ILE J 276 69.76 -7.06 -30.06
C ILE J 276 70.66 -6.10 -29.31
N LYS J 277 70.70 -6.26 -27.98
CA LYS J 277 71.61 -5.49 -27.15
C LYS J 277 73.04 -5.72 -27.60
N ASP J 278 73.44 -6.99 -27.66
CA ASP J 278 74.79 -7.34 -28.08
C ASP J 278 74.98 -7.08 -29.57
N CYS J 279 73.93 -7.25 -30.35
CA CYS J 279 73.96 -6.93 -31.77
C CYS J 279 74.16 -5.43 -31.98
N MET J 280 73.68 -4.65 -31.01
CA MET J 280 74.00 -3.22 -30.99
C MET J 280 75.43 -3.06 -30.49
N VAL J 281 75.75 -3.71 -29.37
CA VAL J 281 77.09 -3.64 -28.79
C VAL J 281 78.13 -4.14 -29.78
N SER J 282 77.75 -5.14 -30.58
CA SER J 282 78.65 -5.67 -31.60
C SER J 282 78.78 -4.67 -32.76
N LEU J 283 77.73 -3.88 -32.98
CA LEU J 283 77.76 -2.87 -34.03
C LEU J 283 78.58 -1.67 -33.60
N ILE J 284 78.56 -1.37 -32.31
CA ILE J 284 79.23 -0.18 -31.78
C ILE J 284 80.74 -0.37 -31.68
N VAL J 285 81.18 -1.61 -31.47
CA VAL J 285 82.60 -1.90 -31.32
C VAL J 285 83.38 -1.62 -32.61
N ASP J 286 82.68 -1.63 -33.74
CA ASP J 286 83.32 -1.32 -35.02
C ASP J 286 83.48 0.18 -35.17
N ASN J 287 82.47 0.93 -34.73
CA ASN J 287 82.55 2.39 -34.68
C ASN J 287 83.21 2.83 -33.38
N ASN J 288 83.60 1.86 -32.56
CA ASN J 288 84.26 2.13 -31.29
C ASN J 288 83.40 2.99 -30.35
N LEU J 289 83.89 4.15 -29.95
CA LEU J 289 83.17 4.97 -29.00
C LEU J 289 81.89 5.52 -29.63
N ASP J 290 80.75 5.22 -29.02
CA ASP J 290 79.45 5.58 -29.58
C ASP J 290 78.44 6.00 -28.51
N TYR J 291 77.77 7.12 -28.73
CA TYR J 291 76.64 7.53 -27.90
C TYR J 291 76.98 7.72 -26.44
N ASP J 292 78.26 7.92 -26.15
CA ASP J 292 78.72 8.39 -24.84
C ASP J 292 78.25 7.58 -23.62
N LEU J 293 78.78 6.38 -23.44
CA LEU J 293 79.48 5.61 -24.47
C LEU J 293 78.96 4.18 -24.47
N ASP J 294 79.28 3.45 -23.40
CA ASP J 294 78.90 2.05 -23.26
C ASP J 294 77.57 1.90 -22.53
N GLU J 295 77.07 3.01 -21.99
CA GLU J 295 75.85 3.02 -21.22
C GLU J 295 74.61 2.94 -22.11
N ILE J 296 74.74 3.39 -23.35
CA ILE J 296 73.62 3.31 -24.28
C ILE J 296 73.37 1.86 -24.69
N GLU J 297 74.40 1.02 -24.55
CA GLU J 297 74.23 -0.42 -24.74
C GLU J 297 73.58 -1.02 -23.51
N THR J 298 73.86 -0.42 -22.35
CA THR J 298 73.23 -0.83 -21.11
C THR J 298 71.72 -0.66 -21.22
N LYS J 299 71.29 0.28 -22.05
CA LYS J 299 69.87 0.46 -22.33
C LYS J 299 69.30 -0.81 -22.94
N PHE J 300 68.13 -1.21 -22.48
CA PHE J 300 67.53 -2.47 -22.91
C PHE J 300 66.90 -2.36 -24.30
N TYR J 301 67.07 -3.41 -25.10
CA TYR J 301 66.45 -3.51 -26.42
C TYR J 301 65.51 -4.70 -26.44
N LYS J 302 64.46 -4.64 -27.25
CA LYS J 302 63.52 -5.75 -27.35
C LYS J 302 62.81 -5.83 -28.70
N VAL J 303 62.47 -7.04 -29.10
CA VAL J 303 61.73 -7.25 -30.35
C VAL J 303 60.23 -7.22 -30.11
N ARG J 304 59.50 -6.59 -31.03
CA ARG J 304 58.05 -6.59 -31.00
C ARG J 304 57.52 -7.18 -32.30
N PRO J 305 57.75 -8.48 -32.51
CA PRO J 305 57.44 -9.19 -33.76
C PRO J 305 55.95 -9.15 -34.15
N TYR J 306 55.67 -9.04 -35.44
CA TYR J 306 54.28 -9.02 -35.95
C TYR J 306 54.12 -9.88 -37.19
N ASN J 307 52.90 -9.94 -37.72
CA ASN J 307 52.63 -10.72 -38.93
C ASN J 307 53.10 -12.17 -38.79
N VAL J 308 52.62 -12.85 -37.76
CA VAL J 308 52.92 -14.27 -37.65
C VAL J 308 51.79 -15.06 -38.30
N GLY J 309 52.11 -15.68 -39.44
CA GLY J 309 51.13 -16.42 -40.22
C GLY J 309 49.91 -15.54 -40.41
N SER J 310 48.74 -16.17 -40.43
CA SER J 310 47.48 -15.44 -40.30
C SER J 310 46.58 -16.19 -39.34
N CYS J 311 46.27 -15.57 -38.21
CA CYS J 311 45.31 -16.15 -37.29
C CYS J 311 43.91 -15.96 -37.83
N LYS J 312 43.03 -16.90 -37.54
CA LYS J 312 41.69 -16.84 -38.07
C LYS J 312 40.72 -16.31 -37.02
N GLY J 313 40.32 -15.06 -37.20
CA GLY J 313 39.38 -14.40 -36.31
C GLY J 313 39.75 -14.57 -34.85
N MET J 314 38.75 -14.94 -34.07
CA MET J 314 38.90 -15.29 -32.67
C MET J 314 38.23 -16.64 -32.44
N ARG J 315 36.93 -16.68 -32.73
CA ARG J 315 36.07 -17.83 -32.46
C ARG J 315 36.64 -19.18 -32.91
N GLU J 316 37.52 -19.16 -33.92
CA GLU J 316 38.15 -20.37 -34.42
C GLU J 316 39.14 -20.97 -33.43
N LEU J 317 39.65 -20.14 -32.53
CA LEU J 317 40.86 -20.47 -31.75
C LEU J 317 40.84 -21.85 -31.07
N ASN J 318 41.96 -22.56 -31.21
CA ASN J 318 42.12 -23.89 -30.64
C ASN J 318 42.66 -23.88 -29.22
N PRO J 319 42.35 -24.92 -28.45
CA PRO J 319 42.98 -25.15 -27.14
C PRO J 319 44.47 -25.42 -27.29
N ASN J 320 44.84 -26.14 -28.34
CA ASN J 320 46.22 -26.52 -28.62
C ASN J 320 47.13 -25.31 -28.82
N ASP J 321 46.51 -24.16 -28.99
CA ASP J 321 47.18 -22.94 -29.42
C ASP J 321 47.73 -22.16 -28.24
N ILE J 322 47.77 -22.84 -27.09
CA ILE J 322 47.94 -22.23 -25.77
C ILE J 322 48.91 -21.04 -25.77
N ASP J 323 50.18 -21.24 -26.06
CA ASP J 323 51.03 -20.08 -26.28
C ASP J 323 51.68 -20.08 -27.66
N LYS J 324 51.19 -19.18 -28.53
CA LYS J 324 51.78 -18.92 -29.84
C LYS J 324 51.38 -17.54 -30.36
N LEU J 325 52.23 -16.94 -31.20
CA LEU J 325 51.98 -15.63 -31.78
C LEU J 325 50.73 -15.62 -32.67
N ILE J 326 49.94 -14.57 -32.59
CA ILE J 326 48.65 -14.53 -33.27
C ILE J 326 48.34 -13.18 -33.93
N ASN J 327 48.09 -13.20 -35.23
CA ASN J 327 47.64 -12.01 -35.96
C ASN J 327 46.15 -11.79 -35.75
N LEU J 328 45.77 -10.60 -35.29
CA LEU J 328 44.38 -10.34 -34.95
C LEU J 328 43.92 -8.96 -35.39
N LYS J 329 42.60 -8.79 -35.49
CA LYS J 329 42.02 -7.50 -35.84
C LYS J 329 40.71 -7.23 -35.10
N GLY J 330 40.57 -6.02 -34.58
CA GLY J 330 39.33 -5.58 -33.96
C GLY J 330 39.46 -4.18 -33.40
N LEU J 331 38.32 -3.52 -33.19
CA LEU J 331 38.33 -2.20 -32.58
C LEU J 331 38.05 -2.34 -31.09
N VAL J 332 38.73 -1.51 -30.29
CA VAL J 332 38.65 -1.63 -28.84
C VAL J 332 37.29 -1.25 -28.30
N LEU J 333 36.67 -2.17 -27.57
CA LEU J 333 35.37 -1.89 -26.96
C LEU J 333 35.53 -0.94 -25.79
N ARG J 334 36.49 -1.25 -24.91
CA ARG J 334 36.74 -0.42 -23.74
C ARG J 334 38.20 -0.44 -23.34
N SER J 335 38.68 0.70 -22.84
CA SER J 335 40.03 0.80 -22.29
C SER J 335 39.93 0.99 -20.78
N THR J 336 40.49 0.05 -20.03
CA THR J 336 40.48 0.14 -18.57
C THR J 336 41.60 1.06 -18.09
N PRO J 337 41.45 1.59 -16.86
CA PRO J 337 42.53 2.37 -16.27
C PRO J 337 43.76 1.50 -16.04
N VAL J 338 44.95 2.07 -16.22
CA VAL J 338 46.20 1.31 -16.12
C VAL J 338 46.28 0.54 -14.80
N ILE J 339 46.62 -0.75 -14.87
CA ILE J 339 46.76 -1.56 -13.66
C ILE J 339 48.22 -1.67 -13.26
N PRO J 340 48.51 -1.40 -11.98
CA PRO J 340 49.86 -1.57 -11.41
C PRO J 340 50.18 -3.04 -11.16
N ASP J 341 51.45 -3.40 -11.29
CA ASP J 341 51.87 -4.79 -11.15
C ASP J 341 53.14 -4.92 -10.31
N MET J 342 53.35 -6.12 -9.76
CA MET J 342 54.48 -6.36 -8.87
C MET J 342 55.77 -6.71 -9.62
N LYS J 343 56.88 -6.13 -9.15
CA LYS J 343 58.20 -6.45 -9.67
C LYS J 343 59.12 -6.93 -8.54
N VAL J 344 59.46 -6.02 -7.64
CA VAL J 344 60.26 -6.35 -6.47
C VAL J 344 59.57 -5.87 -5.19
N ALA J 345 59.15 -6.81 -4.35
CA ALA J 345 58.41 -6.47 -3.14
C ALA J 345 59.33 -5.89 -2.08
N PHE J 346 58.81 -4.94 -1.30
CA PHE J 346 59.58 -4.27 -0.26
C PHE J 346 59.24 -4.84 1.12
N PHE J 347 60.25 -4.99 1.97
CA PHE J 347 60.02 -5.65 3.26
C PHE J 347 60.82 -5.07 4.43
N LYS J 348 60.29 -5.30 5.63
CA LYS J 348 60.89 -4.86 6.88
C LYS J 348 60.49 -5.80 8.01
N CYS J 349 61.19 -5.76 9.13
CA CYS J 349 60.79 -6.52 10.31
C CYS J 349 60.51 -5.56 11.46
N ASN J 350 60.18 -6.10 12.64
CA ASN J 350 60.07 -5.26 13.83
C ASN J 350 61.42 -4.62 14.11
N VAL J 351 62.46 -5.37 13.78
CA VAL J 351 63.84 -4.89 13.91
C VAL J 351 64.38 -4.64 12.50
N CYS J 352 65.22 -3.63 12.35
CA CYS J 352 65.67 -2.80 13.47
C CYS J 352 64.95 -1.46 13.75
N ASP J 353 63.98 -1.02 12.96
CA ASP J 353 63.44 -1.67 11.76
C ASP J 353 64.38 -1.53 10.55
N HIS J 354 64.55 -2.62 9.81
CA HIS J 354 65.49 -2.67 8.70
C HIS J 354 64.77 -2.92 7.37
N THR J 355 65.40 -2.47 6.28
CA THR J 355 64.74 -2.33 4.99
C THR J 355 64.86 -3.51 4.01
N MET J 356 65.50 -4.59 4.42
CA MET J 356 65.77 -5.72 3.52
C MET J 356 64.51 -6.30 2.88
N ALA J 357 64.54 -6.46 1.56
CA ALA J 357 63.39 -6.93 0.80
C ALA J 357 63.80 -7.85 -0.36
N VAL J 358 62.83 -8.56 -0.92
CA VAL J 358 63.07 -9.45 -2.05
C VAL J 358 62.06 -9.21 -3.16
N GLU J 359 62.49 -9.38 -4.40
CA GLU J 359 61.64 -9.14 -5.57
C GLU J 359 60.41 -10.04 -5.57
N ILE J 360 59.31 -9.54 -6.16
CA ILE J 360 58.11 -10.35 -6.32
C ILE J 360 58.42 -11.61 -7.12
N ASP J 361 59.29 -11.46 -8.11
CA ASP J 361 59.76 -12.60 -8.90
C ASP J 361 58.60 -13.35 -9.55
N ARG J 362 58.41 -14.60 -9.13
CA ARG J 362 57.37 -15.45 -9.68
C ARG J 362 56.00 -14.96 -9.29
N GLY J 363 54.96 -15.73 -9.64
CA GLY J 363 53.59 -15.35 -9.34
C GLY J 363 53.26 -15.43 -7.87
N VAL J 364 54.29 -15.64 -7.07
CA VAL J 364 54.18 -15.76 -5.62
C VAL J 364 55.12 -14.79 -4.93
N ILE J 365 54.79 -14.41 -3.69
CA ILE J 365 55.66 -13.57 -2.88
C ILE J 365 56.04 -14.33 -1.61
N GLN J 366 57.31 -14.69 -1.49
CA GLN J 366 57.75 -15.48 -0.35
C GLN J 366 58.60 -14.62 0.59
N GLU J 367 58.05 -14.35 1.77
CA GLU J 367 58.74 -13.56 2.77
C GLU J 367 59.22 -14.41 3.94
N PRO J 368 60.51 -14.30 4.26
CA PRO J 368 61.08 -15.04 5.39
C PRO J 368 60.47 -14.57 6.71
N ALA J 369 60.22 -15.51 7.61
CA ALA J 369 59.70 -15.16 8.92
C ALA J 369 60.73 -14.31 9.66
N ARG J 370 62.00 -14.51 9.31
CA ARG J 370 63.09 -13.74 9.89
C ARG J 370 64.44 -14.17 9.32
N CYS J 371 65.44 -13.31 9.41
CA CYS J 371 65.23 -11.88 9.66
C CYS J 371 66.47 -11.11 9.22
N GLU J 372 66.31 -9.80 9.08
CA GLU J 372 67.43 -8.91 8.82
C GLU J 372 67.49 -7.91 9.98
N ARG J 373 68.65 -7.78 10.64
CA ARG J 373 68.81 -6.73 11.65
C ARG J 373 67.82 -6.90 12.80
N ILE J 374 68.19 -7.66 13.82
CA ILE J 374 69.60 -7.78 14.18
C ILE J 374 70.40 -8.95 13.64
N ASP J 375 69.74 -9.95 13.08
CA ASP J 375 70.44 -11.15 12.66
C ASP J 375 71.35 -11.67 13.77
N CYS J 376 70.83 -12.28 14.85
CA CYS J 376 69.44 -12.70 15.06
C CYS J 376 69.03 -13.52 13.82
N ASN J 377 67.79 -13.59 13.30
CA ASN J 377 66.44 -13.27 13.84
C ASN J 377 66.07 -11.81 14.20
N GLU J 378 65.24 -11.54 15.21
CA GLU J 378 64.24 -12.46 15.77
C GLU J 378 63.01 -12.59 14.86
N PRO J 379 62.13 -13.57 15.15
CA PRO J 379 60.97 -13.95 14.33
C PRO J 379 59.84 -12.93 14.31
N ASN J 380 60.15 -11.71 13.88
CA ASN J 380 59.13 -10.67 13.74
C ASN J 380 58.33 -10.81 12.45
N SER J 381 57.10 -10.32 12.46
CA SER J 381 56.30 -10.27 11.24
C SER J 381 57.06 -9.42 10.23
N MET J 382 56.98 -9.80 8.95
CA MET J 382 57.73 -9.07 7.94
C MET J 382 56.91 -7.88 7.45
N SER J 383 57.40 -6.68 7.75
CA SER J 383 56.72 -5.45 7.38
C SER J 383 56.82 -5.25 5.87
N LEU J 384 55.71 -4.87 5.25
CA LEU J 384 55.72 -4.60 3.83
C LEU J 384 55.15 -3.23 3.54
N ILE J 385 56.01 -2.33 3.04
CA ILE J 385 55.55 -1.04 2.56
C ILE J 385 55.51 -1.10 1.05
N HIS J 386 54.30 -1.09 0.51
CA HIS J 386 54.07 -1.34 -0.91
C HIS J 386 54.41 -0.15 -1.79
N ASN J 387 54.55 1.02 -1.18
CA ASN J 387 54.92 2.22 -1.92
C ASN J 387 56.41 2.19 -2.30
N ARG J 388 57.19 1.45 -1.53
CA ARG J 388 58.62 1.31 -1.78
C ARG J 388 58.92 0.28 -2.87
N CYS J 389 58.13 -0.78 -2.93
CA CYS J 389 58.38 -1.87 -3.87
C CYS J 389 58.15 -1.45 -5.32
N SER J 390 58.75 -2.19 -6.24
CA SER J 390 58.74 -1.83 -7.65
C SER J 390 57.37 -2.04 -8.31
N PHE J 391 57.10 -1.29 -9.38
CA PHE J 391 55.85 -1.42 -10.11
C PHE J 391 56.01 -1.17 -11.60
N ALA J 392 55.05 -1.67 -12.39
CA ALA J 392 55.00 -1.45 -13.83
C ALA J 392 53.54 -1.51 -14.27
N ASP J 393 53.24 -0.96 -15.45
CA ASP J 393 51.86 -0.88 -15.94
C ASP J 393 51.43 -2.10 -16.75
N LYS J 394 50.28 -2.65 -16.37
CA LYS J 394 49.59 -3.66 -17.16
C LYS J 394 48.16 -3.16 -17.33
N GLN J 395 47.75 -2.83 -18.56
CA GLN J 395 46.43 -2.20 -18.76
C GLN J 395 45.42 -3.06 -19.55
N VAL J 396 44.39 -3.53 -18.85
CA VAL J 396 43.38 -4.41 -19.43
C VAL J 396 42.52 -3.73 -20.51
N ILE J 397 42.37 -4.40 -21.65
CA ILE J 397 41.47 -3.93 -22.68
C ILE J 397 40.61 -5.10 -23.19
N LYS J 398 39.31 -4.99 -23.02
CA LYS J 398 38.38 -5.89 -23.69
C LYS J 398 38.28 -5.38 -25.12
N LEU J 399 38.41 -6.30 -26.08
CA LEU J 399 38.36 -5.92 -27.49
C LEU J 399 37.45 -6.86 -28.26
N GLN J 400 36.48 -6.28 -28.95
CA GLN J 400 35.67 -7.09 -29.86
C GLN J 400 36.30 -7.04 -31.24
N GLU J 401 36.82 -8.18 -31.67
CA GLU J 401 37.39 -8.32 -32.99
C GLU J 401 36.27 -8.38 -34.02
N THR J 402 36.54 -7.88 -35.22
CA THR J 402 35.59 -8.05 -36.31
C THR J 402 36.30 -8.71 -37.50
N PRO J 403 36.68 -9.98 -37.33
CA PRO J 403 37.39 -10.81 -38.32
C PRO J 403 36.56 -10.99 -39.58
N ASP J 404 35.29 -10.63 -39.47
CA ASP J 404 34.19 -10.99 -40.38
C ASP J 404 34.21 -12.49 -40.61
N PHE J 405 33.89 -12.90 -41.84
CA PHE J 405 33.79 -14.31 -42.18
C PHE J 405 33.02 -15.04 -41.08
N VAL J 406 32.04 -14.36 -40.50
CA VAL J 406 31.41 -14.83 -39.27
C VAL J 406 30.58 -16.08 -39.51
N PRO J 407 30.91 -17.15 -38.78
CA PRO J 407 30.28 -18.47 -38.92
C PRO J 407 28.74 -18.46 -38.97
N ASP J 408 28.06 -17.55 -38.26
CA ASP J 408 26.61 -17.42 -38.44
C ASP J 408 25.86 -18.72 -38.14
N GLY J 409 25.60 -19.02 -36.87
CA GLY J 409 25.12 -18.02 -35.93
C GLY J 409 25.97 -17.45 -34.83
N GLN J 410 27.28 -17.61 -34.94
CA GLN J 410 28.20 -17.23 -33.88
C GLN J 410 28.02 -15.78 -33.48
N THR J 411 28.22 -15.53 -32.19
CA THR J 411 28.06 -14.21 -31.60
C THR J 411 29.30 -13.38 -31.84
N PRO J 412 29.15 -12.04 -31.82
CA PRO J 412 30.29 -11.13 -31.93
C PRO J 412 31.19 -11.23 -30.70
N HIS J 413 31.95 -12.32 -30.63
CA HIS J 413 32.83 -12.60 -29.51
C HIS J 413 33.85 -11.48 -29.32
N SER J 414 34.30 -11.29 -28.10
CA SER J 414 35.29 -10.27 -27.80
C SER J 414 36.59 -10.89 -27.31
N ILE J 415 37.57 -10.05 -27.03
CA ILE J 415 38.91 -10.51 -26.68
C ILE J 415 39.48 -9.79 -25.45
N SER J 416 40.02 -10.58 -24.53
CA SER J 416 40.67 -10.03 -23.34
C SER J 416 42.14 -9.72 -23.60
N LEU J 417 42.63 -8.64 -23.02
CA LEU J 417 44.04 -8.31 -23.12
C LEU J 417 44.52 -7.56 -21.87
N CYS J 418 45.80 -7.77 -21.57
CA CYS J 418 46.48 -7.26 -20.38
C CYS J 418 47.46 -6.17 -20.78
N VAL J 419 48.34 -6.57 -21.67
CA VAL J 419 49.54 -5.90 -22.18
C VAL J 419 50.54 -5.50 -21.10
N TYR J 420 51.42 -4.55 -21.46
CA TYR J 420 52.55 -4.12 -20.62
C TYR J 420 53.14 -2.79 -21.13
N ASP J 421 53.79 -2.03 -20.24
CA ASP J 421 54.63 -0.89 -20.62
C ASP J 421 54.07 0.00 -21.74
N GLU J 422 54.83 0.15 -22.83
CA GLU J 422 54.43 0.99 -23.96
C GLU J 422 53.18 0.44 -24.65
N LEU J 423 53.03 -0.88 -24.65
CA LEU J 423 51.82 -1.51 -25.17
C LEU J 423 50.61 -1.03 -24.37
N VAL J 424 50.84 -0.72 -23.09
CA VAL J 424 49.80 -0.15 -22.24
C VAL J 424 49.41 1.25 -22.67
N ASP J 425 48.11 1.47 -22.83
CA ASP J 425 47.57 2.82 -23.03
C ASP J 425 47.87 3.39 -24.41
N SER J 426 48.78 2.75 -25.14
CA SER J 426 49.14 3.23 -26.47
C SER J 426 48.05 2.86 -27.47
N CYS J 427 47.13 1.99 -27.05
CA CYS J 427 46.05 1.56 -27.90
C CYS J 427 44.76 2.30 -27.55
N ARG J 428 44.32 3.17 -28.46
CA ARG J 428 43.06 3.88 -28.28
C ARG J 428 41.91 2.90 -28.40
N ALA J 429 40.85 3.13 -27.62
CA ALA J 429 39.67 2.29 -27.70
C ALA J 429 38.87 2.59 -28.96
N GLY J 430 38.20 1.58 -29.49
CA GLY J 430 37.35 1.75 -30.66
C GLY J 430 38.06 1.70 -32.00
N ASP J 431 39.32 1.28 -32.00
CA ASP J 431 40.10 1.27 -33.23
C ASP J 431 40.46 -0.14 -33.69
N ARG J 432 40.09 -0.47 -34.92
CA ARG J 432 40.44 -1.74 -35.53
C ARG J 432 41.95 -1.84 -35.70
N ILE J 433 42.55 -2.91 -35.20
CA ILE J 433 44.00 -2.99 -35.09
C ILE J 433 44.55 -4.39 -35.38
N GLU J 434 45.80 -4.44 -35.84
CA GLU J 434 46.45 -5.68 -36.24
C GLU J 434 47.13 -6.35 -35.04
N VAL J 435 46.93 -5.82 -33.84
CA VAL J 435 47.71 -6.21 -32.66
C VAL J 435 47.83 -7.72 -32.48
N THR J 436 49.06 -8.17 -32.26
CA THR J 436 49.37 -9.59 -32.19
C THR J 436 49.96 -9.98 -30.85
N GLY J 437 49.82 -11.25 -30.50
CA GLY J 437 50.35 -11.77 -29.25
C GLY J 437 50.08 -13.24 -29.09
N THR J 438 50.78 -13.87 -28.16
CA THR J 438 50.54 -15.28 -27.88
C THR J 438 49.21 -15.43 -27.14
N PHE J 439 48.64 -16.63 -27.18
CA PHE J 439 47.43 -16.89 -26.41
C PHE J 439 47.79 -17.04 -24.94
N ARG J 440 46.85 -16.68 -24.07
CA ARG J 440 47.03 -16.85 -22.63
C ARG J 440 45.71 -17.21 -21.95
N SER J 441 45.79 -18.14 -20.99
CA SER J 441 44.65 -18.46 -20.13
C SER J 441 45.12 -18.72 -18.71
N ILE J 442 44.44 -18.14 -17.72
CA ILE J 442 44.79 -18.33 -16.31
C ILE J 442 43.55 -18.46 -15.43
N PRO J 443 43.62 -19.33 -14.41
CA PRO J 443 42.56 -19.62 -13.44
C PRO J 443 42.24 -18.46 -12.51
N ILE J 444 41.07 -18.53 -11.86
CA ILE J 444 40.66 -17.54 -10.87
C ILE J 444 39.89 -18.24 -9.76
N ARG J 445 40.08 -17.77 -8.52
CA ARG J 445 39.44 -18.41 -7.37
C ARG J 445 37.92 -18.25 -7.42
N ALA J 446 37.22 -19.37 -7.28
CA ALA J 446 35.76 -19.39 -7.37
C ALA J 446 35.09 -18.55 -6.28
N ASN J 447 35.40 -18.87 -5.03
CA ASN J 447 34.86 -18.13 -3.90
C ASN J 447 35.51 -16.75 -3.81
N SER J 448 36.71 -16.65 -4.36
CA SER J 448 37.57 -15.48 -4.15
C SER J 448 37.88 -15.33 -2.67
N ARG J 449 37.71 -16.43 -1.94
CA ARG J 449 38.15 -16.55 -0.55
C ARG J 449 38.92 -17.86 -0.45
N GLN J 450 38.20 -18.95 -0.68
CA GLN J 450 38.79 -20.29 -0.70
C GLN J 450 39.86 -20.43 -1.79
N ARG J 451 40.83 -21.30 -1.54
CA ARG J 451 41.92 -21.53 -2.49
C ARG J 451 41.42 -22.15 -3.79
N VAL J 452 40.22 -22.69 -3.76
CA VAL J 452 39.65 -23.40 -4.90
C VAL J 452 39.58 -22.51 -6.14
N LEU J 453 40.07 -23.05 -7.26
CA LEU J 453 40.07 -22.37 -8.55
C LEU J 453 38.98 -23.00 -9.40
N LYS J 454 38.38 -22.25 -10.31
CA LYS J 454 37.29 -22.82 -11.07
C LYS J 454 37.84 -23.47 -12.33
N SER J 455 37.95 -24.80 -12.28
CA SER J 455 38.17 -25.69 -13.43
C SER J 455 39.10 -25.13 -14.48
N LEU J 456 38.53 -25.08 -15.67
CA LEU J 456 39.10 -24.48 -16.86
C LEU J 456 39.51 -23.03 -16.63
N TYR J 457 40.57 -22.62 -17.29
CA TYR J 457 41.14 -21.28 -17.09
C TYR J 457 40.56 -20.24 -18.04
N LYS J 458 40.35 -19.03 -17.53
CA LYS J 458 39.92 -17.91 -18.36
C LYS J 458 41.07 -17.46 -19.24
N THR J 459 40.76 -16.90 -20.41
CA THR J 459 41.77 -16.65 -21.42
C THR J 459 41.86 -15.19 -21.86
N TYR J 460 43.07 -14.76 -22.20
CA TYR J 460 43.32 -13.39 -22.61
C TYR J 460 44.49 -13.31 -23.59
N VAL J 461 44.61 -12.19 -24.30
CA VAL J 461 45.68 -12.00 -25.26
C VAL J 461 46.97 -11.56 -24.60
N ASP J 462 48.09 -12.03 -25.14
CA ASP J 462 49.42 -11.70 -24.64
C ASP J 462 49.91 -10.36 -25.20
N VAL J 463 49.16 -9.83 -26.17
CA VAL J 463 49.40 -8.53 -26.78
C VAL J 463 50.87 -8.31 -27.17
N VAL J 464 51.47 -9.31 -27.82
CA VAL J 464 52.88 -9.26 -28.17
C VAL J 464 53.26 -8.00 -28.95
N HIS J 465 52.52 -7.70 -30.02
CA HIS J 465 52.79 -6.49 -30.79
C HIS J 465 51.51 -5.78 -31.27
N VAL J 466 51.65 -4.49 -31.57
CA VAL J 466 50.52 -3.65 -32.00
C VAL J 466 50.68 -3.18 -33.46
N LYS J 467 49.54 -2.98 -34.12
CA LYS J 467 49.53 -2.37 -35.45
C LYS J 467 48.13 -1.86 -35.76
N VAL J 468 47.88 -0.61 -35.40
CA VAL J 468 46.56 0.01 -35.52
C VAL J 468 45.97 -0.13 -36.92
N SER J 469 46.41 0.74 -37.82
CA SER J 469 45.90 0.72 -39.19
C SER J 469 46.44 -0.47 -39.97
N VAL J 498 51.95 17.06 -33.43
CA VAL J 498 51.92 18.19 -34.33
C VAL J 498 52.52 17.85 -35.69
N ARG J 499 51.72 18.04 -36.74
CA ARG J 499 52.19 17.84 -38.10
C ARG J 499 53.36 18.76 -38.40
N GLN J 500 54.44 18.17 -38.91
CA GLN J 500 55.60 18.96 -39.32
C GLN J 500 55.90 18.72 -40.78
N ILE J 501 55.72 19.77 -41.59
CA ILE J 501 55.86 19.67 -43.04
C ILE J 501 57.29 19.87 -43.50
N THR J 502 57.69 19.10 -44.51
CA THR J 502 59.01 19.23 -45.09
C THR J 502 59.11 20.58 -45.80
N ASP J 503 60.32 21.06 -46.00
CA ASP J 503 60.55 22.43 -46.45
C ASP J 503 60.12 22.68 -47.90
N GLN J 504 60.28 21.69 -48.77
CA GLN J 504 60.13 21.93 -50.20
C GLN J 504 58.69 22.21 -50.65
N ASP J 505 57.75 21.35 -50.27
CA ASP J 505 56.37 21.54 -50.70
C ASP J 505 55.79 22.81 -50.10
N LEU J 506 56.32 23.20 -48.94
CA LEU J 506 56.02 24.49 -48.35
C LEU J 506 56.30 25.59 -49.37
N ALA J 507 57.40 25.43 -50.10
CA ALA J 507 57.73 26.35 -51.19
C ALA J 507 56.71 26.17 -52.32
N LYS J 508 56.23 24.95 -52.48
CA LYS J 508 55.18 24.69 -53.47
C LYS J 508 53.91 25.42 -53.05
N ILE J 509 53.73 25.59 -51.75
CA ILE J 509 52.66 26.43 -51.23
C ILE J 509 52.91 27.88 -51.65
N ARG J 510 54.16 28.30 -51.50
CA ARG J 510 54.57 29.63 -51.90
C ARG J 510 54.52 29.76 -53.42
N GLU J 511 54.69 28.64 -54.12
CA GLU J 511 54.54 28.62 -55.57
C GLU J 511 53.07 28.59 -55.96
N VAL J 512 52.30 27.71 -55.32
CA VAL J 512 50.88 27.58 -55.60
C VAL J 512 50.15 28.88 -55.22
N ALA J 513 50.70 29.59 -54.26
CA ALA J 513 50.17 30.89 -53.86
C ALA J 513 50.47 31.93 -54.94
N ALA J 514 51.58 31.73 -55.65
CA ALA J 514 51.95 32.61 -56.75
C ALA J 514 51.05 32.34 -57.95
N ARG J 515 50.53 31.13 -58.03
CA ARG J 515 49.58 30.75 -59.08
C ARG J 515 48.34 31.65 -58.96
N GLU J 516 47.83 32.08 -60.11
CA GLU J 516 46.78 33.09 -60.15
C GLU J 516 45.41 32.57 -59.68
N ASP J 517 45.12 31.32 -59.98
CA ASP J 517 43.77 30.78 -59.77
C ASP J 517 43.57 30.06 -58.43
N LEU J 518 44.58 30.10 -57.56
CA LEU J 518 44.52 29.37 -56.29
C LEU J 518 43.22 29.63 -55.52
N TYR J 519 42.71 30.86 -55.61
CA TYR J 519 41.43 31.18 -54.97
C TYR J 519 40.29 30.45 -55.66
N SER J 520 40.55 30.01 -56.88
CA SER J 520 39.57 29.26 -57.67
C SER J 520 40.03 27.82 -57.81
N LEU J 521 41.20 27.64 -58.42
CA LEU J 521 41.77 26.33 -58.70
C LEU J 521 41.75 25.42 -57.48
N LEU J 522 41.89 25.99 -56.29
CA LEU J 522 41.76 25.20 -55.06
C LEU J 522 40.30 24.79 -54.86
N ALA J 523 39.38 25.68 -55.24
CA ALA J 523 37.95 25.44 -55.09
C ALA J 523 37.50 24.24 -55.93
N ARG J 524 38.04 24.11 -57.13
CA ARG J 524 37.73 22.96 -57.96
C ARG J 524 38.31 21.71 -57.31
N SER J 525 39.39 21.89 -56.55
CA SER J 525 40.02 20.80 -55.82
C SER J 525 39.39 20.64 -54.45
N ILE J 526 38.58 21.62 -54.04
CA ILE J 526 37.86 21.55 -52.78
C ILE J 526 36.81 20.46 -52.84
N ALA J 527 36.02 20.47 -53.91
CA ALA J 527 34.98 19.47 -54.12
C ALA J 527 34.93 19.06 -55.59
N PRO J 528 35.98 18.38 -56.05
CA PRO J 528 36.07 17.96 -57.46
C PRO J 528 34.93 16.99 -57.80
N SER J 529 34.61 16.12 -56.85
CA SER J 529 33.46 15.22 -56.97
C SER J 529 32.18 16.00 -57.23
N ILE J 530 32.10 17.20 -56.66
CA ILE J 530 30.90 18.03 -56.77
C ILE J 530 30.88 18.84 -58.06
N TYR J 531 29.68 19.03 -58.62
CA TYR J 531 29.52 19.74 -59.88
C TYR J 531 28.93 21.14 -59.68
N GLU J 532 29.51 22.11 -60.37
CA GLU J 532 29.06 23.51 -60.32
C GLU J 532 29.02 24.04 -58.88
N LEU J 533 27.99 24.83 -58.58
CA LEU J 533 27.80 25.41 -57.25
C LEU J 533 29.12 25.95 -56.68
N GLU J 534 29.88 26.61 -57.54
CA GLU J 534 31.25 27.00 -57.21
C GLU J 534 31.30 28.11 -56.17
N ASP J 535 30.42 29.10 -56.28
CA ASP J 535 30.33 30.15 -55.28
C ASP J 535 30.04 29.52 -53.92
N VAL J 536 29.37 28.38 -53.93
CA VAL J 536 29.15 27.59 -52.74
C VAL J 536 30.46 26.96 -52.27
N LYS J 537 31.24 26.45 -53.22
CA LYS J 537 32.59 25.96 -52.93
C LYS J 537 33.45 27.08 -52.40
N LYS J 538 33.28 28.27 -52.98
CA LYS J 538 34.05 29.45 -52.61
C LYS J 538 33.90 29.77 -51.13
N GLY J 539 32.68 29.59 -50.61
CA GLY J 539 32.41 29.78 -49.20
C GLY J 539 33.12 28.74 -48.36
N ILE J 540 33.00 27.48 -48.78
CA ILE J 540 33.73 26.38 -48.17
C ILE J 540 35.23 26.68 -48.19
N LEU J 541 35.65 27.34 -49.25
CA LEU J 541 37.04 27.72 -49.42
C LEU J 541 37.48 28.74 -48.38
N LEU J 542 36.56 29.65 -48.04
CA LEU J 542 36.85 30.73 -47.11
C LEU J 542 36.79 30.33 -45.64
N GLN J 543 35.78 29.55 -45.26
CA GLN J 543 35.51 29.25 -43.86
C GLN J 543 36.67 28.54 -43.16
N LEU J 544 37.23 27.53 -43.84
CA LEU J 544 38.37 26.80 -43.31
C LEU J 544 39.50 27.77 -42.93
N PHE J 545 39.69 28.79 -43.76
CA PHE J 545 40.65 29.86 -43.46
C PHE J 545 39.96 31.05 -42.80
N GLY J 546 38.68 30.91 -42.53
CA GLY J 546 37.87 32.03 -42.06
C GLY J 546 38.35 32.72 -40.79
N GLY J 547 38.54 34.02 -40.89
CA GLY J 547 38.77 34.88 -39.75
C GLY J 547 40.13 34.80 -39.09
N THR J 548 40.33 35.67 -38.10
CA THR J 548 41.55 35.70 -37.31
C THR J 548 41.22 36.13 -35.88
N ASN J 549 41.93 35.55 -34.91
CA ASN J 549 41.71 35.86 -33.50
C ASN J 549 42.09 37.29 -33.13
N LYS J 550 41.15 38.01 -32.51
CA LYS J 550 41.50 39.24 -31.81
C LYS J 550 41.09 39.12 -30.35
N THR J 551 42.08 39.01 -29.47
CA THR J 551 41.86 38.98 -28.03
C THR J 551 42.11 40.34 -27.40
N PHE J 552 42.52 41.29 -28.24
CA PHE J 552 42.84 42.66 -27.84
C PHE J 552 43.86 42.74 -26.71
N THR J 553 43.61 43.67 -25.80
CA THR J 553 44.33 43.72 -24.53
C THR J 553 43.66 42.73 -23.59
N LYS J 554 42.33 42.71 -23.63
CA LYS J 554 41.52 41.76 -22.90
C LYS J 554 40.18 41.57 -23.62
N GLY J 555 39.50 40.47 -23.32
CA GLY J 555 38.22 40.17 -23.93
C GLY J 555 38.35 39.87 -25.41
N GLY J 556 37.49 40.50 -26.22
CA GLY J 556 37.52 40.30 -27.65
C GLY J 556 37.24 38.88 -28.06
N ARG J 557 38.16 38.29 -28.83
CA ARG J 557 38.04 36.92 -29.29
C ARG J 557 36.78 36.69 -30.12
N TYR J 558 36.58 37.55 -31.11
CA TYR J 558 35.53 37.38 -32.12
C TYR J 558 35.85 36.17 -32.98
N ARG J 559 37.07 35.68 -32.75
CA ARG J 559 37.75 34.60 -33.47
C ARG J 559 37.88 34.81 -34.99
N GLY J 560 37.93 33.71 -35.73
CA GLY J 560 37.72 33.66 -37.16
C GLY J 560 36.48 32.85 -37.45
N ASP J 561 35.90 32.33 -36.38
CA ASP J 561 34.83 31.34 -36.49
C ASP J 561 33.67 31.91 -37.29
N ILE J 562 33.30 31.22 -38.36
CA ILE J 562 32.26 31.69 -39.24
C ILE J 562 31.41 30.49 -39.64
N ASN J 563 30.11 30.62 -39.44
CA ASN J 563 29.20 29.51 -39.73
C ASN J 563 28.12 29.91 -40.73
N ILE J 564 28.13 29.25 -41.88
CA ILE J 564 27.20 29.55 -42.97
C ILE J 564 26.32 28.34 -43.25
N LEU J 565 25.01 28.52 -43.19
CA LEU J 565 24.07 27.43 -43.42
C LEU J 565 23.77 27.26 -44.90
N LEU J 566 23.89 26.03 -45.40
CA LEU J 566 23.55 25.73 -46.79
C LEU J 566 22.07 25.34 -46.88
N CYS J 567 21.42 25.82 -47.93
CA CYS J 567 20.00 25.55 -48.13
C CYS J 567 19.64 25.54 -49.61
N GLY J 568 18.57 24.84 -49.95
CA GLY J 568 18.11 24.77 -51.33
C GLY J 568 17.38 23.49 -51.68
N ASP J 569 17.31 23.20 -52.98
CA ASP J 569 16.61 22.00 -53.45
C ASP J 569 17.12 20.72 -52.78
N PRO J 570 16.20 19.83 -52.43
CA PRO J 570 16.54 18.53 -51.84
C PRO J 570 17.32 17.64 -52.82
N SER J 571 18.25 16.86 -52.29
CA SER J 571 19.10 16.00 -53.11
C SER J 571 19.86 16.81 -54.16
N THR J 572 20.38 17.96 -53.75
CA THR J 572 21.25 18.77 -54.58
C THR J 572 22.68 18.23 -54.42
N SER J 573 22.80 17.16 -53.65
CA SER J 573 24.09 16.63 -53.22
C SER J 573 24.77 17.65 -52.33
N LYS J 574 23.95 18.45 -51.65
CA LYS J 574 24.42 19.39 -50.65
C LYS J 574 25.00 18.63 -49.47
N SER J 575 24.48 17.43 -49.25
CA SER J 575 24.88 16.60 -48.13
C SER J 575 26.20 15.87 -48.40
N GLN J 576 26.54 15.76 -49.68
CA GLN J 576 27.77 15.09 -50.08
C GLN J 576 28.99 15.94 -49.73
N ILE J 577 28.79 17.26 -49.71
CA ILE J 577 29.84 18.20 -49.34
C ILE J 577 30.26 17.97 -47.89
N LEU J 578 29.30 18.06 -46.99
CA LEU J 578 29.53 17.88 -45.57
C LEU J 578 30.04 16.48 -45.27
N GLN J 579 29.49 15.49 -45.97
CA GLN J 579 30.00 14.13 -45.89
C GLN J 579 31.47 14.13 -46.31
N TYR J 580 31.77 14.96 -47.30
CA TYR J 580 33.12 15.12 -47.81
C TYR J 580 33.96 16.01 -46.90
N VAL J 581 33.39 17.14 -46.49
CA VAL J 581 34.11 18.09 -45.62
C VAL J 581 34.43 17.47 -44.27
N HIS J 582 33.59 16.54 -43.83
CA HIS J 582 33.80 15.83 -42.58
C HIS J 582 35.15 15.12 -42.58
N LYS J 583 35.52 14.56 -43.73
CA LYS J 583 36.82 13.92 -43.88
C LYS J 583 37.93 14.96 -43.88
N ILE J 584 37.62 16.16 -44.38
CA ILE J 584 38.59 17.23 -44.53
C ILE J 584 39.15 17.74 -43.21
N THR J 585 38.26 18.18 -42.31
CA THR J 585 38.67 18.84 -41.08
C THR J 585 39.42 17.89 -40.13
N PRO J 586 40.51 18.39 -39.52
CA PRO J 586 41.23 17.60 -38.52
C PRO J 586 40.32 17.24 -37.34
N ARG J 587 39.62 18.23 -36.81
CA ARG J 587 38.52 17.96 -35.91
C ARG J 587 37.25 18.44 -36.60
N GLY J 588 36.46 17.48 -37.10
CA GLY J 588 35.18 17.77 -37.73
C GLY J 588 33.97 17.36 -36.92
N VAL J 589 32.80 17.82 -37.33
CA VAL J 589 31.57 17.41 -36.68
C VAL J 589 30.40 17.28 -37.65
N TYR J 590 29.68 16.17 -37.54
CA TYR J 590 28.53 15.92 -38.39
C TYR J 590 27.42 15.22 -37.61
N THR J 591 26.23 15.80 -37.61
CA THR J 591 25.08 15.18 -36.93
C THR J 591 23.78 15.48 -37.66
N SER J 592 22.92 14.48 -37.74
CA SER J 592 21.60 14.63 -38.34
C SER J 592 20.64 15.35 -37.40
N GLY J 593 19.57 15.91 -37.96
CA GLY J 593 18.58 16.60 -37.17
C GLY J 593 17.66 15.69 -36.38
N LYS J 594 17.28 16.13 -35.19
CA LYS J 594 16.30 15.43 -34.34
C LYS J 594 16.88 14.16 -33.72
N GLY J 595 17.99 13.67 -34.27
CA GLY J 595 18.68 12.53 -33.70
C GLY J 595 19.69 13.07 -32.71
N SER J 596 20.13 14.28 -32.99
CA SER J 596 20.99 15.02 -32.08
C SER J 596 20.10 15.89 -31.20
N SER J 597 20.45 15.97 -29.92
CA SER J 597 19.69 16.76 -28.98
C SER J 597 20.61 17.76 -28.29
N ALA J 598 20.02 18.80 -27.72
CA ALA J 598 20.79 19.84 -27.03
C ALA J 598 21.59 19.25 -25.89
N VAL J 599 21.13 18.13 -25.35
CA VAL J 599 21.85 17.44 -24.30
C VAL J 599 23.01 16.65 -24.89
N GLY J 600 22.88 16.32 -26.16
CA GLY J 600 23.93 15.62 -26.88
C GLY J 600 25.05 16.55 -27.29
N LEU J 601 24.77 17.86 -27.26
CA LEU J 601 25.76 18.85 -27.64
C LEU J 601 26.70 19.24 -26.49
N THR J 602 26.28 18.97 -25.26
CA THR J 602 27.15 19.23 -24.10
C THR J 602 26.82 18.38 -22.87
N ALA J 603 27.84 18.14 -22.06
CA ALA J 603 27.69 17.60 -20.70
C ALA J 603 26.75 16.40 -20.54
N TYR J 604 27.18 15.24 -21.04
CA TYR J 604 26.40 14.00 -20.88
C TYR J 604 26.25 13.60 -19.41
N ILE J 605 27.35 13.65 -18.67
CA ILE J 605 27.42 13.31 -17.25
C ILE J 605 26.72 11.99 -16.89
N THR J 606 26.96 10.96 -17.70
CA THR J 606 26.45 9.62 -17.43
C THR J 606 27.29 8.89 -16.39
N ARG J 607 26.68 7.92 -15.71
CA ARG J 607 27.42 7.04 -14.82
C ARG J 607 28.45 6.24 -15.62
N ASP J 608 29.68 6.18 -15.11
CA ASP J 608 30.71 5.36 -15.72
C ASP J 608 30.21 3.92 -15.83
N VAL J 609 29.53 3.47 -14.78
CA VAL J 609 28.79 2.21 -14.74
C VAL J 609 29.69 0.97 -14.63
N ASP J 610 30.96 1.10 -15.00
CA ASP J 610 31.93 0.08 -14.64
C ASP J 610 32.50 0.36 -13.25
N THR J 611 32.79 1.63 -12.98
CA THR J 611 33.23 2.08 -11.65
C THR J 611 32.03 2.44 -10.80
N LYS J 612 30.85 2.34 -11.41
CA LYS J 612 29.60 2.59 -10.71
C LYS J 612 29.49 4.02 -10.22
N GLN J 613 30.11 4.95 -10.96
CA GLN J 613 30.07 6.36 -10.62
C GLN J 613 29.80 7.22 -11.85
N LEU J 614 28.91 8.20 -11.71
CA LEU J 614 28.58 9.11 -12.81
C LEU J 614 29.83 9.79 -13.33
N VAL J 615 29.94 9.92 -14.65
CA VAL J 615 31.11 10.52 -15.27
C VAL J 615 30.70 11.54 -16.33
N LEU J 616 31.13 12.78 -16.16
CA LEU J 616 30.79 13.83 -17.12
C LEU J 616 31.42 13.57 -18.48
N GLU J 617 30.69 13.95 -19.53
CA GLU J 617 31.15 13.78 -20.90
C GLU J 617 30.87 15.02 -21.72
N SER J 618 31.86 15.46 -22.49
CA SER J 618 31.69 16.57 -23.40
C SER J 618 30.61 16.25 -24.42
N GLY J 619 29.84 17.26 -24.82
CA GLY J 619 28.77 17.06 -25.76
C GLY J 619 29.20 17.25 -27.20
N ALA J 620 28.24 17.09 -28.11
CA ALA J 620 28.48 17.24 -29.54
C ALA J 620 29.22 18.53 -29.86
N LEU J 621 28.82 19.62 -29.21
CA LEU J 621 29.42 20.92 -29.43
C LEU J 621 30.84 21.02 -28.87
N VAL J 622 31.10 20.28 -27.79
CA VAL J 622 32.42 20.29 -27.18
C VAL J 622 33.42 19.61 -28.09
N LEU J 623 33.08 18.42 -28.58
CA LEU J 623 33.90 17.77 -29.60
C LEU J 623 33.77 18.55 -30.89
N SER J 624 32.63 19.24 -31.04
CA SER J 624 32.47 20.17 -32.13
C SER J 624 33.50 21.27 -32.03
N ASP J 625 33.85 21.65 -30.79
CA ASP J 625 34.81 22.72 -30.55
C ASP J 625 36.15 22.45 -31.22
N GLY J 626 36.58 23.39 -32.04
CA GLY J 626 37.72 23.20 -32.93
C GLY J 626 37.25 22.58 -34.23
N GLY J 627 37.89 22.94 -35.34
CA GLY J 627 37.53 22.38 -36.63
C GLY J 627 36.12 22.73 -37.06
N VAL J 628 35.73 22.23 -38.23
CA VAL J 628 34.41 22.48 -38.81
C VAL J 628 33.31 21.57 -38.22
N CYS J 629 32.06 22.04 -38.26
CA CYS J 629 30.93 21.23 -37.82
C CYS J 629 29.76 21.29 -38.81
N CYS J 630 29.27 20.13 -39.24
CA CYS J 630 28.15 20.07 -40.18
C CYS J 630 26.83 19.86 -39.45
N ILE J 631 25.77 20.50 -39.94
CA ILE J 631 24.46 20.40 -39.30
C ILE J 631 23.38 19.91 -40.25
N ASP J 632 22.85 18.72 -39.98
CA ASP J 632 21.68 18.23 -40.69
C ASP J 632 20.40 18.78 -40.08
N GLU J 633 19.40 19.00 -40.92
CA GLU J 633 18.05 19.34 -40.47
C GLU J 633 18.03 20.43 -39.41
N PHE J 634 18.87 21.44 -39.59
CA PHE J 634 18.94 22.55 -38.65
C PHE J 634 17.57 23.19 -38.47
N ASP J 635 16.80 23.22 -39.57
CA ASP J 635 15.40 23.62 -39.50
C ASP J 635 14.62 22.65 -38.62
N LYS J 636 14.95 21.37 -38.74
CA LYS J 636 14.24 20.34 -38.00
C LYS J 636 14.73 20.24 -36.56
N MET J 637 15.83 20.94 -36.26
CA MET J 637 16.42 20.93 -34.92
C MET J 637 15.43 21.37 -33.85
N SER J 638 15.54 20.78 -32.66
CA SER J 638 14.66 21.12 -31.55
C SER J 638 14.90 22.55 -31.09
N ASP J 639 13.92 23.14 -30.41
CA ASP J 639 14.03 24.51 -29.94
C ASP J 639 14.96 24.63 -28.75
N SER J 640 15.10 23.51 -28.01
CA SER J 640 16.14 23.43 -26.99
C SER J 640 17.47 23.48 -27.70
N THR J 641 17.50 22.93 -28.91
CA THR J 641 18.63 23.08 -29.81
C THR J 641 18.64 24.47 -30.41
N ARG J 642 19.81 24.89 -30.89
CA ARG J 642 20.09 26.22 -31.40
C ARG J 642 20.25 27.23 -30.27
N SER J 643 19.74 26.89 -29.09
CA SER J 643 19.84 27.79 -27.94
C SER J 643 21.20 27.60 -27.28
N VAL J 644 21.61 26.35 -27.18
CA VAL J 644 22.97 25.99 -26.80
C VAL J 644 23.92 26.55 -27.84
N LEU J 645 23.42 26.65 -29.07
CA LEU J 645 24.19 27.18 -30.19
C LEU J 645 24.26 28.71 -30.18
N HIS J 646 23.14 29.35 -29.87
CA HIS J 646 23.11 30.80 -29.72
C HIS J 646 24.12 31.21 -28.66
N GLU J 647 24.25 30.36 -27.64
CA GLU J 647 25.29 30.50 -26.65
C GLU J 647 26.66 30.44 -27.33
N VAL J 648 26.79 29.47 -28.24
CA VAL J 648 28.02 29.33 -29.02
C VAL J 648 28.16 30.45 -30.04
N MET J 649 27.03 30.85 -30.63
CA MET J 649 27.02 31.92 -31.62
C MET J 649 27.59 33.23 -31.06
N GLU J 650 27.37 33.46 -29.77
CA GLU J 650 27.79 34.71 -29.14
C GLU J 650 29.05 34.51 -28.30
N GLN J 651 28.89 33.86 -27.15
CA GLN J 651 29.99 33.62 -26.23
C GLN J 651 31.11 32.80 -26.86
N GLN J 652 30.78 32.06 -27.93
CA GLN J 652 31.73 31.15 -28.53
C GLN J 652 32.14 30.12 -27.48
N THR J 653 31.20 29.82 -26.59
CA THR J 653 31.48 28.94 -25.45
C THR J 653 30.21 28.24 -24.99
N ILE J 654 30.37 27.20 -24.17
CA ILE J 654 29.24 26.50 -23.59
C ILE J 654 29.29 26.50 -22.06
N SER J 655 28.26 27.08 -21.43
CA SER J 655 28.15 27.08 -19.97
C SER J 655 27.36 25.87 -19.49
N ILE J 656 28.01 25.00 -18.72
CA ILE J 656 27.30 23.89 -18.11
C ILE J 656 27.30 24.07 -16.60
N ALA J 657 26.14 24.46 -16.05
CA ALA J 657 25.94 24.52 -14.61
C ALA J 657 25.14 23.32 -14.12
N LYS J 658 24.72 22.47 -15.06
CA LYS J 658 23.76 21.43 -14.74
C LYS J 658 24.37 20.30 -13.92
N ALA J 659 23.51 19.56 -13.23
CA ALA J 659 23.92 18.48 -12.34
C ALA J 659 24.81 18.98 -11.20
N GLY J 660 25.90 18.26 -10.96
CA GLY J 660 26.70 18.49 -9.77
C GLY J 660 27.64 19.68 -9.81
N ILE J 661 28.05 20.08 -11.01
CA ILE J 661 29.09 21.09 -11.13
C ILE J 661 28.86 22.12 -12.24
N ILE J 662 29.33 23.33 -12.00
CA ILE J 662 29.31 24.41 -13.00
C ILE J 662 30.56 24.37 -13.88
N THR J 663 30.36 24.21 -15.18
CA THR J 663 31.45 24.39 -16.13
C THR J 663 31.00 25.25 -17.27
N THR J 664 31.59 26.44 -17.41
CA THR J 664 31.44 27.20 -18.63
C THR J 664 32.65 26.88 -19.47
N LEU J 665 32.40 26.14 -20.55
CA LEU J 665 33.47 25.65 -21.40
C LEU J 665 33.45 26.38 -22.72
N ASN J 666 34.64 26.65 -23.24
CA ASN J 666 34.77 27.28 -24.54
C ASN J 666 34.53 26.28 -25.65
N ALA J 667 33.73 26.66 -26.63
CA ALA J 667 33.72 25.95 -27.89
C ALA J 667 33.96 26.96 -28.98
N ARG J 668 35.15 26.90 -29.59
CA ARG J 668 35.45 27.71 -30.76
C ARG J 668 35.66 26.79 -31.95
N SER J 669 34.67 26.74 -32.82
CA SER J 669 34.75 25.85 -33.98
C SER J 669 33.88 26.30 -35.14
N SER J 670 34.33 26.03 -36.35
CA SER J 670 33.53 26.29 -37.54
C SER J 670 32.33 25.36 -37.57
N ILE J 671 31.22 25.83 -38.13
CA ILE J 671 30.02 25.03 -38.26
C ILE J 671 29.29 25.37 -39.55
N LEU J 672 28.72 24.36 -40.20
CA LEU J 672 27.90 24.58 -41.38
C LEU J 672 26.66 23.68 -41.31
N ALA J 673 25.49 24.28 -41.48
CA ALA J 673 24.24 23.54 -41.37
C ALA J 673 23.64 23.23 -42.75
N SER J 674 23.17 22.00 -42.91
CA SER J 674 22.40 21.63 -44.09
C SER J 674 20.94 22.02 -43.87
N ALA J 675 20.35 22.70 -44.84
CA ALA J 675 18.97 23.14 -44.71
C ALA J 675 18.07 22.54 -45.79
N ASN J 676 16.92 22.02 -45.36
CA ASN J 676 15.92 21.53 -46.29
C ASN J 676 14.65 22.37 -46.21
N PRO J 677 14.39 23.15 -47.27
CA PRO J 677 13.20 24.00 -47.38
C PRO J 677 11.91 23.20 -47.22
N ILE J 678 10.94 23.78 -46.52
CA ILE J 678 9.69 23.10 -46.19
C ILE J 678 8.78 22.95 -47.41
N GLY J 679 9.18 23.55 -48.53
CA GLY J 679 8.37 23.59 -49.72
C GLY J 679 7.81 22.28 -50.25
N SER J 680 8.66 21.28 -50.49
CA SER J 680 10.10 21.35 -50.23
C SER J 680 10.80 22.36 -51.12
N ARG J 681 10.15 22.77 -52.21
CA ARG J 681 10.72 23.78 -53.09
C ARG J 681 10.61 25.16 -52.46
N TYR J 682 11.66 25.95 -52.56
CA TYR J 682 11.69 27.29 -51.99
C TYR J 682 10.63 28.17 -52.63
N ASN J 683 10.24 27.80 -53.85
CA ASN J 683 9.22 28.45 -54.68
C ASN J 683 9.62 29.87 -55.10
N PRO J 684 9.07 30.34 -56.24
CA PRO J 684 9.37 31.68 -56.73
C PRO J 684 8.77 32.76 -55.84
N ASN J 685 9.35 33.95 -55.86
CA ASN J 685 8.90 35.04 -55.01
C ASN J 685 8.85 34.63 -53.54
N LEU J 686 7.72 34.94 -52.90
CA LEU J 686 7.52 34.62 -51.48
C LEU J 686 8.45 35.48 -50.62
N PRO J 687 8.15 35.60 -49.32
CA PRO J 687 9.15 36.20 -48.44
C PRO J 687 10.40 35.34 -48.41
N VAL J 688 11.57 35.94 -48.20
CA VAL J 688 12.81 35.17 -48.22
C VAL J 688 12.96 34.35 -46.94
N THR J 689 13.09 35.06 -45.82
CA THR J 689 13.29 34.42 -44.53
C THR J 689 12.15 33.47 -44.16
N GLU J 690 10.93 33.89 -44.41
CA GLU J 690 9.76 33.06 -44.09
C GLU J 690 9.80 31.75 -44.84
N ASN J 691 10.46 31.75 -46.00
CA ASN J 691 10.61 30.55 -46.82
C ASN J 691 11.54 29.51 -46.17
N ILE J 692 12.64 30.00 -45.61
CA ILE J 692 13.65 29.15 -44.96
C ILE J 692 13.15 28.52 -43.66
N ASP J 693 12.01 29.02 -43.20
CA ASP J 693 11.50 28.85 -41.85
C ASP J 693 12.51 29.42 -40.82
N LEU J 694 12.51 28.88 -39.61
CA LEU J 694 13.40 29.30 -38.53
C LEU J 694 13.18 30.78 -38.16
N PRO J 695 13.55 31.17 -36.94
CA PRO J 695 13.38 32.57 -36.51
C PRO J 695 14.40 33.52 -37.15
N PRO J 696 13.97 34.75 -37.47
CA PRO J 696 14.84 35.82 -37.98
C PRO J 696 16.06 36.07 -37.08
N PRO J 697 15.87 36.05 -35.75
CA PRO J 697 17.04 36.20 -34.86
C PRO J 697 18.06 35.09 -35.07
N LEU J 698 17.57 33.86 -35.27
CA LEU J 698 18.43 32.73 -35.58
C LEU J 698 19.05 32.87 -36.97
N LEU J 699 18.23 33.30 -37.92
CA LEU J 699 18.64 33.38 -39.32
C LEU J 699 19.66 34.49 -39.60
N SER J 700 19.37 35.69 -39.13
CA SER J 700 20.23 36.85 -39.38
C SER J 700 21.63 36.68 -38.81
N ARG J 701 21.73 35.93 -37.72
CA ARG J 701 23.00 35.75 -37.00
C ARG J 701 24.02 34.93 -37.80
N PHE J 702 23.52 34.10 -38.72
CA PHE J 702 24.38 33.25 -39.51
C PHE J 702 25.31 34.08 -40.40
N ASP J 703 26.54 33.61 -40.55
CA ASP J 703 27.54 34.35 -41.30
C ASP J 703 27.11 34.58 -42.75
N LEU J 704 26.51 33.56 -43.35
CA LEU J 704 26.02 33.65 -44.72
C LEU J 704 24.94 32.60 -44.98
N VAL J 705 24.13 32.80 -46.01
CA VAL J 705 23.21 31.76 -46.46
C VAL J 705 23.31 31.60 -47.97
N TYR J 706 23.79 30.44 -48.41
CA TYR J 706 23.77 30.06 -49.82
C TYR J 706 22.46 29.34 -50.12
N LEU J 707 21.71 29.85 -51.08
CA LEU J 707 20.41 29.29 -51.38
C LEU J 707 20.44 28.49 -52.67
N VAL J 708 20.31 27.17 -52.53
CA VAL J 708 20.35 26.27 -53.67
C VAL J 708 19.06 26.32 -54.46
N LEU J 709 19.17 26.32 -55.78
CA LEU J 709 18.00 26.34 -56.65
C LEU J 709 18.31 25.73 -58.00
N ASP J 710 17.27 25.27 -58.69
CA ASP J 710 17.43 24.60 -59.97
C ASP J 710 16.63 25.32 -61.06
N LYS J 711 17.32 25.79 -62.08
CA LYS J 711 16.69 26.55 -63.16
C LYS J 711 16.27 25.64 -64.31
N VAL J 712 16.61 24.36 -64.20
CA VAL J 712 16.31 23.38 -65.24
C VAL J 712 17.03 23.72 -66.54
N ASP J 713 18.26 24.21 -66.43
CA ASP J 713 19.06 24.49 -67.61
C ASP J 713 19.29 23.19 -68.39
N GLU J 714 19.29 23.31 -69.71
CA GLU J 714 19.14 22.16 -70.59
C GLU J 714 20.34 21.23 -70.85
N LYS J 715 21.55 21.68 -71.20
CA LYS J 715 22.15 23.03 -71.08
C LYS J 715 22.67 23.30 -69.66
N ASN J 716 22.18 22.53 -68.68
CA ASN J 716 22.90 22.32 -67.42
C ASN J 716 22.91 20.85 -67.07
N ASP J 717 21.73 20.33 -66.77
CA ASP J 717 21.57 18.99 -66.22
C ASP J 717 22.11 17.88 -67.10
N ARG J 718 22.03 18.08 -68.42
CA ARG J 718 22.57 17.11 -69.36
C ARG J 718 24.06 16.90 -69.14
N GLU J 719 24.80 18.00 -69.22
CA GLU J 719 26.23 17.96 -68.96
C GLU J 719 26.48 17.65 -67.49
N LEU J 720 25.57 18.09 -66.65
CA LEU J 720 25.57 17.68 -65.24
C LEU J 720 25.38 16.18 -65.20
N ALA J 721 24.44 15.67 -66.00
CA ALA J 721 24.24 14.25 -66.16
C ALA J 721 25.41 13.63 -66.92
N LYS J 722 26.07 14.45 -67.73
CA LYS J 722 27.30 14.04 -68.41
C LYS J 722 28.44 14.01 -67.41
N HIS J 723 28.38 14.91 -66.44
CA HIS J 723 29.27 14.85 -65.28
C HIS J 723 28.85 13.65 -64.45
N LEU J 724 27.54 13.43 -64.37
CA LEU J 724 27.00 12.21 -63.78
C LEU J 724 27.29 11.04 -64.71
N THR J 725 27.44 11.35 -65.99
CA THR J 725 27.79 10.34 -67.00
C THR J 725 29.17 9.80 -66.71
N ASN J 726 29.97 10.56 -65.97
CA ASN J 726 31.21 10.04 -65.43
C ASN J 726 30.90 8.93 -64.44
N LEU J 727 31.68 7.85 -64.49
CA LEU J 727 31.53 6.73 -63.55
C LEU J 727 30.11 6.15 -63.49
N TYR J 728 29.67 5.41 -64.51
CA TYR J 728 30.46 5.02 -65.68
C TYR J 728 31.82 4.43 -65.35
N LEU J 729 32.87 5.08 -65.87
CA LEU J 729 34.23 4.59 -65.76
C LEU J 729 35.13 5.71 -65.26
N GLU J 730 36.35 5.36 -64.87
CA GLU J 730 36.84 3.99 -64.93
C GLU J 730 36.83 3.33 -63.56
N VAL J 741 43.91 20.52 -62.95
CA VAL J 741 44.82 20.84 -61.86
C VAL J 741 44.10 20.75 -60.51
N LEU J 742 44.27 19.61 -59.83
CA LEU J 742 43.54 19.34 -58.60
C LEU J 742 44.45 18.83 -57.47
N PRO J 743 44.97 19.75 -56.64
CA PRO J 743 45.73 19.30 -55.47
C PRO J 743 44.83 18.60 -54.46
N VAL J 744 45.30 17.50 -53.87
CA VAL J 744 44.46 16.76 -52.94
C VAL J 744 44.81 16.97 -51.47
N GLU J 745 45.89 16.34 -51.02
CA GLU J 745 46.36 16.52 -49.64
C GLU J 745 47.20 17.76 -49.49
N PHE J 746 47.88 18.15 -50.56
CA PHE J 746 48.77 19.30 -50.55
C PHE J 746 48.07 20.59 -50.12
N LEU J 747 46.76 20.64 -50.34
CA LEU J 747 45.98 21.78 -49.86
C LEU J 747 45.68 21.62 -48.38
N THR J 748 45.51 20.38 -47.93
CA THR J 748 45.18 20.08 -46.55
C THR J 748 46.31 20.47 -45.60
N MET J 749 47.54 20.33 -46.04
CA MET J 749 48.67 20.84 -45.27
C MET J 749 48.65 22.35 -45.28
N TYR J 750 48.38 22.92 -46.44
CA TYR J 750 48.19 24.36 -46.58
C TYR J 750 46.99 24.79 -45.75
N ILE J 751 46.07 23.86 -45.51
CA ILE J 751 44.97 24.11 -44.58
C ILE J 751 45.53 24.33 -43.19
N SER J 752 46.48 23.48 -42.80
CA SER J 752 47.15 23.61 -41.51
C SER J 752 48.18 24.73 -41.52
N TYR J 753 48.94 24.80 -42.60
CA TYR J 753 50.00 25.80 -42.76
C TYR J 753 49.47 27.23 -42.71
N ALA J 754 48.31 27.44 -43.32
CA ALA J 754 47.71 28.76 -43.43
C ALA J 754 47.13 29.27 -42.10
N LYS J 755 47.13 28.41 -41.07
CA LYS J 755 46.50 28.76 -39.81
C LYS J 755 47.41 29.54 -38.85
N GLU J 756 48.40 28.86 -38.29
CA GLU J 756 49.27 29.46 -37.28
C GLU J 756 50.32 30.37 -37.90
N HIS J 757 50.66 30.09 -39.16
CA HIS J 757 51.78 30.74 -39.81
C HIS J 757 51.37 31.97 -40.62
N ILE J 758 50.08 32.28 -40.63
CA ILE J 758 49.58 33.49 -41.26
C ILE J 758 48.67 34.26 -40.32
N HIS J 759 49.03 35.50 -40.04
CA HIS J 759 48.24 36.36 -39.16
C HIS J 759 48.06 37.73 -39.77
N PRO J 760 47.13 37.83 -40.75
CA PRO J 760 46.87 39.01 -41.59
C PRO J 760 46.29 40.21 -40.83
N ILE J 761 46.69 41.40 -41.24
CA ILE J 761 46.12 42.65 -40.73
C ILE J 761 45.77 43.55 -41.92
N ILE J 762 44.50 43.93 -42.01
CA ILE J 762 43.96 44.62 -43.18
C ILE J 762 44.57 46.00 -43.45
N THR J 763 45.21 46.56 -42.43
CA THR J 763 45.71 47.93 -42.43
C THR J 763 44.61 48.96 -42.72
N GLU J 764 44.97 50.03 -43.44
CA GLU J 764 44.04 51.13 -43.72
C GLU J 764 43.13 50.96 -44.93
N ALA J 765 43.70 50.48 -46.04
CA ALA J 765 43.06 50.54 -47.36
C ALA J 765 41.71 49.84 -47.42
N ALA J 766 41.65 48.63 -46.88
CA ALA J 766 40.44 47.81 -46.95
C ALA J 766 39.26 48.44 -46.22
N LYS J 767 39.55 49.16 -45.13
CA LYS J 767 38.51 49.79 -44.32
C LYS J 767 37.68 50.79 -45.14
N THR J 768 38.36 51.60 -45.95
CA THR J 768 37.71 52.64 -46.75
C THR J 768 36.64 52.08 -47.68
N GLU J 769 36.98 51.00 -48.38
CA GLU J 769 36.03 50.37 -49.30
C GLU J 769 34.88 49.70 -48.56
N LEU J 770 35.20 49.08 -47.43
CA LEU J 770 34.22 48.34 -46.65
C LEU J 770 33.02 49.19 -46.21
N VAL J 771 33.26 50.48 -46.04
CA VAL J 771 32.24 51.39 -45.56
C VAL J 771 31.13 51.66 -46.58
N ARG J 772 31.52 52.09 -47.77
CA ARG J 772 30.56 52.51 -48.79
C ARG J 772 29.64 51.37 -49.23
N ALA J 773 30.19 50.16 -49.28
CA ALA J 773 29.40 49.00 -49.65
C ALA J 773 28.26 48.77 -48.66
N TYR J 774 28.61 48.75 -47.38
CA TYR J 774 27.63 48.53 -46.31
C TYR J 774 26.58 49.63 -46.27
N VAL J 775 26.97 50.82 -46.70
CA VAL J 775 26.02 51.93 -46.77
C VAL J 775 24.95 51.64 -47.81
N GLY J 776 25.34 50.93 -48.86
CA GLY J 776 24.40 50.48 -49.87
C GLY J 776 23.76 49.18 -49.44
N MET J 777 24.45 48.47 -48.56
CA MET J 777 23.95 47.22 -48.00
C MET J 777 22.65 47.47 -47.22
N ARG J 778 22.69 48.47 -46.33
CA ARG J 778 21.51 48.88 -45.59
C ARG J 778 20.61 49.71 -46.49
N LYS J 779 21.21 50.25 -47.55
CA LYS J 779 20.50 51.07 -48.52
C LYS J 779 19.44 50.25 -49.27
N ALA J 793 20.66 45.42 -44.55
CA ALA J 793 21.83 44.71 -44.04
C ALA J 793 21.98 44.93 -42.54
N THR J 794 23.13 44.52 -42.00
CA THR J 794 23.42 44.68 -40.58
C THR J 794 24.91 44.78 -40.32
N THR J 795 25.28 45.37 -39.19
CA THR J 795 26.68 45.40 -38.78
C THR J 795 27.15 43.97 -38.58
N ARG J 796 26.19 43.08 -38.32
CA ARG J 796 26.44 41.65 -38.30
C ARG J 796 26.93 41.21 -39.68
N GLN J 797 26.42 41.88 -40.72
CA GLN J 797 26.94 41.71 -42.07
C GLN J 797 28.29 42.41 -42.18
N LEU J 798 28.39 43.58 -41.54
CA LEU J 798 29.65 44.29 -41.45
C LEU J 798 30.65 43.48 -40.64
N GLU J 799 30.12 42.74 -39.67
CA GLU J 799 30.93 41.84 -38.86
C GLU J 799 31.57 40.77 -39.71
N SER J 800 30.82 40.28 -40.71
CA SER J 800 31.30 39.23 -41.59
C SER J 800 32.24 39.76 -42.67
N MET J 801 31.90 40.93 -43.20
CA MET J 801 32.67 41.56 -44.27
C MET J 801 34.15 41.63 -43.90
N ILE J 802 34.45 41.92 -42.64
CA ILE J 802 35.82 41.87 -42.15
C ILE J 802 36.27 40.44 -41.95
N ARG J 803 35.43 39.62 -41.31
CA ARG J 803 35.78 38.24 -41.00
C ARG J 803 35.96 37.41 -42.27
N LEU J 804 35.24 37.76 -43.32
CA LEU J 804 35.29 37.02 -44.58
C LEU J 804 36.56 37.35 -45.36
N ALA J 805 36.70 38.61 -45.76
CA ALA J 805 37.85 39.06 -46.54
C ALA J 805 39.19 38.66 -45.91
N GLU J 806 39.28 38.77 -44.59
CA GLU J 806 40.51 38.40 -43.88
C GLU J 806 40.77 36.90 -44.00
N ALA J 807 39.72 36.13 -44.23
CA ALA J 807 39.87 34.72 -44.55
C ALA J 807 40.52 34.60 -45.94
N HIS J 808 40.04 35.42 -46.87
CA HIS J 808 40.70 35.59 -48.16
C HIS J 808 42.11 36.12 -47.92
N ALA J 809 42.24 36.93 -46.88
CA ALA J 809 43.54 37.45 -46.47
C ALA J 809 44.40 36.33 -45.90
N LYS J 810 43.77 35.37 -45.23
CA LYS J 810 44.50 34.20 -44.73
C LYS J 810 45.04 33.41 -45.92
N MET J 811 44.38 33.54 -47.06
CA MET J 811 44.84 32.94 -48.31
C MET J 811 46.01 33.75 -48.87
N LYS J 812 46.82 33.10 -49.72
CA LYS J 812 47.96 33.75 -50.37
C LYS J 812 49.02 34.21 -49.37
N LEU J 813 49.04 33.59 -48.20
CA LEU J 813 50.07 33.85 -47.20
C LEU J 813 50.19 35.31 -46.82
N LYS J 814 49.09 36.06 -46.96
CA LYS J 814 49.09 37.49 -46.71
C LYS J 814 49.11 37.83 -45.22
N ASN J 815 50.00 38.74 -44.82
CA ASN J 815 49.97 39.31 -43.48
C ASN J 815 49.22 40.64 -43.48
N VAL J 816 48.82 41.07 -44.67
CA VAL J 816 47.99 42.26 -44.83
C VAL J 816 46.96 42.00 -45.92
N VAL J 817 45.71 42.39 -45.66
CA VAL J 817 44.63 42.12 -46.60
C VAL J 817 44.80 42.92 -47.88
N GLU J 818 44.42 42.31 -49.00
CA GLU J 818 44.35 43.04 -50.26
C GLU J 818 43.17 43.99 -50.17
N LEU J 819 43.31 45.20 -50.71
CA LEU J 819 42.16 46.09 -50.73
C LEU J 819 41.14 45.51 -51.70
N GLU J 820 41.58 44.86 -52.77
CA GLU J 820 40.61 44.22 -53.64
C GLU J 820 40.54 42.71 -53.35
N ASP J 821 39.67 42.40 -52.40
CA ASP J 821 39.06 41.10 -52.11
C ASP J 821 37.62 41.46 -51.77
N VAL J 822 37.51 42.37 -50.80
CA VAL J 822 36.27 42.79 -50.16
C VAL J 822 35.16 43.06 -51.17
N GLN J 823 35.54 43.39 -52.40
CA GLN J 823 34.57 43.46 -53.50
C GLN J 823 33.70 42.22 -53.51
N GLU J 824 34.30 41.07 -53.83
CA GLU J 824 33.54 39.83 -53.90
C GLU J 824 33.21 39.33 -52.51
N ALA J 825 33.90 39.87 -51.51
CA ALA J 825 33.59 39.57 -50.12
C ALA J 825 32.19 40.09 -49.80
N VAL J 826 31.92 41.31 -50.22
CA VAL J 826 30.57 41.86 -50.13
C VAL J 826 29.70 41.18 -51.19
N ARG J 827 30.31 40.81 -52.30
CA ARG J 827 29.62 40.14 -53.39
C ARG J 827 29.21 38.73 -53.01
N LEU J 828 30.06 38.05 -52.26
CA LEU J 828 29.72 36.75 -51.70
C LEU J 828 28.55 36.91 -50.74
N ILE J 829 28.45 38.10 -50.16
CA ILE J 829 27.27 38.50 -49.41
C ILE J 829 26.17 38.85 -50.42
N ARG J 830 26.56 39.55 -51.49
CA ARG J 830 25.65 39.89 -52.57
C ARG J 830 25.05 38.62 -53.18
N SER J 831 25.83 37.54 -53.16
CA SER J 831 25.37 36.25 -53.69
C SER J 831 24.12 35.78 -52.94
N ALA J 832 24.18 35.87 -51.60
CA ALA J 832 23.02 35.59 -50.79
C ALA J 832 22.01 36.72 -50.96
N ILE J 833 22.52 37.90 -51.31
CA ILE J 833 21.68 39.07 -51.54
C ILE J 833 20.90 38.93 -52.85
N LYS J 834 21.52 38.32 -53.85
CA LYS J 834 20.84 38.05 -55.12
C LYS J 834 19.79 36.97 -54.91
N ASP J 835 19.84 36.29 -53.77
CA ASP J 835 18.84 35.28 -53.44
C ASP J 835 17.61 35.90 -52.80
N TYR J 836 17.73 37.16 -52.40
CA TYR J 836 16.68 37.82 -51.64
C TYR J 836 15.69 38.57 -52.53
N ALA J 837 15.89 38.47 -53.84
CA ALA J 837 14.98 39.08 -54.79
C ALA J 837 13.70 38.25 -54.89
N THR J 838 13.80 36.99 -54.48
CA THR J 838 12.68 36.05 -54.51
C THR J 838 12.04 35.98 -55.90
N GLN J 851 7.77 39.23 -43.80
CA GLN J 851 6.42 39.78 -43.83
C GLN J 851 6.26 40.83 -42.74
N THR J 852 6.71 40.49 -41.53
CA THR J 852 6.63 41.40 -40.40
C THR J 852 7.39 42.69 -40.70
N GLY J 853 8.32 42.60 -41.65
CA GLY J 853 9.16 43.73 -42.01
C GLY J 853 8.60 44.64 -43.08
N LYS J 854 7.36 44.41 -43.52
CA LYS J 854 6.78 45.31 -44.51
C LYS J 854 5.78 46.25 -43.86
N SER J 855 6.21 47.48 -43.56
CA SER J 855 5.34 48.54 -43.09
C SER J 855 4.27 48.04 -42.09
N VAL J 856 3.01 48.37 -42.36
CA VAL J 856 1.91 48.11 -41.41
C VAL J 856 1.53 46.63 -41.21
N ILE J 857 1.11 45.93 -42.27
CA ILE J 857 0.61 44.56 -42.14
C ILE J 857 -0.40 44.51 -41.00
N GLN J 858 -0.07 43.81 -39.93
CA GLN J 858 -0.98 43.67 -38.79
C GLN J 858 -1.48 45.02 -38.26
N ARG J 859 -0.75 46.09 -38.53
CA ARG J 859 -1.10 47.41 -37.98
C ARG J 859 -2.40 47.94 -38.57
N LYS J 860 -2.46 48.04 -39.90
CA LYS J 860 -3.68 48.49 -40.58
C LYS J 860 -4.82 47.59 -40.18
N LEU J 861 -4.50 46.30 -40.09
CA LEU J 861 -5.47 45.30 -39.69
C LEU J 861 -6.02 45.65 -38.32
N GLN J 862 -5.13 45.94 -37.38
CA GLN J 862 -5.56 46.23 -36.02
C GLN J 862 -6.29 47.57 -35.94
N GLU J 863 -5.93 48.51 -36.81
CA GLU J 863 -6.69 49.75 -36.90
C GLU J 863 -8.11 49.45 -37.36
N ASP J 864 -8.24 48.59 -38.37
CA ASP J 864 -9.55 48.21 -38.88
C ASP J 864 -10.27 47.24 -37.94
N LEU J 865 -9.53 46.43 -37.20
CA LEU J 865 -10.14 45.49 -36.27
C LEU J 865 -10.73 46.34 -35.15
N SER J 866 -9.92 47.29 -34.69
CA SER J 866 -10.33 48.22 -33.65
C SER J 866 -11.53 49.03 -34.11
N ARG J 867 -11.43 49.62 -35.29
CA ARG J 867 -12.51 50.46 -35.80
C ARG J 867 -13.75 49.62 -36.03
N GLU J 868 -13.56 48.36 -36.44
CA GLU J 868 -14.69 47.48 -36.69
C GLU J 868 -15.39 47.13 -35.39
N ILE J 869 -14.64 46.74 -34.37
CA ILE J 869 -15.26 46.39 -33.09
C ILE J 869 -15.77 47.65 -32.39
N MET J 870 -15.14 48.79 -32.65
CA MET J 870 -15.62 50.05 -32.09
C MET J 870 -16.96 50.40 -32.72
N ASN J 871 -17.04 50.33 -34.04
CA ASN J 871 -18.28 50.58 -34.73
C ASN J 871 -19.35 49.58 -34.29
N VAL J 872 -18.95 48.33 -34.14
CA VAL J 872 -19.86 47.33 -33.62
C VAL J 872 -20.19 47.67 -32.16
N LEU J 873 -19.24 48.25 -31.44
CA LEU J 873 -19.47 48.57 -30.03
C LEU J 873 -20.53 49.66 -29.92
N LYS J 874 -20.40 50.67 -30.77
CA LYS J 874 -21.34 51.79 -30.76
C LYS J 874 -22.66 51.40 -31.43
N ASP J 875 -22.60 50.43 -32.34
CA ASP J 875 -23.81 49.95 -33.00
C ASP J 875 -24.45 48.76 -32.26
N GLN J 876 -23.73 47.65 -32.15
CA GLN J 876 -24.25 46.50 -31.41
C GLN J 876 -24.44 46.92 -29.95
N ALA J 877 -25.35 46.24 -29.26
CA ALA J 877 -25.73 46.61 -27.90
C ALA J 877 -24.70 46.12 -26.90
N SER J 878 -23.66 45.48 -27.44
CA SER J 878 -22.56 44.95 -26.65
C SER J 878 -21.27 45.68 -27.03
N ASP J 879 -20.29 45.65 -26.12
CA ASP J 879 -18.96 46.14 -26.43
C ASP J 879 -18.16 45.03 -27.11
N SER J 880 -18.84 43.92 -27.38
CA SER J 880 -18.21 42.71 -27.91
C SER J 880 -18.92 42.19 -29.16
N MET J 881 -18.23 41.30 -29.87
CA MET J 881 -18.80 40.61 -31.02
C MET J 881 -18.11 39.25 -31.17
N SER J 882 -18.81 38.30 -31.77
CA SER J 882 -18.30 36.94 -31.88
C SER J 882 -17.05 36.87 -32.75
N PHE J 883 -16.13 35.98 -32.39
CA PHE J 883 -14.93 35.76 -33.17
C PHE J 883 -15.30 35.23 -34.55
N ASN J 884 -16.35 34.42 -34.61
CA ASN J 884 -16.90 33.99 -35.88
C ASN J 884 -17.42 35.20 -36.64
N GLU J 885 -18.17 36.03 -35.93
CA GLU J 885 -18.68 37.27 -36.50
C GLU J 885 -17.52 38.18 -36.89
N LEU J 886 -16.39 38.02 -36.20
CA LEU J 886 -15.20 38.78 -36.56
C LEU J 886 -14.63 38.23 -37.86
N ILE J 887 -14.57 36.90 -37.98
CA ILE J 887 -14.08 36.30 -39.22
C ILE J 887 -15.03 36.65 -40.36
N LYS J 888 -16.30 36.82 -40.05
CA LYS J 888 -17.26 37.28 -41.06
C LYS J 888 -17.09 38.76 -41.35
N GLN J 889 -16.82 39.56 -40.32
CA GLN J 889 -16.74 41.01 -40.47
C GLN J 889 -15.34 41.48 -40.80
N ILE J 890 -14.36 40.58 -40.73
CA ILE J 890 -13.00 40.93 -41.13
C ILE J 890 -12.61 40.19 -42.40
N ASN J 891 -12.28 38.92 -42.28
CA ASN J 891 -11.64 38.17 -43.37
C ASN J 891 -12.35 38.27 -44.72
N GLU J 892 -13.68 38.24 -44.69
CA GLU J 892 -14.46 38.15 -45.93
C GLU J 892 -14.33 39.36 -46.84
N HIS J 893 -14.31 40.55 -46.25
CA HIS J 893 -14.49 41.78 -47.02
C HIS J 893 -13.37 42.09 -48.03
N SER J 894 -12.13 41.75 -47.69
CA SER J 894 -11.00 42.11 -48.56
C SER J 894 -9.76 41.25 -48.36
N GLN J 895 -8.83 41.33 -49.30
CA GLN J 895 -7.54 40.64 -49.17
C GLN J 895 -6.72 41.21 -48.02
N ASP J 896 -6.84 42.51 -47.76
CA ASP J 896 -6.19 43.12 -46.60
C ASP J 896 -6.55 42.34 -45.36
N ARG J 897 -7.85 42.08 -45.23
CA ARG J 897 -8.39 41.30 -44.13
C ARG J 897 -7.71 39.93 -44.11
N VAL J 898 -7.26 39.53 -42.93
CA VAL J 898 -6.39 38.37 -42.82
C VAL J 898 -7.19 37.13 -42.45
N GLU J 899 -6.53 35.98 -42.39
CA GLU J 899 -7.21 34.74 -42.06
C GLU J 899 -7.41 34.67 -40.55
N SER J 900 -8.41 33.89 -40.14
CA SER J 900 -8.92 33.90 -38.77
C SER J 900 -7.83 33.82 -37.70
N SER J 901 -6.92 32.88 -37.87
CA SER J 901 -5.83 32.70 -36.93
C SER J 901 -5.02 33.98 -36.81
N ASP J 902 -4.84 34.66 -37.94
CA ASP J 902 -3.98 35.83 -37.98
C ASP J 902 -4.71 37.03 -37.41
N ILE J 903 -6.03 37.07 -37.57
CA ILE J 903 -6.82 38.04 -36.83
C ILE J 903 -6.57 37.78 -35.37
N GLN J 904 -6.68 36.52 -34.98
CA GLN J 904 -6.46 36.14 -33.58
C GLN J 904 -5.07 36.56 -33.11
N GLU J 905 -4.06 36.45 -33.97
CA GLU J 905 -2.74 36.96 -33.60
C GLU J 905 -2.81 38.47 -33.39
N ALA J 906 -3.42 39.19 -34.32
CA ALA J 906 -3.61 40.63 -34.17
C ALA J 906 -4.39 40.96 -32.90
N LEU J 907 -5.33 40.09 -32.56
CA LEU J 907 -6.18 40.31 -31.39
C LEU J 907 -5.37 40.09 -30.14
N SER J 908 -4.50 39.09 -30.17
CA SER J 908 -3.60 38.84 -29.05
C SER J 908 -2.68 40.04 -28.84
N ARG J 909 -2.05 40.49 -29.93
CA ARG J 909 -1.16 41.63 -29.85
C ARG J 909 -1.92 42.89 -29.45
N LEU J 910 -3.20 42.98 -29.80
CA LEU J 910 -4.05 44.06 -29.28
C LEU J 910 -4.44 43.81 -27.82
N GLN J 911 -4.55 42.54 -27.42
CA GLN J 911 -4.90 42.21 -26.04
C GLN J 911 -3.75 42.60 -25.13
N GLN J 912 -2.53 42.45 -25.63
CA GLN J 912 -1.36 42.89 -24.89
C GLN J 912 -1.28 44.42 -24.83
N GLU J 913 -1.93 45.09 -25.77
CA GLU J 913 -1.99 46.56 -25.79
C GLU J 913 -3.06 47.10 -24.85
N ASP J 914 -3.93 46.21 -24.39
CA ASP J 914 -5.14 46.62 -23.67
C ASP J 914 -6.04 47.45 -24.57
N LYS J 915 -6.07 47.11 -25.86
CA LYS J 915 -7.03 47.70 -26.79
C LYS J 915 -8.28 46.82 -26.91
N VAL J 916 -8.22 45.62 -26.34
CA VAL J 916 -9.27 44.60 -26.50
C VAL J 916 -9.40 43.72 -25.26
N ILE J 917 -10.54 43.05 -25.13
CA ILE J 917 -10.77 42.08 -24.07
C ILE J 917 -11.21 40.75 -24.70
N VAL J 918 -10.67 39.63 -24.21
CA VAL J 918 -10.97 38.33 -24.80
C VAL J 918 -12.44 37.92 -24.59
N LEU J 919 -12.98 38.15 -23.40
CA LEU J 919 -14.37 37.76 -23.09
C LEU J 919 -14.60 36.27 -23.36
N GLY J 920 -13.57 35.45 -23.14
CA GLY J 920 -13.68 34.02 -23.35
C GLY J 920 -13.41 33.63 -24.79
N GLU J 921 -13.45 32.33 -25.08
CA GLU J 921 -13.19 31.82 -26.42
C GLU J 921 -14.41 31.96 -27.32
N GLY J 922 -15.59 32.13 -26.71
CA GLY J 922 -16.83 32.18 -27.44
C GLY J 922 -17.07 33.47 -28.20
N VAL J 923 -16.46 34.56 -27.74
CA VAL J 923 -16.74 35.90 -28.25
C VAL J 923 -15.51 36.81 -28.16
N ARG J 924 -15.64 38.05 -28.63
CA ARG J 924 -14.54 39.02 -28.58
C ARG J 924 -15.02 40.41 -28.14
N ARG J 925 -14.34 40.97 -27.14
CA ARG J 925 -14.75 42.23 -26.51
C ARG J 925 -13.73 43.37 -26.69
N SER J 926 -14.27 44.59 -26.77
CA SER J 926 -13.46 45.81 -26.81
C SER J 926 -13.04 46.25 -25.41
N VAL J 927 -11.87 46.89 -25.29
CA VAL J 927 -11.37 47.30 -23.98
C VAL J 927 -12.31 48.29 -23.31
N ARG J 928 -12.54 48.07 -22.02
CA ARG J 928 -13.39 48.94 -21.23
C ARG J 928 -12.62 50.17 -20.76
N LEU J 929 -13.32 51.28 -20.63
CA LEU J 929 -12.70 52.55 -20.29
C LEU J 929 -12.11 52.54 -18.89
N ASN K 24 6.29 -17.65 43.20
CA ASN K 24 6.54 -18.71 42.22
C ASN K 24 5.42 -19.74 42.22
N THR K 25 5.78 -20.99 42.57
CA THR K 25 4.82 -22.08 42.58
C THR K 25 3.78 -21.88 43.67
N GLU K 26 2.63 -22.53 43.50
CA GLU K 26 1.54 -22.50 44.47
C GLU K 26 0.76 -21.19 44.46
N ILE K 27 1.28 -20.19 43.75
CA ILE K 27 0.48 -19.00 43.44
C ILE K 27 -0.63 -19.45 42.50
N ILE K 28 -0.42 -20.61 41.89
CA ILE K 28 -1.39 -21.27 41.02
C ILE K 28 -2.75 -21.43 41.69
N LYS K 29 -2.76 -22.02 42.88
CA LYS K 29 -3.99 -22.32 43.60
C LYS K 29 -4.79 -21.07 43.94
N SER K 30 -4.08 -19.96 44.13
CA SER K 30 -4.73 -18.69 44.44
C SER K 30 -5.65 -18.26 43.30
N PHE K 31 -5.19 -18.44 42.07
CA PHE K 31 -6.05 -18.26 40.92
C PHE K 31 -7.10 -19.36 40.93
N LYS K 32 -6.64 -20.58 41.14
CA LYS K 32 -7.51 -21.75 41.31
C LYS K 32 -8.57 -21.46 42.37
N ASN K 33 -8.19 -20.76 43.43
CA ASN K 33 -9.14 -20.29 44.42
C ASN K 33 -10.15 -19.35 43.78
N PHE K 34 -9.67 -18.28 43.16
CA PHE K 34 -10.54 -17.38 42.41
C PHE K 34 -11.22 -18.13 41.27
N ILE K 35 -10.63 -19.26 40.87
CA ILE K 35 -11.23 -20.15 39.90
C ILE K 35 -12.40 -20.89 40.55
N LEU K 36 -12.34 -21.04 41.86
CA LEU K 36 -13.34 -21.80 42.62
C LEU K 36 -13.89 -20.97 43.79
N GLU K 37 -13.02 -20.61 44.71
CA GLU K 37 -13.38 -19.84 45.90
C GLU K 37 -14.20 -18.59 45.60
N PHE K 38 -13.92 -17.96 44.47
CA PHE K 38 -14.65 -16.76 44.08
C PHE K 38 -16.10 -17.02 43.70
N ARG K 39 -16.99 -16.35 44.41
CA ARG K 39 -18.35 -16.19 43.92
C ARG K 39 -18.79 -14.77 44.18
N LEU K 40 -19.04 -14.04 43.09
CA LEU K 40 -19.75 -12.77 43.18
C LEU K 40 -21.23 -13.13 43.18
N ASP K 41 -21.98 -12.61 44.13
CA ASP K 41 -23.37 -13.03 44.28
C ASP K 41 -24.22 -12.61 43.08
N SER K 42 -25.13 -13.50 42.69
CA SER K 42 -25.28 -14.78 43.37
C SER K 42 -24.43 -15.87 42.71
N GLN K 43 -23.91 -15.60 41.52
CA GLN K 43 -23.21 -16.62 40.75
C GLN K 43 -21.81 -16.20 40.29
N PHE K 44 -20.82 -17.02 40.61
CA PHE K 44 -19.46 -16.81 40.15
C PHE K 44 -19.34 -17.03 38.63
N ILE K 45 -18.28 -16.50 38.03
CA ILE K 45 -18.18 -16.45 36.57
C ILE K 45 -17.17 -17.43 35.93
N TYR K 46 -15.88 -17.16 36.08
CA TYR K 46 -14.84 -17.90 35.34
C TYR K 46 -14.92 -19.42 35.51
N ARG K 47 -15.30 -19.86 36.69
CA ARG K 47 -15.54 -21.28 36.93
C ARG K 47 -16.69 -21.76 36.04
N ASP K 48 -17.68 -20.89 35.85
CA ASP K 48 -18.77 -21.14 34.91
C ASP K 48 -18.25 -21.13 33.48
N GLN K 49 -17.50 -20.07 33.15
CA GLN K 49 -16.97 -19.87 31.81
C GLN K 49 -16.18 -21.09 31.33
N LEU K 50 -15.48 -21.74 32.25
CA LEU K 50 -14.63 -22.87 31.90
C LEU K 50 -15.44 -24.04 31.34
N ARG K 51 -16.39 -24.54 32.12
CA ARG K 51 -17.27 -25.61 31.65
C ARG K 51 -18.04 -25.12 30.44
N ASN K 52 -18.36 -23.83 30.45
CA ASN K 52 -19.02 -23.17 29.34
C ASN K 52 -18.18 -23.32 28.08
N ASN K 53 -16.86 -23.17 28.23
CA ASN K 53 -15.92 -23.38 27.14
C ASN K 53 -15.59 -24.85 26.92
N ILE K 54 -15.86 -25.68 27.93
CA ILE K 54 -15.47 -27.09 27.90
C ILE K 54 -16.11 -27.86 26.75
N LEU K 55 -17.44 -27.89 26.72
CA LEU K 55 -18.16 -28.57 25.65
C LEU K 55 -17.89 -27.87 24.33
N VAL K 56 -17.68 -26.56 24.40
CA VAL K 56 -17.25 -25.78 23.25
C VAL K 56 -15.95 -26.34 22.68
N LYS K 57 -15.11 -26.87 23.57
CA LYS K 57 -13.73 -27.20 23.22
C LYS K 57 -13.04 -25.89 22.88
N ASN K 58 -13.57 -24.80 23.43
CA ASN K 58 -13.05 -23.47 23.18
C ASN K 58 -11.59 -23.37 23.54
N TYR K 59 -11.18 -24.04 24.62
CA TYR K 59 -9.79 -23.98 25.06
C TYR K 59 -9.39 -22.54 25.34
N SER K 60 -10.30 -21.77 25.94
CA SER K 60 -10.09 -20.33 26.12
C SER K 60 -10.72 -19.80 27.40
N LEU K 61 -10.18 -18.69 27.90
CA LEU K 61 -10.83 -17.94 28.97
C LEU K 61 -10.60 -16.44 28.78
N THR K 62 -11.68 -15.67 28.87
CA THR K 62 -11.57 -14.22 28.82
C THR K 62 -11.69 -13.66 30.23
N VAL K 63 -10.59 -13.11 30.74
CA VAL K 63 -10.55 -12.60 32.10
C VAL K 63 -10.84 -11.09 32.15
N ASN K 64 -11.61 -10.69 33.16
CA ASN K 64 -11.78 -9.29 33.47
C ASN K 64 -10.74 -8.92 34.52
N MET K 65 -9.76 -8.12 34.14
CA MET K 65 -8.68 -7.74 35.04
C MET K 65 -9.17 -6.75 36.09
N GLU K 66 -9.94 -5.77 35.64
CA GLU K 66 -10.59 -4.83 36.53
C GLU K 66 -11.44 -5.60 37.54
N HIS K 67 -11.91 -6.77 37.12
CA HIS K 67 -12.62 -7.68 38.01
C HIS K 67 -11.64 -8.38 38.94
N LEU K 68 -10.47 -8.73 38.38
CA LEU K 68 -9.43 -9.45 39.12
C LEU K 68 -9.01 -8.73 40.40
N ILE K 69 -8.81 -7.42 40.32
CA ILE K 69 -8.42 -6.63 41.50
C ILE K 69 -9.46 -6.77 42.60
N GLY K 70 -10.73 -6.90 42.19
CA GLY K 70 -11.81 -7.10 43.12
C GLY K 70 -11.65 -8.35 43.96
N TYR K 71 -10.93 -9.34 43.43
CA TYR K 71 -10.67 -10.57 44.18
C TYR K 71 -9.50 -10.38 45.13
N ASN K 72 -8.30 -10.26 44.57
CA ASN K 72 -7.12 -9.94 45.35
C ASN K 72 -6.51 -8.64 44.86
N GLU K 73 -6.17 -7.77 45.80
CA GLU K 73 -5.53 -6.51 45.45
C GLU K 73 -4.04 -6.75 45.21
N ASP K 74 -3.49 -7.68 45.98
CA ASP K 74 -2.05 -7.98 45.92
C ASP K 74 -1.63 -8.58 44.57
N ILE K 75 -2.26 -9.70 44.19
CA ILE K 75 -1.81 -10.49 43.05
C ILE K 75 -1.95 -9.75 41.72
N TYR K 76 -2.87 -8.79 41.64
CA TYR K 76 -3.02 -7.97 40.45
C TYR K 76 -1.70 -7.29 40.08
N LYS K 77 -1.26 -6.40 40.95
CA LYS K 77 0.03 -5.75 40.74
C LYS K 77 1.14 -6.77 40.95
N LYS K 78 0.86 -7.77 41.78
CA LYS K 78 1.76 -8.91 41.93
C LYS K 78 1.87 -9.60 40.58
N LEU K 79 0.78 -9.57 39.82
CA LEU K 79 0.77 -9.99 38.43
C LEU K 79 1.35 -8.88 37.55
N SER K 80 0.98 -7.64 37.84
CA SER K 80 1.37 -6.50 37.04
C SER K 80 2.89 -6.27 37.02
N ASP K 81 3.58 -6.73 38.06
CA ASP K 81 5.03 -6.58 38.16
C ASP K 81 5.73 -7.22 36.96
N GLU K 82 5.50 -8.52 36.77
CA GLU K 82 6.05 -9.25 35.63
C GLU K 82 4.98 -10.17 35.05
N PRO K 83 3.93 -9.56 34.46
CA PRO K 83 2.74 -10.24 33.93
C PRO K 83 3.09 -11.34 32.93
N SER K 84 4.13 -11.12 32.13
CA SER K 84 4.56 -12.09 31.14
C SER K 84 4.94 -13.43 31.76
N ASP K 85 5.60 -13.38 32.92
CA ASP K 85 6.05 -14.59 33.59
C ASP K 85 4.91 -15.35 34.27
N ILE K 86 3.87 -14.63 34.66
CA ILE K 86 2.72 -15.25 35.32
C ILE K 86 1.62 -15.61 34.30
N ILE K 87 1.85 -15.27 33.04
CA ILE K 87 0.96 -15.70 31.96
C ILE K 87 0.82 -17.22 31.96
N PRO K 88 1.96 -17.93 31.95
CA PRO K 88 1.92 -19.40 31.97
C PRO K 88 1.34 -19.94 33.28
N LEU K 89 1.36 -19.12 34.33
CA LEU K 89 0.83 -19.50 35.64
C LEU K 89 -0.69 -19.67 35.61
N PHE K 90 -1.31 -19.33 34.50
CA PHE K 90 -2.76 -19.37 34.40
C PHE K 90 -3.28 -20.57 33.61
N GLU K 91 -3.11 -20.53 32.30
CA GLU K 91 -3.64 -21.57 31.41
C GLU K 91 -3.17 -22.97 31.81
N THR K 92 -1.98 -23.06 32.37
CA THR K 92 -1.49 -24.31 32.93
C THR K 92 -2.25 -24.63 34.22
N ALA K 93 -2.72 -23.57 34.88
CA ALA K 93 -3.57 -23.73 36.07
C ALA K 93 -5.04 -23.95 35.72
N ILE K 94 -5.53 -23.22 34.72
CA ILE K 94 -6.94 -23.34 34.31
C ILE K 94 -7.27 -24.77 33.87
N THR K 95 -6.31 -25.43 33.25
CA THR K 95 -6.49 -26.82 32.85
C THR K 95 -6.67 -27.71 34.08
N GLN K 96 -6.06 -27.32 35.19
CA GLN K 96 -6.01 -28.16 36.39
C GLN K 96 -7.39 -28.61 36.88
N VAL K 97 -8.27 -27.66 37.16
CA VAL K 97 -9.65 -28.01 37.53
C VAL K 97 -10.45 -28.32 36.27
N ALA K 98 -10.07 -27.73 35.15
CA ALA K 98 -10.69 -28.09 33.87
C ALA K 98 -10.48 -29.57 33.62
N LYS K 99 -9.27 -30.03 33.88
CA LYS K 99 -8.93 -31.44 33.87
C LYS K 99 -9.75 -32.19 34.92
N ARG K 100 -9.99 -31.54 36.06
CA ARG K 100 -10.91 -32.09 37.05
C ARG K 100 -12.28 -32.26 36.42
N ILE K 101 -12.71 -31.22 35.70
CA ILE K 101 -14.02 -31.22 35.04
C ILE K 101 -14.00 -32.08 33.78
N SER K 102 -12.82 -32.30 33.21
CA SER K 102 -12.69 -33.14 32.03
C SER K 102 -12.90 -34.61 32.38
N ILE K 103 -12.46 -35.00 33.57
CA ILE K 103 -12.62 -36.37 34.05
C ILE K 103 -14.08 -36.70 34.32
N ASN K 130 -7.72 -35.54 27.57
CA ASN K 130 -6.63 -36.38 27.11
C ASN K 130 -6.87 -36.85 25.67
N SER K 131 -6.16 -36.25 24.72
CA SER K 131 -5.20 -35.19 25.02
C SER K 131 -5.88 -33.84 25.23
N LEU K 132 -5.28 -33.02 26.09
CA LEU K 132 -5.86 -31.72 26.44
C LEU K 132 -4.88 -30.56 26.27
N PRO K 133 -4.91 -29.90 25.11
CA PRO K 133 -4.03 -28.74 24.87
C PRO K 133 -4.34 -27.62 25.85
N THR K 134 -3.33 -26.84 26.22
CA THR K 134 -3.51 -25.75 27.17
C THR K 134 -4.51 -24.73 26.61
N PHE K 135 -5.41 -24.24 27.48
CA PHE K 135 -6.40 -23.25 27.08
C PHE K 135 -5.71 -21.93 26.75
N GLN K 136 -6.41 -21.06 26.04
CA GLN K 136 -5.90 -19.70 25.81
C GLN K 136 -6.70 -18.66 26.59
N LEU K 137 -6.06 -18.09 27.61
CA LEU K 137 -6.67 -17.04 28.41
C LEU K 137 -6.61 -15.72 27.68
N ILE K 138 -7.67 -14.91 27.82
CA ILE K 138 -7.53 -13.51 27.48
C ILE K 138 -8.04 -12.66 28.64
N LEU K 139 -7.13 -12.00 29.33
CA LEU K 139 -7.51 -10.99 30.31
C LEU K 139 -7.74 -9.64 29.64
N ASN K 140 -8.62 -8.84 30.21
CA ASN K 140 -8.93 -7.54 29.61
C ASN K 140 -9.29 -6.44 30.61
N SER K 141 -9.02 -5.19 30.23
CA SER K 141 -9.42 -4.03 31.01
C SER K 141 -9.70 -2.80 30.16
N ASN K 142 -10.74 -2.06 30.52
CA ASN K 142 -11.11 -0.85 29.79
C ASN K 142 -10.66 0.48 30.42
N ALA K 143 -9.95 0.42 31.55
CA ALA K 143 -9.93 1.56 32.47
C ALA K 143 -9.14 2.78 31.99
N ASN K 144 -7.83 2.71 31.92
CA ASN K 144 -7.06 3.84 31.42
C ASN K 144 -6.49 3.56 30.03
N GLN K 145 -7.03 4.25 29.04
CA GLN K 145 -6.59 4.08 27.67
C GLN K 145 -5.41 5.00 27.39
N ILE K 146 -4.46 4.48 26.62
CA ILE K 146 -3.21 5.20 26.39
C ILE K 146 -3.03 5.53 24.91
N PRO K 147 -2.46 6.70 24.62
CA PRO K 147 -2.15 7.16 23.27
C PRO K 147 -1.03 6.34 22.64
N LEU K 148 -1.12 6.12 21.34
CA LEU K 148 -0.05 5.44 20.62
C LEU K 148 1.17 6.36 20.55
N ARG K 149 0.88 7.67 20.53
CA ARG K 149 1.90 8.71 20.47
C ARG K 149 2.95 8.58 21.55
N ASP K 150 2.57 8.00 22.70
CA ASP K 150 3.52 7.82 23.79
C ASP K 150 3.70 6.36 24.18
N LEU K 151 4.84 5.82 23.82
CA LEU K 151 5.25 4.52 24.34
C LEU K 151 6.63 4.69 24.91
N ASP K 152 6.71 4.52 26.22
CA ASP K 152 7.95 4.67 26.96
C ASP K 152 8.54 3.30 27.30
N SER K 153 9.86 3.19 27.17
CA SER K 153 10.58 1.96 27.47
C SER K 153 10.22 1.44 28.87
N GLU K 154 9.80 2.36 29.72
CA GLU K 154 9.25 2.02 31.03
C GLU K 154 8.12 1.00 30.92
N HIS K 155 7.37 1.10 29.83
CA HIS K 155 6.18 0.27 29.64
C HIS K 155 6.51 -1.17 29.24
N VAL K 156 7.79 -1.43 28.96
CA VAL K 156 8.24 -2.78 28.68
C VAL K 156 7.86 -3.71 29.82
N SER K 157 7.28 -4.86 29.48
CA SER K 157 6.76 -5.81 30.47
C SER K 157 5.63 -5.20 31.30
N LYS K 158 4.96 -4.21 30.73
CA LYS K 158 3.79 -3.60 31.36
C LYS K 158 2.57 -3.74 30.45
N ILE K 159 1.51 -4.35 30.99
CA ILE K 159 0.27 -4.54 30.24
C ILE K 159 -0.47 -3.21 30.04
N VAL K 160 -0.81 -2.90 28.79
CA VAL K 160 -1.51 -1.64 28.51
C VAL K 160 -2.68 -1.84 27.56
N ARG K 161 -3.86 -1.45 28.02
CA ARG K 161 -5.04 -1.38 27.18
C ARG K 161 -4.95 -0.16 26.27
N LEU K 162 -5.30 -0.32 25.00
CA LEU K 162 -5.23 0.79 24.06
C LEU K 162 -6.24 0.65 22.91
N SER K 163 -6.76 1.79 22.46
CA SER K 163 -7.52 1.84 21.22
C SER K 163 -6.51 1.80 20.07
N GLY K 164 -6.95 1.37 18.89
CA GLY K 164 -6.05 1.31 17.76
C GLY K 164 -6.77 1.18 16.43
N ILE K 165 -6.05 1.52 15.36
CA ILE K 165 -6.57 1.33 14.02
C ILE K 165 -5.53 0.56 13.22
N ILE K 166 -5.87 -0.68 12.87
CA ILE K 166 -4.91 -1.58 12.25
C ILE K 166 -4.68 -1.26 10.77
N ILE K 167 -3.42 -1.23 10.37
CA ILE K 167 -3.10 -1.15 8.95
C ILE K 167 -3.42 -2.49 8.29
N SER K 168 -2.86 -3.56 8.84
CA SER K 168 -3.03 -4.90 8.30
C SER K 168 -2.53 -5.97 9.26
N THR K 169 -2.61 -7.22 8.83
CA THR K 169 -2.14 -8.36 9.62
C THR K 169 -1.50 -9.39 8.72
N SER K 170 -0.47 -10.09 9.22
CA SER K 170 0.24 -11.09 8.44
C SER K 170 -0.55 -12.39 8.29
N VAL K 171 -0.25 -13.14 7.22
CA VAL K 171 -0.82 -14.46 7.06
C VAL K 171 -0.32 -15.38 8.17
N LEU K 172 -1.20 -16.23 8.67
CA LEU K 172 -0.91 -17.04 9.85
C LEU K 172 0.28 -17.99 9.68
N SER K 173 1.04 -18.17 10.76
CA SER K 173 2.20 -19.06 10.75
C SER K 173 2.32 -19.82 12.06
N SER K 174 2.87 -21.02 12.00
CA SER K 174 2.85 -21.95 13.13
C SER K 174 3.87 -21.67 14.22
N ARG K 175 3.51 -22.07 15.44
CA ARG K 175 4.41 -22.12 16.58
C ARG K 175 4.16 -23.44 17.28
N ALA K 176 5.22 -24.17 17.60
CA ALA K 176 5.03 -25.50 18.18
C ALA K 176 5.04 -25.44 19.71
N THR K 177 3.88 -25.65 20.31
CA THR K 177 3.73 -25.62 21.75
C THR K 177 4.43 -26.81 22.38
N TYR K 178 4.54 -27.88 21.60
CA TYR K 178 5.24 -29.08 22.03
C TYR K 178 6.04 -29.68 20.87
N LEU K 179 7.17 -30.29 21.21
CA LEU K 179 7.99 -30.97 20.20
C LEU K 179 8.76 -32.12 20.84
N SER K 180 9.05 -33.13 20.03
CA SER K 180 9.93 -34.21 20.45
C SER K 180 11.23 -34.10 19.68
N ILE K 181 12.34 -34.46 20.32
CA ILE K 181 13.65 -34.26 19.70
C ILE K 181 14.62 -35.37 20.09
N MET K 182 15.45 -35.81 19.14
CA MET K 182 16.37 -36.91 19.37
C MET K 182 17.78 -36.60 18.87
N CYS K 183 18.77 -37.14 19.59
CA CYS K 183 20.18 -37.05 19.20
C CYS K 183 20.37 -37.65 17.81
N ARG K 184 20.98 -36.89 16.90
CA ARG K 184 21.29 -37.42 15.57
C ARG K 184 22.38 -38.48 15.71
N ASN K 185 22.93 -38.59 16.91
CA ASN K 185 24.00 -39.52 17.21
C ASN K 185 23.61 -40.57 18.24
N CYS K 186 23.34 -40.13 19.48
CA CYS K 186 23.14 -41.02 20.62
C CYS K 186 21.88 -41.88 20.52
N ARG K 187 20.95 -41.49 19.65
CA ARG K 187 19.64 -42.14 19.57
C ARG K 187 18.89 -41.93 20.89
N HIS K 188 19.19 -40.81 21.55
CA HIS K 188 18.57 -40.44 22.83
C HIS K 188 17.24 -39.73 22.62
N THR K 189 16.22 -40.13 23.36
CA THR K 189 14.87 -39.60 23.16
C THR K 189 14.56 -38.45 24.12
N THR K 190 14.09 -37.33 23.57
CA THR K 190 13.74 -36.16 24.36
C THR K 190 12.50 -35.45 23.82
N SER K 191 11.95 -34.53 24.62
CA SER K 191 10.81 -33.72 24.21
C SER K 191 10.89 -32.33 24.85
N ILE K 192 10.48 -31.32 24.09
CA ILE K 192 10.45 -29.94 24.59
C ILE K 192 9.14 -29.27 24.23
N THR K 193 8.81 -28.20 24.94
CA THR K 193 7.62 -27.41 24.66
C THR K 193 7.95 -25.93 24.69
N ILE K 194 7.19 -25.13 23.96
CA ILE K 194 7.13 -23.72 24.27
C ILE K 194 5.82 -23.56 25.03
N ASN K 195 5.94 -23.38 26.33
CA ASN K 195 4.77 -23.30 27.18
C ASN K 195 4.19 -21.91 27.11
N ASN K 196 5.08 -20.93 27.03
CA ASN K 196 4.71 -19.55 26.77
C ASN K 196 5.91 -18.80 26.23
N PHE K 197 5.66 -17.66 25.59
CA PHE K 197 6.74 -16.85 25.02
C PHE K 197 6.31 -15.40 24.87
N ASN K 198 7.29 -14.51 24.77
CA ASN K 198 7.01 -13.08 24.59
C ASN K 198 6.91 -12.72 23.12
N THR K 201 10.75 -16.13 18.34
CA THR K 201 10.75 -14.67 18.37
C THR K 201 12.02 -14.13 19.02
N GLY K 202 12.50 -14.83 20.04
CA GLY K 202 13.70 -14.41 20.75
C GLY K 202 14.96 -14.50 19.92
N ASN K 203 15.30 -15.69 19.46
CA ASN K 203 14.62 -16.92 19.85
C ASN K 203 14.91 -17.26 21.31
N THR K 204 13.90 -17.76 22.01
CA THR K 204 14.01 -18.02 23.45
C THR K 204 14.74 -19.32 23.78
N VAL K 205 14.53 -20.35 22.97
CA VAL K 205 15.09 -21.66 23.24
C VAL K 205 15.79 -22.25 22.01
N SER K 206 16.71 -23.19 22.24
CA SER K 206 17.36 -23.90 21.15
C SER K 206 17.67 -25.34 21.55
N LEU K 207 18.26 -26.09 20.61
CA LEU K 207 18.61 -27.48 20.87
C LEU K 207 19.73 -27.58 21.90
N PRO K 208 19.46 -28.29 23.01
CA PRO K 208 20.52 -28.54 23.98
C PRO K 208 21.62 -29.41 23.38
N ARG K 209 22.87 -29.15 23.78
CA ARG K 209 24.00 -29.85 23.19
C ARG K 209 24.47 -31.05 24.01
N SER K 210 23.76 -31.36 25.10
CA SER K 210 24.16 -32.49 25.93
C SER K 210 23.30 -33.72 25.63
N CYS K 211 23.90 -34.72 25.00
CA CYS K 211 23.17 -35.90 24.52
C CYS K 211 22.89 -36.91 25.65
N ASN K 235 30.64 -35.57 23.24
CA ASN K 235 29.80 -36.48 22.47
C ASN K 235 28.57 -36.91 23.27
N CYS K 236 27.42 -36.90 22.61
CA CYS K 236 27.36 -36.45 21.21
C CYS K 236 27.03 -34.98 21.13
N GLY K 237 27.66 -34.28 20.17
CA GLY K 237 27.49 -32.85 20.05
C GLY K 237 28.22 -32.28 18.84
N PRO K 238 28.01 -30.99 18.55
CA PRO K 238 27.10 -30.10 19.30
C PRO K 238 25.61 -30.35 19.02
N ASP K 239 24.80 -30.16 20.05
CA ASP K 239 23.33 -30.21 20.02
C ASP K 239 22.74 -31.20 18.99
N PRO K 240 23.12 -32.47 19.11
CA PRO K 240 22.73 -33.56 18.22
C PRO K 240 21.23 -33.87 18.23
N TYR K 241 20.54 -33.41 19.28
CA TYR K 241 19.09 -33.50 19.32
C TYR K 241 18.48 -32.78 18.11
N ILE K 242 17.45 -33.35 17.51
CA ILE K 242 16.83 -32.74 16.34
C ILE K 242 15.30 -32.75 16.39
N ILE K 243 14.70 -31.83 15.66
CA ILE K 243 13.25 -31.66 15.58
C ILE K 243 12.50 -32.91 15.12
N ILE K 244 11.36 -33.18 15.75
CA ILE K 244 10.39 -34.12 15.21
C ILE K 244 9.05 -33.43 15.15
N HIS K 245 8.56 -33.17 13.94
CA HIS K 245 7.37 -32.35 13.74
C HIS K 245 6.08 -33.12 13.93
N GLU K 246 6.05 -34.35 13.43
CA GLU K 246 4.89 -35.23 13.54
C GLU K 246 4.40 -35.35 14.98
N SER K 247 5.30 -35.69 15.88
CA SER K 247 4.97 -35.80 17.30
C SER K 247 4.78 -34.43 17.92
N SER K 248 5.48 -33.44 17.38
CA SER K 248 5.36 -32.07 17.87
C SER K 248 3.96 -31.52 17.63
N LYS K 249 3.56 -30.57 18.49
CA LYS K 249 2.25 -29.95 18.38
C LYS K 249 2.39 -28.44 18.23
N PHE K 250 1.42 -27.81 17.56
CA PHE K 250 1.64 -26.45 17.08
C PHE K 250 0.52 -25.46 17.39
N ILE K 251 0.82 -24.18 17.19
CA ILE K 251 -0.12 -23.08 17.30
C ILE K 251 0.12 -22.07 16.17
N ASP K 252 -0.53 -20.92 16.26
CA ASP K 252 -0.49 -19.93 15.18
C ASP K 252 -0.17 -18.53 15.69
N GLN K 253 0.19 -17.62 14.78
CA GLN K 253 0.28 -16.19 15.09
C GLN K 253 -0.11 -15.31 13.89
N GLN K 254 -0.82 -14.23 14.19
CA GLN K 254 -1.29 -13.31 13.15
C GLN K 254 -0.24 -12.30 12.69
N PHE K 255 0.52 -11.76 13.65
CA PHE K 255 1.43 -10.64 13.39
C PHE K 255 0.69 -9.42 12.87
N LEU K 256 -0.13 -8.81 13.72
CA LEU K 256 -0.87 -7.61 13.34
C LEU K 256 0.05 -6.41 13.18
N LYS K 257 -0.31 -5.50 12.28
CA LYS K 257 0.33 -4.19 12.23
C LYS K 257 -0.75 -3.13 12.46
N LEU K 258 -0.67 -2.46 13.61
CA LEU K 258 -1.71 -1.51 14.02
C LEU K 258 -1.21 -0.08 13.95
N GLN K 259 -2.10 0.84 13.59
CA GLN K 259 -1.76 2.25 13.54
C GLN K 259 -2.63 3.08 14.48
N GLU K 260 -2.09 4.19 14.95
CA GLU K 260 -2.83 5.06 15.86
C GLU K 260 -4.02 5.71 15.17
N ILE K 261 -5.01 6.13 15.96
CA ILE K 261 -6.15 6.87 15.44
C ILE K 261 -5.66 8.14 14.75
N PRO K 262 -6.18 8.41 13.53
CA PRO K 262 -5.72 9.52 12.69
C PRO K 262 -6.00 10.89 13.31
N GLU K 263 -7.12 11.01 14.02
CA GLU K 263 -7.57 12.28 14.58
C GLU K 263 -6.49 12.97 15.44
N LEU K 264 -5.81 12.18 16.27
CA LEU K 264 -4.77 12.72 17.16
C LEU K 264 -3.75 11.65 17.49
N VAL K 265 -2.52 12.06 17.81
CA VAL K 265 -2.11 13.46 17.73
C VAL K 265 -0.89 13.57 16.82
N PRO K 266 -1.07 13.27 15.53
CA PRO K 266 0.05 13.20 14.58
C PRO K 266 0.78 14.53 14.41
N VAL K 267 0.11 15.61 14.80
CA VAL K 267 0.59 16.96 14.51
C VAL K 267 0.76 17.08 13.01
N GLY K 268 1.87 17.68 12.57
CA GLY K 268 2.18 17.73 11.15
C GLY K 268 2.85 16.43 10.72
N GLU K 269 3.29 15.66 11.70
CA GLU K 269 4.03 14.42 11.46
C GLU K 269 3.11 13.27 11.07
N MET K 270 3.65 12.32 10.30
CA MET K 270 2.89 11.16 9.88
C MET K 270 2.63 10.21 11.06
N PRO K 271 1.47 9.55 11.05
CA PRO K 271 1.07 8.64 12.13
C PRO K 271 2.01 7.45 12.26
N ARG K 272 2.45 7.15 13.48
CA ARG K 272 3.26 5.98 13.73
C ARG K 272 2.43 4.72 13.50
N ASN K 273 3.09 3.63 13.13
CA ASN K 273 2.42 2.35 12.94
C ASN K 273 3.11 1.29 13.77
N LEU K 274 2.36 0.29 14.24
CA LEU K 274 2.92 -0.70 15.14
C LEU K 274 2.45 -2.12 14.87
N THR K 275 3.38 -3.06 14.98
CA THR K 275 3.10 -4.47 14.77
C THR K 275 2.63 -5.13 16.06
N MET K 276 1.41 -5.63 16.06
CA MET K 276 0.83 -6.28 17.23
C MET K 276 0.80 -7.80 17.07
N THR K 277 1.11 -8.51 18.15
CA THR K 277 1.26 -9.96 18.09
C THR K 277 -0.02 -10.67 18.51
N CYS K 278 -0.65 -11.37 17.56
CA CYS K 278 -1.83 -12.18 17.82
C CYS K 278 -1.52 -13.66 17.67
N ASP K 279 -1.84 -14.43 18.70
CA ASP K 279 -1.48 -15.84 18.73
C ASP K 279 -2.71 -16.74 18.96
N ARG K 280 -2.77 -17.83 18.21
CA ARG K 280 -3.85 -18.80 18.36
C ARG K 280 -5.21 -18.15 18.14
N TYR K 281 -6.04 -18.16 19.18
CA TYR K 281 -7.37 -17.58 19.08
C TYR K 281 -7.36 -16.09 18.79
N LEU K 282 -6.29 -15.41 19.21
CA LEU K 282 -6.17 -13.97 18.95
C LEU K 282 -6.29 -13.69 17.45
N THR K 283 -5.76 -14.59 16.64
CA THR K 283 -5.73 -14.44 15.19
C THR K 283 -7.11 -14.50 14.54
N ASN K 284 -7.24 -13.87 13.38
CA ASN K 284 -8.47 -13.93 12.58
C ASN K 284 -9.64 -13.20 13.24
N LYS K 285 -9.42 -12.71 14.46
CA LYS K 285 -10.47 -12.07 15.24
C LYS K 285 -10.79 -10.65 14.80
N VAL K 286 -9.95 -10.08 13.93
CA VAL K 286 -10.13 -8.69 13.53
C VAL K 286 -9.90 -8.48 12.03
N ILE K 287 -10.83 -7.77 11.42
CA ILE K 287 -10.70 -7.34 10.02
C ILE K 287 -9.64 -6.26 9.93
N PRO K 288 -8.88 -6.24 8.82
CA PRO K 288 -7.85 -5.22 8.59
C PRO K 288 -8.45 -3.83 8.43
N GLY K 289 -7.80 -2.82 9.02
CA GLY K 289 -8.24 -1.45 8.87
C GLY K 289 -9.29 -0.99 9.87
N THR K 290 -9.77 -1.90 10.68
CA THR K 290 -10.87 -1.62 11.61
C THR K 290 -10.43 -0.84 12.84
N ARG K 291 -11.30 0.03 13.33
CA ARG K 291 -11.07 0.70 14.60
C ARG K 291 -11.20 -0.32 15.73
N VAL K 292 -10.19 -0.40 16.59
CA VAL K 292 -10.14 -1.45 17.59
C VAL K 292 -9.51 -1.02 18.91
N THR K 293 -9.98 -1.61 20.00
CA THR K 293 -9.37 -1.42 21.32
C THR K 293 -8.61 -2.68 21.69
N ILE K 294 -7.37 -2.53 22.14
CA ILE K 294 -6.51 -3.68 22.42
C ILE K 294 -5.64 -3.49 23.68
N VAL K 295 -5.27 -4.62 24.28
CA VAL K 295 -4.37 -4.61 25.44
C VAL K 295 -3.21 -5.57 25.19
N GLY K 296 -2.14 -5.42 25.96
CA GLY K 296 -0.98 -6.28 25.83
C GLY K 296 0.25 -5.70 26.49
N ILE K 297 1.42 -6.27 26.19
CA ILE K 297 2.65 -5.84 26.84
C ILE K 297 3.67 -5.20 25.89
N TYR K 298 4.19 -4.06 26.34
CA TYR K 298 5.26 -3.34 25.66
C TYR K 298 6.58 -4.10 25.82
N SER K 299 7.34 -4.22 24.74
CA SER K 299 8.62 -4.93 24.80
C SER K 299 9.43 -4.71 23.53
N ILE K 300 10.64 -5.28 23.47
CA ILE K 300 11.52 -5.03 22.33
C ILE K 300 12.30 -6.27 21.89
N TYR K 301 12.30 -6.52 20.58
CA TYR K 301 12.99 -7.67 20.02
C TYR K 301 14.19 -7.23 19.17
N ASN K 302 15.36 -7.76 19.50
CA ASN K 302 16.58 -7.43 18.77
C ASN K 302 16.46 -7.72 17.28
N SER K 303 16.00 -8.93 16.95
CA SER K 303 15.85 -9.33 15.57
C SER K 303 17.11 -9.07 14.76
N LYS K 304 16.95 -8.90 13.46
CA LYS K 304 18.08 -8.64 12.57
C LYS K 304 17.64 -8.52 11.12
N ASN K 305 16.74 -9.41 10.71
CA ASN K 305 16.21 -9.40 9.35
C ASN K 305 17.21 -10.01 8.35
N SER K 319 19.71 -0.15 13.10
CA SER K 319 19.58 -0.24 14.54
C SER K 319 20.95 -0.27 15.22
N GLY K 320 20.96 -0.15 16.53
CA GLY K 320 22.19 -0.18 17.29
C GLY K 320 22.62 1.17 17.84
N VAL K 321 23.71 1.17 18.61
CA VAL K 321 24.48 -0.05 18.85
C VAL K 321 23.73 -1.03 19.74
N ALA K 322 23.52 -2.24 19.22
CA ALA K 322 22.80 -3.29 19.93
C ALA K 322 21.36 -2.90 20.27
N ILE K 323 20.79 -1.99 19.48
CA ILE K 323 19.42 -1.54 19.70
C ILE K 323 18.42 -2.54 19.12
N ARG K 324 17.30 -2.73 19.81
CA ARG K 324 16.27 -3.67 19.37
C ARG K 324 15.04 -2.92 18.89
N THR K 325 14.33 -3.49 17.93
CA THR K 325 13.12 -2.88 17.39
C THR K 325 11.92 -3.13 18.30
N PRO K 326 10.99 -2.16 18.36
CA PRO K 326 9.81 -2.24 19.23
C PRO K 326 8.75 -3.23 18.75
N TYR K 327 8.14 -3.94 19.70
CA TYR K 327 7.02 -4.84 19.42
C TYR K 327 6.13 -4.93 20.65
N ILE K 328 4.88 -5.33 20.48
CA ILE K 328 3.97 -5.40 21.62
C ILE K 328 3.04 -6.61 21.55
N LYS K 329 2.92 -7.30 22.67
CA LYS K 329 2.02 -8.44 22.79
C LYS K 329 0.58 -7.93 22.77
N ILE K 330 -0.33 -8.73 22.22
CA ILE K 330 -1.74 -8.37 22.30
C ILE K 330 -2.43 -9.27 23.33
N LEU K 331 -2.66 -8.76 24.53
CA LEU K 331 -3.56 -9.43 25.45
C LEU K 331 -4.20 -8.50 26.48
N GLY K 332 -5.50 -8.67 26.63
CA GLY K 332 -6.24 -9.36 25.61
C GLY K 332 -6.61 -8.24 24.66
N ILE K 333 -7.33 -8.56 23.59
CA ILE K 333 -7.93 -7.50 22.80
C ILE K 333 -9.44 -7.61 22.96
N GLN K 334 -10.02 -6.66 23.68
CA GLN K 334 -11.45 -6.51 23.67
C GLN K 334 -11.76 -5.31 22.80
N SER K 335 -12.27 -5.60 21.61
CA SER K 335 -12.42 -4.57 20.60
C SER K 335 -13.88 -4.14 20.55
N ASP K 336 -14.08 -2.84 20.36
CA ASP K 336 -15.42 -2.31 20.23
C ASP K 336 -16.13 -3.05 19.11
N VAL K 337 -17.30 -3.61 19.43
CA VAL K 337 -18.08 -4.38 18.48
C VAL K 337 -18.53 -3.52 17.32
N GLU K 338 -18.59 -4.11 16.13
CA GLU K 338 -18.26 -5.52 15.96
C GLU K 338 -16.77 -5.88 16.03
N THR K 339 -15.87 -5.02 15.55
CA THR K 339 -16.18 -3.71 14.98
C THR K 339 -16.81 -3.82 13.60
N VAL K 346 -17.35 -9.72 11.72
CA VAL K 346 -18.05 -10.33 12.84
C VAL K 346 -19.53 -10.45 12.55
N THR K 347 -19.93 -11.59 12.01
CA THR K 347 -21.31 -11.81 11.56
C THR K 347 -22.29 -12.13 12.68
N MET K 348 -21.80 -12.76 13.75
CA MET K 348 -22.65 -13.13 14.88
C MET K 348 -22.91 -12.00 15.89
N PHE K 349 -24.03 -12.12 16.59
CA PHE K 349 -24.45 -11.14 17.60
C PHE K 349 -25.43 -11.74 18.61
N THR K 350 -25.63 -11.05 19.73
CA THR K 350 -26.55 -11.51 20.77
C THR K 350 -27.99 -11.57 20.28
N GLU K 351 -28.79 -12.44 20.91
CA GLU K 351 -30.14 -12.74 20.45
C GLU K 351 -31.16 -11.64 20.73
N GLU K 352 -31.06 -11.00 21.90
CA GLU K 352 -32.03 -9.98 22.30
C GLU K 352 -31.96 -8.77 21.37
N GLU K 353 -30.83 -8.61 20.69
CA GLU K 353 -30.66 -7.55 19.71
C GLU K 353 -31.68 -7.67 18.59
N GLU K 354 -31.95 -8.91 18.17
CA GLU K 354 -32.94 -9.15 17.14
C GLU K 354 -34.31 -8.62 17.57
N GLU K 355 -34.65 -8.82 18.83
CA GLU K 355 -35.95 -8.42 19.36
C GLU K 355 -36.13 -6.89 19.37
N GLU K 356 -35.15 -6.19 19.95
CA GLU K 356 -35.19 -4.73 20.00
C GLU K 356 -35.30 -4.15 18.59
N PHE K 357 -34.71 -4.85 17.62
CA PHE K 357 -34.84 -4.48 16.23
C PHE K 357 -36.24 -4.80 15.73
N LEU K 358 -36.77 -5.93 16.17
CA LEU K 358 -38.15 -6.30 15.87
C LEU K 358 -39.09 -5.20 16.35
N GLN K 359 -38.74 -4.59 17.48
CA GLN K 359 -39.46 -3.42 17.98
C GLN K 359 -39.37 -2.29 16.96
N LEU K 360 -38.23 -2.22 16.29
CA LEU K 360 -38.01 -1.22 15.25
C LEU K 360 -38.69 -1.64 13.95
N SER K 361 -38.67 -2.94 13.67
CA SER K 361 -39.28 -3.47 12.45
C SER K 361 -40.80 -3.30 12.47
N ARG K 362 -41.36 -3.23 13.68
CA ARG K 362 -42.80 -3.06 13.85
C ARG K 362 -43.23 -1.62 13.60
N ASN K 363 -42.33 -0.68 13.85
CA ASN K 363 -42.64 0.73 13.74
C ASN K 363 -43.08 1.12 12.33
N PRO K 364 -44.21 1.84 12.24
CA PRO K 364 -44.70 2.31 10.94
C PRO K 364 -43.76 3.36 10.38
N LYS K 365 -43.07 4.05 11.28
CA LYS K 365 -42.13 5.11 10.93
C LYS K 365 -40.70 4.58 10.86
N LEU K 366 -40.54 3.27 10.96
CA LEU K 366 -39.22 2.63 10.99
C LEU K 366 -38.30 3.16 9.89
N TYR K 367 -38.85 3.38 8.69
CA TYR K 367 -38.08 3.99 7.62
C TYR K 367 -37.96 5.50 7.80
N GLU K 368 -39.08 6.14 8.11
CA GLU K 368 -39.15 7.60 8.15
C GLU K 368 -38.30 8.23 9.25
N ILE K 369 -38.06 7.48 10.33
CA ILE K 369 -37.22 7.99 11.40
C ILE K 369 -35.76 8.02 10.94
N LEU K 370 -35.38 7.03 10.14
CA LEU K 370 -34.04 7.00 9.56
C LEU K 370 -33.83 8.18 8.62
N THR K 371 -34.94 8.73 8.12
CA THR K 371 -34.89 9.89 7.25
C THR K 371 -34.33 11.09 8.01
N ASN K 372 -34.65 11.17 9.30
CA ASN K 372 -34.10 12.21 10.16
C ASN K 372 -32.70 11.87 10.70
N SER K 373 -32.49 10.60 11.03
CA SER K 373 -31.27 10.15 11.72
C SER K 373 -29.99 10.47 10.94
N ILE K 374 -30.04 10.38 9.62
CA ILE K 374 -28.87 10.60 8.79
C ILE K 374 -28.37 12.04 8.84
N ALA K 375 -29.26 12.98 9.17
CA ALA K 375 -28.90 14.39 9.10
C ALA K 375 -29.35 15.15 10.33
N PRO K 376 -28.75 14.86 11.49
CA PRO K 376 -29.03 15.62 12.70
C PRO K 376 -28.64 17.09 12.55
N SER K 377 -27.45 17.35 12.03
CA SER K 377 -27.01 18.71 11.77
C SER K 377 -27.56 19.25 10.44
N ILE K 378 -27.91 18.35 9.53
CA ILE K 378 -28.28 18.74 8.18
C ILE K 378 -29.74 19.21 8.07
N PHE K 379 -29.98 20.13 7.14
CA PHE K 379 -31.33 20.69 6.95
C PHE K 379 -31.82 20.62 5.51
N GLY K 380 -32.85 19.80 5.28
CA GLY K 380 -33.44 19.68 3.96
C GLY K 380 -32.75 18.66 3.08
N ASN K 381 -33.12 18.64 1.81
CA ASN K 381 -32.59 17.67 0.85
C ASN K 381 -32.90 16.25 1.30
N GLU K 382 -34.08 16.07 1.88
CA GLU K 382 -34.50 14.76 2.41
C GLU K 382 -34.60 13.72 1.30
N ASP K 383 -34.96 14.16 0.09
CA ASP K 383 -35.02 13.25 -1.05
C ASP K 383 -33.66 12.61 -1.31
N ILE K 384 -32.64 13.44 -1.49
CA ILE K 384 -31.27 12.96 -1.55
C ILE K 384 -30.93 12.28 -0.24
N LYS K 385 -31.41 12.87 0.85
CA LYS K 385 -31.27 12.30 2.18
C LYS K 385 -31.89 10.90 2.24
N LYS K 386 -33.07 10.76 1.64
CA LYS K 386 -33.74 9.47 1.56
C LYS K 386 -32.99 8.53 0.62
N ALA K 387 -32.52 9.09 -0.49
CA ALA K 387 -31.79 8.31 -1.49
C ALA K 387 -30.54 7.67 -0.92
N ILE K 388 -30.06 8.21 0.20
CA ILE K 388 -28.92 7.63 0.91
C ILE K 388 -29.23 6.21 1.40
N VAL K 389 -30.27 6.08 2.21
CA VAL K 389 -30.59 4.84 2.92
C VAL K 389 -30.77 3.62 2.02
N CYS K 390 -31.45 3.83 0.89
CA CYS K 390 -31.75 2.74 -0.04
C CYS K 390 -30.46 2.03 -0.47
N LEU K 391 -29.38 2.79 -0.60
CA LEU K 391 -28.08 2.23 -0.96
C LEU K 391 -27.39 1.61 0.26
N LEU K 392 -27.78 2.05 1.45
CA LEU K 392 -27.13 1.65 2.69
C LEU K 392 -27.36 0.18 3.06
N MET K 393 -28.45 -0.40 2.57
CA MET K 393 -28.84 -1.75 2.97
C MET K 393 -28.21 -2.84 2.11
N GLY K 394 -27.49 -2.43 1.08
CA GLY K 394 -26.86 -3.38 0.16
C GLY K 394 -27.74 -3.64 -1.05
N GLY K 395 -27.11 -3.88 -2.20
CA GLY K 395 -27.84 -4.07 -3.45
C GLY K 395 -28.33 -5.48 -3.68
N SER K 396 -29.11 -5.65 -4.74
CA SER K 396 -29.63 -6.95 -5.13
C SER K 396 -28.51 -7.91 -5.55
N LYS K 397 -28.46 -9.07 -4.90
CA LYS K 397 -27.56 -10.11 -5.36
C LYS K 397 -28.39 -11.29 -5.86
N LYS K 398 -28.40 -11.48 -7.17
CA LYS K 398 -29.09 -12.61 -7.79
C LYS K 398 -28.12 -13.55 -8.51
N ILE K 399 -27.81 -14.69 -7.89
CA ILE K 399 -26.77 -15.56 -8.44
C ILE K 399 -27.30 -16.76 -9.24
N LEU K 400 -28.63 -16.91 -9.31
CA LEU K 400 -29.21 -18.10 -9.95
C LEU K 400 -28.79 -18.23 -11.42
N PRO K 401 -28.59 -19.48 -11.87
CA PRO K 401 -27.96 -19.81 -13.16
C PRO K 401 -28.63 -19.14 -14.36
N ASP K 402 -27.82 -18.70 -15.32
CA ASP K 402 -26.38 -18.91 -15.30
C ASP K 402 -25.67 -17.91 -14.40
N GLY K 403 -24.35 -17.87 -14.50
CA GLY K 403 -23.53 -17.12 -13.57
C GLY K 403 -23.82 -15.62 -13.57
N MET K 404 -24.66 -15.18 -14.48
CA MET K 404 -25.12 -13.78 -14.48
C MET K 404 -25.72 -13.41 -13.14
N ARG K 405 -25.29 -12.27 -12.59
CA ARG K 405 -25.72 -11.87 -11.26
C ARG K 405 -25.99 -10.36 -11.15
N LEU K 406 -27.08 -10.02 -10.47
CA LEU K 406 -27.41 -8.62 -10.22
C LEU K 406 -26.40 -8.01 -9.25
N ARG K 407 -26.07 -6.74 -9.46
CA ARG K 407 -24.97 -6.11 -8.75
C ARG K 407 -25.43 -5.21 -7.62
N GLY K 408 -24.46 -4.58 -6.94
CA GLY K 408 -24.74 -3.63 -5.89
C GLY K 408 -23.51 -2.92 -5.37
N ASP K 409 -23.73 -1.74 -4.80
CA ASP K 409 -25.07 -1.16 -4.84
C ASP K 409 -25.09 0.13 -5.66
N ILE K 410 -25.68 0.00 -6.85
CA ILE K 410 -26.00 1.09 -7.77
C ILE K 410 -24.89 2.11 -8.01
N ASN K 411 -25.30 3.37 -8.20
CA ASN K 411 -24.41 4.52 -8.30
C ASN K 411 -25.20 5.78 -7.94
N VAL K 412 -24.52 6.78 -7.36
CA VAL K 412 -25.20 8.03 -7.03
C VAL K 412 -24.29 9.25 -7.21
N LEU K 413 -24.85 10.36 -7.69
CA LEU K 413 -24.05 11.58 -7.88
C LEU K 413 -24.56 12.76 -7.06
N LEU K 414 -23.63 13.41 -6.37
CA LEU K 414 -23.94 14.53 -5.48
C LEU K 414 -23.76 15.90 -6.14
N LEU K 415 -23.50 15.90 -7.45
CA LEU K 415 -23.08 17.09 -8.17
C LEU K 415 -23.99 18.29 -7.90
N GLY K 416 -23.36 19.42 -7.55
CA GLY K 416 -24.06 20.66 -7.28
C GLY K 416 -23.06 21.69 -6.79
N ASP K 417 -23.47 22.96 -6.78
CA ASP K 417 -22.62 24.04 -6.30
C ASP K 417 -22.15 23.79 -4.87
N PRO K 418 -20.92 24.21 -4.56
CA PRO K 418 -20.42 24.13 -3.19
C PRO K 418 -21.37 24.84 -2.24
N GLY K 419 -21.47 24.33 -1.01
CA GLY K 419 -22.54 24.73 -0.12
C GLY K 419 -23.62 23.67 -0.23
N THR K 420 -23.27 22.60 -0.95
CA THR K 420 -24.12 21.43 -1.07
C THR K 420 -24.00 20.60 0.20
N ALA K 421 -22.87 20.75 0.86
CA ALA K 421 -22.56 19.99 2.06
C ALA K 421 -22.57 18.48 1.78
N LYS K 422 -22.33 18.12 0.52
CA LYS K 422 -22.33 16.72 0.11
C LYS K 422 -21.07 16.00 0.59
N SER K 423 -19.93 16.68 0.52
CA SER K 423 -18.68 16.15 1.07
C SER K 423 -18.80 15.99 2.58
N GLN K 424 -19.43 16.97 3.21
CA GLN K 424 -19.77 16.87 4.62
C GLN K 424 -20.74 15.73 4.84
N LEU K 425 -21.61 15.51 3.86
CA LEU K 425 -22.59 14.44 3.89
C LEU K 425 -21.91 13.08 3.94
N LEU K 426 -21.02 12.83 2.98
CA LEU K 426 -20.32 11.55 2.88
C LEU K 426 -19.46 11.28 4.12
N LYS K 427 -19.00 12.35 4.78
CA LYS K 427 -18.25 12.20 6.02
C LYS K 427 -19.15 11.59 7.08
N PHE K 428 -20.44 11.94 7.04
CA PHE K 428 -21.43 11.25 7.84
C PHE K 428 -21.63 9.84 7.30
N VAL K 429 -21.59 9.71 5.97
CA VAL K 429 -21.78 8.43 5.30
C VAL K 429 -20.77 7.38 5.76
N GLU K 430 -19.50 7.78 5.83
CA GLU K 430 -18.44 6.87 6.27
C GLU K 430 -18.67 6.43 7.70
N LYS K 431 -19.03 7.39 8.56
CA LYS K 431 -19.32 7.10 9.96
C LYS K 431 -20.48 6.12 10.10
N VAL K 432 -21.43 6.20 9.17
CA VAL K 432 -22.63 5.37 9.20
C VAL K 432 -22.38 3.96 8.68
N SER K 433 -21.48 3.84 7.72
CA SER K 433 -21.13 2.53 7.17
C SER K 433 -20.21 1.80 8.12
N PRO K 434 -20.49 0.51 8.36
CA PRO K 434 -19.61 -0.31 9.20
C PRO K 434 -18.26 -0.46 8.52
N ILE K 435 -18.31 -0.59 7.20
CA ILE K 435 -17.12 -0.60 6.37
C ILE K 435 -17.33 0.34 5.18
N ALA K 436 -16.52 1.38 5.12
CA ALA K 436 -16.61 2.33 4.01
C ALA K 436 -15.29 3.08 3.85
N VAL K 437 -15.08 3.63 2.66
CA VAL K 437 -13.88 4.40 2.40
C VAL K 437 -14.24 5.78 1.87
N TYR K 438 -13.78 6.82 2.55
CA TYR K 438 -13.98 8.19 2.11
C TYR K 438 -12.88 8.60 1.15
N THR K 439 -13.23 8.90 -0.11
CA THR K 439 -12.23 9.24 -1.12
C THR K 439 -12.55 10.53 -1.89
N SER K 440 -11.73 11.57 -1.68
CA SER K 440 -11.94 12.85 -2.36
C SER K 440 -11.06 13.06 -3.60
N GLY K 441 -10.28 12.05 -3.97
CA GLY K 441 -9.15 12.23 -4.88
C GLY K 441 -9.46 12.47 -6.35
N LYS K 442 -8.49 12.26 -7.24
CA LYS K 442 -7.21 11.62 -6.93
C LYS K 442 -7.50 10.24 -6.33
N GLY K 443 -7.15 10.06 -5.07
CA GLY K 443 -7.49 8.86 -4.32
C GLY K 443 -7.60 9.33 -2.88
N SER K 444 -7.84 8.42 -1.94
CA SER K 444 -7.84 8.80 -0.53
C SER K 444 -7.33 7.70 0.40
N SER K 445 -6.45 8.09 1.32
CA SER K 445 -5.73 9.34 1.18
C SER K 445 -4.52 9.15 0.29
N ALA K 446 -3.75 8.10 0.56
CA ALA K 446 -2.67 7.73 -0.33
C ALA K 446 -3.12 6.59 -1.22
N ALA K 447 -4.33 6.10 -0.97
CA ALA K 447 -4.81 4.87 -1.60
C ALA K 447 -4.96 4.98 -3.11
N GLY K 448 -4.49 3.95 -3.80
CA GLY K 448 -4.69 3.88 -5.23
C GLY K 448 -6.17 3.75 -5.51
N LEU K 449 -6.69 4.69 -6.27
CA LEU K 449 -8.07 4.64 -6.69
C LEU K 449 -8.24 3.36 -7.49
N THR K 450 -7.17 2.96 -8.16
CA THR K 450 -7.05 1.62 -8.72
C THR K 450 -6.36 0.71 -7.74
N ALA K 451 -6.97 -0.43 -7.42
CA ALA K 451 -6.25 -1.48 -6.74
C ALA K 451 -5.12 -1.90 -7.66
N SER K 452 -3.89 -1.86 -7.15
CA SER K 452 -2.72 -2.00 -8.01
C SER K 452 -1.72 -3.02 -7.50
N VAL K 453 -0.77 -3.37 -8.38
CA VAL K 453 0.23 -4.38 -8.08
C VAL K 453 1.51 -3.79 -7.52
N GLN K 454 2.12 -4.49 -6.57
CA GLN K 454 3.40 -4.09 -5.98
C GLN K 454 4.25 -5.32 -5.65
N ARG K 455 5.56 -5.23 -5.88
CA ARG K 455 6.46 -6.35 -5.65
C ARG K 455 6.84 -6.52 -4.18
N ASP K 456 7.17 -7.75 -3.81
CA ASP K 456 7.72 -8.03 -2.48
C ASP K 456 9.17 -7.58 -2.45
N PRO K 457 9.57 -6.79 -1.45
CA PRO K 457 10.96 -6.30 -1.40
C PRO K 457 11.98 -7.43 -1.34
N MET K 458 11.70 -8.43 -0.51
CA MET K 458 12.61 -9.55 -0.33
C MET K 458 12.14 -10.75 -1.11
N THR K 459 13.08 -11.51 -1.66
CA THR K 459 12.74 -12.68 -2.45
C THR K 459 11.95 -12.29 -3.70
N ARG K 460 12.08 -11.04 -4.13
CA ARG K 460 11.41 -10.59 -5.34
C ARG K 460 9.92 -10.86 -5.28
N GLU K 461 9.48 -11.78 -6.13
CA GLU K 461 8.10 -12.24 -6.22
C GLU K 461 7.15 -11.08 -6.53
N PHE K 462 5.88 -11.19 -6.15
CA PHE K 462 4.84 -10.21 -6.48
C PHE K 462 3.62 -10.40 -5.56
N TYR K 463 2.80 -9.37 -5.42
CA TYR K 463 1.52 -9.49 -4.70
C TYR K 463 0.59 -8.33 -5.03
N LEU K 464 -0.70 -8.49 -4.73
CA LEU K 464 -1.63 -7.37 -4.84
C LEU K 464 -1.35 -6.38 -3.71
N GLU K 465 -1.08 -5.13 -4.09
CA GLU K 465 -0.74 -4.09 -3.12
C GLU K 465 -1.99 -3.60 -2.41
N GLY K 466 -3.15 -3.92 -2.98
CA GLY K 466 -4.42 -3.51 -2.43
C GLY K 466 -5.01 -2.34 -3.19
N GLY K 467 -6.31 -2.14 -3.02
CA GLY K 467 -6.98 -0.99 -3.59
C GLY K 467 -8.24 -0.65 -2.81
N ALA K 468 -8.66 0.61 -2.88
CA ALA K 468 -9.80 1.10 -2.12
C ALA K 468 -11.05 0.24 -2.34
N MET K 469 -11.25 -0.18 -3.58
CA MET K 469 -12.34 -1.08 -3.93
C MET K 469 -12.22 -2.38 -3.12
N VAL K 470 -11.00 -2.87 -2.99
CA VAL K 470 -10.73 -4.06 -2.20
C VAL K 470 -10.82 -3.77 -0.70
N LEU K 471 -10.31 -2.61 -0.29
CA LEU K 471 -10.33 -2.22 1.11
C LEU K 471 -11.76 -2.24 1.67
N ALA K 472 -12.68 -1.63 0.93
CA ALA K 472 -14.06 -1.50 1.38
C ALA K 472 -15.00 -2.58 0.83
N ASP K 473 -14.46 -3.58 0.12
CA ASP K 473 -15.26 -4.47 -0.73
C ASP K 473 -16.48 -5.05 -0.03
N GLY K 474 -17.61 -4.97 -0.72
CA GLY K 474 -18.89 -5.38 -0.16
C GLY K 474 -19.47 -4.30 0.74
N GLY K 475 -19.21 -3.04 0.39
CA GLY K 475 -19.62 -1.92 1.24
C GLY K 475 -19.57 -0.54 0.60
N VAL K 476 -19.67 0.49 1.45
CA VAL K 476 -19.83 1.86 1.00
C VAL K 476 -18.59 2.46 0.34
N VAL K 477 -18.83 3.32 -0.65
CA VAL K 477 -17.76 4.04 -1.34
C VAL K 477 -18.09 5.52 -1.44
N CYS K 478 -17.24 6.36 -0.87
CA CYS K 478 -17.42 7.80 -0.93
C CYS K 478 -16.39 8.43 -1.86
N ILE K 479 -16.86 9.28 -2.76
CA ILE K 479 -15.97 9.86 -3.76
C ILE K 479 -16.17 11.35 -3.97
N ASP K 480 -15.08 12.09 -3.90
CA ASP K 480 -15.07 13.52 -4.18
C ASP K 480 -14.12 13.83 -5.33
N GLU K 481 -14.28 14.99 -5.94
CA GLU K 481 -13.45 15.39 -7.06
C GLU K 481 -13.56 14.41 -8.21
N PHE K 482 -14.68 13.68 -8.28
CA PHE K 482 -14.83 12.63 -9.27
C PHE K 482 -14.64 13.19 -10.69
N ASP K 483 -14.91 14.48 -10.84
CA ASP K 483 -14.64 15.18 -12.09
C ASP K 483 -13.16 15.51 -12.19
N LYS K 484 -12.52 15.66 -11.03
CA LYS K 484 -11.09 15.93 -10.95
C LYS K 484 -10.27 14.66 -11.05
N MET K 485 -10.97 13.52 -11.14
CA MET K 485 -10.29 12.23 -11.25
C MET K 485 -9.56 12.11 -12.58
N ARG K 486 -8.31 11.64 -12.53
CA ARG K 486 -7.60 11.29 -13.75
C ARG K 486 -8.43 10.26 -14.49
N ASP K 487 -8.63 10.46 -15.78
CA ASP K 487 -9.58 9.65 -16.55
C ASP K 487 -9.13 8.20 -16.77
N GLU K 488 -7.82 7.95 -16.70
CA GLU K 488 -7.29 6.63 -17.01
C GLU K 488 -7.69 5.57 -15.97
N ASP K 489 -7.47 5.86 -14.69
CA ASP K 489 -7.93 4.95 -13.65
C ASP K 489 -9.41 5.22 -13.38
N ARG K 490 -9.86 6.38 -13.84
CA ARG K 490 -11.29 6.71 -13.91
C ARG K 490 -11.98 5.67 -14.77
N VAL K 491 -11.26 5.19 -15.77
CA VAL K 491 -11.71 4.11 -16.64
C VAL K 491 -12.02 2.86 -15.82
N ALA K 492 -11.10 2.49 -14.95
CA ALA K 492 -11.25 1.34 -14.08
C ALA K 492 -12.53 1.44 -13.26
N ILE K 493 -12.93 2.67 -12.93
CA ILE K 493 -14.17 2.92 -12.22
C ILE K 493 -15.36 2.45 -13.05
N HIS K 494 -15.30 2.71 -14.35
CA HIS K 494 -16.35 2.29 -15.28
C HIS K 494 -16.57 0.78 -15.20
N GLU K 495 -15.49 0.03 -14.97
CA GLU K 495 -15.59 -1.42 -14.81
C GLU K 495 -16.04 -1.80 -13.41
N ALA K 496 -15.45 -1.14 -12.41
CA ALA K 496 -15.60 -1.54 -11.01
C ALA K 496 -17.05 -1.59 -10.56
N MET K 497 -17.88 -0.72 -11.11
CA MET K 497 -19.26 -0.55 -10.65
C MET K 497 -20.21 -1.69 -11.07
N GLU K 498 -19.96 -2.31 -12.23
CA GLU K 498 -20.90 -3.27 -12.78
C GLU K 498 -20.45 -4.72 -12.62
N GLN K 499 -19.44 -5.10 -13.39
CA GLN K 499 -18.89 -6.45 -13.33
C GLN K 499 -18.47 -6.75 -11.91
N GLN K 500 -18.06 -5.70 -11.20
CA GLN K 500 -17.74 -5.79 -9.78
C GLN K 500 -16.60 -6.78 -9.54
N THR K 501 -15.81 -7.03 -10.57
CA THR K 501 -14.64 -7.88 -10.44
C THR K 501 -13.47 -7.26 -11.20
N ILE K 502 -12.39 -6.95 -10.49
CA ILE K 502 -11.22 -6.35 -11.12
C ILE K 502 -10.16 -7.39 -11.44
N SER K 503 -9.49 -7.21 -12.58
CA SER K 503 -8.41 -8.11 -12.98
C SER K 503 -7.27 -7.35 -13.65
N ILE K 504 -6.04 -7.67 -13.25
CA ILE K 504 -4.85 -7.03 -13.81
C ILE K 504 -3.78 -8.07 -14.16
N ALA K 505 -3.08 -7.85 -15.26
CA ALA K 505 -2.10 -8.81 -15.77
C ALA K 505 -0.69 -8.52 -15.27
N LYS K 506 -0.57 -7.54 -14.38
CA LYS K 506 0.73 -7.05 -13.91
C LYS K 506 1.63 -8.17 -13.42
N ALA K 507 2.88 -8.18 -13.89
CA ALA K 507 3.82 -9.27 -13.63
C ALA K 507 3.23 -10.60 -14.08
N GLY K 508 3.34 -11.60 -13.20
CA GLY K 508 2.81 -12.92 -13.49
C GLY K 508 1.43 -13.15 -12.91
N ILE K 509 1.01 -12.31 -11.97
CA ILE K 509 -0.28 -12.54 -11.33
C ILE K 509 -1.39 -11.76 -12.01
N THR K 510 -2.22 -12.51 -12.74
CA THR K 510 -3.29 -11.93 -13.55
C THR K 510 -4.67 -12.03 -12.89
N THR K 511 -4.72 -12.60 -11.68
CA THR K 511 -5.98 -13.04 -11.06
C THR K 511 -7.06 -11.96 -10.98
N VAL K 512 -8.31 -12.39 -11.16
CA VAL K 512 -9.45 -11.47 -11.13
C VAL K 512 -10.06 -11.35 -9.73
N LEU K 513 -9.94 -10.17 -9.14
CA LEU K 513 -10.47 -9.92 -7.80
C LEU K 513 -11.97 -9.65 -7.84
N ASN K 514 -12.65 -9.91 -6.73
CA ASN K 514 -14.08 -9.62 -6.62
C ASN K 514 -14.31 -8.30 -5.87
N SER K 515 -15.10 -7.39 -6.45
CA SER K 515 -15.44 -6.16 -5.74
C SER K 515 -16.96 -5.94 -5.70
N ARG K 516 -17.53 -6.07 -4.50
CA ARG K 516 -18.98 -5.95 -4.33
C ARG K 516 -19.41 -4.58 -3.80
N THR K 517 -18.45 -3.66 -3.68
CA THR K 517 -18.67 -2.33 -3.12
C THR K 517 -19.79 -1.54 -3.80
N SER K 518 -20.48 -0.71 -3.03
CA SER K 518 -21.45 0.23 -3.59
C SER K 518 -20.87 1.65 -3.60
N VAL K 519 -20.53 2.13 -4.79
CA VAL K 519 -19.94 3.46 -4.96
C VAL K 519 -20.99 4.57 -5.05
N LEU K 520 -20.61 5.78 -4.65
CA LEU K 520 -21.44 6.97 -4.81
C LEU K 520 -20.55 8.16 -5.19
N ALA K 521 -20.89 8.84 -6.28
CA ALA K 521 -20.04 9.91 -6.81
C ALA K 521 -20.46 11.31 -6.40
N ALA K 522 -19.59 12.04 -5.71
CA ALA K 522 -19.95 13.38 -5.25
C ALA K 522 -19.44 14.53 -6.14
N ALA K 523 -18.78 14.21 -7.26
CA ALA K 523 -18.05 15.21 -8.04
C ALA K 523 -18.84 16.48 -8.37
N ASN K 524 -18.22 17.63 -8.14
CA ASN K 524 -18.84 18.93 -8.44
C ASN K 524 -18.99 19.19 -9.94
N PRO K 525 -20.16 19.73 -10.33
CA PRO K 525 -20.49 20.10 -11.70
C PRO K 525 -19.65 21.27 -12.20
N ILE K 526 -19.46 21.37 -13.51
CA ILE K 526 -18.65 22.44 -14.08
C ILE K 526 -19.45 23.74 -14.22
N TYR K 527 -18.78 24.85 -13.92
CA TYR K 527 -19.31 26.19 -14.20
C TYR K 527 -20.57 26.55 -13.42
N GLY K 528 -20.74 25.98 -12.22
CA GLY K 528 -21.83 26.36 -11.34
C GLY K 528 -23.22 26.16 -11.91
N ARG K 529 -24.00 27.25 -11.95
CA ARG K 529 -25.41 27.18 -12.34
C ARG K 529 -25.64 26.97 -13.83
N TYR K 530 -24.80 27.59 -14.66
CA TYR K 530 -25.05 27.68 -16.09
C TYR K 530 -25.10 26.33 -16.81
N ASP K 531 -24.51 25.30 -16.20
CA ASP K 531 -24.55 23.98 -16.79
C ASP K 531 -25.97 23.43 -16.80
N ASP K 532 -26.79 23.95 -15.88
CA ASP K 532 -28.21 23.61 -15.87
C ASP K 532 -28.94 24.42 -16.93
N LEU K 533 -28.39 25.57 -17.28
CA LEU K 533 -28.88 26.33 -18.42
C LEU K 533 -28.47 25.61 -19.69
N LYS K 534 -27.42 24.80 -19.57
CA LYS K 534 -26.93 23.96 -20.65
C LYS K 534 -27.70 22.65 -20.71
N SER K 535 -27.19 21.72 -21.51
CA SER K 535 -27.66 20.34 -21.46
C SER K 535 -27.37 19.78 -20.08
N PRO K 536 -28.08 18.70 -19.69
CA PRO K 536 -27.77 18.06 -18.42
C PRO K 536 -26.37 17.46 -18.46
N GLY K 537 -25.93 17.10 -19.66
CA GLY K 537 -24.59 16.62 -19.88
C GLY K 537 -23.64 17.79 -20.07
N ASP K 538 -22.54 17.55 -20.79
CA ASP K 538 -21.50 18.55 -20.95
C ASP K 538 -20.91 18.93 -19.60
N ASN K 539 -20.87 17.95 -18.69
CA ASN K 539 -20.31 18.17 -17.36
C ASN K 539 -19.26 17.11 -17.01
N ILE K 540 -19.71 15.87 -16.83
CA ILE K 540 -18.81 14.78 -16.50
C ILE K 540 -18.04 14.37 -17.75
N ASP K 541 -16.71 14.48 -17.69
CA ASP K 541 -15.90 14.30 -18.88
C ASP K 541 -16.49 15.20 -19.96
N PHE K 542 -16.99 14.58 -21.01
CA PHE K 542 -17.90 15.23 -21.93
C PHE K 542 -19.12 14.31 -22.06
N GLN K 543 -18.87 13.10 -22.55
CA GLN K 543 -19.88 12.07 -22.71
C GLN K 543 -20.63 11.77 -21.40
N THR K 544 -21.90 11.41 -21.53
CA THR K 544 -22.70 11.00 -20.37
C THR K 544 -22.57 9.50 -20.13
N THR K 545 -21.72 8.84 -20.91
CA THR K 545 -21.46 7.42 -20.74
C THR K 545 -20.92 7.15 -19.34
N ILE K 546 -20.27 8.15 -18.75
CA ILE K 546 -19.89 8.10 -17.35
C ILE K 546 -21.16 8.07 -16.50
N LEU K 547 -22.14 8.87 -16.89
CA LEU K 547 -23.44 8.90 -16.22
C LEU K 547 -24.18 7.59 -16.43
N SER K 548 -23.97 6.98 -17.60
CA SER K 548 -24.62 5.73 -17.97
C SER K 548 -24.44 4.66 -16.90
N ARG K 549 -23.21 4.58 -16.37
CA ARG K 549 -22.87 3.59 -15.36
C ARG K 549 -23.45 4.00 -14.00
N PHE K 550 -23.70 5.29 -13.83
CA PHE K 550 -24.33 5.81 -12.62
C PHE K 550 -25.83 5.51 -12.63
N ASP K 551 -26.47 5.52 -11.45
CA ASP K 551 -27.89 5.23 -11.38
C ASP K 551 -28.71 6.43 -10.91
N MET K 552 -28.61 6.78 -9.63
CA MET K 552 -29.29 7.97 -9.16
C MET K 552 -28.28 9.11 -9.09
N ILE K 553 -28.40 10.04 -10.02
CA ILE K 553 -27.51 11.19 -10.06
C ILE K 553 -28.28 12.42 -9.62
N PHE K 554 -27.71 13.18 -8.70
CA PHE K 554 -28.42 14.32 -8.14
C PHE K 554 -27.74 15.64 -8.49
N ILE K 555 -28.53 16.56 -9.02
CA ILE K 555 -28.09 17.92 -9.26
C ILE K 555 -28.70 18.82 -8.21
N VAL K 556 -27.87 19.30 -7.29
CA VAL K 556 -28.33 20.21 -6.25
C VAL K 556 -28.68 21.56 -6.84
N LYS K 557 -29.90 22.02 -6.60
CA LYS K 557 -30.25 23.39 -6.96
C LYS K 557 -30.34 24.18 -5.67
N ASP K 558 -29.37 25.05 -5.44
CA ASP K 558 -29.45 25.91 -4.27
C ASP K 558 -30.04 27.24 -4.67
N ASP K 559 -31.26 27.47 -4.21
CA ASP K 559 -31.97 28.71 -4.49
C ASP K 559 -31.98 29.56 -3.22
N HIS K 560 -32.00 30.87 -3.41
CA HIS K 560 -31.62 31.82 -2.37
C HIS K 560 -32.80 32.21 -1.47
N ASN K 561 -33.89 31.44 -1.55
CA ASN K 561 -35.14 31.77 -0.87
C ASN K 561 -34.89 32.22 0.56
N GLU K 562 -35.49 33.34 0.92
CA GLU K 562 -35.25 33.99 2.19
C GLU K 562 -35.65 33.13 3.38
N GLU K 563 -36.91 32.69 3.38
CA GLU K 563 -37.44 31.87 4.46
C GLU K 563 -36.74 30.52 4.53
N ARG K 564 -36.39 29.99 3.35
CA ARG K 564 -35.72 28.70 3.28
C ARG K 564 -34.35 28.76 3.93
N ASP K 565 -33.64 29.86 3.73
CA ASP K 565 -32.31 30.02 4.32
C ASP K 565 -32.41 30.30 5.82
N ILE K 566 -33.18 31.32 6.19
CA ILE K 566 -33.29 31.76 7.59
C ILE K 566 -33.68 30.60 8.50
N SER K 567 -34.42 29.65 7.94
CA SER K 567 -34.73 28.41 8.65
C SER K 567 -33.46 27.70 9.06
N ILE K 568 -32.71 27.24 8.07
CA ILE K 568 -31.44 26.55 8.30
C ILE K 568 -30.37 27.53 8.77
N ALA K 569 -30.52 28.79 8.38
CA ALA K 569 -29.57 29.84 8.80
C ALA K 569 -29.46 29.86 10.31
N ASN K 570 -30.59 30.05 10.99
CA ASN K 570 -30.64 29.97 12.45
C ASN K 570 -30.32 28.55 12.90
N HIS K 571 -30.80 27.58 12.12
CA HIS K 571 -30.51 26.17 12.37
C HIS K 571 -29.02 25.96 12.52
N VAL K 572 -28.24 26.74 11.78
CA VAL K 572 -26.78 26.73 11.89
C VAL K 572 -26.31 27.19 13.27
N ILE K 573 -26.71 28.39 13.69
CA ILE K 573 -26.33 28.93 14.99
C ILE K 573 -26.71 27.99 16.13
N ASN K 574 -27.89 27.38 16.02
CA ASN K 574 -28.35 26.40 17.00
C ASN K 574 -27.43 25.19 17.05
N ILE K 575 -26.82 24.87 15.91
CA ILE K 575 -25.82 23.80 15.85
C ILE K 575 -24.63 24.13 16.75
N HIS K 576 -24.37 25.41 16.94
CA HIS K 576 -23.21 25.85 17.70
C HIS K 576 -23.54 26.02 19.19
N THR K 577 -22.55 26.40 19.98
CA THR K 577 -22.69 26.58 21.43
C THR K 577 -23.91 27.48 21.72
N GLY K 578 -24.80 27.04 22.60
CA GLY K 578 -24.53 25.98 23.55
C GLY K 578 -24.80 24.56 23.08
N ASN K 579 -24.68 24.37 21.77
CA ASN K 579 -25.01 23.15 21.01
C ASN K 579 -26.47 22.73 21.21
N ALA K 580 -27.33 23.76 21.18
CA ALA K 580 -28.77 23.63 21.37
C ALA K 580 -29.39 22.51 20.54
N ASN K 581 -28.91 22.35 19.31
CA ASN K 581 -29.40 21.28 18.44
C ASN K 581 -28.94 19.91 18.93
N ALA K 582 -27.73 19.87 19.48
CA ALA K 582 -27.16 18.62 19.99
C ALA K 582 -27.95 18.07 21.17
N MET K 583 -28.53 18.98 21.96
CA MET K 583 -29.33 18.58 23.11
C MET K 583 -30.72 18.12 22.68
N GLN K 584 -31.13 18.55 21.48
CA GLN K 584 -32.42 18.16 20.93
C GLN K 584 -32.47 16.66 20.65
N ASN K 585 -31.32 16.09 20.32
CA ASN K 585 -31.25 14.69 19.95
C ASN K 585 -31.53 13.76 21.12
N GLN K 586 -31.23 14.22 22.33
CA GLN K 586 -31.52 13.45 23.54
C GLN K 586 -33.00 13.09 23.61
N GLN K 587 -33.85 14.11 23.54
CA GLN K 587 -35.30 13.88 23.51
C GLN K 587 -35.69 13.07 22.27
N GLU K 588 -34.91 13.20 21.21
CA GLU K 588 -35.11 12.39 20.02
C GLU K 588 -34.54 10.99 20.27
N GLU K 589 -33.47 10.93 21.04
CA GLU K 589 -32.95 9.65 21.49
C GLU K 589 -33.89 9.06 22.53
N ASN K 590 -34.39 9.90 23.43
CA ASN K 590 -35.31 9.44 24.45
C ASN K 590 -36.61 8.89 23.83
N GLY K 591 -37.30 9.72 23.06
CA GLY K 591 -38.54 9.28 22.43
C GLY K 591 -38.43 8.30 21.28
N SER K 592 -37.80 8.71 20.19
CA SER K 592 -37.74 7.89 18.98
C SER K 592 -36.33 7.76 18.40
N GLU K 593 -35.81 8.89 17.93
CA GLU K 593 -34.76 8.99 16.89
C GLU K 593 -33.51 8.12 17.06
N ILE K 594 -33.05 7.60 15.92
CA ILE K 594 -31.91 6.66 15.86
C ILE K 594 -30.61 7.18 16.45
N SER K 595 -29.89 6.29 17.13
CA SER K 595 -28.56 6.59 17.65
C SER K 595 -27.48 6.41 16.57
N ILE K 596 -27.83 5.66 15.53
CA ILE K 596 -27.04 5.52 14.29
C ILE K 596 -25.80 4.64 14.37
N GLU K 597 -25.30 4.40 15.58
CA GLU K 597 -24.26 3.38 15.76
C GLU K 597 -24.91 2.02 15.92
N LYS K 598 -25.99 2.02 16.71
CA LYS K 598 -26.88 0.87 16.84
C LYS K 598 -27.52 0.59 15.48
N MET K 599 -27.98 1.66 14.84
CA MET K 599 -28.54 1.58 13.49
C MET K 599 -27.60 0.87 12.54
N LYS K 600 -26.30 1.16 12.65
CA LYS K 600 -25.29 0.47 11.85
C LYS K 600 -25.37 -1.02 12.15
N ARG K 601 -25.46 -1.36 13.43
CA ARG K 601 -25.65 -2.75 13.84
C ARG K 601 -27.00 -3.26 13.32
N TYR K 602 -27.99 -2.38 13.34
CA TYR K 602 -29.31 -2.67 12.79
C TYR K 602 -29.19 -3.04 11.32
N ILE K 603 -28.57 -2.16 10.53
CA ILE K 603 -28.36 -2.40 9.11
C ILE K 603 -27.54 -3.67 8.86
N THR K 604 -26.40 -3.78 9.54
CA THR K 604 -25.55 -4.97 9.45
C THR K 604 -26.36 -6.21 9.79
N TYR K 605 -27.17 -6.12 10.85
CA TYR K 605 -28.18 -7.13 11.13
C TYR K 605 -28.99 -7.36 9.87
N CYS K 606 -29.74 -6.34 9.47
CA CYS K 606 -30.63 -6.40 8.32
C CYS K 606 -29.94 -6.86 7.03
N ARG K 607 -28.82 -6.24 6.70
CA ARG K 607 -28.11 -6.51 5.45
C ARG K 607 -27.85 -8.01 5.26
N LEU K 608 -27.56 -8.72 6.34
CA LEU K 608 -27.34 -10.16 6.30
C LEU K 608 -28.62 -10.97 6.46
N LYS K 609 -29.69 -10.33 6.93
CA LYS K 609 -30.90 -11.06 7.32
C LYS K 609 -31.84 -11.42 6.17
N CYS K 610 -32.54 -10.43 5.65
CA CYS K 610 -33.61 -10.67 4.69
C CYS K 610 -33.13 -10.68 3.25
N ALA K 611 -33.72 -11.56 2.46
CA ALA K 611 -33.51 -11.59 1.02
C ALA K 611 -34.84 -11.34 0.32
N PRO K 612 -35.24 -10.07 0.25
CA PRO K 612 -36.55 -9.71 -0.31
C PRO K 612 -36.64 -10.00 -1.81
N ARG K 613 -37.73 -10.65 -2.21
CA ARG K 613 -38.00 -10.90 -3.62
C ARG K 613 -39.33 -10.27 -3.99
N LEU K 614 -39.31 -9.43 -5.01
CA LEU K 614 -40.47 -8.61 -5.38
C LEU K 614 -41.72 -9.43 -5.64
N SER K 615 -42.87 -8.85 -5.30
CA SER K 615 -44.15 -9.46 -5.66
C SER K 615 -44.38 -9.25 -7.15
N PRO K 616 -44.99 -10.24 -7.82
CA PRO K 616 -45.15 -10.25 -9.28
C PRO K 616 -45.85 -8.99 -9.82
N GLN K 617 -46.78 -8.45 -9.06
CA GLN K 617 -47.58 -7.31 -9.51
C GLN K 617 -46.85 -5.98 -9.41
N ALA K 618 -45.82 -5.92 -8.57
CA ALA K 618 -45.03 -4.70 -8.44
C ALA K 618 -44.30 -4.41 -9.74
N ALA K 619 -43.70 -5.45 -10.31
CA ALA K 619 -42.98 -5.36 -11.58
C ALA K 619 -43.88 -4.86 -12.70
N GLU K 620 -45.02 -5.53 -12.90
CA GLU K 620 -45.98 -5.14 -13.94
C GLU K 620 -46.46 -3.71 -13.73
N LYS K 621 -46.54 -3.30 -12.46
CA LYS K 621 -46.85 -1.92 -12.13
C LYS K 621 -45.72 -1.02 -12.62
N LEU K 622 -44.50 -1.52 -12.47
CA LEU K 622 -43.31 -0.81 -12.91
C LEU K 622 -43.05 -0.96 -14.40
N SER K 623 -43.27 -2.17 -14.92
CA SER K 623 -43.10 -2.43 -16.35
C SER K 623 -43.99 -1.48 -17.13
N SER K 624 -45.23 -1.33 -16.68
CA SER K 624 -46.15 -0.37 -17.27
C SER K 624 -45.65 1.05 -17.04
N ASN K 625 -44.81 1.24 -16.02
CA ASN K 625 -44.31 2.55 -15.66
C ASN K 625 -43.22 3.04 -16.62
N PHE K 626 -42.07 2.38 -16.62
CA PHE K 626 -40.94 2.85 -17.40
C PHE K 626 -41.23 2.85 -18.90
N VAL K 627 -42.02 1.90 -19.37
CA VAL K 627 -42.38 1.84 -20.79
C VAL K 627 -43.01 3.17 -21.22
N THR K 628 -43.79 3.76 -20.32
CA THR K 628 -44.27 5.12 -20.52
C THR K 628 -43.07 6.07 -20.50
N ILE K 629 -42.30 6.01 -19.42
CA ILE K 629 -41.11 6.85 -19.26
C ILE K 629 -40.12 6.66 -20.41
N ARG K 630 -39.96 5.41 -20.85
CA ARG K 630 -39.12 5.11 -22.00
C ARG K 630 -39.71 5.75 -23.26
N LYS K 631 -41.03 5.67 -23.38
CA LYS K 631 -41.74 6.23 -24.52
C LYS K 631 -41.85 7.75 -24.41
N GLN K 632 -42.01 8.24 -23.19
CA GLN K 632 -42.24 9.67 -22.96
C GLN K 632 -40.98 10.52 -23.15
N LEU K 633 -39.86 10.06 -22.58
CA LEU K 633 -38.61 10.80 -22.68
C LEU K 633 -38.11 10.82 -24.12
N LEU K 634 -38.44 9.78 -24.88
CA LEU K 634 -38.16 9.76 -26.32
C LEU K 634 -39.07 10.76 -27.04
N ILE K 635 -40.22 11.04 -26.44
CA ILE K 635 -41.09 12.09 -26.94
C ILE K 635 -40.39 13.43 -26.73
N ASN K 636 -39.63 13.52 -25.65
CA ASN K 636 -38.70 14.62 -25.45
C ASN K 636 -37.55 14.48 -26.44
N GLU K 637 -37.27 13.24 -26.82
CA GLU K 637 -36.22 12.94 -27.77
C GLU K 637 -36.72 13.12 -29.20
N LEU K 638 -38.02 13.36 -29.35
CA LEU K 638 -38.60 13.60 -30.67
C LEU K 638 -38.12 14.94 -31.23
N GLU K 639 -37.71 15.83 -30.34
CA GLU K 639 -37.15 17.12 -30.73
C GLU K 639 -35.65 16.99 -31.00
N SER K 640 -35.14 15.77 -30.85
CA SER K 640 -33.72 15.49 -30.95
C SER K 640 -32.97 16.21 -29.82
N THR K 641 -33.67 16.47 -28.73
CA THR K 641 -33.06 17.09 -27.57
C THR K 641 -32.02 16.15 -26.96
N GLU K 642 -30.85 16.68 -26.70
CA GLU K 642 -29.73 15.88 -26.21
C GLU K 642 -29.54 16.05 -24.71
N ARG K 643 -29.36 14.94 -24.02
CA ARG K 643 -29.22 14.95 -22.56
C ARG K 643 -28.10 14.02 -22.11
N PRO K 647 -28.69 9.63 -19.38
CA PRO K 647 -29.99 9.45 -20.04
C PRO K 647 -30.59 8.07 -19.83
N ILE K 648 -31.52 7.69 -20.71
CA ILE K 648 -32.28 6.45 -20.54
C ILE K 648 -31.52 5.19 -20.92
N THR K 649 -31.71 4.14 -20.11
CA THR K 649 -31.25 2.80 -20.42
C THR K 649 -32.19 1.80 -19.77
N ILE K 650 -32.13 0.54 -20.19
CA ILE K 650 -32.87 -0.50 -19.49
C ILE K 650 -32.19 -0.76 -18.15
N ARG K 651 -30.91 -0.39 -18.08
CA ARG K 651 -30.16 -0.45 -16.83
C ARG K 651 -30.70 0.60 -15.86
N GLN K 652 -31.27 1.67 -16.41
CA GLN K 652 -31.94 2.70 -15.61
C GLN K 652 -33.07 2.07 -14.79
N LEU K 653 -33.81 1.17 -15.41
CA LEU K 653 -34.92 0.50 -14.73
C LEU K 653 -34.42 -0.51 -13.70
N GLU K 654 -33.37 -1.25 -14.05
CA GLU K 654 -32.81 -2.26 -13.17
C GLU K 654 -32.30 -1.61 -11.88
N ALA K 655 -31.71 -0.43 -12.01
CA ALA K 655 -31.27 0.35 -10.86
C ALA K 655 -32.46 0.61 -9.94
N ILE K 656 -33.56 1.07 -10.54
CA ILE K 656 -34.81 1.27 -9.83
C ILE K 656 -35.27 -0.01 -9.12
N ILE K 657 -35.06 -1.14 -9.79
CA ILE K 657 -35.41 -2.45 -9.26
C ILE K 657 -34.72 -2.69 -7.91
N ARG K 658 -33.46 -2.26 -7.82
CA ARG K 658 -32.71 -2.43 -6.58
C ARG K 658 -33.23 -1.51 -5.49
N ILE K 659 -33.92 -0.45 -5.88
CA ILE K 659 -34.61 0.41 -4.92
C ILE K 659 -35.80 -0.35 -4.32
N THR K 660 -36.35 -1.29 -5.09
CA THR K 660 -37.49 -2.09 -4.64
C THR K 660 -37.15 -2.85 -3.37
N GLU K 661 -36.03 -3.58 -3.39
CA GLU K 661 -35.58 -4.29 -2.19
C GLU K 661 -35.00 -3.32 -1.17
N SER K 662 -34.64 -2.12 -1.62
CA SER K 662 -33.93 -1.16 -0.77
C SER K 662 -34.66 -0.83 0.54
N LEU K 663 -35.78 -0.12 0.43
CA LEU K 663 -36.55 0.24 1.61
C LEU K 663 -37.28 -0.99 2.15
N ALA K 664 -37.59 -1.91 1.24
CA ALA K 664 -38.27 -3.15 1.61
C ALA K 664 -37.41 -3.96 2.56
N LYS K 665 -36.09 -3.82 2.41
CA LYS K 665 -35.13 -4.49 3.27
C LYS K 665 -35.22 -3.91 4.69
N LEU K 666 -35.49 -2.61 4.76
CA LEU K 666 -35.73 -1.94 6.03
C LEU K 666 -37.00 -2.52 6.66
N GLU K 667 -37.95 -2.88 5.81
CA GLU K 667 -39.20 -3.50 6.23
C GLU K 667 -38.97 -4.92 6.73
N LEU K 668 -37.92 -5.55 6.21
CA LEU K 668 -37.51 -6.91 6.58
C LEU K 668 -38.38 -7.97 5.92
N SER K 669 -39.43 -7.52 5.23
CA SER K 669 -40.37 -8.42 4.57
C SER K 669 -39.67 -9.31 3.54
N PRO K 670 -40.15 -10.55 3.39
CA PRO K 670 -39.62 -11.53 2.45
C PRO K 670 -39.84 -11.13 0.99
N ILE K 671 -40.91 -10.39 0.73
CA ILE K 671 -41.23 -9.96 -0.62
C ILE K 671 -41.58 -8.48 -0.67
N ALA K 672 -41.28 -7.85 -1.80
CA ALA K 672 -41.54 -6.43 -1.99
C ALA K 672 -43.04 -6.14 -2.07
N GLN K 673 -43.46 -5.04 -1.47
CA GLN K 673 -44.85 -4.62 -1.48
C GLN K 673 -45.23 -3.96 -2.80
N GLU K 674 -46.52 -4.00 -3.13
CA GLU K 674 -47.04 -3.25 -4.27
C GLU K 674 -47.01 -1.76 -3.94
N ARG K 675 -47.59 -1.42 -2.78
CA ARG K 675 -47.59 -0.05 -2.28
C ARG K 675 -46.18 0.47 -2.06
N HIS K 676 -45.32 -0.38 -1.52
CA HIS K 676 -43.95 -0.01 -1.19
C HIS K 676 -43.19 0.52 -2.40
N VAL K 677 -43.41 -0.13 -3.54
CA VAL K 677 -42.72 0.22 -4.78
C VAL K 677 -42.88 1.68 -5.17
N ASP K 678 -44.10 2.20 -5.05
CA ASP K 678 -44.49 3.50 -5.59
C ASP K 678 -43.59 4.67 -5.18
N GLU K 679 -43.18 4.72 -3.92
CA GLU K 679 -42.31 5.80 -3.45
C GLU K 679 -40.99 5.79 -4.23
N ALA K 680 -40.54 4.59 -4.59
CA ALA K 680 -39.35 4.44 -5.42
C ALA K 680 -39.54 5.11 -6.77
N ILE K 681 -40.74 4.99 -7.32
CA ILE K 681 -41.07 5.61 -8.61
C ILE K 681 -40.97 7.13 -8.54
N ARG K 682 -41.74 7.74 -7.65
CA ARG K 682 -41.78 9.19 -7.51
C ARG K 682 -40.45 9.73 -7.03
N LEU K 683 -39.71 8.92 -6.28
CA LEU K 683 -38.39 9.31 -5.81
C LEU K 683 -37.40 9.29 -6.96
N PHE K 684 -37.41 8.20 -7.74
CA PHE K 684 -36.58 8.13 -8.93
C PHE K 684 -37.05 9.14 -9.96
N GLN K 685 -38.35 9.47 -9.91
CA GLN K 685 -38.90 10.50 -10.77
C GLN K 685 -38.20 11.83 -10.50
N ALA K 686 -37.92 12.08 -9.22
CA ALA K 686 -37.16 13.26 -8.82
C ALA K 686 -35.74 13.19 -9.36
N SER K 687 -35.26 11.96 -9.53
CA SER K 687 -33.95 11.73 -10.13
C SER K 687 -34.03 11.94 -11.64
N THR K 688 -35.11 11.47 -12.25
CA THR K 688 -35.34 11.65 -13.67
C THR K 688 -35.45 13.14 -14.01
N MET K 689 -35.95 13.93 -13.06
CA MET K 689 -36.08 15.37 -13.24
C MET K 689 -34.74 16.02 -13.57
N ASP K 690 -33.68 15.48 -12.98
CA ASP K 690 -32.33 15.98 -13.24
C ASP K 690 -32.00 15.83 -14.71
N ALA K 691 -32.53 14.78 -15.32
CA ALA K 691 -32.41 14.60 -16.77
C ALA K 691 -33.35 15.57 -17.48
N ALA K 692 -34.48 15.85 -16.84
CA ALA K 692 -35.48 16.76 -17.39
C ALA K 692 -34.93 18.18 -17.54
N SER K 693 -33.93 18.51 -16.73
CA SER K 693 -33.33 19.84 -16.78
C SER K 693 -32.20 19.89 -17.83
N VAL L 103 72.39 4.38 7.68
CA VAL L 103 72.85 4.48 6.30
C VAL L 103 71.81 5.19 5.45
N ASP L 104 70.84 4.44 4.94
CA ASP L 104 69.69 5.03 4.28
C ASP L 104 69.02 5.97 5.26
N ASP L 105 69.13 5.63 6.55
CA ASP L 105 68.75 6.54 7.61
C ASP L 105 69.44 7.87 7.39
N VAL L 106 70.75 7.81 7.13
CA VAL L 106 71.55 9.01 6.86
C VAL L 106 71.48 9.48 5.40
N THR L 107 71.15 8.58 4.47
CA THR L 107 71.12 8.94 3.05
C THR L 107 70.09 10.05 2.83
N GLY L 108 68.92 9.89 3.44
CA GLY L 108 67.94 10.96 3.46
C GLY L 108 68.32 11.97 4.52
N GLU L 109 68.91 11.49 5.61
CA GLU L 109 69.42 12.35 6.67
C GLU L 109 70.49 13.28 6.12
N LYS L 110 71.24 12.78 5.14
CA LYS L 110 72.23 13.59 4.44
C LYS L 110 71.53 14.73 3.73
N VAL L 111 70.58 14.38 2.87
CA VAL L 111 69.75 15.37 2.18
C VAL L 111 68.94 16.16 3.19
N ARG L 112 68.61 15.52 4.30
CA ARG L 112 67.90 16.16 5.40
C ARG L 112 68.67 17.40 5.87
N GLU L 113 69.83 17.19 6.46
CA GLU L 113 70.71 18.29 6.85
C GLU L 113 71.08 19.11 5.62
N ALA L 114 71.21 18.44 4.48
CA ALA L 114 71.43 19.11 3.21
C ALA L 114 70.27 20.07 2.94
N PHE L 115 69.05 19.56 3.08
CA PHE L 115 67.87 20.40 2.90
C PHE L 115 67.56 21.23 4.15
N GLU L 116 67.77 20.64 5.33
CA GLU L 116 67.50 21.35 6.58
C GLU L 116 68.32 22.63 6.66
N GLN L 117 69.62 22.52 6.32
CA GLN L 117 70.44 23.70 6.15
C GLN L 117 69.89 24.49 4.96
N PHE L 118 69.60 23.77 3.88
CA PHE L 118 69.04 24.36 2.66
C PHE L 118 67.78 25.16 2.93
N LEU L 119 66.81 24.54 3.61
CA LEU L 119 65.57 25.22 3.96
C LEU L 119 65.85 26.44 4.82
N GLU L 120 66.88 26.32 5.66
CA GLU L 120 67.36 27.46 6.44
C GLU L 120 67.94 28.50 5.50
N ASP L 121 68.63 28.04 4.46
CA ASP L 121 69.31 28.92 3.52
C ASP L 121 68.34 29.80 2.75
N PHE L 122 68.83 30.96 2.33
CA PHE L 122 68.02 31.94 1.61
C PHE L 122 67.87 31.57 0.13
N SER L 123 66.63 31.50 -0.34
CA SER L 123 66.37 31.35 -1.77
C SER L 123 66.06 32.67 -2.44
N VAL L 124 66.02 33.77 -1.67
CA VAL L 124 65.65 35.04 -2.26
C VAL L 124 66.89 35.78 -2.72
N GLN L 125 67.07 35.87 -4.04
CA GLN L 125 68.22 36.56 -4.63
C GLN L 125 67.99 38.06 -4.69
N SER L 126 66.72 38.45 -4.83
CA SER L 126 66.34 39.84 -4.78
C SER L 126 66.81 40.47 -3.48
N THR L 127 67.48 41.61 -3.59
CA THR L 127 68.05 42.31 -2.44
C THR L 127 67.73 43.80 -2.55
N ASP L 128 67.99 44.55 -1.48
CA ASP L 128 67.56 45.94 -1.43
C ASP L 128 66.05 45.96 -1.60
N THR L 129 65.57 46.57 -2.67
CA THR L 129 64.14 46.56 -2.98
C THR L 129 63.66 45.12 -3.04
N GLY L 130 62.63 44.83 -2.24
CA GLY L 130 62.11 43.47 -2.16
C GLY L 130 61.32 43.24 -0.88
N GLU L 131 61.19 41.98 -0.46
CA GLU L 131 61.81 40.82 -1.12
C GLU L 131 63.34 40.90 -1.09
N VAL L 132 63.90 41.23 0.07
CA VAL L 132 65.32 41.03 0.28
C VAL L 132 65.50 39.95 1.34
N GLU L 133 65.87 38.76 0.84
CA GLU L 133 65.89 37.51 1.59
C GLU L 133 64.61 37.39 2.43
N LYS L 134 64.65 36.69 3.57
CA LYS L 134 65.43 35.46 3.66
C LYS L 134 65.03 34.58 2.47
N VAL L 135 63.74 34.53 2.13
CA VAL L 135 62.64 34.98 2.98
C VAL L 135 61.95 33.80 3.66
N TYR L 136 62.41 32.59 3.35
CA TYR L 136 61.75 31.36 3.84
C TYR L 136 61.52 31.38 5.34
N ARG L 137 62.45 31.97 6.07
CA ARG L 137 62.32 32.11 7.51
C ARG L 137 61.13 32.99 7.85
N ALA L 138 60.87 33.97 6.99
CA ALA L 138 59.70 34.82 7.13
C ALA L 138 58.44 34.03 6.79
N GLN L 139 58.58 33.08 5.86
CA GLN L 139 57.52 32.14 5.57
C GLN L 139 57.12 31.39 6.84
N ILE L 140 58.10 31.21 7.74
CA ILE L 140 57.83 30.71 9.08
C ILE L 140 57.23 31.80 9.96
N GLU L 141 57.87 32.97 9.94
CA GLU L 141 57.47 34.09 10.80
C GLU L 141 56.01 34.47 10.61
N PHE L 142 55.62 34.77 9.37
CA PHE L 142 54.23 35.10 9.08
C PHE L 142 53.36 33.89 9.36
N MET L 143 53.92 32.71 9.17
CA MET L 143 53.22 31.48 9.51
C MET L 143 53.11 31.35 11.02
N LYS L 144 54.12 31.85 11.72
CA LYS L 144 54.09 31.87 13.18
C LYS L 144 53.12 32.95 13.66
N ILE L 145 52.80 33.89 12.77
CA ILE L 145 51.82 34.91 13.09
C ILE L 145 50.47 34.22 13.36
N TYR L 146 49.99 33.43 12.40
CA TYR L 146 48.72 32.71 12.59
C TYR L 146 48.88 31.26 13.04
N ASP L 147 50.12 30.76 13.07
CA ASP L 147 50.43 29.41 13.55
C ASP L 147 49.47 28.34 13.02
N LEU L 148 49.23 28.33 11.72
CA LEU L 148 48.28 27.39 11.13
C LEU L 148 48.89 26.02 10.86
N ASN L 149 50.18 25.88 11.16
CA ASN L 149 50.87 24.60 11.00
C ASN L 149 50.93 24.12 9.56
N THR L 150 51.25 25.03 8.65
CA THR L 150 51.41 24.70 7.23
C THR L 150 52.37 25.68 6.58
N ILE L 151 52.89 25.32 5.41
CA ILE L 151 53.79 26.21 4.69
C ILE L 151 53.66 26.09 3.17
N TYR L 152 53.74 27.23 2.49
CA TYR L 152 53.94 27.26 1.05
C TYR L 152 55.44 27.35 0.77
N ILE L 153 55.97 26.47 -0.07
CA ILE L 153 57.37 26.60 -0.47
C ILE L 153 57.56 26.23 -1.94
N ASP L 154 58.51 26.91 -2.58
CA ASP L 154 58.77 26.70 -4.00
C ASP L 154 59.69 25.50 -4.22
N TYR L 155 59.30 24.63 -5.14
CA TYR L 155 60.15 23.51 -5.53
C TYR L 155 61.26 24.00 -6.43
N GLN L 156 60.95 25.02 -7.23
CA GLN L 156 61.88 25.57 -8.21
C GLN L 156 63.17 26.08 -7.58
N HIS L 157 63.05 26.78 -6.45
CA HIS L 157 64.21 27.35 -5.79
C HIS L 157 65.14 26.27 -5.26
N LEU L 158 64.57 25.12 -4.89
CA LEU L 158 65.40 23.98 -4.49
C LEU L 158 66.08 23.41 -5.73
N SER L 159 65.40 23.50 -6.87
CA SER L 159 65.99 23.10 -8.14
C SER L 159 67.11 24.07 -8.54
N MET L 160 67.16 25.21 -7.85
CA MET L 160 68.16 26.23 -8.13
C MET L 160 69.48 25.97 -7.41
N ARG L 161 69.46 26.16 -6.09
CA ARG L 161 70.67 26.12 -5.26
C ARG L 161 71.42 24.79 -5.38
N GLU L 162 70.70 23.68 -5.24
CA GLU L 162 71.31 22.36 -5.36
C GLU L 162 71.40 21.97 -6.83
N ASN L 163 70.92 22.85 -7.70
CA ASN L 163 70.86 22.59 -9.13
C ASN L 163 69.94 21.41 -9.43
N GLY L 164 68.98 21.18 -8.54
CA GLY L 164 68.01 20.13 -8.72
C GLY L 164 68.47 18.76 -8.24
N ALA L 165 69.77 18.63 -8.01
CA ALA L 165 70.36 17.37 -7.55
C ALA L 165 69.62 16.83 -6.33
N LEU L 166 69.26 17.72 -5.41
CA LEU L 166 68.45 17.36 -4.26
C LEU L 166 66.99 17.29 -4.66
N ALA L 167 66.59 18.20 -5.55
CA ALA L 167 65.24 18.18 -6.11
C ALA L 167 65.02 16.89 -6.90
N MET L 168 66.10 16.32 -7.40
CA MET L 168 66.06 14.99 -8.01
C MET L 168 65.61 13.98 -6.96
N ALA L 169 66.22 14.06 -5.78
CA ALA L 169 65.81 13.24 -4.64
C ALA L 169 64.38 13.57 -4.27
N ILE L 170 64.00 14.83 -4.44
CA ILE L 170 62.62 15.27 -4.23
C ILE L 170 61.65 14.57 -5.18
N SER L 171 62.15 14.05 -6.29
CA SER L 171 61.24 13.52 -7.31
C SER L 171 60.78 12.09 -7.02
N GLU L 172 61.63 11.09 -7.29
CA GLU L 172 61.26 9.69 -7.13
C GLU L 172 61.40 9.18 -5.70
N GLN L 173 62.44 9.66 -5.04
CA GLN L 173 62.79 9.25 -3.68
C GLN L 173 61.92 10.02 -2.70
N TYR L 174 61.03 10.83 -3.24
CA TYR L 174 60.14 11.71 -2.47
C TYR L 174 59.42 11.00 -1.33
N TYR L 175 58.46 10.12 -1.66
CA TYR L 175 57.63 9.48 -0.65
C TYR L 175 58.44 8.82 0.47
N ARG L 176 59.50 8.12 0.07
CA ARG L 176 60.40 7.52 1.04
C ARG L 176 61.02 8.59 1.94
N PHE L 177 61.36 9.74 1.35
CA PHE L 177 62.12 10.77 2.06
C PHE L 177 61.29 11.89 2.69
N LEU L 178 59.96 11.76 2.63
CA LEU L 178 59.05 12.76 3.20
C LEU L 178 59.40 13.21 4.63
N PRO L 179 59.62 12.25 5.54
CA PRO L 179 59.83 12.54 6.97
C PRO L 179 60.95 13.54 7.27
N PHE L 180 62.07 13.42 6.57
CA PHE L 180 63.24 14.23 6.84
C PHE L 180 63.01 15.73 6.59
N LEU L 181 61.97 16.03 5.80
CA LEU L 181 61.59 17.42 5.52
C LEU L 181 61.25 18.19 6.80
N GLN L 182 60.16 17.80 7.43
CA GLN L 182 59.59 18.54 8.56
C GLN L 182 60.31 18.26 9.87
N LYS L 183 60.74 17.02 10.09
CA LYS L 183 61.46 16.65 11.31
C LYS L 183 62.62 17.62 11.56
N GLY L 184 63.37 17.91 10.50
CA GLY L 184 64.42 18.91 10.57
C GLY L 184 63.81 20.29 10.66
N LEU L 185 62.72 20.51 9.92
CA LEU L 185 61.98 21.76 9.98
C LEU L 185 61.45 21.98 11.39
N ARG L 186 60.87 20.94 11.98
CA ARG L 186 60.42 20.98 13.36
C ARG L 186 61.63 21.14 14.27
N ARG L 187 62.73 20.52 13.88
CA ARG L 187 64.01 20.74 14.54
C ARG L 187 64.41 22.20 14.37
N VAL L 188 64.10 22.74 13.20
CA VAL L 188 64.22 24.17 12.97
C VAL L 188 63.15 24.90 13.76
N VAL L 189 61.97 24.30 13.83
CA VAL L 189 60.89 24.82 14.68
C VAL L 189 61.37 24.85 16.12
N ARG L 190 61.80 23.71 16.63
CA ARG L 190 62.39 23.60 17.96
C ARG L 190 63.51 24.62 18.14
N LYS L 191 64.21 24.92 17.06
CA LYS L 191 65.26 25.94 17.07
C LYS L 191 64.63 27.32 17.17
N TYR L 192 63.38 27.42 16.71
CA TYR L 192 62.72 28.71 16.54
C TYR L 192 61.34 28.76 17.20
N ALA L 193 60.41 27.91 16.75
CA ALA L 193 59.00 28.05 17.10
C ALA L 193 58.56 26.97 18.08
N PRO L 194 57.50 27.26 18.85
CA PRO L 194 56.97 26.39 19.92
C PRO L 194 56.47 25.04 19.40
N GLU L 260 50.92 19.91 20.64
CA GLU L 260 50.16 20.82 19.78
C GLU L 260 50.96 21.21 18.55
N ARG L 261 51.78 20.29 18.04
CA ARG L 261 52.55 20.56 16.83
C ARG L 261 52.46 19.42 15.81
N VAL L 262 51.88 19.72 14.65
CA VAL L 262 51.94 18.86 13.47
C VAL L 262 51.90 19.77 12.24
N PHE L 263 52.66 19.44 11.21
CA PHE L 263 52.85 20.38 10.11
C PHE L 263 52.45 19.84 8.73
N GLN L 264 52.15 20.76 7.82
CA GLN L 264 51.81 20.44 6.45
C GLN L 264 52.68 21.25 5.48
N ILE L 265 53.38 20.56 4.60
CA ILE L 265 54.25 21.21 3.62
C ILE L 265 53.58 21.24 2.24
N SER L 266 53.71 22.36 1.54
CA SER L 266 53.17 22.45 0.18
C SER L 266 54.19 22.98 -0.81
N PHE L 267 54.59 22.12 -1.75
CA PHE L 267 55.45 22.52 -2.86
C PHE L 267 54.61 23.14 -3.97
N PHE L 268 55.22 23.99 -4.79
CA PHE L 268 54.57 24.51 -5.99
C PHE L 268 55.60 24.84 -7.06
N ASN L 269 55.12 25.34 -8.20
CA ASN L 269 55.99 25.66 -9.33
C ASN L 269 56.80 24.44 -9.76
N LEU L 270 56.11 23.34 -10.02
CA LEU L 270 56.77 22.12 -10.48
C LEU L 270 57.17 22.26 -11.93
N PRO L 271 58.24 21.56 -12.34
CA PRO L 271 58.81 21.66 -13.68
C PRO L 271 57.79 21.46 -14.80
N THR L 272 56.91 20.46 -14.68
CA THR L 272 55.92 20.20 -15.72
C THR L 272 54.67 19.53 -15.17
N VAL L 273 53.54 19.71 -15.85
CA VAL L 273 52.28 19.03 -15.52
C VAL L 273 52.13 17.77 -16.35
N HIS L 274 51.59 16.71 -15.74
CA HIS L 274 51.47 15.43 -16.42
C HIS L 274 50.01 14.98 -16.52
N ARG L 275 49.66 14.41 -17.68
CA ARG L 275 48.31 13.89 -17.92
C ARG L 275 48.07 12.57 -17.21
N ILE L 276 46.80 12.21 -17.05
CA ILE L 276 46.45 10.90 -16.51
C ILE L 276 46.95 9.80 -17.44
N ARG L 277 46.79 10.02 -18.74
CA ARG L 277 47.30 9.10 -19.75
C ARG L 277 48.82 9.13 -19.74
N ASP L 278 49.34 10.25 -19.25
CA ASP L 278 50.78 10.45 -19.09
C ASP L 278 51.30 9.66 -17.90
N ILE L 279 50.39 9.32 -16.99
CA ILE L 279 50.72 8.64 -15.75
C ILE L 279 51.25 7.22 -15.96
N ARG L 280 52.28 6.85 -15.21
CA ARG L 280 52.90 5.53 -15.30
C ARG L 280 53.32 5.02 -13.92
N SER L 281 53.61 3.73 -13.83
CA SER L 281 53.99 3.13 -12.55
C SER L 281 55.32 3.67 -12.01
N GLU L 282 56.23 4.02 -12.92
CA GLU L 282 57.51 4.59 -12.54
C GLU L 282 57.32 5.90 -11.78
N LYS L 283 56.14 6.48 -11.94
CA LYS L 283 55.79 7.75 -11.31
C LYS L 283 55.40 7.60 -9.84
N ILE L 284 55.32 6.36 -9.36
CA ILE L 284 54.95 6.13 -7.96
C ILE L 284 56.07 6.54 -7.02
N GLY L 285 55.69 7.04 -5.86
CA GLY L 285 56.65 7.52 -4.88
C GLY L 285 57.25 8.85 -5.31
N SER L 286 56.89 9.29 -6.51
CA SER L 286 57.42 10.53 -7.06
C SER L 286 56.36 11.62 -7.13
N LEU L 287 56.67 12.77 -6.52
CA LEU L 287 55.78 13.93 -6.56
C LEU L 287 55.66 14.41 -8.00
N LEU L 288 54.43 14.68 -8.43
CA LEU L 288 54.18 15.05 -9.81
C LEU L 288 53.07 16.09 -9.97
N SER L 289 53.28 17.04 -10.87
CA SER L 289 52.27 18.04 -11.17
C SER L 289 51.26 17.52 -12.20
N ILE L 290 49.98 17.64 -11.86
CA ILE L 290 48.90 17.23 -12.76
C ILE L 290 47.73 18.21 -12.67
N SER L 291 47.00 18.38 -13.76
CA SER L 291 45.80 19.22 -13.75
C SER L 291 44.66 18.61 -14.55
N GLY L 292 43.44 19.00 -14.22
CA GLY L 292 42.25 18.48 -14.87
C GLY L 292 41.02 18.86 -14.06
N THR L 293 39.84 18.72 -14.65
CA THR L 293 38.61 19.18 -14.02
C THR L 293 38.20 18.32 -12.83
N VAL L 294 37.73 18.97 -11.76
CA VAL L 294 37.27 18.28 -10.56
C VAL L 294 35.97 17.52 -10.82
N THR L 295 35.78 16.43 -10.10
CA THR L 295 34.51 15.70 -10.14
C THR L 295 34.16 15.13 -8.76
N ARG L 296 32.90 15.31 -8.36
CA ARG L 296 32.34 14.67 -7.17
C ARG L 296 33.23 14.73 -5.93
N THR L 297 33.38 15.91 -5.34
CA THR L 297 34.09 16.02 -4.07
C THR L 297 33.24 15.36 -2.99
N SER L 298 33.88 14.95 -1.90
CA SER L 298 33.17 14.25 -0.84
C SER L 298 33.27 15.04 0.46
N GLU L 299 32.38 14.73 1.40
CA GLU L 299 32.42 15.42 2.70
C GLU L 299 33.59 14.93 3.52
N VAL L 300 34.12 15.81 4.37
CA VAL L 300 35.31 15.51 5.16
C VAL L 300 35.09 14.48 6.25
N ARG L 301 36.02 13.53 6.37
CA ARG L 301 36.04 12.61 7.49
C ARG L 301 37.43 12.59 8.12
N PRO L 302 37.49 12.56 9.46
CA PRO L 302 38.76 12.60 10.17
C PRO L 302 39.60 11.36 9.93
N GLU L 303 40.91 11.52 9.77
CA GLU L 303 41.79 10.37 9.62
C GLU L 303 42.69 10.25 10.84
N LEU L 304 43.15 9.02 11.11
CA LEU L 304 43.73 8.71 12.41
C LEU L 304 45.23 8.96 12.47
N TYR L 305 46.00 8.06 11.86
CA TYR L 305 47.43 8.20 11.54
C TYR L 305 48.31 8.41 12.78
N LYS L 306 47.70 8.92 13.84
CA LYS L 306 48.29 8.95 15.17
C LYS L 306 47.16 8.83 16.18
N ALA L 307 47.23 7.85 17.06
CA ALA L 307 46.15 7.65 18.02
C ALA L 307 46.62 6.85 19.20
N SER L 308 45.87 6.87 20.29
CA SER L 308 46.16 5.97 21.39
C SER L 308 45.39 4.67 21.19
N PHE L 309 46.12 3.58 21.00
CA PHE L 309 45.49 2.27 20.99
C PHE L 309 46.31 1.29 21.81
N THR L 310 45.71 0.83 22.92
CA THR L 310 46.31 -0.22 23.73
C THR L 310 45.28 -0.92 24.61
N CYS L 311 45.61 -2.14 25.03
CA CYS L 311 44.70 -2.97 25.81
C CYS L 311 44.54 -2.44 27.23
N ASP L 312 43.30 -2.41 27.72
CA ASP L 312 43.02 -1.95 29.07
C ASP L 312 43.73 -2.81 30.11
N MET L 313 44.17 -4.00 29.69
CA MET L 313 44.97 -4.86 30.54
C MET L 313 46.38 -4.96 29.98
N CYS L 314 47.38 -4.69 30.82
CA CYS L 314 47.14 -4.24 32.18
C CYS L 314 46.73 -2.76 32.20
N ARG L 315 47.26 -2.02 31.23
CA ARG L 315 46.86 -0.63 30.99
C ARG L 315 47.20 -0.31 29.54
N ALA L 316 46.64 0.75 29.00
CA ALA L 316 46.84 1.04 27.58
C ALA L 316 48.19 1.72 27.35
N ILE L 317 48.28 2.99 27.71
CA ILE L 317 49.56 3.70 27.67
C ILE L 317 50.15 3.83 26.27
N VAL L 318 49.53 3.18 25.29
CA VAL L 318 50.10 3.12 23.95
C VAL L 318 49.33 4.01 22.97
N ASP L 319 49.95 5.13 22.60
CA ASP L 319 49.48 5.93 21.49
C ASP L 319 50.66 6.19 20.58
N ASN L 320 50.64 5.59 19.38
CA ASN L 320 51.73 5.75 18.41
C ASN L 320 51.57 4.90 17.16
N VAL L 321 52.32 5.28 16.13
CA VAL L 321 52.39 4.55 14.85
C VAL L 321 51.03 4.22 14.28
N GLU L 322 50.89 3.00 13.74
CA GLU L 322 49.66 2.56 13.10
C GLU L 322 49.18 3.56 12.07
N GLN L 323 50.11 4.26 11.45
CA GLN L 323 49.78 5.38 10.56
C GLN L 323 49.34 4.91 9.18
N SER L 324 49.97 3.85 8.67
CA SER L 324 49.60 3.28 7.38
C SER L 324 48.15 2.84 7.45
N PHE L 325 47.45 2.85 6.32
CA PHE L 325 46.02 2.61 6.41
C PHE L 325 45.72 1.18 6.83
N LYS L 326 45.16 1.05 8.02
CA LYS L 326 44.73 -0.24 8.52
C LYS L 326 43.34 -0.12 9.15
N TYR L 327 43.22 0.61 10.28
CA TYR L 327 44.31 1.35 10.91
C TYR L 327 44.98 0.55 12.04
N THR L 328 44.53 -0.69 12.21
CA THR L 328 45.10 -1.61 13.20
C THR L 328 46.51 -2.10 12.84
N GLU L 329 47.32 -2.44 13.84
CA GLU L 329 46.91 -2.35 15.23
C GLU L 329 48.12 -2.24 16.14
N PRO L 330 47.87 -2.22 17.45
CA PRO L 330 48.92 -2.20 18.49
C PRO L 330 49.71 -3.50 18.50
N THR L 331 51.03 -3.39 18.60
CA THR L 331 51.89 -4.57 18.59
C THR L 331 52.86 -4.58 19.78
N PHE L 332 53.75 -3.60 19.83
CA PHE L 332 54.84 -3.63 20.80
C PHE L 332 54.43 -3.21 22.22
N CYS L 333 55.14 -3.76 23.20
CA CYS L 333 54.87 -3.61 24.64
C CYS L 333 53.36 -3.57 25.00
N PRO L 334 52.58 -4.50 24.41
CA PRO L 334 51.37 -5.12 24.96
C PRO L 334 51.68 -6.32 25.87
N ASN L 335 50.75 -6.72 26.75
CA ASN L 335 49.47 -6.06 26.93
C ASN L 335 49.58 -4.67 27.54
N PRO L 336 50.49 -4.50 28.52
CA PRO L 336 51.42 -5.44 29.17
C PRO L 336 50.80 -6.08 30.42
N SER L 337 51.55 -6.93 31.11
CA SER L 337 52.89 -7.35 30.70
C SER L 337 52.86 -8.68 29.96
N CYS L 338 51.66 -9.23 29.79
CA CYS L 338 51.49 -10.47 29.06
C CYS L 338 51.77 -10.27 27.59
N GLU L 339 52.27 -11.33 26.93
CA GLU L 339 52.66 -11.28 25.53
C GLU L 339 51.54 -10.77 24.63
N ASN L 340 51.88 -9.80 23.79
CA ASN L 340 50.89 -9.14 22.95
C ASN L 340 51.55 -8.07 22.07
N ARG L 341 50.93 -7.68 20.96
CA ARG L 341 49.68 -8.23 20.42
C ARG L 341 48.45 -8.04 21.32
N ALA L 342 47.84 -9.15 21.69
CA ALA L 342 46.59 -9.15 22.46
C ALA L 342 45.45 -8.50 21.69
N PHE L 343 44.70 -7.62 22.36
CA PHE L 343 43.54 -7.00 21.74
C PHE L 343 43.31 -5.53 22.14
N TRP L 344 42.71 -4.79 21.21
CA TRP L 344 42.33 -3.38 21.34
C TRP L 344 43.51 -2.52 21.83
N THR L 345 43.30 -1.48 22.62
CA THR L 345 42.09 -0.68 22.62
C THR L 345 42.40 0.70 22.07
N LEU L 346 41.85 0.99 20.89
CA LEU L 346 41.98 2.28 20.26
C LEU L 346 41.31 3.37 21.10
N ASN L 347 42.07 4.38 21.48
CA ASN L 347 41.54 5.46 22.29
C ASN L 347 41.54 6.76 21.48
N VAL L 348 40.35 7.24 21.15
CA VAL L 348 40.21 8.47 20.39
C VAL L 348 40.41 9.69 21.27
N THR L 349 40.09 9.54 22.57
CA THR L 349 40.28 10.63 23.53
C THR L 349 41.71 11.15 23.47
N ARG L 350 42.66 10.24 23.33
CA ARG L 350 44.00 10.67 22.96
C ARG L 350 44.30 10.15 21.55
N SER L 351 44.10 11.02 20.58
CA SER L 351 44.50 10.80 19.19
C SER L 351 44.60 12.16 18.53
N ARG L 352 45.51 12.32 17.59
CA ARG L 352 45.52 13.52 16.77
C ARG L 352 45.01 13.19 15.37
N PHE L 353 43.93 13.87 14.97
CA PHE L 353 43.29 13.60 13.68
C PHE L 353 43.31 14.82 12.78
N LEU L 354 43.13 14.61 11.47
CA LEU L 354 43.04 15.70 10.51
C LEU L 354 42.23 15.31 9.26
N ASP L 355 41.71 16.33 8.59
CA ASP L 355 40.99 16.19 7.31
C ASP L 355 39.87 15.14 7.43
N TRP L 356 39.58 14.33 6.40
CA TRP L 356 39.87 14.61 4.99
C TRP L 356 38.63 14.44 4.13
N GLN L 357 38.63 15.11 2.99
CA GLN L 357 37.57 14.97 2.00
C GLN L 357 38.12 14.30 0.75
N LYS L 358 37.27 13.53 0.07
CA LYS L 358 37.69 12.75 -1.07
C LYS L 358 37.15 13.33 -2.37
N VAL L 359 37.98 13.33 -3.41
CA VAL L 359 37.56 13.83 -4.71
C VAL L 359 38.16 12.99 -5.85
N ARG L 360 37.54 13.06 -7.02
CA ARG L 360 38.07 12.39 -8.18
C ARG L 360 38.15 13.38 -9.33
N ILE L 361 39.37 13.71 -9.76
CA ILE L 361 39.55 14.65 -10.87
C ILE L 361 39.15 14.00 -12.18
N GLN L 362 38.30 14.67 -12.94
CA GLN L 362 38.05 14.24 -14.31
C GLN L 362 39.14 14.80 -15.20
N GLU L 363 39.61 13.98 -16.14
CA GLU L 363 40.63 14.44 -17.08
C GLU L 363 40.02 15.51 -17.98
N ASN L 364 40.84 16.45 -18.42
CA ASN L 364 40.35 17.58 -19.19
C ASN L 364 39.74 17.15 -20.53
N ALA L 365 38.80 17.97 -21.01
CA ALA L 365 38.07 17.66 -22.24
C ALA L 365 38.91 17.91 -23.48
N ASN L 366 39.65 19.02 -23.47
CA ASN L 366 40.45 19.39 -24.63
C ASN L 366 41.65 18.45 -24.81
N GLU L 367 42.06 17.81 -23.73
CA GLU L 367 43.17 16.88 -23.77
C GLU L 367 42.78 15.58 -24.44
N ILE L 368 41.64 15.03 -24.03
CA ILE L 368 41.20 13.73 -24.53
C ILE L 368 40.98 13.75 -26.04
N PRO L 369 41.57 12.76 -26.74
CA PRO L 369 41.16 12.54 -28.12
C PRO L 369 39.75 11.98 -28.15
N THR L 370 38.89 12.50 -29.02
CA THR L 370 37.55 11.94 -29.18
C THR L 370 37.67 10.58 -29.85
N GLY L 371 36.78 9.66 -29.50
CA GLY L 371 35.82 9.85 -28.43
C GLY L 371 36.12 9.03 -27.20
N SER L 372 37.38 8.63 -27.05
CA SER L 372 37.81 7.62 -26.08
C SER L 372 37.30 7.87 -24.65
N MET L 373 37.06 9.13 -24.32
CA MET L 373 36.65 9.53 -22.98
C MET L 373 37.81 9.40 -21.98
N PRO L 374 37.81 10.25 -20.95
CA PRO L 374 38.88 10.22 -19.92
C PRO L 374 38.69 9.14 -18.85
N ARG L 375 39.78 8.73 -18.22
CA ARG L 375 39.72 7.78 -17.12
C ARG L 375 40.15 8.44 -15.82
N THR L 376 39.18 8.68 -14.95
CA THR L 376 39.44 9.31 -13.66
C THR L 376 39.91 8.29 -12.61
N LEU L 377 40.66 8.78 -11.64
CA LEU L 377 41.04 7.99 -10.48
C LEU L 377 40.85 8.85 -9.24
N ASP L 378 40.71 8.20 -8.09
CA ASP L 378 40.37 8.89 -6.85
C ASP L 378 41.56 9.65 -6.25
N VAL L 379 41.33 10.93 -5.94
CA VAL L 379 42.32 11.71 -5.23
C VAL L 379 41.75 12.22 -3.91
N ILE L 380 42.26 11.69 -2.81
CA ILE L 380 41.84 12.10 -1.48
C ILE L 380 42.52 13.42 -1.15
N LEU L 381 41.83 14.33 -0.49
CA LEU L 381 42.52 15.57 -0.14
C LEU L 381 42.91 15.53 1.34
N ARG L 382 44.20 15.27 1.56
CA ARG L 382 44.85 15.41 2.86
C ARG L 382 45.39 16.81 3.09
N GLY L 383 45.52 17.19 4.35
CA GLY L 383 46.04 18.50 4.72
C GLY L 383 45.02 19.60 4.48
N ASP L 384 45.46 20.85 4.65
CA ASP L 384 44.58 22.00 4.49
C ASP L 384 44.07 22.13 3.05
N SER L 385 44.70 21.38 2.15
CA SER L 385 44.25 21.30 0.76
C SER L 385 42.81 20.78 0.71
N VAL L 386 42.39 20.09 1.76
CA VAL L 386 41.00 19.66 1.90
C VAL L 386 40.08 20.88 1.86
N GLU L 387 38.92 20.73 1.22
CA GLU L 387 37.92 21.80 1.15
C GLU L 387 38.33 22.89 0.16
N ARG L 388 39.59 22.90 -0.25
CA ARG L 388 40.08 23.86 -1.22
C ARG L 388 39.50 23.57 -2.59
N ALA L 389 39.06 22.33 -2.78
CA ALA L 389 38.55 21.86 -4.06
C ALA L 389 37.22 22.50 -4.44
N LYS L 390 37.17 23.05 -5.65
CA LYS L 390 35.90 23.40 -6.28
C LYS L 390 35.64 22.43 -7.43
N PRO L 391 34.61 21.60 -7.29
CA PRO L 391 34.23 20.60 -8.29
C PRO L 391 34.10 21.19 -9.69
N GLY L 392 34.48 20.40 -10.71
CA GLY L 392 34.36 20.83 -12.09
C GLY L 392 35.36 21.90 -12.48
N ASP L 393 36.48 21.95 -11.77
CA ASP L 393 37.52 22.92 -12.07
C ASP L 393 38.85 22.22 -12.35
N ARG L 394 39.49 22.60 -13.45
CA ARG L 394 40.83 22.10 -13.76
C ARG L 394 41.87 22.80 -12.89
N CYS L 395 42.68 22.01 -12.19
CA CYS L 395 43.64 22.57 -11.24
C CYS L 395 44.97 21.82 -11.23
N LYS L 396 46.05 22.58 -11.13
CA LYS L 396 47.40 22.01 -10.99
C LYS L 396 47.52 21.24 -9.68
N PHE L 397 48.02 20.01 -9.76
CA PHE L 397 48.09 19.13 -8.59
C PHE L 397 49.51 18.68 -8.28
N THR L 398 49.98 18.95 -7.06
CA THR L 398 51.26 18.42 -6.57
C THR L 398 51.09 16.91 -6.35
N GLY L 399 52.12 16.12 -6.63
CA GLY L 399 51.91 14.70 -6.83
C GLY L 399 51.50 13.75 -5.73
N VAL L 400 52.39 13.49 -4.77
CA VAL L 400 52.17 12.45 -3.76
C VAL L 400 51.42 11.27 -4.41
N GLU L 401 52.04 10.64 -5.40
CA GLU L 401 51.30 9.79 -6.34
C GLU L 401 50.71 8.55 -5.69
N ILE L 402 51.59 7.75 -5.07
CA ILE L 402 51.27 6.55 -4.30
C ILE L 402 50.33 5.51 -4.96
N VAL L 403 49.54 4.81 -4.13
CA VAL L 403 48.77 3.64 -4.56
C VAL L 403 48.08 3.01 -3.35
N VAL L 404 47.04 2.20 -3.59
CA VAL L 404 46.30 1.51 -2.54
C VAL L 404 45.79 0.14 -3.01
N PRO L 405 45.61 -0.81 -2.07
CA PRO L 405 45.07 -2.12 -2.45
C PRO L 405 43.63 -2.08 -2.95
N ASP L 406 43.37 -2.80 -4.05
CA ASP L 406 42.05 -2.86 -4.64
C ASP L 406 41.49 -4.28 -4.54
N VAL L 407 40.43 -4.44 -3.76
CA VAL L 407 39.84 -5.75 -3.55
C VAL L 407 38.64 -5.98 -4.48
N THR L 408 38.31 -4.97 -5.27
CA THR L 408 37.16 -5.11 -6.17
C THR L 408 37.56 -5.59 -7.57
N GLN L 409 38.85 -5.84 -7.77
CA GLN L 409 39.28 -6.37 -9.06
C GLN L 409 39.32 -7.90 -9.02
N LEU L 410 38.38 -8.50 -9.73
CA LEU L 410 38.30 -9.94 -9.90
C LEU L 410 37.61 -10.23 -11.23
N GLY L 411 37.99 -11.32 -11.87
CA GLY L 411 37.55 -11.55 -13.24
C GLY L 411 38.25 -10.54 -14.13
N LEU L 412 39.22 -9.84 -13.55
CA LEU L 412 40.04 -8.89 -14.30
C LEU L 412 40.78 -9.64 -15.40
N PRO L 413 41.48 -10.74 -15.06
CA PRO L 413 41.91 -11.35 -13.81
C PRO L 413 43.22 -10.70 -13.36
N GLY L 414 43.94 -11.35 -12.46
CA GLY L 414 45.30 -10.94 -12.10
C GLY L 414 46.19 -11.18 -13.32
N VAL L 415 47.48 -11.38 -13.10
CA VAL L 415 48.00 -11.91 -11.85
C VAL L 415 48.16 -10.86 -10.76
N LYS L 416 47.53 -11.14 -9.62
CA LYS L 416 47.67 -10.32 -8.44
C LYS L 416 48.37 -11.20 -7.40
N PRO L 417 49.65 -10.90 -7.14
CA PRO L 417 50.48 -11.74 -6.26
C PRO L 417 49.91 -11.83 -4.85
N SER L 418 50.15 -12.95 -4.18
CA SER L 418 49.63 -13.17 -2.84
C SER L 418 50.73 -13.05 -1.79
N SER L 419 50.37 -13.29 -0.54
CA SER L 419 51.35 -13.45 0.53
C SER L 419 52.02 -14.81 0.39
N THR L 420 51.52 -15.59 -0.57
CA THR L 420 52.06 -16.91 -0.89
C THR L 420 53.56 -16.90 -1.12
N GLY L 444 45.56 -16.76 6.25
CA GLY L 444 46.33 -15.54 6.22
C GLY L 444 46.53 -15.03 4.80
N VAL L 445 45.86 -15.67 3.84
CA VAL L 445 46.02 -15.28 2.44
C VAL L 445 44.96 -14.29 1.96
N ARG L 446 45.40 -13.08 1.67
CA ARG L 446 44.59 -12.12 0.94
C ARG L 446 45.48 -11.59 -0.15
N ASP L 447 45.17 -11.90 -1.41
CA ASP L 447 46.10 -11.60 -2.49
C ASP L 447 46.13 -10.12 -2.80
N LEU L 448 47.33 -9.57 -2.88
CA LEU L 448 47.52 -8.15 -3.14
C LEU L 448 47.00 -7.74 -4.51
N THR L 449 46.11 -6.78 -4.52
CA THR L 449 45.87 -6.01 -5.72
C THR L 449 45.93 -4.55 -5.34
N TYR L 450 46.97 -3.86 -5.82
CA TYR L 450 47.13 -2.44 -5.56
C TYR L 450 46.66 -1.67 -6.80
N LYS L 451 46.14 -0.47 -6.56
CA LYS L 451 45.61 0.37 -7.63
C LYS L 451 46.12 1.80 -7.53
N ILE L 452 45.90 2.58 -8.59
CA ILE L 452 46.34 3.97 -8.61
C ILE L 452 45.41 4.83 -7.77
N SER L 453 45.94 5.42 -6.70
CA SER L 453 45.23 6.45 -5.98
C SER L 453 46.19 7.62 -5.83
N PHE L 454 45.87 8.73 -6.50
CA PHE L 454 46.71 9.92 -6.49
C PHE L 454 46.27 10.84 -5.37
N LEU L 455 47.15 11.01 -4.38
CA LEU L 455 46.88 11.91 -3.27
C LEU L 455 46.98 13.35 -3.76
N ALA L 456 46.18 14.25 -3.21
CA ALA L 456 46.40 15.65 -3.47
C ALA L 456 47.10 16.25 -2.25
N CYS L 457 48.39 16.53 -2.41
CA CYS L 457 49.16 17.22 -1.39
C CYS L 457 48.99 18.74 -1.51
N HIS L 458 48.99 19.21 -2.76
CA HIS L 458 48.86 20.64 -3.04
C HIS L 458 48.16 20.87 -4.36
N VAL L 459 47.42 21.96 -4.46
CA VAL L 459 46.60 22.25 -5.64
C VAL L 459 46.49 23.76 -5.88
N ILE L 460 46.23 24.15 -7.11
CA ILE L 460 45.91 25.55 -7.42
C ILE L 460 44.73 25.64 -8.39
N SER L 461 43.77 26.49 -8.07
CA SER L 461 42.49 26.52 -8.79
C SER L 461 42.58 27.04 -10.23
N ILE L 462 43.71 27.63 -10.59
CA ILE L 462 43.89 28.20 -11.91
C ILE L 462 43.76 27.16 -13.03
N GLY L 463 43.23 27.58 -14.18
CA GLY L 463 43.02 26.70 -15.30
C GLY L 463 41.71 25.93 -15.21
N SER L 510 46.80 48.58 -0.56
CA SER L 510 48.07 49.21 -0.23
C SER L 510 48.23 50.52 -0.99
N ASP L 511 49.12 50.51 -1.98
CA ASP L 511 49.31 51.69 -2.82
C ASP L 511 48.12 51.89 -3.74
N GLU L 512 47.37 50.81 -3.97
CA GLU L 512 46.19 50.85 -4.82
C GLU L 512 45.14 51.82 -4.29
N ILE L 513 45.07 51.93 -2.97
CA ILE L 513 44.08 52.80 -2.35
C ILE L 513 44.42 54.27 -2.58
N ASN L 514 45.72 54.55 -2.75
CA ASN L 514 46.17 55.89 -3.11
C ASN L 514 45.52 56.29 -4.43
N GLU L 515 45.40 55.32 -5.33
CA GLU L 515 44.71 55.51 -6.60
C GLU L 515 43.27 55.94 -6.36
N LEU L 516 42.63 55.32 -5.36
CA LEU L 516 41.27 55.68 -4.98
C LEU L 516 41.20 57.14 -4.55
N LYS L 517 42.02 57.50 -3.56
CA LYS L 517 42.11 58.88 -3.10
C LYS L 517 42.46 59.79 -4.27
N GLU L 518 43.29 59.30 -5.18
CA GLU L 518 43.58 60.00 -6.42
C GLU L 518 42.36 59.99 -7.32
N MET L 519 41.56 58.94 -7.24
CA MET L 519 40.32 58.85 -7.99
C MET L 519 39.20 59.64 -7.32
N VAL L 520 39.10 59.53 -6.00
CA VAL L 520 38.04 60.19 -5.25
C VAL L 520 38.12 61.70 -5.34
N LYS L 521 39.32 62.22 -5.62
CA LYS L 521 39.53 63.65 -5.75
C LYS L 521 38.96 64.18 -7.06
N ASP L 522 39.00 63.34 -8.10
CA ASP L 522 38.56 63.76 -9.43
C ASP L 522 37.04 63.93 -9.48
N GLU L 523 36.62 65.12 -9.90
CA GLU L 523 35.21 65.44 -10.03
C GLU L 523 34.63 64.84 -11.31
N HIS L 524 35.39 64.94 -12.39
CA HIS L 524 34.89 64.57 -13.71
C HIS L 524 34.70 63.07 -13.87
N ILE L 525 35.17 62.30 -12.88
CA ILE L 525 35.05 60.85 -12.90
C ILE L 525 33.59 60.42 -13.05
N TYR L 526 32.69 61.21 -12.49
CA TYR L 526 31.26 60.96 -12.65
C TYR L 526 30.93 60.85 -14.14
N ASP L 527 31.58 61.71 -14.93
CA ASP L 527 31.53 61.60 -16.38
C ASP L 527 32.51 60.53 -16.86
N LYS L 528 33.70 60.51 -16.25
CA LYS L 528 34.77 59.61 -16.66
C LYS L 528 34.44 58.14 -16.43
N LEU L 529 33.82 57.83 -15.29
CA LEU L 529 33.36 56.48 -15.00
C LEU L 529 32.48 55.99 -16.15
N VAL L 530 31.68 56.90 -16.69
CA VAL L 530 30.77 56.59 -17.79
C VAL L 530 31.51 56.36 -19.10
N ARG L 531 32.42 57.29 -19.44
CA ARG L 531 33.20 57.16 -20.67
C ARG L 531 34.13 55.96 -20.57
N SER L 532 34.44 55.55 -19.35
CA SER L 532 35.30 54.40 -19.12
C SER L 532 34.48 53.10 -19.07
N ILE L 533 33.16 53.25 -19.12
CA ILE L 533 32.28 52.10 -18.95
C ILE L 533 32.51 50.97 -19.96
N ALA L 534 32.10 51.18 -21.21
CA ALA L 534 32.11 50.11 -22.20
C ALA L 534 32.45 50.59 -23.61
N PRO L 535 33.73 50.91 -23.85
CA PRO L 535 34.23 51.44 -25.12
C PRO L 535 33.98 50.49 -26.30
N ALA L 536 33.91 49.20 -26.03
CA ALA L 536 33.60 48.22 -27.07
C ALA L 536 32.27 48.54 -27.72
N VAL L 537 31.34 49.07 -26.93
CA VAL L 537 30.07 49.56 -27.45
C VAL L 537 30.24 50.98 -27.99
N PHE L 538 29.38 51.35 -28.94
CA PHE L 538 29.38 52.72 -29.43
C PHE L 538 28.18 53.50 -28.92
N GLY L 539 28.45 54.57 -28.19
CA GLY L 539 27.40 55.44 -27.69
C GLY L 539 26.41 54.82 -26.73
N HIS L 540 25.16 55.28 -26.82
CA HIS L 540 24.04 54.85 -25.96
C HIS L 540 24.15 55.41 -24.55
N GLU L 541 25.35 55.86 -24.18
CA GLU L 541 25.54 56.77 -23.06
C GLU L 541 24.76 56.29 -21.84
N ALA L 542 23.74 57.06 -21.48
CA ALA L 542 22.99 56.86 -20.23
C ALA L 542 22.66 55.39 -19.93
N VAL L 543 22.37 54.61 -20.97
CA VAL L 543 22.17 53.17 -20.80
C VAL L 543 23.34 52.54 -20.05
N LYS L 544 24.56 52.98 -20.40
CA LYS L 544 25.77 52.49 -19.77
C LYS L 544 25.77 52.71 -18.25
N LYS L 545 25.48 53.94 -17.84
CA LYS L 545 25.50 54.33 -16.43
C LYS L 545 24.73 53.35 -15.56
N GLY L 546 23.49 53.06 -15.95
CA GLY L 546 22.64 52.12 -15.24
C GLY L 546 23.29 50.76 -15.05
N ILE L 547 24.11 50.34 -16.02
CA ILE L 547 24.87 49.10 -15.90
C ILE L 547 25.70 49.15 -14.62
N LEU L 548 26.49 50.23 -14.49
CA LEU L 548 27.22 50.52 -13.25
C LEU L 548 26.25 50.57 -12.08
N LEU L 549 25.09 51.18 -12.32
CA LEU L 549 24.07 51.36 -11.29
C LEU L 549 23.48 50.02 -10.86
N GLN L 550 23.38 49.08 -11.81
CA GLN L 550 22.98 47.72 -11.47
C GLN L 550 24.11 47.03 -10.73
N MET L 551 25.33 47.54 -10.93
CA MET L 551 26.52 46.96 -10.31
C MET L 551 26.66 47.39 -8.86
N LEU L 552 26.05 48.52 -8.50
CA LEU L 552 25.92 48.89 -7.11
C LEU L 552 24.47 49.20 -6.79
N GLY L 553 23.85 48.34 -5.99
CA GLY L 553 22.46 48.51 -5.63
C GLY L 553 22.33 49.41 -4.43
N GLY L 554 21.11 49.51 -3.91
CA GLY L 554 20.87 50.33 -2.74
C GLY L 554 21.26 49.61 -1.46
N VAL L 555 20.71 50.06 -0.35
CA VAL L 555 20.99 49.46 0.94
C VAL L 555 20.57 47.99 0.94
N HIS L 556 19.55 47.67 0.14
CA HIS L 556 18.96 46.34 0.05
C HIS L 556 18.74 45.78 1.44
N LYS L 557 18.42 46.67 2.37
CA LYS L 557 18.36 46.32 3.78
C LYS L 557 17.38 47.19 4.56
N SER L 558 17.06 46.71 5.75
CA SER L 558 16.07 47.28 6.65
C SER L 558 14.69 47.43 5.98
N THR L 559 13.83 48.36 6.43
CA THR L 559 13.96 48.86 7.79
C THR L 559 12.99 48.06 8.65
N VAL L 560 13.58 47.07 9.31
CA VAL L 560 12.95 46.14 10.26
C VAL L 560 11.56 45.72 9.76
N GLU L 561 10.61 45.40 10.64
CA GLU L 561 10.88 44.80 11.94
C GLU L 561 11.89 43.64 11.84
N GLY L 562 11.79 42.81 10.79
CA GLY L 562 10.69 42.84 9.83
C GLY L 562 11.09 42.50 8.42
N ILE L 563 10.29 42.98 7.47
CA ILE L 563 10.60 42.92 6.05
C ILE L 563 11.97 43.57 5.77
N LYS L 564 12.72 43.02 4.82
CA LYS L 564 13.96 43.67 4.40
C LYS L 564 13.73 44.36 3.07
N LEU L 565 13.73 45.68 3.08
CA LEU L 565 13.40 46.45 1.89
C LEU L 565 14.53 46.38 0.86
N ARG L 566 14.15 46.22 -0.40
CA ARG L 566 15.11 46.27 -1.49
C ARG L 566 15.52 47.72 -1.75
N GLY L 567 16.69 47.89 -2.35
CA GLY L 567 17.52 46.77 -2.72
C GLY L 567 17.46 46.44 -4.20
N ASP L 568 18.56 45.92 -4.70
CA ASP L 568 18.71 45.50 -6.09
C ASP L 568 18.45 46.62 -7.11
N ILE L 569 17.94 46.23 -8.27
CA ILE L 569 17.58 47.13 -9.36
C ILE L 569 17.34 46.28 -10.61
N ASN L 570 16.70 46.82 -11.64
CA ASN L 570 16.48 46.04 -12.86
C ASN L 570 16.41 46.87 -14.14
N ILE L 571 16.84 46.29 -15.25
CA ILE L 571 16.71 46.91 -16.57
C ILE L 571 16.54 45.84 -17.65
N CYS L 572 15.68 46.10 -18.62
CA CYS L 572 15.76 45.33 -19.85
C CYS L 572 15.73 46.29 -21.03
N VAL L 573 16.86 46.42 -21.72
CA VAL L 573 16.97 47.34 -22.84
C VAL L 573 16.60 46.63 -24.15
N VAL L 574 15.78 47.29 -24.96
CA VAL L 574 15.22 46.67 -26.13
C VAL L 574 15.27 47.62 -27.33
N GLY L 575 15.13 47.06 -28.53
CA GLY L 575 15.17 47.83 -29.76
C GLY L 575 15.45 46.96 -30.95
N ASP L 576 15.68 47.58 -32.10
CA ASP L 576 15.96 46.87 -33.34
C ASP L 576 17.14 45.93 -33.19
N PRO L 577 16.94 44.64 -33.52
CA PRO L 577 18.07 43.70 -33.53
C PRO L 577 19.21 44.23 -34.39
N SER L 578 20.43 43.81 -34.09
CA SER L 578 21.63 44.45 -34.63
C SER L 578 21.77 45.86 -34.05
N THR L 579 21.20 46.07 -32.87
CA THR L 579 21.46 47.27 -32.10
C THR L 579 22.76 47.03 -31.32
N SER L 580 23.23 45.79 -31.40
CA SER L 580 24.39 45.36 -30.63
C SER L 580 24.13 45.53 -29.14
N LYS L 581 22.86 45.42 -28.76
CA LYS L 581 22.51 45.40 -27.34
C LYS L 581 23.25 44.25 -26.66
N SER L 582 23.62 43.26 -27.47
CA SER L 582 24.44 42.15 -27.02
C SER L 582 25.79 42.63 -26.50
N GLN L 583 26.26 43.76 -27.01
CA GLN L 583 27.53 44.36 -26.58
C GLN L 583 27.57 44.54 -25.07
N PHE L 584 26.44 44.94 -24.48
CA PHE L 584 26.36 45.22 -23.05
C PHE L 584 26.48 43.97 -22.19
N LEU L 585 25.63 42.99 -22.46
CA LEU L 585 25.60 41.76 -21.67
C LEU L 585 26.96 41.06 -21.72
N LYS L 586 27.42 40.76 -22.93
CA LYS L 586 28.73 40.11 -23.11
C LYS L 586 29.85 40.98 -22.55
N TYR L 587 29.65 42.29 -22.53
CA TYR L 587 30.59 43.17 -21.86
C TYR L 587 30.71 42.84 -20.38
N VAL L 588 29.63 43.08 -19.64
CA VAL L 588 29.65 42.93 -18.19
C VAL L 588 29.66 41.46 -17.76
N VAL L 589 29.14 40.59 -18.62
CA VAL L 589 29.12 39.15 -18.33
C VAL L 589 30.55 38.64 -18.18
N GLY L 590 31.45 39.20 -18.95
CA GLY L 590 32.86 38.88 -18.84
C GLY L 590 33.56 39.95 -18.01
N PHE L 591 32.77 40.88 -17.50
CA PHE L 591 33.28 42.01 -16.72
C PHE L 591 33.06 41.79 -15.22
N ALA L 592 31.81 41.90 -14.79
CA ALA L 592 31.48 41.79 -13.37
C ALA L 592 31.56 40.33 -12.89
N PRO L 593 32.04 40.13 -11.65
CA PRO L 593 32.20 38.80 -11.06
C PRO L 593 30.86 38.07 -10.90
N ARG L 594 30.87 36.76 -11.11
CA ARG L 594 29.70 35.90 -10.96
C ARG L 594 28.51 36.42 -11.77
N SER L 595 28.79 37.12 -12.87
CA SER L 595 27.72 37.61 -13.72
C SER L 595 27.24 36.46 -14.60
N VAL L 596 25.96 36.13 -14.46
CA VAL L 596 25.41 34.96 -15.14
C VAL L 596 24.55 35.36 -16.33
N TYR L 597 24.61 34.56 -17.38
CA TYR L 597 23.88 34.86 -18.60
C TYR L 597 23.32 33.61 -19.24
N THR L 598 22.18 33.76 -19.91
CA THR L 598 21.54 32.65 -20.60
C THR L 598 20.95 33.14 -21.90
N SER L 599 20.69 32.21 -22.82
CA SER L 599 20.05 32.52 -24.09
C SER L 599 18.65 33.08 -23.86
N GLY L 600 18.10 32.83 -22.68
CA GLY L 600 16.80 33.36 -22.33
C GLY L 600 15.68 32.77 -23.17
N LYS L 601 15.89 31.56 -23.68
CA LYS L 601 14.82 30.87 -24.39
C LYS L 601 14.60 29.47 -23.82
N ALA L 602 15.55 28.57 -24.05
CA ALA L 602 15.47 27.26 -23.43
C ALA L 602 16.58 27.09 -22.40
N SER L 603 16.16 27.14 -21.14
CA SER L 603 16.98 26.77 -19.99
C SER L 603 17.01 25.25 -19.67
N SER L 604 15.92 24.53 -19.88
CA SER L 604 14.70 25.02 -20.53
C SER L 604 13.91 25.94 -19.63
N ALA L 605 13.29 25.35 -18.61
CA ALA L 605 12.67 26.09 -17.53
C ALA L 605 13.65 26.04 -16.37
N ALA L 606 13.89 24.82 -15.90
CA ALA L 606 14.93 24.58 -14.92
C ALA L 606 16.18 24.00 -15.60
N GLY L 607 17.22 24.81 -15.72
CA GLY L 607 17.15 26.24 -15.52
C GLY L 607 17.00 26.70 -14.07
N LEU L 608 16.37 27.85 -13.90
CA LEU L 608 16.21 28.46 -12.58
C LEU L 608 15.40 27.57 -11.64
N THR L 609 14.49 26.79 -12.20
CA THR L 609 13.64 25.90 -11.41
C THR L 609 14.39 24.66 -10.91
N ALA L 610 13.82 23.98 -9.91
CA ALA L 610 14.27 22.64 -9.56
C ALA L 610 13.65 21.65 -10.54
N ALA L 611 14.40 20.61 -10.91
CA ALA L 611 14.01 19.71 -11.99
C ALA L 611 12.61 19.10 -11.82
N VAL L 612 12.30 18.50 -10.68
CA VAL L 612 13.24 18.22 -9.60
C VAL L 612 13.92 16.89 -9.94
N VAL L 613 15.21 16.78 -9.61
CA VAL L 613 16.06 15.74 -10.20
C VAL L 613 15.71 14.31 -9.80
N ARG L 614 15.73 13.43 -10.80
CA ARG L 614 15.55 11.99 -10.59
C ARG L 614 16.55 11.24 -11.47
N ASP L 615 17.00 10.08 -11.01
CA ASP L 615 16.42 9.51 -9.81
C ASP L 615 17.32 9.68 -8.57
N GLU L 616 18.22 8.74 -8.31
CA GLU L 616 19.34 9.02 -7.41
C GLU L 616 20.62 8.33 -7.90
N GLU L 617 20.64 7.00 -7.87
CA GLU L 617 19.48 6.18 -7.49
C GLU L 617 19.49 5.80 -6.01
N GLY L 618 18.42 5.12 -5.58
CA GLY L 618 18.20 4.85 -4.17
C GLY L 618 17.30 5.92 -3.60
N GLY L 619 16.93 6.87 -4.45
CA GLY L 619 16.11 8.00 -4.05
C GLY L 619 15.67 8.76 -5.28
N ASP L 620 15.09 9.93 -5.07
CA ASP L 620 14.47 10.71 -6.13
C ASP L 620 14.51 12.16 -5.73
N TYR L 621 13.72 13.00 -6.42
CA TYR L 621 13.35 14.33 -5.93
C TYR L 621 14.55 15.21 -5.58
N THR L 622 15.69 14.96 -6.23
CA THR L 622 16.89 15.76 -6.01
C THR L 622 16.66 17.21 -6.41
N ILE L 623 16.91 18.12 -5.48
CA ILE L 623 16.58 19.52 -5.72
C ILE L 623 17.75 20.30 -6.31
N GLU L 624 17.64 20.64 -7.59
CA GLU L 624 18.55 21.59 -8.23
C GLU L 624 18.07 23.00 -7.94
N ALA L 625 18.99 23.97 -7.98
CA ALA L 625 18.61 25.36 -7.74
C ALA L 625 17.52 25.78 -8.73
N GLY L 626 17.84 25.84 -10.02
CA GLY L 626 19.18 25.81 -10.56
C GLY L 626 19.46 27.19 -11.13
N ALA L 627 20.37 27.28 -12.10
CA ALA L 627 20.48 28.46 -12.95
C ALA L 627 20.67 29.74 -12.15
N LEU L 628 19.68 30.64 -12.19
CA LEU L 628 19.89 31.92 -11.51
C LEU L 628 19.51 31.71 -10.05
N MET L 629 20.55 31.42 -9.29
CA MET L 629 20.65 31.52 -7.84
C MET L 629 22.07 32.06 -7.64
N LEU L 630 23.00 31.27 -8.17
CA LEU L 630 24.44 31.39 -8.01
C LEU L 630 24.99 32.78 -8.30
N ALA L 631 24.16 33.57 -8.98
CA ALA L 631 24.49 34.95 -9.29
C ALA L 631 24.15 35.82 -8.10
N ASP L 632 23.77 35.15 -7.00
CA ASP L 632 23.22 35.77 -5.82
C ASP L 632 24.06 36.96 -5.37
N ASN L 633 23.39 38.08 -5.13
CA ASN L 633 24.05 39.36 -4.89
C ASN L 633 24.95 39.75 -6.06
N GLY L 634 24.47 39.46 -7.27
CA GLY L 634 25.22 39.77 -8.48
C GLY L 634 24.29 40.06 -9.64
N ILE L 635 24.84 40.66 -10.69
CA ILE L 635 24.01 41.10 -11.81
C ILE L 635 23.73 39.98 -12.79
N CYS L 636 22.45 39.67 -12.95
CA CYS L 636 22.02 38.61 -13.85
C CYS L 636 21.41 39.19 -15.12
N CYS L 637 21.82 38.66 -16.27
CA CYS L 637 21.33 39.15 -17.54
C CYS L 637 20.81 38.03 -18.44
N ILE L 638 19.72 38.31 -19.15
CA ILE L 638 19.09 37.33 -20.02
C ILE L 638 18.63 38.01 -21.31
N ASP L 639 17.98 37.26 -22.21
CA ASP L 639 17.47 37.82 -23.46
C ASP L 639 16.08 37.30 -23.82
N GLU L 640 15.21 38.21 -24.28
CA GLU L 640 13.94 37.85 -24.89
C GLU L 640 13.03 36.98 -24.01
N PHE L 641 12.46 37.59 -22.98
CA PHE L 641 11.52 36.93 -22.08
C PHE L 641 10.39 36.26 -22.86
N ASP L 642 10.07 36.83 -24.02
CA ASP L 642 9.02 36.29 -24.88
C ASP L 642 9.42 34.91 -25.40
N LYS L 643 10.72 34.61 -25.36
CA LYS L 643 11.24 33.33 -25.84
C LYS L 643 11.07 32.20 -24.81
N MET L 644 11.06 32.57 -23.53
CA MET L 644 10.88 31.61 -22.44
C MET L 644 9.39 31.48 -22.08
N ASP L 645 8.59 32.20 -22.86
CA ASP L 645 7.13 32.38 -22.71
C ASP L 645 6.68 32.85 -21.33
N ILE L 646 5.49 32.42 -20.93
CA ILE L 646 4.89 32.76 -19.64
C ILE L 646 5.29 31.81 -18.50
N SER L 647 5.52 30.55 -18.86
CA SER L 647 5.69 29.48 -17.89
C SER L 647 6.68 29.85 -16.79
N ASP L 648 7.84 30.36 -17.18
CA ASP L 648 8.82 30.81 -16.21
C ASP L 648 8.71 32.31 -15.90
N GLN L 649 7.92 33.05 -16.69
CA GLN L 649 7.68 34.47 -16.40
C GLN L 649 7.05 34.59 -15.02
N VAL L 650 6.28 33.56 -14.66
CA VAL L 650 5.69 33.44 -13.33
C VAL L 650 6.77 33.53 -12.25
N ALA L 651 7.61 32.50 -12.20
CA ALA L 651 8.69 32.43 -11.21
C ALA L 651 9.72 33.52 -11.43
N ILE L 652 9.97 33.88 -12.70
CA ILE L 652 10.83 35.01 -13.02
C ILE L 652 10.29 36.26 -12.33
N HIS L 653 8.98 36.46 -12.44
CA HIS L 653 8.32 37.53 -11.70
C HIS L 653 8.32 37.21 -10.21
N GLU L 654 8.26 35.93 -9.88
CA GLU L 654 8.27 35.48 -8.50
C GLU L 654 9.56 35.89 -7.79
N ALA L 655 10.70 35.57 -8.40
CA ALA L 655 12.00 35.95 -7.85
C ALA L 655 12.10 37.46 -7.74
N MET L 656 11.30 38.17 -8.52
CA MET L 656 11.30 39.62 -8.54
C MET L 656 10.52 40.22 -7.38
N GLU L 657 9.71 39.40 -6.72
CA GLU L 657 8.95 39.85 -5.55
C GLU L 657 9.58 39.30 -4.28
N GLN L 658 9.46 37.99 -4.10
CA GLN L 658 9.98 37.30 -2.91
C GLN L 658 11.50 37.31 -2.87
N GLN L 659 12.14 37.80 -3.94
CA GLN L 659 13.59 37.68 -4.06
C GLN L 659 13.87 36.19 -3.99
N THR L 660 14.53 35.77 -2.91
CA THR L 660 14.75 34.35 -2.65
C THR L 660 13.46 33.57 -2.87
N ILE L 661 13.55 32.42 -3.52
CA ILE L 661 12.37 31.65 -3.89
C ILE L 661 12.33 30.25 -3.27
N SER L 662 11.16 29.85 -2.79
CA SER L 662 10.92 28.49 -2.32
C SER L 662 10.64 27.56 -3.51
N ILE L 663 11.11 26.32 -3.45
CA ILE L 663 10.95 25.38 -4.57
C ILE L 663 10.95 23.89 -4.19
N ALA L 664 10.29 23.09 -5.02
CA ALA L 664 10.37 21.62 -4.99
C ALA L 664 9.36 21.02 -5.99
N LYS L 665 9.45 19.72 -6.26
CA LYS L 665 8.32 18.98 -6.83
C LYS L 665 8.22 17.59 -6.21
N ALA L 666 7.13 17.36 -5.47
CA ALA L 666 6.86 16.07 -4.82
C ALA L 666 8.06 15.65 -3.98
N GLY L 667 8.89 16.64 -3.65
CA GLY L 667 10.08 16.44 -2.84
C GLY L 667 9.89 17.09 -1.50
N ILE L 668 11.00 17.41 -0.84
CA ILE L 668 10.97 18.14 0.42
C ILE L 668 10.89 19.65 0.15
N HIS L 669 10.15 20.37 0.99
CA HIS L 669 10.03 21.82 0.85
C HIS L 669 11.39 22.51 0.99
N ALA L 670 11.56 23.61 0.26
CA ALA L 670 12.76 24.43 0.38
C ALA L 670 12.47 25.87 -0.01
N THR L 671 13.19 26.81 0.59
CA THR L 671 13.14 28.19 0.13
C THR L 671 14.57 28.62 -0.18
N LEU L 672 14.83 28.86 -1.45
CA LEU L 672 16.19 29.17 -1.89
C LEU L 672 16.40 30.68 -1.89
N ASN L 673 17.60 31.11 -1.49
CA ASN L 673 17.94 32.51 -1.54
C ASN L 673 18.43 32.94 -2.92
N ALA L 674 17.67 33.81 -3.58
CA ALA L 674 18.26 34.56 -4.65
C ALA L 674 17.95 36.03 -4.41
N ARG L 675 19.00 36.78 -4.09
CA ARG L 675 18.98 38.22 -4.17
C ARG L 675 20.01 38.56 -5.24
N THR L 676 19.51 38.94 -6.40
CA THR L 676 20.36 39.08 -7.56
C THR L 676 19.96 40.25 -8.43
N SER L 677 20.89 41.16 -8.69
CA SER L 677 20.62 42.23 -9.64
C SER L 677 20.37 41.61 -11.00
N ILE L 678 19.32 42.05 -11.67
CA ILE L 678 18.92 41.42 -12.92
C ILE L 678 18.69 42.42 -14.04
N LEU L 679 19.26 42.13 -15.20
CA LEU L 679 18.96 42.86 -16.43
C LEU L 679 18.69 41.80 -17.50
N ALA L 680 18.12 42.22 -18.63
CA ALA L 680 17.98 41.33 -19.77
C ALA L 680 17.53 42.12 -21.00
N ALA L 681 17.40 41.45 -22.14
CA ALA L 681 16.88 42.11 -23.32
C ALA L 681 15.93 41.21 -24.11
N ALA L 682 14.68 41.65 -24.23
CA ALA L 682 13.72 40.94 -25.07
C ALA L 682 13.38 41.80 -26.27
N ASN L 683 13.74 41.33 -27.47
CA ASN L 683 13.50 42.09 -28.69
C ASN L 683 12.05 42.50 -28.84
N PRO L 684 11.81 43.65 -29.46
CA PRO L 684 10.45 44.13 -29.71
C PRO L 684 9.70 43.14 -30.59
N VAL L 685 8.39 43.00 -30.38
CA VAL L 685 7.59 42.07 -31.16
C VAL L 685 7.70 42.38 -32.65
N GLY L 686 7.88 43.66 -32.96
CA GLY L 686 8.11 44.08 -34.33
C GLY L 686 9.58 44.34 -34.56
N GLY L 687 10.34 44.39 -33.46
CA GLY L 687 11.76 44.69 -33.55
C GLY L 687 11.99 46.14 -33.97
N ARG L 688 10.89 46.86 -34.17
CA ARG L 688 10.93 48.24 -34.64
C ARG L 688 9.94 49.11 -33.92
N TYR L 689 9.80 50.34 -34.39
CA TYR L 689 8.79 51.24 -33.87
C TYR L 689 8.12 51.99 -35.03
N ASN L 690 6.79 52.07 -35.02
CA ASN L 690 5.95 51.71 -33.88
C ASN L 690 6.26 52.64 -32.72
N ARG L 691 6.68 53.86 -33.05
CA ARG L 691 6.91 54.89 -32.06
C ARG L 691 5.61 55.19 -31.30
N LYS L 692 4.50 55.14 -32.04
CA LYS L 692 3.19 55.39 -31.47
C LYS L 692 2.79 54.29 -30.49
N LEU L 693 3.53 53.19 -30.51
CA LEU L 693 3.30 52.09 -29.58
C LEU L 693 3.52 52.53 -28.14
N SER L 694 2.53 52.29 -27.30
CA SER L 694 2.72 52.44 -25.86
C SER L 694 3.63 51.31 -25.41
N LEU L 695 4.71 51.67 -24.71
CA LEU L 695 5.69 50.67 -24.28
C LEU L 695 5.04 49.57 -23.46
N ARG L 696 3.96 49.90 -22.77
CA ARG L 696 3.21 48.93 -21.97
C ARG L 696 2.76 47.72 -22.79
N GLY L 697 2.08 47.97 -23.90
CA GLY L 697 1.64 46.91 -24.78
C GLY L 697 2.67 46.56 -25.83
N ASN L 698 3.70 47.40 -25.92
CA ASN L 698 4.77 47.25 -26.90
C ASN L 698 5.71 46.09 -26.59
N LEU L 699 5.76 45.68 -25.33
CA LEU L 699 6.77 44.73 -24.87
C LEU L 699 6.39 43.25 -24.95
N ASN L 700 5.12 42.96 -25.27
CA ASN L 700 4.66 41.57 -25.35
C ASN L 700 4.77 40.86 -23.99
N MET L 701 4.54 41.60 -22.91
CA MET L 701 4.61 41.00 -21.58
C MET L 701 3.83 41.78 -20.54
N THR L 702 3.57 41.12 -19.41
CA THR L 702 2.74 41.67 -18.34
C THR L 702 3.39 42.88 -17.66
N ALA L 703 2.55 43.76 -17.12
CA ALA L 703 3.00 44.96 -16.41
C ALA L 703 3.76 44.68 -15.11
N PRO L 704 3.30 43.69 -14.32
CA PRO L 704 3.98 43.40 -13.04
C PRO L 704 5.46 43.04 -13.22
N ILE L 705 5.78 42.17 -14.16
CA ILE L 705 7.18 41.89 -14.48
C ILE L 705 7.77 43.15 -15.10
N MET L 706 6.92 43.90 -15.79
CA MET L 706 7.29 45.19 -16.37
C MET L 706 7.53 46.23 -15.28
N SER L 707 6.54 46.39 -14.41
CA SER L 707 6.62 47.34 -13.31
C SER L 707 7.69 46.96 -12.30
N ARG L 708 8.04 45.67 -12.27
CA ARG L 708 9.03 45.18 -11.32
C ARG L 708 10.45 45.67 -11.64
N PHE L 709 10.78 45.69 -12.93
CA PHE L 709 12.10 46.13 -13.37
C PHE L 709 12.11 47.63 -13.65
N ASP L 710 12.92 48.39 -12.91
CA ASP L 710 13.02 49.82 -13.17
C ASP L 710 14.44 50.22 -13.54
N LEU L 711 14.65 50.55 -14.82
CA LEU L 711 13.63 50.34 -15.84
C LEU L 711 14.26 49.79 -17.11
N PHE L 712 13.41 49.32 -18.02
CA PHE L 712 13.84 48.69 -19.27
C PHE L 712 14.72 49.58 -20.16
N PHE L 713 14.34 50.84 -20.33
CA PHE L 713 15.14 51.77 -21.12
C PHE L 713 15.28 51.36 -22.60
N VAL L 714 14.19 51.51 -23.37
CA VAL L 714 14.21 51.31 -24.82
C VAL L 714 15.19 52.23 -25.54
N ILE L 715 15.78 51.74 -26.64
CA ILE L 715 16.56 52.56 -27.56
C ILE L 715 16.34 52.06 -28.99
N LEU L 716 16.41 52.97 -29.97
CA LEU L 716 16.22 52.58 -31.37
C LEU L 716 17.38 53.04 -32.24
N ASP L 717 17.56 52.36 -33.38
CA ASP L 717 18.63 52.69 -34.30
C ASP L 717 18.11 53.00 -35.71
N ASP L 718 18.75 53.95 -36.37
CA ASP L 718 18.42 54.32 -37.74
C ASP L 718 19.63 54.96 -38.40
N CYS L 719 19.61 55.04 -39.73
CA CYS L 719 20.77 55.55 -40.48
C CYS L 719 21.00 57.05 -40.26
N ASN L 720 22.20 57.39 -39.80
CA ASN L 720 22.66 58.78 -39.76
C ASN L 720 24.03 58.82 -40.42
N GLU L 721 24.13 59.52 -41.55
CA GLU L 721 25.32 59.49 -42.39
C GLU L 721 26.56 59.98 -41.66
N LYS L 722 26.39 60.96 -40.77
CA LYS L 722 27.49 61.38 -39.91
C LYS L 722 27.91 60.22 -39.01
N ILE L 723 26.92 59.64 -38.33
CA ILE L 723 27.17 58.50 -37.44
C ILE L 723 27.47 57.25 -38.26
N ASP L 724 26.87 57.16 -39.44
CA ASP L 724 27.15 56.06 -40.36
C ASP L 724 28.63 56.01 -40.70
N THR L 725 29.26 57.19 -40.75
CA THR L 725 30.70 57.27 -40.92
C THR L 725 31.38 57.01 -39.57
N GLU L 726 30.76 57.51 -38.51
CA GLU L 726 31.24 57.26 -37.15
C GLU L 726 31.17 55.78 -36.83
N LEU L 727 30.01 55.18 -37.09
CA LEU L 727 29.86 53.73 -37.02
C LEU L 727 30.88 53.10 -37.94
N ALA L 728 31.02 53.64 -39.14
CA ALA L 728 32.02 53.19 -40.09
C ALA L 728 33.42 53.36 -39.51
N SER L 729 33.60 54.42 -38.73
CA SER L 729 34.89 54.71 -38.11
C SER L 729 35.06 53.94 -36.80
N HIS L 730 34.21 54.25 -35.83
CA HIS L 730 34.31 53.68 -34.49
C HIS L 730 34.24 52.16 -34.46
N ILE L 731 33.29 51.59 -35.21
CA ILE L 731 33.05 50.15 -35.19
C ILE L 731 34.19 49.34 -35.80
N VAL L 732 34.75 49.83 -36.90
CA VAL L 732 35.81 49.10 -37.60
C VAL L 732 37.08 49.03 -36.76
N ASP L 733 37.33 50.07 -35.97
CA ASP L 733 38.46 50.08 -35.04
C ASP L 733 38.29 48.98 -34.00
N LEU L 734 37.03 48.60 -33.73
CA LEU L 734 36.75 47.44 -32.91
C LEU L 734 37.16 46.18 -33.67
N HIS L 735 36.77 46.13 -34.94
CA HIS L 735 37.21 45.08 -35.85
C HIS L 735 38.73 45.11 -35.97
N MET L 736 39.29 46.30 -35.82
CA MET L 736 40.73 46.50 -35.97
C MET L 736 41.56 45.70 -34.98
N LYS L 737 42.63 45.11 -35.48
CA LYS L 737 43.69 44.60 -34.63
C LYS L 737 44.40 45.82 -34.05
N ARG L 738 44.43 46.88 -34.85
CA ARG L 738 44.85 48.21 -34.42
C ARG L 738 44.13 49.25 -35.29
N ASP L 739 43.87 50.43 -34.75
CA ASP L 739 44.29 50.80 -33.40
C ASP L 739 43.43 50.18 -32.30
N GLU L 740 44.07 49.42 -31.43
CA GLU L 740 43.46 49.03 -30.17
C GLU L 740 43.95 49.99 -29.08
N ALA L 741 44.73 50.98 -29.49
CA ALA L 741 45.34 51.91 -28.56
C ALA L 741 44.33 52.83 -27.88
N ILE L 742 43.22 53.11 -28.55
CA ILE L 742 42.18 53.98 -28.00
C ILE L 742 41.66 53.42 -26.68
N GLU L 743 41.54 54.29 -25.68
CA GLU L 743 41.19 53.86 -24.34
C GLU L 743 40.25 54.81 -23.62
N PRO L 744 39.44 54.26 -22.70
CA PRO L 744 38.65 55.03 -21.73
C PRO L 744 39.57 55.59 -20.65
N PRO L 745 39.08 56.56 -19.86
CA PRO L 745 39.91 57.20 -18.84
C PRO L 745 40.45 56.23 -17.81
N PHE L 746 39.64 55.22 -17.47
CA PHE L 746 39.98 54.29 -16.41
C PHE L 746 40.29 52.88 -16.92
N SER L 747 41.28 52.24 -16.32
CA SER L 747 41.44 50.80 -16.48
C SER L 747 40.23 50.16 -15.83
N ALA L 748 39.61 49.21 -16.52
CA ALA L 748 38.42 48.55 -16.03
C ALA L 748 38.64 47.99 -14.62
N GLU L 749 39.86 47.54 -14.37
CA GLU L 749 40.22 46.96 -13.08
C GLU L 749 40.25 47.99 -11.96
N GLN L 750 40.90 49.13 -12.21
CA GLN L 750 41.03 50.18 -11.21
C GLN L 750 39.67 50.72 -10.78
N LEU L 751 38.70 50.71 -11.70
CA LEU L 751 37.35 51.14 -11.39
C LEU L 751 36.63 50.04 -10.61
N ARG L 752 36.88 48.79 -10.99
CA ARG L 752 36.26 47.64 -10.32
C ARG L 752 36.68 47.55 -8.86
N ARG L 753 37.96 47.73 -8.59
CA ARG L 753 38.43 47.82 -7.21
C ARG L 753 37.81 49.06 -6.56
N TYR L 754 37.72 50.13 -7.35
CA TYR L 754 37.01 51.33 -6.91
C TYR L 754 35.53 51.02 -6.69
N ILE L 755 34.97 50.12 -7.49
CA ILE L 755 33.60 49.66 -7.31
C ILE L 755 33.38 49.15 -5.89
N LYS L 756 34.23 48.21 -5.48
CA LYS L 756 34.18 47.63 -4.14
C LYS L 756 34.32 48.70 -3.06
N TYR L 757 35.19 49.67 -3.29
CA TYR L 757 35.29 50.81 -2.38
C TYR L 757 33.96 51.55 -2.35
N ALA L 758 33.32 51.64 -3.51
CA ALA L 758 31.99 52.22 -3.62
C ALA L 758 30.94 51.29 -3.01
N ARG L 759 31.22 49.98 -3.08
CA ARG L 759 30.33 48.97 -2.52
C ARG L 759 30.23 49.06 -1.00
N THR L 760 31.34 49.45 -0.36
CA THR L 760 31.41 49.51 1.10
C THR L 760 30.37 50.46 1.70
N PHE L 761 30.00 51.49 0.96
CA PHE L 761 29.15 52.56 1.49
C PHE L 761 27.70 52.14 1.70
N LYS L 762 27.09 52.69 2.75
CA LYS L 762 25.66 52.62 2.93
C LYS L 762 25.12 54.04 3.11
N PRO L 763 25.16 54.84 2.03
CA PRO L 763 24.66 56.20 2.09
C PRO L 763 23.18 56.21 2.40
N ILE L 764 22.79 57.03 3.36
CA ILE L 764 21.40 57.13 3.76
C ILE L 764 20.97 58.58 3.73
N LEU L 765 20.04 58.92 2.84
CA LEU L 765 19.55 60.29 2.83
C LEU L 765 18.36 60.34 3.77
N THR L 766 18.61 60.92 4.94
CA THR L 766 17.58 61.28 5.88
C THR L 766 17.37 62.77 5.76
N LYS L 767 18.19 63.37 4.89
CA LYS L 767 18.16 64.80 4.64
C LYS L 767 16.77 65.20 4.21
N GLU L 768 16.33 66.36 4.68
CA GLU L 768 14.97 66.82 4.47
C GLU L 768 14.69 67.01 2.98
N ALA L 769 15.74 66.93 2.16
CA ALA L 769 15.60 66.98 0.71
C ALA L 769 14.84 65.75 0.22
N ARG L 770 14.86 64.68 1.01
CA ARG L 770 14.07 63.49 0.70
C ARG L 770 12.59 63.84 0.66
N SER L 771 12.19 64.77 1.52
CA SER L 771 10.84 65.30 1.50
C SER L 771 10.58 65.95 0.15
N TYR L 772 11.57 66.66 -0.36
CA TYR L 772 11.49 67.28 -1.68
C TYR L 772 11.33 66.23 -2.77
N LEU L 773 11.84 65.03 -2.51
CA LEU L 773 11.69 63.92 -3.46
C LEU L 773 10.24 63.48 -3.57
N VAL L 774 9.49 63.65 -2.48
CA VAL L 774 8.10 63.20 -2.40
C VAL L 774 7.21 63.89 -3.45
N GLU L 775 7.18 65.21 -3.41
CA GLU L 775 6.42 65.97 -4.40
C GLU L 775 7.02 65.74 -5.78
N LYS L 776 8.32 65.48 -5.82
CA LYS L 776 9.00 65.12 -7.06
C LYS L 776 8.39 63.83 -7.60
N TYR L 777 7.94 62.98 -6.70
CA TYR L 777 7.15 61.80 -7.07
C TYR L 777 5.71 62.23 -7.32
N LYS L 778 5.21 63.14 -6.50
CA LYS L 778 3.90 63.75 -6.72
C LYS L 778 3.88 64.41 -8.10
N GLU L 779 4.83 65.31 -8.33
CA GLU L 779 4.97 65.95 -9.64
C GLU L 779 5.30 64.92 -10.71
N LEU L 780 5.85 63.79 -10.28
CA LEU L 780 6.12 62.70 -11.21
C LEU L 780 4.81 62.13 -11.73
N ARG L 781 3.90 61.76 -10.83
CA ARG L 781 2.64 61.13 -11.24
C ARG L 781 1.35 61.99 -11.26
N LYS L 782 1.41 63.25 -10.87
CA LYS L 782 0.21 64.09 -10.93
C LYS L 782 -0.19 64.34 -12.39
N ASP L 783 0.81 64.41 -13.25
CA ASP L 783 0.62 64.63 -14.69
C ASP L 783 0.17 63.37 -15.40
N ASP L 784 0.58 62.22 -14.87
CA ASP L 784 0.36 60.94 -15.54
C ASP L 784 -1.06 60.43 -15.34
N ALA L 785 -1.84 61.17 -14.55
CA ALA L 785 -3.25 60.87 -14.37
C ALA L 785 -3.99 60.98 -15.70
N GLN L 786 -3.64 62.01 -16.48
CA GLN L 786 -4.20 62.19 -17.81
C GLN L 786 -3.11 62.55 -18.81
N GLY L 787 -3.00 61.74 -19.86
CA GLY L 787 -3.85 60.58 -20.02
C GLY L 787 -3.18 59.29 -19.57
N PHE L 788 -3.90 58.19 -19.63
CA PHE L 788 -3.35 56.89 -19.28
C PHE L 788 -2.75 56.20 -20.51
N SER L 789 -2.98 56.80 -21.67
CA SER L 789 -2.53 56.23 -22.95
C SER L 789 -1.06 56.56 -23.19
N ARG L 790 -0.53 57.46 -22.37
CA ARG L 790 0.89 57.75 -22.33
C ARG L 790 1.57 56.69 -21.48
N SER L 791 2.81 56.96 -21.08
CA SER L 791 3.71 55.96 -20.51
C SER L 791 3.11 55.14 -19.37
N SER L 792 2.02 55.62 -18.77
CA SER L 792 1.34 54.89 -17.70
C SER L 792 1.09 53.46 -18.16
N TYR L 793 1.40 52.45 -17.33
CA TYR L 793 1.70 52.57 -15.90
C TYR L 793 0.58 53.20 -15.09
N ARG L 794 0.97 53.98 -14.10
CA ARG L 794 0.03 54.59 -13.17
C ARG L 794 0.33 56.08 -12.94
N ILE L 795 1.52 56.41 -12.44
CA ILE L 795 2.66 55.49 -12.30
C ILE L 795 2.68 54.63 -11.04
N THR L 796 3.35 53.50 -11.11
CA THR L 796 3.52 52.60 -9.97
C THR L 796 4.12 53.33 -8.77
N VAL L 797 3.68 52.96 -7.57
CA VAL L 797 4.25 53.50 -6.36
C VAL L 797 5.62 52.87 -6.10
N ARG L 798 5.81 51.66 -6.62
CA ARG L 798 7.09 50.99 -6.56
C ARG L 798 8.17 51.79 -7.29
N GLN L 799 7.72 52.63 -8.23
CA GLN L 799 8.63 53.50 -8.97
C GLN L 799 9.34 54.45 -8.00
N LEU L 800 8.61 54.95 -7.01
CA LEU L 800 9.21 55.76 -5.96
C LEU L 800 10.20 54.92 -5.15
N GLU L 801 9.89 53.63 -5.00
CA GLU L 801 10.79 52.71 -4.32
C GLU L 801 12.10 52.62 -5.08
N SER L 802 12.02 52.39 -6.39
CA SER L 802 13.21 52.37 -7.23
C SER L 802 13.82 53.76 -7.27
N MET L 803 12.96 54.78 -7.21
CA MET L 803 13.42 56.16 -7.07
C MET L 803 14.32 56.26 -5.84
N ILE L 804 13.97 55.52 -4.79
CA ILE L 804 14.85 55.37 -3.64
C ILE L 804 16.13 54.68 -4.07
N ARG L 805 15.99 53.50 -4.66
CA ARG L 805 17.15 52.71 -5.09
C ARG L 805 17.93 53.40 -6.20
N LEU L 806 17.28 54.34 -6.88
CA LEU L 806 17.96 55.18 -7.86
C LEU L 806 19.04 56.01 -7.18
N SER L 807 18.62 56.81 -6.21
CA SER L 807 19.55 57.58 -5.40
C SER L 807 20.51 56.66 -4.67
N GLU L 808 20.00 55.48 -4.32
CA GLU L 808 20.82 54.43 -3.71
C GLU L 808 21.99 54.08 -4.62
N ALA L 809 21.74 54.10 -5.92
CA ALA L 809 22.78 53.84 -6.92
C ALA L 809 23.65 55.07 -7.16
N ILE L 810 23.03 56.25 -7.10
CA ILE L 810 23.71 57.51 -7.40
C ILE L 810 24.81 57.84 -6.39
N ALA L 811 24.45 57.87 -5.11
CA ALA L 811 25.37 58.26 -4.04
C ALA L 811 26.62 57.39 -4.01
N ARG L 812 26.45 56.10 -4.31
CA ARG L 812 27.57 55.17 -4.34
C ARG L 812 28.59 55.58 -5.39
N ALA L 813 28.10 55.94 -6.58
CA ALA L 813 28.96 56.42 -7.65
C ALA L 813 29.64 57.72 -7.25
N ASN L 814 28.91 58.55 -6.51
CA ASN L 814 29.47 59.81 -6.03
C ASN L 814 30.18 59.64 -4.68
N CYS L 815 30.04 58.45 -4.09
CA CYS L 815 30.78 58.05 -2.90
C CYS L 815 30.28 58.73 -1.61
N VAL L 816 29.45 59.74 -1.75
CA VAL L 816 28.98 60.48 -0.59
C VAL L 816 27.68 59.89 -0.03
N ASP L 817 27.61 59.82 1.30
CA ASP L 817 26.42 59.31 1.97
C ASP L 817 25.33 60.36 2.03
N GLU L 818 24.08 59.90 2.14
CA GLU L 818 22.94 60.80 2.37
C GLU L 818 22.58 61.58 1.11
N ILE L 819 23.37 61.36 0.06
CA ILE L 819 23.17 61.87 -1.30
C ILE L 819 22.92 63.39 -1.35
N THR L 820 22.17 63.83 -2.37
CA THR L 820 21.69 65.21 -2.53
C THR L 820 20.45 65.27 -3.45
N PRO L 821 19.63 66.33 -3.34
CA PRO L 821 18.47 66.52 -4.22
C PRO L 821 18.83 66.66 -5.70
N SER L 822 19.94 67.35 -5.98
CA SER L 822 20.44 67.45 -7.35
C SER L 822 20.67 66.06 -7.91
N PHE L 823 21.28 65.19 -7.11
CA PHE L 823 21.39 63.78 -7.45
C PHE L 823 20.01 63.17 -7.57
N ILE L 824 19.12 63.52 -6.64
CA ILE L 824 17.74 63.05 -6.66
C ILE L 824 17.07 63.41 -7.98
N ALA L 825 17.35 64.61 -8.46
CA ALA L 825 16.85 65.05 -9.76
C ALA L 825 17.36 64.11 -10.86
N GLU L 826 18.63 63.73 -10.77
CA GLU L 826 19.26 62.87 -11.77
C GLU L 826 18.50 61.56 -11.96
N ALA L 827 18.33 60.82 -10.86
CA ALA L 827 17.59 59.58 -10.88
C ALA L 827 16.15 59.83 -11.29
N TYR L 828 15.60 60.93 -10.80
CA TYR L 828 14.25 61.35 -11.17
C TYR L 828 14.17 61.59 -12.68
N ASP L 829 15.08 62.40 -13.20
CA ASP L 829 15.15 62.66 -14.63
C ASP L 829 15.40 61.36 -15.40
N LEU L 830 16.26 60.51 -14.84
CA LEU L 830 16.53 59.19 -15.42
C LEU L 830 15.24 58.45 -15.68
N LEU L 831 14.39 58.36 -14.66
CA LEU L 831 13.08 57.73 -14.80
C LEU L 831 12.26 58.44 -15.86
N ARG L 832 12.35 59.77 -15.87
CA ARG L 832 11.58 60.60 -16.80
C ARG L 832 11.81 60.16 -18.25
N GLN L 833 13.08 60.11 -18.66
CA GLN L 833 13.41 59.59 -19.99
C GLN L 833 13.11 58.10 -20.05
N SER L 834 13.36 57.41 -18.95
CA SER L 834 13.02 56.00 -18.83
C SER L 834 11.52 55.82 -19.12
N ILE L 835 10.73 56.70 -18.54
CA ILE L 835 9.27 56.66 -18.71
C ILE L 835 8.84 57.20 -20.08
N ILE L 836 9.47 58.28 -20.53
CA ILE L 836 9.12 58.90 -21.80
C ILE L 836 9.35 57.95 -22.98
N ARG L 837 10.21 56.97 -22.79
CA ARG L 837 10.41 55.93 -23.80
C ARG L 837 9.11 55.15 -23.98
N VAL L 838 8.22 55.26 -23.01
CA VAL L 838 6.89 54.65 -23.06
C VAL L 838 5.88 55.61 -23.69
N ASP L 839 6.32 56.82 -24.00
CA ASP L 839 5.45 57.85 -24.53
C ASP L 839 5.13 57.65 -26.02
N VAL L 840 4.46 58.65 -26.60
CA VAL L 840 4.06 58.64 -28.01
C VAL L 840 2.90 57.68 -28.25
N MET M 1 33.66 -49.44 4.91
CA MET M 1 33.22 -50.37 5.94
C MET M 1 31.92 -51.06 5.55
N SER M 2 31.59 -52.11 6.28
CA SER M 2 30.31 -52.78 6.10
C SER M 2 29.19 -51.90 6.63
N ALA M 3 27.96 -52.39 6.61
CA ALA M 3 26.82 -51.55 6.95
C ALA M 3 26.81 -50.35 6.02
N ALA M 4 27.01 -49.18 6.59
CA ALA M 4 26.99 -47.93 5.84
C ALA M 4 27.85 -48.05 4.58
N LEU M 5 27.30 -47.59 3.46
CA LEU M 5 27.89 -47.81 2.15
C LEU M 5 28.02 -49.31 1.90
N PRO M 6 26.88 -50.02 1.87
CA PRO M 6 26.86 -51.47 1.66
C PRO M 6 27.27 -51.87 0.24
N SER M 7 28.05 -52.94 0.14
CA SER M 7 28.43 -53.50 -1.14
C SER M 7 27.27 -54.28 -1.71
N ILE M 8 26.80 -53.90 -2.90
CA ILE M 8 25.58 -54.49 -3.44
C ILE M 8 25.78 -55.16 -4.79
N GLN M 9 25.31 -56.40 -4.88
CA GLN M 9 25.44 -57.19 -6.08
C GLN M 9 24.45 -56.76 -7.16
N LEU M 10 24.91 -56.80 -8.41
CA LEU M 10 24.03 -56.66 -9.55
C LEU M 10 24.33 -57.77 -10.56
N PRO M 11 23.29 -58.35 -11.17
CA PRO M 11 23.46 -59.41 -12.17
C PRO M 11 24.36 -58.99 -13.33
N VAL M 12 24.50 -57.70 -13.54
CA VAL M 12 25.35 -57.19 -14.61
C VAL M 12 26.82 -57.19 -14.21
N ASP M 13 27.65 -57.77 -15.07
CA ASP M 13 29.09 -57.76 -14.84
C ASP M 13 29.89 -57.56 -16.12
N TYR M 14 30.82 -56.61 -16.09
CA TYR M 14 31.65 -56.33 -17.26
C TYR M 14 33.01 -57.02 -17.20
N ASN M 15 33.26 -57.78 -16.14
CA ASN M 15 34.56 -58.40 -15.93
C ASN M 15 35.02 -59.18 -17.16
N ASN M 16 34.16 -60.05 -17.67
CA ASN M 16 34.44 -60.76 -18.91
C ASN M 16 33.89 -59.99 -20.11
N LEU M 17 33.11 -58.95 -19.84
CA LEU M 17 32.55 -58.12 -20.90
C LEU M 17 33.61 -57.17 -21.41
N PHE M 18 34.54 -56.79 -20.53
CA PHE M 18 35.70 -56.02 -20.94
C PHE M 18 36.54 -56.82 -21.91
N ASN M 19 36.70 -58.12 -21.61
CA ASN M 19 37.31 -59.04 -22.56
C ASN M 19 36.44 -59.12 -23.80
N GLU M 20 35.13 -59.20 -23.59
CA GLU M 20 34.17 -59.18 -24.68
C GLU M 20 34.19 -57.83 -25.37
N ILE M 21 34.70 -56.82 -24.67
CA ILE M 21 34.87 -55.50 -25.26
C ILE M 21 36.03 -55.52 -26.25
N THR M 22 37.17 -56.05 -25.81
CA THR M 22 38.33 -56.21 -26.68
C THR M 22 38.08 -57.28 -27.73
N ASP M 23 37.13 -58.16 -27.48
CA ASP M 23 36.68 -59.09 -28.50
C ASP M 23 36.04 -58.28 -29.62
N PHE M 24 35.26 -57.28 -29.23
CA PHE M 24 34.66 -56.35 -30.18
C PHE M 24 35.64 -55.26 -30.61
N LEU M 25 36.45 -54.78 -29.66
CA LEU M 25 37.51 -53.83 -29.97
C LEU M 25 38.44 -54.45 -30.99
N VAL M 26 39.07 -53.63 -31.84
CA VAL M 26 39.93 -54.20 -32.86
C VAL M 26 39.06 -55.15 -33.67
N THR M 27 39.26 -56.44 -33.46
CA THR M 27 38.67 -57.51 -34.26
C THR M 27 37.21 -57.26 -34.59
N PHE M 28 36.85 -57.53 -35.85
CA PHE M 28 35.55 -57.20 -36.40
C PHE M 28 35.54 -57.77 -37.82
N LYS M 29 34.36 -57.85 -38.44
CA LYS M 29 34.26 -58.56 -39.71
C LYS M 29 33.60 -57.73 -40.82
N GLN M 30 32.33 -57.39 -40.60
CA GLN M 30 31.45 -56.80 -41.62
C GLN M 30 32.06 -55.62 -42.38
N ASP M 31 32.88 -54.83 -41.71
CA ASP M 31 33.46 -53.65 -42.35
C ASP M 31 34.97 -53.61 -42.16
N LYS M 59 40.15 -55.30 -46.04
CA LYS M 59 40.66 -56.58 -45.59
C LYS M 59 40.20 -56.90 -44.16
N GLY M 60 40.97 -56.43 -43.18
CA GLY M 60 40.67 -56.69 -41.80
C GLY M 60 39.53 -55.83 -41.26
N PRO M 61 39.25 -55.95 -39.95
CA PRO M 61 38.19 -55.18 -39.29
C PRO M 61 38.44 -53.68 -39.36
N LYS M 62 37.37 -52.89 -39.26
CA LYS M 62 37.47 -51.45 -39.34
C LYS M 62 38.24 -50.87 -38.16
N TYR M 63 38.15 -51.54 -37.02
CA TYR M 63 38.71 -51.02 -35.78
C TYR M 63 40.23 -51.15 -35.69
N MET M 64 40.83 -51.85 -36.65
CA MET M 64 42.27 -52.08 -36.62
C MET M 64 43.06 -50.89 -37.19
N ALA M 65 42.94 -50.68 -38.49
CA ALA M 65 43.67 -49.61 -39.16
C ALA M 65 43.09 -48.25 -38.81
N MET M 66 41.87 -48.25 -38.29
CA MET M 66 41.23 -47.01 -37.85
C MET M 66 41.76 -46.58 -36.49
N LEU M 67 42.09 -47.56 -35.65
CA LEU M 67 42.69 -47.28 -34.35
C LEU M 67 44.15 -46.90 -34.55
N GLN M 68 44.74 -47.43 -35.63
CA GLN M 68 46.07 -46.99 -36.03
C GLN M 68 45.95 -45.63 -36.71
N LYS M 69 44.78 -45.38 -37.28
CA LYS M 69 44.48 -44.09 -37.90
C LYS M 69 44.57 -42.97 -36.86
N VAL M 70 44.24 -43.30 -35.62
CA VAL M 70 44.43 -42.40 -34.50
C VAL M 70 45.89 -42.43 -34.06
N ALA M 71 46.47 -43.63 -34.11
CA ALA M 71 47.91 -43.78 -33.88
C ALA M 71 48.68 -43.12 -35.01
N ASN M 72 48.02 -42.99 -36.16
CA ASN M 72 48.56 -42.22 -37.28
C ASN M 72 48.47 -40.73 -36.98
N ARG M 73 47.60 -40.39 -36.04
CA ARG M 73 47.43 -39.02 -35.58
C ARG M 73 46.88 -38.05 -36.63
N GLU M 74 46.13 -38.57 -37.59
CA GLU M 74 45.35 -37.71 -38.47
C GLU M 74 43.93 -37.58 -37.93
N LEU M 75 43.66 -38.30 -36.85
CA LEU M 75 42.36 -38.24 -36.19
C LEU M 75 42.49 -38.26 -34.68
N ASN M 76 41.55 -37.60 -34.02
CA ASN M 76 41.48 -37.59 -32.57
C ASN M 76 40.14 -38.15 -32.12
N SER M 77 39.06 -37.47 -32.51
CA SER M 77 37.71 -37.90 -32.21
C SER M 77 37.49 -39.36 -32.59
N VAL M 78 36.96 -40.14 -31.65
CA VAL M 78 36.64 -41.54 -31.92
C VAL M 78 35.12 -41.69 -31.98
N ILE M 79 34.61 -42.06 -33.15
CA ILE M 79 33.16 -42.16 -33.33
C ILE M 79 32.66 -43.60 -33.21
N ILE M 80 31.63 -43.79 -32.40
CA ILE M 80 31.07 -45.11 -32.17
C ILE M 80 29.55 -45.09 -32.33
N ASP M 81 28.99 -46.20 -32.80
CA ASP M 81 27.55 -46.30 -32.95
C ASP M 81 27.01 -47.59 -32.36
N LEU M 82 25.73 -47.56 -32.00
CA LEU M 82 25.05 -48.73 -31.44
C LEU M 82 24.67 -49.71 -32.54
N ASP M 83 24.71 -49.23 -33.78
CA ASP M 83 24.34 -50.05 -34.93
C ASP M 83 25.16 -51.34 -35.00
N ASP M 84 26.48 -51.18 -34.91
CA ASP M 84 27.40 -52.29 -35.12
C ASP M 84 27.53 -53.20 -33.89
N ILE M 85 27.22 -52.66 -32.72
CA ILE M 85 27.26 -53.43 -31.49
C ILE M 85 26.26 -54.59 -31.56
N LEU M 86 25.13 -54.33 -32.22
CA LEU M 86 24.06 -55.31 -32.30
C LEU M 86 24.46 -56.52 -33.14
N GLN M 87 25.15 -56.27 -34.24
CA GLN M 87 25.58 -57.35 -35.13
C GLN M 87 26.63 -58.24 -34.49
N TYR M 88 27.59 -57.64 -33.80
CA TYR M 88 28.60 -58.41 -33.10
C TYR M 88 27.99 -59.04 -31.85
N GLN M 89 27.01 -58.35 -31.28
CA GLN M 89 26.19 -58.94 -30.22
C GLN M 89 25.35 -60.05 -30.84
N ASN M 90 24.97 -59.86 -32.10
CA ASN M 90 24.42 -60.95 -32.90
C ASN M 90 25.51 -61.95 -33.23
N GLU M 91 26.74 -61.44 -33.31
CA GLU M 91 27.90 -62.27 -33.61
C GLU M 91 28.34 -63.05 -32.37
N LYS M 92 27.97 -62.53 -31.20
CA LYS M 92 28.21 -63.22 -29.94
C LYS M 92 26.98 -64.04 -29.59
N PHE M 93 26.02 -64.08 -30.51
CA PHE M 93 24.68 -64.62 -30.26
C PHE M 93 24.37 -65.90 -31.05
N LEU M 94 24.35 -65.79 -32.37
CA LEU M 94 23.67 -66.77 -33.23
C LEU M 94 24.21 -68.21 -33.31
N GLN M 95 25.48 -68.47 -33.64
CA GLN M 95 26.65 -67.57 -33.55
C GLN M 95 26.98 -67.22 -32.10
N GLY M 96 27.04 -68.26 -31.26
CA GLY M 96 27.43 -68.10 -29.88
C GLY M 96 28.94 -68.06 -29.72
N THR M 97 29.43 -68.35 -28.52
CA THR M 97 28.57 -68.74 -27.40
C THR M 97 27.82 -67.54 -26.83
N GLN M 98 26.68 -67.83 -26.19
CA GLN M 98 25.80 -66.80 -25.65
C GLN M 98 26.48 -65.94 -24.59
N ALA M 99 26.20 -64.65 -24.61
CA ALA M 99 26.76 -63.70 -23.64
C ALA M 99 25.75 -62.63 -23.29
N ASP M 100 25.80 -62.15 -22.05
CA ASP M 100 24.91 -61.07 -21.61
C ASP M 100 25.10 -59.84 -22.48
N ASP M 101 24.02 -59.13 -22.75
CA ASP M 101 24.05 -57.97 -23.63
C ASP M 101 24.70 -56.74 -23.00
N LEU M 102 25.59 -56.12 -23.75
CA LEU M 102 26.22 -54.87 -23.32
C LEU M 102 25.24 -53.71 -23.43
N VAL M 103 24.58 -53.65 -24.59
CA VAL M 103 23.76 -52.50 -24.96
C VAL M 103 22.62 -52.23 -23.98
N SER M 104 22.10 -53.26 -23.34
CA SER M 104 21.05 -53.08 -22.35
C SER M 104 21.63 -52.56 -21.04
N ALA M 105 22.95 -52.69 -20.89
CA ALA M 105 23.64 -52.15 -19.72
C ALA M 105 24.25 -50.79 -20.05
N ILE M 106 24.10 -50.36 -21.29
CA ILE M 106 24.71 -49.11 -21.76
C ILE M 106 23.84 -47.91 -21.44
N GLN M 107 22.69 -47.82 -22.11
CA GLN M 107 21.83 -46.64 -22.01
C GLN M 107 21.47 -46.35 -20.56
N GLN M 108 21.57 -47.36 -19.72
CA GLN M 108 21.29 -47.22 -18.30
C GLN M 108 22.43 -46.49 -17.60
N ASN M 109 23.66 -46.81 -18.00
CA ASN M 109 24.84 -46.16 -17.46
C ASN M 109 25.69 -45.51 -18.57
N ALA M 110 26.44 -46.34 -19.29
CA ALA M 110 27.17 -45.93 -20.49
C ALA M 110 28.33 -44.97 -20.22
N ASN M 111 28.37 -44.39 -19.02
CA ASN M 111 29.50 -43.56 -18.63
C ASN M 111 30.65 -44.44 -18.20
N HIS M 112 30.29 -45.60 -17.68
CA HIS M 112 31.24 -46.65 -17.38
C HIS M 112 31.79 -47.20 -18.69
N PHE M 113 31.05 -46.97 -19.77
CA PHE M 113 31.50 -47.40 -21.10
C PHE M 113 32.30 -46.33 -21.84
N THR M 114 32.25 -45.10 -21.34
CA THR M 114 32.98 -44.01 -21.99
C THR M 114 34.44 -44.04 -21.55
N GLU M 115 34.73 -44.90 -20.58
CA GLU M 115 36.07 -45.06 -20.06
C GLU M 115 36.55 -46.51 -20.16
N LEU M 116 35.89 -47.39 -19.42
CA LEU M 116 36.32 -48.78 -19.30
C LEU M 116 36.33 -49.51 -20.65
N PHE M 117 35.32 -49.24 -21.47
CA PHE M 117 35.30 -49.77 -22.83
C PHE M 117 36.44 -49.13 -23.60
N CYS M 118 36.68 -47.86 -23.32
CA CYS M 118 37.71 -47.07 -23.99
C CYS M 118 39.12 -47.27 -23.41
N ARG M 119 39.20 -47.74 -22.17
CA ARG M 119 40.51 -47.85 -21.50
C ARG M 119 41.36 -48.97 -22.11
N ALA M 120 40.72 -49.85 -22.87
CA ALA M 120 41.40 -50.99 -23.48
C ALA M 120 42.19 -50.59 -24.72
N ILE M 121 42.08 -49.32 -25.10
CA ILE M 121 42.66 -48.84 -26.36
C ILE M 121 44.19 -48.76 -26.31
N ASP M 122 44.76 -48.59 -25.12
CA ASP M 122 46.22 -48.58 -25.00
C ASP M 122 46.78 -49.99 -25.14
N ASN M 123 45.98 -50.98 -24.73
CA ASN M 123 46.37 -52.37 -24.88
C ASN M 123 46.41 -52.79 -26.35
N ASN M 124 45.39 -52.37 -27.11
CA ASN M 124 45.29 -52.81 -28.50
C ASN M 124 45.85 -51.84 -29.55
N MET M 125 46.41 -50.71 -29.13
CA MET M 125 46.90 -49.73 -30.10
C MET M 125 48.35 -50.00 -30.49
N PRO M 126 48.66 -49.85 -31.79
CA PRO M 126 50.00 -50.10 -32.33
C PRO M 126 51.03 -49.13 -31.76
N LEU M 127 52.27 -49.57 -31.63
CA LEU M 127 53.27 -48.75 -30.94
C LEU M 127 53.70 -47.48 -31.69
N PRO M 128 54.19 -47.59 -32.94
CA PRO M 128 54.82 -46.38 -33.48
C PRO M 128 53.86 -45.19 -33.71
N THR M 129 52.77 -45.34 -34.45
CA THR M 129 52.64 -46.31 -35.53
C THR M 129 53.33 -45.75 -36.78
N LYS M 130 53.66 -44.47 -36.74
CA LYS M 130 54.49 -43.85 -37.78
C LYS M 130 55.31 -42.70 -37.19
N GLU M 131 55.99 -41.93 -38.04
CA GLU M 131 56.93 -40.91 -37.57
C GLU M 131 56.23 -39.69 -36.97
N ILE M 132 56.75 -39.22 -35.85
CA ILE M 132 56.23 -38.02 -35.18
C ILE M 132 56.80 -36.74 -35.76
N ASP M 133 57.92 -36.86 -36.46
CA ASP M 133 58.59 -35.71 -37.07
C ASP M 133 58.88 -34.62 -36.04
N TYR M 134 58.64 -33.37 -36.41
CA TYR M 134 58.77 -32.25 -35.49
C TYR M 134 57.40 -31.60 -35.30
N LYS M 135 56.97 -30.89 -36.32
CA LYS M 135 55.59 -30.40 -36.38
C LYS M 135 55.06 -30.55 -37.80
N ASP M 136 53.95 -31.25 -37.98
CA ASP M 136 53.20 -31.91 -36.91
C ASP M 136 52.66 -30.92 -35.88
N ASP M 137 52.98 -31.14 -34.62
CA ASP M 137 52.45 -30.30 -33.54
C ASP M 137 53.35 -30.36 -32.29
N VAL M 138 53.14 -29.39 -31.40
CA VAL M 138 53.75 -29.41 -30.07
C VAL M 138 52.89 -30.38 -29.25
N LEU M 139 52.99 -30.38 -27.93
CA LEU M 139 52.40 -31.48 -27.19
C LEU M 139 53.15 -32.72 -27.61
N ASP M 140 52.55 -33.51 -28.50
CA ASP M 140 53.07 -34.83 -28.88
C ASP M 140 54.61 -34.85 -29.03
N VAL M 141 55.23 -33.71 -29.34
CA VAL M 141 56.69 -33.60 -29.21
C VAL M 141 57.11 -33.42 -27.75
N ILE M 142 56.30 -32.71 -26.97
CA ILE M 142 56.55 -32.54 -25.54
C ILE M 142 56.12 -33.76 -24.73
N LEU M 143 54.97 -34.33 -25.08
CA LEU M 143 54.41 -35.46 -24.33
C LEU M 143 55.35 -36.66 -24.37
N ASN M 144 56.13 -36.75 -25.43
CA ASN M 144 57.18 -37.75 -25.50
C ASN M 144 58.36 -37.30 -24.64
N GLN M 145 58.49 -35.98 -24.50
CA GLN M 145 59.52 -35.41 -23.63
C GLN M 145 59.09 -35.52 -22.16
N ARG M 146 57.78 -35.40 -21.93
CA ARG M 146 57.23 -35.62 -20.60
C ARG M 146 57.43 -37.08 -20.22
N ARG M 147 57.26 -37.96 -21.20
CA ARG M 147 57.54 -39.37 -21.02
C ARG M 147 59.04 -39.64 -21.20
N LEU M 148 59.72 -38.68 -21.83
CA LEU M 148 61.18 -38.71 -21.90
C LEU M 148 61.75 -38.41 -20.53
N ARG M 149 61.11 -37.48 -19.83
CA ARG M 149 61.49 -37.13 -18.47
C ARG M 149 60.95 -38.16 -17.49
N ASN M 150 59.81 -38.75 -17.83
CA ASN M 150 59.14 -39.71 -16.96
C ASN M 150 59.85 -41.06 -16.93
N GLU M 151 60.34 -41.49 -18.08
CA GLU M 151 61.04 -42.77 -18.18
C GLU M 151 62.47 -42.67 -17.63
N ARG M 152 63.07 -41.50 -17.80
CA ARG M 152 64.44 -41.27 -17.33
C ARG M 152 64.46 -41.10 -15.82
N MET M 153 63.29 -40.84 -15.24
CA MET M 153 63.15 -40.79 -13.80
C MET M 153 63.48 -42.16 -13.22
N LEU M 154 63.06 -43.20 -13.93
CA LEU M 154 63.28 -44.57 -13.50
C LEU M 154 64.51 -45.21 -14.16
N SER M 155 65.17 -44.46 -15.03
CA SER M 155 66.31 -45.00 -15.77
C SER M 155 67.54 -45.17 -14.87
N ASP M 156 67.89 -44.11 -14.16
CA ASP M 156 69.00 -44.17 -13.21
C ASP M 156 68.47 -44.43 -11.80
N ARG M 157 67.15 -44.53 -11.68
CA ARG M 157 66.50 -44.70 -10.38
C ARG M 157 66.81 -46.05 -9.77
N THR M 158 67.11 -47.03 -10.63
CA THR M 158 67.44 -48.37 -10.16
C THR M 158 68.89 -48.70 -10.51
N THR M 189 57.77 -46.59 -8.02
CA THR M 189 57.79 -46.46 -9.47
C THR M 189 56.46 -45.94 -10.00
N GLU M 190 56.28 -44.63 -9.95
CA GLU M 190 55.06 -44.00 -10.45
C GLU M 190 55.13 -43.79 -11.96
N LEU M 191 53.99 -43.87 -12.63
CA LEU M 191 53.91 -43.65 -14.06
C LEU M 191 52.73 -42.76 -14.42
N PHE M 192 52.82 -42.10 -15.57
CA PHE M 192 51.70 -41.30 -16.07
C PHE M 192 50.48 -42.18 -16.27
N PRO M 193 49.38 -41.85 -15.57
CA PRO M 193 48.14 -42.62 -15.66
C PRO M 193 47.61 -42.67 -17.09
N PRO M 194 46.85 -43.72 -17.43
CA PRO M 194 46.30 -43.88 -18.77
C PRO M 194 45.39 -42.72 -19.15
N ASN M 195 44.80 -42.10 -18.13
CA ASN M 195 43.92 -40.96 -18.31
C ASN M 195 44.71 -39.68 -18.55
N LEU M 196 45.95 -39.66 -18.07
CA LEU M 196 46.81 -38.49 -18.17
C LEU M 196 47.20 -38.20 -19.63
N THR M 197 47.52 -39.25 -20.37
CA THR M 197 47.82 -39.13 -21.80
C THR M 197 46.76 -39.84 -22.62
N ARG M 198 45.96 -39.06 -23.34
CA ARG M 198 44.92 -39.62 -24.21
C ARG M 198 45.06 -39.05 -25.62
N ARG M 199 44.83 -37.75 -25.74
CA ARG M 199 45.04 -37.02 -26.99
C ARG M 199 43.93 -37.27 -28.01
N TYR M 200 43.06 -38.23 -27.72
CA TYR M 200 41.95 -38.52 -28.63
C TYR M 200 40.60 -38.60 -27.90
N PHE M 201 39.60 -37.93 -28.47
CA PHE M 201 38.23 -37.99 -27.97
C PHE M 201 37.47 -39.22 -28.45
N LEU M 202 36.45 -39.62 -27.70
CA LEU M 202 35.64 -40.77 -28.06
C LEU M 202 34.14 -40.42 -28.03
N TYR M 203 33.44 -40.74 -29.12
CA TYR M 203 32.03 -40.39 -29.27
C TYR M 203 31.14 -41.60 -29.52
N PHE M 204 29.87 -41.47 -29.18
CA PHE M 204 28.86 -42.51 -29.44
C PHE M 204 27.68 -41.97 -30.23
N LYS M 205 27.30 -42.66 -31.31
CA LYS M 205 26.06 -42.34 -32.00
C LYS M 205 25.09 -43.53 -31.94
N PRO M 206 23.97 -43.37 -31.21
CA PRO M 206 22.98 -44.41 -30.93
C PRO M 206 22.19 -44.87 -32.15
N LEU M 207 21.55 -46.03 -32.04
CA LEU M 207 20.74 -46.58 -33.13
C LEU M 207 19.27 -46.23 -32.96
N SER M 208 18.61 -45.88 -34.06
CA SER M 208 17.20 -45.47 -34.01
C SER M 208 16.31 -46.68 -33.76
N GLN M 209 16.18 -47.62 -34.70
CA GLN M 209 16.54 -47.50 -36.11
C GLN M 209 15.96 -48.70 -36.82
N ASN M 210 16.33 -48.90 -38.08
CA ASN M 210 16.01 -50.13 -38.78
C ASN M 210 16.48 -51.34 -37.99
N CYS M 211 17.39 -51.10 -37.04
CA CYS M 211 17.80 -52.12 -36.09
C CYS M 211 16.74 -52.28 -35.01
N ALA M 212 16.05 -51.19 -34.68
CA ALA M 212 15.00 -51.23 -33.66
C ALA M 212 13.81 -52.04 -34.16
N ARG M 213 13.62 -52.05 -35.47
CA ARG M 213 12.55 -52.83 -36.09
C ARG M 213 13.07 -54.21 -36.49
N ARG M 214 14.31 -54.50 -36.08
CA ARG M 214 14.99 -55.75 -36.43
C ARG M 214 14.18 -57.04 -36.20
N TYR M 215 13.46 -57.18 -35.09
CA TYR M 215 13.35 -56.19 -34.02
C TYR M 215 14.55 -56.15 -33.07
N ARG M 216 14.70 -55.03 -32.38
CA ARG M 216 15.68 -54.90 -31.31
C ARG M 216 14.99 -54.55 -29.99
N ILE M 220 15.94 -47.95 -29.47
CA ILE M 220 15.31 -47.50 -28.23
C ILE M 220 16.00 -46.25 -27.69
N SER M 221 17.32 -46.30 -27.58
CA SER M 221 18.09 -45.18 -27.07
C SER M 221 17.96 -43.94 -27.96
N SER M 222 17.53 -44.13 -29.21
CA SER M 222 17.50 -43.04 -30.18
C SER M 222 16.16 -42.33 -30.34
N LYS M 223 15.14 -42.77 -29.61
CA LYS M 223 13.82 -42.18 -29.75
C LYS M 223 13.81 -40.71 -29.32
N PRO M 224 13.56 -39.81 -30.27
CA PRO M 224 13.56 -38.35 -30.06
C PRO M 224 12.55 -37.93 -29.00
N LEU M 225 12.92 -36.98 -28.15
CA LEU M 225 12.07 -36.61 -27.03
C LEU M 225 12.10 -35.11 -26.75
N SER M 226 11.03 -34.63 -26.13
CA SER M 226 10.96 -33.26 -25.62
C SER M 226 11.72 -33.12 -24.29
N VAL M 227 12.06 -31.89 -23.93
CA VAL M 227 12.55 -31.60 -22.59
C VAL M 227 11.48 -32.04 -21.58
N ARG M 228 10.22 -31.83 -21.96
CA ARG M 228 9.07 -32.28 -21.20
C ARG M 228 9.05 -33.80 -21.10
N GLN M 229 9.67 -34.44 -22.08
CA GLN M 229 9.73 -35.89 -22.14
C GLN M 229 10.90 -36.39 -21.30
N ILE M 230 11.56 -35.47 -20.62
CA ILE M 230 12.76 -35.84 -19.86
C ILE M 230 12.38 -36.24 -18.44
N LYS M 231 12.49 -37.54 -18.19
CA LYS M 231 12.29 -38.15 -16.87
C LYS M 231 13.53 -37.98 -15.99
N GLY M 232 13.35 -38.15 -14.68
CA GLY M 232 14.47 -38.16 -13.75
C GLY M 232 15.29 -39.44 -13.83
N ASP M 233 14.67 -40.52 -14.29
CA ASP M 233 15.36 -41.81 -14.38
C ASP M 233 16.33 -41.86 -15.55
N PHE M 234 16.29 -40.83 -16.39
CA PHE M 234 17.15 -40.77 -17.57
C PHE M 234 18.51 -40.17 -17.22
N LEU M 235 18.71 -39.84 -15.96
CA LEU M 235 19.99 -39.35 -15.49
C LEU M 235 21.04 -40.45 -15.58
N GLY M 236 22.19 -40.11 -16.16
CA GLY M 236 23.25 -41.06 -16.42
C GLY M 236 23.09 -41.66 -17.81
N GLN M 237 21.87 -41.60 -18.32
CA GLN M 237 21.54 -42.25 -19.58
C GLN M 237 22.09 -41.55 -20.81
N LEU M 238 22.61 -42.33 -21.74
CA LEU M 238 22.90 -41.82 -23.07
C LEU M 238 21.56 -41.75 -23.80
N ILE M 239 21.18 -40.55 -24.20
CA ILE M 239 19.82 -40.33 -24.71
C ILE M 239 19.80 -39.43 -25.94
N THR M 240 18.66 -39.42 -26.62
CA THR M 240 18.51 -38.61 -27.82
C THR M 240 17.20 -37.85 -27.85
N VAL M 241 17.29 -36.54 -28.02
CA VAL M 241 16.12 -35.68 -28.09
C VAL M 241 16.24 -34.66 -29.21
N ARG M 242 15.11 -34.35 -29.84
CA ARG M 242 15.06 -33.25 -30.79
C ARG M 242 14.80 -31.96 -30.03
N GLY M 243 15.50 -30.90 -30.43
CA GLY M 243 15.34 -29.61 -29.77
C GLY M 243 16.01 -28.47 -30.48
N ILE M 244 15.58 -27.26 -30.18
CA ILE M 244 16.19 -26.06 -30.74
C ILE M 244 17.34 -25.57 -29.87
N ILE M 245 18.50 -25.38 -30.48
CA ILE M 245 19.65 -24.84 -29.77
C ILE M 245 19.41 -23.40 -29.32
N THR M 246 20.09 -23.00 -28.26
CA THR M 246 19.96 -21.67 -27.66
C THR M 246 21.29 -21.37 -26.97
N ARG M 247 21.51 -20.12 -26.58
CA ARG M 247 22.80 -19.79 -25.97
C ARG M 247 23.90 -20.14 -26.95
N VAL M 248 24.60 -21.23 -26.66
CA VAL M 248 25.83 -21.67 -27.36
C VAL M 248 26.98 -20.73 -27.02
N SER M 249 27.08 -20.44 -25.72
CA SER M 249 28.19 -19.67 -25.16
C SER M 249 29.51 -20.32 -25.56
N ASP M 250 30.53 -19.49 -25.74
CA ASP M 250 31.77 -19.90 -26.39
C ASP M 250 32.53 -21.02 -25.68
N VAL M 251 33.15 -21.88 -26.49
CA VAL M 251 33.94 -23.00 -26.00
C VAL M 251 35.31 -22.57 -25.50
N LYS M 252 35.81 -23.25 -24.48
CA LYS M 252 37.15 -22.99 -23.96
C LYS M 252 37.81 -24.29 -23.50
N PRO M 253 39.13 -24.39 -23.67
CA PRO M 253 39.89 -25.57 -23.24
C PRO M 253 39.93 -25.72 -21.71
N ALA M 254 39.63 -26.92 -21.21
CA ALA M 254 39.62 -27.18 -19.78
C ALA M 254 40.55 -28.33 -19.41
N VAL M 255 41.39 -28.12 -18.41
CA VAL M 255 42.35 -29.13 -17.96
C VAL M 255 41.74 -30.20 -17.06
N GLU M 256 42.09 -31.46 -17.29
CA GLU M 256 41.69 -32.53 -16.38
C GLU M 256 42.62 -32.61 -15.18
N VAL M 257 43.93 -32.51 -15.43
CA VAL M 257 44.93 -32.61 -14.37
C VAL M 257 46.00 -31.53 -14.51
N ILE M 258 46.13 -30.69 -13.48
CA ILE M 258 47.18 -29.69 -13.42
C ILE M 258 48.55 -30.34 -13.45
N ALA M 259 49.53 -29.69 -14.08
CA ALA M 259 50.90 -30.12 -13.88
C ALA M 259 51.63 -29.08 -13.06
N TYR M 260 51.86 -29.41 -11.80
CA TYR M 260 52.76 -28.69 -10.92
C TYR M 260 54.19 -29.22 -11.12
N THR M 261 55.18 -28.38 -10.87
CA THR M 261 56.56 -28.85 -10.92
C THR M 261 57.29 -28.41 -9.66
N CYS M 262 58.05 -29.33 -9.08
CA CYS M 262 58.67 -29.09 -7.78
C CYS M 262 59.88 -28.17 -7.86
N ASP M 263 60.35 -27.87 -9.06
CA ASP M 263 61.61 -27.15 -9.15
C ASP M 263 62.63 -28.05 -8.47
N GLN M 264 63.01 -27.67 -7.25
CA GLN M 264 64.05 -28.34 -6.46
C GLN M 264 64.04 -29.87 -6.62
N CYS M 265 62.99 -30.54 -6.18
CA CYS M 265 62.92 -31.99 -6.39
C CYS M 265 62.40 -32.36 -7.79
N GLY M 266 61.77 -31.41 -8.47
CA GLY M 266 61.28 -31.66 -9.82
C GLY M 266 60.14 -32.66 -9.91
N TYR M 267 60.38 -33.74 -10.66
CA TYR M 267 59.36 -34.72 -11.07
C TYR M 267 58.22 -34.05 -11.81
N GLU M 268 57.01 -34.56 -11.56
CA GLU M 268 55.77 -34.02 -12.11
C GLU M 268 54.60 -34.33 -11.17
N VAL M 269 53.68 -33.38 -11.02
CA VAL M 269 52.50 -33.59 -10.18
C VAL M 269 51.23 -33.59 -11.01
N PHE M 270 50.39 -34.61 -10.83
CA PHE M 270 49.11 -34.59 -11.53
C PHE M 270 47.98 -34.82 -10.51
N GLN M 271 47.15 -33.79 -10.40
CA GLN M 271 45.98 -33.80 -9.53
C GLN M 271 44.71 -33.70 -10.37
N GLU M 272 43.79 -34.64 -10.17
CA GLU M 272 42.56 -34.64 -10.93
C GLU M 272 41.68 -33.47 -10.53
N VAL M 273 40.94 -32.95 -11.50
CA VAL M 273 39.94 -31.93 -11.24
C VAL M 273 38.65 -32.30 -11.95
N ASN M 274 37.54 -32.21 -11.23
CA ASN M 274 36.24 -32.50 -11.81
C ASN M 274 35.29 -31.31 -11.75
N SER M 275 34.32 -31.31 -12.65
CA SER M 275 33.28 -30.27 -12.70
C SER M 275 33.83 -28.86 -12.86
N ARG M 276 33.23 -27.92 -12.13
CA ARG M 276 33.54 -26.50 -12.27
C ARG M 276 34.78 -26.04 -11.51
N THR M 277 35.16 -26.78 -10.47
CA THR M 277 36.23 -26.31 -9.60
C THR M 277 37.12 -27.43 -9.08
N PHE M 278 38.14 -27.04 -8.33
CA PHE M 278 39.08 -27.98 -7.74
C PHE M 278 39.78 -27.31 -6.57
N THR M 279 40.42 -28.11 -5.72
CA THR M 279 41.27 -27.56 -4.68
C THR M 279 42.74 -27.83 -5.03
N PRO M 280 43.47 -26.76 -5.39
CA PRO M 280 44.86 -26.89 -5.83
C PRO M 280 45.82 -27.29 -4.72
N LEU M 281 46.70 -28.25 -5.03
CA LEU M 281 47.74 -28.67 -4.13
C LEU M 281 48.86 -27.63 -4.06
N SER M 282 49.68 -27.75 -3.03
CA SER M 282 50.72 -26.77 -2.73
C SER M 282 52.00 -27.51 -2.33
N GLU M 283 52.96 -26.78 -1.76
CA GLU M 283 54.19 -27.36 -1.21
C GLU M 283 54.89 -28.30 -2.20
N CYS M 284 55.35 -29.46 -1.73
CA CYS M 284 55.81 -30.50 -2.64
C CYS M 284 55.41 -31.89 -2.14
N THR M 285 54.76 -32.64 -3.03
CA THR M 285 54.39 -34.02 -2.72
C THR M 285 55.47 -34.99 -3.19
N SER M 286 56.43 -34.49 -3.98
CA SER M 286 57.49 -35.34 -4.53
C SER M 286 58.30 -36.01 -3.43
N GLU M 287 58.52 -37.31 -3.56
CA GLU M 287 59.15 -38.11 -2.51
C GLU M 287 60.60 -37.71 -2.24
N GLU M 288 61.27 -37.16 -3.25
CA GLU M 288 62.61 -36.62 -3.05
C GLU M 288 62.55 -35.46 -2.06
N CYS M 289 61.46 -34.70 -2.13
CA CYS M 289 61.20 -33.63 -1.17
C CYS M 289 60.41 -34.17 0.00
N SER M 290 59.96 -35.42 -0.13
CA SER M 290 59.31 -36.10 0.99
C SER M 290 60.40 -36.47 1.99
N GLN M 291 60.08 -36.29 3.28
CA GLN M 291 60.94 -36.70 4.41
C GLN M 291 62.27 -35.94 4.45
N ASN M 292 62.57 -35.18 3.41
CA ASN M 292 63.66 -34.22 3.45
C ASN M 292 63.17 -32.92 4.05
N GLN M 293 64.02 -32.23 4.81
CA GLN M 293 63.61 -31.01 5.48
C GLN M 293 63.10 -29.95 4.49
N THR M 294 63.53 -30.04 3.25
CA THR M 294 63.16 -29.04 2.26
C THR M 294 62.16 -29.58 1.24
N LYS M 295 60.93 -29.05 1.30
CA LYS M 295 59.91 -29.34 0.31
C LYS M 295 60.02 -28.33 -0.83
N GLY M 296 60.07 -28.84 -2.06
CA GLY M 296 60.20 -27.98 -3.23
C GLY M 296 58.94 -27.18 -3.48
N GLN M 297 59.10 -26.01 -4.10
CA GLN M 297 57.96 -25.18 -4.47
C GLN M 297 57.34 -25.67 -5.77
N LEU M 298 56.04 -25.49 -5.93
CA LEU M 298 55.38 -25.89 -7.18
C LEU M 298 54.19 -25.01 -7.54
N PHE M 299 54.02 -24.76 -8.83
CA PHE M 299 52.82 -24.16 -9.36
C PHE M 299 52.50 -24.80 -10.70
N MET M 300 51.28 -24.60 -11.18
CA MET M 300 50.81 -25.30 -12.37
C MET M 300 51.63 -24.97 -13.61
N SER M 301 52.02 -25.99 -14.35
CA SER M 301 52.67 -25.80 -15.64
C SER M 301 51.66 -26.04 -16.74
N THR M 302 51.28 -24.97 -17.43
CA THR M 302 50.20 -25.02 -18.40
C THR M 302 50.59 -25.74 -19.69
N ARG M 303 51.87 -25.62 -20.06
CA ARG M 303 52.37 -26.37 -21.19
C ARG M 303 52.30 -27.87 -20.91
N ALA M 304 52.59 -28.24 -19.67
CA ALA M 304 52.59 -29.65 -19.26
C ALA M 304 51.18 -30.24 -19.15
N SER M 305 50.33 -29.58 -18.37
CA SER M 305 48.99 -30.11 -18.07
C SER M 305 48.10 -30.23 -19.32
N LYS M 306 47.29 -31.28 -19.35
CA LYS M 306 46.41 -31.55 -20.48
C LYS M 306 45.14 -30.72 -20.42
N PHE M 307 44.64 -30.33 -21.60
CA PHE M 307 43.44 -29.50 -21.71
C PHE M 307 42.33 -30.21 -22.50
N SER M 308 41.09 -29.78 -22.27
CA SER M 308 39.96 -30.27 -23.06
C SER M 308 39.05 -29.11 -23.46
N ALA M 309 38.71 -29.05 -24.74
CA ALA M 309 37.85 -27.98 -25.27
C ALA M 309 36.41 -28.16 -24.81
N PHE M 310 35.85 -27.11 -24.22
CA PHE M 310 34.52 -27.18 -23.60
C PHE M 310 33.58 -26.09 -24.12
N GLN M 311 32.58 -26.52 -24.89
CA GLN M 311 31.51 -25.63 -25.36
C GLN M 311 30.22 -25.96 -24.60
N GLU M 312 29.16 -25.18 -24.80
CA GLU M 312 27.87 -25.49 -24.19
C GLU M 312 26.71 -24.79 -24.88
N CYS M 313 25.50 -25.32 -24.71
CA CYS M 313 24.31 -24.70 -25.29
C CYS M 313 23.01 -25.03 -24.55
N LYS M 314 22.08 -24.09 -24.56
CA LYS M 314 20.71 -24.36 -24.13
C LYS M 314 19.91 -24.89 -25.32
N ILE M 315 19.02 -25.84 -25.06
CA ILE M 315 18.20 -26.41 -26.13
C ILE M 315 16.71 -26.19 -25.88
N GLN M 316 16.10 -25.36 -26.72
CA GLN M 316 14.67 -25.07 -26.63
C GLN M 316 13.79 -26.17 -27.23
N GLU M 317 12.53 -26.21 -26.79
CA GLU M 317 11.57 -27.18 -27.31
C GLU M 317 11.03 -26.74 -28.68
N LEU M 318 10.68 -27.72 -29.50
CA LEU M 318 10.22 -27.47 -30.88
C LEU M 318 8.91 -26.69 -30.91
N SER M 319 8.18 -26.72 -29.79
CA SER M 319 6.92 -26.00 -29.60
C SER M 319 5.70 -26.76 -30.14
N GLN M 320 5.91 -27.77 -30.97
CA GLN M 320 4.82 -28.69 -31.31
C GLN M 320 4.71 -29.80 -30.27
N GLN M 321 5.86 -30.15 -29.68
CA GLN M 321 5.94 -31.10 -28.58
C GLN M 321 5.28 -30.54 -27.32
N VAL M 322 5.29 -29.22 -27.20
CA VAL M 322 4.81 -28.54 -25.99
C VAL M 322 3.34 -28.81 -25.72
N PRO M 323 2.94 -28.84 -24.44
CA PRO M 323 1.52 -28.83 -24.08
C PRO M 323 0.90 -27.49 -24.45
N VAL M 324 -0.41 -27.44 -24.57
CA VAL M 324 -1.10 -26.21 -24.94
C VAL M 324 -0.78 -25.11 -23.94
N GLY M 325 -0.58 -25.50 -22.68
CA GLY M 325 -0.19 -24.56 -21.65
C GLY M 325 1.31 -24.59 -21.35
N HIS M 326 1.65 -24.20 -20.12
CA HIS M 326 3.02 -24.15 -19.63
C HIS M 326 3.96 -23.29 -20.48
N ILE M 327 5.19 -23.77 -20.63
CA ILE M 327 6.25 -23.00 -21.27
C ILE M 327 7.33 -23.83 -21.98
N PRO M 328 7.94 -23.28 -23.05
CA PRO M 328 9.11 -23.91 -23.69
C PRO M 328 10.23 -24.15 -22.69
N ARG M 329 10.86 -25.32 -22.73
CA ARG M 329 11.90 -25.67 -21.77
C ARG M 329 13.30 -25.63 -22.39
N SER M 330 14.11 -24.68 -21.94
CA SER M 330 15.51 -24.62 -22.34
C SER M 330 16.29 -25.72 -21.62
N LEU M 331 17.21 -26.35 -22.33
CA LEU M 331 17.97 -27.46 -21.76
C LEU M 331 19.49 -27.21 -21.89
N ASN M 332 20.15 -27.10 -20.73
CA ASN M 332 21.60 -26.89 -20.70
C ASN M 332 22.38 -28.13 -21.12
N ILE M 333 23.26 -27.96 -22.10
CA ILE M 333 24.15 -29.03 -22.54
C ILE M 333 25.55 -28.46 -22.69
N HIS M 334 26.57 -29.31 -22.62
CA HIS M 334 27.94 -28.84 -22.65
C HIS M 334 28.76 -29.58 -23.71
N VAL M 335 29.27 -28.82 -24.68
CA VAL M 335 29.99 -29.37 -25.81
C VAL M 335 31.48 -29.54 -25.51
N ASN M 336 32.03 -30.68 -25.92
CA ASN M 336 33.44 -30.97 -25.67
C ASN M 336 34.12 -31.75 -26.80
N GLY M 337 35.40 -31.48 -26.97
CA GLY M 337 36.22 -32.24 -27.91
C GLY M 337 36.03 -31.85 -29.36
N THR M 338 36.20 -32.84 -30.24
CA THR M 338 36.00 -32.66 -31.67
C THR M 338 34.54 -32.32 -31.95
N LEU M 339 33.69 -32.58 -30.96
CA LEU M 339 32.26 -32.32 -31.07
C LEU M 339 31.97 -30.83 -30.92
N VAL M 340 32.98 -30.07 -30.51
CA VAL M 340 32.84 -28.64 -30.32
C VAL M 340 32.63 -27.90 -31.64
N ARG M 341 32.04 -26.71 -31.56
CA ARG M 341 31.81 -25.87 -32.72
C ARG M 341 30.96 -26.57 -33.77
N SER M 342 30.16 -27.54 -33.32
CA SER M 342 29.32 -28.32 -34.21
C SER M 342 27.91 -27.72 -34.31
N LEU M 343 27.68 -26.65 -33.54
CA LEU M 343 26.35 -26.06 -33.47
C LEU M 343 26.40 -24.54 -33.39
N SER M 344 25.28 -23.92 -33.78
CA SER M 344 25.07 -22.49 -33.64
C SER M 344 23.77 -22.27 -32.89
N PRO M 345 23.55 -21.05 -32.38
CA PRO M 345 22.33 -20.77 -31.60
C PRO M 345 21.07 -20.80 -32.45
N GLY M 346 20.02 -21.46 -31.97
CA GLY M 346 18.74 -21.48 -32.65
C GLY M 346 18.55 -22.57 -33.68
N ASP M 347 19.57 -23.40 -33.88
CA ASP M 347 19.48 -24.50 -34.85
C ASP M 347 18.74 -25.69 -34.25
N ILE M 348 17.96 -26.38 -35.08
CA ILE M 348 17.19 -27.54 -34.68
C ILE M 348 17.97 -28.83 -34.98
N VAL M 349 18.01 -29.72 -34.00
CA VAL M 349 18.86 -30.91 -34.07
C VAL M 349 18.23 -32.06 -33.30
N ASP M 350 18.50 -33.30 -33.73
CA ASP M 350 18.20 -34.41 -32.85
C ASP M 350 19.47 -34.62 -32.05
N VAL M 351 19.41 -34.31 -30.77
CA VAL M 351 20.59 -34.35 -29.92
C VAL M 351 20.73 -35.74 -29.31
N THR M 352 21.94 -36.28 -29.35
CA THR M 352 22.18 -37.62 -28.81
C THR M 352 23.35 -37.58 -27.83
N GLY M 353 23.07 -37.88 -26.56
CA GLY M 353 24.07 -37.78 -25.53
C GLY M 353 23.68 -38.37 -24.19
N ILE M 354 24.69 -38.60 -23.34
CA ILE M 354 24.47 -39.10 -22.00
C ILE M 354 24.10 -37.94 -21.08
N PHE M 355 23.23 -38.22 -20.12
CA PHE M 355 22.67 -37.18 -19.26
C PHE M 355 23.12 -37.36 -17.81
N LEU M 356 23.97 -36.46 -17.32
CA LEU M 356 24.48 -36.58 -15.96
C LEU M 356 24.39 -35.30 -15.14
N PRO M 357 24.05 -35.43 -13.85
CA PRO M 357 24.04 -34.28 -12.92
C PRO M 357 25.45 -33.88 -12.46
N ALA M 358 25.64 -32.59 -12.23
CA ALA M 358 26.94 -32.05 -11.82
C ALA M 358 26.83 -31.20 -10.56
N PRO M 359 26.39 -31.81 -9.45
CA PRO M 359 26.45 -31.11 -8.17
C PRO M 359 27.86 -31.12 -7.60
N TYR M 360 28.14 -30.27 -6.61
CA TYR M 360 27.25 -29.18 -6.22
C TYR M 360 28.03 -27.87 -6.17
N THR M 361 29.13 -27.87 -5.41
CA THR M 361 29.68 -26.67 -4.75
C THR M 361 28.73 -26.25 -3.65
N GLY M 362 28.25 -25.02 -3.68
CA GLY M 362 27.33 -24.56 -2.65
C GLY M 362 27.73 -23.48 -1.65
N PHE M 363 26.75 -23.00 -0.88
CA PHE M 363 25.50 -23.74 -0.63
C PHE M 363 25.83 -25.08 0.06
N LYS M 364 25.69 -26.20 -0.65
CA LYS M 364 25.69 -27.50 0.05
C LYS M 364 24.46 -27.54 0.93
N ALA M 365 24.66 -27.43 2.25
CA ALA M 365 23.57 -27.65 3.21
C ALA M 365 22.28 -26.92 2.80
N LEU M 366 22.40 -25.91 1.95
CA LEU M 366 21.23 -25.37 1.27
C LEU M 366 20.51 -26.45 0.46
N LYS M 367 21.21 -27.13 -0.44
CA LYS M 367 20.62 -28.25 -1.18
C LYS M 367 21.47 -29.52 -1.10
N ALA M 368 20.97 -30.59 -0.44
CA ALA M 368 19.63 -30.61 0.15
C ALA M 368 18.54 -30.50 -0.90
N GLY M 369 18.14 -31.61 -1.52
CA GLY M 369 18.23 -32.93 -0.90
C GLY M 369 18.97 -34.20 -1.28
N LEU M 370 19.84 -34.25 -2.29
CA LEU M 370 20.42 -33.10 -2.97
C LEU M 370 19.52 -32.35 -3.96
N LEU M 371 18.59 -33.04 -4.61
CA LEU M 371 17.89 -32.46 -5.76
C LEU M 371 18.91 -32.11 -6.85
N THR M 372 19.37 -33.15 -7.54
CA THR M 372 20.54 -33.09 -8.43
C THR M 372 20.61 -31.87 -9.34
N GLU M 373 19.52 -31.61 -10.06
CA GLU M 373 19.39 -30.48 -11.01
C GLU M 373 20.19 -30.73 -12.28
N THR M 374 21.15 -31.64 -12.18
CA THR M 374 21.84 -32.31 -13.28
C THR M 374 22.28 -31.47 -14.48
N TYR M 375 22.22 -32.10 -15.66
CA TYR M 375 22.41 -31.45 -16.95
C TYR M 375 22.50 -32.53 -18.03
N LEU M 376 22.55 -32.13 -19.29
CA LEU M 376 22.84 -33.10 -20.37
C LEU M 376 24.21 -32.89 -21.00
N GLU M 377 24.89 -33.99 -21.30
CA GLU M 377 26.16 -33.94 -22.02
C GLU M 377 25.94 -34.43 -23.45
N ALA M 378 26.69 -33.86 -24.40
CA ALA M 378 26.50 -34.17 -25.80
C ALA M 378 27.44 -35.28 -26.29
N GLN M 379 26.85 -36.43 -26.58
CA GLN M 379 27.58 -37.55 -27.18
C GLN M 379 27.76 -37.36 -28.69
N PHE M 380 26.67 -37.00 -29.35
CA PHE M 380 26.65 -36.89 -30.80
C PHE M 380 25.53 -35.93 -31.26
N VAL M 381 25.64 -35.40 -32.47
CA VAL M 381 24.69 -34.41 -32.97
C VAL M 381 24.20 -34.71 -34.38
N ARG M 382 22.88 -34.74 -34.54
CA ARG M 382 22.28 -34.82 -35.88
C ARG M 382 21.42 -33.60 -36.14
N GLN M 383 21.87 -32.75 -37.06
CA GLN M 383 21.24 -31.46 -37.33
C GLN M 383 20.09 -31.56 -38.31
N HIS M 384 19.03 -30.80 -38.04
CA HIS M 384 17.91 -30.69 -38.97
C HIS M 384 18.21 -29.64 -40.03
N LYS M 385 17.84 -29.93 -41.27
CA LYS M 385 17.95 -28.96 -42.37
C LYS M 385 19.40 -28.53 -42.63
N LYS M 386 20.32 -29.48 -42.66
CA LYS M 386 21.73 -29.19 -42.92
C LYS M 386 21.92 -28.68 -44.35
N LEU M 393 31.79 -21.65 -58.70
CA LEU M 393 31.24 -22.37 -59.85
C LEU M 393 29.74 -22.14 -59.95
N THR M 394 29.24 -21.86 -61.14
CA THR M 394 30.02 -21.69 -62.38
C THR M 394 30.76 -22.97 -62.81
N SER M 395 30.38 -24.11 -62.26
CA SER M 395 30.72 -25.42 -62.83
C SER M 395 29.53 -26.34 -62.72
N ASP M 396 29.02 -26.76 -63.88
CA ASP M 396 27.94 -27.74 -64.02
C ASP M 396 26.64 -27.26 -63.39
N VAL M 397 26.74 -26.17 -62.64
CA VAL M 397 25.61 -25.49 -62.03
C VAL M 397 25.19 -24.36 -62.95
N GLU M 398 26.00 -24.14 -63.98
CA GLU M 398 25.64 -23.26 -65.07
C GLU M 398 24.52 -23.94 -65.84
N GLU M 399 24.61 -25.26 -65.92
CA GLU M 399 23.57 -26.06 -66.59
C GLU M 399 22.30 -26.05 -65.75
N ARG M 400 22.46 -26.09 -64.43
CA ARG M 400 21.32 -25.95 -63.54
C ARG M 400 20.72 -24.55 -63.70
N VAL M 401 21.51 -23.65 -64.26
CA VAL M 401 20.99 -22.36 -64.68
C VAL M 401 20.39 -22.49 -66.09
N MET M 402 20.80 -23.54 -66.79
CA MET M 402 20.50 -23.68 -68.20
C MET M 402 19.14 -24.30 -68.54
N GLU M 403 18.41 -24.78 -67.53
CA GLU M 403 17.05 -25.21 -67.79
C GLU M 403 16.22 -23.98 -68.19
N LEU M 404 16.44 -22.89 -67.47
CA LEU M 404 15.77 -21.63 -67.76
C LEU M 404 16.62 -20.80 -68.73
N ILE M 405 17.84 -21.23 -68.96
CA ILE M 405 18.69 -20.59 -69.97
C ILE M 405 18.19 -20.95 -71.36
N THR M 406 17.86 -22.23 -71.53
CA THR M 406 17.30 -22.71 -72.78
C THR M 406 15.84 -22.28 -72.90
N SER M 407 15.22 -21.99 -71.76
CA SER M 407 13.83 -21.54 -71.72
C SER M 407 13.72 -20.06 -72.05
N GLY M 408 14.78 -19.31 -71.78
CA GLY M 408 14.77 -17.87 -71.98
C GLY M 408 13.79 -17.21 -71.03
N ASP M 409 13.40 -15.98 -71.35
CA ASP M 409 12.44 -15.24 -70.53
C ASP M 409 12.96 -15.08 -69.11
N VAL M 410 14.27 -14.98 -68.97
CA VAL M 410 14.93 -14.84 -67.67
C VAL M 410 14.35 -13.68 -66.87
N TYR M 411 14.00 -12.60 -67.57
CA TYR M 411 13.53 -11.37 -66.95
C TYR M 411 12.04 -11.43 -66.60
N ASN M 412 11.34 -12.39 -67.19
CA ASN M 412 9.90 -12.54 -66.98
C ASN M 412 9.57 -13.82 -66.21
N ARG M 413 9.89 -14.97 -66.80
CA ARG M 413 9.60 -16.26 -66.16
C ARG M 413 10.07 -16.27 -64.71
N LEU M 414 11.27 -15.73 -64.50
CA LEU M 414 11.78 -15.51 -63.15
C LEU M 414 10.98 -14.41 -62.46
N ALA M 415 10.61 -13.38 -63.23
CA ALA M 415 9.72 -12.34 -62.71
C ALA M 415 8.39 -12.95 -62.28
N LYS M 416 7.91 -13.91 -63.07
CA LYS M 416 6.72 -14.68 -62.72
C LYS M 416 7.08 -15.69 -61.63
N SER M 417 8.36 -16.06 -61.57
CA SER M 417 8.85 -16.97 -60.55
C SER M 417 8.72 -16.38 -59.15
N ILE M 418 8.77 -15.05 -59.05
CA ILE M 418 8.63 -14.38 -57.77
C ILE M 418 7.25 -14.58 -57.16
N ALA M 419 7.23 -14.98 -55.89
CA ALA M 419 6.00 -15.11 -55.11
C ALA M 419 4.83 -15.70 -55.88
N PRO M 420 4.99 -16.95 -56.37
CA PRO M 420 3.91 -17.63 -57.07
C PRO M 420 2.69 -17.82 -56.16
N GLU M 421 2.90 -17.69 -54.86
CA GLU M 421 1.83 -17.87 -53.88
C GLU M 421 0.80 -16.75 -53.95
N ILE M 422 1.27 -15.51 -54.12
CA ILE M 422 0.35 -14.37 -54.24
C ILE M 422 -0.01 -14.11 -55.69
N TYR M 423 -1.28 -13.83 -55.94
CA TYR M 423 -1.78 -13.64 -57.30
C TYR M 423 -1.52 -12.23 -57.84
N GLY M 424 -1.27 -12.16 -59.15
CA GLY M 424 -1.14 -10.89 -59.85
C GLY M 424 0.01 -10.03 -59.37
N ASN M 425 -0.03 -8.76 -59.75
CA ASN M 425 1.01 -7.79 -59.38
C ASN M 425 2.40 -8.26 -59.79
N LEU M 426 2.48 -8.98 -60.91
CA LEU M 426 3.76 -9.48 -61.41
C LEU M 426 4.69 -8.33 -61.76
N ASP M 427 4.12 -7.22 -62.20
CA ASP M 427 4.90 -6.03 -62.50
C ASP M 427 5.58 -5.54 -61.23
N VAL M 428 4.86 -5.63 -60.11
CA VAL M 428 5.43 -5.35 -58.80
C VAL M 428 6.53 -6.36 -58.53
N LYS M 429 6.25 -7.64 -58.82
CA LYS M 429 7.25 -8.69 -58.71
C LYS M 429 8.37 -8.48 -59.72
N LYS M 430 8.00 -7.92 -60.87
CA LYS M 430 8.96 -7.64 -61.94
C LYS M 430 10.12 -6.79 -61.42
N ALA M 431 9.80 -5.79 -60.61
CA ALA M 431 10.82 -4.92 -60.02
C ALA M 431 11.47 -5.59 -58.82
N LEU M 432 10.75 -6.52 -58.19
CA LEU M 432 11.29 -7.27 -57.05
C LEU M 432 12.57 -7.99 -57.42
N LEU M 433 12.64 -8.45 -58.66
CA LEU M 433 13.80 -9.17 -59.18
C LEU M 433 15.05 -8.31 -59.19
N LEU M 434 14.85 -7.01 -59.36
CA LEU M 434 15.96 -6.07 -59.47
C LEU M 434 16.71 -5.88 -58.15
N LEU M 435 15.98 -5.57 -57.08
CA LEU M 435 16.61 -5.40 -55.78
C LEU M 435 17.18 -6.71 -55.26
N LEU M 436 16.51 -7.82 -55.60
CA LEU M 436 17.01 -9.14 -55.25
C LEU M 436 18.37 -9.36 -55.89
N VAL M 437 18.65 -8.59 -56.93
CA VAL M 437 19.95 -8.59 -57.60
C VAL M 437 20.66 -7.27 -57.37
N GLY M 438 20.09 -6.20 -57.90
CA GLY M 438 20.65 -4.86 -57.76
C GLY M 438 21.90 -4.68 -58.60
N GLY M 439 22.62 -3.59 -58.36
CA GLY M 439 23.92 -3.40 -58.96
C GLY M 439 23.98 -2.72 -60.31
N VAL M 440 25.21 -2.43 -60.73
CA VAL M 440 26.32 -2.69 -59.82
C VAL M 440 27.01 -1.39 -59.41
N ASP M 441 26.63 -0.90 -58.22
CA ASP M 441 27.31 0.14 -57.44
C ASP M 441 28.05 1.19 -58.27
N LYS M 442 29.27 1.49 -57.84
CA LYS M 442 30.28 2.18 -58.63
C LYS M 442 31.48 2.50 -57.74
N ARG M 443 32.62 2.77 -58.36
CA ARG M 443 33.79 3.26 -57.63
C ARG M 443 34.31 4.50 -58.33
N VAL M 444 34.19 5.66 -57.69
CA VAL M 444 34.58 6.91 -58.33
C VAL M 444 36.07 7.19 -58.21
N GLY M 445 36.72 6.56 -57.22
CA GLY M 445 38.15 6.74 -57.02
C GLY M 445 38.48 7.97 -56.19
N ASP M 446 37.47 8.78 -55.91
CA ASP M 446 37.62 9.99 -55.09
C ASP M 446 38.21 9.71 -53.70
N GLY M 447 37.80 8.63 -53.06
CA GLY M 447 36.66 7.86 -53.48
C GLY M 447 35.36 8.14 -52.74
N MET M 448 34.26 7.96 -53.44
CA MET M 448 32.95 7.80 -52.86
C MET M 448 32.22 6.73 -53.66
N LYS M 449 31.88 5.62 -53.01
CA LYS M 449 31.14 4.56 -53.68
C LYS M 449 29.66 4.85 -53.66
N ILE M 450 28.99 4.57 -54.78
CA ILE M 450 27.56 4.82 -54.90
C ILE M 450 26.76 3.52 -54.96
N ARG M 451 25.62 3.50 -54.29
CA ARG M 451 24.72 2.35 -54.36
C ARG M 451 24.07 2.28 -55.73
N GLY M 452 24.11 1.10 -56.34
CA GLY M 452 24.73 -0.06 -55.75
C GLY M 452 23.72 -0.94 -55.05
N ASP M 453 22.60 -0.33 -54.67
CA ASP M 453 21.54 -1.05 -53.98
C ASP M 453 20.19 -0.40 -54.25
N ILE M 454 19.14 -1.21 -54.29
CA ILE M 454 17.78 -0.73 -54.50
C ILE M 454 17.04 -0.54 -53.19
N ASN M 455 16.46 0.65 -53.00
CA ASN M 455 15.57 0.83 -51.88
C ASN M 455 14.15 1.00 -52.38
N VAL M 456 13.32 -0.01 -52.11
CA VAL M 456 11.94 -0.02 -52.57
C VAL M 456 10.96 0.10 -51.40
N CYS M 457 9.90 0.86 -51.62
CA CYS M 457 8.84 1.02 -50.64
C CYS M 457 7.52 0.57 -51.25
N LEU M 458 6.60 0.11 -50.41
CA LEU M 458 5.29 -0.31 -50.89
C LEU M 458 4.21 0.40 -50.11
N MET M 459 3.44 1.25 -50.79
CA MET M 459 2.43 2.06 -50.13
C MET M 459 1.02 1.66 -50.53
N GLY M 460 0.30 1.06 -49.59
CA GLY M 460 -1.12 0.81 -49.75
C GLY M 460 -1.71 0.20 -48.49
N ASP M 461 -3.01 0.38 -48.30
CA ASP M 461 -3.73 -0.24 -47.20
C ASP M 461 -5.18 -0.53 -47.59
N PRO M 462 -5.83 -1.48 -46.90
CA PRO M 462 -5.33 -2.31 -45.80
C PRO M 462 -4.22 -3.25 -46.23
N GLY M 463 -3.81 -4.16 -45.35
CA GLY M 463 -2.62 -4.95 -45.57
C GLY M 463 -2.42 -5.56 -46.94
N VAL M 464 -3.50 -6.04 -47.56
CA VAL M 464 -3.41 -6.56 -48.92
C VAL M 464 -2.59 -7.85 -48.92
N ALA M 465 -2.10 -8.23 -47.73
CA ALA M 465 -1.11 -9.27 -47.58
C ALA M 465 0.23 -8.83 -48.17
N LYS M 466 0.51 -7.54 -48.05
CA LYS M 466 1.77 -6.98 -48.52
C LYS M 466 2.94 -7.52 -47.69
N SER M 467 2.68 -7.74 -46.41
CA SER M 467 3.68 -8.30 -45.51
C SER M 467 4.16 -9.67 -45.99
N GLN M 468 3.34 -10.32 -46.80
CA GLN M 468 3.63 -11.66 -47.31
C GLN M 468 4.72 -11.62 -48.40
N LEU M 469 4.75 -10.53 -49.16
CA LEU M 469 5.76 -10.34 -50.20
C LEU M 469 7.16 -10.34 -49.58
N LEU M 470 7.28 -9.74 -48.40
CA LEU M 470 8.55 -9.70 -47.69
C LEU M 470 8.90 -11.08 -47.13
N LYS M 471 7.88 -11.89 -46.88
CA LYS M 471 8.08 -13.23 -46.35
C LYS M 471 8.76 -14.13 -47.37
N ALA M 472 8.41 -13.96 -48.64
CA ALA M 472 9.00 -14.73 -49.73
C ALA M 472 10.37 -14.19 -50.13
N ILE M 473 10.47 -12.87 -50.22
CA ILE M 473 11.67 -12.22 -50.73
C ILE M 473 12.90 -12.46 -49.86
N CYS M 474 12.79 -12.17 -48.58
CA CYS M 474 13.91 -12.34 -47.65
C CYS M 474 14.30 -13.80 -47.52
N LYS M 475 13.32 -14.68 -47.59
CA LYS M 475 13.56 -16.11 -47.49
C LYS M 475 14.50 -16.59 -48.59
N ILE M 476 14.16 -16.26 -49.83
CA ILE M 476 15.01 -16.59 -50.98
C ILE M 476 16.34 -15.84 -50.91
N SER M 477 16.26 -14.55 -50.62
CA SER M 477 17.44 -13.69 -50.59
C SER M 477 18.50 -14.12 -49.59
N PRO M 478 19.76 -14.21 -50.03
CA PRO M 478 20.87 -14.38 -49.09
C PRO M 478 20.98 -13.15 -48.21
N ARG M 479 21.33 -13.33 -46.94
CA ARG M 479 21.34 -12.22 -45.99
C ARG M 479 19.90 -11.72 -45.79
N GLY M 480 18.93 -12.59 -46.04
CA GLY M 480 17.54 -12.21 -45.90
C GLY M 480 17.18 -11.90 -44.46
N VAL M 481 16.69 -10.68 -44.24
CA VAL M 481 16.28 -10.26 -42.91
C VAL M 481 14.88 -9.66 -42.96
N TYR M 482 13.92 -10.32 -42.31
CA TYR M 482 12.58 -9.77 -42.16
C TYR M 482 12.47 -8.96 -40.88
N THR M 483 11.91 -7.77 -41.00
CA THR M 483 11.71 -6.93 -39.83
C THR M 483 10.41 -6.12 -39.92
N THR M 484 10.16 -5.34 -38.87
CA THR M 484 8.97 -4.52 -38.79
C THR M 484 9.18 -3.34 -37.85
N GLY M 485 8.27 -2.37 -37.89
CA GLY M 485 8.46 -1.15 -37.12
C GLY M 485 8.68 -1.40 -35.64
N LYS M 486 7.72 -2.00 -34.95
CA LYS M 486 8.03 -2.48 -33.60
C LYS M 486 7.53 -3.90 -33.38
N GLY M 487 8.45 -4.86 -33.39
CA GLY M 487 9.64 -4.73 -34.21
C GLY M 487 10.98 -4.23 -33.67
N SER M 488 11.98 -4.32 -34.55
CA SER M 488 13.34 -3.91 -34.23
C SER M 488 13.48 -2.38 -34.21
N SER M 489 14.10 -1.88 -33.15
CA SER M 489 14.34 -0.46 -33.01
C SER M 489 15.61 -0.05 -33.74
N GLY M 490 16.00 1.21 -33.57
CA GLY M 490 17.25 1.72 -34.12
C GLY M 490 18.39 1.20 -33.28
N VAL M 491 18.08 0.86 -32.03
CA VAL M 491 19.04 0.25 -31.13
C VAL M 491 19.23 -1.21 -31.53
N GLY M 492 18.21 -1.76 -32.17
CA GLY M 492 18.28 -3.11 -32.70
C GLY M 492 19.04 -3.14 -34.00
N LEU M 493 19.13 -2.00 -34.67
CA LEU M 493 19.88 -1.88 -35.92
C LEU M 493 21.29 -1.36 -35.70
N THR M 494 21.63 -1.18 -34.43
CA THR M 494 22.96 -0.74 -34.04
C THR M 494 23.57 -1.75 -33.07
N ALA M 495 24.88 -1.65 -32.85
CA ALA M 495 25.49 -2.49 -31.82
C ALA M 495 25.16 -1.86 -30.48
N ALA M 496 24.46 -2.62 -29.64
CA ALA M 496 23.93 -2.13 -28.38
C ALA M 496 24.46 -2.96 -27.22
N VAL M 497 24.91 -2.28 -26.19
CA VAL M 497 25.50 -2.96 -25.04
C VAL M 497 24.43 -3.65 -24.21
N MET M 498 24.69 -4.89 -23.84
CA MET M 498 23.80 -5.63 -22.96
C MET M 498 24.55 -6.64 -22.11
N LYS M 499 24.11 -6.82 -20.87
CA LYS M 499 24.69 -7.80 -19.97
C LYS M 499 24.44 -9.20 -20.50
N ASP M 500 25.51 -9.98 -20.63
CA ASP M 500 25.40 -11.36 -21.08
C ASP M 500 25.22 -12.28 -19.89
N PRO M 501 24.07 -12.99 -19.84
CA PRO M 501 23.79 -13.97 -18.78
C PRO M 501 24.86 -15.06 -18.77
N VAL M 502 25.05 -15.73 -17.64
CA VAL M 502 26.15 -16.67 -17.49
C VAL M 502 27.47 -15.91 -17.75
N THR M 503 28.17 -16.31 -18.81
CA THR M 503 29.45 -15.68 -19.16
C THR M 503 29.33 -14.17 -19.23
N ASP M 504 30.31 -13.46 -18.68
CA ASP M 504 30.25 -12.00 -18.55
C ASP M 504 31.39 -11.33 -19.29
N GLU M 505 31.26 -10.02 -19.56
CA GLU M 505 30.10 -9.23 -19.16
C GLU M 505 29.85 -8.06 -20.10
N MET M 506 28.59 -7.63 -20.17
CA MET M 506 28.19 -6.44 -20.92
C MET M 506 28.71 -6.44 -22.36
N ILE M 507 28.78 -7.61 -22.98
CA ILE M 507 29.23 -7.71 -24.37
C ILE M 507 28.19 -7.12 -25.31
N LEU M 508 28.65 -6.40 -26.33
CA LEU M 508 27.75 -5.77 -27.28
C LEU M 508 27.18 -6.78 -28.27
N GLU M 509 25.92 -6.61 -28.61
CA GLU M 509 25.29 -7.41 -29.65
C GLU M 509 24.52 -6.51 -30.60
N GLY M 510 24.97 -6.49 -31.86
CA GLY M 510 24.30 -5.71 -32.89
C GLY M 510 23.36 -6.60 -33.68
N GLY M 511 22.58 -5.98 -34.56
CA GLY M 511 21.66 -6.72 -35.39
C GLY M 511 20.93 -5.84 -36.38
N ALA M 512 19.86 -6.37 -36.98
CA ALA M 512 19.06 -5.64 -37.94
C ALA M 512 19.92 -5.10 -39.08
N LEU M 513 19.96 -3.78 -39.20
CA LEU M 513 20.77 -3.11 -40.20
C LEU M 513 22.20 -3.63 -40.20
N VAL M 514 22.80 -3.71 -39.02
CA VAL M 514 24.15 -4.25 -38.89
C VAL M 514 24.17 -5.72 -39.30
N LEU M 515 23.09 -6.41 -38.97
CA LEU M 515 22.95 -7.82 -39.31
C LEU M 515 22.53 -8.03 -40.75
N ALA M 516 21.78 -7.06 -41.30
CA ALA M 516 21.24 -7.19 -42.64
C ALA M 516 22.15 -6.62 -43.71
N ASP M 517 23.33 -6.16 -43.32
CA ASP M 517 24.24 -5.52 -44.27
C ASP M 517 24.74 -6.51 -45.31
N ASN M 518 24.86 -6.02 -46.55
CA ASN M 518 25.16 -6.86 -47.70
C ASN M 518 24.02 -7.85 -47.98
N GLY M 519 22.80 -7.37 -47.78
CA GLY M 519 21.61 -8.17 -48.02
C GLY M 519 20.34 -7.36 -47.88
N ILE M 520 19.23 -7.92 -48.36
CA ILE M 520 17.94 -7.24 -48.32
C ILE M 520 17.39 -7.18 -46.91
N CYS M 521 16.73 -6.07 -46.58
CA CYS M 521 16.01 -5.95 -45.33
C CYS M 521 14.54 -5.66 -45.60
N CYS M 522 13.69 -6.62 -45.29
CA CYS M 522 12.25 -6.42 -45.42
C CYS M 522 11.74 -5.72 -44.17
N ILE M 523 10.75 -4.84 -44.34
CA ILE M 523 10.28 -4.02 -43.23
C ILE M 523 8.77 -3.76 -43.25
N ASP M 524 8.16 -3.76 -42.07
CA ASP M 524 6.75 -3.42 -41.90
C ASP M 524 6.58 -2.43 -40.77
N GLU M 525 5.38 -1.87 -40.65
CA GLU M 525 5.11 -0.82 -39.66
C GLU M 525 6.09 0.33 -39.84
N PHE M 526 6.47 0.58 -41.09
CA PHE M 526 7.52 1.53 -41.41
C PHE M 526 7.19 2.95 -40.95
N ASP M 527 5.91 3.25 -40.79
CA ASP M 527 5.51 4.55 -40.29
C ASP M 527 5.68 4.62 -38.76
N LYS M 528 5.63 3.46 -38.12
CA LYS M 528 5.73 3.38 -36.66
C LYS M 528 7.16 3.15 -36.17
N MET M 529 8.12 3.12 -37.10
CA MET M 529 9.53 3.03 -36.74
C MET M 529 9.97 4.31 -36.02
N ASP M 530 9.08 5.30 -36.08
CA ASP M 530 9.23 6.65 -35.52
C ASP M 530 10.47 7.37 -36.01
N GLU M 531 11.08 8.18 -35.12
CA GLU M 531 12.26 8.98 -35.45
C GLU M 531 13.58 8.21 -35.31
N SER M 532 13.70 7.48 -34.22
CA SER M 532 14.95 6.81 -33.83
C SER M 532 15.41 5.89 -34.95
N ASP M 533 14.47 5.22 -35.59
CA ASP M 533 14.75 4.39 -36.75
C ASP M 533 14.96 5.22 -38.01
N ARG M 534 14.05 6.16 -38.26
CA ARG M 534 14.08 6.96 -39.48
C ARG M 534 15.45 7.60 -39.72
N THR M 535 16.01 8.23 -38.70
CA THR M 535 17.31 8.88 -38.82
C THR M 535 18.41 7.88 -39.15
N ALA M 536 18.37 6.71 -38.50
CA ALA M 536 19.33 5.66 -38.75
C ALA M 536 19.27 5.21 -40.21
N ILE M 537 18.07 4.83 -40.66
CA ILE M 537 17.87 4.43 -42.04
C ILE M 537 17.98 5.63 -42.96
N HIS M 538 17.72 6.82 -42.41
CA HIS M 538 18.00 8.06 -43.12
C HIS M 538 19.49 8.07 -43.45
N GLU M 539 20.29 7.60 -42.50
CA GLU M 539 21.72 7.45 -42.68
C GLU M 539 22.02 6.16 -43.45
N VAL M 540 21.16 5.17 -43.28
CA VAL M 540 21.28 3.91 -44.01
C VAL M 540 21.03 4.13 -45.51
N MET M 541 20.43 5.28 -45.83
CA MET M 541 20.29 5.71 -47.21
C MET M 541 21.59 6.35 -47.70
N GLU M 542 22.33 6.97 -46.78
CA GLU M 542 23.73 7.35 -47.00
C GLU M 542 24.50 6.04 -47.15
N GLN M 543 23.82 4.99 -46.70
CA GLN M 543 24.22 3.58 -46.77
C GLN M 543 25.58 3.29 -46.14
N GLN M 544 26.18 2.17 -46.57
CA GLN M 544 27.57 1.76 -46.32
C GLN M 544 28.13 2.24 -44.97
N THR M 545 27.24 2.51 -44.01
CA THR M 545 27.65 3.04 -42.72
C THR M 545 26.61 2.85 -41.62
N ILE M 546 27.07 2.65 -40.39
CA ILE M 546 26.20 2.80 -39.22
C ILE M 546 26.98 3.54 -38.14
N SER M 547 26.48 4.71 -37.75
CA SER M 547 27.22 5.62 -36.88
C SER M 547 26.72 5.64 -35.44
N ILE M 548 27.61 5.30 -34.52
CA ILE M 548 27.30 5.39 -33.10
C ILE M 548 28.34 6.24 -32.39
N SER M 549 27.89 7.38 -31.87
CA SER M 549 28.74 8.22 -31.02
C SER M 549 28.42 7.96 -29.55
N LYS M 550 27.51 7.00 -29.33
CA LYS M 550 27.03 6.70 -27.98
C LYS M 550 28.08 6.07 -27.09
N ALA M 551 28.03 6.39 -25.80
CA ALA M 551 28.99 5.92 -24.82
C ALA M 551 30.42 6.30 -25.21
N GLY M 552 31.33 5.35 -25.02
CA GLY M 552 32.69 5.51 -25.47
C GLY M 552 32.80 5.03 -26.90
N ILE M 553 31.70 4.50 -27.43
CA ILE M 553 31.70 3.98 -28.79
C ILE M 553 31.57 5.12 -29.79
N ASN M 554 32.62 5.33 -30.58
CA ASN M 554 32.60 6.33 -31.65
C ASN M 554 32.42 5.72 -33.04
N THR M 555 32.35 4.40 -33.12
CA THR M 555 32.44 3.69 -34.40
C THR M 555 31.34 4.00 -35.40
N THR M 556 31.69 3.92 -36.68
CA THR M 556 30.72 3.88 -37.77
C THR M 556 30.98 2.63 -38.60
N LEU M 557 30.04 1.69 -38.56
CA LEU M 557 30.25 0.38 -39.18
C LEU M 557 29.47 0.24 -40.48
N ASN M 558 30.06 -0.44 -41.45
CA ASN M 558 29.45 -0.57 -42.76
C ASN M 558 28.14 -1.35 -42.73
N ALA M 559 27.09 -0.74 -43.27
CA ALA M 559 25.85 -1.45 -43.54
C ALA M 559 25.63 -1.48 -45.05
N ARG M 560 25.78 -2.67 -45.64
CA ARG M 560 25.61 -2.86 -47.07
C ARG M 560 24.16 -3.26 -47.37
N THR M 561 23.32 -3.18 -46.34
CA THR M 561 21.95 -3.68 -46.39
C THR M 561 21.13 -3.22 -47.58
N SER M 562 20.49 -4.18 -48.25
CA SER M 562 19.45 -3.86 -49.23
C SER M 562 18.17 -3.49 -48.47
N ILE M 563 17.50 -2.45 -48.93
CA ILE M 563 16.39 -1.87 -48.19
C ILE M 563 15.05 -1.93 -48.90
N LEU M 564 14.07 -2.60 -48.30
CA LEU M 564 12.67 -2.50 -48.75
C LEU M 564 11.70 -2.52 -47.56
N ALA M 565 10.82 -1.53 -47.51
CA ALA M 565 9.77 -1.50 -46.51
C ALA M 565 8.45 -1.08 -47.12
N ALA M 566 7.40 -1.85 -46.84
CA ALA M 566 6.04 -1.51 -47.22
C ALA M 566 5.35 -0.81 -46.05
N ALA M 567 4.70 0.31 -46.32
CA ALA M 567 4.09 1.10 -45.27
C ALA M 567 2.64 1.49 -45.60
N ASN M 568 1.81 1.59 -44.57
CA ASN M 568 0.39 1.91 -44.74
C ASN M 568 0.12 3.40 -44.84
N PRO M 569 -0.81 3.79 -45.73
CA PRO M 569 -1.27 5.17 -45.92
C PRO M 569 -1.92 5.75 -44.67
N LEU M 570 -2.09 7.07 -44.64
CA LEU M 570 -2.74 7.76 -43.53
C LEU M 570 -4.15 7.20 -43.31
N TYR M 571 -4.59 7.20 -42.04
CA TYR M 571 -5.84 6.55 -41.65
C TYR M 571 -7.08 7.13 -42.34
N GLY M 572 -8.10 6.30 -42.52
CA GLY M 572 -7.99 4.89 -42.26
C GLY M 572 -7.29 4.17 -43.41
N ARG M 573 -7.73 4.49 -44.62
CA ARG M 573 -7.09 4.00 -45.84
C ARG M 573 -6.85 5.20 -46.73
N TYR M 574 -6.22 5.00 -47.89
CA TYR M 574 -5.94 6.15 -48.73
C TYR M 574 -7.21 6.68 -49.36
N ASN M 575 -7.31 8.01 -49.42
CA ASN M 575 -8.45 8.68 -50.03
C ASN M 575 -8.04 9.32 -51.34
N PRO M 576 -8.62 8.86 -52.46
CA PRO M 576 -8.28 9.34 -53.80
C PRO M 576 -8.32 10.86 -53.89
N ARG M 577 -9.20 11.48 -53.11
CA ARG M 577 -9.26 12.94 -53.06
C ARG M 577 -8.00 13.51 -52.43
N LEU M 578 -7.45 12.79 -51.46
CA LEU M 578 -6.17 13.15 -50.85
C LEU M 578 -5.08 13.21 -51.90
N SER M 579 -4.33 14.31 -51.92
CA SER M 579 -3.21 14.45 -52.83
C SER M 579 -2.03 13.61 -52.38
N PRO M 580 -1.20 13.17 -53.34
CA PRO M 580 0.04 12.48 -52.99
C PRO M 580 0.90 13.27 -51.98
N LEU M 581 1.59 12.55 -51.09
CA LEU M 581 2.45 13.12 -50.03
C LEU M 581 1.67 13.66 -48.84
N ASP M 582 0.37 13.90 -49.02
CA ASP M 582 -0.52 14.15 -47.89
C ASP M 582 -1.03 12.83 -47.31
N ASN M 583 -1.21 11.86 -48.20
CA ASN M 583 -1.63 10.52 -47.84
C ASN M 583 -0.51 9.74 -47.14
N ILE M 584 0.71 9.93 -47.64
CA ILE M 584 1.87 9.26 -47.08
C ILE M 584 2.21 9.76 -45.69
N ASN M 585 2.60 8.84 -44.82
CA ASN M 585 2.97 9.18 -43.45
C ASN M 585 4.47 9.40 -43.30
N LEU M 586 5.21 9.13 -44.37
CA LEU M 586 6.66 9.25 -44.35
C LEU M 586 7.16 10.62 -44.79
N PRO M 587 8.30 11.06 -44.23
CA PRO M 587 8.94 12.33 -44.57
C PRO M 587 9.40 12.40 -46.03
N ALA M 588 9.34 13.59 -46.62
CA ALA M 588 9.66 13.79 -48.03
C ALA M 588 11.12 13.45 -48.33
N ALA M 589 12.02 13.97 -47.49
CA ALA M 589 13.44 13.67 -47.61
C ALA M 589 13.68 12.16 -47.47
N LEU M 590 12.74 11.50 -46.79
CA LEU M 590 12.78 10.05 -46.63
C LEU M 590 12.33 9.34 -47.90
N LEU M 591 11.37 9.94 -48.60
CA LEU M 591 10.89 9.39 -49.87
C LEU M 591 11.77 9.76 -51.06
N SER M 592 12.53 10.84 -50.92
CA SER M 592 13.34 11.33 -52.05
C SER M 592 14.52 10.41 -52.33
N ARG M 593 15.07 9.81 -51.27
CA ARG M 593 16.19 8.90 -51.44
C ARG M 593 15.71 7.51 -51.81
N PHE M 594 14.39 7.33 -51.83
CA PHE M 594 13.76 6.12 -52.35
C PHE M 594 13.75 6.16 -53.88
N ASP M 595 14.20 5.08 -54.52
CA ASP M 595 14.13 5.01 -55.97
C ASP M 595 12.74 4.57 -56.46
N ILE M 596 12.06 3.74 -55.68
CA ILE M 596 10.78 3.18 -56.10
C ILE M 596 9.77 2.98 -54.96
N LEU M 597 8.50 3.23 -55.26
CA LEU M 597 7.40 2.85 -54.37
C LEU M 597 6.21 2.38 -55.20
N PHE M 598 5.66 1.23 -54.83
CA PHE M 598 4.51 0.67 -55.55
C PHE M 598 3.22 0.90 -54.76
N LEU M 599 2.34 1.73 -55.31
CA LEU M 599 1.09 2.06 -54.62
C LEU M 599 0.09 0.90 -54.70
N MET M 600 -0.33 0.44 -53.53
CA MET M 600 -1.08 -0.80 -53.39
C MET M 600 -2.60 -0.63 -53.33
N LEU M 601 -3.08 0.58 -53.62
CA LEU M 601 -4.50 0.92 -53.54
C LEU M 601 -5.33 -0.16 -54.24
N ASP M 602 -6.37 -0.64 -53.57
CA ASP M 602 -7.16 -1.74 -54.09
C ASP M 602 -8.61 -1.31 -54.29
N ILE M 603 -9.01 -1.23 -55.56
CA ILE M 603 -10.41 -1.01 -55.91
C ILE M 603 -11.05 -2.33 -56.33
N PRO M 604 -12.23 -2.65 -55.76
CA PRO M 604 -12.85 -3.93 -56.09
C PRO M 604 -13.19 -4.04 -57.58
N SER M 605 -12.75 -5.13 -58.19
CA SER M 605 -13.13 -5.44 -59.56
C SER M 605 -13.81 -6.80 -59.57
N ARG M 606 -15.11 -6.82 -59.85
CA ARG M 606 -15.89 -8.06 -59.77
C ARG M 606 -15.25 -9.18 -60.57
N ASP M 607 -14.73 -8.86 -61.75
CA ASP M 607 -14.02 -9.84 -62.55
C ASP M 607 -12.74 -10.27 -61.85
N ASP M 608 -11.95 -9.29 -61.42
CA ASP M 608 -10.70 -9.57 -60.72
C ASP M 608 -10.94 -10.17 -59.34
N ASP M 609 -11.96 -9.68 -58.65
CA ASP M 609 -12.31 -10.20 -57.33
C ASP M 609 -12.60 -11.69 -57.38
N GLU M 610 -13.38 -12.12 -58.36
CA GLU M 610 -13.66 -13.55 -58.53
C GLU M 610 -12.37 -14.32 -58.78
N LYS M 611 -11.67 -13.93 -59.83
CA LYS M 611 -10.45 -14.62 -60.27
C LYS M 611 -9.42 -14.74 -59.15
N LEU M 612 -9.31 -13.70 -58.32
CA LEU M 612 -8.43 -13.76 -57.16
C LEU M 612 -9.07 -14.61 -56.08
N ALA M 613 -10.36 -14.38 -55.82
CA ALA M 613 -11.12 -15.24 -54.92
C ALA M 613 -11.03 -16.67 -55.39
N GLU M 614 -11.07 -16.86 -56.71
CA GLU M 614 -10.88 -18.18 -57.32
C GLU M 614 -9.55 -18.78 -56.88
N HIS M 615 -8.51 -17.96 -56.85
CA HIS M 615 -7.21 -18.40 -56.34
C HIS M 615 -7.31 -18.62 -54.83
N VAL M 616 -8.16 -17.83 -54.19
CA VAL M 616 -8.43 -17.98 -52.77
C VAL M 616 -9.36 -19.17 -52.54
N THR M 617 -10.04 -19.60 -53.60
CA THR M 617 -10.77 -20.86 -53.58
C THR M 617 -9.82 -22.02 -53.88
N TYR M 618 -8.90 -21.78 -54.82
CA TYR M 618 -7.96 -22.80 -55.27
C TYR M 618 -7.08 -23.28 -54.11
N VAL M 619 -6.89 -22.42 -53.12
CA VAL M 619 -6.31 -22.79 -51.83
C VAL M 619 -7.16 -22.08 -50.79
N HIS M 620 -7.70 -22.79 -49.79
CA HIS M 620 -7.21 -24.07 -49.29
C HIS M 620 -7.40 -25.35 -50.11
N MET M 621 -8.12 -25.30 -51.23
CA MET M 621 -8.51 -26.53 -51.92
C MET M 621 -7.34 -27.50 -52.13
N HIS M 622 -6.18 -26.97 -52.51
CA HIS M 622 -4.98 -27.77 -52.67
C HIS M 622 -3.75 -27.03 -52.15
N ASN M 623 -2.65 -27.77 -51.99
CA ASN M 623 -1.38 -27.17 -51.61
C ASN M 623 -0.65 -26.54 -52.80
N LYS M 624 -0.87 -27.07 -54.02
CA LYS M 624 -0.17 -26.57 -55.21
C LYS M 624 -1.00 -25.53 -56.00
N GLN M 625 -0.60 -24.28 -55.88
CA GLN M 625 -1.25 -23.16 -56.57
C GLN M 625 -0.97 -22.98 -58.08
N PRO M 626 0.30 -22.90 -58.49
CA PRO M 626 0.61 -22.45 -59.85
C PRO M 626 0.14 -23.40 -60.97
N ASP M 627 -0.51 -22.84 -61.98
CA ASP M 627 -1.03 -23.64 -63.10
C ASP M 627 -1.74 -22.80 -64.16
N LEU M 628 -1.95 -23.41 -65.33
CA LEU M 628 -2.65 -22.78 -66.45
C LEU M 628 -2.15 -21.37 -66.79
N ASP M 629 -0.84 -21.21 -66.99
CA ASP M 629 0.15 -22.26 -66.78
C ASP M 629 1.49 -21.65 -66.41
N PHE M 630 2.27 -22.36 -65.60
CA PHE M 630 3.58 -21.86 -65.18
C PHE M 630 4.33 -22.83 -64.26
N THR M 631 5.64 -22.63 -64.19
CA THR M 631 6.54 -23.46 -63.38
C THR M 631 7.59 -22.59 -62.68
N PRO M 632 7.23 -22.05 -61.51
CA PRO M 632 8.12 -21.15 -60.75
C PRO M 632 9.42 -21.82 -60.37
N VAL M 633 10.53 -21.13 -60.62
CA VAL M 633 11.85 -21.66 -60.31
C VAL M 633 12.07 -21.80 -58.81
N GLU M 634 12.63 -22.92 -58.39
CA GLU M 634 12.99 -23.10 -57.00
C GLU M 634 14.19 -22.21 -56.68
N PRO M 635 14.21 -21.64 -55.46
CA PRO M 635 15.19 -20.62 -55.06
C PRO M 635 16.64 -21.05 -55.22
N SER M 636 16.98 -22.26 -54.78
CA SER M 636 18.35 -22.75 -54.82
C SER M 636 18.94 -22.68 -56.23
N LYS M 637 18.18 -23.16 -57.20
CA LYS M 637 18.58 -23.11 -58.60
C LYS M 637 18.40 -21.69 -59.13
N MET M 638 17.40 -20.99 -58.57
CA MET M 638 17.12 -19.60 -58.95
C MET M 638 18.18 -18.65 -58.39
N ARG M 639 18.48 -18.81 -57.11
CA ARG M 639 19.47 -17.98 -56.43
C ARG M 639 20.84 -18.06 -57.10
N GLU M 640 21.21 -19.26 -57.53
CA GLU M 640 22.54 -19.50 -58.09
C GLU M 640 22.80 -18.60 -59.29
N TYR M 641 21.75 -18.18 -59.99
CA TYR M 641 21.91 -17.27 -61.11
C TYR M 641 22.08 -15.83 -60.61
N ILE M 642 21.60 -15.55 -59.40
CA ILE M 642 21.64 -14.21 -58.85
C ILE M 642 23.06 -13.64 -58.85
N ALA M 643 23.91 -14.18 -57.97
CA ALA M 643 25.29 -13.70 -57.85
C ALA M 643 26.07 -14.06 -59.12
N TYR M 644 25.73 -15.19 -59.71
CA TYR M 644 26.24 -15.59 -61.02
C TYR M 644 26.02 -14.47 -62.02
N ALA M 645 24.85 -13.83 -61.92
CA ALA M 645 24.55 -12.65 -62.72
C ALA M 645 25.17 -11.41 -62.09
N LYS M 646 25.44 -11.46 -60.79
CA LYS M 646 26.00 -10.33 -60.07
C LYS M 646 27.50 -10.17 -60.33
N THR M 647 28.11 -11.21 -60.88
CA THR M 647 29.53 -11.15 -61.21
C THR M 647 29.75 -10.36 -62.51
N LYS M 648 28.66 -10.15 -63.23
CA LYS M 648 28.69 -9.52 -64.55
C LYS M 648 29.19 -8.07 -64.54
N ARG M 649 28.51 -7.20 -63.79
CA ARG M 649 28.82 -5.78 -63.79
C ARG M 649 28.79 -5.20 -65.21
N PRO M 650 27.58 -5.04 -65.77
CA PRO M 650 27.41 -4.49 -67.12
C PRO M 650 28.01 -3.10 -67.26
N VAL M 651 28.75 -2.88 -68.35
CA VAL M 651 29.31 -1.56 -68.63
C VAL M 651 28.42 -0.81 -69.62
N MET M 652 28.14 0.45 -69.32
CA MET M 652 27.16 1.22 -70.08
C MET M 652 27.63 1.61 -71.48
N SER M 653 26.79 1.32 -72.46
CA SER M 653 27.00 1.81 -73.82
C SER M 653 26.63 3.29 -73.86
N GLU M 654 27.48 4.11 -74.48
CA GLU M 654 27.26 5.55 -74.50
C GLU M 654 26.01 5.91 -75.30
N ALA M 655 25.62 5.02 -76.21
CA ALA M 655 24.42 5.22 -77.03
C ALA M 655 23.18 5.40 -76.15
N VAL M 656 22.92 4.41 -75.30
CA VAL M 656 21.84 4.51 -74.33
C VAL M 656 22.18 5.54 -73.26
N ASN M 657 23.47 5.78 -73.08
CA ASN M 657 23.99 6.68 -72.05
C ASN M 657 23.41 8.09 -72.16
N ASP M 658 23.58 8.71 -73.31
CA ASP M 658 23.10 10.08 -73.52
C ASP M 658 21.58 10.11 -73.63
N TYR M 659 21.00 9.02 -74.12
CA TYR M 659 19.55 8.94 -74.26
C TYR M 659 18.87 9.02 -72.89
N VAL M 660 19.46 8.37 -71.90
CA VAL M 660 18.93 8.41 -70.54
C VAL M 660 19.02 9.83 -69.99
N VAL M 661 20.05 10.54 -70.42
CA VAL M 661 20.19 11.96 -70.08
C VAL M 661 19.04 12.74 -70.71
N GLN M 662 18.73 12.41 -71.97
CA GLN M 662 17.68 13.09 -72.72
C GLN M 662 16.32 12.95 -72.03
N ALA M 663 15.94 11.70 -71.73
CA ALA M 663 14.67 11.45 -71.06
C ALA M 663 14.67 12.04 -69.66
N TYR M 664 15.86 12.30 -69.13
CA TYR M 664 16.02 12.88 -67.80
C TYR M 664 15.58 14.34 -67.78
N ILE M 665 16.13 15.16 -68.68
CA ILE M 665 15.74 16.55 -68.76
C ILE M 665 14.26 16.65 -69.15
N ARG M 666 13.80 15.63 -69.87
CA ARG M 666 12.37 15.49 -70.12
C ARG M 666 11.64 15.28 -68.79
N LEU M 667 12.16 14.35 -67.99
CA LEU M 667 11.60 14.08 -66.68
C LEU M 667 11.92 15.22 -65.72
N ARG M 668 13.00 15.93 -66.00
CA ARG M 668 13.36 17.13 -65.26
C ARG M 668 12.44 18.28 -65.69
N GLN M 669 11.79 18.09 -66.82
CA GLN M 669 10.86 19.07 -67.38
C GLN M 669 9.43 18.75 -66.95
N ASP M 670 8.94 17.57 -67.34
CA ASP M 670 7.55 17.19 -67.11
C ASP M 670 7.16 17.10 -65.63
N SER M 671 8.10 16.68 -64.80
CA SER M 671 7.81 16.55 -63.37
C SER M 671 7.71 17.93 -62.73
N LYS M 672 8.50 18.87 -63.26
CA LYS M 672 8.46 20.25 -62.79
C LYS M 672 7.27 21.02 -63.38
N ARG M 673 6.86 20.63 -64.59
CA ARG M 673 5.72 21.28 -65.22
C ARG M 673 4.42 20.79 -64.58
N GLU M 674 4.52 19.78 -63.72
CA GLU M 674 3.40 19.37 -62.89
C GLU M 674 3.19 20.40 -61.79
N MET M 675 4.30 20.98 -61.35
CA MET M 675 4.29 22.09 -60.40
C MET M 675 3.58 21.79 -59.08
N ASP M 676 2.55 22.58 -58.79
CA ASP M 676 1.91 22.58 -57.49
C ASP M 676 1.06 21.35 -57.20
N SER M 677 1.38 20.67 -56.11
CA SER M 677 0.56 19.59 -55.55
C SER M 677 0.13 18.53 -56.54
N LYS M 678 -1.14 18.13 -56.45
CA LYS M 678 -1.75 17.15 -57.33
C LYS M 678 -0.98 15.83 -57.37
N PHE M 679 -0.87 15.27 -58.57
CA PHE M 679 -0.29 13.94 -58.77
C PHE M 679 1.15 13.84 -58.27
N SER M 680 1.93 14.87 -58.60
CA SER M 680 3.36 14.95 -58.29
C SER M 680 4.08 13.69 -58.79
N PHE M 681 5.11 13.18 -58.10
CA PHE M 681 6.03 13.98 -57.28
C PHE M 681 7.16 14.51 -58.14
N GLY M 682 7.58 15.74 -57.88
CA GLY M 682 8.81 16.25 -58.48
C GLY M 682 9.96 15.72 -57.66
N GLN M 683 11.17 16.24 -57.88
CA GLN M 683 11.46 17.13 -59.00
C GLN M 683 12.12 16.37 -60.14
N ALA M 684 12.20 15.05 -59.98
CA ALA M 684 12.98 14.17 -60.84
C ALA M 684 14.48 14.40 -60.68
N THR M 685 14.90 14.44 -59.42
CA THR M 685 16.30 14.60 -59.03
C THR M 685 17.20 13.52 -59.65
N PRO M 686 18.49 13.83 -59.80
CA PRO M 686 19.48 12.96 -60.45
C PRO M 686 19.70 11.64 -59.71
N ARG M 687 19.37 11.60 -58.42
CA ARG M 687 19.51 10.38 -57.63
C ARG M 687 18.69 9.24 -58.21
N THR M 688 17.49 9.57 -58.69
CA THR M 688 16.63 8.57 -59.32
C THR M 688 17.21 8.18 -60.68
N LEU M 689 17.70 9.17 -61.41
CA LEU M 689 18.41 8.92 -62.66
C LEU M 689 19.70 8.18 -62.36
N LEU M 690 20.34 8.56 -61.27
CA LEU M 690 21.54 7.87 -60.81
C LEU M 690 21.20 6.41 -60.55
N GLY M 691 20.02 6.18 -59.99
CA GLY M 691 19.53 4.84 -59.77
C GLY M 691 18.98 4.20 -61.04
N ILE M 692 18.22 4.98 -61.80
CA ILE M 692 17.61 4.48 -63.04
C ILE M 692 18.68 3.99 -64.00
N ILE M 693 19.84 4.65 -63.96
CA ILE M 693 21.00 4.20 -64.71
C ILE M 693 21.49 2.88 -64.14
N ARG M 694 21.52 2.81 -62.81
CA ARG M 694 21.88 1.58 -62.11
C ARG M 694 20.85 0.48 -62.36
N LEU M 695 19.61 0.88 -62.59
CA LEU M 695 18.52 -0.06 -62.87
C LEU M 695 18.83 -0.91 -64.10
N SER M 696 19.11 -0.25 -65.23
CA SER M 696 19.52 -0.95 -66.44
C SER M 696 20.82 -1.70 -66.17
N GLN M 697 21.59 -1.20 -65.21
CA GLN M 697 22.81 -1.87 -64.79
C GLN M 697 22.45 -3.12 -63.99
N ALA M 698 21.36 -3.03 -63.23
CA ALA M 698 20.83 -4.19 -62.53
C ALA M 698 20.03 -5.06 -63.49
N LEU M 699 19.34 -4.42 -64.42
CA LEU M 699 18.55 -5.12 -65.41
C LEU M 699 19.45 -5.87 -66.39
N ALA M 700 20.58 -5.26 -66.74
CA ALA M 700 21.53 -5.88 -67.66
C ALA M 700 22.05 -7.19 -67.08
N LYS M 701 22.14 -7.26 -65.76
CA LYS M 701 22.68 -8.42 -65.09
C LYS M 701 21.85 -9.68 -65.34
N LEU M 702 20.54 -9.50 -65.49
CA LEU M 702 19.66 -10.62 -65.82
C LEU M 702 19.87 -11.04 -67.26
N ARG M 703 20.24 -10.08 -68.10
CA ARG M 703 20.68 -10.38 -69.45
C ARG M 703 22.16 -10.74 -69.43
N LEU M 704 22.80 -10.46 -68.29
CA LEU M 704 24.25 -10.53 -68.18
C LEU M 704 24.85 -9.71 -69.31
N ALA M 705 25.87 -10.25 -69.94
CA ALA M 705 26.35 -9.76 -71.23
C ALA M 705 26.96 -8.36 -71.15
N ASP M 706 26.68 -7.68 -70.05
CA ASP M 706 27.25 -6.37 -69.71
C ASP M 706 27.20 -5.36 -70.85
N MET M 707 26.25 -5.51 -71.77
CA MET M 707 26.16 -4.62 -72.92
C MET M 707 25.17 -3.47 -72.75
N VAL M 708 24.33 -3.53 -71.72
CA VAL M 708 23.37 -2.46 -71.41
C VAL M 708 22.53 -2.00 -72.61
N ASP M 709 21.57 -2.83 -73.03
CA ASP M 709 20.68 -2.46 -74.14
C ASP M 709 19.85 -1.22 -73.80
N ILE M 710 19.37 -0.52 -74.82
CA ILE M 710 18.57 0.68 -74.63
C ILE M 710 17.15 0.33 -74.18
N ASP M 711 16.62 -0.76 -74.73
CA ASP M 711 15.36 -1.31 -74.25
C ASP M 711 15.57 -1.73 -72.80
N ASP M 712 16.75 -2.27 -72.54
CA ASP M 712 17.16 -2.61 -71.18
C ASP M 712 17.14 -1.35 -70.31
N VAL M 713 17.57 -0.24 -70.89
CA VAL M 713 17.52 1.05 -70.21
C VAL M 713 16.08 1.53 -70.08
N GLU M 714 15.37 1.56 -71.21
CA GLU M 714 14.00 2.05 -71.25
C GLU M 714 13.05 1.15 -70.45
N GLU M 715 13.45 -0.11 -70.25
CA GLU M 715 12.64 -1.05 -69.51
C GLU M 715 12.42 -0.57 -68.08
N ALA M 716 13.43 0.09 -67.52
CA ALA M 716 13.32 0.64 -66.17
C ALA M 716 12.45 1.89 -66.20
N LEU M 717 12.66 2.74 -67.21
CA LEU M 717 11.85 3.94 -67.38
C LEU M 717 10.37 3.62 -67.47
N ARG M 718 10.06 2.41 -67.91
CA ARG M 718 8.68 1.95 -67.98
C ARG M 718 8.15 1.68 -66.58
N LEU M 719 9.04 1.20 -65.71
CA LEU M 719 8.67 0.91 -64.33
C LEU M 719 8.62 2.18 -63.48
N VAL M 720 9.22 3.25 -63.99
CA VAL M 720 9.27 4.51 -63.27
C VAL M 720 7.88 5.15 -63.19
N ARG M 721 7.24 5.32 -64.34
CA ARG M 721 5.91 5.91 -64.37
C ARG M 721 4.90 4.98 -63.72
N VAL M 722 5.11 3.67 -63.86
CA VAL M 722 4.20 2.67 -63.31
C VAL M 722 4.19 2.66 -61.79
N SER M 723 5.32 3.02 -61.19
CA SER M 723 5.41 3.15 -59.74
C SER M 723 4.39 4.16 -59.23
N LYS M 724 3.99 5.05 -60.12
CA LYS M 724 2.96 6.05 -59.87
C LYS M 724 1.91 5.96 -60.97
N GLU M 725 1.01 6.94 -61.03
CA GLU M 725 0.07 7.04 -62.14
C GLU M 725 -1.04 6.01 -62.06
N SER M 726 -0.94 5.13 -61.06
CA SER M 726 -2.01 4.22 -60.73
C SER M 726 -2.92 4.92 -59.75
N LEU M 727 -2.58 6.15 -59.42
CA LEU M 727 -3.35 6.96 -58.49
C LEU M 727 -4.61 7.48 -59.18
N TYR M 728 -4.70 7.26 -60.48
CA TYR M 728 -5.91 7.60 -61.22
C TYR M 728 -6.97 6.53 -61.02
N GLN M 729 -6.51 5.31 -60.73
CA GLN M 729 -7.41 4.16 -60.58
C GLN M 729 -8.38 4.36 -59.41
PG ATP N . 2.58 41.81 -7.81
O1G ATP N . 1.70 40.63 -7.45
O2G ATP N . 3.28 41.68 -9.14
O3G ATP N . 1.93 43.17 -7.61
PB ATP N . 3.68 42.64 -5.37
O1B ATP N . 2.45 42.21 -4.62
O2B ATP N . 3.86 44.08 -5.77
O3B ATP N . 3.78 41.76 -6.72
PA ATP N . 5.26 42.93 -3.09
O1A ATP N . 6.23 42.11 -2.28
O2A ATP N . 3.90 43.28 -2.54
O3A ATP N . 5.00 42.25 -4.53
O5' ATP N . 6.00 44.30 -3.50
C5' ATP N . 5.36 45.58 -3.38
C4' ATP N . 6.38 46.63 -3.00
O4' ATP N . 5.77 47.92 -3.06
C3' ATP N . 6.87 46.40 -1.58
O3' ATP N . 8.30 46.36 -1.56
C2' ATP N . 6.32 47.56 -0.77
O2' ATP N . 7.36 48.17 0.03
C1' ATP N . 5.76 48.56 -1.77
N9 ATP N . 4.36 48.89 -1.40
C8 ATP N . 3.28 48.69 -2.17
N7 ATP N . 2.15 49.11 -1.56
C5 ATP N . 2.50 49.61 -0.36
C6 ATP N . 1.80 50.22 0.78
N6 ATP N . 0.46 50.39 0.78
N1 ATP N . 2.56 50.60 1.83
C2 ATP N . 3.90 50.45 1.86
N3 ATP N . 4.59 49.90 0.86
C4 ATP N . 3.96 49.47 -0.27
PG ATP O . -20.68 -1.41 -21.29
O1G ATP O . -20.77 -0.83 -19.90
O2G ATP O . -21.20 -0.49 -22.37
O3G ATP O . -19.36 -2.06 -21.61
PB ATP O . -21.68 -3.78 -20.15
O1B ATP O . -20.53 -3.51 -19.21
O2B ATP O . -21.82 -5.11 -20.84
O3B ATP O . -21.73 -2.62 -21.29
PA ATP O . -23.49 -4.24 -18.04
O1A ATP O . -22.58 -3.79 -16.92
O2A ATP O . -23.64 -5.70 -18.38
O3A ATP O . -23.06 -3.46 -19.39
O5' ATP O . -24.95 -3.61 -17.82
C5' ATP O . -25.93 -3.75 -18.85
C4' ATP O . -27.34 -3.54 -18.29
O4' ATP O . -28.26 -3.47 -19.38
C3' ATP O . -27.75 -4.70 -17.40
O3' ATP O . -28.40 -4.20 -16.23
C2' ATP O . -28.69 -5.52 -18.25
O2' ATP O . -29.77 -6.05 -17.49
C1' ATP O . -29.18 -4.57 -19.33
N9 ATP O . -29.23 -5.23 -20.66
C8 ATP O . -28.66 -4.78 -21.78
N7 ATP O . -28.91 -5.63 -22.82
C5 ATP O . -29.66 -6.64 -22.35
C6 ATP O . -30.27 -7.86 -22.92
N6 ATP O . -30.12 -8.17 -24.22
N1 ATP O . -31.00 -8.64 -22.07
C2 ATP O . -31.16 -8.33 -20.77
N3 ATP O . -30.62 -7.24 -20.20
C4 ATP O . -29.88 -6.37 -20.92
PG ATP P . -18.65 20.53 -2.50
O1G ATP P . -18.68 19.03 -2.33
O2G ATP P . -17.35 21.07 -3.03
O3G ATP P . -19.88 21.11 -3.14
PB ATP P . -19.87 20.69 0.05
O1B ATP P . -19.49 19.40 0.76
O2B ATP P . -21.18 20.76 -0.69
O3B ATP P . -18.71 21.10 -0.99
PA ATP P . -19.29 21.74 2.62
O1A ATP P . -17.78 21.76 2.59
O2A ATP P . -20.02 20.58 3.27
O3A ATP P . -19.81 21.91 1.10
O5' ATP P . -19.80 23.11 3.31
C5' ATP P . -21.15 23.53 3.18
C4' ATP P . -21.57 24.36 4.39
O4' ATP P . -22.95 24.72 4.25
C3' ATP P . -21.43 23.60 5.70
O3' ATP P . -20.83 24.43 6.68
C2' ATP P . -22.85 23.22 6.08
O2' ATP P . -23.08 23.33 7.49
C1' ATP P . -23.74 24.19 5.31
N9 ATP P . -24.91 23.47 4.73
C8 ATP P . -25.35 23.58 3.48
N7 ATP P . -26.44 22.79 3.28
C5 ATP P . -26.70 22.16 4.44
C6 ATP P . -27.70 21.19 4.94
N6 ATP P . -28.67 20.71 4.13
N1 ATP P . -27.60 20.79 6.22
C2 ATP P . -26.64 21.26 7.04
N3 ATP P . -25.70 22.13 6.66
C4 ATP P . -25.68 22.62 5.40
#